data_7XR3
#
_entry.id   7XR3
#
_cell.length_a   1.00
_cell.length_b   1.00
_cell.length_c   1.00
_cell.angle_alpha   90.00
_cell.angle_beta   90.00
_cell.angle_gamma   90.00
#
_symmetry.space_group_name_H-M   'P 1'
#
loop_
_entity.id
_entity.type
_entity.pdbx_description
1 polymer VP3
2 polymer VP1
#
loop_
_entity_poly.entity_id
_entity_poly.type
_entity_poly.pdbx_seq_one_letter_code
_entity_poly.pdbx_strand_id
1 'polypeptide(L)'
;MASTTRLVNDRKQLEQQVKDDARILADARGLNITTVANDSATGGQAIRNVGPNDEATIKALDNVIKQIEALSVIVNRSEK
ADDAQILGPNTYKQLLEHLFSPEENVYILLPIQAYTGGVIDRRDASFSNFAYSIASKLMMELSAATHNKIFTDYTRIAAS
ALGPEISTEGMPLFSLIESLELTEAETSRLPVIQDSMVIQKSTATVGNAQQGISTINIKRVPFVGSAFQQVIDQLLWEYS
TTSLTTKEQRRQRITEMVNDRRIMIQKLTLAEKPQVMRHVTTEINNDLFFKMSPVAQLYIYHLDRAFLDGVGFTPLAEKQ
QQLQLQLKTNILTANLIRSAINGMNTESNLEVAIKMMQAAQLHRASIEIAFPMNVSLSPEIIVQCFIVWMSIPEQLLSDR
SNFIIAAVIWAGFSADDSYADIMRRSARASDRQNYDIIKAALSSRKFKLPRASTTLFDENEPVVRRYQIGRVYAPFPVDR
YGSPVYSNCTKVELASDYNAEGFTIRKDDFRALQAVLRIDEDRAADMFTTLRIMISSIPAVWYDAEVVHYPHTAVELEQL
AAYGLTGAYPRTNHSVDTIVKTVNNISATYSTIAQMLSTIDLDPTRYGTSESIDKFKIAWENVESVLNMEGNDFVKTIMY
AYEDNFPKKDFYMMLKQIASDGQGAHPIAAAIDQLRTIVYREPERFGYIDSVILTHNPDVDTAYNRFFHLHPIVTNQPSN
TIKNAQLWNEMRLEQQVEHIKAGPVRIIGPFHVTYNYLSEEEDMPATSHIIMKDNMILNDHLTFNFVKRERRNNKKRVSS
FRYKAVEMYVAVRISRFQLEVLRDLHDLVRSRTYLDVSKSPLATTPIRVVEYVR
;
A,B,C,D,E,F,G,H,I,J
2 'polypeptide(L)'
;MRIMAQRLKELQREIDKKKKERIAEAYLSSVEVTNSSPSLSKQDDALTLPKVSPFLDSTPFTTLHNSLYGQQIHSIDDEL
AQICKLEYELQTQIADEQITALKHFLTIRTGSPQEIQYVDKEWMKSNQHVPSFLGDVKLMFGDTAGKFRSTSKSVDSIHS
ITSDVQVTRKKQTRSQIRNSYRVQKKHKVQQPLKPNTLYVYKYKGLPRVVLRFVPKVDTTSNSNSSSASDSKKDKDAFSC
DDLSPTWKYILTEAKRAFPDRSYSDCIHPMTWEEWLEENQDHVKVLTQYAHQLDYVTLLQDFNLYVSGGASRVRNIDMST
LPTSINVLDHFELYGDASMKEYVRSGEWYGLLREIEQEGMTVNESEKVFANPDTYVLNVKKYFLRRFQQEIASTGMTPLT
DELLNIMFVHWNIIVTAEPKLQVIKDDLLKYYSRYGVDATFDYNMKRSEMTVVTRGHLLAHKVLECALRIVETIYTYDIQ
DETFKDILIDLGRLIMRDPIYGTTTVRDATTVMKQLMYTQGTQFRRIMFKKYDYSNFNEKLVLKGEQMTNEPPTLLATTH
YEEMDKKRIDALIKANQRAGNILSQSSIERCRYTDSLDLVGDANRYFSALTTLEAVAGFASSDLLSGFIDSNESIEFTGT
AHLRKLLYHSVREQITTLNTSTVPRPSLPKVLLSSAKDTASASIEPLTFRIYKTTPEYDGESLNLVESTVEMSTRQKKPN
LMKAAEILRSTVTTNQEMIISGGTRAVQGGKGARAVYPTKQPYHIAGSLLFHKVDTIVNANKKYRGVSNKYGQGISNAIP
HIGVPEIIAVSSDGMAICLALDVSAFDVAQKYTEADIELAMRDGFLDSEISMISGETVLERMNPADLANNLLTNTPPRYK
YQTALGDIIILQHDNRSGVPWTGTQNDLVNVSNHHMAYDEYKKRVAELQRQGKISIDVNDKHHIVRVFGDDSTFIMTYDE
PPSAEEVHLMCATFVESYQDTAGTLGFAINARKGMIGRYGSEYLKNSAIYGNIKSVNQVKFRGSEKSASYHFGVSEKVSM
IRDITDLTITRGCDETRKWKYNLMMLPVDLTTRAGAFRMHNLCSIMTGVGKMYLGGTLNNKLIASYHGSSFGWNFDDNLI
KTANSIGAISDSSYDAISTKITNLADFKDSQQRITRDIITSGRLPQHLNRYGKSNILRHILASAAMGPLSQIEKNVNAYN
VVMGILNGKLEAPTVLERLNMGFKYVVMSDLKQDDYSPYSCQGLQYRRMLVHWGLNDSRITSFDPKGKLQHLLAKNSQIL
PIHFDIEFVYRLYLQAGTMGFLQVMSYYQLPDTLTHEMLAAVVALELQLGNDKYAVDMGVYSSQAGQIRINDALMDSIIQ
HRRGPPLPIIDRTLNRLLLHTYMLMFGLMGKSIDSTKIDPTLSWRAILESNDQRIAQLSELLTAV
;
Z
#
# COMPACT_ATOMS: atom_id res chain seq x y z
N SER A 40 23.77 11.67 23.94
CA SER A 40 24.40 10.36 23.87
C SER A 40 23.94 9.61 22.63
N ALA A 41 22.67 9.75 22.29
CA ALA A 41 22.08 9.09 21.13
C ALA A 41 21.92 10.01 19.93
N THR A 42 21.71 11.30 20.17
CA THR A 42 21.50 12.29 19.10
C THR A 42 22.60 13.34 19.20
N GLY A 43 23.53 13.31 18.26
CA GLY A 43 24.65 14.24 18.29
C GLY A 43 24.22 15.66 17.96
N GLY A 44 24.72 16.59 18.76
CA GLY A 44 24.40 18.00 18.54
C GLY A 44 25.62 18.90 18.59
N GLN A 45 25.91 19.59 17.50
CA GLN A 45 27.04 20.50 17.42
C GLN A 45 26.54 21.93 17.42
N ALA A 46 27.47 22.86 17.68
CA ALA A 46 27.12 24.27 17.75
C ALA A 46 28.30 25.11 17.29
N ILE A 47 28.00 26.34 16.88
CA ILE A 47 29.02 27.27 16.45
C ILE A 47 29.67 27.90 17.67
N ARG A 48 30.99 28.06 17.63
CA ARG A 48 31.74 28.42 18.83
C ARG A 48 31.68 29.91 19.13
N ASN A 49 32.21 30.73 18.24
CA ASN A 49 32.28 32.18 18.46
C ASN A 49 31.92 33.00 17.24
N VAL A 50 31.56 32.36 16.12
CA VAL A 50 31.04 33.12 14.99
C VAL A 50 29.63 33.62 15.27
N GLY A 51 28.96 33.05 16.27
CA GLY A 51 27.64 33.49 16.66
C GLY A 51 27.60 34.94 17.09
N PRO A 52 28.51 35.35 17.98
CA PRO A 52 28.65 36.78 18.28
C PRO A 52 28.95 37.62 17.06
N ASN A 53 29.76 37.11 16.13
CA ASN A 53 30.02 37.87 14.90
C ASN A 53 28.76 38.01 14.07
N ASP A 54 27.93 36.96 14.01
CA ASP A 54 26.65 37.07 13.32
C ASP A 54 25.76 38.10 14.00
N GLU A 55 25.70 38.06 15.32
CA GLU A 55 24.89 39.02 16.07
C GLU A 55 25.39 40.44 15.90
N ALA A 56 26.68 40.62 15.64
CA ALA A 56 27.23 41.96 15.43
C ALA A 56 27.14 42.43 13.99
N THR A 57 27.03 41.50 13.03
CA THR A 57 26.89 41.89 11.63
C THR A 57 25.44 42.01 11.18
N ILE A 58 24.50 41.44 11.94
CA ILE A 58 23.10 41.58 11.54
C ILE A 58 22.66 43.03 11.60
N LYS A 59 23.22 43.82 12.51
CA LYS A 59 22.87 45.23 12.55
C LYS A 59 23.35 45.97 11.30
N ALA A 60 24.57 45.66 10.84
CA ALA A 60 25.06 46.25 9.61
C ALA A 60 24.21 45.82 8.42
N LEU A 61 23.82 44.54 8.37
CA LEU A 61 22.94 44.08 7.31
C LEU A 61 21.59 44.76 7.36
N ASP A 62 21.04 44.92 8.56
CA ASP A 62 19.76 45.60 8.72
C ASP A 62 19.86 47.03 8.21
N ASN A 63 20.95 47.72 8.54
CA ASN A 63 21.16 49.06 8.02
C ASN A 63 21.23 49.04 6.50
N VAL A 64 22.09 48.19 5.94
CA VAL A 64 22.31 48.22 4.50
C VAL A 64 21.07 47.81 3.71
N ILE A 65 20.13 47.12 4.33
CA ILE A 65 18.91 46.77 3.60
C ILE A 65 17.79 47.78 3.84
N LYS A 66 17.59 48.22 5.09
CA LYS A 66 16.51 49.15 5.36
C LYS A 66 16.82 50.54 4.81
N GLN A 67 18.03 51.04 5.08
CA GLN A 67 18.43 52.35 4.63
C GLN A 67 18.52 52.45 3.12
N ILE A 68 18.25 51.36 2.40
CA ILE A 68 18.25 51.36 0.94
C ILE A 68 16.85 51.08 0.40
N GLU A 69 16.25 49.97 0.80
CA GLU A 69 14.99 49.54 0.19
C GLU A 69 13.76 50.10 0.91
N ALA A 70 13.92 50.61 2.12
CA ALA A 70 12.81 51.27 2.79
C ALA A 70 12.81 52.78 2.58
N LEU A 71 13.85 53.32 1.94
CA LEU A 71 13.86 54.75 1.64
C LEU A 71 12.92 55.09 0.50
N SER A 72 12.49 54.10 -0.29
CA SER A 72 11.43 54.36 -1.24
C SER A 72 10.17 54.87 -0.56
N VAL A 73 9.94 54.47 0.69
CA VAL A 73 8.75 54.90 1.42
C VAL A 73 8.79 56.40 1.65
N ILE A 74 9.89 56.92 2.20
CA ILE A 74 10.01 58.35 2.46
C ILE A 74 10.15 59.11 1.14
N VAL A 75 10.89 58.55 0.18
CA VAL A 75 11.12 59.22 -1.09
C VAL A 75 9.81 59.46 -1.82
N ASN A 76 8.94 58.44 -1.84
CA ASN A 76 7.67 58.58 -2.54
C ASN A 76 6.64 59.39 -1.77
N ARG A 77 6.95 59.79 -0.53
CA ARG A 77 6.05 60.64 0.22
C ARG A 77 5.96 62.02 -0.41
N SER A 78 4.78 62.62 -0.34
CA SER A 78 4.56 63.94 -0.94
C SER A 78 5.38 65.00 -0.22
N GLU A 79 5.58 66.13 -0.92
CA GLU A 79 6.45 67.22 -0.45
C GLU A 79 7.86 66.69 -0.20
N LYS A 80 8.49 66.30 -1.30
CA LYS A 80 9.73 65.52 -1.28
C LYS A 80 10.84 66.20 -0.49
N ALA A 81 11.36 67.32 -0.97
CA ALA A 81 12.49 67.97 -0.31
C ALA A 81 12.18 69.39 0.13
N ASP A 82 11.77 70.26 -0.77
CA ASP A 82 11.60 71.69 -0.50
C ASP A 82 11.03 72.34 -1.76
N ASP A 83 10.66 73.61 -1.62
CA ASP A 83 10.23 74.38 -2.77
C ASP A 83 11.41 74.67 -3.68
N ALA A 84 11.18 74.59 -4.99
CA ALA A 84 12.18 74.91 -5.97
C ALA A 84 11.49 75.36 -7.25
N GLN A 85 12.26 76.03 -8.11
CA GLN A 85 11.83 76.51 -9.42
C GLN A 85 10.82 77.66 -9.32
N ILE A 86 10.40 78.03 -8.12
CA ILE A 86 9.37 79.05 -7.93
C ILE A 86 9.96 80.15 -7.06
N LEU A 87 9.83 81.39 -7.52
CA LEU A 87 10.36 82.55 -6.82
C LEU A 87 9.21 83.37 -6.23
N GLY A 88 9.58 84.32 -5.38
CA GLY A 88 8.59 85.15 -4.71
C GLY A 88 8.97 86.61 -4.69
N PRO A 89 7.99 87.46 -4.38
CA PRO A 89 8.26 88.90 -4.33
C PRO A 89 9.16 89.27 -3.16
N ASN A 90 9.84 90.41 -3.33
CA ASN A 90 10.75 90.91 -2.30
C ASN A 90 10.91 92.41 -2.49
N THR A 91 11.62 93.03 -1.54
CA THR A 91 11.88 94.46 -1.58
C THR A 91 13.26 94.74 -0.99
N TYR A 92 13.85 95.84 -1.42
CA TYR A 92 15.14 96.24 -0.89
C TYR A 92 15.01 96.71 0.55
N LYS A 93 16.08 96.53 1.32
CA LYS A 93 16.10 96.88 2.74
C LYS A 93 16.86 98.18 2.93
N GLN A 94 16.21 99.14 3.58
CA GLN A 94 16.79 100.46 3.79
C GLN A 94 17.90 100.40 4.84
N LEU A 95 18.92 101.23 4.64
CA LEU A 95 20.01 101.37 5.59
C LEU A 95 19.85 102.68 6.36
N LEU A 96 20.81 102.95 7.25
CA LEU A 96 20.81 104.15 8.07
C LEU A 96 21.85 105.12 7.54
N GLU A 97 21.45 106.38 7.35
CA GLU A 97 22.36 107.38 6.81
C GLU A 97 22.57 108.57 7.74
N HIS A 98 21.51 109.20 8.23
CA HIS A 98 21.61 110.32 9.18
C HIS A 98 22.44 111.47 8.59
N LEU A 99 21.88 112.09 7.56
CA LEU A 99 22.52 113.21 6.91
C LEU A 99 22.22 114.52 7.64
N PHE A 100 23.03 115.53 7.35
CA PHE A 100 22.89 116.85 7.97
C PHE A 100 23.54 117.89 7.07
N SER A 101 23.25 119.16 7.35
CA SER A 101 23.73 120.26 6.53
C SER A 101 24.37 121.32 7.40
N PRO A 102 25.61 121.71 7.13
CA PRO A 102 26.27 122.74 7.96
C PRO A 102 25.93 124.16 7.58
N GLU A 103 25.67 124.40 6.31
CA GLU A 103 25.31 125.73 5.83
C GLU A 103 24.57 125.58 4.50
N GLU A 104 24.39 126.70 3.81
CA GLU A 104 23.57 126.71 2.60
C GLU A 104 24.27 126.02 1.45
N ASN A 105 23.49 125.23 0.71
CA ASN A 105 23.96 124.54 -0.50
C ASN A 105 25.13 123.60 -0.24
N VAL A 106 25.17 122.98 0.94
CA VAL A 106 26.06 121.86 1.20
C VAL A 106 25.30 120.83 2.00
N TYR A 107 25.42 119.56 1.61
CA TYR A 107 24.73 118.47 2.29
C TYR A 107 25.71 117.32 2.46
N ILE A 108 25.80 116.80 3.68
CA ILE A 108 26.78 115.78 4.05
C ILE A 108 26.06 114.48 4.32
N LEU A 109 26.62 113.38 3.83
CA LEU A 109 26.11 112.04 4.09
C LEU A 109 27.11 111.33 5.00
N LEU A 110 26.87 111.41 6.30
CA LEU A 110 27.78 110.76 7.25
C LEU A 110 27.70 109.25 7.09
N PRO A 111 28.84 108.56 7.12
CA PRO A 111 28.81 107.09 7.08
C PRO A 111 28.46 106.53 8.45
N ILE A 112 27.48 105.63 8.48
CA ILE A 112 27.00 105.01 9.71
C ILE A 112 27.29 103.52 9.64
N GLN A 113 27.86 102.99 10.72
CA GLN A 113 28.23 101.59 10.77
C GLN A 113 27.03 100.70 10.48
N ALA A 114 27.09 99.96 9.37
CA ALA A 114 26.02 99.07 8.96
C ALA A 114 26.32 97.61 9.25
N TYR A 115 27.42 97.30 9.93
CA TYR A 115 27.78 95.92 10.20
C TYR A 115 28.85 95.90 11.28
N THR A 116 28.64 95.11 12.34
CA THR A 116 29.51 95.13 13.51
C THR A 116 30.29 93.83 13.69
N GLY A 117 30.23 92.91 12.73
CA GLY A 117 30.90 91.63 12.87
C GLY A 117 32.38 91.72 12.54
N GLY A 118 33.00 90.54 12.51
CA GLY A 118 34.42 90.44 12.22
C GLY A 118 35.28 90.45 13.47
N VAL A 119 36.33 89.63 13.48
CA VAL A 119 37.24 89.55 14.60
C VAL A 119 38.66 89.77 14.09
N ILE A 120 39.45 90.51 14.88
CA ILE A 120 40.80 90.88 14.46
C ILE A 120 41.69 89.65 14.51
N ASP A 121 42.57 89.51 13.51
CA ASP A 121 43.52 88.41 13.49
C ASP A 121 44.64 88.74 14.47
N ARG A 122 44.77 87.91 15.52
CA ARG A 122 45.78 88.16 16.54
C ARG A 122 47.20 88.00 16.00
N ARG A 123 47.41 87.05 15.09
CA ARG A 123 48.74 86.85 14.51
C ARG A 123 49.21 88.09 13.78
N ASP A 124 48.30 88.75 13.06
CA ASP A 124 48.61 89.98 12.32
C ASP A 124 49.68 89.75 11.27
N ALA A 125 49.81 88.51 10.80
CA ALA A 125 50.75 88.23 9.71
C ALA A 125 50.28 88.84 8.40
N SER A 126 48.97 88.94 8.20
CA SER A 126 48.42 89.46 6.95
C SER A 126 47.21 90.33 7.26
N PHE A 127 46.76 91.05 6.23
CA PHE A 127 45.60 91.93 6.34
C PHE A 127 44.41 91.47 5.52
N SER A 128 44.64 90.76 4.41
CA SER A 128 43.54 90.33 3.57
C SER A 128 42.64 89.34 4.28
N ASN A 129 43.16 88.62 5.28
CA ASN A 129 42.33 87.69 6.03
C ASN A 129 41.19 88.40 6.74
N PHE A 130 41.47 89.56 7.32
CA PHE A 130 40.44 90.33 8.00
C PHE A 130 39.34 90.74 7.03
N ALA A 131 39.73 91.28 5.88
CA ALA A 131 38.74 91.73 4.91
C ALA A 131 37.92 90.56 4.38
N TYR A 132 38.57 89.43 4.10
CA TYR A 132 37.83 88.28 3.61
C TYR A 132 36.86 87.76 4.66
N SER A 133 37.28 87.71 5.92
CA SER A 133 36.37 87.28 6.97
C SER A 133 35.15 88.19 7.03
N ILE A 134 35.36 89.51 6.99
CA ILE A 134 34.25 90.45 7.02
C ILE A 134 33.32 90.20 5.85
N ALA A 135 33.89 90.11 4.64
CA ALA A 135 33.07 89.99 3.44
C ALA A 135 32.26 88.70 3.44
N SER A 136 32.90 87.58 3.77
CA SER A 136 32.19 86.31 3.76
C SER A 136 31.09 86.28 4.80
N LYS A 137 31.37 86.76 6.02
CA LYS A 137 30.37 86.65 7.07
C LYS A 137 29.22 87.61 6.80
N LEU A 138 29.47 88.72 6.11
CA LEU A 138 28.38 89.59 5.71
C LEU A 138 27.55 88.97 4.59
N MET A 139 28.21 88.43 3.56
CA MET A 139 27.47 87.92 2.41
C MET A 139 26.65 86.70 2.78
N MET A 140 27.10 85.92 3.77
CA MET A 140 26.30 84.78 4.21
C MET A 140 24.95 85.24 4.76
N GLU A 141 24.95 86.31 5.55
CA GLU A 141 23.68 86.84 6.06
C GLU A 141 22.87 87.48 4.94
N LEU A 142 23.54 88.20 4.04
CA LEU A 142 22.81 88.88 2.96
C LEU A 142 22.11 87.89 2.05
N SER A 143 22.79 86.79 1.71
CA SER A 143 22.22 85.82 0.77
C SER A 143 21.06 85.05 1.38
N ALA A 144 20.98 84.95 2.70
CA ALA A 144 19.89 84.23 3.33
C ALA A 144 18.57 84.99 3.28
N ALA A 145 18.60 86.31 3.12
CA ALA A 145 17.38 87.09 3.06
C ALA A 145 16.77 87.14 1.67
N THR A 146 17.49 86.68 0.65
CA THR A 146 16.98 86.64 -0.71
C THR A 146 17.13 85.25 -1.30
N HIS A 147 16.75 84.22 -0.55
CA HIS A 147 17.04 82.86 -0.94
C HIS A 147 16.31 82.48 -2.22
N ASN A 148 14.99 82.68 -2.25
CA ASN A 148 14.23 82.41 -3.47
C ASN A 148 13.36 83.61 -3.82
N LYS A 149 13.94 84.81 -3.76
CA LYS A 149 13.17 86.02 -3.96
C LYS A 149 13.87 86.91 -4.97
N ILE A 150 13.09 87.71 -5.68
CA ILE A 150 13.60 88.67 -6.66
C ILE A 150 12.99 90.02 -6.34
N PHE A 151 13.82 91.06 -6.33
CA PHE A 151 13.38 92.41 -6.00
C PHE A 151 12.37 92.88 -7.05
N THR A 152 11.11 93.05 -6.64
CA THR A 152 10.08 93.47 -7.57
C THR A 152 9.11 94.51 -7.03
N ASP A 153 9.05 94.74 -5.73
CA ASP A 153 8.05 95.60 -5.14
C ASP A 153 8.67 96.94 -4.74
N TYR A 154 8.06 98.02 -5.21
CA TYR A 154 8.50 99.37 -4.82
C TYR A 154 7.27 100.23 -4.56
N THR A 155 7.46 101.29 -3.79
CA THR A 155 6.36 102.16 -3.39
C THR A 155 6.22 103.24 -4.46
N ARG A 156 5.23 103.07 -5.32
CA ARG A 156 4.88 104.07 -6.32
C ARG A 156 3.86 105.04 -5.74
N ILE A 157 3.45 106.04 -6.53
CA ILE A 157 2.40 106.93 -6.10
C ILE A 157 1.15 106.69 -6.92
N ALA A 158 1.22 107.04 -8.21
CA ALA A 158 0.09 106.88 -9.13
C ALA A 158 0.47 107.34 -10.52
N ALA A 159 -0.43 107.15 -11.48
CA ALA A 159 -0.30 107.76 -12.80
C ALA A 159 -1.73 108.03 -13.28
N SER A 160 -2.24 109.21 -12.96
CA SER A 160 -3.66 109.50 -13.16
C SER A 160 -3.83 110.99 -13.46
N ALA A 161 -3.91 111.33 -14.74
CA ALA A 161 -4.22 112.66 -15.24
C ALA A 161 -3.20 113.70 -14.81
N LEU A 162 -2.28 113.35 -13.93
CA LEU A 162 -1.12 114.14 -13.57
C LEU A 162 0.06 113.64 -14.39
N GLY A 163 1.26 114.09 -14.04
CA GLY A 163 2.46 113.57 -14.66
C GLY A 163 2.55 112.06 -14.53
N PRO A 164 3.49 111.46 -15.23
CA PRO A 164 3.58 110.00 -15.24
C PRO A 164 3.94 109.43 -13.88
N GLU A 165 4.09 108.10 -13.81
CA GLU A 165 4.30 107.41 -12.55
C GLU A 165 5.57 107.88 -11.86
N ILE A 166 5.42 108.59 -10.74
CA ILE A 166 6.55 109.03 -9.95
C ILE A 166 6.72 108.08 -8.78
N SER A 167 7.91 108.10 -8.19
CA SER A 167 8.30 107.13 -7.18
C SER A 167 8.80 107.82 -5.93
N THR A 168 8.46 107.25 -4.78
CA THR A 168 8.96 107.70 -3.47
C THR A 168 9.51 106.46 -2.77
N GLU A 169 10.78 106.16 -2.99
CA GLU A 169 11.38 104.93 -2.49
C GLU A 169 12.35 105.12 -1.34
N GLY A 170 13.17 106.17 -1.35
CA GLY A 170 14.09 106.39 -0.25
C GLY A 170 13.39 106.98 0.96
N MET A 171 14.04 107.90 1.65
CA MET A 171 13.34 108.64 2.68
C MET A 171 12.25 109.49 2.04
N PRO A 172 11.15 109.74 2.75
CA PRO A 172 10.18 110.72 2.25
C PRO A 172 10.84 112.07 2.10
N LEU A 173 10.55 112.74 0.99
CA LEU A 173 11.20 114.02 0.71
C LEU A 173 10.79 115.09 1.69
N PHE A 174 9.71 114.86 2.44
CA PHE A 174 9.19 115.87 3.40
C PHE A 174 9.97 115.81 4.71
N SER A 175 10.77 114.76 4.92
CA SER A 175 11.58 114.69 6.14
C SER A 175 12.81 115.58 6.06
N LEU A 176 13.29 115.86 4.84
CA LEU A 176 14.50 116.66 4.68
C LEU A 176 14.28 118.11 5.09
N ILE A 177 13.05 118.59 5.10
CA ILE A 177 12.81 119.99 5.48
C ILE A 177 13.17 120.20 6.95
N GLU A 178 13.08 119.15 7.76
CA GLU A 178 13.41 119.25 9.17
C GLU A 178 14.76 118.62 9.51
N SER A 179 15.16 117.58 8.78
CA SER A 179 16.46 116.96 9.04
C SER A 179 17.59 117.89 8.66
N LEU A 180 17.41 118.73 7.63
CA LEU A 180 18.46 119.60 7.15
C LEU A 180 18.25 121.06 7.53
N GLU A 181 17.09 121.42 8.07
CA GLU A 181 16.76 122.81 8.39
C GLU A 181 16.91 123.69 7.17
N LEU A 182 16.27 123.27 6.08
CA LEU A 182 16.33 124.02 4.83
C LEU A 182 15.61 125.36 4.97
N THR A 183 16.05 126.32 4.17
CA THR A 183 15.42 127.64 4.14
C THR A 183 14.38 127.70 3.03
N GLU A 184 13.72 128.85 2.92
CA GLU A 184 12.62 128.99 1.95
C GLU A 184 13.11 128.92 0.52
N ALA A 185 14.28 129.50 0.24
CA ALA A 185 14.78 129.53 -1.13
C ALA A 185 15.17 128.16 -1.67
N GLU A 186 15.35 127.17 -0.79
CA GLU A 186 15.71 125.83 -1.23
C GLU A 186 14.58 124.83 -1.15
N THR A 187 13.64 124.99 -0.22
CA THR A 187 12.54 124.03 -0.12
C THR A 187 11.65 124.08 -1.36
N SER A 188 11.66 125.21 -2.07
CA SER A 188 10.86 125.33 -3.27
C SER A 188 11.33 124.36 -4.36
N ARG A 189 12.56 123.87 -4.29
CA ARG A 189 13.05 122.93 -5.27
C ARG A 189 12.65 121.49 -4.97
N LEU A 190 12.21 121.20 -3.75
CA LEU A 190 11.80 119.83 -3.42
C LEU A 190 10.64 119.33 -4.26
N PRO A 191 9.57 120.10 -4.50
CA PRO A 191 8.53 119.58 -5.41
C PRO A 191 9.05 119.27 -6.80
N VAL A 192 10.02 120.05 -7.30
CA VAL A 192 10.61 119.74 -8.59
C VAL A 192 11.30 118.39 -8.56
N ILE A 193 12.08 118.13 -7.51
CA ILE A 193 12.76 116.85 -7.38
C ILE A 193 11.74 115.72 -7.33
N GLN A 194 10.66 115.90 -6.57
CA GLN A 194 9.65 114.87 -6.48
C GLN A 194 8.98 114.61 -7.82
N ASP A 195 8.73 115.68 -8.58
CA ASP A 195 8.04 115.53 -9.86
C ASP A 195 8.96 115.10 -10.99
N SER A 196 10.27 115.08 -10.78
CA SER A 196 11.20 114.67 -11.82
C SER A 196 11.65 113.23 -11.66
N MET A 197 10.98 112.45 -10.80
CA MET A 197 11.37 111.06 -10.54
C MET A 197 10.52 110.12 -11.38
N VAL A 198 10.81 110.09 -12.68
CA VAL A 198 10.09 109.21 -13.59
C VAL A 198 10.70 107.83 -13.55
N ILE A 199 10.02 106.86 -14.16
CA ILE A 199 10.48 105.47 -14.22
C ILE A 199 10.74 105.11 -15.67
N GLN A 200 11.89 104.50 -15.94
CA GLN A 200 12.32 104.19 -17.30
C GLN A 200 12.35 102.68 -17.49
N LYS A 201 11.79 102.21 -18.60
CA LYS A 201 11.77 100.79 -18.92
C LYS A 201 12.91 100.42 -19.84
N SER A 202 13.35 99.16 -19.74
CA SER A 202 14.37 98.62 -20.62
C SER A 202 14.30 97.10 -20.55
N THR A 203 15.20 96.44 -21.28
CA THR A 203 15.23 94.99 -21.36
C THR A 203 16.60 94.46 -20.92
N ALA A 204 16.65 93.15 -20.68
CA ALA A 204 17.87 92.46 -20.34
C ALA A 204 17.77 91.03 -20.84
N THR A 205 18.93 90.38 -20.96
CA THR A 205 19.00 89.03 -21.50
C THR A 205 19.43 88.05 -20.41
N VAL A 206 18.84 86.86 -20.43
CA VAL A 206 19.14 85.81 -19.46
C VAL A 206 19.36 84.50 -20.20
N GLY A 207 19.99 83.56 -19.52
CA GLY A 207 20.18 82.23 -20.09
C GLY A 207 21.51 82.08 -20.80
N ASN A 208 22.07 80.88 -20.73
CA ASN A 208 23.32 80.55 -21.37
C ASN A 208 23.05 79.71 -22.62
N ALA A 209 24.13 79.20 -23.23
CA ALA A 209 24.00 78.44 -24.46
C ALA A 209 23.26 77.12 -24.22
N GLN A 210 23.51 76.47 -23.10
CA GLN A 210 22.87 75.19 -22.82
C GLN A 210 21.36 75.34 -22.72
N GLN A 211 20.89 76.37 -22.05
CA GLN A 211 19.48 76.74 -22.06
C GLN A 211 19.23 77.63 -23.26
N GLY A 212 18.05 78.25 -23.31
CA GLY A 212 17.74 79.19 -24.36
C GLY A 212 18.26 80.58 -24.05
N ILE A 213 17.86 81.53 -24.88
CA ILE A 213 18.12 82.94 -24.66
C ILE A 213 16.79 83.66 -24.54
N SER A 214 16.55 84.28 -23.40
CA SER A 214 15.28 84.94 -23.11
C SER A 214 15.50 86.40 -22.77
N THR A 215 14.46 87.19 -22.98
CA THR A 215 14.46 88.61 -22.66
C THR A 215 13.43 88.88 -21.58
N ILE A 216 13.83 89.61 -20.55
CA ILE A 216 12.94 89.97 -19.46
C ILE A 216 12.98 91.48 -19.29
N ASN A 217 11.80 92.08 -19.16
CA ASN A 217 11.70 93.52 -18.96
C ASN A 217 12.13 93.89 -17.55
N ILE A 218 12.81 95.03 -17.42
CA ILE A 218 13.21 95.53 -16.12
C ILE A 218 12.93 97.02 -16.04
N LYS A 219 12.69 97.52 -14.83
CA LYS A 219 12.49 98.93 -14.57
C LYS A 219 13.77 99.55 -14.04
N ARG A 220 13.77 100.87 -13.91
CA ARG A 220 14.90 101.59 -13.33
C ARG A 220 14.31 102.77 -12.56
N VAL A 221 14.06 102.54 -11.27
CA VAL A 221 13.32 103.49 -10.44
C VAL A 221 14.28 104.29 -9.59
N PRO A 222 14.10 105.60 -9.49
CA PRO A 222 15.01 106.42 -8.67
C PRO A 222 14.61 106.45 -7.21
N PHE A 223 15.59 106.77 -6.37
CA PHE A 223 15.40 106.87 -4.93
C PHE A 223 16.46 107.80 -4.36
N VAL A 224 16.24 108.24 -3.13
CA VAL A 224 17.14 109.16 -2.45
C VAL A 224 17.98 108.39 -1.44
N GLY A 225 19.28 108.61 -1.47
CA GLY A 225 20.18 107.91 -0.57
C GLY A 225 21.63 108.16 -0.95
N SER A 226 22.49 107.35 -0.37
CA SER A 226 23.93 107.46 -0.60
C SER A 226 24.38 106.52 -1.70
N ALA A 227 25.61 106.73 -2.18
CA ALA A 227 26.14 105.89 -3.24
C ALA A 227 26.42 104.48 -2.74
N PHE A 228 26.76 104.32 -1.46
CA PHE A 228 27.05 103.00 -0.92
C PHE A 228 25.83 102.10 -1.03
N GLN A 229 24.64 102.64 -0.74
CA GLN A 229 23.42 101.85 -0.89
C GLN A 229 23.23 101.43 -2.33
N GLN A 230 23.51 102.32 -3.28
CA GLN A 230 23.38 101.96 -4.69
C GLN A 230 24.32 100.81 -5.04
N VAL A 231 25.57 100.86 -4.57
CA VAL A 231 26.52 99.80 -4.88
C VAL A 231 26.05 98.48 -4.28
N ILE A 232 25.61 98.49 -3.02
CA ILE A 232 25.17 97.26 -2.37
C ILE A 232 23.97 96.68 -3.11
N ASP A 233 23.02 97.52 -3.49
CA ASP A 233 21.83 97.03 -4.16
C ASP A 233 22.14 96.51 -5.56
N GLN A 234 23.08 97.15 -6.26
CA GLN A 234 23.50 96.62 -7.55
C GLN A 234 24.13 95.24 -7.40
N LEU A 235 24.95 95.07 -6.36
CA LEU A 235 25.55 93.77 -6.11
C LEU A 235 24.46 92.73 -5.84
N LEU A 236 23.46 93.09 -5.02
CA LEU A 236 22.38 92.16 -4.74
C LEU A 236 21.61 91.80 -6.01
N TRP A 237 21.35 92.79 -6.87
CA TRP A 237 20.63 92.51 -8.10
C TRP A 237 21.42 91.59 -8.99
N GLU A 238 22.73 91.79 -9.08
CA GLU A 238 23.54 90.89 -9.90
C GLU A 238 23.53 89.49 -9.31
N TYR A 239 23.54 89.38 -7.98
CA TYR A 239 23.55 88.06 -7.35
C TYR A 239 22.24 87.33 -7.58
N SER A 240 21.11 88.02 -7.50
CA SER A 240 19.81 87.36 -7.61
C SER A 240 19.48 86.95 -9.03
N THR A 241 19.95 87.71 -10.02
CA THR A 241 19.49 87.54 -11.40
C THR A 241 20.13 86.36 -12.12
N THR A 242 21.16 85.73 -11.55
CA THR A 242 21.81 84.63 -12.23
C THR A 242 20.87 83.44 -12.37
N SER A 243 21.03 82.70 -13.47
CA SER A 243 20.27 81.48 -13.75
C SER A 243 18.77 81.74 -13.72
N LEU A 244 18.33 82.54 -14.67
CA LEU A 244 16.92 82.84 -14.88
C LEU A 244 16.54 82.46 -16.30
N THR A 245 15.30 81.98 -16.46
CA THR A 245 14.81 81.60 -17.78
C THR A 245 13.30 81.78 -17.80
N THR A 246 12.76 81.88 -19.00
CA THR A 246 11.32 81.94 -19.21
C THR A 246 10.74 80.56 -19.42
N LYS A 247 9.43 80.44 -19.17
CA LYS A 247 8.77 79.15 -19.32
C LYS A 247 8.79 78.66 -20.75
N GLU A 248 8.65 79.56 -21.72
CA GLU A 248 8.56 79.12 -23.11
C GLU A 248 9.85 78.49 -23.59
N GLN A 249 10.99 78.78 -22.94
CA GLN A 249 12.24 78.13 -23.27
C GLN A 249 12.40 76.80 -22.56
N ARG A 250 12.04 76.75 -21.27
CA ARG A 250 12.15 75.49 -20.55
C ARG A 250 11.23 74.44 -21.13
N ARG A 251 10.05 74.85 -21.60
CA ARG A 251 9.15 73.90 -22.23
C ARG A 251 9.75 73.30 -23.49
N GLN A 252 10.39 74.14 -24.31
CA GLN A 252 11.06 73.62 -25.50
C GLN A 252 12.19 72.67 -25.13
N ARG A 253 12.96 73.02 -24.10
CA ARG A 253 14.05 72.14 -23.67
C ARG A 253 13.51 70.80 -23.18
N ILE A 254 12.40 70.82 -22.45
CA ILE A 254 11.81 69.57 -21.95
C ILE A 254 11.27 68.75 -23.11
N THR A 255 10.64 69.39 -24.09
CA THR A 255 10.13 68.66 -25.24
C THR A 255 11.27 68.00 -26.01
N GLU A 256 12.37 68.73 -26.22
CA GLU A 256 13.53 68.14 -26.88
C GLU A 256 14.13 67.02 -26.04
N MET A 257 14.04 67.14 -24.72
CA MET A 257 14.47 66.08 -23.82
C MET A 257 13.73 64.77 -24.06
N VAL A 258 12.40 64.82 -24.03
CA VAL A 258 11.57 63.63 -24.11
C VAL A 258 11.19 63.43 -25.57
N ASN A 259 11.92 62.57 -26.26
CA ASN A 259 11.68 62.36 -27.68
C ASN A 259 10.46 61.50 -27.96
N ASP A 260 9.88 60.86 -26.95
CA ASP A 260 8.75 59.96 -27.17
C ASP A 260 7.47 60.76 -27.38
N ARG A 261 6.77 60.45 -28.47
CA ARG A 261 5.54 61.19 -28.80
C ARG A 261 4.36 60.80 -27.92
N ARG A 262 4.39 59.63 -27.30
CA ARG A 262 3.30 59.24 -26.41
C ARG A 262 3.18 60.21 -25.25
N ILE A 263 4.31 60.61 -24.67
CA ILE A 263 4.31 61.68 -23.68
C ILE A 263 3.97 62.99 -24.36
N MET A 264 3.02 63.73 -23.79
CA MET A 264 2.70 65.06 -24.29
C MET A 264 2.62 66.03 -23.12
N ILE A 265 3.16 67.21 -23.32
CA ILE A 265 3.38 68.19 -22.26
C ILE A 265 2.28 69.24 -22.32
N GLN A 266 1.88 69.74 -21.16
CA GLN A 266 0.81 70.72 -21.09
C GLN A 266 1.16 71.95 -21.91
N LYS A 267 0.21 72.39 -22.73
CA LYS A 267 0.42 73.59 -23.54
C LYS A 267 0.41 74.83 -22.66
N LEU A 268 1.10 75.86 -23.11
CA LEU A 268 1.25 77.09 -22.36
C LEU A 268 0.26 78.13 -22.85
N THR A 269 -0.45 78.76 -21.92
CA THR A 269 -1.32 79.86 -22.27
C THR A 269 -0.48 81.06 -22.71
N LEU A 270 -1.13 82.00 -23.40
CA LEU A 270 -0.41 83.17 -23.88
C LEU A 270 0.14 84.00 -22.73
N ALA A 271 -0.61 84.12 -21.63
CA ALA A 271 -0.14 84.91 -20.49
C ALA A 271 0.94 84.20 -19.69
N GLU A 272 1.11 82.89 -19.86
CA GLU A 272 2.09 82.14 -19.11
C GLU A 272 3.41 81.96 -19.85
N LYS A 273 3.48 82.32 -21.12
CA LYS A 273 4.73 82.19 -21.87
C LYS A 273 5.85 83.06 -21.33
N PRO A 274 5.67 84.35 -21.08
CA PRO A 274 6.81 85.19 -20.65
C PRO A 274 7.12 85.14 -19.17
N GLN A 275 6.52 84.24 -18.40
CA GLN A 275 6.83 84.15 -16.98
C GLN A 275 8.25 83.65 -16.77
N VAL A 276 8.81 83.95 -15.60
CA VAL A 276 10.22 83.76 -15.32
C VAL A 276 10.38 82.73 -14.22
N MET A 277 11.27 81.76 -14.43
CA MET A 277 11.62 80.74 -13.44
C MET A 277 13.13 80.68 -13.29
N ARG A 278 13.58 79.92 -12.31
CA ARG A 278 15.00 79.71 -12.04
C ARG A 278 15.40 78.30 -12.43
N HIS A 279 16.47 78.18 -13.19
CA HIS A 279 16.98 76.89 -13.63
C HIS A 279 18.26 76.55 -12.87
N VAL A 280 18.67 75.28 -12.98
CA VAL A 280 19.88 74.84 -12.29
C VAL A 280 21.11 75.41 -12.99
N THR A 281 22.24 75.33 -12.30
CA THR A 281 23.49 75.86 -12.84
C THR A 281 23.91 75.11 -14.10
N THR A 282 24.13 73.81 -13.96
CA THR A 282 24.48 72.96 -15.10
C THR A 282 23.58 71.73 -15.08
N GLU A 283 23.16 71.30 -16.26
CA GLU A 283 22.22 70.19 -16.36
C GLU A 283 22.94 68.86 -16.19
N ILE A 284 22.17 67.84 -15.85
CA ILE A 284 22.69 66.49 -15.66
C ILE A 284 22.44 65.67 -16.93
N ASN A 285 23.48 65.48 -17.72
CA ASN A 285 23.40 64.71 -18.95
C ASN A 285 24.17 63.40 -18.79
N ASN A 286 24.27 62.64 -19.88
CA ASN A 286 25.02 61.39 -19.84
C ASN A 286 26.49 61.59 -19.48
N ASP A 287 27.00 62.81 -19.66
CA ASP A 287 28.40 63.08 -19.36
C ASP A 287 28.69 62.80 -17.89
N LEU A 288 27.85 63.32 -16.99
CA LEU A 288 28.07 63.08 -15.57
C LEU A 288 27.93 61.61 -15.23
N PHE A 289 26.93 60.94 -15.80
CA PHE A 289 26.70 59.54 -15.50
C PHE A 289 27.84 58.65 -15.96
N PHE A 290 28.53 59.02 -17.04
CA PHE A 290 29.64 58.23 -17.53
C PHE A 290 30.82 58.22 -16.57
N LYS A 291 30.91 59.19 -15.67
CA LYS A 291 32.06 59.33 -14.79
C LYS A 291 31.90 58.56 -13.49
N MET A 292 30.80 57.81 -13.32
CA MET A 292 30.60 57.00 -12.13
C MET A 292 30.83 55.52 -12.42
N SER A 293 31.48 55.22 -13.54
CA SER A 293 31.72 53.82 -13.90
C SER A 293 32.49 53.03 -12.85
N PRO A 294 33.53 53.57 -12.18
CA PRO A 294 34.28 52.72 -11.25
C PRO A 294 33.48 52.19 -10.09
N VAL A 295 32.30 52.74 -9.82
CA VAL A 295 31.52 52.32 -8.66
C VAL A 295 30.10 51.96 -9.07
N ALA A 296 29.86 51.88 -10.38
CA ALA A 296 28.50 51.67 -10.87
C ALA A 296 27.96 50.29 -10.50
N GLN A 297 28.83 49.27 -10.43
CA GLN A 297 28.37 47.92 -10.18
C GLN A 297 27.65 47.81 -8.85
N LEU A 298 28.18 48.46 -7.82
CA LEU A 298 27.54 48.43 -6.51
C LEU A 298 26.14 49.03 -6.58
N TYR A 299 26.01 50.17 -7.25
CA TYR A 299 24.71 50.81 -7.35
C TYR A 299 23.71 49.93 -8.09
N ILE A 300 24.15 49.30 -9.18
CA ILE A 300 23.25 48.44 -9.94
C ILE A 300 22.80 47.26 -9.09
N TYR A 301 23.74 46.62 -8.39
CA TYR A 301 23.37 45.47 -7.57
C TYR A 301 22.41 45.87 -6.47
N HIS A 302 22.66 46.98 -5.80
CA HIS A 302 21.79 47.35 -4.69
C HIS A 302 20.42 47.81 -5.17
N LEU A 303 20.36 48.48 -6.33
CA LEU A 303 19.07 48.83 -6.89
C LEU A 303 18.26 47.57 -7.23
N ASP A 304 18.90 46.59 -7.86
CA ASP A 304 18.21 45.36 -8.18
C ASP A 304 17.73 44.64 -6.93
N ARG A 305 18.58 44.59 -5.89
CA ARG A 305 18.18 43.93 -4.66
C ARG A 305 17.02 44.66 -4.00
N ALA A 306 17.01 45.99 -4.05
CA ALA A 306 15.98 46.75 -3.38
C ALA A 306 14.64 46.67 -4.11
N PHE A 307 14.66 46.57 -5.45
CA PHE A 307 13.42 46.64 -6.21
C PHE A 307 13.01 45.30 -6.81
N LEU A 308 13.66 44.21 -6.46
CA LEU A 308 13.25 42.86 -6.86
C LEU A 308 12.98 42.08 -5.58
N ASP A 309 11.75 42.17 -5.09
CA ASP A 309 11.37 41.62 -3.81
C ASP A 309 10.65 40.28 -3.91
N GLY A 310 10.51 39.73 -5.11
CA GLY A 310 9.81 38.48 -5.28
C GLY A 310 10.40 37.70 -6.44
N VAL A 311 9.88 36.48 -6.63
CA VAL A 311 10.33 35.62 -7.72
C VAL A 311 9.23 34.60 -8.01
N GLY A 312 8.90 34.45 -9.29
CA GLY A 312 7.82 33.57 -9.71
C GLY A 312 8.23 32.17 -10.13
N PHE A 313 8.62 31.33 -9.18
CA PHE A 313 8.96 29.94 -9.48
C PHE A 313 7.72 29.07 -9.37
N THR A 314 7.80 27.89 -9.99
CA THR A 314 6.75 26.91 -9.74
C THR A 314 7.18 25.98 -8.61
N PRO A 315 6.25 25.57 -7.75
CA PRO A 315 6.61 24.71 -6.63
C PRO A 315 7.35 23.46 -7.08
N LEU A 316 8.32 23.05 -6.26
CA LEU A 316 9.16 21.90 -6.62
C LEU A 316 8.35 20.61 -6.71
N ALA A 317 7.25 20.52 -5.96
CA ALA A 317 6.44 19.30 -5.97
C ALA A 317 5.86 19.03 -7.36
N GLU A 318 5.37 20.08 -8.02
CA GLU A 318 4.80 19.89 -9.36
C GLU A 318 5.86 19.43 -10.35
N LYS A 319 7.06 20.01 -10.28
CA LYS A 319 8.13 19.57 -11.17
C LYS A 319 8.51 18.13 -10.90
N GLN A 320 8.56 17.74 -9.62
CA GLN A 320 8.87 16.36 -9.28
C GLN A 320 7.81 15.40 -9.83
N GLN A 321 6.53 15.78 -9.71
CA GLN A 321 5.47 14.94 -10.25
C GLN A 321 5.55 14.84 -11.77
N GLN A 322 5.82 15.96 -12.43
CA GLN A 322 5.96 15.93 -13.88
C GLN A 322 7.10 15.02 -14.30
N LEU A 323 8.23 15.11 -13.60
CA LEU A 323 9.36 14.25 -13.94
C LEU A 323 9.03 12.78 -13.72
N GLN A 324 8.38 12.46 -12.60
CA GLN A 324 8.05 11.07 -12.31
C GLN A 324 7.06 10.52 -13.33
N LEU A 325 6.17 11.38 -13.84
CA LEU A 325 5.24 10.94 -14.87
C LEU A 325 5.93 10.80 -16.23
N GLN A 326 6.93 11.63 -16.50
CA GLN A 326 7.54 11.63 -17.83
C GLN A 326 8.48 10.45 -18.01
N LEU A 327 9.17 10.04 -16.95
CA LEU A 327 10.11 8.94 -17.04
C LEU A 327 9.36 7.62 -17.15
N LYS A 328 9.54 6.92 -18.27
CA LYS A 328 8.89 5.63 -18.48
C LYS A 328 9.72 4.50 -17.88
N THR A 329 9.87 4.56 -16.57
CA THR A 329 10.62 3.58 -15.81
C THR A 329 9.80 3.14 -14.60
N ASN A 330 10.04 1.90 -14.17
CA ASN A 330 9.28 1.34 -13.05
C ASN A 330 9.53 2.15 -11.78
N ILE A 331 8.46 2.34 -11.00
CA ILE A 331 8.60 3.06 -9.74
C ILE A 331 9.45 2.28 -8.75
N LEU A 332 9.36 0.96 -8.77
CA LEU A 332 10.06 0.15 -7.77
C LEU A 332 11.58 0.26 -7.93
N THR A 333 12.09 0.22 -9.15
CA THR A 333 13.52 0.31 -9.35
C THR A 333 14.02 1.72 -9.03
N ALA A 334 15.33 1.84 -8.87
CA ALA A 334 15.97 3.09 -8.45
C ALA A 334 16.65 3.74 -9.65
N ASN A 335 16.35 5.02 -9.86
CA ASN A 335 17.00 5.82 -10.89
C ASN A 335 17.63 7.05 -10.22
N LEU A 336 18.88 7.31 -10.57
CA LEU A 336 19.65 8.35 -9.92
C LEU A 336 19.31 9.75 -10.41
N ILE A 337 18.50 9.88 -11.46
CA ILE A 337 18.02 11.20 -11.87
C ILE A 337 16.87 11.66 -10.98
N ARG A 338 15.90 10.79 -10.75
CA ARG A 338 14.81 11.14 -9.84
C ARG A 338 15.31 11.33 -8.43
N SER A 339 16.26 10.51 -8.00
CA SER A 339 16.81 10.63 -6.65
C SER A 339 17.56 11.94 -6.48
N ALA A 340 18.31 12.36 -7.50
CA ALA A 340 19.18 13.52 -7.34
C ALA A 340 18.39 14.80 -7.10
N ILE A 341 17.32 15.02 -7.87
CA ILE A 341 16.54 16.24 -7.69
C ILE A 341 15.71 16.21 -6.41
N ASN A 342 15.60 15.05 -5.77
CA ASN A 342 14.85 14.98 -4.52
C ASN A 342 15.50 15.80 -3.41
N GLY A 343 16.79 16.08 -3.51
CA GLY A 343 17.50 16.86 -2.53
C GLY A 343 17.58 18.35 -2.80
N MET A 344 16.93 18.83 -3.85
CA MET A 344 16.95 20.25 -4.17
C MET A 344 16.06 21.04 -3.22
N ASN A 345 16.44 22.28 -2.99
CA ASN A 345 15.65 23.19 -2.17
C ASN A 345 15.50 24.51 -2.90
N THR A 346 14.39 25.20 -2.64
CA THR A 346 14.10 26.44 -3.33
C THR A 346 14.02 27.60 -2.36
N GLU A 347 14.94 27.65 -1.39
CA GLU A 347 14.95 28.72 -0.42
C GLU A 347 15.95 29.82 -0.74
N SER A 348 16.75 29.66 -1.80
CA SER A 348 17.73 30.65 -2.20
C SER A 348 17.46 31.17 -3.61
N ASN A 349 16.20 31.14 -4.04
CA ASN A 349 15.88 31.55 -5.40
C ASN A 349 16.00 33.05 -5.59
N LEU A 350 15.65 33.84 -4.56
CA LEU A 350 15.60 35.28 -4.71
C LEU A 350 16.98 35.87 -4.97
N GLU A 351 17.97 35.46 -4.19
CA GLU A 351 19.32 35.97 -4.37
C GLU A 351 19.89 35.57 -5.73
N VAL A 352 19.64 34.33 -6.14
CA VAL A 352 20.11 33.89 -7.44
C VAL A 352 19.44 34.70 -8.55
N ALA A 353 18.17 35.05 -8.38
CA ALA A 353 17.49 35.87 -9.36
C ALA A 353 18.12 37.25 -9.46
N ILE A 354 18.45 37.85 -8.31
CA ILE A 354 19.09 39.16 -8.32
C ILE A 354 20.42 39.10 -9.05
N LYS A 355 21.23 38.08 -8.75
CA LYS A 355 22.51 37.95 -9.42
C LYS A 355 22.36 37.68 -10.90
N MET A 356 21.34 36.91 -11.28
CA MET A 356 21.07 36.68 -12.69
C MET A 356 20.76 37.98 -13.41
N MET A 357 19.91 38.82 -12.80
CA MET A 357 19.57 40.09 -13.42
C MET A 357 20.80 40.97 -13.57
N GLN A 358 21.63 41.03 -12.52
CA GLN A 358 22.83 41.85 -12.60
C GLN A 358 23.77 41.35 -13.71
N ALA A 359 23.94 40.03 -13.81
CA ALA A 359 24.77 39.49 -14.87
C ALA A 359 24.18 39.77 -16.25
N ALA A 360 22.85 39.81 -16.35
CA ALA A 360 22.22 40.13 -17.62
C ALA A 360 22.50 41.58 -18.02
N GLN A 361 22.51 42.49 -17.05
CA GLN A 361 22.70 43.90 -17.39
C GLN A 361 24.14 44.18 -17.77
N LEU A 362 25.08 43.96 -16.85
CA LEU A 362 26.49 44.22 -17.09
C LEU A 362 27.14 43.02 -17.78
N HIS A 363 27.82 43.26 -18.88
CA HIS A 363 28.39 42.17 -19.66
C HIS A 363 29.74 41.72 -19.13
N ARG A 364 30.23 42.31 -18.04
CA ARG A 364 31.47 41.87 -17.43
C ARG A 364 31.28 41.15 -16.11
N ALA A 365 30.12 41.32 -15.46
CA ALA A 365 29.85 40.70 -14.17
C ALA A 365 29.20 39.33 -14.35
N SER A 366 29.85 38.49 -15.15
CA SER A 366 29.32 37.17 -15.44
C SER A 366 29.32 36.31 -14.18
N ILE A 367 28.38 35.38 -14.12
CA ILE A 367 28.24 34.50 -12.96
C ILE A 367 29.33 33.44 -13.00
N GLU A 368 30.01 33.25 -11.87
CA GLU A 368 31.04 32.23 -11.73
C GLU A 368 30.57 31.20 -10.70
N ILE A 369 30.44 29.96 -11.13
CA ILE A 369 29.94 28.90 -10.25
C ILE A 369 31.08 28.40 -9.38
N ALA A 370 30.73 27.93 -8.18
CA ALA A 370 31.67 27.32 -7.25
C ALA A 370 31.32 25.83 -7.16
N PHE A 371 32.26 24.99 -7.59
CA PHE A 371 32.02 23.55 -7.60
C PHE A 371 32.57 22.94 -6.32
N PRO A 372 31.73 22.36 -5.46
CA PRO A 372 32.25 21.83 -4.18
C PRO A 372 33.28 20.74 -4.38
N MET A 373 33.10 19.93 -5.41
CA MET A 373 34.05 18.89 -5.76
C MET A 373 35.35 19.48 -6.25
N ASN A 374 36.40 18.65 -6.25
CA ASN A 374 37.72 19.06 -6.71
C ASN A 374 38.20 18.25 -7.89
N VAL A 375 38.30 16.92 -7.76
CA VAL A 375 38.79 16.08 -8.84
C VAL A 375 37.75 15.02 -9.18
N SER A 376 37.17 14.38 -8.16
CA SER A 376 36.22 13.31 -8.38
C SER A 376 34.86 13.87 -8.79
N LEU A 377 33.95 12.96 -9.13
CA LEU A 377 32.59 13.31 -9.49
C LEU A 377 31.63 12.84 -8.41
N SER A 378 30.34 13.05 -8.68
CA SER A 378 29.26 12.73 -7.77
C SER A 378 28.00 12.63 -8.61
N PRO A 379 27.09 11.70 -8.30
CA PRO A 379 25.90 11.54 -9.16
C PRO A 379 25.04 12.77 -9.25
N GLU A 380 24.97 13.59 -8.21
CA GLU A 380 24.20 14.83 -8.30
C GLU A 380 24.92 15.91 -9.09
N ILE A 381 26.25 15.93 -9.06
CA ILE A 381 26.99 16.94 -9.80
C ILE A 381 26.71 16.81 -11.30
N ILE A 382 26.63 15.57 -11.79
CA ILE A 382 26.42 15.35 -13.21
C ILE A 382 25.07 15.90 -13.65
N VAL A 383 24.01 15.56 -12.91
CA VAL A 383 22.69 16.02 -13.31
C VAL A 383 22.54 17.51 -13.11
N GLN A 384 23.20 18.08 -12.09
CA GLN A 384 23.14 19.53 -11.92
C GLN A 384 23.83 20.25 -13.08
N CYS A 385 24.96 19.71 -13.53
CA CYS A 385 25.62 20.28 -14.70
C CYS A 385 24.75 20.15 -15.93
N PHE A 386 24.07 19.01 -16.08
CA PHE A 386 23.14 18.86 -17.20
C PHE A 386 22.04 19.90 -17.16
N ILE A 387 21.46 20.14 -15.98
CA ILE A 387 20.39 21.12 -15.85
C ILE A 387 20.92 22.52 -16.19
N VAL A 388 22.10 22.86 -15.70
CA VAL A 388 22.68 24.17 -15.99
C VAL A 388 22.92 24.33 -17.48
N TRP A 389 23.42 23.28 -18.12
CA TRP A 389 23.66 23.34 -19.56
C TRP A 389 22.35 23.53 -20.32
N MET A 390 21.27 22.85 -19.88
CA MET A 390 20.01 22.88 -20.68
C MET A 390 19.09 24.04 -20.31
N SER A 391 19.36 24.79 -19.23
CA SER A 391 18.41 25.82 -18.83
C SER A 391 19.00 27.20 -18.57
N ILE A 392 20.31 27.34 -18.38
CA ILE A 392 20.92 28.63 -18.10
C ILE A 392 21.62 29.11 -19.35
N PRO A 393 21.23 30.25 -19.92
CA PRO A 393 21.84 30.70 -21.18
C PRO A 393 23.33 30.97 -21.01
N GLU A 394 24.08 30.75 -22.08
CA GLU A 394 25.53 30.84 -22.02
C GLU A 394 26.05 32.26 -22.02
N GLN A 395 25.22 33.25 -22.30
CA GLN A 395 25.69 34.63 -22.30
C GLN A 395 25.76 35.24 -20.92
N LEU A 396 25.31 34.53 -19.89
CA LEU A 396 25.36 35.03 -18.53
C LEU A 396 26.43 34.35 -17.68
N LEU A 397 26.86 33.15 -18.04
CA LEU A 397 27.87 32.44 -17.29
C LEU A 397 29.26 32.90 -17.73
N SER A 398 30.21 32.82 -16.80
CA SER A 398 31.58 33.18 -17.11
C SER A 398 32.23 32.13 -17.99
N ASP A 399 33.41 32.47 -18.52
CA ASP A 399 34.12 31.53 -19.38
C ASP A 399 34.53 30.28 -18.62
N ARG A 400 35.06 30.44 -17.41
CA ARG A 400 35.50 29.30 -16.63
C ARG A 400 34.33 28.36 -16.34
N SER A 401 33.19 28.91 -15.95
CA SER A 401 32.03 28.08 -15.64
C SER A 401 31.56 27.32 -16.87
N ASN A 402 31.51 27.98 -18.02
CA ASN A 402 31.14 27.29 -19.24
C ASN A 402 32.09 26.14 -19.53
N PHE A 403 33.39 26.38 -19.41
CA PHE A 403 34.34 25.32 -19.69
C PHE A 403 34.19 24.16 -18.73
N ILE A 404 33.96 24.44 -17.45
CA ILE A 404 33.87 23.36 -16.46
C ILE A 404 32.65 22.50 -16.73
N ILE A 405 31.49 23.13 -16.95
CA ILE A 405 30.30 22.32 -17.19
C ILE A 405 30.43 21.57 -18.51
N ALA A 406 31.06 22.19 -19.51
CA ALA A 406 31.27 21.50 -20.78
C ALA A 406 32.16 20.29 -20.61
N ALA A 407 33.21 20.41 -19.80
CA ALA A 407 34.10 19.28 -19.57
C ALA A 407 33.38 18.17 -18.83
N VAL A 408 32.59 18.51 -17.81
CA VAL A 408 31.81 17.50 -17.12
C VAL A 408 30.90 16.78 -18.09
N ILE A 409 30.29 17.53 -19.00
CA ILE A 409 29.38 16.94 -19.97
C ILE A 409 30.13 16.00 -20.91
N TRP A 410 31.27 16.46 -21.42
CA TRP A 410 32.02 15.74 -22.44
C TRP A 410 32.77 14.53 -21.87
N ALA A 411 33.00 14.49 -20.56
CA ALA A 411 33.73 13.38 -19.97
C ALA A 411 32.99 12.06 -20.10
N GLY A 412 31.70 12.07 -20.40
CA GLY A 412 30.94 10.84 -20.51
C GLY A 412 30.78 10.34 -21.93
N PHE A 413 30.41 11.25 -22.84
CA PHE A 413 30.20 10.85 -24.23
C PHE A 413 31.51 10.54 -24.94
N SER A 414 32.64 10.98 -24.40
CA SER A 414 33.92 10.67 -25.00
C SER A 414 34.24 9.20 -24.85
N ALA A 415 35.16 8.72 -25.68
CA ALA A 415 35.54 7.31 -25.67
C ALA A 415 36.61 7.02 -24.62
N ASP A 416 37.71 7.76 -24.64
CA ASP A 416 38.85 7.48 -23.79
C ASP A 416 39.15 8.57 -22.77
N ASP A 417 38.89 9.83 -23.11
CA ASP A 417 39.22 10.92 -22.20
C ASP A 417 38.44 10.80 -20.90
N SER A 418 39.14 10.96 -19.79
CA SER A 418 38.54 10.97 -18.46
C SER A 418 38.26 12.42 -18.06
N TYR A 419 37.99 12.61 -16.78
CA TYR A 419 37.70 13.97 -16.32
C TYR A 419 38.93 14.61 -15.70
N ALA A 420 39.68 13.86 -14.91
CA ALA A 420 40.90 14.40 -14.29
C ALA A 420 41.90 14.82 -15.36
N ASP A 421 42.08 13.98 -16.38
CA ASP A 421 43.03 14.34 -17.44
C ASP A 421 42.54 15.53 -18.25
N ILE A 422 41.23 15.73 -18.35
CA ILE A 422 40.74 16.84 -19.22
C ILE A 422 41.01 18.17 -18.50
N MET A 423 40.74 18.25 -17.20
CA MET A 423 41.03 19.48 -16.42
C MET A 423 42.55 19.69 -16.34
N ARG A 424 43.32 18.62 -16.15
CA ARG A 424 44.79 18.72 -15.98
C ARG A 424 45.45 19.22 -17.27
N ARG A 425 45.37 18.44 -18.35
CA ARG A 425 45.99 18.82 -19.61
C ARG A 425 45.61 20.24 -20.02
N SER A 426 44.36 20.63 -19.78
CA SER A 426 43.89 21.93 -20.22
C SER A 426 44.50 23.06 -19.39
N ALA A 427 44.41 24.27 -19.92
CA ALA A 427 44.93 25.46 -19.28
C ALA A 427 43.79 26.42 -18.97
N ARG A 428 43.89 27.11 -17.83
CA ARG A 428 42.82 28.00 -17.41
C ARG A 428 42.80 29.31 -18.18
N ALA A 429 43.89 29.66 -18.86
CA ALA A 429 43.97 30.95 -19.52
C ALA A 429 43.19 31.00 -20.83
N SER A 430 43.06 29.88 -21.54
CA SER A 430 42.49 29.85 -22.88
C SER A 430 41.33 28.87 -22.95
N ASP A 431 40.41 28.97 -21.99
CA ASP A 431 39.28 28.05 -21.95
C ASP A 431 38.23 28.34 -23.01
N ARG A 432 38.23 29.52 -23.61
CA ARG A 432 37.22 29.84 -24.62
C ARG A 432 37.33 28.93 -25.83
N GLN A 433 38.56 28.71 -26.32
CA GLN A 433 38.73 27.85 -27.48
C GLN A 433 38.31 26.42 -27.17
N ASN A 434 38.65 25.93 -25.97
CA ASN A 434 38.22 24.60 -25.57
C ASN A 434 36.71 24.50 -25.49
N TYR A 435 36.06 25.51 -24.93
CA TYR A 435 34.60 25.48 -24.83
C TYR A 435 33.96 25.49 -26.20
N ASP A 436 34.47 26.31 -27.12
CA ASP A 436 33.93 26.35 -28.47
C ASP A 436 34.12 25.01 -29.17
N ILE A 437 35.29 24.39 -29.01
CA ILE A 437 35.53 23.10 -29.62
C ILE A 437 34.58 22.04 -29.07
N ILE A 438 34.38 22.04 -27.75
CA ILE A 438 33.49 21.07 -27.14
C ILE A 438 32.07 21.27 -27.62
N LYS A 439 31.62 22.53 -27.72
CA LYS A 439 30.27 22.78 -28.21
C LYS A 439 30.12 22.35 -29.65
N ALA A 440 31.14 22.58 -30.47
CA ALA A 440 31.09 22.13 -31.85
C ALA A 440 30.98 20.62 -31.93
N ALA A 441 31.75 19.91 -31.09
CA ALA A 441 31.66 18.45 -31.07
C ALA A 441 30.28 17.98 -30.62
N LEU A 442 29.72 18.63 -29.61
CA LEU A 442 28.40 18.27 -29.11
C LEU A 442 27.27 18.67 -30.05
N SER A 443 27.53 19.53 -31.01
CA SER A 443 26.54 19.90 -32.02
C SER A 443 26.80 19.19 -33.35
N SER A 444 27.55 18.10 -33.32
CA SER A 444 27.95 17.40 -34.53
C SER A 444 26.80 16.52 -35.02
N ARG A 445 27.11 15.62 -35.96
CA ARG A 445 26.09 14.77 -36.56
C ARG A 445 25.88 13.47 -35.79
N LYS A 446 26.70 13.18 -34.80
CA LYS A 446 26.51 12.01 -33.95
C LYS A 446 25.85 12.37 -32.62
N PHE A 447 26.23 13.50 -32.04
CA PHE A 447 25.65 13.99 -30.81
C PHE A 447 25.03 15.36 -31.05
N LYS A 448 23.87 15.60 -30.45
CA LYS A 448 23.21 16.90 -30.53
C LYS A 448 22.60 17.21 -29.17
N LEU A 449 23.21 18.13 -28.45
CA LEU A 449 22.70 18.58 -27.15
C LEU A 449 22.40 20.07 -27.25
N PRO A 450 21.14 20.50 -27.12
CA PRO A 450 20.82 21.92 -27.29
C PRO A 450 21.36 22.74 -26.13
N ARG A 451 21.98 23.87 -26.44
CA ARG A 451 22.51 24.79 -25.45
C ARG A 451 21.59 26.00 -25.38
N ALA A 452 21.10 26.30 -24.18
CA ALA A 452 20.18 27.42 -24.01
C ALA A 452 20.87 28.73 -24.32
N SER A 453 20.14 29.66 -24.93
CA SER A 453 20.69 30.96 -25.30
C SER A 453 19.64 32.02 -25.02
N THR A 454 19.93 33.25 -25.42
CA THR A 454 19.03 34.37 -25.20
C THR A 454 19.30 35.44 -26.25
N THR A 455 18.43 36.45 -26.28
CA THR A 455 18.48 37.49 -27.29
C THR A 455 18.25 38.84 -26.63
N LEU A 456 18.77 39.90 -27.27
CA LEU A 456 18.66 41.24 -26.73
C LEU A 456 17.21 41.75 -26.84
N PHE A 457 16.94 42.84 -26.11
CA PHE A 457 15.62 43.45 -26.13
C PHE A 457 15.77 44.97 -26.08
N ASP A 458 15.00 45.66 -26.91
CA ASP A 458 15.07 47.11 -27.03
C ASP A 458 13.86 47.83 -26.45
N GLU A 459 12.87 47.10 -25.94
CA GLU A 459 11.64 47.71 -25.49
C GLU A 459 11.89 48.66 -24.32
N ASN A 460 10.94 49.56 -24.09
CA ASN A 460 11.12 50.57 -23.06
C ASN A 460 9.75 50.97 -22.52
N GLU A 461 9.74 52.08 -21.79
CA GLU A 461 8.60 52.64 -21.07
C GLU A 461 8.48 54.13 -21.38
N PRO A 462 7.27 54.67 -21.41
CA PRO A 462 7.12 56.13 -21.49
C PRO A 462 7.23 56.76 -20.11
N VAL A 463 8.33 57.47 -19.87
CA VAL A 463 8.60 58.08 -18.59
C VAL A 463 9.62 59.20 -18.81
N VAL A 464 9.59 60.19 -17.92
CA VAL A 464 10.45 61.37 -18.04
C VAL A 464 11.80 61.02 -17.42
N ARG A 465 12.81 60.83 -18.27
CA ARG A 465 14.15 60.48 -17.82
C ARG A 465 15.19 61.32 -18.55
N ARG A 466 16.30 61.58 -17.88
CA ARG A 466 17.33 62.49 -18.35
C ARG A 466 18.47 61.81 -19.08
N TYR A 467 18.45 60.48 -19.21
CA TYR A 467 19.60 59.76 -19.73
C TYR A 467 19.16 58.73 -20.76
N GLN A 468 20.14 58.18 -21.48
CA GLN A 468 19.86 57.21 -22.51
C GLN A 468 19.75 55.81 -21.95
N ILE A 469 18.97 54.97 -22.64
CA ILE A 469 18.80 53.58 -22.26
C ILE A 469 19.33 52.71 -23.40
N GLY A 470 19.66 51.47 -23.07
CA GLY A 470 20.23 50.55 -24.02
C GLY A 470 19.62 49.17 -23.90
N ARG A 471 20.01 48.30 -24.82
CA ARG A 471 19.51 46.93 -24.85
C ARG A 471 20.23 46.07 -23.83
N VAL A 472 19.52 45.07 -23.30
CA VAL A 472 20.10 44.11 -22.36
C VAL A 472 19.69 42.72 -22.79
N TYR A 473 20.40 41.73 -22.27
CA TYR A 473 20.02 40.34 -22.49
C TYR A 473 18.83 39.96 -21.62
N ALA A 474 18.18 38.87 -21.98
CA ALA A 474 17.12 38.53 -21.04
C ALA A 474 17.59 37.42 -20.11
N PRO A 475 17.17 37.44 -18.84
CA PRO A 475 17.61 36.42 -17.89
C PRO A 475 16.96 35.06 -18.07
N PHE A 476 16.24 34.83 -19.16
CA PHE A 476 15.60 33.56 -19.43
C PHE A 476 15.69 33.27 -20.92
N PRO A 477 15.65 31.99 -21.31
CA PRO A 477 15.80 31.65 -22.74
C PRO A 477 14.58 31.98 -23.59
N VAL A 478 13.44 32.29 -22.96
CA VAL A 478 12.15 32.55 -23.68
C VAL A 478 12.31 33.64 -24.75
N ASP A 479 11.71 33.44 -25.94
CA ASP A 479 11.74 34.49 -26.98
C ASP A 479 10.53 35.39 -26.77
N ARG A 480 10.34 36.38 -27.64
CA ARG A 480 9.17 37.28 -27.53
C ARG A 480 7.92 36.42 -27.65
N TYR A 481 7.92 35.44 -28.57
CA TYR A 481 6.76 34.53 -28.76
C TYR A 481 6.55 33.69 -27.49
N GLY A 482 7.63 33.27 -26.83
CA GLY A 482 7.53 32.46 -25.61
C GLY A 482 8.00 31.03 -25.77
N SER A 483 8.51 30.66 -26.95
CA SER A 483 9.10 29.30 -27.15
C SER A 483 10.51 29.25 -26.60
N PRO A 484 11.03 28.07 -26.18
CA PRO A 484 12.44 27.96 -25.77
C PRO A 484 13.35 28.29 -26.97
N VAL A 485 14.52 28.89 -26.72
CA VAL A 485 15.42 29.31 -27.79
C VAL A 485 16.80 28.71 -27.48
N TYR A 486 17.16 27.67 -28.21
CA TYR A 486 18.48 27.08 -28.10
C TYR A 486 19.40 27.70 -29.15
N SER A 487 20.60 27.15 -29.29
CA SER A 487 21.60 27.68 -30.21
C SER A 487 21.75 26.85 -31.48
N ASN A 488 21.86 25.53 -31.34
CA ASN A 488 22.13 24.67 -32.49
C ASN A 488 20.86 24.10 -33.10
N CYS A 489 20.11 23.32 -32.33
CA CYS A 489 18.89 22.70 -32.82
C CYS A 489 18.10 22.15 -31.63
N THR A 490 16.79 22.09 -31.79
CA THR A 490 15.90 21.64 -30.72
C THR A 490 15.61 20.15 -30.80
N LYS A 491 16.67 19.34 -30.89
CA LYS A 491 16.54 17.89 -30.86
C LYS A 491 17.69 17.31 -30.05
N VAL A 492 17.37 16.32 -29.21
CA VAL A 492 18.40 15.68 -28.35
C VAL A 492 18.45 14.16 -28.58
N GLU A 493 19.35 13.71 -29.45
CA GLU A 493 19.55 12.29 -29.71
C GLU A 493 21.04 12.00 -29.69
N LEU A 494 21.41 10.88 -29.09
CA LEU A 494 22.81 10.55 -28.85
C LEU A 494 23.11 9.17 -29.42
N ALA A 495 24.35 9.01 -29.91
CA ALA A 495 24.75 7.73 -30.48
C ALA A 495 24.79 6.64 -29.42
N SER A 496 25.40 6.94 -28.26
CA SER A 496 25.55 5.95 -27.22
C SER A 496 25.06 6.48 -25.88
N ASP A 497 25.31 5.74 -24.80
CA ASP A 497 24.90 6.16 -23.48
C ASP A 497 25.94 7.10 -22.87
N TYR A 498 25.70 7.50 -21.63
CA TYR A 498 26.58 8.38 -20.89
C TYR A 498 27.14 7.61 -19.70
N ASN A 499 28.43 7.30 -19.75
CA ASN A 499 29.10 6.63 -18.64
C ASN A 499 30.35 7.42 -18.25
N ALA A 500 30.61 7.50 -16.95
CA ALA A 500 31.78 8.19 -16.43
C ALA A 500 32.06 7.64 -15.05
N GLU A 501 33.07 6.76 -14.94
CA GLU A 501 33.35 6.01 -13.72
C GLU A 501 32.05 5.57 -13.04
N GLY A 502 31.26 4.80 -13.78
CA GLY A 502 29.91 4.49 -13.33
C GLY A 502 28.95 5.62 -13.70
N PHE A 503 27.85 5.69 -12.96
CA PHE A 503 26.85 6.73 -13.17
C PHE A 503 26.34 6.73 -14.60
N THR A 504 25.71 5.63 -14.97
CA THR A 504 25.24 5.44 -16.34
C THR A 504 23.86 6.08 -16.52
N ILE A 505 23.73 6.88 -17.58
CA ILE A 505 22.46 7.49 -17.95
C ILE A 505 22.04 6.90 -19.30
N ARG A 506 20.78 6.53 -19.43
CA ARG A 506 20.29 5.99 -20.69
C ARG A 506 19.87 7.14 -21.61
N LYS A 507 19.81 6.85 -22.90
CA LYS A 507 19.46 7.87 -23.87
C LYS A 507 18.02 8.32 -23.76
N ASP A 508 17.19 7.61 -23.01
CA ASP A 508 15.78 7.95 -22.87
C ASP A 508 15.47 8.78 -21.63
N ASP A 509 16.47 9.18 -20.86
CA ASP A 509 16.25 10.07 -19.73
C ASP A 509 16.58 11.52 -20.03
N PHE A 510 17.57 11.77 -20.90
CA PHE A 510 17.85 13.14 -21.31
C PHE A 510 16.65 13.75 -22.01
N ARG A 511 15.95 12.95 -22.81
CA ARG A 511 14.76 13.45 -23.49
C ARG A 511 13.70 13.90 -22.49
N ALA A 512 13.44 13.08 -21.47
CA ALA A 512 12.45 13.46 -20.47
C ALA A 512 12.90 14.70 -19.69
N LEU A 513 14.19 14.75 -19.35
CA LEU A 513 14.72 15.91 -18.63
C LEU A 513 14.55 17.18 -19.44
N GLN A 514 14.82 17.12 -20.75
CA GLN A 514 14.58 18.26 -21.60
C GLN A 514 13.10 18.62 -21.64
N ALA A 515 12.23 17.60 -21.72
CA ALA A 515 10.81 17.85 -21.82
C ALA A 515 10.22 18.47 -20.55
N VAL A 516 10.88 18.31 -19.41
CA VAL A 516 10.34 18.85 -18.16
C VAL A 516 10.87 20.25 -17.83
N LEU A 517 11.90 20.72 -18.52
CA LEU A 517 12.51 22.01 -18.22
C LEU A 517 11.87 23.19 -18.92
N ARG A 518 10.81 22.97 -19.69
CA ARG A 518 10.21 24.07 -20.44
C ARG A 518 9.47 25.03 -19.51
N ILE A 519 9.16 26.21 -20.04
CA ILE A 519 8.43 27.22 -19.28
C ILE A 519 6.94 27.00 -19.42
N ASP A 520 6.19 27.45 -18.40
CA ASP A 520 4.76 27.19 -18.33
C ASP A 520 3.98 27.80 -19.49
N GLU A 521 4.56 28.79 -20.18
CA GLU A 521 3.99 29.41 -21.37
C GLU A 521 2.79 30.29 -21.02
N ASP A 522 2.36 30.25 -19.77
CA ASP A 522 1.30 31.12 -19.28
C ASP A 522 1.84 32.39 -18.67
N ARG A 523 2.94 32.29 -17.92
CA ARG A 523 3.53 33.41 -17.23
C ARG A 523 4.28 34.37 -18.16
N ALA A 524 4.10 34.24 -19.47
CA ALA A 524 4.87 35.04 -20.41
C ALA A 524 4.63 36.53 -20.19
N ALA A 525 3.37 36.93 -19.98
CA ALA A 525 3.07 38.34 -19.80
C ALA A 525 3.72 38.89 -18.53
N ASP A 526 3.51 38.20 -17.40
CA ASP A 526 4.03 38.70 -16.13
C ASP A 526 5.55 38.66 -16.11
N MET A 527 6.15 37.71 -16.81
CA MET A 527 7.60 37.58 -16.81
C MET A 527 8.28 38.73 -17.55
N PHE A 528 7.61 39.34 -18.53
CA PHE A 528 8.21 40.39 -19.32
C PHE A 528 8.01 41.78 -18.75
N THR A 529 7.02 41.98 -17.88
CA THR A 529 6.80 43.31 -17.31
C THR A 529 7.99 43.76 -16.48
N THR A 530 8.56 42.85 -15.70
CA THR A 530 9.73 43.18 -14.89
C THR A 530 10.90 43.58 -15.78
N LEU A 531 11.13 42.83 -16.85
CA LEU A 531 12.19 43.19 -17.79
C LEU A 531 11.93 44.56 -18.40
N ARG A 532 10.69 44.85 -18.75
CA ARG A 532 10.36 46.14 -19.35
C ARG A 532 10.67 47.28 -18.39
N ILE A 533 10.20 47.16 -17.15
CA ILE A 533 10.40 48.25 -16.19
C ILE A 533 11.83 48.30 -15.65
N MET A 534 12.63 47.28 -15.89
CA MET A 534 14.04 47.35 -15.51
C MET A 534 14.95 47.80 -16.63
N ILE A 535 14.55 47.62 -17.89
CA ILE A 535 15.38 48.07 -19.00
C ILE A 535 15.42 49.59 -19.05
N SER A 536 14.26 50.23 -18.87
CA SER A 536 14.10 51.66 -19.09
C SER A 536 14.34 52.48 -17.84
N SER A 537 15.18 52.00 -16.93
CA SER A 537 15.45 52.76 -15.71
C SER A 537 16.92 52.74 -15.29
N ILE A 538 17.80 52.18 -16.10
CA ILE A 538 19.22 52.10 -15.79
C ILE A 538 19.97 52.82 -16.89
N PRO A 539 20.79 53.82 -16.59
CA PRO A 539 21.50 54.56 -17.64
C PRO A 539 22.39 53.63 -18.46
N ALA A 540 22.40 53.87 -19.78
CA ALA A 540 23.07 52.96 -20.69
C ALA A 540 24.58 53.06 -20.60
N VAL A 541 25.12 54.16 -20.06
CA VAL A 541 26.57 54.32 -19.99
C VAL A 541 27.19 53.49 -18.88
N TRP A 542 26.38 52.90 -18.00
CA TRP A 542 26.90 52.10 -16.90
C TRP A 542 27.20 50.66 -17.30
N TYR A 543 26.87 50.26 -18.52
CA TYR A 543 26.96 48.85 -18.90
C TYR A 543 28.39 48.38 -19.11
N ASP A 544 29.37 49.28 -19.11
CA ASP A 544 30.76 48.89 -19.27
C ASP A 544 31.53 48.95 -17.97
N ALA A 545 30.84 49.08 -16.84
CA ALA A 545 31.52 49.16 -15.56
C ALA A 545 32.18 47.83 -15.21
N GLU A 546 33.29 47.90 -14.48
CA GLU A 546 33.96 46.70 -14.02
C GLU A 546 33.43 46.30 -12.64
N VAL A 547 33.76 45.09 -12.23
CA VAL A 547 33.33 44.57 -10.95
C VAL A 547 34.31 45.03 -9.87
N VAL A 548 33.78 45.34 -8.69
CA VAL A 548 34.63 45.74 -7.57
C VAL A 548 34.45 44.86 -6.34
N HIS A 549 33.34 44.13 -6.23
CA HIS A 549 33.09 43.25 -5.09
C HIS A 549 32.80 41.86 -5.64
N TYR A 550 33.76 40.95 -5.49
CA TYR A 550 33.62 39.63 -6.09
C TYR A 550 32.38 38.86 -5.66
N PRO A 551 32.02 38.78 -4.38
CA PRO A 551 30.90 37.89 -3.99
C PRO A 551 29.58 38.23 -4.64
N HIS A 552 29.42 39.42 -5.21
CA HIS A 552 28.16 39.76 -5.86
C HIS A 552 27.92 38.99 -7.15
N THR A 553 28.91 38.27 -7.65
CA THR A 553 28.75 37.47 -8.86
C THR A 553 29.08 36.00 -8.63
N ALA A 554 29.03 35.51 -7.40
CA ALA A 554 29.40 34.15 -7.07
C ALA A 554 28.19 33.40 -6.52
N VAL A 555 27.88 32.26 -7.14
CA VAL A 555 26.86 31.35 -6.66
C VAL A 555 27.42 29.94 -6.63
N GLU A 556 26.81 29.08 -5.83
CA GLU A 556 27.21 27.69 -5.82
C GLU A 556 26.35 26.89 -6.80
N LEU A 557 26.80 25.68 -7.11
CA LEU A 557 26.18 24.91 -8.18
C LEU A 557 24.75 24.52 -7.84
N GLU A 558 24.49 24.10 -6.59
CA GLU A 558 23.18 23.59 -6.25
C GLU A 558 22.11 24.68 -6.33
N GLN A 559 22.44 25.90 -5.90
CA GLN A 559 21.47 26.99 -5.97
C GLN A 559 21.11 27.32 -7.41
N LEU A 560 22.12 27.39 -8.28
CA LEU A 560 21.87 27.68 -9.68
C LEU A 560 21.05 26.57 -10.32
N ALA A 561 21.35 25.31 -9.98
CA ALA A 561 20.59 24.20 -10.54
C ALA A 561 19.13 24.25 -10.09
N ALA A 562 18.90 24.54 -8.80
CA ALA A 562 17.53 24.65 -8.32
C ALA A 562 16.80 25.79 -9.00
N TYR A 563 17.48 26.92 -9.20
CA TYR A 563 16.85 28.05 -9.88
C TYR A 563 16.48 27.68 -11.31
N GLY A 564 17.38 26.99 -12.02
CA GLY A 564 17.10 26.63 -13.39
C GLY A 564 15.98 25.60 -13.52
N LEU A 565 15.97 24.60 -12.63
CA LEU A 565 14.98 23.54 -12.72
C LEU A 565 13.57 24.07 -12.52
N THR A 566 13.38 24.95 -11.55
CA THR A 566 12.05 25.49 -11.27
C THR A 566 11.63 26.57 -12.24
N GLY A 567 12.52 27.01 -13.13
CA GLY A 567 12.16 28.02 -14.12
C GLY A 567 11.76 29.35 -13.52
N ALA A 568 12.48 29.79 -12.50
CA ALA A 568 12.15 31.03 -11.81
C ALA A 568 12.58 32.25 -12.62
N TYR A 569 11.88 33.34 -12.43
CA TYR A 569 12.19 34.61 -13.07
C TYR A 569 12.01 35.74 -12.06
N PRO A 570 12.76 36.83 -12.20
CA PRO A 570 12.57 37.96 -11.29
C PRO A 570 11.21 38.59 -11.48
N ARG A 571 10.66 39.12 -10.39
CA ARG A 571 9.33 39.69 -10.40
C ARG A 571 9.24 40.83 -9.38
N THR A 572 8.56 41.90 -9.77
CA THR A 572 8.42 43.06 -8.90
C THR A 572 7.09 43.73 -9.18
N ASN A 573 6.64 44.51 -8.19
CA ASN A 573 5.39 45.25 -8.31
C ASN A 573 5.57 46.76 -8.19
N HIS A 574 6.80 47.25 -8.07
CA HIS A 574 7.03 48.69 -8.05
C HIS A 574 6.84 49.28 -9.45
N SER A 575 6.59 50.59 -9.46
CA SER A 575 6.39 51.29 -10.75
C SER A 575 7.72 51.80 -11.28
N VAL A 576 7.74 52.26 -12.52
CA VAL A 576 8.97 52.77 -13.14
C VAL A 576 9.43 54.06 -12.49
N ASP A 577 8.51 54.98 -12.20
CA ASP A 577 8.90 56.32 -11.78
C ASP A 577 9.71 56.31 -10.49
N THR A 578 9.45 55.36 -9.60
CA THR A 578 10.19 55.31 -8.34
C THR A 578 11.68 55.05 -8.58
N ILE A 579 11.99 54.12 -9.48
CA ILE A 579 13.39 53.79 -9.73
C ILE A 579 14.12 54.96 -10.37
N VAL A 580 13.48 55.62 -11.35
CA VAL A 580 14.13 56.76 -11.98
C VAL A 580 14.25 57.91 -11.00
N LYS A 581 13.32 58.03 -10.06
CA LYS A 581 13.45 59.04 -9.02
C LYS A 581 14.66 58.74 -8.13
N THR A 582 14.87 57.47 -7.79
CA THR A 582 16.04 57.11 -7.00
C THR A 582 17.33 57.40 -7.76
N VAL A 583 17.36 57.08 -9.06
CA VAL A 583 18.56 57.37 -9.85
C VAL A 583 18.82 58.86 -9.91
N ASN A 584 17.74 59.65 -10.08
CA ASN A 584 17.90 61.10 -10.06
C ASN A 584 18.44 61.58 -8.72
N ASN A 585 17.99 60.96 -7.64
CA ASN A 585 18.50 61.33 -6.32
C ASN A 585 19.99 61.06 -6.21
N ILE A 586 20.44 59.92 -6.73
CA ILE A 586 21.87 59.60 -6.71
C ILE A 586 22.65 60.64 -7.50
N SER A 587 22.17 60.97 -8.70
CA SER A 587 22.87 61.96 -9.51
C SER A 587 22.90 63.32 -8.82
N ALA A 588 21.80 63.68 -8.17
CA ALA A 588 21.76 64.96 -7.45
C ALA A 588 22.76 64.99 -6.31
N THR A 589 22.86 63.90 -5.55
CA THR A 589 23.81 63.90 -4.44
C THR A 589 25.25 63.86 -4.92
N TYR A 590 25.51 63.36 -6.12
CA TYR A 590 26.86 63.49 -6.67
C TYR A 590 27.14 64.91 -7.13
N SER A 591 26.17 65.53 -7.80
CA SER A 591 26.36 66.87 -8.31
C SER A 591 26.53 67.88 -7.19
N THR A 592 25.83 67.69 -6.07
CA THR A 592 25.98 68.60 -4.93
C THR A 592 27.40 68.58 -4.40
N ILE A 593 27.95 67.39 -4.21
CA ILE A 593 29.33 67.27 -3.73
C ILE A 593 30.29 67.87 -4.73
N ALA A 594 30.04 67.63 -6.03
CA ALA A 594 30.93 68.20 -7.05
C ALA A 594 30.93 69.71 -6.99
N GLN A 595 29.75 70.32 -6.85
CA GLN A 595 29.67 71.78 -6.76
C GLN A 595 30.37 72.30 -5.52
N MET A 596 30.18 71.62 -4.38
CA MET A 596 30.85 72.04 -3.15
C MET A 596 32.37 71.99 -3.31
N LEU A 597 32.88 70.91 -3.89
CA LEU A 597 34.31 70.78 -4.09
C LEU A 597 34.83 71.86 -5.02
N SER A 598 34.12 72.11 -6.12
CA SER A 598 34.57 73.11 -7.07
C SER A 598 34.55 74.51 -6.47
N THR A 599 33.62 74.79 -5.58
CA THR A 599 33.50 76.13 -5.01
C THR A 599 34.30 76.33 -3.73
N ILE A 600 34.88 75.26 -3.17
CA ILE A 600 35.62 75.36 -1.91
C ILE A 600 37.07 74.94 -2.07
N ASP A 601 37.30 73.73 -2.58
CA ASP A 601 38.61 73.10 -2.47
C ASP A 601 39.43 73.18 -3.75
N LEU A 602 38.78 73.13 -4.92
CA LEU A 602 39.48 73.03 -6.20
C LEU A 602 40.54 74.09 -6.36
N ASP A 603 41.81 73.68 -6.46
CA ASP A 603 42.93 74.59 -6.61
C ASP A 603 44.13 73.82 -7.14
N PRO A 604 44.78 74.32 -8.19
CA PRO A 604 45.81 73.52 -8.88
C PRO A 604 47.07 73.27 -8.06
N THR A 605 47.67 74.33 -7.53
CA THR A 605 48.96 74.23 -6.86
C THR A 605 48.76 73.92 -5.38
N ARG A 606 49.82 74.03 -4.60
CA ARG A 606 49.71 74.09 -3.13
C ARG A 606 49.05 72.82 -2.58
N TYR A 607 49.84 71.75 -2.57
CA TYR A 607 49.40 70.41 -2.16
C TYR A 607 48.39 69.81 -3.12
N GLY A 608 48.83 69.52 -4.34
CA GLY A 608 48.00 68.81 -5.28
C GLY A 608 48.04 67.31 -5.04
N THR A 609 48.41 66.53 -6.05
CA THR A 609 48.48 65.08 -5.87
C THR A 609 49.57 64.66 -4.91
N SER A 610 50.56 65.52 -4.65
CA SER A 610 51.70 65.16 -3.82
C SER A 610 51.60 65.82 -2.44
N GLU A 611 50.76 65.22 -1.59
CA GLU A 611 50.70 65.61 -0.18
C GLU A 611 50.84 64.37 0.68
N SER A 612 51.17 64.59 1.95
CA SER A 612 51.20 63.50 2.92
C SER A 612 49.78 63.11 3.32
N ILE A 613 49.66 61.95 3.95
CA ILE A 613 48.36 61.48 4.40
C ILE A 613 47.82 62.31 5.55
N ASP A 614 48.69 62.94 6.33
CA ASP A 614 48.23 63.70 7.49
C ASP A 614 47.24 64.78 7.08
N LYS A 615 47.32 65.25 5.84
CA LYS A 615 46.45 66.31 5.36
C LYS A 615 45.12 65.79 4.82
N PHE A 616 44.92 64.48 4.76
CA PHE A 616 43.74 63.96 4.08
C PHE A 616 42.48 64.14 4.92
N LYS A 617 42.60 64.11 6.24
CA LYS A 617 41.41 64.22 7.09
C LYS A 617 40.75 65.59 6.93
N ILE A 618 41.56 66.63 6.72
CA ILE A 618 41.01 67.97 6.53
C ILE A 618 40.11 68.02 5.30
N ALA A 619 40.58 67.43 4.20
CA ALA A 619 39.76 67.39 3.00
C ALA A 619 38.52 66.52 3.19
N TRP A 620 38.69 65.36 3.85
CA TRP A 620 37.57 64.44 3.97
C TRP A 620 36.50 64.92 4.92
N GLU A 621 36.83 65.84 5.82
CA GLU A 621 35.84 66.32 6.80
C GLU A 621 34.65 66.97 6.10
N ASN A 622 34.92 67.80 5.09
CA ASN A 622 33.83 68.49 4.40
C ASN A 622 32.92 67.51 3.66
N VAL A 623 33.50 66.52 2.98
CA VAL A 623 32.69 65.52 2.29
C VAL A 623 31.85 64.73 3.27
N GLU A 624 32.43 64.35 4.41
CA GLU A 624 31.66 63.62 5.41
C GLU A 624 30.53 64.48 5.94
N SER A 625 30.78 65.77 6.18
CA SER A 625 29.73 66.66 6.66
C SER A 625 28.60 66.78 5.64
N VAL A 626 28.95 66.89 4.36
CA VAL A 626 27.93 67.02 3.33
C VAL A 626 27.10 65.74 3.23
N LEU A 627 27.77 64.59 3.37
CA LEU A 627 27.08 63.27 3.19
C LEU A 627 26.09 62.96 4.32
N ASN A 628 25.80 63.91 5.21
CA ASN A 628 24.81 63.66 6.26
C ASN A 628 23.75 64.75 6.25
N MET A 629 23.27 65.10 5.06
CA MET A 629 22.33 66.20 4.88
C MET A 629 20.90 65.72 4.71
N GLU A 630 20.54 64.60 5.34
CA GLU A 630 19.14 64.17 5.44
C GLU A 630 18.49 64.05 4.06
N GLY A 631 18.93 63.05 3.31
CA GLY A 631 18.41 62.87 1.96
C GLY A 631 19.46 62.38 0.99
N ASN A 632 20.71 62.34 1.44
CA ASN A 632 21.82 61.79 0.66
C ASN A 632 22.19 60.39 1.12
N ASP A 633 21.30 59.73 1.86
CA ASP A 633 21.63 58.51 2.58
C ASP A 633 21.74 57.30 1.70
N PHE A 634 21.38 57.40 0.42
CA PHE A 634 21.60 56.24 -0.45
C PHE A 634 23.06 56.03 -0.78
N VAL A 635 23.82 57.12 -0.98
CA VAL A 635 25.23 56.98 -1.29
C VAL A 635 26.05 56.80 -0.03
N LYS A 636 25.61 57.38 1.09
CA LYS A 636 26.40 57.31 2.31
C LYS A 636 26.57 55.87 2.79
N THR A 637 25.49 55.10 2.77
CA THR A 637 25.58 53.71 3.22
C THR A 637 26.47 52.89 2.31
N ILE A 638 26.36 53.08 0.99
CA ILE A 638 27.21 52.35 0.06
C ILE A 638 28.67 52.69 0.29
N MET A 639 28.94 53.98 0.51
CA MET A 639 30.35 54.44 0.71
C MET A 639 30.89 53.86 2.02
N TYR A 640 30.06 53.77 3.07
CA TYR A 640 30.52 53.32 4.37
C TYR A 640 30.49 51.81 4.53
N ALA A 641 29.89 51.07 3.59
CA ALA A 641 29.83 49.62 3.69
C ALA A 641 30.90 48.92 2.88
N TYR A 642 31.17 49.38 1.67
CA TYR A 642 32.16 48.75 0.80
C TYR A 642 33.45 49.56 0.78
N GLU A 643 33.84 50.10 1.93
CA GLU A 643 35.05 50.89 2.03
C GLU A 643 36.28 50.05 1.70
N ASP A 644 36.30 48.79 2.12
CA ASP A 644 37.49 47.96 1.90
C ASP A 644 37.77 47.77 0.41
N ASN A 645 36.73 47.51 -0.37
CA ASN A 645 36.93 47.28 -1.80
C ASN A 645 37.07 48.57 -2.60
N PHE A 646 36.80 49.72 -1.99
CA PHE A 646 36.87 51.01 -2.69
C PHE A 646 37.18 52.08 -1.67
N PRO A 647 38.45 52.27 -1.33
CA PRO A 647 38.81 53.16 -0.22
C PRO A 647 38.51 54.62 -0.55
N LYS A 648 38.54 55.44 0.50
CA LYS A 648 38.13 56.82 0.38
C LYS A 648 39.03 57.62 -0.56
N LYS A 649 40.27 57.19 -0.73
CA LYS A 649 41.22 57.97 -1.53
C LYS A 649 40.79 58.01 -2.99
N ASP A 650 40.47 56.86 -3.57
CA ASP A 650 40.04 56.86 -4.97
C ASP A 650 38.69 57.51 -5.14
N PHE A 651 37.81 57.38 -4.15
CA PHE A 651 36.54 58.09 -4.20
C PHE A 651 36.75 59.60 -4.27
N TYR A 652 37.64 60.12 -3.41
CA TYR A 652 37.93 61.54 -3.41
C TYR A 652 38.57 61.98 -4.71
N MET A 653 39.48 61.16 -5.25
CA MET A 653 40.13 61.53 -6.52
C MET A 653 39.14 61.56 -7.67
N MET A 654 38.25 60.57 -7.75
CA MET A 654 37.23 60.58 -8.80
C MET A 654 36.31 61.78 -8.65
N LEU A 655 35.96 62.13 -7.41
CA LEU A 655 35.12 63.29 -7.16
C LEU A 655 35.82 64.57 -7.61
N LYS A 656 37.12 64.67 -7.31
CA LYS A 656 37.90 65.82 -7.76
C LYS A 656 37.91 65.92 -9.28
N GLN A 657 38.08 64.78 -9.96
CA GLN A 657 38.08 64.81 -11.42
C GLN A 657 36.73 65.26 -11.96
N ILE A 658 35.64 64.79 -11.36
CA ILE A 658 34.31 65.21 -11.79
C ILE A 658 34.15 66.70 -11.62
N ALA A 659 34.59 67.23 -10.48
CA ALA A 659 34.46 68.66 -10.22
C ALA A 659 35.29 69.48 -11.20
N SER A 660 36.53 69.04 -11.47
CA SER A 660 37.42 69.82 -12.31
C SER A 660 37.08 69.73 -13.78
N ASP A 661 36.35 68.69 -14.20
CA ASP A 661 35.97 68.56 -15.61
C ASP A 661 35.20 69.80 -16.05
N GLY A 662 34.02 70.01 -15.48
CA GLY A 662 33.31 71.26 -15.66
C GLY A 662 32.10 71.34 -14.75
N GLN A 663 32.02 72.43 -13.98
CA GLN A 663 30.96 72.61 -13.00
C GLN A 663 30.99 74.05 -12.53
N GLY A 664 29.83 74.70 -12.56
CA GLY A 664 29.73 76.04 -12.02
C GLY A 664 30.03 76.01 -10.53
N ALA A 665 30.92 76.88 -10.06
CA ALA A 665 31.29 76.86 -8.66
C ALA A 665 30.09 77.18 -7.78
N HIS A 666 29.62 78.42 -7.83
CA HIS A 666 28.45 78.88 -7.08
C HIS A 666 28.18 80.34 -7.38
N PRO A 667 26.95 80.82 -7.25
CA PRO A 667 26.73 82.26 -7.35
C PRO A 667 27.46 83.06 -6.30
N ILE A 668 27.75 82.49 -5.13
CA ILE A 668 28.34 83.27 -4.03
C ILE A 668 29.85 83.40 -4.12
N ALA A 669 30.52 82.53 -4.87
CA ALA A 669 31.98 82.58 -4.95
C ALA A 669 32.44 83.89 -5.56
N ALA A 670 31.81 84.31 -6.66
CA ALA A 670 32.15 85.59 -7.25
C ALA A 670 31.63 86.76 -6.43
N ALA A 671 30.49 86.58 -5.76
CA ALA A 671 29.91 87.66 -4.98
C ALA A 671 30.80 88.05 -3.81
N ILE A 672 31.38 87.06 -3.13
CA ILE A 672 32.27 87.37 -2.02
C ILE A 672 33.47 88.17 -2.50
N ASP A 673 34.06 87.74 -3.62
CA ASP A 673 35.21 88.48 -4.16
C ASP A 673 34.83 89.89 -4.56
N GLN A 674 33.66 90.05 -5.16
CA GLN A 674 33.20 91.38 -5.56
C GLN A 674 32.99 92.27 -4.34
N LEU A 675 32.42 91.72 -3.27
CA LEU A 675 32.18 92.49 -2.07
C LEU A 675 33.46 92.82 -1.32
N ARG A 676 34.51 92.02 -1.50
CA ARG A 676 35.77 92.31 -0.83
C ARG A 676 36.35 93.66 -1.27
N THR A 677 36.18 94.01 -2.55
CA THR A 677 36.66 95.31 -3.01
C THR A 677 35.93 96.45 -2.31
N ILE A 678 34.62 96.33 -2.16
CA ILE A 678 33.85 97.36 -1.45
C ILE A 678 34.31 97.43 -0.01
N VAL A 679 34.60 96.28 0.60
CA VAL A 679 35.11 96.29 1.98
C VAL A 679 36.43 97.05 2.04
N TYR A 680 37.31 96.83 1.07
CA TYR A 680 38.59 97.52 1.05
C TYR A 680 38.42 99.02 0.91
N ARG A 681 37.52 99.46 0.02
CA ARG A 681 37.50 100.86 -0.39
C ARG A 681 36.94 101.76 0.70
N GLU A 682 35.88 101.33 1.39
CA GLU A 682 35.18 102.15 2.38
C GLU A 682 35.27 101.51 3.75
N PRO A 683 36.23 101.91 4.58
CA PRO A 683 36.42 101.24 5.87
C PRO A 683 35.41 101.64 6.93
N GLU A 684 34.98 102.90 6.91
CA GLU A 684 34.14 103.42 7.98
C GLU A 684 32.80 102.71 8.03
N ARG A 685 32.23 102.35 6.88
CA ARG A 685 30.92 101.71 6.87
C ARG A 685 30.94 100.39 7.61
N PHE A 686 32.08 99.70 7.60
CA PHE A 686 32.20 98.38 8.21
C PHE A 686 32.79 98.43 9.61
N GLY A 687 32.90 99.60 10.21
CA GLY A 687 33.32 99.69 11.60
C GLY A 687 34.73 99.26 11.90
N TYR A 688 35.69 99.67 11.08
CA TYR A 688 37.09 99.39 11.36
C TYR A 688 37.94 100.45 10.70
N ILE A 689 39.15 100.65 11.23
CA ILE A 689 40.15 101.50 10.61
C ILE A 689 41.50 101.15 11.22
N ASP A 690 42.54 101.14 10.39
CA ASP A 690 43.88 100.84 10.83
C ASP A 690 44.63 102.15 11.05
N SER A 691 45.89 102.03 11.47
CA SER A 691 46.81 103.15 11.60
C SER A 691 46.25 104.26 12.50
N VAL A 692 46.04 103.90 13.77
CA VAL A 692 45.76 104.92 14.75
C VAL A 692 47.07 105.60 15.15
N ILE A 693 46.96 106.80 15.72
CA ILE A 693 48.12 107.59 16.08
C ILE A 693 47.95 108.13 17.50
N LEU A 694 48.96 107.91 18.34
CA LEU A 694 49.01 108.49 19.68
C LEU A 694 50.09 109.56 19.71
N THR A 695 49.75 110.69 20.32
CA THR A 695 50.69 111.79 20.45
C THR A 695 50.17 112.76 21.49
N HIS A 696 51.05 113.64 21.94
CA HIS A 696 50.67 114.81 22.73
C HIS A 696 50.96 116.05 21.91
N ASN A 697 50.26 117.13 22.25
CA ASN A 697 50.26 118.36 21.47
C ASN A 697 49.90 117.96 20.05
N PRO A 698 48.61 117.73 19.80
CA PRO A 698 48.15 117.45 18.44
C PRO A 698 47.76 118.73 17.71
N ASP A 699 47.78 118.65 16.39
CA ASP A 699 47.38 119.76 15.54
C ASP A 699 46.30 119.30 14.57
N VAL A 700 45.26 120.10 14.43
CA VAL A 700 44.17 119.79 13.53
C VAL A 700 44.57 120.17 12.10
N ASP A 701 43.91 119.58 11.13
CA ASP A 701 44.25 119.82 9.73
C ASP A 701 43.54 121.03 9.15
N THR A 702 42.59 121.62 9.87
CA THR A 702 41.85 122.81 9.46
C THR A 702 41.01 122.57 8.20
N ALA A 703 41.03 121.34 7.67
CA ALA A 703 40.28 121.04 6.46
C ALA A 703 38.93 120.40 6.73
N TYR A 704 38.71 119.87 7.94
CA TYR A 704 37.43 119.30 8.32
C TYR A 704 36.67 120.18 9.28
N ASN A 705 37.25 121.30 9.72
CA ASN A 705 36.52 122.22 10.59
C ASN A 705 35.35 122.89 9.89
N ARG A 706 35.31 122.81 8.56
CA ARG A 706 34.15 123.32 7.84
C ARG A 706 32.89 122.53 8.16
N PHE A 707 33.06 121.27 8.57
CA PHE A 707 31.93 120.36 8.78
C PHE A 707 31.75 119.96 10.24
N PHE A 708 32.77 120.07 11.07
CA PHE A 708 32.66 119.75 12.48
C PHE A 708 33.30 120.86 13.30
N HIS A 709 32.83 121.02 14.54
CA HIS A 709 33.39 122.04 15.41
C HIS A 709 34.73 121.60 15.99
N LEU A 710 34.80 120.37 16.48
CA LEU A 710 36.05 119.78 16.94
C LEU A 710 36.02 118.29 16.64
N HIS A 711 37.12 117.77 16.13
CA HIS A 711 37.19 116.43 15.57
C HIS A 711 38.49 115.77 15.99
N PRO A 712 38.54 114.44 15.97
CA PRO A 712 39.78 113.74 16.35
C PRO A 712 40.77 113.58 15.20
N ILE A 713 40.62 114.36 14.15
CA ILE A 713 41.42 114.20 12.95
C ILE A 713 42.64 115.09 13.04
N VAL A 714 43.82 114.52 12.80
CA VAL A 714 45.08 115.26 12.77
C VAL A 714 45.84 114.89 11.52
N THR A 715 46.87 115.69 11.22
CA THR A 715 47.71 115.51 10.04
C THR A 715 49.18 115.35 10.39
N ASN A 716 49.49 115.02 11.64
CA ASN A 716 50.87 114.86 12.05
C ASN A 716 51.54 113.72 11.29
N GLN A 717 52.79 113.95 10.90
CA GLN A 717 53.58 112.90 10.27
C GLN A 717 54.11 111.96 11.35
N PRO A 718 53.84 110.67 11.29
CA PRO A 718 54.23 109.78 12.38
C PRO A 718 55.73 109.53 12.39
N SER A 719 56.20 108.98 13.52
CA SER A 719 57.60 108.66 13.70
C SER A 719 57.73 107.52 14.70
N ASN A 720 58.62 106.58 14.41
CA ASN A 720 58.83 105.39 15.25
C ASN A 720 57.53 104.62 15.42
N THR A 721 57.05 104.09 14.30
CA THR A 721 55.83 103.31 14.29
C THR A 721 56.03 101.98 15.01
N ILE A 722 55.10 101.66 15.90
CA ILE A 722 55.10 100.38 16.58
C ILE A 722 54.40 99.36 15.70
N LYS A 723 54.91 98.13 15.69
CA LYS A 723 54.41 97.12 14.75
C LYS A 723 52.91 96.86 14.94
N ASN A 724 52.49 96.70 16.19
CA ASN A 724 51.10 96.36 16.49
C ASN A 724 50.89 96.43 18.00
N ALA A 725 49.63 96.39 18.41
CA ALA A 725 49.30 96.34 19.82
C ALA A 725 49.76 95.01 20.41
N GLN A 726 49.70 94.92 21.75
CA GLN A 726 50.29 93.84 22.53
C GLN A 726 51.80 93.93 22.49
N LEU A 727 52.32 94.88 21.71
CA LEU A 727 53.73 95.28 21.78
C LEU A 727 53.90 96.62 22.48
N TRP A 728 52.92 97.50 22.36
CA TRP A 728 52.87 98.74 23.12
C TRP A 728 52.19 98.56 24.47
N ASN A 729 51.22 97.64 24.56
CA ASN A 729 50.50 97.41 25.81
C ASN A 729 51.39 96.86 26.89
N GLU A 730 52.53 96.25 26.54
CA GLU A 730 53.36 95.62 27.56
C GLU A 730 54.82 96.05 27.47
N MET A 731 55.11 97.18 26.80
CA MET A 731 56.50 97.56 26.62
C MET A 731 57.16 97.83 27.97
N ARG A 732 56.79 98.93 28.62
CA ARG A 732 57.06 99.22 30.02
C ARG A 732 56.54 100.62 30.29
N LEU A 733 56.22 100.91 31.56
CA LEU A 733 55.89 102.27 31.93
C LEU A 733 57.16 103.10 32.00
N GLU A 734 57.00 104.41 31.80
CA GLU A 734 58.09 105.39 31.83
C GLU A 734 59.23 105.01 30.89
N GLN A 735 58.99 104.00 30.06
CA GLN A 735 59.84 103.68 28.92
C GLN A 735 59.20 104.04 27.61
N GLN A 736 57.87 104.04 27.54
CA GLN A 736 57.16 104.48 26.35
C GLN A 736 56.98 106.00 26.30
N VAL A 737 57.18 106.71 27.40
CA VAL A 737 57.07 108.17 27.34
C VAL A 737 58.21 108.76 26.52
N GLU A 738 59.36 108.10 26.50
CA GLU A 738 60.43 108.53 25.60
C GLU A 738 60.02 108.36 24.14
N HIS A 739 59.22 107.34 23.84
CA HIS A 739 58.73 107.18 22.48
C HIS A 739 57.84 108.35 22.06
N ILE A 740 56.95 108.79 22.96
CA ILE A 740 56.06 109.88 22.60
C ILE A 740 56.71 111.24 22.73
N LYS A 741 57.83 111.33 23.45
CA LYS A 741 58.51 112.61 23.57
C LYS A 741 59.10 113.06 22.25
N ALA A 742 59.66 112.13 21.47
CA ALA A 742 60.27 112.47 20.19
C ALA A 742 59.26 112.89 19.13
N GLY A 743 57.97 112.68 19.37
CA GLY A 743 56.96 113.05 18.41
C GLY A 743 55.80 112.08 18.40
N PRO A 744 54.99 112.11 17.34
CA PRO A 744 53.84 111.21 17.26
C PRO A 744 54.27 109.77 17.13
N VAL A 745 53.41 108.87 17.61
CA VAL A 745 53.61 107.43 17.49
C VAL A 745 52.41 106.83 16.80
N ARG A 746 52.62 105.72 16.10
CA ARG A 746 51.58 105.10 15.29
C ARG A 746 51.53 103.61 15.53
N ILE A 747 50.32 103.06 15.63
CA ILE A 747 50.08 101.63 15.77
C ILE A 747 49.43 101.14 14.48
N ILE A 748 49.94 100.05 13.92
CA ILE A 748 49.52 99.63 12.60
C ILE A 748 48.25 98.79 12.65
N GLY A 749 48.12 97.91 13.64
CA GLY A 749 47.06 96.93 13.68
C GLY A 749 45.67 97.51 13.60
N PRO A 750 44.83 96.92 12.76
CA PRO A 750 43.44 97.40 12.64
C PRO A 750 42.65 97.17 13.93
N PHE A 751 41.68 98.04 14.15
CA PHE A 751 40.87 98.04 15.36
C PHE A 751 39.40 98.01 15.00
N HIS A 752 38.54 97.92 16.01
CA HIS A 752 37.09 97.94 15.86
C HIS A 752 36.58 99.23 16.48
N VAL A 753 36.48 100.28 15.69
CA VAL A 753 36.09 101.59 16.20
C VAL A 753 34.62 101.83 15.94
N THR A 754 34.01 102.63 16.80
CA THR A 754 32.64 103.11 16.62
C THR A 754 32.63 104.61 16.73
N TYR A 755 32.03 105.28 15.76
CA TYR A 755 31.96 106.73 15.75
C TYR A 755 30.66 107.22 16.37
N ASN A 756 30.72 108.37 17.02
CA ASN A 756 29.56 109.00 17.64
C ASN A 756 29.46 110.44 17.16
N TYR A 757 28.32 110.79 16.58
CA TYR A 757 28.06 112.14 16.11
C TYR A 757 27.05 112.78 17.05
N LEU A 758 27.44 113.87 17.69
CA LEU A 758 26.59 114.56 18.64
C LEU A 758 26.48 116.03 18.28
N SER A 759 25.32 116.62 18.58
CA SER A 759 25.16 118.08 18.35
C SER A 759 25.83 118.82 19.50
N GLU A 760 26.05 120.13 19.35
CA GLU A 760 26.74 120.92 20.42
C GLU A 760 25.73 121.26 21.52
N GLU A 761 25.24 120.24 22.25
CA GLU A 761 24.29 120.48 23.36
C GLU A 761 24.68 119.57 24.54
N GLU A 762 25.05 118.31 24.26
CA GLU A 762 25.41 117.38 25.31
C GLU A 762 26.78 116.79 24.98
N ASP A 763 27.25 115.90 25.86
CA ASP A 763 28.55 115.26 25.66
C ASP A 763 28.43 113.82 26.12
N MET A 764 29.13 112.94 25.43
CA MET A 764 29.17 111.52 25.79
C MET A 764 30.61 111.20 26.13
N PRO A 765 30.97 111.19 27.41
CA PRO A 765 32.38 111.04 27.81
C PRO A 765 32.87 109.60 27.98
N ALA A 766 33.12 108.94 26.86
CA ALA A 766 33.72 107.61 26.93
C ALA A 766 35.18 107.74 27.34
N THR A 767 35.99 108.37 26.47
CA THR A 767 37.35 108.77 26.78
C THR A 767 38.17 107.64 27.41
N SER A 768 37.79 106.39 27.13
CA SER A 768 38.47 105.23 27.68
C SER A 768 39.60 104.76 26.78
N HIS A 769 40.21 105.68 26.04
CA HIS A 769 41.29 105.31 25.14
C HIS A 769 42.48 104.75 25.90
N ILE A 770 42.85 105.40 27.00
CA ILE A 770 44.00 104.99 27.81
C ILE A 770 43.51 104.68 29.22
N ILE A 771 43.81 103.47 29.69
CA ILE A 771 43.58 103.10 31.07
C ILE A 771 44.94 103.05 31.74
N MET A 772 45.21 103.99 32.65
CA MET A 772 46.54 104.12 33.25
C MET A 772 46.53 103.44 34.61
N LYS A 773 47.11 102.24 34.65
CA LYS A 773 47.39 101.53 35.89
C LYS A 773 48.76 100.90 35.71
N ASP A 774 49.79 101.54 36.29
CA ASP A 774 51.19 101.16 36.22
C ASP A 774 51.68 100.98 34.79
N ASN A 775 50.93 101.50 33.83
CA ASN A 775 51.25 101.39 32.40
C ASN A 775 50.22 102.23 31.64
N MET A 776 50.42 102.34 30.34
CA MET A 776 49.48 103.01 29.44
C MET A 776 49.03 101.99 28.40
N ILE A 777 47.89 101.37 28.62
CA ILE A 777 47.39 100.29 27.77
C ILE A 777 46.19 100.81 26.99
N LEU A 778 46.19 100.55 25.68
CA LEU A 778 45.07 100.93 24.84
C LEU A 778 43.85 100.08 25.17
N ASN A 779 42.69 100.57 24.76
CA ASN A 779 41.46 99.81 24.90
C ASN A 779 41.32 98.87 23.71
N ASP A 780 40.14 98.27 23.54
CA ASP A 780 39.87 97.42 22.39
C ASP A 780 38.76 97.94 21.51
N HIS A 781 38.16 99.08 21.85
CA HIS A 781 37.07 99.63 21.05
C HIS A 781 37.37 101.01 20.50
N LEU A 782 37.96 101.90 21.28
CA LEU A 782 38.40 103.21 20.80
C LEU A 782 37.24 104.00 20.19
N THR A 783 36.27 104.34 21.03
CA THR A 783 35.13 105.14 20.59
C THR A 783 35.55 106.60 20.52
N PHE A 784 35.35 107.23 19.36
CA PHE A 784 35.67 108.63 19.16
C PHE A 784 34.42 109.49 19.23
N ASN A 785 34.63 110.81 19.25
CA ASN A 785 33.53 111.76 19.39
C ASN A 785 33.65 112.85 18.33
N PHE A 786 32.55 113.08 17.61
CA PHE A 786 32.44 114.18 16.66
C PHE A 786 31.33 115.11 17.13
N VAL A 787 31.44 116.38 16.80
CA VAL A 787 30.38 117.35 17.03
C VAL A 787 30.00 117.99 15.71
N LYS A 788 28.73 117.92 15.36
CA LYS A 788 28.25 118.43 14.08
C LYS A 788 28.12 119.93 14.12
N ARG A 789 28.55 120.58 13.04
CA ARG A 789 28.32 122.00 12.85
C ARG A 789 27.03 122.16 12.06
N GLU A 790 26.03 122.80 12.65
CA GLU A 790 24.72 122.90 12.04
C GLU A 790 24.35 124.36 11.80
N ARG A 791 23.42 124.57 10.87
CA ARG A 791 22.99 125.92 10.54
C ARG A 791 22.41 126.65 11.75
N ARG A 792 21.92 125.90 12.74
CA ARG A 792 21.43 126.53 13.96
C ARG A 792 22.54 127.30 14.67
N ASN A 793 23.74 126.72 14.72
CA ASN A 793 24.88 127.32 15.43
C ASN A 793 26.14 127.09 14.60
N ASN A 794 26.43 127.99 13.67
CA ASN A 794 27.59 127.83 12.81
C ASN A 794 28.56 129.01 12.87
N LYS A 795 28.18 130.12 13.50
CA LYS A 795 29.06 131.28 13.56
C LYS A 795 29.75 131.44 14.90
N LYS A 796 29.11 131.05 15.99
CA LYS A 796 29.75 131.10 17.30
C LYS A 796 30.79 129.99 17.43
N ARG A 797 31.76 130.23 18.29
CA ARG A 797 32.92 129.34 18.43
C ARG A 797 32.86 128.60 19.75
N VAL A 798 33.10 127.29 19.71
CA VAL A 798 33.18 126.48 20.91
C VAL A 798 34.56 126.65 21.54
N SER A 799 34.62 126.44 22.85
CA SER A 799 35.84 126.68 23.60
C SER A 799 36.80 125.50 23.63
N SER A 800 36.42 124.36 23.05
CA SER A 800 37.25 123.16 23.08
C SER A 800 37.56 122.74 24.51
N PHE A 801 36.62 122.96 25.42
CA PHE A 801 36.84 122.62 26.82
C PHE A 801 36.40 121.19 27.12
N ARG A 802 35.20 120.81 26.69
CA ARG A 802 34.72 119.45 26.93
C ARG A 802 35.20 118.51 25.84
N TYR A 803 36.50 118.56 25.57
CA TYR A 803 37.16 117.56 24.73
C TYR A 803 38.55 117.21 25.21
N LYS A 804 39.21 118.06 25.98
CA LYS A 804 40.56 117.81 26.46
C LYS A 804 40.65 117.65 27.97
N ALA A 805 39.83 118.39 28.74
CA ALA A 805 39.82 118.21 30.18
C ALA A 805 39.39 116.80 30.57
N VAL A 806 38.36 116.27 29.87
CA VAL A 806 37.94 114.89 30.09
C VAL A 806 38.88 113.89 29.45
N GLU A 807 39.90 114.35 28.75
CA GLU A 807 40.91 113.49 28.14
C GLU A 807 42.21 113.57 28.94
N MET A 808 43.11 112.64 28.69
CA MET A 808 44.32 112.51 29.48
C MET A 808 45.48 113.15 28.70
N TYR A 809 46.70 113.08 29.25
CA TYR A 809 47.83 113.79 28.67
C TYR A 809 48.08 113.35 27.22
N VAL A 810 48.07 112.05 26.98
CA VAL A 810 48.29 111.53 25.63
C VAL A 810 46.96 111.47 24.91
N ALA A 811 46.95 111.91 23.66
CA ALA A 811 45.74 111.97 22.85
C ALA A 811 45.78 110.89 21.77
N VAL A 812 44.66 110.20 21.59
CA VAL A 812 44.50 109.22 20.53
C VAL A 812 43.72 109.88 19.40
N ARG A 813 44.26 109.82 18.18
CA ARG A 813 43.70 110.55 17.06
C ARG A 813 43.62 109.65 15.83
N ILE A 814 42.97 110.18 14.80
CA ILE A 814 42.66 109.43 13.58
C ILE A 814 43.29 110.14 12.41
N SER A 815 43.88 109.37 11.49
CA SER A 815 44.65 109.96 10.40
C SER A 815 43.83 110.23 9.15
N ARG A 816 42.86 109.37 8.81
CA ARG A 816 42.15 109.51 7.55
C ARG A 816 40.64 109.37 7.79
N PHE A 817 39.87 109.99 6.90
CA PHE A 817 38.42 109.96 6.98
C PHE A 817 37.84 110.15 5.59
N GLN A 818 36.69 109.53 5.35
CA GLN A 818 36.05 109.60 4.04
C GLN A 818 34.59 109.93 4.25
N LEU A 819 34.17 111.08 3.74
CA LEU A 819 32.78 111.52 3.82
C LEU A 819 32.38 112.14 2.50
N GLU A 820 31.12 111.96 2.13
CA GLU A 820 30.61 112.41 0.85
C GLU A 820 29.88 113.74 1.02
N VAL A 821 30.31 114.75 0.28
CA VAL A 821 29.67 116.06 0.31
C VAL A 821 28.93 116.26 -1.00
N LEU A 822 27.84 117.01 -0.95
CA LEU A 822 26.98 117.24 -2.09
C LEU A 822 26.78 118.74 -2.28
N ARG A 823 26.62 119.16 -3.52
CA ARG A 823 26.49 120.57 -3.84
C ARG A 823 25.08 121.00 -4.21
N ASP A 824 24.31 120.12 -4.85
CA ASP A 824 22.94 120.41 -5.24
C ASP A 824 22.04 119.26 -4.82
N LEU A 825 20.76 119.59 -4.60
CA LEU A 825 19.81 118.56 -4.20
C LEU A 825 19.55 117.56 -5.31
N HIS A 826 19.61 118.01 -6.57
CA HIS A 826 19.37 117.13 -7.71
C HIS A 826 20.32 115.94 -7.75
N ASP A 827 21.51 116.06 -7.18
CA ASP A 827 22.48 114.98 -7.19
C ASP A 827 22.13 113.86 -6.22
N LEU A 828 21.21 114.11 -5.29
CA LEU A 828 20.90 113.16 -4.23
C LEU A 828 20.16 111.92 -4.71
N VAL A 829 19.79 111.83 -6.00
CA VAL A 829 18.99 110.73 -6.50
C VAL A 829 19.90 109.66 -7.10
N ARG A 830 19.51 108.40 -6.92
CA ARG A 830 20.22 107.24 -7.46
C ARG A 830 19.21 106.35 -8.18
N SER A 831 19.63 105.13 -8.54
CA SER A 831 18.77 104.24 -9.32
C SER A 831 18.99 102.78 -8.94
N ARG A 832 17.91 102.02 -8.94
CA ARG A 832 17.92 100.58 -8.72
C ARG A 832 16.99 99.92 -9.72
N THR A 833 17.19 98.63 -9.96
CA THR A 833 16.42 97.90 -10.96
C THR A 833 15.42 96.95 -10.31
N TYR A 834 14.32 96.72 -11.01
CA TYR A 834 13.24 95.88 -10.54
C TYR A 834 12.80 94.97 -11.69
N LEU A 835 11.74 94.18 -11.48
CA LEU A 835 11.31 93.23 -12.50
C LEU A 835 10.18 93.71 -13.40
N ASP A 836 9.29 94.59 -12.92
CA ASP A 836 8.14 95.04 -13.71
C ASP A 836 7.26 93.84 -14.09
N VAL A 837 6.63 93.26 -13.05
CA VAL A 837 5.75 92.12 -13.23
C VAL A 837 4.59 92.39 -14.17
N SER A 838 4.37 93.64 -14.57
CA SER A 838 3.28 93.94 -15.50
C SER A 838 3.45 93.19 -16.81
N LYS A 839 4.69 92.98 -17.24
CA LYS A 839 4.95 92.30 -18.50
C LYS A 839 5.68 90.98 -18.35
N SER A 840 6.41 90.77 -17.25
CA SER A 840 7.12 89.53 -16.99
C SER A 840 6.80 89.07 -15.57
N PRO A 841 5.61 88.53 -15.35
CA PRO A 841 5.21 88.17 -13.99
C PRO A 841 6.01 86.99 -13.48
N LEU A 842 6.09 86.90 -12.15
CA LEU A 842 6.71 85.74 -11.52
C LEU A 842 5.88 84.50 -11.80
N ALA A 843 6.56 83.37 -11.94
CA ALA A 843 5.90 82.14 -12.32
C ALA A 843 5.37 81.39 -11.11
N THR A 844 4.43 80.49 -11.37
CA THR A 844 3.89 79.58 -10.37
C THR A 844 3.48 78.30 -11.08
N THR A 845 3.41 77.20 -10.32
CA THR A 845 2.93 75.93 -10.86
C THR A 845 3.77 75.50 -12.05
N PRO A 846 4.99 75.02 -11.82
CA PRO A 846 5.90 74.72 -12.93
C PRO A 846 5.32 73.73 -13.93
N ILE A 847 6.04 73.59 -15.05
CA ILE A 847 5.55 72.78 -16.16
C ILE A 847 5.30 71.35 -15.72
N ARG A 848 4.16 70.80 -16.16
CA ARG A 848 3.77 69.43 -15.77
C ARG A 848 3.25 68.66 -16.99
N VAL A 849 3.18 67.33 -16.92
CA VAL A 849 2.59 66.51 -18.03
C VAL A 849 1.08 66.40 -17.77
N VAL A 850 0.32 66.04 -18.80
CA VAL A 850 -1.17 65.94 -18.69
C VAL A 850 -1.55 64.46 -18.57
N GLU A 851 -2.13 64.06 -17.44
CA GLU A 851 -2.63 62.66 -17.36
C GLU A 851 -4.02 62.60 -16.75
N TYR A 852 -4.48 63.67 -16.11
CA TYR A 852 -5.79 63.58 -15.43
C TYR A 852 -6.67 64.77 -15.77
N VAL A 853 -7.24 64.81 -16.97
CA VAL A 853 -8.19 65.91 -17.31
C VAL A 853 -9.45 65.73 -16.45
N ARG A 854 -10.02 66.82 -15.96
CA ARG A 854 -11.26 66.77 -15.14
C ARG A 854 -11.59 68.21 -14.72
N MET B 1 -53.43 45.57 -54.29
CA MET B 1 -52.97 46.77 -54.96
C MET B 1 -54.12 47.75 -55.16
N ALA B 2 -54.44 48.51 -54.11
CA ALA B 2 -55.50 49.51 -54.15
C ALA B 2 -55.12 50.64 -53.20
N SER B 3 -56.09 51.50 -52.89
CA SER B 3 -55.86 52.59 -51.97
C SER B 3 -55.58 52.12 -50.55
N THR B 4 -55.87 50.87 -50.23
CA THR B 4 -55.57 50.36 -48.90
C THR B 4 -54.08 50.08 -48.73
N THR B 5 -53.35 49.96 -49.83
CA THR B 5 -51.93 49.71 -49.77
C THR B 5 -51.10 50.99 -49.67
N ARG B 6 -51.71 52.10 -49.27
CA ARG B 6 -51.01 53.36 -49.14
C ARG B 6 -51.26 54.00 -47.78
N LEU B 7 -51.52 53.17 -46.77
CA LEU B 7 -51.86 53.69 -45.45
C LEU B 7 -50.62 54.02 -44.62
N VAL B 8 -49.59 53.19 -44.70
CA VAL B 8 -48.38 53.43 -43.90
C VAL B 8 -47.69 54.71 -44.36
N ASN B 9 -47.55 54.88 -45.68
CA ASN B 9 -46.95 56.12 -46.18
C ASN B 9 -47.81 57.33 -45.85
N ASP B 10 -49.13 57.15 -45.90
CA ASP B 10 -50.02 58.24 -45.51
C ASP B 10 -49.76 58.63 -44.06
N ARG B 11 -49.61 57.64 -43.17
CA ARG B 11 -49.33 57.94 -41.78
C ARG B 11 -47.99 58.62 -41.61
N LYS B 12 -46.99 58.20 -42.39
CA LYS B 12 -45.67 58.85 -42.31
C LYS B 12 -45.77 60.32 -42.68
N GLN B 13 -46.42 60.62 -43.81
CA GLN B 13 -46.56 62.01 -44.22
C GLN B 13 -47.37 62.81 -43.20
N LEU B 14 -48.43 62.21 -42.66
CA LEU B 14 -49.23 62.92 -41.66
C LEU B 14 -48.42 63.20 -40.41
N GLU B 15 -47.60 62.24 -39.98
CA GLU B 15 -46.77 62.47 -38.80
C GLU B 15 -45.79 63.61 -39.04
N GLN B 16 -45.14 63.62 -40.21
CA GLN B 16 -44.21 64.70 -40.50
C GLN B 16 -44.91 66.05 -40.51
N GLN B 17 -46.08 66.11 -41.16
CA GLN B 17 -46.82 67.37 -41.22
C GLN B 17 -47.24 67.84 -39.84
N VAL B 18 -47.72 66.92 -38.99
CA VAL B 18 -48.14 67.30 -37.65
C VAL B 18 -46.95 67.80 -36.84
N LYS B 19 -45.81 67.11 -36.95
CA LYS B 19 -44.61 67.57 -36.24
C LYS B 19 -44.23 68.98 -36.70
N ASP B 20 -44.39 69.27 -37.99
CA ASP B 20 -44.02 70.60 -38.47
C ASP B 20 -45.00 71.67 -37.98
N ASP B 21 -46.30 71.43 -38.10
CA ASP B 21 -47.21 72.52 -37.74
C ASP B 21 -47.41 72.62 -36.23
N ALA B 22 -46.92 71.64 -35.47
CA ALA B 22 -46.88 71.80 -34.02
C ALA B 22 -45.72 72.68 -33.57
N ARG B 23 -44.77 72.95 -34.46
CA ARG B 23 -43.64 73.80 -34.12
C ARG B 23 -43.65 75.15 -34.82
N ILE B 24 -44.38 75.29 -35.93
CA ILE B 24 -44.44 76.59 -36.57
C ILE B 24 -45.14 77.60 -35.67
N LEU B 25 -46.16 77.14 -34.95
CA LEU B 25 -47.00 78.04 -34.16
C LEU B 25 -46.51 78.17 -32.72
N ALA B 26 -45.72 77.21 -32.23
CA ALA B 26 -45.27 77.26 -30.85
C ALA B 26 -44.49 78.53 -30.57
N ASP B 27 -44.73 79.12 -29.40
CA ASP B 27 -44.10 80.38 -29.04
C ASP B 27 -42.60 80.20 -28.85
N ALA B 28 -41.86 81.28 -29.11
CA ALA B 28 -40.41 81.29 -28.94
C ALA B 28 -40.08 82.03 -27.65
N ARG B 29 -39.70 81.28 -26.62
CA ARG B 29 -39.36 81.84 -25.32
C ARG B 29 -37.92 81.45 -25.02
N GLY B 30 -37.02 82.42 -25.12
CA GLY B 30 -35.62 82.14 -24.89
C GLY B 30 -35.28 82.11 -23.41
N LEU B 31 -34.36 81.22 -23.05
CA LEU B 31 -33.93 81.06 -21.68
C LEU B 31 -32.73 81.95 -21.38
N ASN B 32 -32.40 82.04 -20.09
CA ASN B 32 -31.28 82.84 -19.63
C ASN B 32 -30.08 81.94 -19.36
N ILE B 33 -28.98 82.23 -20.03
CA ILE B 33 -27.77 81.40 -19.91
C ILE B 33 -27.15 81.63 -18.55
N THR B 34 -26.82 80.54 -17.86
CA THR B 34 -26.19 80.59 -16.56
C THR B 34 -25.21 79.42 -16.44
N THR B 35 -24.57 79.32 -15.27
CA THR B 35 -23.58 78.29 -15.00
C THR B 35 -22.44 78.36 -16.01
N VAL B 36 -21.76 79.51 -16.01
CA VAL B 36 -20.57 79.73 -16.89
C VAL B 36 -19.42 80.10 -15.96
N ALA B 37 -18.34 79.30 -15.93
CA ALA B 37 -17.21 79.51 -15.04
C ALA B 37 -16.02 78.77 -15.61
N ASN B 38 -14.85 79.04 -15.04
CA ASN B 38 -13.60 78.41 -15.46
C ASN B 38 -13.36 77.24 -14.50
N ASP B 39 -13.76 76.05 -14.92
CA ASP B 39 -13.64 74.84 -14.12
C ASP B 39 -13.11 73.69 -14.97
N SER B 40 -12.05 73.94 -15.73
CA SER B 40 -11.46 72.95 -16.62
C SER B 40 -9.96 72.85 -16.40
N ALA B 41 -9.57 72.75 -15.13
CA ALA B 41 -8.15 72.61 -14.81
C ALA B 41 -7.64 71.24 -15.24
N THR B 42 -6.33 71.17 -15.49
CA THR B 42 -5.67 69.94 -15.88
C THR B 42 -4.58 69.59 -14.88
N GLY B 43 -4.60 68.36 -14.39
CA GLY B 43 -3.64 67.88 -13.43
C GLY B 43 -2.45 67.20 -14.09
N GLY B 44 -1.78 66.38 -13.29
CA GLY B 44 -0.60 65.66 -13.73
C GLY B 44 0.56 65.86 -12.78
N GLN B 45 1.63 65.12 -13.04
CA GLN B 45 2.83 65.19 -12.22
C GLN B 45 3.77 66.26 -12.75
N ALA B 46 4.44 66.95 -11.83
CA ALA B 46 5.34 68.03 -12.17
C ALA B 46 6.63 67.47 -12.78
N ILE B 47 7.55 68.37 -13.10
CA ILE B 47 8.85 67.98 -13.64
C ILE B 47 9.89 67.86 -12.54
N ARG B 48 10.00 68.87 -11.68
CA ARG B 48 10.86 68.83 -10.50
C ARG B 48 12.32 68.58 -10.90
N ASN B 49 12.90 69.58 -11.55
CA ASN B 49 14.28 69.47 -12.01
C ASN B 49 15.21 69.12 -10.86
N VAL B 50 16.13 68.19 -11.13
CA VAL B 50 17.10 67.76 -10.16
C VAL B 50 18.41 68.48 -10.44
N GLY B 51 19.23 68.62 -9.41
CA GLY B 51 20.50 69.27 -9.57
C GLY B 51 21.21 69.53 -8.25
N PRO B 52 22.22 70.39 -8.30
CA PRO B 52 23.07 70.60 -7.13
C PRO B 52 22.39 71.41 -6.04
N ASN B 53 21.67 70.72 -5.15
CA ASN B 53 21.09 71.34 -3.96
C ASN B 53 22.08 72.30 -3.33
N ASP B 54 21.68 73.56 -3.22
CA ASP B 54 22.55 74.63 -2.77
C ASP B 54 22.48 74.88 -1.27
N GLU B 55 21.69 74.10 -0.54
CA GLU B 55 21.57 74.28 0.90
C GLU B 55 22.75 73.69 1.67
N ALA B 56 23.57 72.86 1.03
CA ALA B 56 24.68 72.20 1.71
C ALA B 56 26.00 72.93 1.54
N THR B 57 26.25 73.51 0.37
CA THR B 57 27.50 74.22 0.16
C THR B 57 27.63 75.43 1.08
N ILE B 58 26.52 76.09 1.40
CA ILE B 58 26.56 77.21 2.32
C ILE B 58 27.00 76.74 3.70
N LYS B 59 26.44 75.63 4.18
CA LYS B 59 26.84 75.11 5.48
C LYS B 59 28.29 74.66 5.48
N ALA B 60 28.75 74.05 4.39
CA ALA B 60 30.15 73.64 4.31
C ALA B 60 31.07 74.85 4.37
N LEU B 61 30.75 75.90 3.62
CA LEU B 61 31.56 77.10 3.66
C LEU B 61 31.55 77.74 5.04
N ASP B 62 30.39 77.71 5.71
CA ASP B 62 30.31 78.25 7.06
C ASP B 62 31.21 77.49 8.02
N ASN B 63 31.18 76.15 7.94
CA ASN B 63 32.03 75.36 8.82
C ASN B 63 33.51 75.64 8.54
N VAL B 64 33.88 75.73 7.27
CA VAL B 64 35.28 75.97 6.93
C VAL B 64 35.74 77.33 7.46
N ILE B 65 34.94 78.37 7.24
CA ILE B 65 35.36 79.71 7.65
C ILE B 65 35.40 79.80 9.17
N LYS B 66 34.45 79.16 9.85
CA LYS B 66 34.46 79.16 11.31
C LYS B 66 35.71 78.46 11.84
N GLN B 67 36.06 77.32 11.25
CA GLN B 67 37.25 76.59 11.68
C GLN B 67 38.51 77.43 11.46
N ILE B 68 38.61 78.06 10.29
CA ILE B 68 39.79 78.89 10.01
C ILE B 68 39.87 80.04 11.00
N GLU B 69 38.74 80.70 11.26
CA GLU B 69 38.75 81.83 12.18
C GLU B 69 39.15 81.40 13.58
N ALA B 70 38.60 80.28 14.07
CA ALA B 70 38.98 79.79 15.38
C ALA B 70 40.40 79.29 15.42
N LEU B 71 40.99 79.00 14.27
CA LEU B 71 42.37 78.54 14.19
C LEU B 71 43.39 79.66 14.27
N SER B 72 42.97 80.91 14.05
CA SER B 72 43.89 82.04 13.99
C SER B 72 43.86 82.90 15.24
N VAL B 73 43.25 82.44 16.32
CA VAL B 73 43.17 83.21 17.56
C VAL B 73 44.06 82.62 18.65
N ILE B 74 44.48 81.36 18.51
CA ILE B 74 45.37 80.76 19.48
C ILE B 74 46.67 81.53 19.53
N VAL B 75 47.04 81.97 20.74
CA VAL B 75 48.26 82.73 20.95
C VAL B 75 49.25 81.85 21.69
N ASN B 76 50.54 82.09 21.43
CA ASN B 76 51.62 81.32 22.03
C ASN B 76 52.39 82.26 22.95
N ARG B 77 51.98 82.28 24.22
CA ARG B 77 52.58 83.13 25.23
C ARG B 77 52.93 82.28 26.44
N SER B 78 54.16 82.40 26.92
CA SER B 78 54.62 81.64 28.07
C SER B 78 55.33 82.55 29.05
N GLU B 79 55.22 82.22 30.33
CA GLU B 79 55.81 83.03 31.39
C GLU B 79 56.76 82.20 32.25
N LYS B 80 57.62 81.43 31.60
CA LYS B 80 58.51 80.52 32.31
C LYS B 80 59.45 81.30 33.22
N ALA B 81 59.78 80.70 34.36
CA ALA B 81 60.64 81.34 35.35
C ALA B 81 62.11 81.22 34.93
N ASP B 82 63.01 81.54 35.84
CA ASP B 82 64.43 81.40 35.63
C ASP B 82 65.04 80.39 36.59
N ASP B 83 66.24 79.92 36.25
CA ASP B 83 66.94 78.92 37.04
C ASP B 83 67.86 79.50 38.09
N ALA B 84 67.86 80.83 38.25
CA ALA B 84 68.73 81.47 39.24
C ALA B 84 68.28 81.09 40.65
N GLN B 85 69.15 81.35 41.61
CA GLN B 85 68.90 80.99 43.01
C GLN B 85 68.63 82.24 43.83
N ILE B 86 68.48 82.06 45.13
CA ILE B 86 68.11 83.14 46.04
C ILE B 86 69.31 83.62 46.84
N LEU B 87 70.19 82.71 47.26
CA LEU B 87 71.42 83.04 47.95
C LEU B 87 71.15 83.78 49.27
N GLY B 88 70.64 83.04 50.24
CA GLY B 88 70.46 83.56 51.57
C GLY B 88 71.78 83.90 52.23
N PRO B 89 71.72 84.67 53.33
CA PRO B 89 72.95 85.09 54.02
C PRO B 89 73.58 83.95 54.81
N ASN B 90 74.84 84.14 55.17
CA ASN B 90 75.62 83.12 55.88
C ASN B 90 76.76 83.77 56.64
N THR B 91 77.36 82.99 57.54
CA THR B 91 78.49 83.44 58.34
C THR B 91 79.54 82.34 58.43
N TYR B 92 80.75 82.73 58.80
CA TYR B 92 81.85 81.78 58.92
C TYR B 92 81.78 81.05 60.26
N LYS B 93 82.09 79.76 60.23
CA LYS B 93 82.16 78.94 61.43
C LYS B 93 83.62 78.71 61.77
N GLN B 94 83.99 79.00 63.02
CA GLN B 94 85.39 78.95 63.44
C GLN B 94 85.65 77.66 64.21
N LEU B 95 86.75 77.00 63.88
CA LEU B 95 87.13 75.75 64.52
C LEU B 95 88.04 76.01 65.71
N LEU B 96 87.87 75.19 66.74
CA LEU B 96 88.61 75.35 67.98
C LEU B 96 90.08 75.02 67.78
N GLU B 97 90.94 75.66 68.58
CA GLU B 97 92.36 75.39 68.56
C GLU B 97 92.95 75.73 69.92
N HIS B 98 94.23 75.38 70.09
CA HIS B 98 94.89 75.45 71.39
C HIS B 98 95.95 76.55 71.34
N LEU B 99 96.35 77.01 72.53
CA LEU B 99 97.31 78.10 72.62
C LEU B 99 98.06 78.03 73.94
N PHE B 100 99.37 78.17 73.87
CA PHE B 100 100.19 78.29 75.07
C PHE B 100 101.54 78.89 74.67
N SER B 101 102.24 79.42 75.67
CA SER B 101 103.50 80.14 75.45
C SER B 101 104.52 79.71 76.48
N PRO B 102 105.57 79.00 76.09
CA PRO B 102 106.55 78.53 77.07
C PRO B 102 107.56 79.59 77.48
N GLU B 103 107.97 80.45 76.57
CA GLU B 103 109.03 81.41 76.83
C GLU B 103 108.51 82.83 76.72
N GLU B 104 109.43 83.79 76.73
CA GLU B 104 109.07 85.20 76.81
C GLU B 104 108.39 85.70 75.54
N ASN B 105 108.89 85.30 74.37
CA ASN B 105 108.38 85.84 73.12
C ASN B 105 108.18 84.74 72.09
N VAL B 106 107.66 83.60 72.52
CA VAL B 106 107.33 82.51 71.60
C VAL B 106 105.92 82.04 71.91
N TYR B 107 105.20 81.63 70.87
CA TYR B 107 103.81 81.21 70.98
C TYR B 107 103.56 80.05 70.03
N ILE B 108 102.80 79.06 70.49
CA ILE B 108 102.62 77.80 69.77
C ILE B 108 101.15 77.65 69.41
N LEU B 109 100.89 77.13 68.22
CA LEU B 109 99.54 76.80 67.76
C LEU B 109 99.51 75.30 67.51
N LEU B 110 99.00 74.55 68.48
CA LEU B 110 98.94 73.11 68.26
C LEU B 110 97.81 72.76 67.30
N PRO B 111 97.99 71.76 66.44
CA PRO B 111 96.89 71.31 65.59
C PRO B 111 95.91 70.47 66.39
N ILE B 112 94.62 70.69 66.13
CA ILE B 112 93.55 69.93 66.78
C ILE B 112 92.79 69.17 65.71
N GLN B 113 92.53 67.90 65.96
CA GLN B 113 91.93 67.03 64.96
C GLN B 113 90.53 67.53 64.60
N ALA B 114 90.36 67.99 63.38
CA ALA B 114 89.07 68.34 62.82
C ALA B 114 88.89 67.63 61.49
N TYR B 115 87.68 67.70 60.91
CA TYR B 115 87.41 67.06 59.59
C TYR B 115 87.87 65.61 59.58
N THR B 116 86.96 64.64 59.68
CA THR B 116 87.37 63.22 59.83
C THR B 116 87.02 62.34 58.65
N GLY B 117 87.57 61.14 58.63
CA GLY B 117 87.21 60.20 57.56
C GLY B 117 88.39 59.35 57.12
N GLY B 118 88.14 58.37 56.26
CA GLY B 118 89.22 57.54 55.71
C GLY B 118 89.01 56.09 56.00
N VAL B 119 89.04 55.23 54.98
CA VAL B 119 88.74 53.79 55.20
C VAL B 119 90.03 52.98 55.08
N ILE B 120 90.66 52.62 56.19
CA ILE B 120 91.97 51.94 56.06
C ILE B 120 91.71 50.46 55.81
N ASP B 121 91.86 50.01 54.56
CA ASP B 121 91.68 48.57 54.21
C ASP B 121 93.02 48.07 53.69
N ARG B 122 93.48 46.92 54.17
CA ARG B 122 94.85 46.56 53.77
C ARG B 122 94.85 45.68 52.52
N ARG B 123 93.88 44.81 52.37
CA ARG B 123 94.01 43.88 51.23
C ARG B 123 94.22 44.74 49.99
N ASP B 124 93.87 46.03 50.02
CA ASP B 124 94.24 46.95 48.92
C ASP B 124 95.14 48.00 49.52
N ALA B 125 96.14 48.45 48.79
CA ALA B 125 97.06 49.38 49.44
C ALA B 125 97.35 50.53 48.50
N SER B 126 96.52 51.56 48.51
CA SER B 126 96.85 52.72 47.67
C SER B 126 96.86 53.97 48.52
N PHE B 127 98.03 54.53 48.77
CA PHE B 127 98.04 55.67 49.69
C PHE B 127 97.15 56.66 49.02
N SER B 128 96.56 56.24 47.92
CA SER B 128 95.71 57.16 47.17
C SER B 128 94.25 57.05 47.58
N ASN B 129 93.75 55.83 47.77
CA ASN B 129 92.36 55.68 48.19
C ASN B 129 92.14 56.24 49.58
N PHE B 130 93.11 56.05 50.48
CA PHE B 130 92.99 56.63 51.81
C PHE B 130 92.90 58.14 51.74
N ALA B 131 93.72 58.76 50.88
CA ALA B 131 93.61 60.20 50.69
C ALA B 131 92.27 60.58 50.09
N TYR B 132 91.80 59.81 49.11
CA TYR B 132 90.60 60.19 48.37
C TYR B 132 89.36 60.10 49.26
N SER B 133 89.31 59.15 50.19
CA SER B 133 88.15 59.07 51.07
C SER B 133 88.02 60.33 51.90
N ILE B 134 89.12 60.76 52.51
CA ILE B 134 89.10 61.99 53.31
C ILE B 134 88.76 63.18 52.42
N ALA B 135 89.34 63.23 51.22
CA ALA B 135 89.07 64.33 50.32
C ALA B 135 87.60 64.41 49.96
N SER B 136 86.98 63.27 49.66
CA SER B 136 85.57 63.25 49.28
C SER B 136 84.68 63.66 50.45
N LYS B 137 84.98 63.16 51.64
CA LYS B 137 84.17 63.56 52.79
C LYS B 137 84.30 65.07 53.04
N LEU B 138 85.51 65.60 52.94
CA LEU B 138 85.70 67.03 53.14
C LEU B 138 85.00 67.85 52.06
N MET B 139 85.03 67.36 50.82
CA MET B 139 84.35 68.06 49.73
C MET B 139 82.84 68.07 49.96
N MET B 140 82.27 66.96 50.41
CA MET B 140 80.85 66.94 50.71
C MET B 140 80.52 67.90 51.86
N GLU B 141 81.39 67.93 52.88
CA GLU B 141 81.18 68.87 53.98
C GLU B 141 81.18 70.31 53.48
N LEU B 142 82.16 70.67 52.66
CA LEU B 142 82.23 72.02 52.13
C LEU B 142 81.01 72.35 51.27
N SER B 143 80.61 71.41 50.41
CA SER B 143 79.46 71.65 49.54
C SER B 143 78.19 71.85 50.35
N ALA B 144 78.00 71.05 51.41
CA ALA B 144 76.80 71.20 52.23
C ALA B 144 76.84 72.48 53.04
N ALA B 145 78.03 72.92 53.44
CA ALA B 145 78.15 74.12 54.28
C ALA B 145 77.86 75.41 53.52
N THR B 146 77.79 75.37 52.20
CA THR B 146 77.59 76.57 51.39
C THR B 146 76.51 76.33 50.34
N HIS B 147 75.38 75.77 50.76
CA HIS B 147 74.25 75.54 49.86
C HIS B 147 73.38 76.79 49.86
N ASN B 148 73.46 77.56 48.77
CA ASN B 148 72.73 78.82 48.62
C ASN B 148 73.08 79.78 49.76
N LYS B 149 74.38 80.01 49.94
CA LYS B 149 74.88 80.89 50.98
C LYS B 149 76.11 81.62 50.46
N ILE B 150 76.36 82.81 50.97
CA ILE B 150 77.29 83.71 50.28
C ILE B 150 78.29 84.33 51.26
N PHE B 151 78.15 84.03 52.56
CA PHE B 151 79.08 84.52 53.58
C PHE B 151 79.09 86.05 53.66
N THR B 152 77.98 86.61 54.12
CA THR B 152 77.89 88.06 54.26
C THR B 152 77.90 88.56 55.70
N ASP B 153 77.28 87.86 56.63
CA ASP B 153 77.18 88.37 57.99
C ASP B 153 78.50 88.21 58.74
N TYR B 154 78.84 89.21 59.55
CA TYR B 154 80.01 89.13 60.41
C TYR B 154 79.88 90.15 61.52
N THR B 155 80.64 89.92 62.61
CA THR B 155 80.61 90.79 63.77
C THR B 155 81.63 91.91 63.63
N ARG B 156 81.42 92.99 64.37
CA ARG B 156 82.18 94.21 64.17
C ARG B 156 81.92 95.17 65.32
N ILE B 157 82.73 96.22 65.39
CA ILE B 157 82.51 97.35 66.28
C ILE B 157 82.04 98.53 65.45
N ALA B 158 80.96 99.18 65.90
CA ALA B 158 80.36 100.25 65.13
C ALA B 158 81.32 101.42 64.97
N ALA B 159 81.13 102.17 63.89
CA ALA B 159 81.99 103.31 63.58
C ALA B 159 81.71 104.45 64.57
N SER B 160 82.63 104.66 65.51
CA SER B 160 82.52 105.79 66.42
C SER B 160 83.03 107.05 65.74
N ALA B 161 82.94 108.17 66.46
CA ALA B 161 83.40 109.44 65.91
C ALA B 161 84.91 109.59 65.93
N LEU B 162 85.63 108.66 66.56
CA LEU B 162 87.07 108.78 66.72
C LEU B 162 87.84 107.60 66.11
N GLY B 163 87.20 106.78 65.28
CA GLY B 163 87.87 105.67 64.66
C GLY B 163 87.11 105.04 63.52
N PRO B 164 87.81 104.32 62.65
CA PRO B 164 87.15 103.61 61.55
C PRO B 164 86.60 102.26 61.99
N GLU B 165 86.12 101.48 61.03
CA GLU B 165 85.49 100.19 61.35
C GLU B 165 86.50 99.24 61.97
N ILE B 166 86.01 98.38 62.87
CA ILE B 166 86.86 97.45 63.61
C ILE B 166 86.26 96.06 63.51
N SER B 167 87.12 95.07 63.29
CA SER B 167 86.64 93.73 62.96
C SER B 167 86.25 92.93 64.21
N THR B 168 87.22 92.68 65.09
CA THR B 168 87.10 91.82 66.27
C THR B 168 86.20 90.59 65.98
N GLU B 169 86.63 89.81 64.99
CA GLU B 169 85.78 88.75 64.48
C GLU B 169 85.79 87.52 65.37
N GLY B 170 86.95 86.88 65.54
CA GLY B 170 87.03 85.62 66.24
C GLY B 170 88.08 85.64 67.34
N MET B 171 87.82 84.83 68.38
CA MET B 171 88.71 84.69 69.53
C MET B 171 89.07 86.04 70.13
N PRO B 172 88.16 86.64 70.91
CA PRO B 172 88.39 88.00 71.40
C PRO B 172 89.73 88.13 72.12
N LEU B 173 90.37 89.27 71.90
CA LEU B 173 91.75 89.48 72.38
C LEU B 173 91.86 89.43 73.89
N PHE B 174 90.76 89.58 74.62
CA PHE B 174 90.78 89.42 76.06
C PHE B 174 91.12 87.98 76.47
N SER B 175 90.65 87.00 75.71
CA SER B 175 90.81 85.60 76.06
C SER B 175 92.23 85.08 75.89
N LEU B 176 93.21 85.97 75.70
CA LEU B 176 94.59 85.56 75.61
C LEU B 176 95.40 85.83 76.87
N ILE B 177 94.96 86.75 77.72
CA ILE B 177 95.74 87.13 78.89
C ILE B 177 95.94 85.93 79.81
N GLU B 178 94.87 85.18 80.08
CA GLU B 178 94.97 84.04 80.97
C GLU B 178 95.44 82.77 80.27
N SER B 179 95.22 82.66 78.96
CA SER B 179 95.60 81.47 78.21
C SER B 179 97.02 81.54 77.69
N LEU B 180 97.70 82.66 77.83
CA LEU B 180 99.08 82.80 77.37
C LEU B 180 100.03 83.23 78.47
N GLU B 181 99.52 83.64 79.64
CA GLU B 181 100.34 84.16 80.73
C GLU B 181 101.18 85.32 80.20
N LEU B 182 100.47 86.39 79.88
CA LEU B 182 101.07 87.54 79.23
C LEU B 182 101.52 88.54 80.27
N THR B 183 102.77 89.01 80.15
CA THR B 183 103.32 89.94 81.11
C THR B 183 102.75 91.34 80.88
N GLU B 184 103.24 92.30 81.67
CA GLU B 184 102.72 93.67 81.59
C GLU B 184 103.11 94.33 80.27
N ALA B 185 104.31 94.04 79.77
CA ALA B 185 104.75 94.66 78.52
C ALA B 185 103.95 94.13 77.34
N GLU B 186 103.75 92.81 77.28
CA GLU B 186 102.99 92.23 76.18
C GLU B 186 101.52 92.64 76.25
N THR B 187 100.96 92.75 77.45
CA THR B 187 99.56 93.15 77.57
C THR B 187 99.34 94.56 77.04
N SER B 188 100.31 95.45 77.24
CA SER B 188 100.20 96.83 76.79
C SER B 188 100.03 96.94 75.29
N ARG B 189 100.57 95.98 74.54
CA ARG B 189 100.47 96.02 73.08
C ARG B 189 99.10 95.62 72.56
N LEU B 190 98.24 95.05 73.40
CA LEU B 190 96.94 94.58 72.92
C LEU B 190 96.08 95.69 72.34
N PRO B 191 95.91 96.85 72.98
CA PRO B 191 95.13 97.92 72.34
C PRO B 191 95.72 98.38 71.02
N VAL B 192 97.05 98.33 70.88
CA VAL B 192 97.69 98.79 69.65
C VAL B 192 97.27 97.91 68.47
N ILE B 193 97.31 96.60 68.66
CA ILE B 193 96.88 95.69 67.60
C ILE B 193 95.38 95.54 67.53
N GLN B 194 94.65 96.03 68.54
CA GLN B 194 93.21 95.94 68.51
C GLN B 194 92.62 96.90 67.48
N ASP B 195 93.12 98.14 67.46
CA ASP B 195 92.59 99.15 66.56
C ASP B 195 93.23 99.12 65.17
N SER B 196 94.21 98.25 64.95
CA SER B 196 94.83 98.13 63.64
C SER B 196 94.06 97.22 62.70
N MET B 197 93.03 96.52 63.20
CA MET B 197 92.25 95.60 62.38
C MET B 197 91.15 96.40 61.67
N VAL B 198 91.55 97.05 60.59
CA VAL B 198 90.62 97.83 59.78
C VAL B 198 90.13 96.97 58.63
N ILE B 199 88.98 97.35 58.07
CA ILE B 199 88.35 96.61 56.99
C ILE B 199 88.72 97.25 55.66
N GLN B 200 89.22 96.44 54.74
CA GLN B 200 89.59 96.91 53.40
C GLN B 200 88.45 96.61 52.44
N LYS B 201 88.10 97.61 51.62
CA LYS B 201 87.05 97.47 50.61
C LYS B 201 87.67 97.58 49.23
N SER B 202 87.33 96.64 48.36
CA SER B 202 87.87 96.60 47.00
C SER B 202 86.94 95.78 46.13
N THR B 203 87.31 95.62 44.87
CA THR B 203 86.55 94.81 43.91
C THR B 203 87.41 93.65 43.43
N ALA B 204 86.76 92.55 43.11
CA ALA B 204 87.46 91.36 42.65
C ALA B 204 86.57 90.59 41.69
N THR B 205 87.19 89.78 40.85
CA THR B 205 86.45 88.95 39.91
C THR B 205 86.05 87.64 40.56
N VAL B 206 85.04 86.99 39.97
CA VAL B 206 84.57 85.69 40.42
C VAL B 206 84.39 84.80 39.21
N GLY B 207 84.36 83.50 39.46
CA GLY B 207 84.24 82.54 38.39
C GLY B 207 85.57 82.26 37.72
N ASN B 208 85.49 81.61 36.57
CA ASN B 208 86.68 81.23 35.81
C ASN B 208 86.32 81.23 34.34
N ALA B 209 87.17 80.60 33.53
CA ALA B 209 86.95 80.58 32.08
C ALA B 209 85.66 79.88 31.71
N GLN B 210 85.32 78.79 32.41
CA GLN B 210 84.14 78.02 32.03
C GLN B 210 82.85 78.75 32.43
N GLN B 211 82.67 78.99 33.73
CA GLN B 211 81.43 79.57 34.21
C GLN B 211 81.23 80.99 33.68
N GLY B 212 82.29 81.78 33.69
CA GLY B 212 82.18 83.17 33.25
C GLY B 212 82.96 84.11 34.15
N ILE B 213 82.89 85.40 33.87
CA ILE B 213 83.63 86.41 34.63
C ILE B 213 82.66 87.50 35.04
N SER B 214 82.68 87.84 36.33
CA SER B 214 81.86 88.92 36.85
C SER B 214 82.64 89.69 37.89
N THR B 215 82.29 90.95 38.09
CA THR B 215 82.94 91.83 39.04
C THR B 215 81.96 92.17 40.16
N ILE B 216 82.35 91.90 41.40
CA ILE B 216 81.53 92.17 42.57
C ILE B 216 82.37 92.90 43.61
N ASN B 217 81.68 93.53 44.55
CA ASN B 217 82.32 94.26 45.63
C ASN B 217 82.52 93.35 46.83
N ILE B 218 83.72 93.34 47.39
CA ILE B 218 84.09 92.44 48.48
C ILE B 218 84.76 93.25 49.59
N LYS B 219 84.92 92.60 50.74
CA LYS B 219 85.58 93.19 51.89
C LYS B 219 86.63 92.21 52.41
N ARG B 220 87.62 92.76 53.10
CA ARG B 220 88.66 91.97 53.75
C ARG B 220 88.62 92.28 55.24
N VAL B 221 87.99 91.40 56.01
CA VAL B 221 87.82 91.58 57.44
C VAL B 221 88.84 90.70 58.15
N PRO B 222 89.80 91.27 58.87
CA PRO B 222 90.78 90.44 59.58
C PRO B 222 90.17 89.75 60.78
N PHE B 223 90.80 88.64 61.18
CA PHE B 223 90.36 87.89 62.35
C PHE B 223 91.58 87.24 62.99
N VAL B 224 91.36 86.64 64.15
CA VAL B 224 92.41 86.01 64.94
C VAL B 224 92.21 84.51 64.91
N GLY B 225 93.25 83.78 64.54
CA GLY B 225 93.15 82.34 64.45
C GLY B 225 94.45 81.75 63.96
N SER B 226 94.39 80.47 63.58
CA SER B 226 95.56 79.76 63.10
C SER B 226 95.69 79.95 61.59
N ALA B 227 96.64 79.24 60.98
CA ALA B 227 96.84 79.33 59.54
C ALA B 227 95.98 78.35 58.76
N PHE B 228 95.82 77.13 59.27
CA PHE B 228 94.93 76.16 58.61
C PHE B 228 93.52 76.71 58.46
N GLN B 229 93.07 77.49 59.44
CA GLN B 229 91.75 78.09 59.34
C GLN B 229 91.65 78.99 58.13
N GLN B 230 92.68 79.79 57.86
CA GLN B 230 92.66 80.69 56.70
C GLN B 230 92.52 79.90 55.41
N VAL B 231 93.23 78.78 55.30
CA VAL B 231 93.12 77.96 54.09
C VAL B 231 91.70 77.41 53.97
N ILE B 232 91.12 76.99 55.10
CA ILE B 232 89.75 76.49 55.07
C ILE B 232 88.79 77.57 54.57
N ASP B 233 88.94 78.81 55.07
CA ASP B 233 88.06 79.86 54.61
C ASP B 233 88.29 80.20 53.15
N GLN B 234 89.54 80.12 52.69
CA GLN B 234 89.80 80.34 51.27
C GLN B 234 89.07 79.31 50.42
N LEU B 235 89.13 78.04 50.82
CA LEU B 235 88.41 77.00 50.08
C LEU B 235 86.91 77.24 50.13
N LEU B 236 86.39 77.65 51.30
CA LEU B 236 84.96 77.91 51.41
C LEU B 236 84.53 79.05 50.50
N TRP B 237 85.32 80.12 50.46
CA TRP B 237 85.01 81.24 49.58
C TRP B 237 85.06 80.82 48.12
N GLU B 238 86.05 80.02 47.74
CA GLU B 238 86.14 79.55 46.36
C GLU B 238 84.92 78.70 46.00
N TYR B 239 84.49 77.82 46.91
CA TYR B 239 83.36 76.97 46.61
C TYR B 239 82.06 77.76 46.56
N SER B 240 81.94 78.81 47.37
CA SER B 240 80.70 79.56 47.43
C SER B 240 80.45 80.34 46.13
N THR B 241 81.49 80.98 45.59
CA THR B 241 81.35 81.87 44.46
C THR B 241 81.93 81.28 43.18
N THR B 242 81.91 79.95 43.04
CA THR B 242 82.40 79.33 41.82
C THR B 242 81.54 79.71 40.62
N SER B 243 80.31 80.14 40.84
CA SER B 243 79.45 80.59 39.74
C SER B 243 78.54 81.69 40.30
N LEU B 244 78.98 82.93 40.15
CA LEU B 244 78.23 84.10 40.58
C LEU B 244 78.09 85.07 39.41
N THR B 245 76.87 85.53 39.18
CA THR B 245 76.60 86.48 38.11
C THR B 245 75.68 87.57 38.65
N THR B 246 75.86 88.77 38.11
CA THR B 246 74.99 89.89 38.43
C THR B 246 73.76 89.85 37.54
N LYS B 247 72.75 90.65 37.92
CA LYS B 247 71.53 90.69 37.13
C LYS B 247 71.78 91.27 35.73
N GLU B 248 72.72 92.22 35.63
CA GLU B 248 73.02 92.80 34.32
C GLU B 248 73.49 91.74 33.34
N GLN B 249 74.53 91.00 33.72
CA GLN B 249 75.11 90.01 32.81
C GLN B 249 74.11 88.91 32.51
N ARG B 250 73.32 88.52 33.50
CA ARG B 250 72.26 87.54 33.26
C ARG B 250 71.33 88.02 32.16
N ARG B 251 70.65 89.15 32.40
CA ARG B 251 69.70 89.66 31.42
C ARG B 251 70.33 89.84 30.06
N GLN B 252 71.62 90.21 30.02
CA GLN B 252 72.32 90.29 28.75
C GLN B 252 72.42 88.92 28.10
N ARG B 253 72.67 87.87 28.90
CA ARG B 253 72.93 86.56 28.33
C ARG B 253 71.67 85.84 27.87
N ILE B 254 70.52 85.94 28.57
CA ILE B 254 69.33 85.29 28.02
C ILE B 254 68.93 85.92 26.69
N THR B 255 68.95 87.23 26.59
CA THR B 255 68.29 87.90 25.48
C THR B 255 69.13 87.94 24.20
N GLU B 256 70.33 87.36 24.19
CA GLU B 256 71.06 87.17 22.93
C GLU B 256 70.71 85.87 22.22
N MET B 257 70.13 84.90 22.90
CA MET B 257 69.74 83.66 22.24
C MET B 257 68.70 83.92 21.16
N VAL B 258 68.93 83.37 19.98
CA VAL B 258 68.11 83.62 18.81
C VAL B 258 67.73 82.29 18.19
N ASN B 259 67.77 81.23 18.99
CA ASN B 259 67.65 79.86 18.49
C ASN B 259 66.37 79.64 17.71
N ASP B 260 65.22 79.77 18.35
CA ASP B 260 63.94 79.48 17.70
C ASP B 260 62.84 80.46 18.03
N ARG B 261 62.91 81.18 19.14
CA ARG B 261 61.81 82.00 19.61
C ARG B 261 62.29 83.43 19.86
N ARG B 262 61.36 84.29 20.23
CA ARG B 262 61.63 85.68 20.54
C ARG B 262 61.54 85.88 22.05
N ILE B 263 62.58 86.47 22.63
CA ILE B 263 62.69 86.67 24.07
C ILE B 263 62.72 88.17 24.33
N MET B 264 61.84 88.64 25.20
CA MET B 264 61.82 90.05 25.58
C MET B 264 61.74 90.15 27.10
N ILE B 265 62.61 90.97 27.68
CA ILE B 265 62.66 91.21 29.12
C ILE B 265 62.73 92.70 29.36
N GLN B 266 61.92 93.19 30.30
CA GLN B 266 61.91 94.62 30.59
C GLN B 266 63.23 95.07 31.19
N LYS B 267 63.60 96.31 30.87
CA LYS B 267 64.75 96.94 31.51
C LYS B 267 64.49 97.01 33.01
N LEU B 268 65.50 96.67 33.81
CA LEU B 268 65.23 96.33 35.21
C LEU B 268 65.03 97.57 36.07
N THR B 269 66.10 98.33 36.28
CA THR B 269 66.14 99.54 37.10
C THR B 269 67.58 100.03 37.05
N LEU B 270 67.78 101.31 37.35
CA LEU B 270 69.13 101.83 37.48
C LEU B 270 69.80 101.38 38.77
N ALA B 271 69.03 100.90 39.75
CA ALA B 271 69.58 100.48 41.03
C ALA B 271 69.50 98.98 41.27
N GLU B 272 68.64 98.26 40.55
CA GLU B 272 68.57 96.81 40.66
C GLU B 272 69.68 96.12 39.88
N LYS B 273 70.49 96.86 39.14
CA LYS B 273 71.53 96.26 38.32
C LYS B 273 72.56 95.48 39.12
N PRO B 274 73.16 95.98 40.20
CA PRO B 274 74.24 95.26 40.86
C PRO B 274 73.80 94.09 41.73
N GLN B 275 72.56 93.65 41.67
CA GLN B 275 72.13 92.50 42.46
C GLN B 275 72.76 91.22 41.91
N VAL B 276 73.02 90.28 42.82
CA VAL B 276 73.75 89.06 42.49
C VAL B 276 72.84 87.86 42.58
N MET B 277 73.21 86.81 41.86
CA MET B 277 72.50 85.53 41.89
C MET B 277 73.46 84.44 41.42
N ARG B 278 73.04 83.20 41.58
CA ARG B 278 73.83 82.05 41.20
C ARG B 278 73.12 81.27 40.11
N HIS B 279 73.86 80.90 39.06
CA HIS B 279 73.32 80.07 37.98
C HIS B 279 74.44 79.12 37.55
N VAL B 280 74.37 77.88 38.01
CA VAL B 280 75.40 76.91 37.66
C VAL B 280 75.29 76.52 36.19
N THR B 281 76.39 76.01 35.65
CA THR B 281 76.44 75.57 34.25
C THR B 281 77.45 74.44 34.15
N THR B 282 76.94 73.21 34.06
CA THR B 282 77.83 72.06 33.89
C THR B 282 78.41 72.05 32.49
N GLU B 283 79.72 71.87 32.39
CA GLU B 283 80.42 71.85 31.10
C GLU B 283 81.27 70.58 31.05
N ILE B 284 80.65 69.48 30.63
CA ILE B 284 81.35 68.22 30.43
C ILE B 284 80.96 67.72 29.04
N ASN B 285 81.94 67.23 28.29
CA ASN B 285 81.64 66.67 26.98
C ASN B 285 80.71 65.47 27.13
N ASN B 286 79.65 65.46 26.33
CA ASN B 286 78.70 64.36 26.31
C ASN B 286 78.93 63.43 25.14
N ASP B 287 80.03 63.58 24.42
CA ASP B 287 80.30 62.80 23.22
C ASP B 287 81.05 61.51 23.51
N LEU B 288 81.48 61.28 24.73
CA LEU B 288 82.22 60.06 25.06
C LEU B 288 81.30 58.87 25.34
N PHE B 289 79.99 59.09 25.37
CA PHE B 289 79.05 57.98 25.53
C PHE B 289 78.56 57.42 24.21
N PHE B 290 78.73 58.16 23.11
CA PHE B 290 78.16 57.80 21.82
C PHE B 290 79.17 57.13 20.90
N LYS B 291 80.05 56.31 21.45
CA LYS B 291 80.94 55.48 20.65
C LYS B 291 80.40 54.06 20.60
N MET B 292 80.96 53.24 19.71
CA MET B 292 80.52 51.87 19.58
C MET B 292 80.89 51.07 20.82
N SER B 293 79.94 50.26 21.30
CA SER B 293 80.11 49.47 22.50
C SER B 293 79.56 48.08 22.24
N PRO B 294 80.10 47.05 22.90
CA PRO B 294 79.60 45.68 22.69
C PRO B 294 78.28 45.39 23.39
N VAL B 295 77.61 46.39 23.94
CA VAL B 295 76.30 46.20 24.54
C VAL B 295 75.32 47.19 23.92
N ALA B 296 75.71 47.78 22.78
CA ALA B 296 74.91 48.83 22.17
C ALA B 296 73.52 48.36 21.79
N GLN B 297 73.35 47.07 21.48
CA GLN B 297 72.02 46.55 21.20
C GLN B 297 71.10 46.71 22.40
N LEU B 298 71.63 46.48 23.60
CA LEU B 298 70.83 46.62 24.81
C LEU B 298 70.31 48.04 24.94
N TYR B 299 71.14 49.03 24.64
CA TYR B 299 70.71 50.42 24.73
C TYR B 299 69.54 50.69 23.79
N ILE B 300 69.65 50.23 22.55
CA ILE B 300 68.59 50.46 21.57
C ILE B 300 67.30 49.80 22.04
N TYR B 301 67.38 48.53 22.43
CA TYR B 301 66.18 47.81 22.84
C TYR B 301 65.51 48.48 24.02
N HIS B 302 66.29 48.87 25.04
CA HIS B 302 65.67 49.40 26.24
C HIS B 302 65.18 50.82 26.04
N LEU B 303 65.85 51.61 25.20
CA LEU B 303 65.31 52.93 24.87
C LEU B 303 63.98 52.80 24.15
N ASP B 304 63.88 51.88 23.19
CA ASP B 304 62.61 51.66 22.51
C ASP B 304 61.54 51.20 23.49
N ARG B 305 61.89 50.29 24.40
CA ARG B 305 60.91 49.81 25.37
C ARG B 305 60.42 50.95 26.27
N ALA B 306 61.33 51.81 26.71
CA ALA B 306 60.95 52.90 27.61
C ALA B 306 60.11 53.94 26.88
N PHE B 307 60.37 54.17 25.60
CA PHE B 307 59.67 55.25 24.90
C PHE B 307 58.37 54.79 24.24
N LEU B 308 58.35 53.59 23.67
CA LEU B 308 57.15 53.05 23.03
C LEU B 308 56.24 52.50 24.12
N ASP B 309 55.43 53.39 24.71
CA ASP B 309 54.61 52.98 25.83
C ASP B 309 53.40 52.17 25.37
N GLY B 310 52.54 52.77 24.55
CA GLY B 310 51.33 52.12 24.08
C GLY B 310 51.48 51.56 22.69
N VAL B 311 50.40 50.90 22.24
CA VAL B 311 50.31 50.37 20.90
C VAL B 311 48.93 50.68 20.34
N GLY B 312 48.85 50.74 19.02
CA GLY B 312 47.59 51.03 18.36
C GLY B 312 47.20 49.93 17.40
N PHE B 313 46.00 49.38 17.56
CA PHE B 313 45.56 48.27 16.74
C PHE B 313 44.05 48.17 16.80
N THR B 314 43.48 47.44 15.85
CA THR B 314 42.05 47.23 15.95
C THR B 314 41.75 45.87 16.58
N PRO B 315 40.74 45.77 17.42
CA PRO B 315 40.43 44.50 18.09
C PRO B 315 39.99 43.44 17.09
N LEU B 316 39.94 42.20 17.57
CA LEU B 316 39.66 41.07 16.67
C LEU B 316 38.26 41.13 16.10
N ALA B 317 37.27 41.58 16.90
CA ALA B 317 35.88 41.47 16.49
C ALA B 317 35.63 42.19 15.17
N GLU B 318 36.17 43.40 15.03
CA GLU B 318 35.99 44.14 13.79
C GLU B 318 36.65 43.42 12.62
N LYS B 319 37.84 42.87 12.83
CA LYS B 319 38.52 42.18 11.75
C LYS B 319 37.73 40.95 11.30
N GLN B 320 37.18 40.20 12.25
CA GLN B 320 36.35 39.06 11.88
C GLN B 320 35.09 39.50 11.14
N GLN B 321 34.48 40.62 11.56
CA GLN B 321 33.32 41.12 10.85
C GLN B 321 33.67 41.49 9.41
N GLN B 322 34.80 42.19 9.22
CA GLN B 322 35.21 42.54 7.87
C GLN B 322 35.50 41.31 7.03
N LEU B 323 36.14 40.31 7.63
CA LEU B 323 36.44 39.09 6.88
C LEU B 323 35.15 38.39 6.49
N GLN B 324 34.17 38.36 7.39
CA GLN B 324 32.89 37.75 7.06
C GLN B 324 32.20 38.48 5.92
N LEU B 325 32.21 39.81 5.96
CA LEU B 325 31.55 40.58 4.91
C LEU B 325 32.25 40.40 3.57
N GLN B 326 33.58 40.46 3.56
CA GLN B 326 34.32 40.31 2.32
C GLN B 326 34.18 38.90 1.75
N LEU B 327 34.24 37.90 2.61
CA LEU B 327 34.15 36.50 2.19
C LEU B 327 32.72 36.01 2.46
N LYS B 328 31.81 36.40 1.58
CA LYS B 328 30.41 36.03 1.75
C LYS B 328 30.23 34.55 1.48
N THR B 329 30.29 33.74 2.53
CA THR B 329 30.11 32.29 2.42
C THR B 329 29.10 31.84 3.47
N ASN B 330 28.39 30.77 3.17
CA ASN B 330 27.39 30.26 4.13
C ASN B 330 28.13 29.72 5.35
N ILE B 331 27.57 29.87 6.54
CA ILE B 331 28.18 29.22 7.74
C ILE B 331 27.86 27.74 7.60
N LEU B 332 28.46 26.86 8.42
CA LEU B 332 28.26 25.39 8.31
C LEU B 332 28.79 24.87 6.97
N THR B 333 29.93 25.38 6.49
CA THR B 333 30.55 24.84 5.25
C THR B 333 32.03 24.51 5.49
N ALA B 334 32.56 24.76 6.69
CA ALA B 334 33.93 24.42 7.07
C ALA B 334 34.95 25.04 6.10
N ASN B 335 34.98 26.37 6.11
CA ASN B 335 36.00 27.13 5.41
C ASN B 335 37.15 27.38 6.38
N LEU B 336 38.31 26.77 6.11
CA LEU B 336 39.40 26.82 7.07
C LEU B 336 40.03 28.21 7.16
N ILE B 337 39.86 29.06 6.15
CA ILE B 337 40.35 30.42 6.23
C ILE B 337 39.69 31.15 7.39
N ARG B 338 38.37 30.99 7.54
CA ARG B 338 37.66 31.59 8.66
C ARG B 338 37.96 30.87 9.97
N SER B 339 38.14 29.55 9.93
CA SER B 339 38.39 28.81 11.16
C SER B 339 39.72 29.17 11.79
N ALA B 340 40.77 29.33 10.97
CA ALA B 340 42.10 29.58 11.53
C ALA B 340 42.17 30.91 12.28
N ILE B 341 41.56 31.96 11.72
CA ILE B 341 41.64 33.27 12.35
C ILE B 341 40.83 33.30 13.64
N ASN B 342 39.76 32.50 13.73
CA ASN B 342 38.90 32.53 14.91
C ASN B 342 39.63 32.17 16.19
N GLY B 343 40.78 31.51 16.10
CA GLY B 343 41.55 31.13 17.27
C GLY B 343 42.70 32.04 17.64
N MET B 344 42.71 33.27 17.15
CA MET B 344 43.81 34.18 17.41
C MET B 344 43.52 35.06 18.62
N ASN B 345 44.54 35.80 19.04
CA ASN B 345 44.41 36.78 20.10
C ASN B 345 45.61 37.72 20.04
N THR B 346 45.50 38.84 20.75
CA THR B 346 46.57 39.83 20.83
C THR B 346 46.96 40.14 22.26
N GLU B 347 47.16 39.11 23.07
CA GLU B 347 47.73 39.34 24.40
C GLU B 347 49.13 39.93 24.26
N SER B 348 49.91 39.44 23.32
CA SER B 348 51.29 39.88 23.11
C SER B 348 51.37 40.66 21.82
N ASN B 349 51.20 41.98 21.92
CA ASN B 349 51.45 42.89 20.82
C ASN B 349 52.53 43.91 21.10
N LEU B 350 52.68 44.34 22.34
CA LEU B 350 53.71 45.33 22.67
C LEU B 350 55.10 44.78 22.38
N GLU B 351 55.38 43.56 22.84
CA GLU B 351 56.70 42.99 22.64
C GLU B 351 57.00 42.80 21.16
N VAL B 352 56.03 42.33 20.40
CA VAL B 352 56.24 42.13 18.97
C VAL B 352 56.49 43.48 18.29
N ALA B 353 55.75 44.51 18.71
CA ALA B 353 55.94 45.83 18.12
C ALA B 353 57.34 46.36 18.40
N ILE B 354 57.81 46.20 19.64
CA ILE B 354 59.16 46.67 19.97
C ILE B 354 60.21 45.89 19.17
N LYS B 355 60.04 44.58 19.06
CA LYS B 355 60.99 43.78 18.30
C LYS B 355 61.01 44.20 16.84
N MET B 356 59.84 44.44 16.27
CA MET B 356 59.77 44.89 14.88
C MET B 356 60.44 46.25 14.70
N MET B 357 60.22 47.15 15.65
CA MET B 357 60.86 48.46 15.57
C MET B 357 62.37 48.35 15.63
N GLN B 358 62.88 47.48 16.51
CA GLN B 358 64.32 47.28 16.59
C GLN B 358 64.86 46.68 15.31
N ALA B 359 64.15 45.72 14.73
CA ALA B 359 64.64 45.04 13.55
C ALA B 359 64.78 45.98 12.35
N ALA B 360 64.12 47.13 12.39
CA ALA B 360 64.18 48.09 11.30
C ALA B 360 65.30 49.10 11.48
N GLN B 361 66.18 48.91 12.45
CA GLN B 361 67.23 49.88 12.74
C GLN B 361 68.64 49.31 12.68
N LEU B 362 68.82 48.05 13.06
CA LEU B 362 70.17 47.54 13.34
C LEU B 362 70.89 46.96 12.14
N HIS B 363 70.20 46.77 11.01
CA HIS B 363 70.80 46.22 9.79
C HIS B 363 71.26 44.77 9.96
N ARG B 364 71.18 44.24 11.18
CA ARG B 364 71.63 42.88 11.44
C ARG B 364 70.76 42.12 12.43
N ALA B 365 69.66 42.69 12.88
CA ALA B 365 68.81 42.06 13.90
C ALA B 365 67.49 41.60 13.30
N SER B 366 67.54 41.03 12.10
CA SER B 366 66.34 40.57 11.43
C SER B 366 65.61 39.54 12.27
N ILE B 367 64.29 39.61 12.28
CA ILE B 367 63.48 38.72 13.10
C ILE B 367 63.62 37.30 12.59
N GLU B 368 63.78 36.35 13.51
CA GLU B 368 63.82 34.93 13.20
C GLU B 368 62.55 34.29 13.73
N ILE B 369 61.89 33.49 12.89
CA ILE B 369 60.58 32.94 13.18
C ILE B 369 60.76 31.52 13.71
N ALA B 370 60.13 31.23 14.85
CA ALA B 370 60.18 29.90 15.46
C ALA B 370 58.90 29.17 15.13
N PHE B 371 59.00 28.20 14.22
CA PHE B 371 57.83 27.46 13.77
C PHE B 371 57.39 26.44 14.82
N PRO B 372 56.13 25.99 14.76
CA PRO B 372 55.64 25.07 15.79
C PRO B 372 56.35 23.73 15.77
N MET B 373 56.32 23.05 16.89
CA MET B 373 57.00 21.78 17.05
C MET B 373 56.17 20.62 16.50
N ASN B 374 56.86 19.72 15.80
CA ASN B 374 56.34 18.45 15.29
C ASN B 374 54.91 18.54 14.77
N VAL B 375 54.59 19.60 14.04
CA VAL B 375 53.30 19.76 13.40
C VAL B 375 53.56 20.40 12.04
N SER B 376 53.38 19.63 10.97
CA SER B 376 53.65 20.10 9.63
C SER B 376 52.36 20.30 8.86
N LEU B 377 52.22 21.46 8.22
CA LEU B 377 51.06 21.77 7.38
C LEU B 377 49.75 21.64 8.15
N SER B 378 49.71 22.22 9.34
CA SER B 378 48.44 22.41 10.01
C SER B 378 47.60 23.43 9.25
N PRO B 379 46.27 23.34 9.34
CA PRO B 379 45.44 24.37 8.70
C PRO B 379 45.74 25.77 9.22
N GLU B 380 46.07 25.91 10.51
CA GLU B 380 46.41 27.23 11.03
C GLU B 380 47.72 27.74 10.46
N ILE B 381 48.69 26.85 10.24
CA ILE B 381 50.02 27.28 9.78
C ILE B 381 49.92 27.90 8.40
N ILE B 382 49.15 27.29 7.50
CA ILE B 382 49.05 27.80 6.14
C ILE B 382 48.45 29.20 6.14
N VAL B 383 47.38 29.39 6.89
CA VAL B 383 46.72 30.70 6.93
C VAL B 383 47.64 31.74 7.54
N GLN B 384 48.31 31.40 8.65
CA GLN B 384 49.19 32.38 9.28
C GLN B 384 50.37 32.73 8.37
N CYS B 385 50.90 31.74 7.66
CA CYS B 385 52.00 32.01 6.74
C CYS B 385 51.55 32.91 5.60
N PHE B 386 50.33 32.67 5.07
CA PHE B 386 49.79 33.55 4.04
C PHE B 386 49.64 34.97 4.57
N ILE B 387 49.16 35.11 5.80
CA ILE B 387 49.01 36.45 6.37
C ILE B 387 50.36 37.13 6.47
N VAL B 388 51.38 36.40 6.91
CA VAL B 388 52.72 36.98 7.03
C VAL B 388 53.25 37.41 5.67
N TRP B 389 52.95 36.63 4.62
CA TRP B 389 53.54 36.89 3.31
C TRP B 389 53.14 38.26 2.77
N MET B 390 51.88 38.64 2.93
CA MET B 390 51.38 39.88 2.34
C MET B 390 51.24 41.02 3.35
N SER B 391 51.83 40.90 4.54
CA SER B 391 51.66 41.94 5.55
C SER B 391 52.93 42.31 6.31
N ILE B 392 54.00 41.55 6.20
CA ILE B 392 55.26 41.86 6.88
C ILE B 392 56.31 42.13 5.83
N PRO B 393 56.99 43.28 5.86
CA PRO B 393 57.95 43.60 4.80
C PRO B 393 59.08 42.60 4.73
N GLU B 394 59.58 42.37 3.51
CA GLU B 394 60.59 41.35 3.29
C GLU B 394 61.95 41.75 3.82
N GLN B 395 62.21 43.05 4.00
CA GLN B 395 63.51 43.48 4.48
C GLN B 395 63.63 43.43 5.99
N LEU B 396 62.58 43.02 6.69
CA LEU B 396 62.61 42.92 8.14
C LEU B 396 62.91 41.51 8.65
N LEU B 397 62.60 40.49 7.86
CA LEU B 397 62.81 39.11 8.28
C LEU B 397 64.18 38.62 7.84
N SER B 398 64.60 37.50 8.45
CA SER B 398 65.83 36.86 8.04
C SER B 398 65.63 36.08 6.75
N ASP B 399 66.74 35.70 6.12
CA ASP B 399 66.66 34.94 4.89
C ASP B 399 66.05 33.56 5.12
N ARG B 400 66.41 32.91 6.24
CA ARG B 400 65.85 31.59 6.53
C ARG B 400 64.35 31.67 6.71
N SER B 401 63.87 32.66 7.45
CA SER B 401 62.43 32.79 7.65
C SER B 401 61.70 33.04 6.34
N ASN B 402 62.26 33.91 5.49
CA ASN B 402 61.64 34.16 4.19
C ASN B 402 61.58 32.89 3.37
N PHE B 403 62.67 32.11 3.37
CA PHE B 403 62.68 30.89 2.58
C PHE B 403 61.63 29.90 3.08
N ILE B 404 61.48 29.77 4.39
CA ILE B 404 60.50 28.81 4.90
C ILE B 404 59.08 29.27 4.59
N ILE B 405 58.80 30.56 4.76
CA ILE B 405 57.48 31.09 4.40
C ILE B 405 57.18 30.80 2.94
N ALA B 406 58.14 31.12 2.07
CA ALA B 406 57.93 30.94 0.64
C ALA B 406 57.77 29.47 0.29
N ALA B 407 58.48 28.60 0.99
CA ALA B 407 58.36 27.17 0.73
C ALA B 407 56.97 26.67 1.05
N VAL B 408 56.46 27.01 2.24
CA VAL B 408 55.13 26.54 2.60
C VAL B 408 54.08 27.19 1.72
N ILE B 409 54.39 28.35 1.13
CA ILE B 409 53.45 28.98 0.22
C ILE B 409 53.43 28.26 -1.11
N TRP B 410 54.62 27.96 -1.65
CA TRP B 410 54.74 27.34 -2.97
C TRP B 410 54.40 25.86 -2.96
N ALA B 411 54.33 25.25 -1.77
CA ALA B 411 54.01 23.83 -1.72
C ALA B 411 52.65 23.54 -2.34
N GLY B 412 51.69 24.45 -2.22
CA GLY B 412 50.34 24.18 -2.68
C GLY B 412 50.02 24.56 -4.11
N PHE B 413 50.87 25.34 -4.76
CA PHE B 413 50.61 25.75 -6.14
C PHE B 413 51.43 24.96 -7.14
N SER B 414 52.53 24.36 -6.73
CA SER B 414 53.36 23.61 -7.65
C SER B 414 52.61 22.40 -8.18
N ALA B 415 52.85 22.09 -9.46
CA ALA B 415 52.20 20.94 -10.06
C ALA B 415 52.83 19.62 -9.61
N ASP B 416 54.14 19.60 -9.38
CA ASP B 416 54.85 18.38 -9.06
C ASP B 416 55.49 18.40 -7.69
N ASP B 417 56.30 19.42 -7.39
CA ASP B 417 57.08 19.43 -6.16
C ASP B 417 56.17 19.57 -4.95
N SER B 418 56.53 18.90 -3.86
CA SER B 418 55.80 18.97 -2.61
C SER B 418 56.68 19.59 -1.52
N TYR B 419 56.14 19.62 -0.30
CA TYR B 419 56.77 20.32 0.81
C TYR B 419 58.17 19.79 1.08
N ALA B 420 58.29 18.47 1.27
CA ALA B 420 59.58 17.87 1.56
C ALA B 420 60.54 18.03 0.38
N ASP B 421 60.06 17.81 -0.83
CA ASP B 421 60.91 17.99 -1.99
C ASP B 421 61.33 19.45 -2.15
N ILE B 422 60.47 20.37 -1.73
CA ILE B 422 60.82 21.78 -1.81
C ILE B 422 61.95 22.10 -0.85
N MET B 423 61.85 21.64 0.40
CA MET B 423 62.93 21.90 1.35
C MET B 423 64.16 21.06 1.10
N ARG B 424 64.06 20.02 0.28
CA ARG B 424 65.29 19.32 -0.10
C ARG B 424 66.21 20.21 -0.91
N ARG B 425 65.73 21.36 -1.38
CA ARG B 425 66.54 22.36 -2.04
C ARG B 425 67.45 23.11 -1.07
N SER B 426 67.52 22.68 0.19
CA SER B 426 68.41 23.34 1.14
C SER B 426 69.87 23.25 0.68
N ALA B 427 70.27 22.10 0.16
CA ALA B 427 71.53 21.98 -0.53
C ALA B 427 71.36 22.46 -1.97
N ARG B 428 72.47 22.44 -2.72
CA ARG B 428 72.48 22.82 -4.13
C ARG B 428 72.10 24.28 -4.35
N ALA B 429 71.89 25.03 -3.27
CA ALA B 429 71.54 26.44 -3.36
C ALA B 429 71.65 27.06 -1.98
N SER B 430 71.67 28.38 -1.95
CA SER B 430 71.66 29.13 -0.70
C SER B 430 70.22 29.43 -0.30
N ASP B 431 70.06 30.00 0.90
CA ASP B 431 68.72 30.38 1.34
C ASP B 431 68.18 31.53 0.53
N ARG B 432 68.97 32.58 0.35
CA ARG B 432 68.49 33.75 -0.38
C ARG B 432 68.21 33.41 -1.84
N GLN B 433 69.05 32.59 -2.45
CA GLN B 433 68.81 32.21 -3.84
C GLN B 433 67.54 31.40 -3.98
N ASN B 434 67.28 30.48 -3.05
CA ASN B 434 66.03 29.73 -3.08
C ASN B 434 64.82 30.65 -2.90
N TYR B 435 64.93 31.61 -1.99
CA TYR B 435 63.84 32.56 -1.78
C TYR B 435 63.58 33.35 -3.05
N ASP B 436 64.63 33.82 -3.71
CA ASP B 436 64.46 34.56 -4.96
C ASP B 436 63.83 33.69 -6.04
N ILE B 437 64.26 32.43 -6.13
CA ILE B 437 63.70 31.54 -7.15
C ILE B 437 62.21 31.37 -6.93
N ILE B 438 61.81 31.09 -5.69
CA ILE B 438 60.40 30.88 -5.42
C ILE B 438 59.62 32.17 -5.66
N LYS B 439 60.16 33.30 -5.23
CA LYS B 439 59.47 34.57 -5.41
C LYS B 439 59.26 34.87 -6.90
N ALA B 440 60.28 34.61 -7.72
CA ALA B 440 60.12 34.78 -9.15
C ALA B 440 59.05 33.85 -9.69
N ALA B 441 59.01 32.61 -9.19
CA ALA B 441 57.98 31.68 -9.64
C ALA B 441 56.58 32.14 -9.22
N LEU B 442 56.46 32.92 -8.16
CA LEU B 442 55.16 33.37 -7.67
C LEU B 442 54.71 34.68 -8.31
N SER B 443 55.47 35.21 -9.25
CA SER B 443 55.13 36.45 -9.94
C SER B 443 55.27 36.27 -11.44
N SER B 444 54.71 35.18 -11.95
CA SER B 444 54.81 34.81 -13.35
C SER B 444 53.47 35.01 -14.04
N ARG B 445 53.39 34.56 -15.31
CA ARG B 445 52.16 34.71 -16.07
C ARG B 445 51.01 33.94 -15.43
N LYS B 446 51.33 32.94 -14.59
CA LYS B 446 50.30 32.05 -14.06
C LYS B 446 49.88 32.40 -12.64
N PHE B 447 50.83 32.75 -11.77
CA PHE B 447 50.53 33.05 -10.38
C PHE B 447 51.09 34.43 -10.03
N LYS B 448 50.35 35.18 -9.23
CA LYS B 448 50.77 36.50 -8.79
C LYS B 448 50.39 36.71 -7.33
N LEU B 449 51.39 36.95 -6.48
CA LEU B 449 51.17 37.27 -5.08
C LEU B 449 51.83 38.61 -4.75
N PRO B 450 51.22 39.39 -3.88
CA PRO B 450 51.75 40.72 -3.57
C PRO B 450 53.14 40.74 -2.93
N ARG B 451 53.32 40.06 -1.79
CA ARG B 451 54.60 40.03 -1.08
C ARG B 451 55.06 41.45 -0.71
N ALA B 452 54.32 42.03 0.22
CA ALA B 452 54.55 43.41 0.62
C ALA B 452 55.97 43.64 1.09
N SER B 453 56.53 44.78 0.70
CA SER B 453 57.88 45.21 1.06
C SER B 453 57.82 46.61 1.66
N THR B 454 59.00 47.21 1.86
CA THR B 454 59.09 48.56 2.40
C THR B 454 60.25 49.29 1.73
N THR B 455 60.49 50.51 2.18
CA THR B 455 61.54 51.35 1.61
C THR B 455 62.13 52.22 2.71
N LEU B 456 63.23 52.89 2.39
CA LEU B 456 63.89 53.76 3.35
C LEU B 456 63.04 54.99 3.64
N PHE B 457 63.24 55.55 4.83
CA PHE B 457 62.55 56.75 5.26
C PHE B 457 63.58 57.74 5.79
N ASP B 458 63.55 58.97 5.27
CA ASP B 458 64.58 59.95 5.59
C ASP B 458 63.96 61.33 5.81
N GLU B 459 62.82 61.36 6.50
CA GLU B 459 62.17 62.61 6.87
C GLU B 459 62.33 62.81 8.37
N ASN B 460 62.81 63.97 8.77
CA ASN B 460 63.07 64.27 10.16
C ASN B 460 62.56 65.66 10.51
N GLU B 461 62.31 65.87 11.79
CA GLU B 461 61.88 67.17 12.27
C GLU B 461 63.10 67.95 12.75
N PRO B 462 63.28 69.20 12.35
CA PRO B 462 64.50 69.93 12.74
C PRO B 462 64.50 70.33 14.20
N VAL B 463 65.48 69.85 14.96
CA VAL B 463 65.62 70.18 16.36
C VAL B 463 67.10 70.11 16.74
N VAL B 464 67.48 70.88 17.76
CA VAL B 464 68.87 70.89 18.20
C VAL B 464 69.19 69.55 18.86
N ARG B 465 70.28 68.94 18.41
CA ARG B 465 70.72 67.65 18.93
C ARG B 465 72.22 67.75 19.23
N ARG B 466 72.82 66.60 19.54
CA ARG B 466 74.26 66.52 19.74
C ARG B 466 74.89 65.37 18.99
N TYR B 467 74.14 64.33 18.65
CA TYR B 467 74.66 63.11 18.05
C TYR B 467 74.20 62.98 16.60
N GLN B 468 74.53 61.86 15.98
CA GLN B 468 74.24 61.63 14.58
C GLN B 468 72.84 61.05 14.39
N ILE B 469 72.31 61.23 13.18
CA ILE B 469 70.98 60.75 12.81
C ILE B 469 71.09 60.04 11.47
N GLY B 470 70.46 58.86 11.37
CA GLY B 470 70.54 58.06 10.16
C GLY B 470 69.18 57.59 9.71
N ARG B 471 69.18 56.95 8.54
CA ARG B 471 67.96 56.41 7.96
C ARG B 471 67.54 55.12 8.65
N VAL B 472 66.23 54.91 8.72
CA VAL B 472 65.65 53.69 9.28
C VAL B 472 64.63 53.14 8.30
N TYR B 473 64.37 51.84 8.39
CA TYR B 473 63.35 51.23 7.55
C TYR B 473 61.96 51.55 8.09
N ALA B 474 60.98 51.44 7.21
CA ALA B 474 59.58 51.61 7.61
C ALA B 474 59.02 50.26 8.03
N PRO B 475 58.65 50.00 9.32
CA PRO B 475 58.18 48.67 9.69
C PRO B 475 56.78 48.41 9.13
N PHE B 476 56.27 49.34 8.30
CA PHE B 476 54.91 49.20 7.72
C PHE B 476 54.98 49.27 6.19
N PRO B 477 54.27 48.39 5.45
CA PRO B 477 54.30 48.37 3.99
C PRO B 477 53.46 49.48 3.34
N VAL B 478 53.10 50.52 4.08
CA VAL B 478 52.36 51.64 3.51
C VAL B 478 53.34 52.75 3.15
N ASP B 479 53.23 53.29 1.94
CA ASP B 479 54.11 54.34 1.49
C ASP B 479 53.70 55.67 2.12
N ARG B 480 54.53 56.68 1.93
CA ARG B 480 54.24 58.01 2.47
C ARG B 480 52.93 58.56 1.94
N TYR B 481 52.59 58.27 0.69
CA TYR B 481 51.38 58.80 0.07
C TYR B 481 50.19 57.87 0.22
N GLY B 482 50.32 56.79 1.00
CA GLY B 482 49.22 55.93 1.34
C GLY B 482 49.04 54.72 0.46
N SER B 483 49.61 54.74 -0.74
CA SER B 483 49.51 53.58 -1.60
C SER B 483 50.32 52.42 -1.01
N PRO B 484 49.80 51.20 -1.06
CA PRO B 484 50.57 50.06 -0.58
C PRO B 484 51.81 49.82 -1.42
N VAL B 485 52.85 49.33 -0.78
CA VAL B 485 54.13 49.03 -1.43
C VAL B 485 54.24 47.53 -1.58
N TYR B 486 54.41 47.07 -2.81
CA TYR B 486 54.53 45.65 -3.11
C TYR B 486 55.80 45.43 -3.92
N SER B 487 56.55 44.40 -3.56
CA SER B 487 57.88 44.20 -4.15
C SER B 487 57.79 43.85 -5.63
N ASN B 488 56.83 43.01 -6.02
CA ASN B 488 56.74 42.53 -7.40
C ASN B 488 55.52 43.06 -8.12
N CYS B 489 54.32 42.85 -7.59
CA CYS B 489 53.10 43.24 -8.27
C CYS B 489 51.96 43.31 -7.27
N THR B 490 50.89 43.96 -7.68
CA THR B 490 49.68 44.08 -6.89
C THR B 490 48.55 43.29 -7.54
N LYS B 491 47.36 43.39 -6.94
CA LYS B 491 46.15 42.77 -7.49
C LYS B 491 46.33 41.26 -7.63
N VAL B 492 46.39 40.61 -6.46
CA VAL B 492 46.59 39.16 -6.41
C VAL B 492 45.65 38.45 -7.35
N GLU B 493 46.20 37.61 -8.22
CA GLU B 493 45.43 36.84 -9.17
C GLU B 493 46.19 35.55 -9.44
N LEU B 494 45.47 34.43 -9.41
CA LEU B 494 46.11 33.13 -9.51
C LEU B 494 45.14 32.14 -10.13
N ALA B 495 45.59 31.46 -11.18
CA ALA B 495 44.74 30.60 -11.99
C ALA B 495 44.86 29.13 -11.56
N SER B 496 44.57 28.89 -10.29
CA SER B 496 44.54 27.54 -9.73
C SER B 496 44.03 27.63 -8.30
N ASP B 497 43.88 26.49 -7.67
CA ASP B 497 43.46 26.40 -6.28
C ASP B 497 44.63 25.90 -5.43
N TYR B 498 44.78 26.47 -4.24
CA TYR B 498 45.82 26.03 -3.33
C TYR B 498 45.48 24.63 -2.83
N ASN B 499 46.22 23.64 -3.31
CA ASN B 499 45.98 22.24 -2.95
C ASN B 499 47.20 21.71 -2.21
N ALA B 500 47.12 21.67 -0.89
CA ALA B 500 48.16 21.07 -0.06
C ALA B 500 47.99 19.56 -0.13
N GLU B 501 48.66 18.85 0.78
CA GLU B 501 48.58 17.36 0.80
C GLU B 501 47.12 16.94 1.04
N GLY B 502 46.42 17.62 1.95
CA GLY B 502 45.04 17.28 2.24
C GLY B 502 44.18 18.49 2.56
N PHE B 503 44.74 19.68 2.37
CA PHE B 503 44.06 20.92 2.69
C PHE B 503 43.89 21.75 1.42
N THR B 504 42.69 22.27 1.21
CA THR B 504 42.39 23.06 0.04
C THR B 504 41.62 24.31 0.42
N ILE B 505 41.85 25.38 -0.32
CA ILE B 505 41.13 26.63 -0.17
C ILE B 505 40.82 27.17 -1.55
N ARG B 506 39.61 27.70 -1.73
CA ARG B 506 39.16 28.15 -3.04
C ARG B 506 40.01 29.31 -3.53
N LYS B 507 40.13 29.42 -4.85
CA LYS B 507 41.01 30.42 -5.45
C LYS B 507 40.55 31.84 -5.13
N ASP B 508 39.28 32.04 -4.86
CA ASP B 508 38.74 33.37 -4.62
C ASP B 508 38.86 33.81 -3.16
N ASP B 509 39.32 32.92 -2.28
CA ASP B 509 39.46 33.27 -0.87
C ASP B 509 40.65 34.18 -0.60
N PHE B 510 41.50 34.41 -1.59
CA PHE B 510 42.71 35.20 -1.36
C PHE B 510 42.47 36.69 -1.57
N ARG B 511 41.77 37.07 -2.64
CA ARG B 511 41.47 38.47 -2.84
C ARG B 511 40.64 39.03 -1.68
N ALA B 512 39.74 38.21 -1.12
CA ALA B 512 39.05 38.62 0.08
C ALA B 512 40.01 38.83 1.24
N LEU B 513 41.01 37.96 1.37
CA LEU B 513 42.00 38.13 2.42
C LEU B 513 42.82 39.39 2.22
N GLN B 514 43.21 39.69 0.98
CA GLN B 514 43.95 40.92 0.73
C GLN B 514 43.11 42.16 1.00
N ALA B 515 41.80 42.07 0.76
CA ALA B 515 40.94 43.21 1.01
C ALA B 515 40.95 43.61 2.48
N VAL B 516 40.93 42.62 3.38
CA VAL B 516 40.88 42.92 4.80
C VAL B 516 42.24 43.33 5.35
N LEU B 517 43.33 43.06 4.64
CA LEU B 517 44.66 43.40 5.11
C LEU B 517 45.12 44.78 4.68
N ARG B 518 44.31 45.48 3.89
CA ARG B 518 44.67 46.81 3.43
C ARG B 518 44.72 47.78 4.60
N ILE B 519 45.54 48.82 4.46
CA ILE B 519 45.78 49.79 5.52
C ILE B 519 44.96 51.04 5.26
N ASP B 520 44.25 51.51 6.29
CA ASP B 520 43.36 52.65 6.19
C ASP B 520 44.20 53.92 6.01
N GLU B 521 43.54 55.09 5.99
CA GLU B 521 44.27 56.34 5.81
C GLU B 521 44.73 56.92 7.16
N ASP B 522 43.80 57.13 8.08
CA ASP B 522 44.17 57.69 9.39
C ASP B 522 45.14 56.77 10.13
N ARG B 523 44.99 55.46 9.96
CA ARG B 523 45.94 54.53 10.55
C ARG B 523 47.35 54.82 10.04
N ALA B 524 47.50 54.94 8.72
CA ALA B 524 48.82 55.21 8.14
C ALA B 524 49.34 56.57 8.60
N ALA B 525 48.45 57.55 8.75
CA ALA B 525 48.86 58.85 9.27
C ALA B 525 49.46 58.69 10.65
N ASP B 526 48.82 57.90 11.51
CA ASP B 526 49.35 57.69 12.85
C ASP B 526 50.71 56.99 12.83
N MET B 527 50.84 55.95 12.00
CA MET B 527 52.14 55.27 11.91
C MET B 527 53.23 56.24 11.52
N PHE B 528 52.99 57.05 10.49
CA PHE B 528 54.03 57.96 10.05
C PHE B 528 54.29 59.06 11.07
N THR B 529 53.25 59.50 11.79
CA THR B 529 53.46 60.50 12.83
C THR B 529 54.40 59.99 13.90
N THR B 530 54.20 58.74 14.35
CA THR B 530 55.10 58.20 15.36
C THR B 530 56.50 57.96 14.79
N LEU B 531 56.58 57.41 13.58
CA LEU B 531 57.88 57.07 13.01
C LEU B 531 58.72 58.32 12.78
N ARG B 532 58.10 59.42 12.38
CA ARG B 532 58.84 60.64 12.11
C ARG B 532 59.56 61.15 13.36
N ILE B 533 58.93 61.03 14.52
CA ILE B 533 59.59 61.47 15.74
C ILE B 533 60.45 60.40 16.38
N MET B 534 60.33 59.15 15.94
CA MET B 534 61.22 58.12 16.45
C MET B 534 62.52 57.99 15.67
N ILE B 535 62.65 58.63 14.53
CA ILE B 535 63.88 58.52 13.73
C ILE B 535 64.84 59.66 14.03
N SER B 536 64.32 60.86 14.25
CA SER B 536 65.14 62.05 14.42
C SER B 536 65.60 62.25 15.85
N SER B 537 65.52 61.22 16.69
CA SER B 537 65.89 61.40 18.09
C SER B 537 66.74 60.26 18.62
N ILE B 538 66.61 59.07 18.04
CA ILE B 538 67.40 57.92 18.47
C ILE B 538 68.81 58.05 17.90
N PRO B 539 69.85 57.87 18.70
CA PRO B 539 71.22 57.99 18.19
C PRO B 539 71.47 56.99 17.07
N ALA B 540 72.25 57.41 16.08
CA ALA B 540 72.48 56.62 14.89
C ALA B 540 73.82 55.89 14.90
N VAL B 541 74.71 56.21 15.84
CA VAL B 541 76.00 55.55 15.87
C VAL B 541 75.87 54.07 16.23
N TRP B 542 74.78 53.68 16.88
CA TRP B 542 74.58 52.31 17.31
C TRP B 542 73.93 51.43 16.26
N TYR B 543 73.62 51.98 15.09
CA TYR B 543 72.94 51.19 14.07
C TYR B 543 73.81 50.09 13.48
N ASP B 544 75.11 50.09 13.75
CA ASP B 544 76.00 49.05 13.25
C ASP B 544 76.34 48.00 14.30
N ALA B 545 75.74 48.07 15.48
CA ALA B 545 76.06 47.13 16.55
C ALA B 545 75.58 45.73 16.18
N GLU B 546 76.37 44.74 16.57
CA GLU B 546 75.97 43.35 16.38
C GLU B 546 75.07 42.90 17.51
N VAL B 547 74.26 41.89 17.21
CA VAL B 547 73.32 41.36 18.20
C VAL B 547 74.08 40.63 19.30
N VAL B 548 73.55 40.69 20.52
CA VAL B 548 74.16 40.04 21.67
C VAL B 548 73.18 39.17 22.44
N HIS B 549 72.00 39.67 22.75
CA HIS B 549 70.96 38.89 23.42
C HIS B 549 70.01 38.37 22.36
N TYR B 550 70.28 37.14 21.91
CA TYR B 550 69.50 36.57 20.81
C TYR B 550 68.01 36.51 21.04
N PRO B 551 67.48 36.24 22.24
CA PRO B 551 66.02 36.19 22.40
C PRO B 551 65.30 37.46 21.98
N HIS B 552 65.99 38.60 21.94
CA HIS B 552 65.32 39.84 21.58
C HIS B 552 64.85 39.88 20.13
N THR B 553 65.30 38.95 19.30
CA THR B 553 64.93 38.94 17.89
C THR B 553 64.24 37.62 17.49
N ALA B 554 63.39 37.09 18.36
CA ALA B 554 62.72 35.83 18.09
C ALA B 554 61.25 35.93 18.47
N VAL B 555 60.37 35.55 17.55
CA VAL B 555 58.94 35.51 17.80
C VAL B 555 58.37 34.22 17.23
N GLU B 556 57.22 33.82 17.77
CA GLU B 556 56.51 32.68 17.24
C GLU B 556 55.72 33.09 15.99
N LEU B 557 55.29 32.10 15.22
CA LEU B 557 54.52 32.39 14.02
C LEU B 557 53.19 33.04 14.36
N GLU B 558 52.49 32.54 15.39
CA GLU B 558 51.15 33.04 15.66
C GLU B 558 51.18 34.48 16.16
N GLN B 559 52.20 34.83 16.95
CA GLN B 559 52.32 36.21 17.40
C GLN B 559 52.48 37.16 16.23
N LEU B 560 53.39 36.84 15.31
CA LEU B 560 53.60 37.68 14.14
C LEU B 560 52.35 37.75 13.28
N ALA B 561 51.67 36.62 13.10
CA ALA B 561 50.46 36.61 12.28
C ALA B 561 49.37 37.48 12.90
N ALA B 562 49.19 37.39 14.22
CA ALA B 562 48.20 38.23 14.88
C ALA B 562 48.58 39.70 14.78
N TYR B 563 49.87 40.02 14.93
CA TYR B 563 50.30 41.40 14.83
C TYR B 563 50.06 41.97 13.45
N GLY B 564 50.34 41.18 12.41
CA GLY B 564 50.13 41.66 11.05
C GLY B 564 48.69 41.69 10.62
N LEU B 565 47.87 40.77 11.12
CA LEU B 565 46.47 40.70 10.72
C LEU B 565 45.72 41.93 11.22
N THR B 566 45.84 42.24 12.50
CA THR B 566 45.27 43.45 13.05
C THR B 566 46.31 44.56 12.93
N GLY B 567 46.07 45.50 12.03
CA GLY B 567 47.09 46.48 11.69
C GLY B 567 47.58 47.23 12.92
N ALA B 568 48.79 46.90 13.36
CA ALA B 568 49.33 47.39 14.61
C ALA B 568 50.64 48.13 14.36
N TYR B 569 50.79 49.27 15.01
CA TYR B 569 51.96 50.12 14.84
C TYR B 569 52.42 50.59 16.21
N PRO B 570 53.71 50.86 16.36
CA PRO B 570 54.19 51.47 17.61
C PRO B 570 53.58 52.86 17.79
N ARG B 571 53.30 53.21 19.04
CA ARG B 571 52.70 54.49 19.35
C ARG B 571 53.35 55.08 20.60
N THR B 572 53.62 56.38 20.56
CA THR B 572 54.23 57.08 21.68
C THR B 572 53.47 58.36 21.98
N ASN B 573 53.52 58.76 23.25
CA ASN B 573 52.82 59.96 23.72
C ASN B 573 53.78 61.05 24.17
N HIS B 574 55.03 61.00 23.72
CA HIS B 574 56.05 61.97 24.10
C HIS B 574 56.53 62.74 22.89
N SER B 575 56.94 63.97 23.10
CA SER B 575 57.42 64.82 22.03
C SER B 575 58.91 64.61 21.79
N VAL B 576 59.41 65.20 20.70
CA VAL B 576 60.82 65.05 20.36
C VAL B 576 61.71 65.70 21.40
N ASP B 577 61.32 66.88 21.87
CA ASP B 577 62.17 67.61 22.82
C ASP B 577 62.34 66.83 24.12
N THR B 578 61.26 66.24 24.62
CA THR B 578 61.37 65.42 25.81
C THR B 578 62.32 64.26 25.60
N ILE B 579 62.23 63.63 24.42
CA ILE B 579 63.05 62.45 24.14
C ILE B 579 64.52 62.84 24.12
N VAL B 580 64.84 63.93 23.43
CA VAL B 580 66.22 64.37 23.32
C VAL B 580 66.76 64.80 24.68
N LYS B 581 65.93 65.47 25.48
CA LYS B 581 66.39 65.85 26.81
C LYS B 581 66.69 64.64 27.65
N THR B 582 65.86 63.59 27.55
CA THR B 582 66.14 62.36 28.29
C THR B 582 67.46 61.75 27.85
N VAL B 583 67.70 61.68 26.54
CA VAL B 583 68.94 61.08 26.05
C VAL B 583 70.14 61.88 26.54
N ASN B 584 70.04 63.20 26.48
CA ASN B 584 71.14 64.04 26.96
C ASN B 584 71.39 63.83 28.44
N ASN B 585 70.33 63.67 29.23
CA ASN B 585 70.50 63.47 30.66
C ASN B 585 71.22 62.14 30.94
N ILE B 586 70.77 61.06 30.29
CA ILE B 586 71.42 59.78 30.54
C ILE B 586 72.84 59.76 30.00
N SER B 587 73.16 60.61 29.02
CA SER B 587 74.55 60.72 28.60
C SER B 587 75.38 61.50 29.61
N ALA B 588 74.83 62.59 30.14
CA ALA B 588 75.57 63.44 31.07
C ALA B 588 75.88 62.69 32.36
N THR B 589 74.93 61.91 32.86
CA THR B 589 75.19 61.14 34.08
C THR B 589 76.34 60.17 33.87
N TYR B 590 76.34 59.46 32.74
CA TYR B 590 77.43 58.54 32.43
C TYR B 590 78.76 59.27 32.33
N SER B 591 78.77 60.43 31.69
CA SER B 591 80.01 61.19 31.56
C SER B 591 80.54 61.61 32.92
N THR B 592 79.66 62.10 33.80
CA THR B 592 80.10 62.50 35.14
C THR B 592 80.66 61.32 35.92
N ILE B 593 79.98 60.18 35.85
CA ILE B 593 80.45 58.99 36.59
C ILE B 593 81.81 58.56 36.05
N ALA B 594 81.97 58.55 34.73
CA ALA B 594 83.24 58.12 34.14
C ALA B 594 84.37 59.07 34.54
N GLN B 595 84.11 60.37 34.53
CA GLN B 595 85.15 61.32 34.94
C GLN B 595 85.51 61.14 36.41
N MET B 596 84.51 60.88 37.25
CA MET B 596 84.77 60.69 38.68
C MET B 596 85.60 59.43 38.93
N LEU B 597 85.28 58.35 38.22
CA LEU B 597 85.95 57.07 38.48
C LEU B 597 87.42 57.08 38.08
N SER B 598 87.86 58.07 37.31
CA SER B 598 89.24 58.11 36.86
C SER B 598 90.22 58.47 37.98
N THR B 599 89.73 58.89 39.13
CA THR B 599 90.63 59.32 40.20
C THR B 599 91.11 58.14 41.04
N ILE B 600 90.18 57.29 41.49
CA ILE B 600 90.58 56.12 42.28
C ILE B 600 91.27 55.11 41.39
N ASP B 601 92.23 54.40 41.97
CA ASP B 601 93.03 53.44 41.23
C ASP B 601 92.46 52.04 41.38
N LEU B 602 92.43 51.30 40.27
CA LEU B 602 91.92 49.92 40.25
C LEU B 602 92.86 49.10 39.38
N ASP B 603 93.89 48.53 39.99
CA ASP B 603 94.83 47.82 39.13
C ASP B 603 94.34 46.39 38.90
N PRO B 604 94.40 45.93 37.64
CA PRO B 604 93.98 44.56 37.35
C PRO B 604 94.83 43.49 38.00
N THR B 605 96.05 43.83 38.43
CA THR B 605 96.99 42.85 38.99
C THR B 605 97.08 42.95 40.50
N ARG B 606 95.96 43.20 41.18
CA ARG B 606 95.95 43.24 42.63
C ARG B 606 95.02 42.19 43.23
N TYR B 607 93.79 42.10 42.76
CA TYR B 607 92.83 41.10 43.21
C TYR B 607 92.66 40.04 42.13
N GLY B 608 91.76 39.10 42.40
CA GLY B 608 91.37 38.13 41.41
C GLY B 608 90.35 38.71 40.45
N THR B 609 90.02 37.91 39.42
CA THR B 609 89.04 38.36 38.45
C THR B 609 87.67 38.58 39.05
N SER B 610 87.31 37.80 40.07
CA SER B 610 85.99 37.93 40.69
C SER B 610 85.93 39.11 41.64
N GLU B 611 86.89 39.23 42.56
CA GLU B 611 86.81 40.25 43.60
C GLU B 611 86.88 41.66 43.03
N SER B 612 87.68 41.86 41.98
CA SER B 612 87.79 43.19 41.40
C SER B 612 86.45 43.69 40.89
N ILE B 613 85.58 42.78 40.45
CA ILE B 613 84.24 43.18 40.03
C ILE B 613 83.48 43.79 41.20
N ASP B 614 83.50 43.12 42.35
CA ASP B 614 82.81 43.66 43.52
C ASP B 614 83.43 44.97 43.98
N LYS B 615 84.76 45.09 43.89
CA LYS B 615 85.39 46.36 44.23
C LYS B 615 84.92 47.47 43.31
N PHE B 616 84.79 47.18 42.02
CA PHE B 616 84.28 48.17 41.09
C PHE B 616 82.84 48.55 41.41
N LYS B 617 82.02 47.56 41.76
CA LYS B 617 80.63 47.86 42.13
C LYS B 617 80.59 48.78 43.35
N ILE B 618 81.41 48.48 44.36
CA ILE B 618 81.44 49.30 45.57
C ILE B 618 81.88 50.71 45.24
N ALA B 619 82.91 50.86 44.41
CA ALA B 619 83.38 52.19 44.04
C ALA B 619 82.30 52.97 43.31
N TRP B 620 81.61 52.31 42.37
CA TRP B 620 80.56 52.98 41.62
C TRP B 620 79.42 53.43 42.54
N GLU B 621 79.01 52.55 43.45
CA GLU B 621 77.93 52.92 44.37
C GLU B 621 78.35 54.08 45.26
N ASN B 622 79.59 54.06 45.74
CA ASN B 622 80.09 55.16 46.55
C ASN B 622 80.05 56.46 45.77
N VAL B 623 80.52 56.42 44.52
CA VAL B 623 80.58 57.64 43.72
C VAL B 623 79.18 58.19 43.47
N GLU B 624 78.23 57.30 43.14
CA GLU B 624 76.85 57.75 42.96
C GLU B 624 76.30 58.38 44.23
N SER B 625 76.57 57.75 45.39
CA SER B 625 76.00 58.25 46.64
C SER B 625 76.62 59.59 47.04
N VAL B 626 77.87 59.82 46.68
CA VAL B 626 78.59 60.99 47.20
C VAL B 626 78.04 62.27 46.59
N LEU B 627 78.04 62.38 45.26
CA LEU B 627 77.71 63.64 44.61
C LEU B 627 76.36 63.63 43.92
N ASN B 628 76.05 62.60 43.15
CA ASN B 628 74.86 62.63 42.31
C ASN B 628 73.64 62.27 43.14
N MET B 629 72.53 62.98 42.88
CA MET B 629 71.31 62.71 43.63
C MET B 629 70.72 61.37 43.21
N GLU B 630 69.85 60.84 44.06
CA GLU B 630 69.34 59.48 43.86
C GLU B 630 68.53 59.40 42.57
N GLY B 631 69.10 58.70 41.58
CA GLY B 631 68.44 58.50 40.31
C GLY B 631 68.26 57.02 40.01
N ASN B 632 68.59 56.59 38.79
CA ASN B 632 68.45 55.19 38.46
C ASN B 632 69.65 54.64 37.70
N ASP B 633 70.43 55.52 37.07
CA ASP B 633 71.66 55.13 36.37
C ASP B 633 71.37 54.06 35.30
N PHE B 634 70.66 54.51 34.26
CA PHE B 634 70.33 53.69 33.11
C PHE B 634 71.45 52.70 32.75
N VAL B 635 72.67 53.22 32.58
CA VAL B 635 73.78 52.36 32.18
C VAL B 635 74.12 51.36 33.27
N LYS B 636 74.08 51.77 34.53
CA LYS B 636 74.40 50.85 35.61
C LYS B 636 73.38 49.72 35.69
N THR B 637 72.09 50.04 35.56
CA THR B 637 71.07 49.01 35.57
C THR B 637 71.23 48.06 34.39
N ILE B 638 71.53 48.60 33.22
CA ILE B 638 71.75 47.74 32.05
C ILE B 638 72.92 46.80 32.30
N MET B 639 74.01 47.31 32.88
CA MET B 639 75.16 46.46 33.17
C MET B 639 74.80 45.37 34.18
N TYR B 640 74.05 45.73 35.22
CA TYR B 640 73.75 44.74 36.26
C TYR B 640 72.84 43.65 35.73
N ALA B 641 71.82 44.01 34.95
CA ALA B 641 70.81 43.04 34.55
C ALA B 641 71.28 42.07 33.49
N TYR B 642 72.46 42.29 32.89
CA TYR B 642 72.90 41.43 31.80
C TYR B 642 74.34 40.99 31.99
N GLU B 643 74.83 40.94 33.22
CA GLU B 643 76.21 40.56 33.45
C GLU B 643 76.46 39.07 33.25
N ASP B 644 75.41 38.26 33.27
CA ASP B 644 75.57 36.81 33.14
C ASP B 644 75.71 36.35 31.70
N ASN B 645 75.54 37.24 30.73
CA ASN B 645 75.67 36.89 29.32
C ASN B 645 77.08 37.11 28.79
N PHE B 646 78.04 37.43 29.66
CA PHE B 646 79.42 37.63 29.25
C PHE B 646 80.35 36.81 30.13
N PRO B 647 81.48 36.37 29.59
CA PRO B 647 82.49 35.74 30.44
C PRO B 647 83.03 36.72 31.46
N LYS B 648 83.49 36.19 32.59
CA LYS B 648 83.90 37.03 33.71
C LYS B 648 85.11 37.88 33.40
N LYS B 649 85.82 37.60 32.31
CA LYS B 649 86.97 38.43 31.94
C LYS B 649 86.58 39.62 31.07
N ASP B 650 85.68 39.41 30.10
CA ASP B 650 85.30 40.50 29.20
C ASP B 650 84.40 41.53 29.88
N PHE B 651 83.62 41.10 30.87
CA PHE B 651 82.83 42.05 31.64
C PHE B 651 83.73 43.05 32.36
N TYR B 652 84.83 42.55 32.92
CA TYR B 652 85.80 43.43 33.55
C TYR B 652 86.44 44.37 32.53
N MET B 653 86.69 43.87 31.33
CA MET B 653 87.25 44.73 30.29
C MET B 653 86.30 45.85 29.92
N MET B 654 85.00 45.53 29.81
CA MET B 654 84.01 46.56 29.52
C MET B 654 83.95 47.59 30.64
N LEU B 655 83.97 47.12 31.89
CA LEU B 655 83.93 48.06 33.01
C LEU B 655 85.16 48.97 33.00
N LYS B 656 86.34 48.40 32.75
CA LYS B 656 87.55 49.22 32.69
C LYS B 656 87.49 50.22 31.55
N GLN B 657 86.97 49.80 30.39
CA GLN B 657 86.82 50.74 29.28
C GLN B 657 85.89 51.87 29.66
N ILE B 658 84.85 51.58 30.43
CA ILE B 658 83.98 52.64 30.94
C ILE B 658 84.78 53.58 31.84
N ALA B 659 85.62 53.02 32.72
CA ALA B 659 86.38 53.84 33.64
C ALA B 659 87.53 54.58 32.96
N SER B 660 87.97 54.12 31.80
CA SER B 660 89.10 54.72 31.10
C SER B 660 88.67 55.73 30.05
N ASP B 661 87.38 56.01 29.93
CA ASP B 661 86.93 56.96 28.92
C ASP B 661 87.38 58.37 29.22
N GLY B 662 87.25 58.80 30.48
CA GLY B 662 87.54 60.17 30.83
C GLY B 662 88.80 60.33 31.64
N GLN B 663 89.85 59.61 31.29
CA GLN B 663 91.10 59.66 32.03
C GLN B 663 91.96 60.84 31.57
N GLY B 664 92.34 61.68 32.52
CA GLY B 664 93.38 62.66 32.27
C GLY B 664 93.00 64.12 32.27
N ALA B 665 93.29 64.81 33.38
CA ALA B 665 93.36 66.27 33.44
C ALA B 665 92.06 66.94 32.99
N HIS B 666 91.01 66.72 33.78
CA HIS B 666 89.73 67.36 33.58
C HIS B 666 89.40 68.19 34.81
N PRO B 667 88.44 69.12 34.73
CA PRO B 667 88.14 69.97 35.89
C PRO B 667 87.78 69.20 37.15
N ILE B 668 87.12 68.06 37.03
CA ILE B 668 86.82 67.25 38.21
C ILE B 668 88.12 66.78 38.88
N ALA B 669 89.09 66.35 38.07
CA ALA B 669 90.35 65.90 38.62
C ALA B 669 91.07 67.02 39.36
N ALA B 670 91.10 68.22 38.77
CA ALA B 670 91.73 69.35 39.44
C ALA B 670 90.99 69.71 40.72
N ALA B 671 89.66 69.63 40.69
CA ALA B 671 88.89 69.93 41.88
C ALA B 671 89.19 68.96 43.01
N ILE B 672 89.35 67.68 42.70
CA ILE B 672 89.65 66.73 43.77
C ILE B 672 91.11 66.84 44.18
N ASP B 673 92.01 67.24 43.27
CA ASP B 673 93.42 67.36 43.63
C ASP B 673 93.65 68.57 44.51
N GLN B 674 92.91 69.64 44.30
CA GLN B 674 93.07 70.79 45.22
C GLN B 674 92.86 70.26 46.63
N LEU B 675 91.78 69.50 46.85
CA LEU B 675 91.46 69.02 48.21
C LEU B 675 92.55 68.05 48.68
N ARG B 676 93.03 67.16 47.82
CA ARG B 676 94.02 66.15 48.24
C ARG B 676 95.31 66.84 48.69
N THR B 677 95.68 67.95 48.07
CA THR B 677 96.97 68.57 48.46
C THR B 677 96.86 68.96 49.93
N ILE B 678 95.74 69.56 50.33
CA ILE B 678 95.56 70.01 51.75
C ILE B 678 95.69 68.78 52.66
N VAL B 679 95.12 67.64 52.27
CA VAL B 679 95.14 66.45 53.16
C VAL B 679 96.56 65.90 53.28
N TYR B 680 97.27 65.75 52.17
CA TYR B 680 98.62 65.15 52.24
C TYR B 680 99.52 66.06 53.05
N ARG B 681 99.35 67.38 52.90
CA ARG B 681 100.27 68.35 53.55
C ARG B 681 99.96 68.54 55.04
N GLU B 682 98.74 68.26 55.48
CA GLU B 682 98.40 68.51 56.88
C GLU B 682 97.95 67.22 57.53
N PRO B 683 98.88 66.34 57.91
CA PRO B 683 98.47 65.03 58.43
C PRO B 683 97.79 65.10 59.79
N GLU B 684 98.32 65.92 60.69
CA GLU B 684 97.79 65.98 62.04
C GLU B 684 96.38 66.53 62.08
N ARG B 685 96.06 67.50 61.22
CA ARG B 685 94.75 68.13 61.26
C ARG B 685 93.65 67.11 60.95
N PHE B 686 93.95 66.12 60.13
CA PHE B 686 92.97 65.11 59.75
C PHE B 686 93.10 63.83 60.55
N GLY B 687 93.88 63.83 61.62
CA GLY B 687 93.96 62.68 62.51
C GLY B 687 94.57 61.43 61.91
N TYR B 688 95.68 61.56 61.20
CA TYR B 688 96.37 60.40 60.65
C TYR B 688 97.86 60.71 60.59
N ILE B 689 98.66 59.65 60.61
CA ILE B 689 100.11 59.80 60.56
C ILE B 689 100.64 58.97 59.39
N ASP B 690 101.74 59.43 58.81
CA ASP B 690 102.29 58.77 57.63
C ASP B 690 102.87 57.40 58.00
N SER B 691 103.71 57.36 59.03
CA SER B 691 104.38 56.12 59.40
C SER B 691 104.82 56.22 60.84
N VAL B 692 105.09 55.06 61.44
CA VAL B 692 105.44 54.95 62.85
C VAL B 692 106.74 54.16 62.96
N ILE B 693 107.59 54.55 63.90
CA ILE B 693 108.88 53.90 64.10
C ILE B 693 108.86 53.13 65.41
N LEU B 694 109.58 52.01 65.42
CA LEU B 694 109.79 51.20 66.61
C LEU B 694 111.28 51.00 66.83
N THR B 695 111.70 51.04 68.09
CA THR B 695 113.11 50.90 68.40
C THR B 695 113.26 50.43 69.85
N HIS B 696 114.46 49.96 70.17
CA HIS B 696 114.77 49.56 71.53
C HIS B 696 115.02 50.78 72.41
N ASN B 697 115.97 51.62 72.03
CA ASN B 697 116.32 52.82 72.77
C ASN B 697 116.03 54.04 71.92
N PRO B 698 114.92 54.74 72.15
CA PRO B 698 114.64 55.94 71.38
C PRO B 698 115.66 57.03 71.67
N ASP B 699 115.90 57.86 70.66
CA ASP B 699 116.87 58.95 70.77
C ASP B 699 116.14 60.26 70.49
N VAL B 700 115.86 61.01 71.55
CA VAL B 700 115.16 62.29 71.42
C VAL B 700 116.05 63.28 70.68
N ASP B 701 115.42 64.11 69.84
CA ASP B 701 116.17 65.07 69.02
C ASP B 701 116.43 66.39 69.73
N THR B 702 115.75 66.66 70.84
CA THR B 702 115.93 67.87 71.64
C THR B 702 115.61 69.14 70.85
N ALA B 703 115.18 68.99 69.59
CA ALA B 703 114.76 70.15 68.82
C ALA B 703 113.45 70.71 69.35
N TYR B 704 112.54 69.83 69.75
CA TYR B 704 111.27 70.23 70.32
C TYR B 704 111.31 70.28 71.85
N ASN B 705 112.49 70.09 72.45
CA ASN B 705 112.59 70.18 73.91
C ASN B 705 112.32 71.59 74.41
N ARG B 706 112.42 72.60 73.55
CA ARG B 706 112.12 73.96 73.96
C ARG B 706 110.64 74.20 74.22
N PHE B 707 109.78 73.28 73.82
CA PHE B 707 108.35 73.46 73.98
C PHE B 707 107.70 72.41 74.86
N PHE B 708 108.15 71.16 74.79
CA PHE B 708 107.52 70.07 75.52
C PHE B 708 108.50 69.46 76.51
N HIS B 709 108.00 69.06 77.68
CA HIS B 709 108.85 68.37 78.65
C HIS B 709 109.14 66.96 78.20
N LEU B 710 108.10 66.22 77.83
CA LEU B 710 108.20 64.87 77.28
C LEU B 710 107.45 64.85 75.97
N HIS B 711 108.01 64.23 74.96
CA HIS B 711 107.38 64.14 73.66
C HIS B 711 107.73 62.83 72.99
N PRO B 712 106.84 62.30 72.15
CA PRO B 712 107.15 61.08 71.40
C PRO B 712 107.96 61.31 70.13
N ILE B 713 108.60 62.46 69.98
CA ILE B 713 109.30 62.79 68.75
C ILE B 713 110.72 62.24 68.83
N VAL B 714 111.12 61.50 67.80
CA VAL B 714 112.41 60.83 67.81
C VAL B 714 113.03 60.97 66.42
N THR B 715 114.36 61.01 66.40
CA THR B 715 115.12 60.95 65.15
C THR B 715 115.88 59.63 65.10
N ASN B 716 115.60 58.83 64.10
CA ASN B 716 116.27 57.55 63.91
C ASN B 716 116.17 57.15 62.45
N GLN B 717 117.31 56.81 61.86
CA GLN B 717 117.32 56.37 60.48
C GLN B 717 116.74 54.97 60.41
N PRO B 718 115.66 54.76 59.66
CA PRO B 718 115.03 53.43 59.63
C PRO B 718 115.94 52.40 58.98
N SER B 719 115.84 51.18 59.47
CA SER B 719 116.49 50.02 58.87
C SER B 719 115.47 48.90 58.78
N ASN B 720 115.44 48.22 57.62
CA ASN B 720 114.48 47.16 57.35
C ASN B 720 113.04 47.69 57.46
N THR B 721 112.72 48.63 56.60
CA THR B 721 111.35 49.13 56.52
C THR B 721 110.40 48.02 56.12
N ILE B 722 109.20 48.06 56.68
CA ILE B 722 108.16 47.05 56.42
C ILE B 722 107.06 47.72 55.61
N LYS B 723 106.77 47.15 54.44
CA LYS B 723 105.92 47.84 53.47
C LYS B 723 104.44 47.81 53.82
N ASN B 724 104.03 47.01 54.81
CA ASN B 724 102.63 46.94 55.16
C ASN B 724 102.49 46.57 56.63
N ALA B 725 101.55 47.22 57.30
CA ALA B 725 101.33 46.94 58.72
C ALA B 725 100.82 45.54 58.97
N GLN B 726 100.08 44.95 58.03
CA GLN B 726 99.59 43.60 58.23
C GLN B 726 100.73 42.59 58.28
N LEU B 727 101.82 42.86 57.58
CA LEU B 727 102.96 41.94 57.60
C LEU B 727 103.57 41.86 59.00
N TRP B 728 103.53 42.96 59.75
CA TRP B 728 104.08 42.94 61.10
C TRP B 728 103.24 42.10 62.04
N ASN B 729 101.91 42.13 61.88
CA ASN B 729 101.05 41.37 62.79
C ASN B 729 101.10 39.87 62.51
N GLU B 730 101.33 39.48 61.27
CA GLU B 730 101.37 38.07 60.89
C GLU B 730 102.70 37.41 61.23
N MET B 731 103.71 38.18 61.63
CA MET B 731 105.03 37.62 61.88
C MET B 731 105.04 36.87 63.20
N ARG B 732 106.00 35.95 63.32
CA ARG B 732 106.21 35.23 64.57
C ARG B 732 106.97 36.09 65.56
N LEU B 733 106.88 35.70 66.84
CA LEU B 733 107.49 36.51 67.90
C LEU B 733 109.00 36.53 67.76
N GLU B 734 109.62 35.38 67.45
CA GLU B 734 111.07 35.33 67.32
C GLU B 734 111.54 36.22 66.17
N GLN B 735 110.84 36.19 65.05
CA GLN B 735 111.20 37.04 63.93
C GLN B 735 111.05 38.51 64.30
N GLN B 736 110.00 38.86 65.03
CA GLN B 736 109.82 40.25 65.47
C GLN B 736 110.96 40.70 66.37
N VAL B 737 111.34 39.85 67.33
CA VAL B 737 112.43 40.23 68.24
C VAL B 737 113.73 40.38 67.47
N GLU B 738 113.99 39.48 66.52
CA GLU B 738 115.19 39.60 65.71
C GLU B 738 115.18 40.89 64.89
N HIS B 739 114.02 41.24 64.32
CA HIS B 739 113.93 42.47 63.53
C HIS B 739 114.19 43.69 64.41
N ILE B 740 113.60 43.73 65.60
CA ILE B 740 113.72 44.91 66.45
C ILE B 740 115.15 45.07 66.94
N LYS B 741 115.77 43.97 67.38
CA LYS B 741 117.09 44.04 67.97
C LYS B 741 118.16 44.49 66.97
N ALA B 742 117.98 44.23 65.68
CA ALA B 742 118.97 44.62 64.68
C ALA B 742 119.01 46.12 64.44
N GLY B 743 118.02 46.87 64.91
CA GLY B 743 117.99 48.30 64.71
C GLY B 743 116.58 48.84 64.62
N PRO B 744 116.44 50.16 64.56
CA PRO B 744 115.10 50.75 64.46
C PRO B 744 114.40 50.31 63.18
N VAL B 745 113.09 50.11 63.29
CA VAL B 745 112.28 49.59 62.19
C VAL B 745 111.09 50.52 61.98
N ARG B 746 110.81 50.83 60.72
CA ARG B 746 109.71 51.72 60.35
C ARG B 746 108.56 50.90 59.78
N ILE B 747 107.34 51.22 60.20
CA ILE B 747 106.13 50.58 59.68
C ILE B 747 105.43 51.58 58.78
N ILE B 748 105.21 51.19 57.53
CA ILE B 748 104.53 52.04 56.56
C ILE B 748 103.06 51.65 56.53
N GLY B 749 102.18 52.64 56.59
CA GLY B 749 100.77 52.39 56.57
C GLY B 749 100.01 53.40 57.41
N PRO B 750 98.89 53.89 56.89
CA PRO B 750 98.13 54.91 57.62
C PRO B 750 97.64 54.39 58.96
N PHE B 751 97.64 55.26 59.95
CA PHE B 751 97.11 54.97 61.27
C PHE B 751 96.22 56.11 61.72
N HIS B 752 95.28 55.80 62.61
CA HIS B 752 94.45 56.81 63.23
C HIS B 752 95.12 57.28 64.51
N VAL B 753 95.50 58.54 64.55
CA VAL B 753 96.28 59.10 65.65
C VAL B 753 95.49 60.24 66.28
N THR B 754 95.34 60.19 67.60
CA THR B 754 94.79 61.30 68.37
C THR B 754 95.83 61.73 69.39
N TYR B 755 96.16 63.02 69.37
CA TYR B 755 97.16 63.57 70.27
C TYR B 755 96.51 64.08 71.54
N ASN B 756 97.21 63.96 72.66
CA ASN B 756 96.75 64.46 73.95
C ASN B 756 97.77 65.46 74.47
N TYR B 757 97.33 66.69 74.71
CA TYR B 757 98.18 67.73 75.28
C TYR B 757 97.73 67.97 76.71
N LEU B 758 98.65 67.80 77.66
CA LEU B 758 98.32 67.86 79.07
C LEU B 758 99.26 68.83 79.78
N SER B 759 98.70 69.63 80.67
CA SER B 759 99.53 70.35 81.63
C SER B 759 100.23 69.36 82.54
N GLU B 760 101.49 69.63 82.85
CA GLU B 760 102.33 68.62 83.49
C GLU B 760 101.89 68.29 84.92
N GLU B 761 101.06 69.12 85.54
CA GLU B 761 100.67 68.86 86.93
C GLU B 761 99.72 67.67 87.02
N GLU B 762 98.77 67.56 86.11
CA GLU B 762 97.80 66.48 86.14
C GLU B 762 98.44 65.17 85.70
N ASP B 763 97.64 64.11 85.79
CA ASP B 763 98.09 62.78 85.41
C ASP B 763 97.97 62.56 83.90
N MET B 764 98.68 61.55 83.42
CA MET B 764 98.66 61.20 82.01
C MET B 764 97.92 59.89 81.80
N PRO B 765 96.90 59.86 80.95
CA PRO B 765 96.12 58.63 80.77
C PRO B 765 96.99 57.50 80.26
N ALA B 766 96.68 56.29 80.72
CA ALA B 766 97.42 55.12 80.30
C ALA B 766 97.04 54.73 78.87
N THR B 767 98.03 54.60 78.01
CA THR B 767 97.83 54.30 76.60
C THR B 767 98.41 52.93 76.27
N SER B 768 97.59 52.08 75.69
CA SER B 768 98.01 50.75 75.26
C SER B 768 98.36 50.80 73.78
N HIS B 769 99.62 50.51 73.46
CA HIS B 769 100.08 50.50 72.09
C HIS B 769 100.25 49.11 71.51
N ILE B 770 100.75 48.17 72.31
CA ILE B 770 101.04 46.82 71.85
C ILE B 770 100.39 45.83 72.79
N ILE B 771 99.73 44.81 72.22
CA ILE B 771 99.12 43.74 73.00
C ILE B 771 100.01 42.52 72.90
N MET B 772 100.31 41.91 74.06
CA MET B 772 101.29 40.84 74.17
C MET B 772 100.64 39.47 74.30
N LYS B 773 99.56 39.19 73.57
CA LYS B 773 98.90 37.91 73.68
C LYS B 773 99.81 36.76 73.27
N ASP B 774 100.27 36.78 72.02
CA ASP B 774 101.22 35.80 71.52
C ASP B 774 102.38 36.42 70.75
N ASN B 775 102.22 37.60 70.19
CA ASN B 775 103.28 38.34 69.53
C ASN B 775 102.91 39.81 69.56
N MET B 776 103.90 40.65 69.31
CA MET B 776 103.69 42.11 69.40
C MET B 776 102.80 42.53 68.24
N ILE B 777 101.50 42.66 68.50
CA ILE B 777 100.57 43.16 67.49
C ILE B 777 100.39 44.65 67.69
N LEU B 778 100.26 45.38 66.59
CA LEU B 778 100.19 46.84 66.61
C LEU B 778 98.74 47.27 66.45
N ASN B 779 98.30 48.16 67.34
CA ASN B 779 96.92 48.64 67.29
C ASN B 779 96.69 49.47 66.03
N ASP B 780 95.44 49.51 65.59
CA ASP B 780 95.05 50.32 64.44
C ASP B 780 94.59 51.72 64.85
N HIS B 781 94.52 52.01 66.15
CA HIS B 781 94.07 53.32 66.64
C HIS B 781 95.07 53.74 67.72
N LEU B 782 96.13 54.41 67.30
CA LEU B 782 97.20 54.79 68.20
C LEU B 782 96.82 56.03 69.01
N THR B 783 97.65 56.33 70.02
CA THR B 783 97.48 57.54 70.81
C THR B 783 98.81 57.87 71.48
N PHE B 784 99.02 59.16 71.72
CA PHE B 784 100.28 59.65 72.28
C PHE B 784 100.00 60.73 73.31
N ASN B 785 100.98 61.00 74.15
CA ASN B 785 100.87 61.97 75.23
C ASN B 785 101.89 63.08 75.06
N PHE B 786 101.42 64.32 75.12
CA PHE B 786 102.26 65.51 75.07
C PHE B 786 102.07 66.29 76.36
N VAL B 787 103.18 66.69 76.98
CA VAL B 787 103.14 67.59 78.13
C VAL B 787 103.85 68.87 77.74
N LYS B 788 103.15 70.00 77.85
CA LYS B 788 103.63 71.28 77.33
C LYS B 788 104.35 72.05 78.42
N ARG B 789 105.64 72.29 78.21
CA ARG B 789 106.39 73.18 79.08
C ARG B 789 105.87 74.60 78.91
N GLU B 790 105.60 75.27 80.04
CA GLU B 790 105.00 76.63 79.97
C GLU B 790 105.83 77.59 80.81
N ARG B 791 105.24 78.73 81.19
CA ARG B 791 105.96 79.73 81.98
C ARG B 791 105.88 79.47 83.47
N ARG B 792 104.75 78.93 83.93
CA ARG B 792 104.55 78.67 85.39
C ARG B 792 105.70 77.82 85.92
N ASN B 793 106.22 76.90 85.11
CA ASN B 793 107.29 76.00 85.53
C ASN B 793 108.24 75.80 84.37
N ASN B 794 109.44 76.35 84.48
CA ASN B 794 110.46 76.19 83.47
C ASN B 794 111.80 75.95 84.17
N LYS B 795 112.76 75.44 83.41
CA LYS B 795 114.03 75.00 83.96
C LYS B 795 113.81 73.95 85.05
N LYS B 796 112.90 73.02 84.78
CA LYS B 796 112.48 72.01 85.74
C LYS B 796 112.41 70.65 85.07
N ARG B 797 112.82 69.62 85.80
CA ARG B 797 112.81 68.24 85.32
C ARG B 797 111.61 67.54 85.94
N VAL B 798 110.85 66.82 85.12
CA VAL B 798 109.58 66.25 85.59
C VAL B 798 109.71 64.76 85.92
N SER B 799 110.03 63.93 84.93
CA SER B 799 110.02 62.49 85.11
C SER B 799 110.65 61.85 83.88
N SER B 800 110.91 60.53 83.98
CA SER B 800 111.45 59.74 82.89
C SER B 800 112.70 60.35 82.28
N TYR B 809 108.05 47.03 76.71
CA TYR B 809 109.50 47.11 76.69
C TYR B 809 109.96 47.90 75.46
N VAL B 810 109.57 47.43 74.27
CA VAL B 810 109.85 48.18 73.06
C VAL B 810 108.99 49.43 73.03
N ALA B 811 109.58 50.54 72.58
CA ALA B 811 108.92 51.83 72.56
C ALA B 811 108.41 52.12 71.15
N VAL B 812 107.25 52.76 71.07
CA VAL B 812 106.65 53.16 69.81
C VAL B 812 106.63 54.69 69.77
N ARG B 813 107.16 55.25 68.69
CA ARG B 813 107.34 56.69 68.58
C ARG B 813 107.01 57.14 67.16
N ILE B 814 107.06 58.45 66.94
CA ILE B 814 106.79 59.04 65.63
C ILE B 814 107.89 60.03 65.29
N SER B 815 107.86 60.50 64.05
CA SER B 815 108.80 61.49 63.55
C SER B 815 108.05 62.52 62.72
N ARG B 816 108.74 63.61 62.37
CA ARG B 816 108.22 64.64 61.47
C ARG B 816 106.91 65.22 61.99
N PHE B 817 107.02 65.94 63.10
CA PHE B 817 105.89 66.71 63.62
C PHE B 817 105.94 68.13 63.08
N GLN B 818 104.75 68.71 62.89
CA GLN B 818 104.63 70.03 62.29
C GLN B 818 103.83 70.94 63.22
N LEU B 819 104.35 72.13 63.47
CA LEU B 819 103.71 73.08 64.35
C LEU B 819 104.18 74.49 63.97
N GLU B 820 103.44 75.49 64.42
CA GLU B 820 103.67 76.88 64.02
C GLU B 820 104.17 77.69 65.21
N VAL B 821 105.42 78.14 65.14
CA VAL B 821 105.96 79.08 66.10
C VAL B 821 105.74 80.49 65.55
N LEU B 822 105.16 81.36 66.38
CA LEU B 822 104.69 82.65 65.91
C LEU B 822 105.67 83.79 66.10
N ARG B 823 106.43 83.79 67.20
CA ARG B 823 107.51 84.73 67.45
C ARG B 823 107.05 86.16 67.68
N ASP B 824 105.75 86.45 67.54
CA ASP B 824 105.24 87.79 67.79
C ASP B 824 103.73 87.73 67.97
N LEU B 825 103.20 88.71 68.71
CA LEU B 825 101.75 88.79 68.87
C LEU B 825 101.04 89.09 67.55
N HIS B 826 101.63 89.96 66.74
CA HIS B 826 100.96 90.48 65.56
C HIS B 826 100.77 89.43 64.47
N ASP B 827 101.40 88.27 64.58
CA ASP B 827 101.26 87.22 63.58
C ASP B 827 100.01 86.38 63.77
N LEU B 828 99.21 86.68 64.79
CA LEU B 828 97.97 85.94 65.01
C LEU B 828 96.84 86.40 64.11
N VAL B 829 96.97 87.54 63.44
CA VAL B 829 95.88 88.08 62.64
C VAL B 829 95.93 87.51 61.23
N ARG B 830 94.76 87.14 60.71
CA ARG B 830 94.64 86.59 59.37
C ARG B 830 93.62 87.41 58.59
N SER B 831 93.21 86.93 57.43
CA SER B 831 92.23 87.63 56.60
C SER B 831 91.16 86.67 56.12
N ARG B 832 89.98 87.23 55.86
CA ARG B 832 88.86 86.51 55.28
C ARG B 832 88.35 87.29 54.07
N THR B 833 87.17 86.90 53.59
CA THR B 833 86.53 87.60 52.47
C THR B 833 85.03 87.54 52.65
N TYR B 834 84.38 88.70 52.60
CA TYR B 834 82.94 88.80 52.75
C TYR B 834 82.36 89.61 51.61
N LEU B 835 81.16 89.23 51.17
CA LEU B 835 80.44 90.03 50.21
C LEU B 835 80.04 91.35 50.85
N ASP B 836 80.09 92.43 50.07
CA ASP B 836 79.76 93.75 50.56
C ASP B 836 78.29 94.01 50.21
N VAL B 837 77.41 93.84 51.20
CA VAL B 837 75.99 94.02 50.97
C VAL B 837 75.58 95.47 50.75
N SER B 838 76.44 96.42 51.11
CA SER B 838 76.06 97.83 50.99
C SER B 838 75.83 98.22 49.53
N LYS B 839 76.68 97.75 48.63
CA LYS B 839 76.58 98.10 47.23
C LYS B 839 76.35 96.91 46.31
N SER B 840 76.25 95.69 46.85
CA SER B 840 75.94 94.50 46.07
C SER B 840 74.83 93.73 46.76
N PRO B 841 73.61 94.23 46.70
CA PRO B 841 72.50 93.57 47.42
C PRO B 841 72.20 92.20 46.82
N LEU B 842 71.62 91.35 47.66
CA LEU B 842 71.28 89.99 47.26
C LEU B 842 69.90 89.98 46.61
N ALA B 843 69.82 89.43 45.40
CA ALA B 843 68.57 89.41 44.67
C ALA B 843 67.53 88.58 45.41
N THR B 844 66.28 89.00 45.31
CA THR B 844 65.18 88.33 45.98
C THR B 844 64.21 87.65 45.03
N THR B 845 64.12 88.11 43.79
CA THR B 845 63.18 87.56 42.83
C THR B 845 63.89 87.25 41.51
N PRO B 846 63.42 86.23 40.80
CA PRO B 846 64.00 85.93 39.48
C PRO B 846 63.65 86.99 38.44
N ILE B 847 64.04 86.74 37.19
CA ILE B 847 63.90 87.75 36.15
C ILE B 847 62.49 87.86 35.59
N ARG B 848 61.70 86.79 35.65
CA ARG B 848 60.34 86.77 35.08
C ARG B 848 60.38 87.05 33.57
N VAL B 849 60.98 86.11 32.86
CA VAL B 849 61.14 86.21 31.41
C VAL B 849 59.93 85.58 30.73
N VAL B 850 59.44 86.24 29.68
CA VAL B 850 58.36 85.72 28.85
C VAL B 850 58.80 85.72 27.40
N GLU B 851 58.28 84.77 26.63
CA GLU B 851 58.73 84.59 25.26
C GLU B 851 57.53 84.39 24.34
N TYR B 852 57.74 84.74 23.07
CA TYR B 852 56.76 84.52 22.02
C TYR B 852 57.42 83.83 20.84
N VAL B 853 56.62 83.12 20.07
CA VAL B 853 57.11 82.47 18.87
C VAL B 853 57.28 83.49 17.76
N ARG B 854 58.40 83.43 17.06
CA ARG B 854 58.66 84.35 15.96
C ARG B 854 57.76 84.05 14.77
N LEU C 61 -46.18 47.75 -6.51
CA LEU C 61 -45.14 47.32 -5.58
C LEU C 61 -45.12 45.79 -5.44
N ASP C 62 -45.97 45.12 -6.20
CA ASP C 62 -46.08 43.67 -6.15
C ASP C 62 -45.95 43.10 -7.55
N ASN C 63 -45.13 42.06 -7.69
CA ASN C 63 -44.92 41.38 -8.96
C ASN C 63 -45.12 39.88 -8.78
N VAL C 64 -45.65 39.23 -9.80
CA VAL C 64 -45.84 37.79 -9.81
C VAL C 64 -45.06 37.22 -10.98
N ILE C 65 -44.15 36.28 -10.69
CA ILE C 65 -43.32 35.69 -11.72
C ILE C 65 -44.13 34.65 -12.50
N LYS C 66 -43.98 34.66 -13.82
CA LYS C 66 -44.72 33.77 -14.71
C LYS C 66 -43.80 32.65 -15.15
N GLN C 67 -44.21 31.41 -14.90
CA GLN C 67 -43.45 30.25 -15.34
C GLN C 67 -43.63 30.05 -16.84
N ILE C 68 -42.51 29.89 -17.55
CA ILE C 68 -42.55 29.75 -19.00
C ILE C 68 -43.01 28.35 -19.37
N GLU C 69 -43.56 28.20 -20.57
CA GLU C 69 -44.05 26.93 -21.06
C GLU C 69 -43.12 26.37 -22.13
N ALA C 70 -43.15 25.04 -22.25
CA ALA C 70 -42.28 24.36 -23.20
C ALA C 70 -42.73 24.61 -24.63
N LEU C 71 -41.77 24.44 -25.56
CA LEU C 71 -42.03 24.71 -26.96
C LEU C 71 -43.15 23.81 -27.49
N SER C 72 -43.14 22.54 -27.11
CA SER C 72 -44.17 21.61 -27.58
C SER C 72 -45.55 22.06 -27.14
N VAL C 73 -45.66 22.59 -25.92
CA VAL C 73 -46.96 23.05 -25.44
C VAL C 73 -47.47 24.18 -26.29
N ILE C 74 -46.61 25.15 -26.63
CA ILE C 74 -47.03 26.27 -27.45
C ILE C 74 -47.44 25.80 -28.84
N VAL C 75 -46.65 24.88 -29.42
CA VAL C 75 -46.99 24.38 -30.76
C VAL C 75 -48.33 23.65 -30.74
N ASN C 76 -48.56 22.84 -29.71
CA ASN C 76 -49.83 22.12 -29.61
C ASN C 76 -50.99 23.10 -29.41
N ARG C 77 -50.80 24.14 -28.61
CA ARG C 77 -51.86 25.10 -28.37
C ARG C 77 -52.18 25.90 -29.63
N SER C 78 -51.18 26.21 -30.44
CA SER C 78 -51.42 27.00 -31.65
C SER C 78 -52.32 26.29 -32.65
N GLU C 79 -52.31 24.96 -32.68
CA GLU C 79 -53.09 24.19 -33.63
C GLU C 79 -54.43 23.73 -33.06
N LYS C 80 -54.78 24.17 -31.85
CA LYS C 80 -55.99 23.68 -31.20
C LYS C 80 -57.24 24.07 -31.98
N ALA C 81 -57.36 25.35 -32.33
CA ALA C 81 -58.59 25.85 -32.95
C ALA C 81 -58.22 27.01 -33.86
N ASP C 82 -59.24 27.80 -34.23
CA ASP C 82 -59.07 28.99 -35.06
C ASP C 82 -58.52 28.63 -36.44
N ASP C 83 -59.31 27.83 -37.16
CA ASP C 83 -58.96 27.39 -38.50
C ASP C 83 -60.13 27.62 -39.43
N ALA C 84 -59.83 27.98 -40.68
CA ALA C 84 -60.83 28.45 -41.64
C ALA C 84 -61.18 27.38 -42.67
N GLN C 85 -61.26 26.11 -42.27
CA GLN C 85 -61.58 25.04 -43.20
C GLN C 85 -63.07 24.72 -43.27
N ILE C 86 -63.79 24.83 -42.16
CA ILE C 86 -65.18 24.41 -42.08
C ILE C 86 -66.07 25.65 -42.03
N LEU C 87 -67.09 25.67 -42.87
CA LEU C 87 -67.97 26.81 -43.02
C LEU C 87 -69.26 26.59 -42.25
N GLY C 88 -70.22 27.50 -42.43
CA GLY C 88 -71.49 27.41 -41.75
C GLY C 88 -72.57 28.20 -42.46
N PRO C 89 -73.84 27.85 -42.19
CA PRO C 89 -74.94 28.53 -42.87
C PRO C 89 -75.13 29.95 -42.36
N ASN C 90 -75.74 30.78 -43.21
CA ASN C 90 -75.97 32.18 -42.89
C ASN C 90 -77.11 32.71 -43.74
N THR C 91 -77.62 33.88 -43.35
CA THR C 91 -78.70 34.52 -44.06
C THR C 91 -78.44 36.02 -44.16
N TYR C 92 -79.06 36.67 -45.14
CA TYR C 92 -78.88 38.09 -45.34
C TYR C 92 -79.66 38.89 -44.30
N LYS C 93 -79.15 40.07 -44.00
CA LYS C 93 -79.80 41.00 -43.08
C LYS C 93 -80.66 41.99 -43.87
N GLN C 94 -81.70 42.49 -43.22
CA GLN C 94 -82.63 43.43 -43.84
C GLN C 94 -82.35 44.83 -43.32
N LEU C 95 -82.41 45.81 -44.21
CA LEU C 95 -82.20 47.21 -43.86
C LEU C 95 -83.54 47.95 -43.90
N LEU C 96 -83.67 48.96 -43.04
CA LEU C 96 -84.91 49.70 -42.92
C LEU C 96 -85.20 50.47 -44.21
N GLU C 97 -86.46 50.45 -44.62
CA GLU C 97 -86.87 51.05 -45.89
C GLU C 97 -87.82 52.22 -45.73
N HIS C 98 -88.97 52.02 -45.09
CA HIS C 98 -89.98 53.06 -44.89
C HIS C 98 -90.39 53.71 -46.21
N LEU C 99 -91.05 52.91 -47.03
CA LEU C 99 -91.59 53.40 -48.30
C LEU C 99 -93.04 53.83 -48.14
N PHE C 100 -93.48 54.71 -49.05
CA PHE C 100 -94.82 55.26 -49.03
C PHE C 100 -95.21 55.67 -50.44
N SER C 101 -96.46 56.13 -50.58
CA SER C 101 -96.98 56.50 -51.90
C SER C 101 -97.82 57.78 -51.80
N PRO C 102 -97.57 58.76 -52.66
CA PRO C 102 -98.36 59.99 -52.61
C PRO C 102 -99.70 59.89 -53.33
N GLU C 103 -99.75 59.15 -54.44
CA GLU C 103 -100.98 59.01 -55.20
C GLU C 103 -100.89 57.75 -56.05
N GLU C 104 -101.79 57.61 -57.00
CA GLU C 104 -101.92 56.37 -57.76
C GLU C 104 -100.68 56.09 -58.60
N ASN C 105 -100.25 54.83 -58.59
CA ASN C 105 -99.21 54.32 -59.49
C ASN C 105 -97.88 55.05 -59.34
N VAL C 106 -97.60 55.61 -58.17
CA VAL C 106 -96.29 56.16 -57.86
C VAL C 106 -95.92 55.73 -56.45
N TYR C 107 -94.73 55.17 -56.29
CA TYR C 107 -94.28 54.68 -55.00
C TYR C 107 -92.86 55.17 -54.74
N ILE C 108 -92.63 55.66 -53.53
CA ILE C 108 -91.39 56.34 -53.18
C ILE C 108 -90.62 55.49 -52.19
N LEU C 109 -89.33 55.33 -52.42
CA LEU C 109 -88.44 54.62 -51.52
C LEU C 109 -87.52 55.66 -50.87
N LEU C 110 -87.94 56.14 -49.71
CA LEU C 110 -87.16 57.16 -49.02
C LEU C 110 -85.86 56.56 -48.52
N PRO C 111 -84.71 57.16 -48.84
CA PRO C 111 -83.44 56.66 -48.31
C PRO C 111 -83.35 56.94 -46.82
N ILE C 112 -82.95 55.93 -46.06
CA ILE C 112 -82.85 56.03 -44.60
C ILE C 112 -81.42 55.73 -44.21
N GLN C 113 -80.85 56.53 -43.32
CA GLN C 113 -79.47 56.36 -42.91
C GLN C 113 -79.27 54.95 -42.36
N ALA C 114 -78.16 54.32 -42.76
CA ALA C 114 -77.90 52.93 -42.44
C ALA C 114 -76.63 52.72 -41.62
N TYR C 115 -75.88 53.78 -41.34
CA TYR C 115 -74.65 53.65 -40.57
C TYR C 115 -74.27 55.03 -40.05
N THR C 116 -74.31 55.21 -38.74
CA THR C 116 -74.22 56.52 -38.11
C THR C 116 -72.79 57.00 -37.88
N GLY C 117 -71.80 56.19 -38.21
CA GLY C 117 -70.42 56.55 -37.95
C GLY C 117 -69.92 57.64 -38.88
N GLY C 118 -68.62 57.67 -39.06
CA GLY C 118 -68.04 58.74 -39.84
C GLY C 118 -67.76 59.97 -39.00
N VAL C 119 -66.61 60.58 -39.24
CA VAL C 119 -66.16 61.72 -38.45
C VAL C 119 -65.35 62.65 -39.33
N ILE C 120 -65.59 63.95 -39.13
CA ILE C 120 -65.12 64.98 -40.05
C ILE C 120 -63.62 65.17 -39.89
N ASP C 121 -62.93 65.35 -41.02
CA ASP C 121 -61.52 65.71 -41.02
C ASP C 121 -61.38 67.18 -40.64
N ARG C 122 -60.82 67.47 -39.47
CA ARG C 122 -60.79 68.90 -39.07
C ARG C 122 -59.72 69.62 -39.88
N ARG C 123 -58.84 68.87 -40.56
CA ARG C 123 -57.69 69.53 -41.26
C ARG C 123 -57.90 69.50 -42.77
N ASP C 124 -58.05 70.67 -43.40
CA ASP C 124 -58.12 70.78 -44.88
C ASP C 124 -59.49 70.35 -45.41
N ALA C 125 -60.35 69.82 -44.53
CA ALA C 125 -61.69 69.37 -44.95
C ALA C 125 -61.54 68.47 -46.18
N SER C 126 -60.58 67.55 -46.16
CA SER C 126 -60.31 66.71 -47.36
C SER C 126 -61.55 65.87 -47.64
N PHE C 127 -61.89 65.64 -48.91
CA PHE C 127 -63.16 64.91 -49.19
C PHE C 127 -62.90 63.41 -49.33
N SER C 128 -61.77 63.04 -49.94
CA SER C 128 -61.45 61.61 -50.16
C SER C 128 -61.28 60.88 -48.83
N ASN C 129 -60.64 61.52 -47.85
CA ASN C 129 -60.36 60.85 -46.55
C ASN C 129 -61.68 60.50 -45.85
N PHE C 130 -62.66 61.40 -45.85
CA PHE C 130 -63.92 61.15 -45.14
C PHE C 130 -64.60 59.90 -45.68
N ALA C 131 -64.71 59.81 -47.01
CA ALA C 131 -65.35 58.65 -47.62
C ALA C 131 -64.57 57.38 -47.33
N TYR C 132 -63.24 57.45 -47.41
CA TYR C 132 -62.45 56.25 -47.14
C TYR C 132 -62.63 55.79 -45.70
N SER C 133 -62.64 56.73 -44.75
CA SER C 133 -62.84 56.35 -43.36
C SER C 133 -64.19 55.67 -43.17
N ILE C 134 -65.25 56.27 -43.73
CA ILE C 134 -66.59 55.70 -43.59
C ILE C 134 -66.62 54.29 -44.17
N ALA C 135 -66.11 54.14 -45.39
CA ALA C 135 -66.18 52.85 -46.06
C ALA C 135 -65.37 51.80 -45.32
N SER C 136 -64.17 52.15 -44.86
CA SER C 136 -63.33 51.18 -44.17
C SER C 136 -63.98 50.72 -42.89
N LYS C 137 -64.52 51.65 -42.09
CA LYS C 137 -65.11 51.25 -40.82
C LYS C 137 -66.36 50.41 -41.04
N LEU C 138 -67.19 50.79 -42.03
CA LEU C 138 -68.39 50.02 -42.30
C LEU C 138 -68.04 48.62 -42.79
N MET C 139 -67.02 48.50 -43.64
CA MET C 139 -66.57 47.18 -44.10
C MET C 139 -66.05 46.32 -42.96
N MET C 140 -65.24 46.89 -42.08
CA MET C 140 -64.75 46.11 -40.94
C MET C 140 -65.91 45.66 -40.05
N GLU C 141 -66.96 46.47 -39.97
CA GLU C 141 -68.15 46.01 -39.24
C GLU C 141 -68.85 44.88 -39.97
N LEU C 142 -69.01 44.99 -41.29
CA LEU C 142 -69.74 43.97 -42.04
C LEU C 142 -68.98 42.65 -42.08
N SER C 143 -67.66 42.69 -42.26
CA SER C 143 -66.89 41.46 -42.37
C SER C 143 -66.87 40.66 -41.08
N ALA C 144 -67.25 41.26 -39.96
CA ALA C 144 -67.33 40.52 -38.69
C ALA C 144 -68.59 39.70 -38.58
N ALA C 145 -69.53 39.82 -39.53
CA ALA C 145 -70.75 39.03 -39.51
C ALA C 145 -70.70 37.84 -40.45
N THR C 146 -69.79 37.83 -41.41
CA THR C 146 -69.65 36.72 -42.34
C THR C 146 -68.26 36.13 -42.23
N HIS C 147 -67.78 35.92 -41.00
CA HIS C 147 -66.41 35.48 -40.77
C HIS C 147 -66.15 34.14 -41.43
N ASN C 148 -67.00 33.15 -41.16
CA ASN C 148 -66.87 31.82 -41.75
C ASN C 148 -68.23 31.33 -42.21
N LYS C 149 -68.97 32.18 -42.91
CA LYS C 149 -70.34 31.91 -43.26
C LYS C 149 -70.59 32.22 -44.73
N ILE C 150 -71.52 31.48 -45.32
CA ILE C 150 -72.00 31.71 -46.68
C ILE C 150 -73.52 31.76 -46.64
N PHE C 151 -74.09 32.61 -47.48
CA PHE C 151 -75.54 32.79 -47.47
C PHE C 151 -76.22 31.62 -48.18
N THR C 152 -76.93 30.82 -47.41
CA THR C 152 -77.69 29.68 -47.93
C THR C 152 -79.15 29.68 -47.51
N ASP C 153 -79.45 30.15 -46.30
CA ASP C 153 -80.79 30.03 -45.73
C ASP C 153 -81.64 31.18 -46.23
N TYR C 154 -82.87 30.87 -46.64
CA TYR C 154 -83.82 31.89 -47.04
C TYR C 154 -85.22 31.33 -46.86
N THR C 155 -86.21 32.23 -46.88
CA THR C 155 -87.59 31.88 -46.56
C THR C 155 -88.35 31.57 -47.83
N ARG C 156 -88.64 30.29 -48.04
CA ARG C 156 -89.46 29.80 -49.14
C ARG C 156 -90.88 29.55 -48.63
N ILE C 157 -91.75 29.10 -49.53
CA ILE C 157 -93.12 28.78 -49.12
C ILE C 157 -93.33 27.28 -49.20
N ALA C 158 -93.33 26.73 -50.42
CA ALA C 158 -93.56 25.32 -50.66
C ALA C 158 -93.49 25.08 -52.16
N ALA C 159 -93.55 23.81 -52.54
CA ALA C 159 -93.70 23.43 -53.95
C ALA C 159 -94.52 22.14 -53.96
N SER C 160 -95.84 22.28 -54.07
CA SER C 160 -96.71 21.12 -53.91
C SER C 160 -97.95 21.31 -54.79
N ALA C 161 -97.90 20.74 -55.99
CA ALA C 161 -99.08 20.57 -56.85
C ALA C 161 -99.68 21.91 -57.28
N LEU C 162 -99.23 22.98 -56.68
CA LEU C 162 -99.52 24.34 -57.06
C LEU C 162 -98.33 24.85 -57.89
N GLY C 163 -98.29 26.15 -58.15
CA GLY C 163 -97.14 26.76 -58.78
C GLY C 163 -95.85 26.37 -58.11
N PRO C 164 -94.74 26.44 -58.83
CA PRO C 164 -93.46 25.96 -58.29
C PRO C 164 -93.01 26.73 -57.06
N GLU C 165 -91.85 26.37 -56.52
CA GLU C 165 -91.37 26.97 -55.29
C GLU C 165 -91.26 28.48 -55.43
N ILE C 166 -92.08 29.21 -54.70
CA ILE C 166 -92.05 30.65 -54.68
C ILE C 166 -91.36 31.10 -53.40
N SER C 167 -91.05 32.39 -53.33
CA SER C 167 -90.26 32.94 -52.23
C SER C 167 -90.99 34.09 -51.58
N THR C 168 -90.77 34.24 -50.27
CA THR C 168 -91.18 35.44 -49.52
C THR C 168 -89.94 35.85 -48.74
N GLU C 169 -89.09 36.66 -49.36
CA GLU C 169 -87.79 36.97 -48.79
C GLU C 169 -87.67 38.38 -48.24
N GLY C 170 -88.21 39.38 -48.94
CA GLY C 170 -88.20 40.73 -48.42
C GLY C 170 -89.24 40.91 -47.34
N MET C 171 -89.75 42.13 -47.18
CA MET C 171 -90.87 42.31 -46.27
C MET C 171 -92.13 41.70 -46.90
N PRO C 172 -93.07 41.25 -46.08
CA PRO C 172 -94.26 40.60 -46.64
C PRO C 172 -95.05 41.54 -47.53
N LEU C 173 -95.57 41.01 -48.63
CA LEU C 173 -96.41 41.79 -49.52
C LEU C 173 -97.73 42.17 -48.87
N PHE C 174 -98.17 41.43 -47.86
CA PHE C 174 -99.43 41.75 -47.19
C PHE C 174 -99.36 43.11 -46.50
N SER C 175 -98.23 43.41 -45.84
CA SER C 175 -98.11 44.65 -45.11
C SER C 175 -98.11 45.87 -46.03
N LEU C 176 -97.85 45.67 -47.32
CA LEU C 176 -97.85 46.81 -48.24
C LEU C 176 -99.22 47.45 -48.34
N ILE C 177 -100.29 46.68 -48.10
CA ILE C 177 -101.64 47.24 -48.17
C ILE C 177 -101.79 48.36 -47.15
N GLU C 178 -101.32 48.12 -45.92
CA GLU C 178 -101.37 49.14 -44.89
C GLU C 178 -100.30 50.19 -45.06
N SER C 179 -99.11 49.82 -45.50
CA SER C 179 -98.00 50.76 -45.58
C SER C 179 -98.10 51.72 -46.76
N LEU C 180 -98.89 51.39 -47.77
CA LEU C 180 -98.97 52.21 -48.97
C LEU C 180 -100.38 52.64 -49.35
N GLU C 181 -101.40 52.21 -48.60
CA GLU C 181 -102.79 52.58 -48.85
C GLU C 181 -103.20 52.31 -50.30
N LEU C 182 -102.99 51.07 -50.73
CA LEU C 182 -103.44 50.67 -52.06
C LEU C 182 -104.95 50.71 -52.15
N THR C 183 -105.44 50.94 -53.36
CA THR C 183 -106.87 50.90 -53.63
C THR C 183 -107.27 49.50 -54.06
N GLU C 184 -108.57 49.32 -54.33
CA GLU C 184 -109.08 48.02 -54.76
C GLU C 184 -108.50 47.58 -56.09
N ALA C 185 -108.16 48.50 -56.99
CA ALA C 185 -107.65 48.12 -58.30
C ALA C 185 -106.25 47.55 -58.23
N GLU C 186 -105.36 48.17 -57.45
CA GLU C 186 -103.98 47.70 -57.39
C GLU C 186 -103.82 46.49 -56.46
N THR C 187 -104.79 46.22 -55.59
CA THR C 187 -104.68 45.06 -54.71
C THR C 187 -104.70 43.76 -55.51
N SER C 188 -105.42 43.74 -56.63
CA SER C 188 -105.50 42.54 -57.44
C SER C 188 -104.15 42.17 -58.05
N ARG C 189 -103.22 43.10 -58.14
CA ARG C 189 -101.92 42.84 -58.72
C ARG C 189 -100.93 42.26 -57.72
N LEU C 190 -101.29 42.15 -56.46
CA LEU C 190 -100.37 41.60 -55.48
C LEU C 190 -100.31 40.07 -55.55
N PRO C 191 -101.43 39.35 -55.70
CA PRO C 191 -101.31 37.89 -55.84
C PRO C 191 -100.47 37.46 -57.02
N VAL C 192 -100.55 38.15 -58.15
CA VAL C 192 -99.73 37.76 -59.30
C VAL C 192 -98.25 38.02 -59.02
N ILE C 193 -97.95 39.10 -58.30
CA ILE C 193 -96.58 39.36 -57.89
C ILE C 193 -96.08 38.23 -56.99
N GLN C 194 -96.90 37.82 -56.03
CA GLN C 194 -96.49 36.74 -55.13
C GLN C 194 -96.29 35.44 -55.89
N ASP C 195 -97.13 35.17 -56.88
CA ASP C 195 -97.08 33.91 -57.62
C ASP C 195 -96.14 33.95 -58.81
N SER C 196 -95.48 35.08 -59.08
CA SER C 196 -94.60 35.18 -60.23
C SER C 196 -93.12 35.26 -59.84
N MET C 197 -92.79 35.11 -58.56
CA MET C 197 -91.39 35.17 -58.12
C MET C 197 -90.88 33.74 -57.95
N VAL C 198 -90.59 33.10 -59.08
CA VAL C 198 -90.06 31.74 -59.08
C VAL C 198 -88.56 31.80 -58.83
N ILE C 199 -87.96 30.64 -58.57
CA ILE C 199 -86.53 30.54 -58.25
C ILE C 199 -85.83 29.95 -59.46
N GLN C 200 -84.68 30.55 -59.83
CA GLN C 200 -83.89 30.09 -60.96
C GLN C 200 -82.54 29.57 -60.48
N LYS C 201 -82.08 28.49 -61.10
CA LYS C 201 -80.81 27.86 -60.74
C LYS C 201 -79.78 28.09 -61.84
N SER C 202 -78.53 28.27 -61.43
CA SER C 202 -77.43 28.45 -62.36
C SER C 202 -76.16 27.93 -61.70
N THR C 203 -75.03 28.11 -62.39
CA THR C 203 -73.74 27.60 -61.93
C THR C 203 -72.70 28.71 -61.95
N ALA C 204 -71.61 28.47 -61.22
CA ALA C 204 -70.48 29.38 -61.18
C ALA C 204 -69.21 28.57 -61.04
N THR C 205 -68.09 29.18 -61.42
CA THR C 205 -66.79 28.54 -61.38
C THR C 205 -65.91 29.21 -60.33
N VAL C 206 -65.29 28.39 -59.49
CA VAL C 206 -64.39 28.87 -58.45
C VAL C 206 -63.09 28.10 -58.52
N GLY C 207 -62.03 28.69 -57.96
CA GLY C 207 -60.74 28.05 -57.94
C GLY C 207 -59.79 28.58 -59.00
N ASN C 208 -58.52 28.70 -58.64
CA ASN C 208 -57.49 29.23 -59.53
C ASN C 208 -56.72 28.07 -60.17
N ALA C 209 -55.66 28.41 -60.90
CA ALA C 209 -54.85 27.38 -61.54
C ALA C 209 -54.04 26.59 -60.52
N GLN C 210 -53.58 27.25 -59.46
CA GLN C 210 -52.81 26.56 -58.43
C GLN C 210 -53.66 25.49 -57.74
N GLN C 211 -54.91 25.80 -57.44
CA GLN C 211 -55.86 24.83 -56.95
C GLN C 211 -56.56 24.17 -58.14
N GLY C 212 -57.63 23.42 -57.87
CA GLY C 212 -58.42 22.87 -58.95
C GLY C 212 -59.45 23.85 -59.46
N ILE C 213 -60.10 23.48 -60.56
CA ILE C 213 -61.16 24.27 -61.16
C ILE C 213 -62.46 23.52 -60.92
N SER C 214 -63.15 23.89 -59.84
CA SER C 214 -64.39 23.24 -59.46
C SER C 214 -65.60 24.05 -59.96
N THR C 215 -66.76 23.40 -59.96
CA THR C 215 -68.01 24.06 -60.33
C THR C 215 -69.01 23.86 -59.21
N ILE C 216 -69.76 24.92 -58.89
CA ILE C 216 -70.78 24.86 -57.86
C ILE C 216 -72.10 25.36 -58.44
N ASN C 217 -73.19 24.99 -57.78
CA ASN C 217 -74.52 25.36 -58.22
C ASN C 217 -75.06 26.47 -57.33
N ILE C 218 -75.61 27.52 -57.95
CA ILE C 218 -76.10 28.68 -57.23
C ILE C 218 -77.55 28.93 -57.59
N LYS C 219 -78.31 29.44 -56.63
CA LYS C 219 -79.68 29.86 -56.87
C LYS C 219 -79.71 31.36 -57.12
N ARG C 220 -80.87 31.86 -57.54
CA ARG C 220 -81.06 33.28 -57.77
C ARG C 220 -82.51 33.60 -57.44
N VAL C 221 -82.75 33.99 -56.20
CA VAL C 221 -84.11 34.10 -55.67
C VAL C 221 -84.54 35.55 -55.59
N PRO C 222 -85.69 35.91 -56.15
CA PRO C 222 -86.17 37.29 -56.06
C PRO C 222 -86.63 37.66 -54.66
N PHE C 223 -86.59 38.96 -54.40
CA PHE C 223 -87.04 39.53 -53.14
C PHE C 223 -87.45 40.98 -53.40
N VAL C 224 -88.16 41.55 -52.44
CA VAL C 224 -88.70 42.90 -52.57
C VAL C 224 -87.90 43.83 -51.67
N GLY C 225 -87.45 44.95 -52.21
CA GLY C 225 -86.64 45.87 -51.44
C GLY C 225 -86.07 46.97 -52.32
N SER C 226 -85.03 47.62 -51.82
CA SER C 226 -84.41 48.76 -52.49
C SER C 226 -83.22 48.31 -53.33
N ALA C 227 -82.88 49.12 -54.33
CA ALA C 227 -81.73 48.82 -55.17
C ALA C 227 -80.43 48.88 -54.38
N PHE C 228 -80.33 49.82 -53.43
CA PHE C 228 -79.16 49.86 -52.56
C PHE C 228 -79.01 48.56 -51.79
N GLN C 229 -80.12 47.99 -51.34
CA GLN C 229 -80.08 46.69 -50.69
C GLN C 229 -79.48 45.64 -51.63
N GLN C 230 -79.89 45.67 -52.90
CA GLN C 230 -79.39 44.69 -53.86
C GLN C 230 -77.90 44.84 -54.07
N VAL C 231 -77.41 46.07 -54.20
CA VAL C 231 -75.99 46.26 -54.46
C VAL C 231 -75.17 45.87 -53.23
N ILE C 232 -75.68 46.15 -52.03
CA ILE C 232 -74.98 45.72 -50.82
C ILE C 232 -74.92 44.21 -50.75
N ASP C 233 -76.03 43.54 -51.08
CA ASP C 233 -76.05 42.09 -51.05
C ASP C 233 -75.10 41.51 -52.09
N GLN C 234 -75.05 42.10 -53.28
CA GLN C 234 -74.12 41.63 -54.30
C GLN C 234 -72.68 41.77 -53.84
N LEU C 235 -72.35 42.90 -53.21
CA LEU C 235 -71.00 43.10 -52.69
C LEU C 235 -70.66 42.06 -51.63
N LEU C 236 -71.61 41.79 -50.73
CA LEU C 236 -71.38 40.78 -49.71
C LEU C 236 -71.17 39.41 -50.32
N TRP C 237 -71.97 39.06 -51.33
CA TRP C 237 -71.80 37.77 -51.98
C TRP C 237 -70.44 37.65 -52.64
N GLU C 238 -70.00 38.71 -53.30
CA GLU C 238 -68.67 38.68 -53.93
C GLU C 238 -67.60 38.50 -52.86
N TYR C 239 -67.69 39.25 -51.76
CA TYR C 239 -66.65 39.21 -50.75
C TYR C 239 -66.60 37.87 -50.03
N SER C 240 -67.75 37.24 -49.82
CA SER C 240 -67.82 36.06 -48.97
C SER C 240 -67.28 34.81 -49.66
N THR C 241 -67.33 34.74 -50.99
CA THR C 241 -67.04 33.52 -51.74
C THR C 241 -65.76 33.63 -52.56
N THR C 242 -64.72 34.22 -52.00
CA THR C 242 -63.40 34.17 -52.61
C THR C 242 -62.65 32.97 -52.07
N SER C 243 -61.89 32.30 -52.94
CA SER C 243 -61.11 31.12 -52.59
C SER C 243 -62.00 30.03 -52.01
N LEU C 244 -62.89 29.52 -52.86
CA LEU C 244 -63.70 28.36 -52.54
C LEU C 244 -63.25 27.19 -53.40
N THR C 245 -63.47 25.98 -52.89
CA THR C 245 -63.09 24.78 -53.61
C THR C 245 -63.89 23.60 -53.09
N THR C 246 -63.85 22.51 -53.84
CA THR C 246 -64.58 21.30 -53.49
C THR C 246 -63.64 20.26 -52.90
N LYS C 247 -64.23 19.29 -52.20
CA LYS C 247 -63.43 18.24 -51.58
C LYS C 247 -62.70 17.40 -52.62
N GLU C 248 -63.37 17.11 -53.75
CA GLU C 248 -62.81 16.18 -54.71
C GLU C 248 -61.57 16.74 -55.38
N GLN C 249 -61.34 18.05 -55.31
CA GLN C 249 -60.10 18.64 -55.78
C GLN C 249 -59.06 18.74 -54.67
N ARG C 250 -59.49 19.02 -53.44
CA ARG C 250 -58.55 19.06 -52.33
C ARG C 250 -57.88 17.70 -52.16
N ARG C 251 -58.66 16.62 -52.28
CA ARG C 251 -58.09 15.29 -52.16
C ARG C 251 -57.05 15.03 -53.24
N GLN C 252 -57.36 15.40 -54.49
CA GLN C 252 -56.40 15.17 -55.56
C GLN C 252 -55.11 15.94 -55.34
N ARG C 253 -55.23 17.20 -54.95
CA ARG C 253 -54.04 18.00 -54.68
C ARG C 253 -53.23 17.40 -53.53
N ILE C 254 -53.92 16.85 -52.52
CA ILE C 254 -53.21 16.33 -51.36
C ILE C 254 -52.46 15.06 -51.73
N THR C 255 -53.08 14.15 -52.48
CA THR C 255 -52.36 12.93 -52.88
C THR C 255 -51.24 13.27 -53.87
N GLU C 256 -51.41 14.31 -54.67
CA GLU C 256 -50.30 14.75 -55.50
C GLU C 256 -49.15 15.28 -54.65
N MET C 257 -49.46 16.00 -53.58
CA MET C 257 -48.43 16.58 -52.74
C MET C 257 -47.70 15.52 -51.92
N VAL C 258 -48.41 14.47 -51.48
CA VAL C 258 -47.82 13.39 -50.70
C VAL C 258 -47.57 12.24 -51.66
N ASN C 259 -46.32 12.07 -52.08
CA ASN C 259 -45.96 11.05 -53.06
C ASN C 259 -45.68 9.70 -52.44
N ASP C 260 -45.81 9.55 -51.13
CA ASP C 260 -45.51 8.29 -50.47
C ASP C 260 -46.71 7.35 -50.56
N ARG C 261 -46.51 6.16 -51.13
CA ARG C 261 -47.59 5.20 -51.27
C ARG C 261 -47.95 4.54 -49.96
N ARG C 262 -47.04 4.49 -48.99
CA ARG C 262 -47.34 3.89 -47.70
C ARG C 262 -48.45 4.63 -46.98
N ILE C 263 -48.62 5.92 -47.27
CA ILE C 263 -49.68 6.73 -46.70
C ILE C 263 -50.82 6.78 -47.70
N MET C 264 -52.02 6.42 -47.26
CA MET C 264 -53.19 6.50 -48.11
C MET C 264 -54.26 7.34 -47.43
N ILE C 265 -54.89 8.21 -48.21
CA ILE C 265 -55.86 9.16 -47.70
C ILE C 265 -57.25 8.53 -47.74
N GLN C 266 -58.10 8.96 -46.82
CA GLN C 266 -59.45 8.42 -46.75
C GLN C 266 -60.20 8.70 -48.05
N LYS C 267 -60.82 7.67 -48.59
CA LYS C 267 -61.57 7.83 -49.83
C LYS C 267 -62.86 8.58 -49.57
N LEU C 268 -63.31 9.34 -50.55
CA LEU C 268 -64.51 10.16 -50.40
C LEU C 268 -65.74 9.40 -50.84
N THR C 269 -66.81 9.51 -50.06
CA THR C 269 -68.08 8.97 -50.47
C THR C 269 -68.66 9.78 -51.63
N LEU C 270 -69.61 9.18 -52.33
CA LEU C 270 -70.20 9.86 -53.48
C LEU C 270 -70.97 11.11 -53.08
N ALA C 271 -71.43 11.20 -51.84
CA ALA C 271 -72.16 12.36 -51.37
C ALA C 271 -71.26 13.49 -50.89
N GLU C 272 -69.96 13.23 -50.74
CA GLU C 272 -69.03 14.25 -50.27
C GLU C 272 -68.22 14.88 -51.39
N LYS C 273 -68.25 14.31 -52.60
CA LYS C 273 -67.46 14.87 -53.69
C LYS C 273 -67.84 16.30 -54.03
N PRO C 274 -69.11 16.67 -54.17
CA PRO C 274 -69.44 18.07 -54.51
C PRO C 274 -69.50 19.02 -53.32
N GLN C 275 -69.11 18.59 -52.12
CA GLN C 275 -69.14 19.48 -50.98
C GLN C 275 -68.11 20.60 -51.14
N VAL C 276 -68.39 21.75 -50.53
CA VAL C 276 -67.64 22.97 -50.75
C VAL C 276 -66.80 23.29 -49.51
N MET C 277 -65.55 23.67 -49.72
CA MET C 277 -64.60 23.96 -48.66
C MET C 277 -63.82 25.22 -49.02
N ARG C 278 -63.29 25.88 -48.00
CA ARG C 278 -62.50 27.08 -48.16
C ARG C 278 -61.01 26.75 -48.08
N HIS C 279 -60.25 27.20 -49.07
CA HIS C 279 -58.82 26.95 -49.12
C HIS C 279 -58.05 28.24 -48.89
N VAL C 280 -56.73 28.09 -48.76
CA VAL C 280 -55.87 29.24 -48.51
C VAL C 280 -55.66 30.01 -49.81
N THR C 281 -55.36 31.31 -49.67
CA THR C 281 -55.19 32.16 -50.83
C THR C 281 -54.05 31.68 -51.72
N THR C 282 -52.90 31.39 -51.12
CA THR C 282 -51.74 30.89 -51.85
C THR C 282 -51.09 29.77 -51.06
N GLU C 283 -50.72 28.69 -51.76
CA GLU C 283 -50.05 27.59 -51.10
C GLU C 283 -48.63 28.00 -50.68
N ILE C 284 -48.07 27.21 -49.79
CA ILE C 284 -46.73 27.45 -49.25
C ILE C 284 -45.83 26.35 -49.79
N ASN C 285 -44.98 26.68 -50.75
CA ASN C 285 -44.06 25.75 -51.37
C ASN C 285 -42.63 26.11 -51.00
N ASN C 286 -41.67 25.44 -51.66
CA ASN C 286 -40.27 25.65 -51.36
C ASN C 286 -39.81 27.08 -51.59
N ASP C 287 -40.54 27.86 -52.40
CA ASP C 287 -40.12 29.21 -52.69
C ASP C 287 -40.11 30.08 -51.43
N LEU C 288 -41.13 29.94 -50.59
CA LEU C 288 -41.16 30.72 -49.36
C LEU C 288 -40.00 30.34 -48.44
N PHE C 289 -39.71 29.05 -48.31
CA PHE C 289 -38.59 28.64 -47.47
C PHE C 289 -37.25 29.00 -48.06
N PHE C 290 -37.15 29.17 -49.38
CA PHE C 290 -35.87 29.51 -49.98
C PHE C 290 -35.43 30.92 -49.64
N LYS C 291 -36.38 31.82 -49.43
CA LYS C 291 -36.06 33.18 -49.06
C LYS C 291 -35.76 33.33 -47.58
N MET C 292 -35.83 32.24 -46.82
CA MET C 292 -35.51 32.24 -45.40
C MET C 292 -34.02 32.16 -45.14
N SER C 293 -33.23 31.93 -46.19
CA SER C 293 -31.82 31.59 -46.02
C SER C 293 -31.01 32.58 -45.19
N PRO C 294 -31.21 33.90 -45.26
CA PRO C 294 -30.36 34.80 -44.45
C PRO C 294 -30.42 34.52 -42.96
N VAL C 295 -31.47 33.87 -42.46
CA VAL C 295 -31.62 33.70 -41.02
C VAL C 295 -31.95 32.25 -40.69
N ALA C 296 -31.81 31.35 -41.66
CA ALA C 296 -32.22 29.97 -41.46
C ALA C 296 -31.35 29.26 -40.43
N GLN C 297 -30.09 29.68 -40.28
CA GLN C 297 -29.18 28.98 -39.39
C GLN C 297 -29.66 29.03 -37.94
N LEU C 298 -30.18 30.18 -37.52
CA LEU C 298 -30.69 30.30 -36.16
C LEU C 298 -31.88 29.37 -35.94
N TYR C 299 -32.79 29.29 -36.90
CA TYR C 299 -33.92 28.39 -36.78
C TYR C 299 -33.48 26.94 -36.69
N ILE C 300 -32.52 26.55 -37.53
CA ILE C 300 -32.05 25.17 -37.48
C ILE C 300 -31.41 24.87 -36.13
N TYR C 301 -30.57 25.78 -35.64
CA TYR C 301 -29.91 25.54 -34.36
C TYR C 301 -30.92 25.42 -33.23
N HIS C 302 -31.92 26.31 -33.20
CA HIS C 302 -32.89 26.24 -32.11
C HIS C 302 -33.79 25.01 -32.23
N LEU C 303 -34.13 24.60 -33.46
CA LEU C 303 -34.91 23.39 -33.62
C LEU C 303 -34.14 22.18 -33.11
N ASP C 304 -32.85 22.09 -33.43
CA ASP C 304 -32.04 20.99 -32.91
C ASP C 304 -31.92 21.07 -31.40
N ARG C 305 -31.79 22.28 -30.85
CA ARG C 305 -31.67 22.44 -29.41
C ARG C 305 -32.94 22.01 -28.69
N ALA C 306 -34.10 22.24 -29.30
CA ALA C 306 -35.36 22.00 -28.61
C ALA C 306 -35.79 20.54 -28.61
N PHE C 307 -35.24 19.71 -29.47
CA PHE C 307 -35.71 18.34 -29.62
C PHE C 307 -34.63 17.29 -29.38
N LEU C 308 -33.45 17.69 -28.91
CA LEU C 308 -32.40 16.76 -28.55
C LEU C 308 -32.22 16.88 -27.05
N ASP C 309 -33.02 16.13 -26.30
CA ASP C 309 -33.04 16.25 -24.85
C ASP C 309 -32.01 15.38 -24.15
N GLY C 310 -31.31 14.51 -24.87
CA GLY C 310 -30.37 13.63 -24.21
C GLY C 310 -29.37 13.07 -25.19
N VAL C 311 -28.38 12.37 -24.63
CA VAL C 311 -27.30 11.79 -25.42
C VAL C 311 -26.99 10.41 -24.88
N GLY C 312 -26.77 9.46 -25.77
CA GLY C 312 -26.47 8.10 -25.37
C GLY C 312 -25.00 7.77 -25.29
N PHE C 313 -24.28 8.41 -24.38
CA PHE C 313 -22.85 8.16 -24.21
C PHE C 313 -22.63 7.02 -23.23
N THR C 314 -21.65 6.17 -23.53
CA THR C 314 -21.23 5.17 -22.56
C THR C 314 -20.43 5.87 -21.45
N PRO C 315 -20.58 5.42 -20.21
CA PRO C 315 -19.86 6.07 -19.10
C PRO C 315 -18.35 5.94 -19.27
N LEU C 316 -17.64 6.92 -18.73
CA LEU C 316 -16.19 7.00 -18.93
C LEU C 316 -15.46 5.88 -18.21
N ALA C 317 -16.02 5.38 -17.10
CA ALA C 317 -15.33 4.35 -16.33
C ALA C 317 -15.12 3.08 -17.14
N GLU C 318 -16.14 2.67 -17.90
CA GLU C 318 -16.00 1.49 -18.75
C GLU C 318 -14.93 1.70 -19.81
N LYS C 319 -14.84 2.91 -20.36
CA LYS C 319 -13.79 3.18 -21.34
C LYS C 319 -12.41 3.11 -20.70
N GLN C 320 -12.27 3.63 -19.48
CA GLN C 320 -10.99 3.51 -18.80
C GLN C 320 -10.63 2.05 -18.55
N GLN C 321 -11.60 1.25 -18.11
CA GLN C 321 -11.32 -0.16 -17.86
C GLN C 321 -10.97 -0.89 -19.15
N GLN C 322 -11.65 -0.55 -20.25
CA GLN C 322 -11.33 -1.17 -21.53
C GLN C 322 -9.92 -0.80 -21.98
N LEU C 323 -9.52 0.46 -21.77
CA LEU C 323 -8.16 0.86 -22.10
C LEU C 323 -7.14 0.14 -21.25
N GLN C 324 -7.42 -0.03 -19.96
CA GLN C 324 -6.45 -0.66 -19.07
C GLN C 324 -6.15 -2.09 -19.51
N LEU C 325 -7.17 -2.82 -19.95
CA LEU C 325 -6.98 -4.20 -20.37
C LEU C 325 -6.17 -4.28 -21.66
N GLN C 326 -6.20 -3.23 -22.48
CA GLN C 326 -5.52 -3.30 -23.77
C GLN C 326 -4.05 -2.91 -23.68
N LEU C 327 -3.70 -1.99 -22.81
CA LEU C 327 -2.30 -1.57 -22.69
C LEU C 327 -1.45 -2.71 -22.13
N LYS C 328 -0.29 -2.92 -22.72
CA LYS C 328 0.61 -4.01 -22.37
C LYS C 328 1.57 -3.61 -21.24
N THR C 329 1.67 -2.32 -20.95
CA THR C 329 2.57 -1.82 -19.92
C THR C 329 2.08 -2.24 -18.54
N ASN C 330 3.04 -2.22 -17.60
CA ASN C 330 2.72 -2.68 -16.22
C ASN C 330 1.88 -1.63 -15.49
N ILE C 331 1.12 -2.08 -14.49
CA ILE C 331 0.27 -1.20 -13.71
C ILE C 331 1.10 -0.16 -12.98
N LEU C 332 2.28 -0.54 -12.49
CA LEU C 332 3.12 0.39 -11.75
C LEU C 332 3.82 1.39 -12.65
N THR C 333 4.18 0.99 -13.87
CA THR C 333 4.85 1.89 -14.79
C THR C 333 3.90 3.01 -15.21
N ALA C 334 4.38 4.24 -15.18
CA ALA C 334 3.55 5.39 -15.56
C ALA C 334 3.59 5.59 -17.06
N ASN C 335 2.41 5.74 -17.66
CA ASN C 335 2.28 6.00 -19.09
C ASN C 335 1.36 7.19 -19.29
N LEU C 336 1.73 8.07 -20.22
CA LEU C 336 1.05 9.36 -20.31
C LEU C 336 -0.33 9.25 -20.94
N ILE C 337 -0.53 8.34 -21.89
CA ILE C 337 -1.82 8.21 -22.53
C ILE C 337 -2.89 7.80 -21.51
N ARG C 338 -2.55 6.85 -20.63
CA ARG C 338 -3.49 6.46 -19.59
C ARG C 338 -3.77 7.61 -18.63
N SER C 339 -2.72 8.35 -18.25
CA SER C 339 -2.87 9.43 -17.27
C SER C 339 -3.50 10.67 -17.86
N ALA C 340 -3.62 10.77 -19.18
CA ALA C 340 -4.19 11.96 -19.79
C ALA C 340 -5.70 11.90 -19.90
N ILE C 341 -6.25 10.74 -20.27
CA ILE C 341 -7.69 10.62 -20.40
C ILE C 341 -8.39 10.62 -19.04
N ASN C 342 -7.65 10.41 -17.96
CA ASN C 342 -8.26 10.45 -16.63
C ASN C 342 -8.75 11.84 -16.25
N GLY C 343 -8.21 12.89 -16.87
CA GLY C 343 -8.67 14.23 -16.60
C GLY C 343 -9.75 14.69 -17.55
N MET C 344 -10.77 13.87 -17.74
CA MET C 344 -11.86 14.17 -18.65
C MET C 344 -13.20 13.89 -17.99
N ASN C 345 -14.23 14.60 -18.46
CA ASN C 345 -15.59 14.38 -18.01
C ASN C 345 -16.53 14.51 -19.20
N THR C 346 -17.69 13.89 -19.09
CA THR C 346 -18.67 13.84 -20.17
C THR C 346 -19.83 14.79 -19.95
N GLU C 347 -19.62 15.86 -19.18
CA GLU C 347 -20.73 16.69 -18.74
C GLU C 347 -21.13 17.72 -19.78
N SER C 348 -20.32 17.90 -20.81
CA SER C 348 -20.62 18.82 -21.90
C SER C 348 -20.87 18.06 -23.20
N ASN C 349 -21.41 16.84 -23.09
CA ASN C 349 -21.63 16.03 -24.27
C ASN C 349 -22.85 16.51 -25.06
N LEU C 350 -23.89 16.97 -24.37
CA LEU C 350 -25.10 17.39 -25.06
C LEU C 350 -24.84 18.56 -25.98
N GLU C 351 -24.10 19.57 -25.50
CA GLU C 351 -23.82 20.74 -26.30
C GLU C 351 -23.02 20.37 -27.54
N VAL C 352 -21.97 19.56 -27.37
CA VAL C 352 -21.14 19.19 -28.50
C VAL C 352 -21.93 18.35 -29.49
N ALA C 353 -22.82 17.50 -28.98
CA ALA C 353 -23.66 16.69 -29.87
C ALA C 353 -24.58 17.57 -30.70
N ILE C 354 -25.18 18.58 -30.08
CA ILE C 354 -26.04 19.49 -30.83
C ILE C 354 -25.24 20.23 -31.90
N LYS C 355 -24.06 20.71 -31.53
CA LYS C 355 -23.23 21.43 -32.51
C LYS C 355 -22.82 20.50 -33.66
N MET C 356 -22.49 19.25 -33.33
CA MET C 356 -22.10 18.29 -34.36
C MET C 356 -23.25 18.00 -35.31
N MET C 357 -24.46 17.85 -34.77
CA MET C 357 -25.62 17.63 -35.63
C MET C 357 -25.84 18.83 -36.56
N GLN C 358 -25.71 20.04 -36.02
CA GLN C 358 -25.87 21.23 -36.85
C GLN C 358 -24.82 21.26 -37.95
N ALA C 359 -23.57 20.93 -37.61
CA ALA C 359 -22.53 20.88 -38.63
C ALA C 359 -22.82 19.81 -39.67
N ALA C 360 -23.44 18.71 -39.26
CA ALA C 360 -23.81 17.67 -40.22
C ALA C 360 -24.86 18.18 -41.20
N GLN C 361 -25.83 18.96 -40.71
CA GLN C 361 -26.89 19.43 -41.59
C GLN C 361 -26.38 20.46 -42.58
N LEU C 362 -25.86 21.58 -42.07
CA LEU C 362 -25.37 22.65 -42.93
C LEU C 362 -23.88 22.45 -43.20
N HIS C 363 -23.49 22.49 -44.48
CA HIS C 363 -22.09 22.28 -44.82
C HIS C 363 -21.24 23.53 -44.69
N ARG C 364 -21.85 24.67 -44.35
CA ARG C 364 -21.09 25.89 -44.14
C ARG C 364 -20.75 26.12 -42.68
N ALA C 365 -21.53 25.57 -41.75
CA ALA C 365 -21.29 25.75 -40.33
C ALA C 365 -20.38 24.67 -39.76
N SER C 366 -19.22 24.50 -40.37
CA SER C 366 -18.26 23.51 -39.89
C SER C 366 -17.76 23.88 -38.51
N ILE C 367 -17.49 22.85 -37.70
CA ILE C 367 -17.04 23.07 -36.34
C ILE C 367 -15.65 23.69 -36.36
N GLU C 368 -15.46 24.74 -35.57
CA GLU C 368 -14.16 25.40 -35.43
C GLU C 368 -13.64 25.15 -34.02
N ILE C 369 -12.55 24.40 -33.91
CA ILE C 369 -11.99 24.05 -32.61
C ILE C 369 -11.21 25.23 -32.08
N ALA C 370 -11.35 25.49 -30.78
CA ALA C 370 -10.57 26.51 -30.08
C ALA C 370 -9.58 25.79 -29.16
N PHE C 371 -8.31 26.03 -29.38
CA PHE C 371 -7.28 25.31 -28.66
C PHE C 371 -6.69 26.16 -27.54
N PRO C 372 -6.21 25.55 -26.46
CA PRO C 372 -5.62 26.30 -25.36
C PRO C 372 -4.12 26.53 -25.47
N MET C 373 -3.51 26.23 -26.61
CA MET C 373 -2.09 26.40 -26.82
C MET C 373 -1.82 27.59 -27.72
N ASN C 374 -0.64 28.20 -27.52
CA ASN C 374 -0.18 29.29 -28.37
C ASN C 374 1.01 28.86 -29.23
N VAL C 375 2.09 28.41 -28.61
CA VAL C 375 3.26 27.94 -29.33
C VAL C 375 3.63 26.53 -28.89
N SER C 376 3.61 26.27 -27.59
CA SER C 376 4.09 25.02 -27.04
C SER C 376 2.99 23.96 -27.08
N LEU C 377 3.35 22.74 -26.69
CA LEU C 377 2.45 21.61 -26.65
C LEU C 377 2.42 21.03 -25.23
N SER C 378 1.53 20.08 -25.02
CA SER C 378 1.35 19.47 -23.72
C SER C 378 0.92 18.02 -23.91
N PRO C 379 1.15 17.16 -22.92
CA PRO C 379 0.80 15.74 -23.10
C PRO C 379 -0.67 15.51 -23.40
N GLU C 380 -1.57 16.29 -22.80
CA GLU C 380 -3.00 16.11 -23.04
C GLU C 380 -3.37 16.53 -24.45
N ILE C 381 -2.71 17.57 -24.96
CA ILE C 381 -3.05 18.08 -26.29
C ILE C 381 -2.81 17.03 -27.35
N ILE C 382 -1.70 16.31 -27.25
CA ILE C 382 -1.36 15.32 -28.27
C ILE C 382 -2.38 14.19 -28.31
N VAL C 383 -2.72 13.65 -27.14
CA VAL C 383 -3.66 12.53 -27.12
C VAL C 383 -5.05 12.99 -27.53
N GLN C 384 -5.45 14.20 -27.15
CA GLN C 384 -6.75 14.69 -27.57
C GLN C 384 -6.80 14.90 -29.09
N CYS C 385 -5.70 15.40 -29.66
CA CYS C 385 -5.64 15.55 -31.12
C CYS C 385 -5.72 14.20 -31.80
N PHE C 386 -5.04 13.18 -31.25
CA PHE C 386 -5.12 11.86 -31.85
C PHE C 386 -6.54 11.30 -31.77
N ILE C 387 -7.21 11.50 -30.63
CA ILE C 387 -8.58 11.02 -30.49
C ILE C 387 -9.48 11.70 -31.52
N VAL C 388 -9.31 13.02 -31.70
CA VAL C 388 -10.10 13.74 -32.68
C VAL C 388 -9.82 13.21 -34.08
N TRP C 389 -8.56 12.97 -34.39
CA TRP C 389 -8.20 12.48 -35.72
C TRP C 389 -8.81 11.11 -36.00
N MET C 390 -8.80 10.23 -35.00
CA MET C 390 -9.28 8.88 -35.22
C MET C 390 -10.77 8.69 -34.97
N SER C 391 -11.46 9.71 -34.46
CA SER C 391 -12.86 9.49 -34.09
C SER C 391 -13.82 10.42 -34.83
N ILE C 392 -13.51 11.71 -34.90
CA ILE C 392 -14.41 12.72 -35.45
C ILE C 392 -14.21 12.75 -36.96
N PRO C 393 -15.27 12.58 -37.76
CA PRO C 393 -15.11 12.60 -39.22
C PRO C 393 -14.64 13.98 -39.69
N GLU C 394 -13.91 13.97 -40.81
CA GLU C 394 -13.33 15.20 -41.32
C GLU C 394 -14.34 16.09 -42.03
N GLN C 395 -15.48 15.56 -42.43
CA GLN C 395 -16.48 16.38 -43.11
C GLN C 395 -17.19 17.34 -42.17
N LEU C 396 -17.00 17.21 -40.86
CA LEU C 396 -17.67 18.06 -39.89
C LEU C 396 -16.75 19.08 -39.25
N LEU C 397 -15.56 19.27 -39.80
CA LEU C 397 -14.60 20.22 -39.25
C LEU C 397 -14.17 21.19 -40.34
N SER C 398 -13.85 22.41 -39.92
CA SER C 398 -13.37 23.42 -40.86
C SER C 398 -11.96 23.06 -41.33
N ASP C 399 -11.51 23.77 -42.37
CA ASP C 399 -10.18 23.51 -42.89
C ASP C 399 -9.10 23.84 -41.87
N ARG C 400 -9.29 24.92 -41.11
CA ARG C 400 -8.28 25.30 -40.13
C ARG C 400 -8.10 24.22 -39.07
N SER C 401 -9.20 23.65 -38.58
CA SER C 401 -9.10 22.61 -37.57
C SER C 401 -8.39 21.37 -38.11
N ASN C 402 -8.75 20.97 -39.33
CA ASN C 402 -8.08 19.82 -39.94
C ASN C 402 -6.59 20.06 -40.05
N PHE C 403 -6.19 21.24 -40.54
CA PHE C 403 -4.77 21.52 -40.69
C PHE C 403 -4.08 21.54 -39.34
N ILE C 404 -4.72 22.10 -38.31
CA ILE C 404 -4.08 22.21 -37.01
C ILE C 404 -3.80 20.83 -36.45
N ILE C 405 -4.83 19.96 -36.45
CA ILE C 405 -4.62 18.64 -35.87
C ILE C 405 -3.66 17.82 -36.73
N ALA C 406 -3.70 17.99 -38.06
CA ALA C 406 -2.76 17.27 -38.90
C ALA C 406 -1.33 17.70 -38.62
N ALA C 407 -1.10 18.99 -38.41
CA ALA C 407 0.23 19.46 -38.07
C ALA C 407 0.68 18.91 -36.73
N VAL C 408 -0.23 18.87 -35.75
CA VAL C 408 0.12 18.31 -34.45
C VAL C 408 0.54 16.85 -34.60
N ILE C 409 -0.20 16.09 -35.42
CA ILE C 409 0.14 14.69 -35.62
C ILE C 409 1.50 14.57 -36.32
N TRP C 410 1.72 15.38 -37.35
CA TRP C 410 2.90 15.26 -38.18
C TRP C 410 4.16 15.77 -37.50
N ALA C 411 4.03 16.61 -36.48
CA ALA C 411 5.21 17.15 -35.81
C ALA C 411 6.03 16.09 -35.11
N GLY C 412 5.44 14.95 -34.76
CA GLY C 412 6.17 13.92 -34.06
C GLY C 412 6.77 12.88 -34.97
N PHE C 413 6.04 12.49 -36.02
CA PHE C 413 6.53 11.49 -36.93
C PHE C 413 7.55 12.03 -37.92
N SER C 414 7.60 13.35 -38.11
CA SER C 414 8.57 13.94 -39.02
C SER C 414 9.98 13.79 -38.46
N ALA C 415 10.93 13.61 -39.36
CA ALA C 415 12.32 13.45 -38.95
C ALA C 415 12.92 14.78 -38.50
N ASP C 416 12.63 15.86 -39.21
CA ASP C 416 13.27 17.14 -38.98
C ASP C 416 12.31 18.26 -38.63
N ASP C 417 11.11 18.28 -39.21
CA ASP C 417 10.18 19.37 -38.97
C ASP C 417 9.67 19.35 -37.53
N SER C 418 9.40 20.53 -37.00
CA SER C 418 8.88 20.70 -35.65
C SER C 418 7.50 21.35 -35.73
N TYR C 419 7.00 21.75 -34.57
CA TYR C 419 5.66 22.32 -34.47
C TYR C 419 5.65 23.81 -34.75
N ALA C 420 6.48 24.57 -34.04
CA ALA C 420 6.45 26.02 -34.15
C ALA C 420 6.80 26.47 -35.56
N ASP C 421 7.82 25.87 -36.17
CA ASP C 421 8.19 26.26 -37.52
C ASP C 421 7.15 25.82 -38.53
N ILE C 422 6.52 24.67 -38.32
CA ILE C 422 5.50 24.22 -39.27
C ILE C 422 4.23 25.05 -39.17
N MET C 423 4.01 25.76 -38.07
CA MET C 423 2.91 26.72 -38.04
C MET C 423 3.31 28.12 -38.46
N ARG C 424 4.55 28.53 -38.22
CA ARG C 424 4.98 29.87 -38.55
C ARG C 424 5.17 30.08 -40.05
N ARG C 425 5.41 29.02 -40.81
CA ARG C 425 5.65 29.13 -42.24
C ARG C 425 4.35 29.10 -43.04
N SER C 426 3.43 28.21 -42.69
CA SER C 426 2.19 28.07 -43.44
C SER C 426 1.25 29.24 -43.18
N ALA C 427 0.38 29.51 -44.15
CA ALA C 427 -0.62 30.56 -44.03
C ALA C 427 -2.02 29.97 -44.01
N ARG C 428 -2.89 30.56 -43.20
CA ARG C 428 -4.24 30.05 -43.02
C ARG C 428 -5.09 30.18 -44.27
N ALA C 429 -4.64 30.93 -45.28
CA ALA C 429 -5.43 31.09 -46.49
C ALA C 429 -5.51 29.81 -47.30
N SER C 430 -4.40 29.08 -47.39
CA SER C 430 -4.30 27.90 -48.23
C SER C 430 -3.95 26.66 -47.41
N ASP C 431 -4.63 26.46 -46.29
CA ASP C 431 -4.37 25.31 -45.44
C ASP C 431 -4.94 24.02 -45.99
N ARG C 432 -5.89 24.09 -46.92
CA ARG C 432 -6.49 22.87 -47.45
C ARG C 432 -5.46 22.02 -48.18
N GLN C 433 -4.62 22.65 -48.99
CA GLN C 433 -3.59 21.90 -49.71
C GLN C 433 -2.59 21.28 -48.75
N ASN C 434 -2.23 22.00 -47.70
CA ASN C 434 -1.32 21.44 -46.69
C ASN C 434 -1.95 20.24 -46.01
N TYR C 435 -3.23 20.34 -45.67
CA TYR C 435 -3.92 19.21 -45.06
C TYR C 435 -3.94 18.01 -45.99
N ASP C 436 -4.22 18.25 -47.27
CA ASP C 436 -4.25 17.14 -48.23
C ASP C 436 -2.89 16.47 -48.36
N ILE C 437 -1.83 17.27 -48.48
CA ILE C 437 -0.52 16.66 -48.67
C ILE C 437 -0.04 15.98 -47.39
N ILE C 438 -0.46 16.46 -46.22
CA ILE C 438 -0.10 15.77 -44.98
C ILE C 438 -0.84 14.44 -44.88
N LYS C 439 -2.14 14.44 -45.23
CA LYS C 439 -2.91 13.21 -45.15
C LYS C 439 -2.34 12.15 -46.09
N ALA C 440 -1.90 12.56 -47.28
CA ALA C 440 -1.27 11.62 -48.19
C ALA C 440 0.00 11.03 -47.59
N ALA C 441 0.79 11.86 -46.91
CA ALA C 441 2.01 11.38 -46.29
C ALA C 441 1.72 10.36 -45.18
N LEU C 442 0.56 10.46 -44.55
CA LEU C 442 0.17 9.52 -43.51
C LEU C 442 -0.53 8.29 -44.05
N SER C 443 -0.64 8.17 -45.37
CA SER C 443 -1.24 7.01 -46.00
C SER C 443 -0.27 6.29 -46.93
N SER C 444 1.03 6.47 -46.73
CA SER C 444 2.04 5.82 -47.55
C SER C 444 2.40 4.46 -46.95
N ARG C 445 3.45 3.84 -47.47
CA ARG C 445 3.88 2.54 -46.96
C ARG C 445 4.74 2.64 -45.71
N LYS C 446 5.17 3.84 -45.32
CA LYS C 446 5.86 4.04 -44.05
C LYS C 446 4.91 4.30 -42.90
N PHE C 447 3.87 5.11 -43.11
CA PHE C 447 2.92 5.46 -42.07
C PHE C 447 1.51 5.22 -42.58
N LYS C 448 0.66 4.68 -41.71
CA LYS C 448 -0.73 4.40 -42.07
C LYS C 448 -1.60 4.73 -40.86
N LEU C 449 -2.12 5.94 -40.82
CA LEU C 449 -3.03 6.35 -39.77
C LEU C 449 -4.43 6.52 -40.35
N PRO C 450 -5.40 5.70 -39.96
CA PRO C 450 -6.75 5.85 -40.53
C PRO C 450 -7.37 7.17 -40.10
N ARG C 451 -8.13 7.77 -41.02
CA ARG C 451 -8.85 9.01 -40.75
C ARG C 451 -10.34 8.74 -40.84
N ALA C 452 -11.06 9.07 -39.77
CA ALA C 452 -12.49 8.81 -39.72
C ALA C 452 -13.23 9.65 -40.76
N SER C 453 -14.17 9.02 -41.45
CA SER C 453 -14.96 9.69 -42.47
C SER C 453 -16.44 9.36 -42.26
N THR C 454 -17.27 9.80 -43.20
CA THR C 454 -18.70 9.54 -43.12
C THR C 454 -19.30 9.67 -44.52
N THR C 455 -20.55 9.23 -44.64
CA THR C 455 -21.23 9.24 -45.92
C THR C 455 -22.62 9.88 -45.80
N LEU C 456 -23.38 9.86 -46.90
CA LEU C 456 -24.70 10.53 -46.91
C LEU C 456 -25.82 9.50 -46.76
N PHE C 457 -26.84 9.81 -45.96
CA PHE C 457 -27.97 8.88 -45.73
C PHE C 457 -29.24 9.56 -46.23
N ASP C 458 -30.05 8.85 -47.03
CA ASP C 458 -31.25 9.48 -47.63
C ASP C 458 -32.54 8.92 -47.02
N GLU C 459 -32.42 8.15 -45.93
CA GLU C 459 -33.62 7.49 -45.31
C GLU C 459 -34.69 8.53 -44.97
N ASN C 460 -35.95 8.28 -45.35
CA ASN C 460 -37.02 9.28 -45.12
C ASN C 460 -38.14 8.65 -44.30
N GLU C 461 -38.68 9.41 -43.35
CA GLU C 461 -39.77 8.90 -42.49
C GLU C 461 -41.13 9.24 -43.13
N PRO C 462 -42.17 8.38 -43.10
CA PRO C 462 -43.48 8.73 -43.64
C PRO C 462 -44.26 9.71 -42.78
N VAL C 463 -44.49 10.91 -43.30
CA VAL C 463 -45.22 11.95 -42.57
C VAL C 463 -45.73 12.95 -43.59
N VAL C 464 -46.77 13.69 -43.25
CA VAL C 464 -47.37 14.66 -44.14
C VAL C 464 -46.62 15.97 -44.01
N ARG C 465 -46.06 16.44 -45.13
CA ARG C 465 -45.34 17.71 -45.17
C ARG C 465 -45.39 18.25 -46.58
N ARG C 466 -45.07 19.54 -46.71
CA ARG C 466 -45.25 20.27 -47.96
C ARG C 466 -43.96 20.61 -48.67
N TYR C 467 -42.80 20.28 -48.10
CA TYR C 467 -41.53 20.74 -48.63
C TYR C 467 -40.59 19.56 -48.84
N GLN C 468 -39.71 19.72 -49.82
CA GLN C 468 -38.77 18.65 -50.17
C GLN C 468 -37.66 18.54 -49.13
N ILE C 469 -37.09 17.35 -49.04
CA ILE C 469 -35.98 17.08 -48.12
C ILE C 469 -34.77 16.63 -48.92
N GLY C 470 -33.62 16.54 -48.28
CA GLY C 470 -32.40 16.19 -48.96
C GLY C 470 -31.51 15.26 -48.18
N ARG C 471 -30.22 15.27 -48.51
CA ARG C 471 -29.25 14.37 -47.90
C ARG C 471 -28.42 15.13 -46.87
N VAL C 472 -28.11 14.46 -45.77
CA VAL C 472 -27.26 15.04 -44.73
C VAL C 472 -26.15 14.04 -44.41
N TYR C 473 -25.07 14.55 -43.84
CA TYR C 473 -24.00 13.70 -43.40
C TYR C 473 -24.38 13.02 -42.09
N ALA C 474 -23.62 11.99 -41.74
CA ALA C 474 -24.00 11.45 -40.45
C ALA C 474 -23.02 11.91 -39.37
N PRO C 475 -23.50 12.22 -38.17
CA PRO C 475 -22.61 12.69 -37.11
C PRO C 475 -21.75 11.60 -36.47
N PHE C 476 -21.68 10.41 -37.05
CA PHE C 476 -20.81 9.35 -36.56
C PHE C 476 -20.23 8.61 -37.75
N PRO C 477 -19.05 7.98 -37.58
CA PRO C 477 -18.37 7.35 -38.72
C PRO C 477 -18.95 6.00 -39.14
N VAL C 478 -20.14 5.65 -38.68
CA VAL C 478 -20.72 4.34 -38.96
C VAL C 478 -21.39 4.34 -40.33
N ASP C 479 -21.51 3.17 -40.93
CA ASP C 479 -22.13 2.97 -42.24
C ASP C 479 -23.20 1.88 -42.11
N ARG C 480 -24.09 2.04 -41.14
CA ARG C 480 -25.21 1.15 -40.84
C ARG C 480 -24.75 -0.25 -40.45
N TYR C 481 -23.46 -0.46 -40.31
CA TYR C 481 -22.92 -1.69 -39.73
C TYR C 481 -21.89 -1.31 -38.67
N GLY C 482 -21.75 -2.17 -37.66
CA GLY C 482 -20.94 -1.82 -36.51
C GLY C 482 -19.52 -1.42 -36.86
N SER C 483 -19.00 -1.93 -37.98
CA SER C 483 -17.67 -1.54 -38.41
C SER C 483 -17.64 -0.06 -38.77
N PRO C 484 -16.61 0.67 -38.36
CA PRO C 484 -16.52 2.08 -38.71
C PRO C 484 -15.98 2.29 -40.11
N VAL C 485 -15.91 3.55 -40.55
CA VAL C 485 -15.46 3.90 -41.89
C VAL C 485 -14.23 4.77 -41.78
N TYR C 486 -13.21 4.46 -42.57
CA TYR C 486 -12.00 5.27 -42.66
C TYR C 486 -11.72 5.60 -44.11
N SER C 487 -11.06 6.75 -44.33
CA SER C 487 -10.83 7.22 -45.68
C SER C 487 -9.75 6.42 -46.40
N ASN C 488 -8.66 6.08 -45.71
CA ASN C 488 -7.51 5.49 -46.37
C ASN C 488 -7.45 3.98 -46.21
N CYS C 489 -7.39 3.48 -44.98
CA CYS C 489 -7.23 2.05 -44.74
C CYS C 489 -7.42 1.77 -43.26
N THR C 490 -7.85 0.55 -42.95
CA THR C 490 -8.11 0.13 -41.58
C THR C 490 -6.92 -0.66 -41.02
N LYS C 491 -5.79 0.03 -40.91
CA LYS C 491 -4.59 -0.57 -40.33
C LYS C 491 -3.74 0.53 -39.73
N VAL C 492 -2.96 0.18 -38.70
CA VAL C 492 -2.13 1.13 -37.98
C VAL C 492 -0.72 0.55 -37.93
N GLU C 493 0.11 0.91 -38.91
CA GLU C 493 1.52 0.54 -38.91
C GLU C 493 2.35 1.79 -39.15
N LEU C 494 3.40 1.95 -38.36
CA LEU C 494 4.25 3.13 -38.41
C LEU C 494 5.70 2.70 -38.51
N ALA C 495 6.53 3.58 -39.07
CA ALA C 495 7.95 3.27 -39.21
C ALA C 495 8.67 3.35 -37.87
N SER C 496 8.39 4.37 -37.07
CA SER C 496 9.08 4.60 -35.81
C SER C 496 8.06 5.03 -34.78
N ASP C 497 8.55 5.54 -33.65
CA ASP C 497 7.68 5.98 -32.57
C ASP C 497 7.25 7.43 -32.82
N TYR C 498 6.63 8.04 -31.82
CA TYR C 498 6.19 9.43 -31.87
C TYR C 498 6.98 10.22 -30.84
N ASN C 499 7.69 11.26 -31.29
CA ASN C 499 8.46 12.09 -30.38
C ASN C 499 8.44 13.53 -30.86
N ALA C 500 8.07 14.44 -29.97
CA ALA C 500 8.07 15.86 -30.27
C ALA C 500 8.31 16.60 -28.96
N GLU C 501 9.46 17.25 -28.84
CA GLU C 501 9.95 17.85 -27.59
C GLU C 501 9.59 16.99 -26.38
N GLY C 502 10.01 15.74 -26.44
CA GLY C 502 9.66 14.77 -25.42
C GLY C 502 8.31 14.13 -25.70
N PHE C 503 7.75 13.56 -24.64
CA PHE C 503 6.44 12.91 -24.70
C PHE C 503 6.41 11.81 -25.76
N THR C 504 7.30 10.84 -25.59
CA THR C 504 7.32 9.71 -26.51
C THR C 504 6.09 8.85 -26.33
N ILE C 505 5.54 8.38 -27.45
CA ILE C 505 4.43 7.43 -27.45
C ILE C 505 4.95 6.11 -27.98
N ARG C 506 4.71 5.03 -27.25
CA ARG C 506 5.25 3.74 -27.62
C ARG C 506 4.53 3.22 -28.87
N LYS C 507 5.13 2.20 -29.49
CA LYS C 507 4.64 1.71 -30.77
C LYS C 507 3.21 1.21 -30.67
N ASP C 508 2.92 0.35 -29.68
CA ASP C 508 1.63 -0.30 -29.59
C ASP C 508 0.56 0.54 -28.92
N ASP C 509 0.93 1.71 -28.39
CA ASP C 509 -0.08 2.55 -27.74
C ASP C 509 -1.12 3.05 -28.73
N PHE C 510 -0.70 3.38 -29.96
CA PHE C 510 -1.66 3.79 -30.96
C PHE C 510 -2.58 2.65 -31.34
N ARG C 511 -2.02 1.44 -31.50
CA ARG C 511 -2.84 0.27 -31.81
C ARG C 511 -3.87 0.03 -30.70
N ALA C 512 -3.45 0.19 -29.45
CA ALA C 512 -4.40 0.08 -28.34
C ALA C 512 -5.47 1.16 -28.42
N LEU C 513 -5.07 2.38 -28.79
CA LEU C 513 -6.04 3.47 -28.88
C LEU C 513 -7.08 3.20 -29.96
N GLN C 514 -6.69 2.53 -31.04
CA GLN C 514 -7.66 2.23 -32.08
C GLN C 514 -8.69 1.21 -31.62
N ALA C 515 -8.30 0.29 -30.74
CA ALA C 515 -9.19 -0.80 -30.33
C ALA C 515 -10.27 -0.36 -29.36
N VAL C 516 -10.17 0.84 -28.79
CA VAL C 516 -11.14 1.30 -27.81
C VAL C 516 -12.13 2.30 -28.39
N LEU C 517 -11.77 3.02 -29.45
CA LEU C 517 -12.62 4.04 -30.03
C LEU C 517 -13.72 3.48 -30.93
N ARG C 518 -14.03 2.19 -30.79
CA ARG C 518 -15.01 1.54 -31.65
C ARG C 518 -16.42 1.70 -31.09
N ILE C 519 -17.39 1.86 -31.98
CA ILE C 519 -18.77 2.02 -31.58
C ILE C 519 -19.29 0.74 -30.94
N ASP C 520 -20.20 0.89 -29.98
CA ASP C 520 -20.65 -0.24 -29.16
C ASP C 520 -21.36 -1.32 -29.98
N GLU C 521 -21.80 -1.02 -31.20
CA GLU C 521 -22.39 -1.99 -32.12
C GLU C 521 -23.77 -2.45 -31.68
N ASP C 522 -24.20 -2.04 -30.49
CA ASP C 522 -25.47 -2.44 -29.94
C ASP C 522 -26.53 -1.36 -30.11
N ARG C 523 -26.18 -0.10 -29.91
CA ARG C 523 -27.13 1.01 -29.90
C ARG C 523 -27.53 1.45 -31.29
N ALA C 524 -27.28 0.63 -32.32
CA ALA C 524 -27.44 1.08 -33.70
C ALA C 524 -28.89 1.51 -33.98
N ALA C 525 -29.86 0.78 -33.44
CA ALA C 525 -31.26 1.14 -33.69
C ALA C 525 -31.58 2.53 -33.14
N ASP C 526 -31.20 2.78 -31.89
CA ASP C 526 -31.36 4.11 -31.33
C ASP C 526 -30.47 5.11 -32.04
N MET C 527 -29.28 4.68 -32.44
CA MET C 527 -28.36 5.56 -33.15
C MET C 527 -28.88 5.99 -34.51
N PHE C 528 -29.86 5.27 -35.07
CA PHE C 528 -30.40 5.62 -36.37
C PHE C 528 -31.82 6.18 -36.33
N THR C 529 -32.58 5.90 -35.28
CA THR C 529 -33.95 6.44 -35.23
C THR C 529 -33.94 7.97 -35.19
N THR C 530 -33.02 8.56 -34.42
CA THR C 530 -32.95 10.01 -34.36
C THR C 530 -32.58 10.60 -35.71
N LEU C 531 -31.63 9.98 -36.40
CA LEU C 531 -31.29 10.43 -37.75
C LEU C 531 -32.48 10.31 -38.68
N ARG C 532 -33.29 9.26 -38.51
CA ARG C 532 -34.50 9.13 -39.30
C ARG C 532 -35.42 10.32 -39.08
N ILE C 533 -35.71 10.63 -37.82
CA ILE C 533 -36.66 11.71 -37.55
C ILE C 533 -36.07 13.08 -37.85
N MET C 534 -34.76 13.20 -37.99
CA MET C 534 -34.14 14.48 -38.29
C MET C 534 -33.94 14.73 -39.77
N ILE C 535 -33.73 13.69 -40.58
CA ILE C 535 -33.52 13.91 -42.01
C ILE C 535 -34.79 14.42 -42.66
N SER C 536 -35.93 13.81 -42.34
CA SER C 536 -37.18 14.04 -43.07
C SER C 536 -38.05 15.09 -42.40
N SER C 537 -37.47 16.07 -41.73
CA SER C 537 -38.27 17.10 -41.10
C SER C 537 -37.67 18.50 -41.25
N ILE C 538 -36.55 18.65 -41.96
CA ILE C 538 -35.91 19.94 -42.18
C ILE C 538 -35.92 20.20 -43.67
N PRO C 539 -36.46 21.33 -44.13
CA PRO C 539 -36.52 21.59 -45.58
C PRO C 539 -35.14 21.61 -46.21
N ALA C 540 -35.07 21.11 -47.44
CA ALA C 540 -33.78 20.96 -48.10
C ALA C 540 -33.16 22.30 -48.47
N VAL C 541 -33.99 23.29 -48.80
CA VAL C 541 -33.48 24.56 -49.29
C VAL C 541 -32.71 25.35 -48.24
N TRP C 542 -32.87 25.01 -46.96
CA TRP C 542 -32.12 25.68 -45.91
C TRP C 542 -30.67 25.21 -45.82
N TYR C 543 -30.31 24.13 -46.53
CA TYR C 543 -28.98 23.55 -46.37
C TYR C 543 -27.87 24.43 -46.91
N ASP C 544 -28.20 25.49 -47.65
CA ASP C 544 -27.18 26.40 -48.17
C ASP C 544 -27.11 27.69 -47.38
N ALA C 545 -27.81 27.77 -46.25
CA ALA C 545 -27.80 28.99 -45.45
C ALA C 545 -26.42 29.22 -44.85
N GLU C 546 -26.06 30.49 -44.69
CA GLU C 546 -24.77 30.86 -44.11
C GLU C 546 -24.85 30.80 -42.60
N VAL C 547 -23.79 31.26 -41.95
CA VAL C 547 -23.69 31.31 -40.49
C VAL C 547 -23.74 32.77 -40.05
N VAL C 548 -24.65 33.08 -39.13
CA VAL C 548 -24.82 34.44 -38.66
C VAL C 548 -24.38 34.64 -37.22
N HIS C 549 -24.18 33.57 -36.46
CA HIS C 549 -23.74 33.66 -35.07
C HIS C 549 -22.58 32.70 -34.88
N TYR C 550 -21.37 33.24 -34.80
CA TYR C 550 -20.19 32.39 -34.69
C TYR C 550 -20.19 31.47 -33.48
N PRO C 551 -20.59 31.89 -32.27
CA PRO C 551 -20.46 31.00 -31.10
C PRO C 551 -21.21 29.68 -31.23
N HIS C 552 -22.17 29.56 -32.14
CA HIS C 552 -22.85 28.29 -32.31
C HIS C 552 -22.00 27.22 -32.97
N THR C 553 -20.81 27.58 -33.47
CA THR C 553 -19.95 26.61 -34.14
C THR C 553 -18.55 26.55 -33.55
N ALA C 554 -18.40 26.84 -32.26
CA ALA C 554 -17.10 26.86 -31.62
C ALA C 554 -17.13 25.96 -30.38
N VAL C 555 -16.23 24.98 -30.35
CA VAL C 555 -16.07 24.09 -29.21
C VAL C 555 -14.59 24.03 -28.84
N GLU C 556 -14.34 23.69 -27.58
CA GLU C 556 -12.96 23.51 -27.13
C GLU C 556 -12.49 22.10 -27.42
N LEU C 557 -11.17 21.94 -27.46
CA LEU C 557 -10.59 20.67 -27.87
C LEU C 557 -10.92 19.56 -26.87
N GLU C 558 -10.86 19.86 -25.57
CA GLU C 558 -11.12 18.83 -24.58
C GLU C 558 -12.54 18.30 -24.66
N GLN C 559 -13.52 19.18 -24.87
CA GLN C 559 -14.90 18.74 -24.99
C GLN C 559 -15.10 17.83 -26.18
N LEU C 560 -14.53 18.20 -27.33
CA LEU C 560 -14.65 17.37 -28.51
C LEU C 560 -13.96 16.03 -28.32
N ALA C 561 -12.80 16.03 -27.68
CA ALA C 561 -12.10 14.76 -27.43
C ALA C 561 -12.90 13.86 -26.51
N ALA C 562 -13.48 14.43 -25.45
CA ALA C 562 -14.31 13.62 -24.55
C ALA C 562 -15.52 13.08 -25.28
N TYR C 563 -16.14 13.88 -26.14
CA TYR C 563 -17.28 13.41 -26.92
C TYR C 563 -16.89 12.25 -27.82
N GLY C 564 -15.75 12.37 -28.51
CA GLY C 564 -15.33 11.30 -29.40
C GLY C 564 -14.84 10.06 -28.70
N LEU C 565 -14.29 10.18 -27.49
CA LEU C 565 -13.76 9.03 -26.80
C LEU C 565 -14.87 8.08 -26.36
N THR C 566 -15.96 8.63 -25.83
CA THR C 566 -17.07 7.79 -25.37
C THR C 566 -17.98 7.35 -26.51
N GLY C 567 -17.79 7.86 -27.71
CA GLY C 567 -18.63 7.46 -28.83
C GLY C 567 -20.08 7.84 -28.66
N ALA C 568 -20.35 9.06 -28.18
CA ALA C 568 -21.72 9.49 -27.95
C ALA C 568 -22.43 9.77 -29.27
N TYR C 569 -23.76 9.69 -29.23
CA TYR C 569 -24.60 10.00 -30.37
C TYR C 569 -25.82 10.76 -29.88
N PRO C 570 -26.38 11.64 -30.70
CA PRO C 570 -27.60 12.34 -30.30
C PRO C 570 -28.76 11.38 -30.17
N ARG C 571 -29.65 11.67 -29.23
CA ARG C 571 -30.83 10.85 -29.02
C ARG C 571 -32.02 11.75 -28.71
N THR C 572 -33.22 11.22 -28.92
CA THR C 572 -34.44 11.99 -28.74
C THR C 572 -35.57 11.06 -28.33
N ASN C 573 -36.63 11.66 -27.80
CA ASN C 573 -37.82 10.92 -27.41
C ASN C 573 -39.09 11.43 -28.08
N HIS C 574 -39.03 12.53 -28.82
CA HIS C 574 -40.21 13.04 -29.49
C HIS C 574 -40.44 12.28 -30.79
N SER C 575 -41.56 12.60 -31.44
CA SER C 575 -41.93 12.00 -32.71
C SER C 575 -41.62 12.95 -33.85
N VAL C 576 -41.97 12.54 -35.06
CA VAL C 576 -41.71 13.36 -36.23
C VAL C 576 -42.77 14.42 -36.44
N ASP C 577 -44.00 14.17 -35.99
CA ASP C 577 -45.10 15.10 -36.25
C ASP C 577 -44.87 16.43 -35.55
N THR C 578 -44.29 16.41 -34.35
CA THR C 578 -44.11 17.65 -33.61
C THR C 578 -43.18 18.60 -34.34
N ILE C 579 -42.08 18.10 -34.91
CA ILE C 579 -41.13 18.96 -35.58
C ILE C 579 -41.75 19.57 -36.83
N VAL C 580 -42.47 18.77 -37.61
CA VAL C 580 -43.09 19.31 -38.82
C VAL C 580 -44.19 20.30 -38.44
N LYS C 581 -44.87 20.10 -37.32
CA LYS C 581 -45.84 21.09 -36.86
C LYS C 581 -45.14 22.39 -36.50
N THR C 582 -43.98 22.31 -35.87
CA THR C 582 -43.23 23.53 -35.54
C THR C 582 -42.80 24.26 -36.81
N VAL C 583 -42.34 23.52 -37.81
CA VAL C 583 -41.94 24.15 -39.06
C VAL C 583 -43.13 24.81 -39.73
N ASN C 584 -44.29 24.14 -39.72
CA ASN C 584 -45.49 24.74 -40.27
C ASN C 584 -45.87 26.01 -39.51
N ASN C 585 -45.66 26.02 -38.20
CA ASN C 585 -45.93 27.22 -37.42
C ASN C 585 -45.02 28.36 -37.84
N ILE C 586 -43.74 28.06 -38.08
CA ILE C 586 -42.82 29.08 -38.57
C ILE C 586 -43.31 29.66 -39.90
N SER C 587 -43.69 28.77 -40.81
CA SER C 587 -44.15 29.24 -42.12
C SER C 587 -45.40 30.09 -42.00
N ALA C 588 -46.32 29.69 -41.11
CA ALA C 588 -47.54 30.46 -40.92
C ALA C 588 -47.25 31.84 -40.36
N THR C 589 -46.35 31.92 -39.38
CA THR C 589 -46.06 33.22 -38.78
C THR C 589 -45.31 34.12 -39.75
N TYR C 590 -44.57 33.56 -40.71
CA TYR C 590 -43.99 34.43 -41.73
C TYR C 590 -45.03 34.88 -42.74
N SER C 591 -45.94 33.98 -43.12
CA SER C 591 -46.94 34.33 -44.13
C SER C 591 -47.92 35.38 -43.62
N THR C 592 -48.23 35.32 -42.33
CA THR C 592 -49.15 36.33 -41.73
C THR C 592 -48.58 37.74 -41.94
N ILE C 593 -47.31 37.94 -41.59
CA ILE C 593 -46.69 39.25 -41.74
C ILE C 593 -46.53 39.59 -43.21
N ALA C 594 -46.22 38.60 -44.04
CA ALA C 594 -46.07 38.86 -45.47
C ALA C 594 -47.35 39.44 -46.05
N GLN C 595 -48.49 38.84 -45.76
CA GLN C 595 -49.72 39.36 -46.32
C GLN C 595 -50.14 40.66 -45.67
N MET C 596 -49.82 40.86 -44.38
CA MET C 596 -50.12 42.15 -43.76
C MET C 596 -49.36 43.27 -44.44
N LEU C 597 -48.07 43.05 -44.70
CA LEU C 597 -47.29 44.04 -45.44
C LEU C 597 -47.83 44.25 -46.84
N SER C 598 -48.20 43.16 -47.52
CA SER C 598 -48.69 43.29 -48.89
C SER C 598 -50.04 43.97 -48.96
N THR C 599 -50.81 43.98 -47.86
CA THR C 599 -52.12 44.61 -47.88
C THR C 599 -52.17 45.96 -47.21
N ILE C 600 -51.12 46.38 -46.51
CA ILE C 600 -51.12 47.66 -45.79
C ILE C 600 -50.01 48.58 -46.28
N ASP C 601 -48.78 48.06 -46.41
CA ASP C 601 -47.62 48.90 -46.60
C ASP C 601 -47.08 48.95 -48.02
N LEU C 602 -47.23 47.87 -48.79
CA LEU C 602 -46.57 47.76 -50.10
C LEU C 602 -46.94 48.93 -50.99
N ASP C 603 -45.96 49.74 -51.35
CA ASP C 603 -46.16 50.93 -52.16
C ASP C 603 -44.83 51.31 -52.82
N PRO C 604 -44.77 51.35 -54.15
CA PRO C 604 -43.48 51.59 -54.82
C PRO C 604 -42.87 52.97 -54.58
N THR C 605 -43.63 54.03 -54.85
CA THR C 605 -43.11 55.39 -54.76
C THR C 605 -43.20 55.88 -53.32
N ARG C 606 -42.93 57.17 -53.11
CA ARG C 606 -43.26 57.83 -51.85
C ARG C 606 -42.58 57.20 -50.63
N TYR C 607 -41.29 57.47 -50.46
CA TYR C 607 -40.49 56.95 -49.35
C TYR C 607 -40.25 55.45 -49.48
N GLY C 608 -39.53 55.06 -50.53
CA GLY C 608 -39.15 53.68 -50.69
C GLY C 608 -37.83 53.39 -49.98
N THR C 609 -36.78 53.13 -50.73
CA THR C 609 -35.51 52.73 -50.13
C THR C 609 -34.67 53.91 -49.65
N SER C 610 -35.12 55.13 -49.84
CA SER C 610 -34.35 56.33 -49.44
C SER C 610 -35.22 57.20 -48.54
N GLU C 611 -35.17 56.94 -47.24
CA GLU C 611 -35.92 57.73 -46.27
C GLU C 611 -35.10 57.84 -44.99
N SER C 612 -35.42 58.83 -44.19
CA SER C 612 -34.73 59.03 -42.93
C SER C 612 -35.01 57.87 -41.98
N ILE C 613 -34.02 57.58 -41.13
CA ILE C 613 -34.18 56.52 -40.15
C ILE C 613 -35.26 56.86 -39.13
N ASP C 614 -35.70 58.12 -39.09
CA ASP C 614 -36.80 58.50 -38.22
C ASP C 614 -38.06 57.73 -38.58
N LYS C 615 -38.34 57.56 -39.88
CA LYS C 615 -39.57 56.94 -40.33
C LYS C 615 -39.65 55.45 -40.02
N PHE C 616 -38.53 54.79 -39.74
CA PHE C 616 -38.55 53.34 -39.54
C PHE C 616 -39.33 52.95 -38.29
N LYS C 617 -39.40 53.83 -37.30
CA LYS C 617 -40.17 53.52 -36.10
C LYS C 617 -41.65 53.34 -36.43
N ILE C 618 -42.17 54.16 -37.34
CA ILE C 618 -43.57 54.02 -37.75
C ILE C 618 -43.80 52.67 -38.43
N ALA C 619 -42.90 52.28 -39.34
CA ALA C 619 -43.10 51.03 -40.06
C ALA C 619 -42.99 49.82 -39.14
N TRP C 620 -42.05 49.84 -38.19
CA TRP C 620 -41.82 48.66 -37.37
C TRP C 620 -42.98 48.36 -36.43
N GLU C 621 -43.87 49.33 -36.22
CA GLU C 621 -44.93 49.17 -35.22
C GLU C 621 -45.85 48.02 -35.58
N ASN C 622 -46.27 47.94 -36.85
CA ASN C 622 -47.21 46.90 -37.26
C ASN C 622 -46.59 45.52 -37.12
N VAL C 623 -45.33 45.36 -37.54
CA VAL C 623 -44.66 44.08 -37.42
C VAL C 623 -44.52 43.69 -35.97
N GLU C 624 -44.17 44.65 -35.11
CA GLU C 624 -44.05 44.34 -33.68
C GLU C 624 -45.39 43.91 -33.10
N SER C 625 -46.47 44.57 -33.51
CA SER C 625 -47.79 44.18 -33.01
C SER C 625 -48.16 42.78 -33.45
N VAL C 626 -47.88 42.45 -34.72
CA VAL C 626 -48.20 41.11 -35.20
C VAL C 626 -47.35 40.06 -34.50
N LEU C 627 -46.11 40.40 -34.17
CA LEU C 627 -45.24 39.43 -33.51
C LEU C 627 -45.60 39.21 -32.05
N ASN C 628 -46.74 39.66 -31.56
CA ASN C 628 -47.18 39.43 -30.19
C ASN C 628 -48.64 38.98 -30.17
N MET C 629 -48.96 37.99 -30.99
CA MET C 629 -50.34 37.54 -31.17
C MET C 629 -50.55 36.09 -30.74
N GLU C 630 -49.99 35.70 -29.60
CA GLU C 630 -50.32 34.43 -28.91
C GLU C 630 -50.32 33.25 -29.87
N GLY C 631 -49.11 32.91 -30.32
CA GLY C 631 -48.94 31.81 -31.25
C GLY C 631 -47.83 32.04 -32.25
N ASN C 632 -47.19 33.20 -32.15
CA ASN C 632 -46.00 33.53 -32.94
C ASN C 632 -44.77 33.62 -32.05
N ASP C 633 -44.81 32.98 -30.89
CA ASP C 633 -43.78 33.18 -29.89
C ASP C 633 -42.44 32.60 -30.29
N PHE C 634 -42.44 31.60 -31.19
CA PHE C 634 -41.17 30.99 -31.59
C PHE C 634 -40.29 32.01 -32.31
N VAL C 635 -40.84 32.73 -33.28
CA VAL C 635 -40.04 33.70 -34.01
C VAL C 635 -39.68 34.90 -33.14
N LYS C 636 -40.60 35.33 -32.26
CA LYS C 636 -40.37 36.54 -31.48
C LYS C 636 -39.14 36.39 -30.58
N THR C 637 -39.00 35.25 -29.91
CA THR C 637 -37.84 35.04 -29.04
C THR C 637 -36.55 35.01 -29.85
N ILE C 638 -36.57 34.34 -31.01
CA ILE C 638 -35.39 34.31 -31.86
C ILE C 638 -34.99 35.72 -32.27
N MET C 639 -35.98 36.56 -32.59
CA MET C 639 -35.69 37.94 -32.94
C MET C 639 -35.07 38.70 -31.78
N TYR C 640 -35.68 38.62 -30.61
CA TYR C 640 -35.21 39.45 -29.51
C TYR C 640 -33.96 38.89 -28.84
N ALA C 641 -33.51 37.71 -29.24
CA ALA C 641 -32.29 37.16 -28.67
C ALA C 641 -31.05 37.45 -29.52
N TYR C 642 -31.18 37.44 -30.84
CA TYR C 642 -30.05 37.62 -31.74
C TYR C 642 -30.19 38.90 -32.57
N GLU C 643 -30.57 39.98 -31.92
CA GLU C 643 -30.72 41.25 -32.62
C GLU C 643 -29.40 41.76 -33.17
N ASP C 644 -28.33 41.62 -32.39
CA ASP C 644 -27.06 42.27 -32.72
C ASP C 644 -26.40 41.68 -33.96
N ASN C 645 -26.71 40.43 -34.31
CA ASN C 645 -26.16 39.87 -35.54
C ASN C 645 -27.08 40.07 -36.74
N PHE C 646 -28.38 40.14 -36.52
CA PHE C 646 -29.35 40.33 -37.59
C PHE C 646 -30.27 41.48 -37.19
N PRO C 647 -29.89 42.72 -37.50
CA PRO C 647 -30.68 43.87 -37.05
C PRO C 647 -32.01 43.99 -37.76
N LYS C 648 -32.88 44.86 -37.24
CA LYS C 648 -34.26 44.92 -37.70
C LYS C 648 -34.36 45.35 -39.16
N LYS C 649 -33.42 46.17 -39.64
CA LYS C 649 -33.55 46.74 -40.98
C LYS C 649 -33.52 45.66 -42.05
N ASP C 650 -32.56 44.73 -41.96
CA ASP C 650 -32.46 43.69 -42.99
C ASP C 650 -33.64 42.72 -42.90
N PHE C 651 -34.11 42.43 -41.69
CA PHE C 651 -35.30 41.59 -41.56
C PHE C 651 -36.49 42.23 -42.25
N TYR C 652 -36.69 43.54 -42.03
CA TYR C 652 -37.79 44.24 -42.66
C TYR C 652 -37.65 44.25 -44.17
N MET C 653 -36.43 44.45 -44.67
CA MET C 653 -36.22 44.41 -46.12
C MET C 653 -36.51 43.03 -46.70
N MET C 654 -36.09 41.98 -45.99
CA MET C 654 -36.37 40.62 -46.46
C MET C 654 -37.86 40.36 -46.50
N LEU C 655 -38.59 40.81 -45.48
CA LEU C 655 -40.04 40.64 -45.47
C LEU C 655 -40.69 41.42 -46.61
N LYS C 656 -40.21 42.63 -46.89
CA LYS C 656 -40.73 43.38 -48.03
C LYS C 656 -40.52 42.61 -49.33
N GLN C 657 -39.33 42.03 -49.50
CA GLN C 657 -39.07 41.27 -50.71
C GLN C 657 -39.99 40.06 -50.80
N ILE C 658 -40.20 39.37 -49.68
CA ILE C 658 -41.07 38.19 -49.66
C ILE C 658 -42.49 38.59 -50.07
N ALA C 659 -42.99 39.69 -49.50
CA ALA C 659 -44.35 40.13 -49.83
C ALA C 659 -44.45 40.60 -51.27
N SER C 660 -43.41 41.26 -51.77
CA SER C 660 -43.49 41.80 -53.13
C SER C 660 -43.37 40.71 -54.18
N ASP C 661 -42.70 39.60 -53.87
CA ASP C 661 -42.55 38.53 -54.83
C ASP C 661 -43.91 38.05 -55.32
N GLY C 662 -44.70 37.47 -54.43
CA GLY C 662 -46.07 37.14 -54.74
C GLY C 662 -46.84 36.72 -53.51
N GLN C 663 -47.99 37.35 -53.28
CA GLN C 663 -48.79 37.08 -52.09
C GLN C 663 -50.15 37.74 -52.21
N GLY C 664 -51.21 36.98 -52.00
CA GLY C 664 -52.54 37.54 -51.99
C GLY C 664 -52.68 38.50 -50.82
N ALA C 665 -53.00 39.76 -51.11
CA ALA C 665 -53.09 40.75 -50.05
C ALA C 665 -54.16 40.40 -49.04
N HIS C 666 -55.42 40.46 -49.45
CA HIS C 666 -56.57 40.12 -48.62
C HIS C 666 -57.83 40.25 -49.46
N PRO C 667 -58.90 39.52 -49.12
CA PRO C 667 -60.18 39.79 -49.78
C PRO C 667 -60.75 41.16 -49.47
N ILE C 668 -60.31 41.79 -48.37
CA ILE C 668 -60.91 43.06 -47.95
C ILE C 668 -60.32 44.27 -48.65
N ALA C 669 -59.09 44.15 -49.18
CA ALA C 669 -58.44 45.31 -49.80
C ALA C 669 -59.23 45.78 -51.00
N ALA C 670 -59.67 44.87 -51.85
CA ALA C 670 -60.51 45.26 -52.99
C ALA C 670 -61.93 45.58 -52.53
N ALA C 671 -62.38 44.97 -51.44
CA ALA C 671 -63.73 45.22 -50.96
C ALA C 671 -63.92 46.66 -50.54
N ILE C 672 -62.96 47.22 -49.80
CA ILE C 672 -63.08 48.61 -49.37
C ILE C 672 -63.07 49.54 -50.58
N ASP C 673 -62.21 49.26 -51.56
CA ASP C 673 -62.15 50.10 -52.75
C ASP C 673 -63.46 50.05 -53.52
N GLN C 674 -64.08 48.87 -53.61
CA GLN C 674 -65.35 48.76 -54.30
C GLN C 674 -66.47 49.44 -53.53
N LEU C 675 -66.39 49.42 -52.20
CA LEU C 675 -67.41 50.06 -51.38
C LEU C 675 -67.28 51.58 -51.36
N ARG C 676 -66.08 52.10 -51.59
CA ARG C 676 -65.89 53.56 -51.58
C ARG C 676 -66.72 54.21 -52.68
N THR C 677 -66.84 53.56 -53.84
CA THR C 677 -67.67 54.10 -54.91
C THR C 677 -69.12 54.21 -54.47
N ILE C 678 -69.63 53.18 -53.81
CA ILE C 678 -71.00 53.20 -53.31
C ILE C 678 -71.17 54.33 -52.30
N VAL C 679 -70.18 54.53 -51.44
CA VAL C 679 -70.24 55.63 -50.48
C VAL C 679 -70.32 56.96 -51.20
N TYR C 680 -69.50 57.12 -52.24
CA TYR C 680 -69.55 58.36 -53.03
C TYR C 680 -70.92 58.58 -53.64
N ARG C 681 -71.53 57.53 -54.18
CA ARG C 681 -72.72 57.69 -55.00
C ARG C 681 -73.90 58.21 -54.20
N GLU C 682 -74.21 57.57 -53.07
CA GLU C 682 -75.40 57.90 -52.30
C GLU C 682 -75.03 58.43 -50.92
N PRO C 683 -75.05 59.74 -50.72
CA PRO C 683 -74.62 60.29 -49.43
C PRO C 683 -75.68 60.15 -48.34
N GLU C 684 -76.94 60.18 -48.74
CA GLU C 684 -78.03 60.21 -47.77
C GLU C 684 -78.07 58.96 -46.92
N ARG C 685 -77.85 57.79 -47.54
CA ARG C 685 -77.90 56.54 -46.80
C ARG C 685 -76.79 56.43 -45.75
N PHE C 686 -75.73 57.20 -45.89
CA PHE C 686 -74.62 57.16 -44.95
C PHE C 686 -74.61 58.34 -43.98
N GLY C 687 -75.70 59.10 -43.93
CA GLY C 687 -75.82 60.15 -42.94
C GLY C 687 -74.85 61.30 -43.06
N TYR C 688 -74.60 61.77 -44.27
CA TYR C 688 -73.76 62.96 -44.46
C TYR C 688 -74.19 63.66 -45.73
N ILE C 689 -73.87 64.95 -45.80
CA ILE C 689 -74.10 65.75 -47.00
C ILE C 689 -73.10 66.89 -46.99
N ASP C 690 -72.91 67.51 -48.16
CA ASP C 690 -71.98 68.60 -48.30
C ASP C 690 -72.70 69.80 -48.91
N SER C 691 -72.06 70.96 -48.80
CA SER C 691 -72.52 72.20 -49.42
C SER C 691 -73.95 72.56 -48.99
N VAL C 692 -74.10 72.83 -47.70
CA VAL C 692 -75.33 73.42 -47.21
C VAL C 692 -75.36 74.89 -47.61
N ILE C 693 -76.55 75.46 -47.76
CA ILE C 693 -76.71 76.82 -48.25
C ILE C 693 -77.49 77.63 -47.24
N LEU C 694 -76.95 78.79 -46.86
CA LEU C 694 -77.60 79.72 -45.95
C LEU C 694 -78.16 80.89 -46.74
N THR C 695 -79.41 81.24 -46.48
CA THR C 695 -80.04 82.36 -47.16
C THR C 695 -81.25 82.81 -46.37
N HIS C 696 -81.76 83.98 -46.74
CA HIS C 696 -83.05 84.45 -46.28
C HIS C 696 -83.94 84.71 -47.48
N ASN C 697 -85.24 84.47 -47.29
CA ASN C 697 -86.23 84.53 -48.37
C ASN C 697 -85.76 83.49 -49.39
N PRO C 698 -85.95 82.21 -49.11
CA PRO C 698 -85.59 81.17 -50.07
C PRO C 698 -86.76 80.93 -51.03
N ASP C 699 -86.54 80.00 -51.95
CA ASP C 699 -87.58 79.58 -52.89
C ASP C 699 -87.52 78.08 -53.10
N VAL C 700 -88.67 77.48 -53.34
CA VAL C 700 -88.77 76.05 -53.56
C VAL C 700 -88.47 75.75 -55.02
N ASP C 701 -88.08 74.51 -55.30
CA ASP C 701 -87.76 74.11 -56.66
C ASP C 701 -88.98 73.62 -57.44
N THR C 702 -90.12 73.43 -56.76
CA THR C 702 -91.38 73.00 -57.38
C THR C 702 -91.25 71.68 -58.11
N ALA C 703 -90.15 70.95 -57.90
CA ALA C 703 -89.97 69.63 -58.49
C ALA C 703 -90.13 68.51 -57.49
N TYR C 704 -90.12 68.82 -56.19
CA TYR C 704 -90.37 67.84 -55.16
C TYR C 704 -91.67 68.09 -54.40
N ASN C 705 -92.41 69.14 -54.76
CA ASN C 705 -93.71 69.37 -54.15
C ASN C 705 -94.68 68.25 -54.47
N ARG C 706 -94.44 67.48 -55.52
CA ARG C 706 -95.29 66.35 -55.84
C ARG C 706 -95.19 65.24 -54.81
N PHE C 707 -94.09 65.18 -54.05
CA PHE C 707 -93.89 64.12 -53.07
C PHE C 707 -94.04 64.60 -51.63
N PHE C 708 -93.55 65.79 -51.31
CA PHE C 708 -93.62 66.33 -49.97
C PHE C 708 -94.46 67.60 -49.97
N HIS C 709 -95.20 67.81 -48.88
CA HIS C 709 -95.97 69.04 -48.76
C HIS C 709 -95.08 70.26 -48.63
N LEU C 710 -93.95 70.11 -47.93
CA LEU C 710 -92.99 71.18 -47.74
C LEU C 710 -91.65 70.58 -47.33
N HIS C 711 -90.59 71.08 -47.93
CA HIS C 711 -89.28 70.44 -47.88
C HIS C 711 -88.19 71.48 -47.70
N PRO C 712 -87.04 71.08 -47.19
CA PRO C 712 -85.93 72.03 -47.02
C PRO C 712 -85.13 72.24 -48.28
N ILE C 713 -85.68 71.92 -49.44
CA ILE C 713 -84.93 71.91 -50.68
C ILE C 713 -85.18 73.20 -51.44
N VAL C 714 -84.11 73.85 -51.88
CA VAL C 714 -84.17 75.11 -52.63
C VAL C 714 -83.27 75.00 -53.86
N THR C 715 -83.36 76.03 -54.70
CA THR C 715 -82.63 76.06 -55.96
C THR C 715 -81.89 77.37 -56.21
N ASN C 716 -81.60 78.14 -55.16
CA ASN C 716 -80.91 79.41 -55.35
C ASN C 716 -79.48 79.18 -55.83
N GLN C 717 -79.02 80.06 -56.73
CA GLN C 717 -77.64 80.02 -57.16
C GLN C 717 -76.75 80.65 -56.10
N PRO C 718 -75.73 79.95 -55.61
CA PRO C 718 -74.93 80.48 -54.50
C PRO C 718 -74.10 81.68 -54.92
N SER C 719 -73.55 82.35 -53.92
CA SER C 719 -72.66 83.48 -54.15
C SER C 719 -71.74 83.63 -52.94
N ASN C 720 -70.51 84.05 -53.20
CA ASN C 720 -69.48 84.26 -52.18
C ASN C 720 -69.49 83.14 -51.14
N THR C 721 -69.19 81.94 -51.62
CA THR C 721 -69.16 80.76 -50.75
C THR C 721 -68.03 80.88 -49.72
N ILE C 722 -68.23 80.21 -48.60
CA ILE C 722 -67.23 80.14 -47.53
C ILE C 722 -66.46 78.83 -47.67
N LYS C 723 -65.15 78.88 -47.40
CA LYS C 723 -64.30 77.72 -47.63
C LYS C 723 -64.76 76.52 -46.80
N ASN C 724 -64.97 76.72 -45.50
CA ASN C 724 -65.38 75.63 -44.63
C ASN C 724 -65.81 76.23 -43.30
N ALA C 725 -66.44 75.40 -42.47
CA ALA C 725 -66.98 75.88 -41.20
C ALA C 725 -65.85 76.33 -40.27
N GLN C 726 -66.25 76.81 -39.10
CA GLN C 726 -65.37 77.39 -38.09
C GLN C 726 -64.73 78.68 -38.59
N LEU C 727 -64.96 79.06 -39.84
CA LEU C 727 -64.60 80.37 -40.34
C LEU C 727 -65.82 81.29 -40.35
N TRP C 728 -66.97 80.75 -40.77
CA TRP C 728 -68.22 81.46 -40.56
C TRP C 728 -68.57 81.53 -39.09
N ASN C 729 -68.13 80.56 -38.29
CA ASN C 729 -68.50 80.52 -36.89
C ASN C 729 -67.90 81.68 -36.11
N GLU C 730 -66.68 82.08 -36.43
CA GLU C 730 -65.95 83.04 -35.62
C GLU C 730 -65.70 84.36 -36.36
N MET C 731 -66.31 84.55 -37.52
CA MET C 731 -65.95 85.68 -38.36
C MET C 731 -66.22 86.99 -37.63
N ARG C 732 -67.50 87.33 -37.42
CA ARG C 732 -67.93 88.46 -36.60
C ARG C 732 -69.45 88.55 -36.76
N LEU C 733 -70.10 89.19 -35.79
CA LEU C 733 -71.51 89.54 -35.98
C LEU C 733 -71.60 90.85 -36.77
N GLU C 734 -72.73 91.02 -37.45
CA GLU C 734 -73.05 92.19 -38.30
C GLU C 734 -72.01 92.36 -39.40
N GLN C 735 -71.05 91.44 -39.45
CA GLN C 735 -70.16 91.29 -40.59
C GLN C 735 -70.61 90.20 -41.53
N GLN C 736 -71.16 89.12 -40.98
CA GLN C 736 -71.79 88.09 -41.79
C GLN C 736 -73.17 88.50 -42.28
N VAL C 737 -73.78 89.51 -41.64
CA VAL C 737 -75.07 90.01 -42.12
C VAL C 737 -74.92 90.60 -43.51
N GLU C 738 -73.80 91.26 -43.77
CA GLU C 738 -73.56 91.77 -45.12
C GLU C 738 -73.43 90.65 -46.13
N HIS C 739 -72.87 89.51 -45.72
CA HIS C 739 -72.77 88.38 -46.63
C HIS C 739 -74.15 87.88 -47.04
N ILE C 740 -75.05 87.73 -46.08
CA ILE C 740 -76.39 87.24 -46.42
C ILE C 740 -77.23 88.31 -47.09
N LYS C 741 -76.90 89.58 -46.91
CA LYS C 741 -77.65 90.64 -47.57
C LYS C 741 -77.48 90.56 -49.09
N ALA C 742 -76.27 90.31 -49.56
CA ALA C 742 -76.01 90.26 -50.99
C ALA C 742 -76.64 89.06 -51.67
N GLY C 743 -77.04 88.04 -50.91
CA GLY C 743 -77.63 86.86 -51.50
C GLY C 743 -77.28 85.61 -50.73
N PRO C 744 -77.54 84.45 -51.34
CA PRO C 744 -77.25 83.17 -50.66
C PRO C 744 -75.76 83.01 -50.42
N VAL C 745 -75.44 82.30 -49.33
CA VAL C 745 -74.07 81.97 -48.98
C VAL C 745 -73.99 80.48 -48.71
N ARG C 746 -72.94 79.84 -49.23
CA ARG C 746 -72.80 78.39 -49.18
C ARG C 746 -71.60 78.01 -48.32
N ILE C 747 -71.78 76.98 -47.49
CA ILE C 747 -70.72 76.44 -46.66
C ILE C 747 -70.35 75.07 -47.22
N ILE C 748 -69.06 74.86 -47.46
CA ILE C 748 -68.62 73.73 -48.27
C ILE C 748 -68.43 72.47 -47.43
N GLY C 749 -67.89 72.59 -46.22
CA GLY C 749 -67.50 71.46 -45.43
C GLY C 749 -68.60 70.44 -45.20
N PRO C 750 -68.27 69.16 -45.33
CA PRO C 750 -69.27 68.11 -45.11
C PRO C 750 -69.76 68.08 -43.67
N PHE C 751 -71.02 67.66 -43.51
CA PHE C 751 -71.68 67.65 -42.21
C PHE C 751 -72.27 66.29 -41.93
N HIS C 752 -72.65 66.08 -40.67
CA HIS C 752 -73.31 64.86 -40.22
C HIS C 752 -74.80 65.17 -40.09
N VAL C 753 -75.54 64.94 -41.15
CA VAL C 753 -76.93 65.34 -41.25
C VAL C 753 -77.83 64.12 -41.08
N THR C 754 -78.90 64.28 -40.30
CA THR C 754 -79.92 63.25 -40.14
C THR C 754 -81.26 63.81 -40.60
N TYR C 755 -81.99 63.00 -41.36
CA TYR C 755 -83.29 63.41 -41.90
C TYR C 755 -84.41 62.82 -41.05
N ASN C 756 -85.47 63.59 -40.86
CA ASN C 756 -86.66 63.14 -40.16
C ASN C 756 -87.87 63.33 -41.06
N TYR C 757 -88.57 62.23 -41.35
CA TYR C 757 -89.77 62.26 -42.16
C TYR C 757 -90.97 62.13 -41.24
N LEU C 758 -91.89 63.09 -41.33
CA LEU C 758 -93.07 63.12 -40.49
C LEU C 758 -94.31 63.19 -41.36
N SER C 759 -95.43 62.72 -40.82
CA SER C 759 -96.70 62.88 -41.49
C SER C 759 -97.35 64.19 -41.06
N GLU C 760 -98.55 64.43 -41.57
CA GLU C 760 -99.24 65.71 -41.34
C GLU C 760 -100.19 65.56 -40.14
N GLU C 761 -99.63 65.07 -39.04
CA GLU C 761 -100.36 64.97 -37.78
C GLU C 761 -99.69 65.68 -36.62
N GLU C 762 -98.39 65.90 -36.65
CA GLU C 762 -97.66 66.48 -35.53
C GLU C 762 -96.45 67.22 -36.09
N ASP C 763 -95.57 67.70 -35.20
CA ASP C 763 -94.33 68.31 -35.63
C ASP C 763 -93.23 67.94 -34.66
N MET C 764 -91.99 67.97 -35.16
CA MET C 764 -90.80 67.73 -34.34
C MET C 764 -89.92 68.97 -34.49
N PRO C 765 -90.10 69.97 -33.65
CA PRO C 765 -89.36 71.24 -33.80
C PRO C 765 -88.00 71.24 -33.10
N ALA C 766 -87.08 70.42 -33.59
CA ALA C 766 -85.72 70.46 -33.08
C ALA C 766 -85.06 71.78 -33.45
N THR C 767 -84.86 72.02 -34.75
CA THR C 767 -84.56 73.34 -35.29
C THR C 767 -83.40 74.01 -34.57
N SER C 768 -82.34 73.25 -34.29
CA SER C 768 -81.15 73.78 -33.63
C SER C 768 -80.11 74.29 -34.62
N HIS C 769 -80.56 74.80 -35.77
CA HIS C 769 -79.65 75.18 -36.83
C HIS C 769 -78.74 76.32 -36.41
N ILE C 770 -79.34 77.46 -36.05
CA ILE C 770 -78.61 78.68 -35.73
C ILE C 770 -78.91 79.07 -34.30
N ILE C 771 -77.87 79.30 -33.51
CA ILE C 771 -77.99 79.79 -32.14
C ILE C 771 -77.40 81.19 -32.11
N MET C 772 -78.18 82.16 -31.65
CA MET C 772 -77.69 83.53 -31.48
C MET C 772 -77.24 83.72 -30.04
N LYS C 773 -75.92 83.82 -29.85
CA LYS C 773 -75.33 84.40 -28.65
C LYS C 773 -74.19 85.28 -29.16
N ASP C 774 -74.50 86.57 -29.36
CA ASP C 774 -73.64 87.57 -29.97
C ASP C 774 -72.91 87.06 -31.22
N ASN C 775 -73.56 86.19 -31.99
CA ASN C 775 -73.01 85.68 -33.23
C ASN C 775 -74.08 84.84 -33.92
N MET C 776 -73.72 84.26 -35.06
CA MET C 776 -74.56 83.33 -35.80
C MET C 776 -73.74 82.05 -35.99
N ILE C 777 -73.83 81.14 -35.02
CA ILE C 777 -73.01 79.93 -35.01
C ILE C 777 -73.80 78.78 -35.61
N LEU C 778 -73.17 78.04 -36.52
CA LEU C 778 -73.77 76.83 -37.05
C LEU C 778 -73.69 75.72 -36.01
N ASN C 779 -74.61 74.76 -36.13
CA ASN C 779 -74.62 73.60 -35.24
C ASN C 779 -73.69 72.53 -35.79
N ASP C 780 -73.77 71.32 -35.23
CA ASP C 780 -72.92 70.22 -35.65
C ASP C 780 -73.70 69.09 -36.30
N HIS C 781 -75.02 69.07 -36.17
CA HIS C 781 -75.82 67.98 -36.70
C HIS C 781 -76.78 68.40 -37.80
N LEU C 782 -77.47 69.52 -37.66
CA LEU C 782 -78.32 70.06 -38.71
C LEU C 782 -79.41 69.07 -39.12
N THR C 783 -80.28 68.74 -38.18
CA THR C 783 -81.42 67.89 -38.49
C THR C 783 -82.45 68.66 -39.30
N PHE C 784 -82.99 68.02 -40.32
CA PHE C 784 -83.98 68.62 -41.20
C PHE C 784 -85.32 67.90 -41.07
N ASN C 785 -86.38 68.56 -41.51
CA ASN C 785 -87.73 68.04 -41.37
C ASN C 785 -88.43 68.00 -42.72
N PHE C 786 -88.98 66.84 -43.05
CA PHE C 786 -89.84 66.66 -44.22
C PHE C 786 -91.24 66.32 -43.74
N VAL C 787 -92.22 66.56 -44.61
CA VAL C 787 -93.59 66.10 -44.38
C VAL C 787 -94.05 65.34 -45.61
N LYS C 788 -94.63 64.17 -45.39
CA LYS C 788 -95.02 63.30 -46.49
C LYS C 788 -96.42 63.67 -46.98
N ARG C 789 -96.59 63.66 -48.29
CA ARG C 789 -97.90 63.82 -48.92
C ARG C 789 -98.44 62.43 -49.23
N GLU C 790 -99.58 62.10 -48.63
CA GLU C 790 -100.13 60.76 -48.77
C GLU C 790 -101.54 60.84 -49.38
N ARG C 791 -102.04 59.66 -49.78
CA ARG C 791 -103.38 59.58 -50.35
C ARG C 791 -104.44 60.04 -49.37
N ARG C 792 -104.17 59.99 -48.07
CA ARG C 792 -105.15 60.45 -47.08
C ARG C 792 -105.39 61.95 -47.21
N ASN C 793 -104.32 62.73 -47.42
CA ASN C 793 -104.43 64.18 -47.58
C ASN C 793 -103.43 64.63 -48.65
N ASN C 794 -103.89 64.68 -49.89
CA ASN C 794 -103.07 65.17 -50.99
C ASN C 794 -103.69 66.34 -51.74
N LYS C 795 -104.99 66.60 -51.58
CA LYS C 795 -105.64 67.74 -52.17
C LYS C 795 -105.75 68.90 -51.20
N LYS C 796 -105.11 68.80 -50.04
CA LYS C 796 -105.13 69.83 -49.01
C LYS C 796 -103.85 70.65 -49.09
N ARG C 797 -103.99 71.97 -49.02
CA ARG C 797 -102.85 72.88 -49.05
C ARG C 797 -102.46 73.23 -47.62
N VAL C 798 -101.24 72.83 -47.23
CA VAL C 798 -100.73 73.20 -45.92
C VAL C 798 -100.35 74.68 -45.93
N SER C 799 -100.66 75.36 -44.82
CA SER C 799 -100.45 76.80 -44.74
C SER C 799 -98.99 77.21 -44.69
N SER C 800 -98.07 76.25 -44.52
CA SER C 800 -96.64 76.54 -44.41
C SER C 800 -96.36 77.49 -43.24
N PHE C 801 -97.05 77.27 -42.12
CA PHE C 801 -96.88 78.10 -40.95
C PHE C 801 -95.84 77.53 -39.99
N ARG C 802 -96.02 76.29 -39.57
CA ARG C 802 -95.14 75.69 -38.57
C ARG C 802 -93.70 75.59 -39.05
N TYR C 803 -93.47 75.54 -40.36
CA TYR C 803 -92.10 75.44 -40.85
C TYR C 803 -91.31 76.71 -40.56
N LYS C 804 -91.92 77.87 -40.78
CA LYS C 804 -91.24 79.15 -40.56
C LYS C 804 -91.47 79.71 -39.17
N ALA C 805 -92.62 79.42 -38.55
CA ALA C 805 -92.88 79.90 -37.19
C ALA C 805 -91.92 79.30 -36.18
N VAL C 806 -91.24 78.20 -36.51
CA VAL C 806 -90.26 77.62 -35.61
C VAL C 806 -88.81 77.89 -36.04
N GLU C 807 -88.60 78.30 -37.29
CA GLU C 807 -87.26 78.67 -37.73
C GLU C 807 -87.05 80.16 -37.47
N MET C 808 -86.01 80.72 -38.05
CA MET C 808 -85.60 82.10 -37.79
C MET C 808 -85.54 82.86 -39.13
N TYR C 809 -85.23 84.16 -39.07
CA TYR C 809 -85.10 84.96 -40.28
C TYR C 809 -84.13 84.34 -41.26
N VAL C 810 -82.96 83.93 -40.78
CA VAL C 810 -82.01 83.22 -41.64
C VAL C 810 -82.38 81.75 -41.67
N ALA C 811 -82.51 81.20 -42.88
CA ALA C 811 -82.93 79.83 -43.05
C ALA C 811 -81.77 79.00 -43.58
N VAL C 812 -81.77 77.71 -43.22
CA VAL C 812 -80.77 76.76 -43.68
C VAL C 812 -81.48 75.75 -44.56
N ARG C 813 -80.91 75.49 -45.75
CA ARG C 813 -81.56 74.66 -46.74
C ARG C 813 -80.54 73.73 -47.38
N ILE C 814 -81.04 72.84 -48.24
CA ILE C 814 -80.26 71.78 -48.84
C ILE C 814 -80.41 71.87 -50.36
N SER C 815 -79.32 71.69 -51.09
CA SER C 815 -79.33 71.92 -52.52
C SER C 815 -79.80 70.69 -53.30
N ARG C 816 -79.26 69.52 -52.99
CA ARG C 816 -79.53 68.32 -53.77
C ARG C 816 -80.02 67.19 -52.87
N PHE C 817 -80.84 66.32 -53.45
CA PHE C 817 -81.44 65.20 -52.74
C PHE C 817 -81.79 64.12 -53.74
N GLN C 818 -81.69 62.87 -53.30
CA GLN C 818 -81.85 61.72 -54.17
C GLN C 818 -82.93 60.79 -53.63
N LEU C 819 -83.87 60.43 -54.49
CA LEU C 819 -84.86 59.41 -54.15
C LEU C 819 -85.22 58.65 -55.41
N GLU C 820 -85.77 57.46 -55.22
CA GLU C 820 -86.12 56.57 -56.32
C GLU C 820 -87.63 56.43 -56.41
N VAL C 821 -88.18 56.71 -57.59
CA VAL C 821 -89.61 56.57 -57.83
C VAL C 821 -89.83 55.38 -58.76
N LEU C 822 -90.99 54.75 -58.61
CA LEU C 822 -91.34 53.59 -59.43
C LEU C 822 -92.74 53.78 -59.99
N ARG C 823 -92.95 53.26 -61.20
CA ARG C 823 -94.23 53.41 -61.87
C ARG C 823 -95.09 52.15 -61.80
N ASP C 824 -94.46 50.98 -61.74
CA ASP C 824 -95.18 49.72 -61.68
C ASP C 824 -94.69 48.92 -60.48
N LEU C 825 -95.63 48.20 -59.85
CA LEU C 825 -95.28 47.38 -58.70
C LEU C 825 -94.32 46.27 -59.06
N HIS C 826 -94.26 45.87 -60.32
CA HIS C 826 -93.33 44.83 -60.74
C HIS C 826 -91.88 45.24 -60.54
N ASP C 827 -91.59 46.54 -60.54
CA ASP C 827 -90.21 47.02 -60.42
C ASP C 827 -89.71 46.99 -58.98
N LEU C 828 -90.53 46.54 -58.05
CA LEU C 828 -90.15 46.48 -56.64
C LEU C 828 -89.44 45.18 -56.27
N VAL C 829 -89.13 44.33 -57.24
CA VAL C 829 -88.48 43.05 -56.98
C VAL C 829 -87.05 43.08 -57.53
N ARG C 830 -86.12 42.56 -56.74
CA ARG C 830 -84.72 42.44 -57.15
C ARG C 830 -84.24 41.01 -56.94
N SER C 831 -82.95 40.76 -57.06
CA SER C 831 -82.44 39.40 -57.02
C SER C 831 -81.23 39.30 -56.09
N ARG C 832 -81.05 38.10 -55.54
CA ARG C 832 -79.88 37.75 -54.74
C ARG C 832 -79.49 36.31 -55.08
N THR C 833 -78.26 35.95 -54.75
CA THR C 833 -77.74 34.62 -55.04
C THR C 833 -77.48 33.87 -53.75
N TYR C 834 -77.58 32.54 -53.83
CA TYR C 834 -77.43 31.67 -52.68
C TYR C 834 -76.55 30.49 -53.08
N LEU C 835 -76.47 29.47 -52.22
CA LEU C 835 -75.56 28.37 -52.44
C LEU C 835 -76.24 27.07 -52.85
N ASP C 836 -77.54 26.93 -52.60
CA ASP C 836 -78.27 25.70 -53.03
C ASP C 836 -77.65 24.51 -52.32
N VAL C 837 -77.80 24.43 -50.99
CA VAL C 837 -77.22 23.35 -50.20
C VAL C 837 -77.74 21.98 -50.62
N SER C 838 -78.86 21.93 -51.35
CA SER C 838 -79.41 20.66 -51.77
C SER C 838 -78.44 19.88 -52.67
N LYS C 839 -77.77 20.56 -53.59
CA LYS C 839 -76.87 19.91 -54.53
C LYS C 839 -75.40 20.10 -54.21
N SER C 840 -75.03 21.18 -53.52
CA SER C 840 -73.65 21.45 -53.15
C SER C 840 -73.60 21.79 -51.67
N PRO C 841 -73.77 20.80 -50.80
CA PRO C 841 -73.88 21.09 -49.37
C PRO C 841 -72.55 21.55 -48.78
N LEU C 842 -72.67 22.22 -47.65
CA LEU C 842 -71.48 22.64 -46.91
C LEU C 842 -70.75 21.42 -46.36
N ALA C 843 -69.42 21.50 -46.34
CA ALA C 843 -68.62 20.38 -45.90
C ALA C 843 -68.38 20.42 -44.40
N THR C 844 -68.20 19.23 -43.83
CA THR C 844 -67.80 19.08 -42.43
C THR C 844 -66.79 17.94 -42.37
N THR C 845 -66.03 17.89 -41.27
CA THR C 845 -65.08 16.82 -41.04
C THR C 845 -64.08 16.74 -42.18
N PRO C 846 -63.12 17.66 -42.24
CA PRO C 846 -62.25 17.75 -43.41
C PRO C 846 -61.46 16.48 -43.69
N ILE C 847 -60.77 16.48 -44.83
CA ILE C 847 -60.05 15.30 -45.29
C ILE C 847 -59.01 14.88 -44.26
N ARG C 848 -58.94 13.58 -43.98
CA ARG C 848 -58.03 13.05 -42.98
C ARG C 848 -57.45 11.73 -43.47
N VAL C 849 -56.30 11.37 -42.91
CA VAL C 849 -55.71 10.08 -43.20
C VAL C 849 -56.36 9.00 -42.34
N VAL C 850 -56.27 7.76 -42.80
CA VAL C 850 -56.91 6.64 -42.13
C VAL C 850 -55.96 6.07 -41.08
N GLU C 851 -56.47 5.87 -39.87
CA GLU C 851 -55.72 5.30 -38.77
C GLU C 851 -56.74 5.18 -37.65
N TYR C 852 -56.62 4.16 -36.80
CA TYR C 852 -57.68 3.79 -35.86
C TYR C 852 -58.96 3.40 -36.60
N VAL C 853 -58.86 2.34 -37.39
CA VAL C 853 -60.06 1.78 -38.03
C VAL C 853 -60.73 0.82 -37.05
N ARG C 854 -62.02 1.04 -36.82
CA ARG C 854 -62.77 0.20 -35.90
C ARG C 854 -64.26 0.24 -36.22
N MET D 1 -56.79 -59.99 -44.46
CA MET D 1 -57.25 -59.87 -45.83
C MET D 1 -58.63 -60.49 -46.01
N ALA D 2 -59.60 -59.95 -45.29
CA ALA D 2 -60.97 -60.44 -45.34
C ALA D 2 -61.91 -59.27 -45.12
N SER D 3 -63.18 -59.54 -44.82
CA SER D 3 -64.15 -58.49 -44.57
C SER D 3 -63.84 -57.70 -43.31
N THR D 4 -62.98 -58.20 -42.43
CA THR D 4 -62.64 -57.47 -41.22
C THR D 4 -61.77 -56.26 -41.53
N THR D 5 -61.21 -56.19 -42.74
CA THR D 5 -60.33 -55.09 -43.12
C THR D 5 -61.07 -53.94 -43.79
N ARG D 6 -62.37 -53.77 -43.52
CA ARG D 6 -63.14 -52.69 -44.12
C ARG D 6 -64.01 -51.96 -43.10
N LEU D 7 -63.81 -52.21 -41.81
CA LEU D 7 -64.68 -51.62 -40.80
C LEU D 7 -64.52 -50.11 -40.72
N VAL D 8 -63.29 -49.60 -40.82
CA VAL D 8 -63.11 -48.15 -40.72
C VAL D 8 -63.77 -47.43 -41.89
N ASN D 9 -63.64 -47.99 -43.09
CA ASN D 9 -64.29 -47.37 -44.24
C ASN D 9 -65.80 -47.47 -44.14
N ASP D 10 -66.30 -48.59 -43.63
CA ASP D 10 -67.74 -48.70 -43.43
C ASP D 10 -68.23 -47.68 -42.42
N ARG D 11 -67.44 -47.44 -41.36
CA ARG D 11 -67.82 -46.44 -40.38
C ARG D 11 -67.79 -45.04 -40.97
N LYS D 12 -66.82 -44.76 -41.84
CA LYS D 12 -66.78 -43.45 -42.49
C LYS D 12 -68.03 -43.25 -43.35
N GLN D 13 -68.38 -44.26 -44.14
CA GLN D 13 -69.61 -44.18 -44.93
C GLN D 13 -70.82 -43.97 -44.03
N LEU D 14 -70.87 -44.66 -42.90
CA LEU D 14 -72.00 -44.52 -41.99
C LEU D 14 -72.06 -43.10 -41.42
N GLU D 15 -70.94 -42.54 -41.00
CA GLU D 15 -70.91 -41.15 -40.52
C GLU D 15 -71.52 -40.22 -41.57
N GLN D 16 -71.00 -40.31 -42.80
CA GLN D 16 -71.48 -39.42 -43.85
C GLN D 16 -72.98 -39.60 -44.08
N GLN D 17 -73.42 -40.85 -44.13
CA GLN D 17 -74.84 -41.12 -44.42
C GLN D 17 -75.74 -40.59 -43.31
N VAL D 18 -75.39 -40.83 -42.04
CA VAL D 18 -76.28 -40.41 -40.96
C VAL D 18 -76.34 -38.89 -40.90
N LYS D 19 -75.19 -38.23 -41.07
CA LYS D 19 -75.22 -36.77 -41.12
C LYS D 19 -76.12 -36.28 -42.23
N ASP D 20 -76.02 -36.90 -43.41
CA ASP D 20 -76.82 -36.46 -44.55
C ASP D 20 -78.32 -36.60 -44.27
N ASP D 21 -78.77 -37.79 -43.84
CA ASP D 21 -80.21 -37.93 -43.73
C ASP D 21 -80.75 -37.30 -42.46
N ALA D 22 -79.91 -37.01 -41.47
CA ALA D 22 -80.34 -36.20 -40.34
C ALA D 22 -80.49 -34.73 -40.72
N ARG D 23 -79.64 -34.23 -41.60
CA ARG D 23 -79.84 -32.89 -42.12
C ARG D 23 -81.08 -32.81 -43.01
N ILE D 24 -81.35 -33.87 -43.77
CA ILE D 24 -82.46 -33.84 -44.74
C ILE D 24 -83.79 -33.63 -44.03
N LEU D 25 -84.02 -34.35 -42.93
CA LEU D 25 -85.31 -34.29 -42.24
C LEU D 25 -85.44 -33.10 -41.29
N ALA D 26 -84.39 -32.32 -41.11
CA ALA D 26 -84.45 -31.20 -40.19
C ALA D 26 -85.39 -30.12 -40.72
N ASP D 27 -86.15 -29.50 -39.81
CA ASP D 27 -87.04 -28.41 -40.14
C ASP D 27 -86.36 -27.09 -39.84
N ALA D 28 -86.40 -26.17 -40.79
CA ALA D 28 -85.65 -24.92 -40.70
C ALA D 28 -86.55 -23.78 -40.25
N ARG D 29 -86.06 -22.98 -39.32
CA ARG D 29 -86.74 -21.79 -38.85
C ARG D 29 -86.08 -20.55 -39.44
N GLY D 30 -86.91 -19.64 -39.94
CA GLY D 30 -86.38 -18.43 -40.56
C GLY D 30 -86.04 -17.38 -39.54
N LEU D 31 -84.76 -17.24 -39.23
CA LEU D 31 -84.33 -16.31 -38.19
C LEU D 31 -84.49 -14.87 -38.67
N ASN D 32 -84.85 -14.00 -37.71
CA ASN D 32 -84.99 -12.57 -38.00
C ASN D 32 -83.65 -11.88 -37.91
N ILE D 33 -83.36 -11.04 -38.89
CA ILE D 33 -82.07 -10.36 -38.97
C ILE D 33 -82.16 -9.05 -38.22
N THR D 34 -81.30 -8.88 -37.22
CA THR D 34 -81.17 -7.65 -36.46
C THR D 34 -79.72 -7.19 -36.51
N THR D 35 -79.41 -6.17 -35.69
CA THR D 35 -78.05 -5.63 -35.58
C THR D 35 -77.53 -5.15 -36.93
N VAL D 36 -78.27 -4.20 -37.51
CA VAL D 36 -77.90 -3.56 -38.77
C VAL D 36 -77.81 -2.07 -38.50
N ALA D 37 -76.59 -1.55 -38.42
CA ALA D 37 -76.39 -0.14 -38.11
C ALA D 37 -75.04 0.29 -38.63
N ASN D 38 -74.90 1.60 -38.82
CA ASN D 38 -73.66 2.20 -39.33
C ASN D 38 -72.74 2.54 -38.15
N ASP D 39 -72.10 1.51 -37.62
CA ASP D 39 -71.14 1.66 -36.52
C ASP D 39 -69.77 1.10 -36.91
N SER D 40 -69.35 1.39 -38.14
CA SER D 40 -68.07 0.91 -38.66
C SER D 40 -67.32 2.06 -39.33
N ALA D 41 -67.29 3.21 -38.66
CA ALA D 41 -66.62 4.37 -39.22
C ALA D 41 -65.10 4.20 -39.09
N THR D 42 -64.37 5.19 -39.61
CA THR D 42 -62.92 5.21 -39.53
C THR D 42 -62.46 6.53 -38.96
N GLY D 43 -61.31 6.50 -38.29
CA GLY D 43 -60.74 7.65 -37.66
C GLY D 43 -59.50 8.17 -38.36
N GLY D 44 -58.71 8.94 -37.62
CA GLY D 44 -57.46 9.46 -38.15
C GLY D 44 -57.17 10.87 -37.68
N GLN D 45 -56.05 11.42 -38.14
CA GLN D 45 -55.67 12.78 -37.77
C GLN D 45 -56.10 13.75 -38.86
N ALA D 46 -56.57 14.93 -38.44
CA ALA D 46 -56.97 15.96 -39.37
C ALA D 46 -55.75 16.51 -40.10
N ILE D 47 -55.97 17.04 -41.29
CA ILE D 47 -54.88 17.58 -42.09
C ILE D 47 -54.69 19.08 -41.82
N ARG D 48 -55.79 19.84 -41.81
CA ARG D 48 -55.79 21.21 -41.26
C ARG D 48 -54.75 22.09 -41.96
N ASN D 49 -55.02 22.36 -43.23
CA ASN D 49 -54.14 23.18 -44.05
C ASN D 49 -53.65 24.42 -43.31
N VAL D 50 -52.36 24.68 -43.42
CA VAL D 50 -51.71 25.77 -42.71
C VAL D 50 -51.60 26.97 -43.65
N GLY D 51 -51.67 28.18 -43.09
CA GLY D 51 -51.59 29.39 -43.86
C GLY D 51 -51.74 30.62 -43.01
N PRO D 52 -51.82 31.78 -43.65
CA PRO D 52 -51.87 33.04 -42.90
C PRO D 52 -53.12 33.15 -42.05
N ASN D 53 -52.96 33.81 -40.91
CA ASN D 53 -54.06 34.09 -40.00
C ASN D 53 -54.75 35.37 -40.43
N ASP D 54 -56.05 35.29 -40.66
CA ASP D 54 -56.83 36.45 -41.11
C ASP D 54 -57.29 37.33 -39.97
N GLU D 55 -56.99 36.97 -38.72
CA GLU D 55 -57.38 37.78 -37.58
C GLU D 55 -56.32 38.78 -37.16
N ALA D 56 -55.15 38.75 -37.79
CA ALA D 56 -54.11 39.71 -37.49
C ALA D 56 -54.12 40.90 -38.45
N THR D 57 -54.44 40.65 -39.71
CA THR D 57 -54.53 41.75 -40.67
C THR D 57 -55.62 42.73 -40.28
N ILE D 58 -56.75 42.23 -39.80
CA ILE D 58 -57.83 43.12 -39.37
C ILE D 58 -57.39 43.99 -38.21
N LYS D 59 -56.69 43.39 -37.23
CA LYS D 59 -56.21 44.16 -36.10
C LYS D 59 -55.22 45.23 -36.54
N ALA D 60 -54.30 44.88 -37.44
CA ALA D 60 -53.34 45.87 -37.93
C ALA D 60 -54.04 47.01 -38.66
N LEU D 61 -55.03 46.68 -39.50
CA LEU D 61 -55.76 47.72 -40.22
C LEU D 61 -56.52 48.61 -39.25
N ASP D 62 -57.14 48.02 -38.23
CA ASP D 62 -57.80 48.81 -37.20
C ASP D 62 -56.83 49.78 -36.53
N ASN D 63 -55.67 49.29 -36.13
CA ASN D 63 -54.70 50.14 -35.45
C ASN D 63 -54.26 51.29 -36.35
N VAL D 64 -53.94 50.98 -37.60
CA VAL D 64 -53.45 52.01 -38.52
C VAL D 64 -54.53 53.07 -38.76
N ILE D 65 -55.77 52.63 -39.01
CA ILE D 65 -56.84 53.57 -39.28
C ILE D 65 -57.09 54.45 -38.06
N LYS D 66 -57.14 53.84 -36.87
CA LYS D 66 -57.39 54.62 -35.66
C LYS D 66 -56.29 55.64 -35.42
N GLN D 67 -55.03 55.24 -35.61
CA GLN D 67 -53.93 56.17 -35.41
C GLN D 67 -53.98 57.32 -36.41
N ILE D 68 -54.19 57.00 -37.68
CA ILE D 68 -54.25 58.05 -38.74
C ILE D 68 -55.38 59.03 -38.41
N GLU D 69 -56.53 58.52 -37.94
CA GLU D 69 -57.65 59.41 -37.68
C GLU D 69 -57.43 60.24 -36.44
N ALA D 70 -56.79 59.67 -35.42
CA ALA D 70 -56.45 60.47 -34.24
C ALA D 70 -55.42 61.55 -34.57
N LEU D 71 -54.60 61.32 -35.60
CA LEU D 71 -53.62 62.34 -35.98
C LEU D 71 -54.26 63.50 -36.73
N SER D 72 -55.37 63.27 -37.42
CA SER D 72 -55.97 64.26 -38.31
C SER D 72 -57.12 65.03 -37.66
N VAL D 73 -57.24 64.99 -36.34
CA VAL D 73 -58.28 65.72 -35.63
C VAL D 73 -57.70 66.89 -34.84
N ILE D 74 -56.48 66.72 -34.31
CA ILE D 74 -55.85 67.77 -33.51
C ILE D 74 -55.64 69.01 -34.37
N VAL D 75 -56.00 70.17 -33.82
CA VAL D 75 -55.89 71.43 -34.52
C VAL D 75 -55.00 72.37 -33.72
N ASN D 76 -54.45 73.37 -34.39
CA ASN D 76 -53.56 74.34 -33.79
C ASN D 76 -54.25 75.69 -33.74
N ARG D 77 -54.31 76.29 -32.54
CA ARG D 77 -55.02 77.54 -32.34
C ARG D 77 -54.49 78.21 -31.08
N SER D 78 -54.19 79.50 -31.18
CA SER D 78 -53.67 80.26 -30.06
C SER D 78 -54.49 81.53 -29.85
N GLU D 79 -54.37 82.10 -28.67
CA GLU D 79 -55.18 83.24 -28.24
C GLU D 79 -54.31 84.25 -27.51
N LYS D 80 -53.07 84.44 -27.96
CA LYS D 80 -52.17 85.36 -27.28
C LYS D 80 -52.59 86.80 -27.52
N ALA D 81 -52.19 87.67 -26.59
CA ALA D 81 -52.49 89.10 -26.69
C ALA D 81 -51.33 89.80 -27.41
N ASP D 82 -51.37 91.12 -27.45
CA ASP D 82 -50.35 91.91 -28.11
C ASP D 82 -49.41 92.54 -27.07
N ASP D 83 -48.21 92.90 -27.52
CA ASP D 83 -47.18 93.45 -26.67
C ASP D 83 -47.44 94.90 -26.24
N ALA D 84 -48.63 95.43 -26.50
CA ALA D 84 -48.92 96.82 -26.20
C ALA D 84 -49.06 97.03 -24.69
N GLN D 85 -49.28 98.29 -24.31
CA GLN D 85 -49.39 98.68 -22.91
C GLN D 85 -50.75 99.32 -22.66
N ILE D 86 -50.91 99.86 -21.45
CA ILE D 86 -52.19 100.40 -21.00
C ILE D 86 -52.19 101.93 -21.01
N LEU D 87 -51.06 102.56 -20.65
CA LEU D 87 -50.88 104.00 -20.71
C LEU D 87 -51.91 104.73 -19.83
N GLY D 88 -51.74 104.53 -18.52
CA GLY D 88 -52.56 105.20 -17.54
C GLY D 88 -52.32 106.70 -17.49
N PRO D 89 -53.23 107.44 -16.87
CA PRO D 89 -53.14 108.90 -16.87
C PRO D 89 -52.02 109.43 -15.99
N ASN D 90 -51.66 110.69 -16.23
CA ASN D 90 -50.58 111.35 -15.50
C ASN D 90 -50.75 112.85 -15.59
N THR D 91 -50.07 113.57 -14.68
CA THR D 91 -50.09 115.02 -14.65
C THR D 91 -48.67 115.55 -14.45
N TYR D 92 -48.45 116.78 -14.90
CA TYR D 92 -47.18 117.44 -14.67
C TYR D 92 -47.05 117.88 -13.22
N LYS D 93 -45.83 118.16 -12.81
CA LYS D 93 -45.54 118.75 -11.51
C LYS D 93 -44.51 119.85 -11.68
N GLN D 94 -44.71 120.96 -10.97
CA GLN D 94 -43.86 122.13 -11.12
C GLN D 94 -42.78 122.13 -10.05
N LEU D 95 -41.60 122.59 -10.42
CA LEU D 95 -40.47 122.69 -9.51
C LEU D 95 -40.43 124.08 -8.87
N LEU D 96 -39.74 124.16 -7.74
CA LEU D 96 -39.72 125.39 -6.96
C LEU D 96 -39.07 126.52 -7.74
N GLU D 97 -39.57 127.73 -7.54
CA GLU D 97 -39.06 128.91 -8.21
C GLU D 97 -39.06 130.08 -7.24
N HIS D 98 -38.16 131.02 -7.49
CA HIS D 98 -38.00 132.22 -6.67
C HIS D 98 -38.20 133.45 -7.53
N LEU D 99 -38.94 134.42 -7.00
CA LEU D 99 -39.34 135.59 -7.77
C LEU D 99 -39.20 136.84 -6.91
N PHE D 100 -38.68 137.91 -7.52
CA PHE D 100 -38.61 139.20 -6.86
C PHE D 100 -38.47 140.29 -7.92
N SER D 101 -38.67 141.53 -7.49
CA SER D 101 -38.66 142.66 -8.41
C SER D 101 -38.01 143.87 -7.79
N PRO D 102 -36.88 144.34 -8.33
CA PRO D 102 -36.21 145.51 -7.74
C PRO D 102 -36.87 146.84 -8.09
N GLU D 103 -37.37 146.96 -9.30
CA GLU D 103 -37.99 148.21 -9.75
C GLU D 103 -39.46 147.96 -10.10
N GLU D 104 -40.08 148.97 -10.71
CA GLU D 104 -41.51 148.91 -10.99
C GLU D 104 -41.83 147.99 -12.17
N ASN D 105 -40.91 147.83 -13.11
CA ASN D 105 -41.22 147.12 -14.35
C ASN D 105 -40.08 146.19 -14.75
N VAL D 106 -39.47 145.53 -13.76
CA VAL D 106 -38.51 144.47 -14.01
C VAL D 106 -38.82 143.33 -13.05
N TYR D 107 -38.72 142.11 -13.55
CA TYR D 107 -38.99 140.92 -12.76
C TYR D 107 -37.90 139.89 -13.02
N ILE D 108 -37.34 139.35 -11.95
CA ILE D 108 -36.15 138.51 -12.01
C ILE D 108 -36.54 137.08 -11.63
N LEU D 109 -36.10 136.12 -12.43
CA LEU D 109 -36.28 134.70 -12.15
C LEU D 109 -34.98 134.13 -11.60
N LEU D 110 -35.04 133.49 -10.45
CA LEU D 110 -33.75 132.96 -10.04
C LEU D 110 -33.68 131.46 -10.30
N PRO D 111 -32.53 130.96 -10.70
CA PRO D 111 -32.36 129.51 -10.90
C PRO D 111 -32.17 128.80 -9.58
N ILE D 112 -33.15 128.00 -9.20
CA ILE D 112 -33.05 127.14 -8.02
C ILE D 112 -32.65 125.74 -8.48
N GLN D 113 -31.58 125.20 -7.89
CA GLN D 113 -31.05 123.89 -8.33
C GLN D 113 -32.18 122.88 -8.57
N ALA D 114 -32.08 122.08 -9.65
CA ALA D 114 -33.10 121.06 -9.95
C ALA D 114 -32.43 119.91 -10.71
N TYR D 115 -32.87 118.67 -10.48
CA TYR D 115 -32.29 117.48 -11.18
C TYR D 115 -30.77 117.53 -11.09
N THR D 116 -30.22 117.76 -9.89
CA THR D 116 -28.76 117.88 -9.74
C THR D 116 -28.08 116.52 -9.67
N GLY D 117 -26.81 116.52 -9.35
CA GLY D 117 -26.09 115.25 -9.17
C GLY D 117 -25.04 115.06 -10.21
N GLY D 118 -23.77 115.09 -9.82
CA GLY D 118 -22.66 114.85 -10.76
C GLY D 118 -21.46 114.40 -9.97
N VAL D 119 -20.50 113.73 -10.59
CA VAL D 119 -19.39 113.23 -9.75
C VAL D 119 -18.09 113.89 -10.15
N ILE D 120 -17.38 114.48 -9.19
CA ILE D 120 -16.08 115.13 -9.47
C ILE D 120 -14.99 114.10 -9.32
N ASP D 121 -14.09 113.98 -10.30
CA ASP D 121 -12.98 112.97 -10.27
C ASP D 121 -11.67 113.62 -10.72
N ARG D 122 -10.99 114.29 -9.81
CA ARG D 122 -9.82 115.08 -10.21
C ARG D 122 -8.77 114.23 -10.92
N ARG D 123 -8.43 113.06 -10.41
CA ARG D 123 -7.32 112.28 -11.03
C ARG D 123 -7.68 111.90 -12.45
N ASP D 124 -8.89 112.26 -12.89
CA ASP D 124 -9.32 111.96 -14.28
C ASP D 124 -10.04 113.17 -14.86
N ALA D 125 -9.32 114.25 -15.13
CA ALA D 125 -10.00 115.47 -15.60
C ALA D 125 -10.68 115.15 -16.91
N SER D 126 -11.95 115.47 -17.02
CA SER D 126 -12.66 115.29 -18.29
C SER D 126 -13.98 116.03 -18.16
N PHE D 127 -14.01 117.26 -18.66
CA PHE D 127 -15.29 117.97 -18.62
C PHE D 127 -16.26 117.14 -19.40
N SER D 128 -15.97 115.86 -19.56
CA SER D 128 -17.07 115.18 -20.22
C SER D 128 -17.72 114.12 -19.33
N ASN D 129 -16.92 113.40 -18.54
CA ASN D 129 -17.49 112.38 -17.67
C ASN D 129 -18.43 112.99 -16.65
N PHE D 130 -18.15 114.21 -16.18
CA PHE D 130 -19.05 114.89 -15.27
C PHE D 130 -20.42 115.10 -15.91
N ALA D 131 -20.41 115.60 -17.15
CA ALA D 131 -21.66 115.83 -17.87
C ALA D 131 -22.40 114.53 -18.09
N TYR D 132 -21.68 113.46 -18.45
CA TYR D 132 -22.34 112.19 -18.67
C TYR D 132 -22.96 111.67 -17.38
N SER D 133 -22.26 111.83 -16.26
CA SER D 133 -22.80 111.36 -14.99
C SER D 133 -24.07 112.10 -14.62
N ILE D 134 -24.11 113.41 -14.86
CA ILE D 134 -25.35 114.14 -14.60
C ILE D 134 -26.44 113.70 -15.55
N ALA D 135 -26.12 113.54 -16.83
CA ALA D 135 -27.12 113.22 -17.84
C ALA D 135 -27.72 111.84 -17.62
N SER D 136 -26.94 110.88 -17.16
CA SER D 136 -27.48 109.54 -16.92
C SER D 136 -28.52 109.55 -15.82
N LYS D 137 -28.23 110.25 -14.72
CA LYS D 137 -29.21 110.36 -13.65
C LYS D 137 -30.44 111.12 -14.12
N LEU D 138 -30.25 112.15 -14.94
CA LEU D 138 -31.38 112.88 -15.49
C LEU D 138 -32.25 111.96 -16.36
N MET D 139 -31.62 111.11 -17.16
CA MET D 139 -32.38 110.17 -17.99
C MET D 139 -33.14 109.18 -17.12
N MET D 140 -32.52 108.69 -16.06
CA MET D 140 -33.25 107.83 -15.12
C MET D 140 -34.49 108.54 -14.59
N GLU D 141 -34.32 109.79 -14.15
CA GLU D 141 -35.45 110.54 -13.60
C GLU D 141 -36.55 110.68 -14.64
N LEU D 142 -36.20 111.11 -15.84
CA LEU D 142 -37.21 111.33 -16.87
C LEU D 142 -37.93 110.04 -17.25
N SER D 143 -37.18 108.95 -17.40
CA SER D 143 -37.80 107.68 -17.77
C SER D 143 -38.72 107.18 -16.65
N ALA D 144 -38.30 107.31 -15.40
CA ALA D 144 -39.14 106.85 -14.30
C ALA D 144 -40.40 107.70 -14.15
N ALA D 145 -40.31 109.00 -14.44
CA ALA D 145 -41.48 109.86 -14.28
C ALA D 145 -42.54 109.60 -15.34
N THR D 146 -42.15 108.99 -16.47
CA THR D 146 -43.10 108.75 -17.55
C THR D 146 -43.15 107.26 -17.92
N HIS D 147 -43.23 106.39 -16.92
CA HIS D 147 -43.31 104.95 -17.16
C HIS D 147 -44.78 104.56 -17.31
N ASN D 148 -45.21 104.31 -18.55
CA ASN D 148 -46.59 103.96 -18.85
C ASN D 148 -47.56 105.09 -18.44
N LYS D 149 -47.12 106.32 -18.67
CA LYS D 149 -47.92 107.50 -18.38
C LYS D 149 -47.91 108.40 -19.61
N ILE D 150 -48.92 109.25 -19.73
CA ILE D 150 -49.16 109.99 -20.97
C ILE D 150 -49.44 111.48 -20.77
N PHE D 151 -49.53 111.96 -19.52
CA PHE D 151 -49.71 113.39 -19.24
C PHE D 151 -51.00 113.92 -19.87
N THR D 152 -52.13 113.44 -19.36
CA THR D 152 -53.43 113.86 -19.88
C THR D 152 -54.15 114.84 -18.97
N ASP D 153 -54.05 114.68 -17.66
CA ASP D 153 -54.88 115.45 -16.74
C ASP D 153 -54.26 116.81 -16.45
N TYR D 154 -55.12 117.83 -16.35
CA TYR D 154 -54.68 119.18 -16.00
C TYR D 154 -55.84 119.91 -15.36
N THR D 155 -55.51 120.96 -14.61
CA THR D 155 -56.52 121.78 -13.95
C THR D 155 -56.94 122.93 -14.85
N ARG D 156 -58.20 123.34 -14.69
CA ARG D 156 -58.75 124.37 -15.55
C ARG D 156 -60.00 124.96 -14.90
N ILE D 157 -60.40 126.12 -15.41
CA ILE D 157 -61.66 126.75 -15.01
C ILE D 157 -62.76 126.19 -15.89
N ALA D 158 -63.88 125.80 -15.26
CA ALA D 158 -64.99 125.22 -16.00
C ALA D 158 -65.53 126.20 -17.03
N ALA D 159 -65.91 125.67 -18.19
CA ALA D 159 -66.43 126.50 -19.27
C ALA D 159 -67.86 126.94 -18.97
N SER D 160 -67.99 128.10 -18.34
CA SER D 160 -69.31 128.68 -18.10
C SER D 160 -69.86 129.21 -19.42
N ALA D 161 -71.09 129.70 -19.41
CA ALA D 161 -71.71 130.19 -20.64
C ALA D 161 -71.10 131.51 -21.09
N LEU D 162 -70.48 132.25 -20.17
CA LEU D 162 -69.95 133.57 -20.46
C LEU D 162 -68.45 133.59 -20.72
N GLY D 163 -67.81 132.42 -20.82
CA GLY D 163 -66.39 132.36 -21.07
C GLY D 163 -65.92 131.01 -21.58
N PRO D 164 -64.84 131.02 -22.38
CA PRO D 164 -64.26 129.76 -22.84
C PRO D 164 -63.33 129.14 -21.82
N GLU D 165 -62.62 128.08 -22.21
CA GLU D 165 -61.68 127.41 -21.34
C GLU D 165 -60.59 128.37 -20.87
N ILE D 166 -60.24 128.29 -19.60
CA ILE D 166 -59.15 129.08 -19.02
C ILE D 166 -58.20 128.13 -18.30
N SER D 167 -56.91 128.41 -18.40
CA SER D 167 -55.90 127.44 -17.98
C SER D 167 -55.73 127.41 -16.47
N THR D 168 -55.28 128.52 -15.88
CA THR D 168 -54.90 128.63 -14.47
C THR D 168 -54.24 127.35 -13.97
N GLU D 169 -53.16 126.97 -14.65
CA GLU D 169 -52.55 125.67 -14.41
C GLU D 169 -51.69 125.65 -13.15
N GLY D 170 -50.63 126.45 -13.12
CA GLY D 170 -49.70 126.42 -12.01
C GLY D 170 -49.25 127.82 -11.64
N MET D 171 -48.74 127.94 -10.42
CA MET D 171 -48.29 129.21 -9.85
C MET D 171 -49.43 130.23 -9.95
N PRO D 172 -50.44 130.14 -9.07
CA PRO D 172 -51.63 130.98 -9.23
C PRO D 172 -51.28 132.46 -9.27
N LEU D 173 -52.02 133.19 -10.12
CA LEU D 173 -51.70 134.60 -10.36
C LEU D 173 -51.88 135.46 -9.13
N PHE D 174 -52.74 135.06 -8.19
CA PHE D 174 -52.92 135.85 -6.98
C PHE D 174 -51.66 135.87 -6.12
N SER D 175 -50.82 134.86 -6.22
CA SER D 175 -49.59 134.81 -5.43
C SER D 175 -48.54 135.81 -5.90
N LEU D 176 -48.71 136.39 -7.09
CA LEU D 176 -47.71 137.33 -7.59
C LEU D 176 -47.72 138.63 -6.78
N ILE D 177 -48.88 139.07 -6.31
CA ILE D 177 -48.95 140.32 -5.57
C ILE D 177 -48.13 140.23 -4.28
N GLU D 178 -48.27 139.12 -3.56
CA GLU D 178 -47.62 138.99 -2.27
C GLU D 178 -46.12 138.80 -2.35
N SER D 179 -45.59 138.45 -3.53
CA SER D 179 -44.16 138.19 -3.67
C SER D 179 -43.44 139.16 -4.60
N LEU D 180 -44.18 140.02 -5.31
CA LEU D 180 -43.56 140.98 -6.21
C LEU D 180 -43.78 142.42 -5.78
N GLU D 181 -44.78 142.69 -4.96
CA GLU D 181 -45.14 144.04 -4.53
C GLU D 181 -45.38 144.93 -5.76
N LEU D 182 -46.40 144.57 -6.53
CA LEU D 182 -46.81 145.39 -7.65
C LEU D 182 -47.75 146.49 -7.18
N THR D 183 -47.59 147.67 -7.76
CA THR D 183 -48.37 148.84 -7.35
C THR D 183 -49.79 148.73 -7.89
N GLU D 184 -50.56 149.80 -7.70
CA GLU D 184 -51.94 149.81 -8.16
C GLU D 184 -52.02 149.75 -9.68
N ALA D 185 -50.99 150.23 -10.38
CA ALA D 185 -51.01 150.21 -11.84
C ALA D 185 -50.89 148.79 -12.37
N GLU D 186 -49.94 148.02 -11.84
CA GLU D 186 -49.71 146.67 -12.36
C GLU D 186 -50.83 145.70 -12.00
N THR D 187 -51.35 145.79 -10.77
CA THR D 187 -52.34 144.82 -10.33
C THR D 187 -53.62 144.87 -11.13
N SER D 188 -53.88 146.00 -11.82
CA SER D 188 -55.06 146.08 -12.66
C SER D 188 -54.97 145.20 -13.90
N ARG D 189 -53.75 144.87 -14.33
CA ARG D 189 -53.57 144.11 -15.57
C ARG D 189 -53.66 142.61 -15.37
N LEU D 190 -53.68 142.12 -14.14
CA LEU D 190 -53.79 140.68 -13.92
C LEU D 190 -55.06 140.07 -14.50
N PRO D 191 -56.26 140.64 -14.29
CA PRO D 191 -57.44 140.05 -14.94
C PRO D 191 -57.37 140.04 -16.45
N VAL D 192 -56.69 141.03 -17.05
CA VAL D 192 -56.58 141.07 -18.50
C VAL D 192 -55.84 139.84 -19.02
N ILE D 193 -54.74 139.48 -18.37
CA ILE D 193 -53.98 138.30 -18.79
C ILE D 193 -54.59 137.02 -18.26
N GLN D 194 -55.49 137.10 -17.27
CA GLN D 194 -56.12 135.89 -16.76
C GLN D 194 -56.99 135.24 -17.83
N ASP D 195 -57.77 136.03 -18.54
CA ASP D 195 -58.69 135.50 -19.54
C ASP D 195 -58.04 135.26 -20.89
N SER D 196 -56.77 135.62 -21.06
CA SER D 196 -56.04 135.31 -22.28
C SER D 196 -55.48 133.89 -22.27
N MET D 197 -55.52 133.21 -21.13
CA MET D 197 -55.00 131.85 -21.02
C MET D 197 -56.04 130.89 -21.59
N VAL D 198 -56.14 130.86 -22.91
CA VAL D 198 -57.07 129.99 -23.61
C VAL D 198 -56.33 128.73 -24.02
N ILE D 199 -57.07 127.65 -24.20
CA ILE D 199 -56.51 126.36 -24.60
C ILE D 199 -56.66 126.21 -26.10
N GLN D 200 -55.56 125.86 -26.77
CA GLN D 200 -55.53 125.65 -28.20
C GLN D 200 -55.62 124.16 -28.50
N LYS D 201 -56.45 123.81 -29.48
CA LYS D 201 -56.63 122.41 -29.88
C LYS D 201 -56.20 122.26 -31.32
N SER D 202 -55.42 121.21 -31.59
CA SER D 202 -54.94 120.93 -32.94
C SER D 202 -54.49 119.48 -33.00
N THR D 203 -53.84 119.13 -34.10
CA THR D 203 -53.29 117.79 -34.30
C THR D 203 -51.78 117.85 -34.36
N ALA D 204 -51.14 116.69 -34.20
CA ALA D 204 -49.70 116.60 -34.19
C ALA D 204 -49.27 115.22 -34.63
N THR D 205 -47.98 115.10 -34.92
CA THR D 205 -47.36 113.85 -35.32
C THR D 205 -46.35 113.43 -34.27
N VAL D 206 -46.38 112.16 -33.88
CA VAL D 206 -45.48 111.64 -32.87
C VAL D 206 -44.67 110.51 -33.45
N GLY D 207 -43.55 110.21 -32.81
CA GLY D 207 -42.65 109.19 -33.29
C GLY D 207 -41.59 109.75 -34.21
N ASN D 208 -40.94 108.82 -34.92
CA ASN D 208 -39.89 109.17 -35.85
C ASN D 208 -39.89 108.16 -36.99
N ALA D 209 -38.83 108.17 -37.79
CA ALA D 209 -38.73 107.21 -38.88
C ALA D 209 -38.42 105.81 -38.40
N GLN D 210 -37.87 105.65 -37.21
CA GLN D 210 -37.50 104.33 -36.72
C GLN D 210 -38.70 103.58 -36.16
N GLN D 211 -39.56 104.26 -35.40
CA GLN D 211 -40.71 103.61 -34.80
C GLN D 211 -41.94 103.68 -35.70
N GLY D 212 -42.36 104.88 -36.03
CA GLY D 212 -43.54 105.05 -36.86
C GLY D 212 -44.04 106.47 -36.81
N ILE D 213 -45.08 106.73 -37.58
CA ILE D 213 -45.69 108.04 -37.70
C ILE D 213 -47.19 107.89 -37.49
N SER D 214 -47.75 108.71 -36.61
CA SER D 214 -49.17 108.66 -36.33
C SER D 214 -49.69 110.07 -36.04
N THR D 215 -50.99 110.27 -36.28
CA THR D 215 -51.65 111.52 -35.98
C THR D 215 -52.46 111.37 -34.71
N ILE D 216 -52.30 112.31 -33.79
CA ILE D 216 -52.91 112.24 -32.47
C ILE D 216 -53.27 113.66 -32.04
N ASN D 217 -54.46 113.82 -31.46
CA ASN D 217 -54.94 115.14 -31.09
C ASN D 217 -54.30 115.58 -29.78
N ILE D 218 -53.92 116.87 -29.70
CA ILE D 218 -53.23 117.40 -28.55
C ILE D 218 -53.91 118.69 -28.09
N LYS D 219 -53.56 119.11 -26.88
CA LYS D 219 -53.98 120.39 -26.32
C LYS D 219 -52.75 121.16 -25.87
N ARG D 220 -52.71 122.45 -26.18
CA ARG D 220 -51.65 123.34 -25.75
C ARG D 220 -52.19 124.25 -24.65
N VAL D 221 -51.86 123.93 -23.40
CA VAL D 221 -52.41 124.63 -22.24
C VAL D 221 -51.35 125.58 -21.71
N PRO D 222 -51.62 126.88 -21.67
CA PRO D 222 -50.65 127.82 -21.10
C PRO D 222 -50.56 127.66 -19.59
N PHE D 223 -49.39 128.03 -19.05
CA PHE D 223 -49.16 127.98 -17.61
C PHE D 223 -48.14 129.05 -17.26
N VAL D 224 -47.89 129.21 -15.96
CA VAL D 224 -47.01 130.25 -15.45
C VAL D 224 -45.79 129.58 -14.83
N GLY D 225 -44.60 129.98 -15.29
CA GLY D 225 -43.38 129.40 -14.77
C GLY D 225 -42.17 129.98 -15.48
N SER D 226 -41.02 129.39 -15.18
CA SER D 226 -39.75 129.85 -15.74
C SER D 226 -39.49 129.18 -17.09
N ALA D 227 -38.43 129.60 -17.76
CA ALA D 227 -38.10 129.04 -19.06
C ALA D 227 -37.59 127.61 -18.97
N PHE D 228 -36.77 127.32 -17.96
CA PHE D 228 -36.27 125.96 -17.77
C PHE D 228 -37.41 124.97 -17.60
N GLN D 229 -38.50 125.41 -16.98
CA GLN D 229 -39.67 124.55 -16.83
C GLN D 229 -40.22 124.13 -18.18
N GLN D 230 -40.28 125.07 -19.14
CA GLN D 230 -40.76 124.72 -20.47
C GLN D 230 -39.90 123.65 -21.11
N VAL D 231 -38.57 123.77 -20.99
CA VAL D 231 -37.69 122.79 -21.62
C VAL D 231 -37.85 121.43 -20.96
N ILE D 232 -38.00 121.41 -19.63
CA ILE D 232 -38.20 120.15 -18.94
C ILE D 232 -39.48 119.48 -19.39
N ASP D 233 -40.57 120.25 -19.51
CA ASP D 233 -41.82 119.66 -20.00
C ASP D 233 -41.71 119.20 -21.44
N GLN D 234 -40.99 119.93 -22.28
CA GLN D 234 -40.81 119.48 -23.66
C GLN D 234 -40.05 118.15 -23.71
N LEU D 235 -39.01 118.02 -22.88
CA LEU D 235 -38.29 116.76 -22.81
C LEU D 235 -39.17 115.63 -22.32
N LEU D 236 -40.00 115.91 -21.31
CA LEU D 236 -40.90 114.88 -20.81
C LEU D 236 -41.89 114.44 -21.89
N TRP D 237 -42.44 115.41 -22.63
CA TRP D 237 -43.36 115.06 -23.71
C TRP D 237 -42.67 114.22 -24.78
N GLU D 238 -41.44 114.58 -25.14
CA GLU D 238 -40.71 113.79 -26.13
C GLU D 238 -40.45 112.38 -25.62
N TYR D 239 -40.05 112.24 -24.37
CA TYR D 239 -39.74 110.92 -23.83
C TYR D 239 -40.99 110.05 -23.73
N SER D 240 -42.11 110.64 -23.36
CA SER D 240 -43.30 109.83 -23.08
C SER D 240 -43.95 109.31 -24.36
N THR D 241 -44.01 110.14 -25.41
CA THR D 241 -44.66 109.76 -26.67
C THR D 241 -43.65 109.40 -27.74
N THR D 242 -42.53 108.79 -27.36
CA THR D 242 -41.53 108.42 -28.35
C THR D 242 -42.02 107.31 -29.27
N SER D 243 -43.02 106.53 -28.84
CA SER D 243 -43.57 105.46 -29.68
C SER D 243 -45.04 105.31 -29.31
N LEU D 244 -45.90 105.99 -30.05
CA LEU D 244 -47.34 105.91 -29.84
C LEU D 244 -48.01 105.51 -31.16
N THR D 245 -48.89 104.53 -31.09
CA THR D 245 -49.65 104.10 -32.25
C THR D 245 -51.12 103.96 -31.87
N THR D 246 -51.98 104.26 -32.83
CA THR D 246 -53.40 104.06 -32.63
C THR D 246 -53.75 102.58 -32.83
N LYS D 247 -54.97 102.22 -32.42
CA LYS D 247 -55.43 100.85 -32.58
C LYS D 247 -55.51 100.47 -34.05
N GLU D 248 -55.98 101.39 -34.89
CA GLU D 248 -56.12 101.09 -36.31
C GLU D 248 -54.76 100.83 -36.95
N GLN D 249 -53.75 101.62 -36.60
CA GLN D 249 -52.42 101.39 -37.15
C GLN D 249 -51.88 100.03 -36.73
N ARG D 250 -52.06 99.67 -35.45
CA ARG D 250 -51.57 98.38 -34.99
C ARG D 250 -52.27 97.24 -35.71
N ARG D 251 -53.59 97.34 -35.88
CA ARG D 251 -54.32 96.29 -36.58
C ARG D 251 -53.85 96.17 -38.03
N GLN D 252 -53.66 97.31 -38.70
CA GLN D 252 -53.23 97.27 -40.09
C GLN D 252 -51.83 96.67 -40.22
N ARG D 253 -50.92 97.04 -39.31
CA ARG D 253 -49.55 96.53 -39.40
C ARG D 253 -49.50 95.04 -39.10
N ILE D 254 -50.27 94.58 -38.11
CA ILE D 254 -50.19 93.17 -37.74
C ILE D 254 -50.70 92.28 -38.87
N THR D 255 -51.81 92.68 -39.51
CA THR D 255 -52.39 91.86 -40.56
C THR D 255 -51.49 91.78 -41.79
N GLU D 256 -50.67 92.80 -42.03
CA GLU D 256 -49.88 92.84 -43.26
C GLU D 256 -48.91 91.68 -43.35
N MET D 257 -48.24 91.33 -42.25
CA MET D 257 -47.27 90.25 -42.29
C MET D 257 -47.95 88.94 -42.64
N VAL D 258 -47.37 88.23 -43.61
CA VAL D 258 -47.93 86.98 -44.12
C VAL D 258 -46.83 85.92 -44.06
N ASN D 259 -45.93 86.06 -43.10
CA ASN D 259 -44.70 85.29 -43.03
C ASN D 259 -44.95 83.78 -43.03
N ASP D 260 -45.62 83.27 -42.01
CA ASP D 260 -45.77 81.83 -41.85
C ASP D 260 -47.17 81.38 -41.44
N ARG D 261 -47.98 82.24 -40.84
CA ARG D 261 -49.28 81.84 -40.31
C ARG D 261 -50.34 82.82 -40.79
N ARG D 262 -51.59 82.34 -40.81
CA ARG D 262 -52.72 83.16 -41.20
C ARG D 262 -53.25 83.87 -39.96
N ILE D 263 -52.98 85.16 -39.88
CA ILE D 263 -53.45 85.99 -38.77
C ILE D 263 -54.81 86.55 -39.15
N MET D 264 -55.78 86.37 -38.25
CA MET D 264 -57.12 86.91 -38.46
C MET D 264 -57.45 87.82 -37.28
N ILE D 265 -57.99 89.00 -37.56
CA ILE D 265 -58.38 89.97 -36.55
C ILE D 265 -59.72 90.56 -36.93
N GLN D 266 -60.66 90.53 -36.00
CA GLN D 266 -61.99 91.08 -36.24
C GLN D 266 -61.93 92.60 -36.32
N LYS D 267 -62.85 93.16 -37.09
CA LYS D 267 -62.98 94.60 -37.19
C LYS D 267 -63.29 95.17 -35.82
N LEU D 268 -62.61 96.26 -35.45
CA LEU D 268 -62.65 96.71 -34.06
C LEU D 268 -63.98 97.36 -33.69
N THR D 269 -64.25 98.54 -34.26
CA THR D 269 -65.42 99.37 -33.97
C THR D 269 -65.30 100.59 -34.86
N LEU D 270 -66.42 101.29 -35.05
CA LEU D 270 -66.38 102.57 -35.74
C LEU D 270 -65.83 103.68 -34.85
N ALA D 271 -65.87 103.50 -33.53
CA ALA D 271 -65.45 104.54 -32.60
C ALA D 271 -64.21 104.19 -31.78
N GLU D 272 -63.78 102.93 -31.78
CA GLU D 272 -62.61 102.53 -31.02
C GLU D 272 -61.33 102.58 -31.84
N LYS D 273 -61.39 103.07 -33.08
CA LYS D 273 -60.20 103.24 -33.91
C LYS D 273 -59.19 104.20 -33.29
N PRO D 274 -59.57 105.40 -32.87
CA PRO D 274 -58.56 106.38 -32.43
C PRO D 274 -57.97 106.12 -31.05
N GLN D 275 -58.21 104.97 -30.42
CA GLN D 275 -57.63 104.70 -29.12
C GLN D 275 -56.13 104.54 -29.24
N VAL D 276 -55.40 105.14 -28.29
CA VAL D 276 -53.94 105.17 -28.32
C VAL D 276 -53.38 104.08 -27.42
N MET D 277 -52.16 103.65 -27.72
CA MET D 277 -51.51 102.60 -26.97
C MET D 277 -50.03 102.61 -27.30
N ARG D 278 -49.20 102.20 -26.35
CA ARG D 278 -47.76 102.31 -26.46
C ARG D 278 -47.16 100.95 -26.80
N HIS D 279 -46.31 100.92 -27.83
CA HIS D 279 -45.64 99.70 -28.26
C HIS D 279 -44.26 100.09 -28.74
N VAL D 280 -43.22 99.61 -28.06
CA VAL D 280 -41.85 99.99 -28.39
C VAL D 280 -41.26 98.97 -29.36
N THR D 281 -40.27 99.41 -30.12
CA THR D 281 -39.57 98.54 -31.06
C THR D 281 -38.11 98.94 -31.09
N THR D 282 -37.24 98.01 -30.70
CA THR D 282 -35.80 98.28 -30.70
C THR D 282 -35.29 98.43 -32.12
N GLU D 283 -34.41 99.41 -32.33
CA GLU D 283 -33.76 99.63 -33.62
C GLU D 283 -32.26 99.75 -33.36
N ILE D 284 -31.59 98.61 -33.31
CA ILE D 284 -30.14 98.56 -33.17
C ILE D 284 -29.65 97.38 -33.99
N ASN D 285 -28.63 97.60 -34.80
CA ASN D 285 -28.09 96.52 -35.61
C ASN D 285 -27.48 95.44 -34.71
N ASN D 286 -27.68 94.19 -35.10
CA ASN D 286 -27.18 93.06 -34.33
C ASN D 286 -26.07 92.32 -35.05
N ASP D 287 -25.51 92.90 -36.10
CA ASP D 287 -24.48 92.23 -36.88
C ASP D 287 -23.07 92.52 -36.40
N LEU D 288 -22.91 93.38 -35.39
CA LEU D 288 -21.56 93.70 -34.93
C LEU D 288 -21.07 92.77 -33.82
N PHE D 289 -21.91 91.85 -33.35
CA PHE D 289 -21.44 90.85 -32.39
C PHE D 289 -20.87 89.63 -33.09
N PHE D 290 -21.28 89.37 -34.33
CA PHE D 290 -20.86 88.18 -35.05
C PHE D 290 -19.58 88.40 -35.85
N LYS D 291 -18.72 89.30 -35.40
CA LYS D 291 -17.43 89.49 -36.03
C LYS D 291 -16.45 88.38 -35.60
N MET D 292 -15.30 88.35 -36.26
CA MET D 292 -14.27 87.38 -35.93
C MET D 292 -13.49 87.87 -34.72
N SER D 293 -13.63 87.17 -33.60
CA SER D 293 -13.02 87.58 -32.35
C SER D 293 -11.97 86.57 -31.89
N PRO D 294 -10.96 87.00 -31.15
CA PRO D 294 -9.96 86.06 -30.62
C PRO D 294 -10.45 85.21 -29.47
N VAL D 295 -11.75 85.23 -29.17
CA VAL D 295 -12.28 84.54 -28.01
C VAL D 295 -13.48 83.70 -28.43
N ALA D 296 -13.64 83.49 -29.74
CA ALA D 296 -14.83 82.80 -30.25
C ALA D 296 -14.90 81.35 -29.80
N GLN D 297 -13.75 80.71 -29.58
CA GLN D 297 -13.76 79.34 -29.11
C GLN D 297 -14.50 79.21 -27.78
N LEU D 298 -14.28 80.18 -26.88
CA LEU D 298 -15.00 80.17 -25.61
C LEU D 298 -16.50 80.31 -25.84
N TYR D 299 -16.91 81.17 -26.77
CA TYR D 299 -18.33 81.32 -27.07
C TYR D 299 -18.92 80.00 -27.53
N ILE D 300 -18.23 79.32 -28.46
CA ILE D 300 -18.76 78.06 -28.99
C ILE D 300 -18.88 77.03 -27.88
N TYR D 301 -17.83 76.89 -27.07
CA TYR D 301 -17.84 75.88 -26.02
C TYR D 301 -18.95 76.15 -25.01
N HIS D 302 -19.11 77.40 -24.59
CA HIS D 302 -20.09 77.67 -23.56
C HIS D 302 -21.52 77.62 -24.09
N LEU D 303 -21.73 77.99 -25.36
CA LEU D 303 -23.05 77.82 -25.95
C LEU D 303 -23.42 76.34 -26.03
N ASP D 304 -22.48 75.50 -26.48
CA ASP D 304 -22.76 74.07 -26.52
C ASP D 304 -23.03 73.52 -25.13
N ARG D 305 -22.26 73.96 -24.14
CA ARG D 305 -22.49 73.50 -22.78
C ARG D 305 -23.86 73.91 -22.28
N ALA D 306 -24.30 75.12 -22.58
CA ALA D 306 -25.58 75.62 -22.10
C ALA D 306 -26.77 75.06 -22.86
N PHE D 307 -26.57 74.52 -24.06
CA PHE D 307 -27.70 74.02 -24.83
C PHE D 307 -27.82 72.50 -24.80
N LEU D 308 -26.72 71.77 -24.76
CA LEU D 308 -26.76 70.31 -24.60
C LEU D 308 -26.95 70.00 -23.12
N ASP D 309 -28.21 70.03 -22.70
CA ASP D 309 -28.53 69.87 -21.29
C ASP D 309 -28.25 68.45 -20.81
N GLY D 310 -28.72 67.44 -21.56
CA GLY D 310 -28.60 66.07 -21.13
C GLY D 310 -27.90 65.22 -22.18
N VAL D 311 -27.64 63.98 -21.80
CA VAL D 311 -26.99 63.00 -22.66
C VAL D 311 -27.79 61.71 -22.64
N GLY D 312 -27.68 60.94 -23.71
CA GLY D 312 -28.37 59.68 -23.81
C GLY D 312 -27.41 58.53 -24.04
N PHE D 313 -27.49 57.50 -23.20
CA PHE D 313 -26.55 56.39 -23.28
C PHE D 313 -27.12 55.20 -22.54
N THR D 314 -26.84 54.02 -23.06
CA THR D 314 -27.19 52.80 -22.34
C THR D 314 -26.19 52.56 -21.22
N PRO D 315 -26.63 52.03 -20.08
CA PRO D 315 -25.71 51.76 -18.97
C PRO D 315 -24.76 50.61 -19.30
N LEU D 316 -23.67 50.54 -18.52
CA LEU D 316 -22.66 49.53 -18.77
C LEU D 316 -23.15 48.11 -18.50
N ALA D 317 -24.13 47.95 -17.62
CA ALA D 317 -24.65 46.61 -17.33
C ALA D 317 -25.21 45.98 -18.60
N GLU D 318 -25.95 46.76 -19.38
CA GLU D 318 -26.50 46.23 -20.63
C GLU D 318 -25.38 45.82 -21.58
N LYS D 319 -24.33 46.62 -21.65
CA LYS D 319 -23.24 46.32 -22.57
C LYS D 319 -22.50 45.05 -22.14
N GLN D 320 -22.28 44.87 -20.84
CA GLN D 320 -21.66 43.64 -20.37
C GLN D 320 -22.55 42.43 -20.65
N GLN D 321 -23.85 42.57 -20.44
CA GLN D 321 -24.79 41.51 -20.76
C GLN D 321 -24.69 41.12 -22.23
N GLN D 322 -24.73 42.11 -23.12
CA GLN D 322 -24.67 41.81 -24.54
C GLN D 322 -23.32 41.23 -24.94
N LEU D 323 -22.25 41.70 -24.30
CA LEU D 323 -20.93 41.14 -24.59
C LEU D 323 -20.87 39.67 -24.23
N GLN D 324 -21.42 39.30 -23.08
CA GLN D 324 -21.41 37.89 -22.70
C GLN D 324 -22.31 37.07 -23.62
N LEU D 325 -23.45 37.63 -24.04
CA LEU D 325 -24.31 36.92 -24.98
C LEU D 325 -23.60 36.69 -26.31
N GLN D 326 -22.86 37.70 -26.78
CA GLN D 326 -22.19 37.63 -28.07
C GLN D 326 -20.87 36.85 -28.02
N LEU D 327 -20.41 36.50 -26.82
CA LEU D 327 -19.12 35.82 -26.69
C LEU D 327 -19.23 34.89 -25.48
N LYS D 328 -19.35 33.60 -25.75
CA LYS D 328 -19.46 32.58 -24.71
C LYS D 328 -18.08 31.99 -24.46
N THR D 329 -17.50 32.34 -23.32
CA THR D 329 -16.17 31.86 -22.95
C THR D 329 -16.23 31.23 -21.56
N ASN D 330 -15.59 30.09 -21.42
CA ASN D 330 -15.59 29.39 -20.14
C ASN D 330 -14.56 30.00 -19.20
N ILE D 331 -14.90 30.02 -17.91
CA ILE D 331 -14.00 30.54 -16.89
C ILE D 331 -12.73 29.70 -16.84
N LEU D 332 -11.66 30.29 -16.29
CA LEU D 332 -10.34 29.65 -16.19
C LEU D 332 -9.68 29.53 -17.56
N THR D 333 -9.76 30.59 -18.36
CA THR D 333 -9.02 30.68 -19.62
C THR D 333 -8.31 32.00 -19.81
N ALA D 334 -8.48 32.97 -18.91
CA ALA D 334 -7.82 34.26 -18.98
C ALA D 334 -8.14 34.98 -20.30
N ASN D 335 -9.41 35.32 -20.46
CA ASN D 335 -9.87 36.13 -21.58
C ASN D 335 -9.87 37.58 -21.12
N LEU D 336 -8.79 38.30 -21.42
CA LEU D 336 -8.60 39.63 -20.84
C LEU D 336 -9.52 40.68 -21.44
N ILE D 337 -10.18 40.38 -22.57
CA ILE D 337 -11.19 41.29 -23.09
C ILE D 337 -12.32 41.45 -22.08
N ARG D 338 -12.80 40.35 -21.52
CA ARG D 338 -13.85 40.40 -20.51
C ARG D 338 -13.38 41.10 -19.25
N SER D 339 -12.19 40.74 -18.77
CA SER D 339 -11.70 41.31 -17.51
C SER D 339 -11.49 42.81 -17.63
N ALA D 340 -10.93 43.25 -18.76
CA ALA D 340 -10.65 44.67 -18.93
C ALA D 340 -11.92 45.50 -19.02
N ILE D 341 -12.90 45.03 -19.79
CA ILE D 341 -14.14 45.79 -19.93
C ILE D 341 -14.93 45.75 -18.62
N ASN D 342 -14.80 44.69 -17.84
CA ASN D 342 -15.56 44.55 -16.61
C ASN D 342 -15.17 45.55 -15.54
N GLY D 343 -14.21 46.44 -15.79
CA GLY D 343 -13.76 47.38 -14.79
C GLY D 343 -13.89 48.83 -15.18
N MET D 344 -14.99 49.19 -15.83
CA MET D 344 -15.16 50.54 -16.36
C MET D 344 -16.33 51.25 -15.70
N ASN D 345 -16.30 52.58 -15.77
CA ASN D 345 -17.38 53.44 -15.31
C ASN D 345 -17.65 54.50 -16.37
N THR D 346 -18.91 54.92 -16.48
CA THR D 346 -19.33 55.80 -17.56
C THR D 346 -20.01 57.06 -17.05
N GLU D 347 -19.74 57.46 -15.82
CA GLU D 347 -20.39 58.66 -15.31
C GLU D 347 -19.79 59.94 -15.87
N SER D 348 -18.63 59.86 -16.53
CA SER D 348 -18.05 61.03 -17.20
C SER D 348 -18.46 61.00 -18.68
N ASN D 349 -19.73 61.36 -18.91
CA ASN D 349 -20.27 61.37 -20.25
C ASN D 349 -20.71 62.73 -20.75
N LEU D 350 -21.11 63.64 -19.85
CA LEU D 350 -21.50 64.98 -20.30
C LEU D 350 -20.32 65.74 -20.88
N GLU D 351 -19.20 65.74 -20.15
CA GLU D 351 -18.03 66.50 -20.58
C GLU D 351 -17.50 65.98 -21.91
N VAL D 352 -17.42 64.66 -22.05
CA VAL D 352 -16.93 64.09 -23.30
C VAL D 352 -17.89 64.42 -24.43
N ALA D 353 -19.19 64.42 -24.16
CA ALA D 353 -20.16 64.78 -25.18
C ALA D 353 -19.96 66.22 -25.64
N ILE D 354 -19.76 67.14 -24.71
CA ILE D 354 -19.55 68.54 -25.08
C ILE D 354 -18.27 68.68 -25.89
N LYS D 355 -17.19 68.03 -25.45
CA LYS D 355 -15.93 68.14 -26.16
C LYS D 355 -16.02 67.56 -27.56
N MET D 356 -16.69 66.42 -27.71
CA MET D 356 -16.85 65.81 -29.02
C MET D 356 -17.70 66.68 -29.93
N MET D 357 -18.75 67.30 -29.37
CA MET D 357 -19.57 68.20 -30.17
C MET D 357 -18.77 69.40 -30.64
N GLN D 358 -17.95 69.96 -29.77
CA GLN D 358 -17.11 71.09 -30.17
C GLN D 358 -16.10 70.68 -31.23
N ALA D 359 -15.48 69.51 -31.08
CA ALA D 359 -14.45 69.08 -32.01
C ALA D 359 -15.00 68.82 -33.41
N ALA D 360 -16.31 68.69 -33.56
CA ALA D 360 -16.92 68.46 -34.85
C ALA D 360 -17.31 69.75 -35.55
N GLN D 361 -16.97 70.90 -34.98
CA GLN D 361 -17.37 72.18 -35.55
C GLN D 361 -16.20 73.06 -35.96
N LEU D 362 -15.15 73.12 -35.15
CA LEU D 362 -14.16 74.18 -35.28
C LEU D 362 -13.10 73.92 -36.34
N HIS D 363 -13.01 72.71 -36.89
CA HIS D 363 -12.06 72.34 -37.93
C HIS D 363 -10.62 72.37 -37.45
N ARG D 364 -10.35 72.85 -36.23
CA ARG D 364 -8.99 72.95 -35.74
C ARG D 364 -8.89 72.58 -34.26
N ALA D 365 -9.97 72.15 -33.63
CA ALA D 365 -9.99 71.81 -32.22
C ALA D 365 -10.14 70.31 -32.01
N SER D 366 -9.45 69.53 -32.84
CA SER D 366 -9.54 68.08 -32.76
C SER D 366 -9.07 67.57 -31.41
N ILE D 367 -9.71 66.49 -30.94
CA ILE D 367 -9.45 65.96 -29.62
C ILE D 367 -8.02 65.46 -29.53
N GLU D 368 -7.38 65.70 -28.39
CA GLU D 368 -6.05 65.18 -28.09
C GLU D 368 -6.16 64.19 -26.95
N ILE D 369 -5.63 62.99 -27.14
CA ILE D 369 -5.78 61.90 -26.19
C ILE D 369 -4.58 61.88 -25.25
N ALA D 370 -4.85 61.80 -23.95
CA ALA D 370 -3.82 61.66 -22.93
C ALA D 370 -3.76 60.20 -22.50
N PHE D 371 -2.62 59.57 -22.72
CA PHE D 371 -2.46 58.17 -22.41
C PHE D 371 -1.98 57.97 -20.99
N PRO D 372 -2.21 56.79 -20.40
CA PRO D 372 -1.80 56.56 -19.02
C PRO D 372 -0.30 56.69 -18.83
N MET D 373 0.08 57.06 -17.61
CA MET D 373 1.47 57.36 -17.31
C MET D 373 2.23 56.09 -16.92
N ASN D 374 3.47 56.00 -17.41
CA ASN D 374 4.46 54.99 -17.02
C ASN D 374 3.92 53.57 -16.96
N VAL D 375 2.89 53.27 -17.77
CA VAL D 375 2.41 51.91 -17.97
C VAL D 375 2.25 51.72 -19.46
N SER D 376 2.93 50.73 -20.02
CA SER D 376 2.88 50.44 -21.44
C SER D 376 2.26 49.08 -21.67
N LEU D 377 1.33 49.00 -22.63
CA LEU D 377 0.76 47.74 -23.09
C LEU D 377 0.09 46.96 -21.95
N SER D 378 -0.57 47.69 -21.07
CA SER D 378 -1.42 47.05 -20.09
C SER D 378 -2.63 46.44 -20.79
N PRO D 379 -3.21 45.37 -20.25
CA PRO D 379 -4.33 44.71 -20.96
C PRO D 379 -5.50 45.63 -21.25
N GLU D 380 -5.83 46.57 -20.36
CA GLU D 380 -6.96 47.45 -20.61
C GLU D 380 -6.65 48.46 -21.71
N ILE D 381 -5.39 48.86 -21.86
CA ILE D 381 -5.03 49.82 -22.88
C ILE D 381 -5.34 49.26 -24.27
N ILE D 382 -5.08 47.98 -24.48
CA ILE D 382 -5.29 47.38 -25.79
C ILE D 382 -6.76 47.41 -26.17
N VAL D 383 -7.62 46.98 -25.26
CA VAL D 383 -9.05 46.93 -25.58
C VAL D 383 -9.61 48.34 -25.71
N GLN D 384 -9.14 49.28 -24.89
CA GLN D 384 -9.63 50.65 -25.02
C GLN D 384 -9.21 51.25 -26.35
N CYS D 385 -7.98 50.96 -26.79
CA CYS D 385 -7.54 51.42 -28.10
C CYS D 385 -8.38 50.81 -29.20
N PHE D 386 -8.72 49.53 -29.08
CA PHE D 386 -9.57 48.90 -30.09
C PHE D 386 -10.95 49.56 -30.15
N ILE D 387 -11.53 49.82 -28.99
CA ILE D 387 -12.84 50.47 -28.96
C ILE D 387 -12.76 51.85 -29.61
N VAL D 388 -11.72 52.61 -29.29
CA VAL D 388 -11.55 53.91 -29.92
C VAL D 388 -11.41 53.77 -31.44
N TRP D 389 -10.65 52.76 -31.87
CA TRP D 389 -10.40 52.58 -33.30
C TRP D 389 -11.67 52.31 -34.06
N MET D 390 -12.53 51.42 -33.54
CA MET D 390 -13.71 51.02 -34.30
C MET D 390 -15.00 51.64 -33.77
N SER D 391 -14.91 52.71 -32.98
CA SER D 391 -16.12 53.40 -32.54
C SER D 391 -16.07 54.91 -32.63
N ILE D 392 -14.91 55.54 -32.68
CA ILE D 392 -14.78 57.00 -32.70
C ILE D 392 -14.38 57.43 -34.10
N PRO D 393 -15.10 58.37 -34.72
CA PRO D 393 -14.78 58.77 -36.08
C PRO D 393 -13.37 59.33 -36.18
N GLU D 394 -12.74 59.10 -37.34
CA GLU D 394 -11.33 59.45 -37.49
C GLU D 394 -11.15 60.96 -37.67
N GLN D 395 -12.14 61.66 -38.20
CA GLN D 395 -11.98 63.09 -38.45
C GLN D 395 -12.06 63.93 -37.19
N LEU D 396 -12.49 63.35 -36.08
CA LEU D 396 -12.59 64.10 -34.82
C LEU D 396 -11.36 63.97 -33.96
N LEU D 397 -10.32 63.30 -34.43
CA LEU D 397 -9.12 63.07 -33.64
C LEU D 397 -7.93 63.78 -34.28
N SER D 398 -6.95 64.10 -33.45
CA SER D 398 -5.71 64.67 -33.94
C SER D 398 -4.89 63.61 -34.66
N ASP D 399 -3.94 64.07 -35.48
CA ASP D 399 -3.06 63.14 -36.17
C ASP D 399 -2.21 62.35 -35.17
N ARG D 400 -1.74 63.02 -34.11
CA ARG D 400 -0.92 62.33 -33.12
C ARG D 400 -1.69 61.22 -32.43
N SER D 401 -2.94 61.49 -32.03
CA SER D 401 -3.74 60.48 -31.36
C SER D 401 -4.04 59.31 -32.29
N ASN D 402 -4.37 59.60 -33.55
CA ASN D 402 -4.60 58.53 -34.51
C ASN D 402 -3.36 57.68 -34.68
N PHE D 403 -2.18 58.31 -34.74
CA PHE D 403 -0.96 57.55 -34.92
C PHE D 403 -0.70 56.65 -33.71
N ILE D 404 -0.91 57.16 -32.50
CA ILE D 404 -0.67 56.34 -31.31
C ILE D 404 -1.62 55.16 -31.27
N ILE D 405 -2.91 55.41 -31.57
CA ILE D 405 -3.89 54.33 -31.56
C ILE D 405 -3.49 53.27 -32.59
N ALA D 406 -3.13 53.71 -33.79
CA ALA D 406 -2.76 52.77 -34.84
C ALA D 406 -1.51 51.99 -34.48
N ALA D 407 -0.55 52.64 -33.83
CA ALA D 407 0.65 51.93 -33.41
C ALA D 407 0.33 50.85 -32.40
N VAL D 408 -0.52 51.16 -31.41
CA VAL D 408 -0.89 50.15 -30.43
C VAL D 408 -1.61 48.98 -31.10
N ILE D 409 -2.47 49.29 -32.08
CA ILE D 409 -3.17 48.22 -32.79
C ILE D 409 -2.20 47.35 -33.57
N TRP D 410 -1.30 47.97 -34.33
CA TRP D 410 -0.41 47.25 -35.23
C TRP D 410 0.73 46.55 -34.52
N ALA D 411 1.00 46.89 -33.26
CA ALA D 411 2.08 46.22 -32.55
C ALA D 411 1.85 44.72 -32.43
N GLY D 412 0.62 44.32 -32.12
CA GLY D 412 0.34 42.92 -31.91
C GLY D 412 0.16 42.06 -33.14
N PHE D 413 0.09 42.67 -34.32
CA PHE D 413 -0.12 41.92 -35.55
C PHE D 413 1.11 41.80 -36.42
N SER D 414 2.06 42.72 -36.31
CA SER D 414 3.25 42.67 -37.15
C SER D 414 4.09 41.44 -36.80
N ALA D 415 4.62 40.80 -37.83
CA ALA D 415 5.42 39.60 -37.62
C ALA D 415 6.70 39.90 -36.85
N ASP D 416 7.35 41.01 -37.17
CA ASP D 416 8.66 41.33 -36.63
C ASP D 416 8.67 42.54 -35.71
N ASP D 417 8.10 43.66 -36.14
CA ASP D 417 8.22 44.90 -35.39
C ASP D 417 7.49 44.81 -34.06
N SER D 418 8.07 45.44 -33.04
CA SER D 418 7.47 45.51 -31.72
C SER D 418 6.90 46.91 -31.49
N TYR D 419 6.34 47.12 -30.30
CA TYR D 419 5.73 48.41 -29.99
C TYR D 419 6.76 49.53 -30.01
N ALA D 420 7.92 49.30 -29.37
CA ALA D 420 8.96 50.31 -29.39
C ALA D 420 9.50 50.52 -30.80
N ASP D 421 9.69 49.44 -31.55
CA ASP D 421 10.16 49.54 -32.92
C ASP D 421 9.17 50.29 -33.81
N ILE D 422 7.90 50.32 -33.43
CA ILE D 422 6.91 51.06 -34.19
C ILE D 422 6.88 52.52 -33.77
N MET D 423 6.92 52.78 -32.46
CA MET D 423 6.96 54.15 -31.98
C MET D 423 8.22 54.87 -32.45
N ARG D 424 9.30 54.12 -32.72
CA ARG D 424 10.52 54.72 -33.23
C ARG D 424 10.36 55.25 -34.64
N ARG D 425 9.26 54.94 -35.32
CA ARG D 425 9.00 55.47 -36.66
C ARG D 425 8.57 56.92 -36.65
N SER D 426 8.69 57.61 -35.51
CA SER D 426 8.30 59.01 -35.45
C SER D 426 9.13 59.85 -36.42
N ALA D 427 10.43 59.58 -36.50
CA ALA D 427 11.25 60.21 -37.50
C ALA D 427 11.04 59.52 -38.85
N ARG D 428 11.69 60.07 -39.88
CA ARG D 428 11.65 59.51 -41.24
C ARG D 428 10.26 59.58 -41.86
N ALA D 429 9.29 60.14 -41.14
CA ALA D 429 7.94 60.31 -41.66
C ALA D 429 7.16 61.18 -40.69
N SER D 430 6.04 61.72 -41.17
CA SER D 430 5.19 62.54 -40.34
C SER D 430 4.19 61.66 -39.59
N ASP D 431 3.39 62.29 -38.72
CA ASP D 431 2.38 61.56 -37.98
C ASP D 431 1.27 61.07 -38.92
N ARG D 432 0.75 61.97 -39.75
CA ARG D 432 -0.32 61.59 -40.65
C ARG D 432 0.14 60.54 -41.65
N GLN D 433 1.36 60.66 -42.15
CA GLN D 433 1.88 59.68 -43.10
C GLN D 433 2.04 58.31 -42.46
N ASN D 434 2.54 58.26 -41.23
CA ASN D 434 2.64 56.99 -40.53
C ASN D 434 1.27 56.38 -40.30
N TYR D 435 0.30 57.21 -39.93
CA TYR D 435 -1.05 56.72 -39.73
C TYR D 435 -1.61 56.14 -41.02
N ASP D 436 -1.39 56.80 -42.15
CA ASP D 436 -1.87 56.29 -43.43
C ASP D 436 -1.20 54.97 -43.77
N ILE D 437 0.11 54.87 -43.54
CA ILE D 437 0.81 53.62 -43.83
C ILE D 437 0.22 52.48 -43.00
N ILE D 438 0.04 52.72 -41.71
CA ILE D 438 -0.47 51.65 -40.84
C ILE D 438 -1.89 51.26 -41.25
N LYS D 439 -2.74 52.25 -41.52
CA LYS D 439 -4.12 51.95 -41.90
C LYS D 439 -4.16 51.16 -43.20
N ALA D 440 -3.33 51.52 -44.18
CA ALA D 440 -3.27 50.74 -45.40
C ALA D 440 -2.80 49.33 -45.13
N ALA D 441 -1.90 49.15 -44.15
CA ALA D 441 -1.48 47.81 -43.79
C ALA D 441 -2.60 47.02 -43.13
N LEU D 442 -3.55 47.69 -42.50
CA LEU D 442 -4.64 47.01 -41.82
C LEU D 442 -5.85 46.76 -42.71
N SER D 443 -5.75 47.09 -43.99
CA SER D 443 -6.82 46.81 -44.95
C SER D 443 -6.32 46.00 -46.13
N SER D 444 -5.34 45.14 -45.90
CA SER D 444 -4.75 44.32 -46.94
C SER D 444 -5.52 43.01 -47.07
N ARG D 445 -4.97 42.06 -47.81
CA ARG D 445 -5.62 40.77 -47.97
C ARG D 445 -5.52 39.89 -46.73
N LYS D 446 -4.63 40.23 -45.80
CA LYS D 446 -4.42 39.40 -44.63
C LYS D 446 -5.10 39.94 -43.38
N PHE D 447 -5.33 41.24 -43.29
CA PHE D 447 -5.99 41.83 -42.14
C PHE D 447 -7.03 42.84 -42.61
N LYS D 448 -8.11 42.97 -41.84
CA LYS D 448 -9.19 43.88 -42.19
C LYS D 448 -9.84 44.40 -40.91
N LEU D 449 -9.77 45.70 -40.69
CA LEU D 449 -10.39 46.34 -39.55
C LEU D 449 -11.33 47.44 -40.02
N PRO D 450 -12.41 47.69 -39.30
CA PRO D 450 -13.39 48.68 -39.76
C PRO D 450 -12.87 50.11 -39.84
N ARG D 451 -12.34 50.64 -38.73
CA ARG D 451 -11.89 52.03 -38.66
C ARG D 451 -13.02 53.00 -39.00
N ALA D 452 -13.97 53.06 -38.06
CA ALA D 452 -15.16 53.88 -38.23
C ALA D 452 -14.82 55.30 -38.66
N SER D 453 -15.48 55.76 -39.71
CA SER D 453 -15.30 57.11 -40.24
C SER D 453 -16.63 57.86 -40.16
N THR D 454 -16.66 59.05 -40.76
CA THR D 454 -17.85 59.88 -40.76
C THR D 454 -17.79 60.83 -41.96
N THR D 455 -18.91 61.48 -42.20
CA THR D 455 -19.04 62.35 -43.37
C THR D 455 -19.72 63.65 -42.96
N LEU D 456 -19.66 64.63 -43.86
CA LEU D 456 -20.32 65.90 -43.64
C LEU D 456 -21.83 65.74 -43.68
N PHE D 457 -22.54 66.71 -43.11
CA PHE D 457 -23.99 66.64 -43.00
C PHE D 457 -24.53 68.07 -43.01
N ASP D 458 -25.42 68.37 -43.94
CA ASP D 458 -25.88 69.75 -44.16
C ASP D 458 -27.39 69.80 -44.37
N GLU D 459 -28.15 69.11 -43.53
CA GLU D 459 -29.60 69.18 -43.54
C GLU D 459 -30.06 70.02 -42.37
N ASN D 460 -30.99 70.94 -42.62
CA ASN D 460 -31.39 71.90 -41.60
C ASN D 460 -32.88 72.21 -41.74
N GLU D 461 -33.46 72.66 -40.63
CA GLU D 461 -34.86 73.06 -40.61
C GLU D 461 -34.96 74.55 -40.93
N PRO D 462 -35.63 74.94 -42.01
CA PRO D 462 -35.73 76.36 -42.35
C PRO D 462 -36.35 77.16 -41.21
N VAL D 463 -35.75 78.33 -40.96
CA VAL D 463 -36.22 79.22 -39.90
C VAL D 463 -35.56 80.57 -40.12
N VAL D 464 -36.28 81.64 -39.77
CA VAL D 464 -35.74 82.98 -39.96
C VAL D 464 -34.59 83.22 -38.98
N ARG D 465 -33.48 83.74 -39.50
CA ARG D 465 -32.28 83.96 -38.70
C ARG D 465 -31.70 85.31 -39.08
N ARG D 466 -30.49 85.58 -38.60
CA ARG D 466 -29.76 86.79 -38.93
C ARG D 466 -28.31 86.55 -39.32
N TYR D 467 -27.73 85.41 -38.99
CA TYR D 467 -26.32 85.13 -39.24
C TYR D 467 -26.19 84.00 -40.25
N GLN D 468 -24.94 83.60 -40.50
CA GLN D 468 -24.66 82.57 -41.47
C GLN D 468 -24.79 81.18 -40.86
N ILE D 469 -24.93 80.18 -41.72
CA ILE D 469 -25.08 78.80 -41.30
C ILE D 469 -23.96 77.98 -41.92
N GLY D 470 -23.65 76.85 -41.31
CA GLY D 470 -22.52 76.07 -41.77
C GLY D 470 -22.73 74.56 -41.74
N ARG D 471 -21.71 73.82 -42.15
CA ARG D 471 -21.73 72.37 -42.15
C ARG D 471 -20.89 71.84 -41.01
N VAL D 472 -21.34 70.76 -40.38
CA VAL D 472 -20.69 70.20 -39.22
C VAL D 472 -20.49 68.70 -39.44
N TYR D 473 -19.36 68.18 -38.99
CA TYR D 473 -19.14 66.75 -39.01
C TYR D 473 -20.08 66.05 -38.04
N ALA D 474 -20.53 64.85 -38.40
CA ALA D 474 -21.39 64.08 -37.48
C ALA D 474 -20.52 63.38 -36.44
N PRO D 475 -20.64 63.65 -35.11
CA PRO D 475 -19.87 62.91 -34.10
C PRO D 475 -20.43 61.49 -33.99
N PHE D 476 -21.37 61.15 -34.88
CA PHE D 476 -21.98 59.79 -34.85
C PHE D 476 -21.46 59.00 -36.05
N PRO D 477 -20.90 57.79 -35.83
CA PRO D 477 -20.37 56.98 -36.93
C PRO D 477 -21.50 56.48 -37.85
N VAL D 478 -22.75 56.79 -37.53
CA VAL D 478 -23.86 56.23 -38.36
C VAL D 478 -24.20 57.19 -39.50
N ASP D 479 -24.70 56.67 -40.61
CA ASP D 479 -25.09 57.50 -41.75
C ASP D 479 -26.54 57.96 -41.58
N ARG D 480 -27.08 58.61 -42.61
CA ARG D 480 -28.44 59.13 -42.55
C ARG D 480 -29.47 58.02 -42.66
N TYR D 481 -29.12 56.92 -43.33
CA TYR D 481 -30.06 55.83 -43.57
C TYR D 481 -29.83 54.63 -42.66
N GLY D 482 -29.05 54.81 -41.59
CA GLY D 482 -28.85 53.78 -40.61
C GLY D 482 -27.65 52.88 -40.86
N SER D 483 -27.17 52.82 -42.09
CA SER D 483 -26.01 51.99 -42.38
C SER D 483 -24.76 52.59 -41.75
N PRO D 484 -23.89 51.77 -41.18
CA PRO D 484 -22.65 52.31 -40.62
C PRO D 484 -21.70 52.78 -41.72
N VAL D 485 -20.88 53.75 -41.37
CA VAL D 485 -19.89 54.31 -42.27
C VAL D 485 -18.52 53.85 -41.79
N TYR D 486 -17.74 53.27 -42.69
CA TYR D 486 -16.41 52.78 -42.37
C TYR D 486 -15.42 53.31 -43.38
N SER D 487 -14.23 53.65 -42.91
CA SER D 487 -13.26 54.33 -43.77
C SER D 487 -12.76 53.44 -44.90
N ASN D 488 -12.36 52.20 -44.58
CA ASN D 488 -11.75 51.34 -45.57
C ASN D 488 -12.61 50.12 -45.91
N CYS D 489 -12.99 49.32 -44.92
CA CYS D 489 -13.68 48.07 -45.21
C CYS D 489 -14.41 47.60 -43.97
N THR D 490 -15.43 46.79 -44.19
CA THR D 490 -16.30 46.26 -43.15
C THR D 490 -16.24 44.75 -43.12
N LYS D 491 -17.01 44.14 -42.23
CA LYS D 491 -16.90 42.71 -41.92
C LYS D 491 -15.47 42.34 -41.53
N VAL D 492 -15.07 42.83 -40.35
CA VAL D 492 -13.77 42.54 -39.77
C VAL D 492 -13.43 41.06 -39.87
N GLU D 493 -12.27 40.77 -40.46
CA GLU D 493 -11.78 39.40 -40.56
C GLU D 493 -10.27 39.46 -40.68
N LEU D 494 -9.59 38.49 -40.06
CA LEU D 494 -8.14 38.54 -39.96
C LEU D 494 -7.60 37.14 -39.71
N ALA D 495 -6.59 36.77 -40.47
CA ALA D 495 -6.03 35.42 -40.43
C ALA D 495 -4.80 35.37 -39.53
N SER D 496 -5.00 35.76 -38.27
CA SER D 496 -3.97 35.64 -37.24
C SER D 496 -4.60 36.00 -35.90
N ASP D 497 -3.81 35.88 -34.84
CA ASP D 497 -4.24 36.24 -33.50
C ASP D 497 -3.40 37.40 -33.00
N TYR D 498 -4.01 38.24 -32.16
CA TYR D 498 -3.32 39.40 -31.64
C TYR D 498 -2.24 38.95 -30.69
N ASN D 499 -0.99 39.00 -31.12
CA ASN D 499 0.16 38.58 -30.33
C ASN D 499 0.94 39.82 -29.91
N ALA D 500 0.61 40.37 -28.76
CA ALA D 500 1.39 41.43 -28.15
C ALA D 500 2.59 40.80 -27.49
N GLU D 501 3.30 41.56 -26.65
CA GLU D 501 4.50 41.03 -26.02
C GLU D 501 4.17 39.81 -25.18
N GLY D 502 3.13 39.89 -24.36
CA GLY D 502 2.73 38.74 -23.56
C GLY D 502 1.24 38.56 -23.50
N PHE D 503 0.49 39.44 -24.14
CA PHE D 503 -0.96 39.44 -24.09
C PHE D 503 -1.51 38.95 -25.42
N THR D 504 -2.35 37.92 -25.38
CA THR D 504 -2.83 37.31 -26.65
C THR D 504 -4.36 37.26 -26.67
N ILE D 505 -4.96 37.50 -27.85
CA ILE D 505 -6.44 37.38 -27.98
C ILE D 505 -6.74 36.50 -29.19
N ARG D 506 -7.79 35.67 -29.11
CA ARG D 506 -8.12 34.74 -30.22
C ARG D 506 -8.77 35.53 -31.35
N LYS D 507 -8.56 35.11 -32.59
CA LYS D 507 -9.09 35.87 -33.77
C LYS D 507 -10.62 35.99 -33.66
N ASP D 508 -11.28 35.11 -32.90
CA ASP D 508 -12.73 35.14 -32.84
C ASP D 508 -13.26 36.22 -31.91
N ASP D 509 -12.41 36.84 -31.11
CA ASP D 509 -12.87 37.80 -30.11
C ASP D 509 -13.14 39.17 -30.69
N PHE D 510 -12.83 39.42 -31.96
CA PHE D 510 -13.05 40.74 -32.52
C PHE D 510 -14.45 40.89 -33.10
N ARG D 511 -14.95 39.88 -33.79
CA ARG D 511 -16.28 40.00 -34.40
C ARG D 511 -17.35 40.21 -33.33
N ALA D 512 -17.18 39.61 -32.16
CA ALA D 512 -18.08 39.89 -31.06
C ALA D 512 -18.00 41.35 -30.64
N LEU D 513 -16.77 41.89 -30.58
CA LEU D 513 -16.61 43.28 -30.18
C LEU D 513 -17.27 44.22 -31.18
N GLN D 514 -17.11 43.96 -32.48
CA GLN D 514 -17.79 44.79 -33.47
C GLN D 514 -19.30 44.63 -33.38
N ALA D 515 -19.77 43.41 -33.10
CA ALA D 515 -21.21 43.20 -32.99
C ALA D 515 -21.80 43.99 -31.83
N VAL D 516 -21.11 44.04 -30.69
CA VAL D 516 -21.67 44.73 -29.54
C VAL D 516 -21.59 46.25 -29.65
N LEU D 517 -20.84 46.78 -30.61
CA LEU D 517 -20.70 48.22 -30.81
C LEU D 517 -21.69 48.79 -31.83
N ARG D 518 -22.59 47.98 -32.36
CA ARG D 518 -23.52 48.45 -33.37
C ARG D 518 -24.50 49.45 -32.77
N ILE D 519 -25.13 50.23 -33.65
CA ILE D 519 -26.03 51.30 -33.24
C ILE D 519 -27.42 50.98 -33.75
N ASP D 520 -28.41 51.01 -32.85
CA ASP D 520 -29.78 50.66 -33.18
C ASP D 520 -30.44 51.79 -33.96
N GLU D 521 -31.59 51.50 -34.55
CA GLU D 521 -32.28 52.48 -35.39
C GLU D 521 -32.85 53.63 -34.58
N ASP D 522 -33.55 53.33 -33.48
CA ASP D 522 -34.10 54.41 -32.66
C ASP D 522 -32.99 55.27 -32.07
N ARG D 523 -31.88 54.64 -31.69
CA ARG D 523 -30.71 55.40 -31.24
C ARG D 523 -30.24 56.33 -32.33
N ALA D 524 -30.22 55.86 -33.58
CA ALA D 524 -29.79 56.72 -34.69
C ALA D 524 -30.74 57.89 -34.89
N ALA D 525 -32.05 57.64 -34.79
CA ALA D 525 -33.02 58.72 -34.95
C ALA D 525 -32.85 59.77 -33.86
N ASP D 526 -32.68 59.34 -32.62
CA ASP D 526 -32.44 60.28 -31.53
C ASP D 526 -31.13 61.02 -31.72
N MET D 527 -30.11 60.35 -32.26
CA MET D 527 -28.85 61.01 -32.54
C MET D 527 -29.05 62.12 -33.56
N PHE D 528 -29.80 61.83 -34.62
CA PHE D 528 -29.91 62.79 -35.72
C PHE D 528 -30.80 63.97 -35.36
N THR D 529 -31.81 63.77 -34.52
CA THR D 529 -32.71 64.86 -34.19
C THR D 529 -31.95 66.03 -33.56
N THR D 530 -31.14 65.74 -32.55
CA THR D 530 -30.42 66.78 -31.83
C THR D 530 -29.45 67.50 -32.75
N LEU D 531 -28.70 66.75 -33.55
CA LEU D 531 -27.76 67.39 -34.47
C LEU D 531 -28.48 68.26 -35.48
N ARG D 532 -29.64 67.81 -35.98
CA ARG D 532 -30.35 68.62 -36.95
C ARG D 532 -30.82 69.92 -36.34
N ILE D 533 -31.29 69.89 -35.08
CA ILE D 533 -31.69 71.15 -34.45
C ILE D 533 -30.51 71.98 -33.99
N MET D 534 -29.31 71.41 -33.96
CA MET D 534 -28.14 72.19 -33.55
C MET D 534 -27.38 72.81 -34.71
N ILE D 535 -27.31 72.14 -35.86
CA ILE D 535 -26.57 72.68 -36.99
C ILE D 535 -27.23 73.95 -37.50
N SER D 536 -28.55 74.03 -37.41
CA SER D 536 -29.32 75.10 -38.04
C SER D 536 -29.45 76.34 -37.16
N SER D 537 -28.76 76.40 -36.03
CA SER D 537 -28.94 77.54 -35.15
C SER D 537 -27.62 78.16 -34.68
N ILE D 538 -26.57 77.37 -34.55
CA ILE D 538 -25.29 77.89 -34.05
C ILE D 538 -24.67 78.78 -35.12
N PRO D 539 -24.16 79.96 -34.78
CA PRO D 539 -23.52 80.83 -35.78
C PRO D 539 -22.33 80.13 -36.42
N ALA D 540 -22.15 80.36 -37.71
CA ALA D 540 -21.11 79.69 -38.48
C ALA D 540 -19.88 80.55 -38.70
N VAL D 541 -19.88 81.79 -38.22
CA VAL D 541 -18.72 82.64 -38.42
C VAL D 541 -17.59 82.30 -37.45
N TRP D 542 -17.88 81.55 -36.39
CA TRP D 542 -16.89 81.20 -35.39
C TRP D 542 -16.20 79.88 -35.68
N TYR D 543 -16.54 79.21 -36.78
CA TYR D 543 -15.94 77.91 -37.08
C TYR D 543 -14.47 78.00 -37.44
N ASP D 544 -13.97 79.20 -37.71
CA ASP D 544 -12.57 79.37 -38.09
C ASP D 544 -11.71 79.67 -36.87
N ALA D 545 -12.34 79.84 -35.71
CA ALA D 545 -11.62 80.31 -34.53
C ALA D 545 -10.50 79.35 -34.14
N GLU D 546 -9.32 79.90 -33.92
CA GLU D 546 -8.21 79.09 -33.42
C GLU D 546 -8.43 78.75 -31.96
N VAL D 547 -7.99 77.55 -31.57
CA VAL D 547 -8.26 77.06 -30.24
C VAL D 547 -7.49 77.88 -29.21
N VAL D 548 -8.14 78.17 -28.09
CA VAL D 548 -7.50 78.77 -26.93
C VAL D 548 -8.05 78.05 -25.70
N HIS D 549 -7.28 78.11 -24.61
CA HIS D 549 -7.59 77.35 -23.41
C HIS D 549 -7.67 75.84 -23.73
N TYR D 550 -6.52 75.31 -24.11
CA TYR D 550 -6.33 73.94 -24.58
C TYR D 550 -7.02 72.87 -23.73
N PRO D 551 -7.13 73.01 -22.41
CA PRO D 551 -7.88 72.01 -21.63
C PRO D 551 -9.30 71.76 -22.10
N HIS D 552 -9.82 72.53 -23.05
CA HIS D 552 -11.17 72.29 -23.57
C HIS D 552 -11.20 71.22 -24.64
N THR D 553 -10.06 70.69 -25.06
CA THR D 553 -10.02 69.65 -26.09
C THR D 553 -9.15 68.46 -25.70
N ALA D 554 -9.00 68.17 -24.42
CA ALA D 554 -8.20 67.05 -23.95
C ALA D 554 -9.07 66.08 -23.17
N VAL D 555 -8.99 64.80 -23.50
CA VAL D 555 -9.76 63.76 -22.82
C VAL D 555 -8.83 62.63 -22.44
N GLU D 556 -9.23 61.87 -21.42
CA GLU D 556 -8.52 60.67 -21.03
C GLU D 556 -8.89 59.51 -21.96
N LEU D 557 -7.98 58.54 -22.08
CA LEU D 557 -8.26 57.39 -22.92
C LEU D 557 -9.44 56.59 -22.39
N GLU D 558 -9.49 56.37 -21.08
CA GLU D 558 -10.57 55.57 -20.52
C GLU D 558 -11.92 56.27 -20.64
N GLN D 559 -11.95 57.59 -20.46
CA GLN D 559 -13.20 58.32 -20.63
C GLN D 559 -13.70 58.23 -22.07
N LEU D 560 -12.81 58.40 -23.03
CA LEU D 560 -13.21 58.29 -24.43
C LEU D 560 -13.69 56.89 -24.76
N ALA D 561 -13.00 55.86 -24.24
CA ALA D 561 -13.43 54.49 -24.49
C ALA D 561 -14.79 54.22 -23.89
N ALA D 562 -15.04 54.73 -22.68
CA ALA D 562 -16.34 54.58 -22.07
C ALA D 562 -17.42 55.28 -22.89
N TYR D 563 -17.13 56.48 -23.38
CA TYR D 563 -18.08 57.19 -24.21
C TYR D 563 -18.40 56.43 -25.48
N GLY D 564 -17.38 55.83 -26.11
CA GLY D 564 -17.61 55.11 -27.34
C GLY D 564 -18.32 53.79 -27.15
N LEU D 565 -17.99 53.07 -26.08
CA LEU D 565 -18.56 51.74 -25.85
C LEU D 565 -20.08 51.82 -25.69
N THR D 566 -20.53 52.52 -24.66
CA THR D 566 -21.95 52.78 -24.49
C THR D 566 -22.34 53.90 -25.44
N GLY D 567 -23.17 53.58 -26.45
CA GLY D 567 -23.49 54.54 -27.47
C GLY D 567 -24.09 55.81 -26.90
N ALA D 568 -23.32 56.89 -26.90
CA ALA D 568 -23.70 58.14 -26.28
C ALA D 568 -23.76 59.24 -27.32
N TYR D 569 -24.71 60.15 -27.14
CA TYR D 569 -24.93 61.23 -28.09
C TYR D 569 -25.44 62.44 -27.34
N PRO D 570 -25.13 63.64 -27.80
CA PRO D 570 -25.71 64.84 -27.18
C PRO D 570 -27.22 64.83 -27.32
N ARG D 571 -27.90 65.33 -26.29
CA ARG D 571 -29.35 65.38 -26.28
C ARG D 571 -29.82 66.77 -25.90
N THR D 572 -30.84 67.26 -26.59
CA THR D 572 -31.38 68.59 -26.40
C THR D 572 -32.86 68.51 -26.08
N ASN D 573 -33.30 69.31 -25.11
CA ASN D 573 -34.71 69.37 -24.74
C ASN D 573 -35.38 70.67 -25.18
N HIS D 574 -34.71 71.45 -26.02
CA HIS D 574 -35.25 72.72 -26.50
C HIS D 574 -35.48 72.65 -28.01
N SER D 575 -36.12 73.69 -28.53
CA SER D 575 -36.44 73.79 -29.94
C SER D 575 -35.53 74.80 -30.61
N VAL D 576 -35.55 74.80 -31.95
CA VAL D 576 -34.68 75.69 -32.71
C VAL D 576 -35.01 77.14 -32.44
N ASP D 577 -36.31 77.47 -32.36
CA ASP D 577 -36.72 78.85 -32.14
C ASP D 577 -36.18 79.39 -30.82
N THR D 578 -36.18 78.56 -29.78
CA THR D 578 -35.65 78.99 -28.50
C THR D 578 -34.17 79.33 -28.58
N ILE D 579 -33.39 78.49 -29.25
CA ILE D 579 -31.96 78.74 -29.38
C ILE D 579 -31.72 80.03 -30.15
N VAL D 580 -32.46 80.22 -31.25
CA VAL D 580 -32.31 81.43 -32.05
C VAL D 580 -32.66 82.65 -31.20
N LYS D 581 -33.72 82.56 -30.40
CA LYS D 581 -34.12 83.68 -29.57
C LYS D 581 -33.04 84.02 -28.55
N THR D 582 -32.44 83.00 -27.94
CA THR D 582 -31.39 83.27 -26.95
C THR D 582 -30.19 83.94 -27.60
N VAL D 583 -29.77 83.44 -28.78
CA VAL D 583 -28.63 84.04 -29.45
C VAL D 583 -28.92 85.49 -29.81
N ASN D 584 -30.12 85.75 -30.31
CA ASN D 584 -30.49 87.13 -30.65
C ASN D 584 -30.50 88.01 -29.42
N ASN D 585 -30.98 87.50 -28.29
CA ASN D 585 -31.01 88.29 -27.07
C ASN D 585 -29.61 88.69 -26.63
N ILE D 586 -28.68 87.71 -26.61
CA ILE D 586 -27.33 88.08 -26.19
C ILE D 586 -26.67 89.02 -27.19
N SER D 587 -26.93 88.86 -28.49
CA SER D 587 -26.38 89.79 -29.47
C SER D 587 -26.92 91.20 -29.26
N ALA D 588 -28.21 91.33 -29.00
CA ALA D 588 -28.80 92.65 -28.78
C ALA D 588 -28.23 93.28 -27.51
N THR D 589 -28.06 92.50 -26.46
CA THR D 589 -27.48 93.04 -25.23
C THR D 589 -26.05 93.54 -25.48
N TYR D 590 -25.25 92.75 -26.20
CA TYR D 590 -23.89 93.18 -26.51
C TYR D 590 -23.89 94.46 -27.32
N SER D 591 -24.75 94.55 -28.33
CA SER D 591 -24.79 95.74 -29.17
C SER D 591 -25.19 96.98 -28.36
N THR D 592 -26.22 96.84 -27.53
CA THR D 592 -26.67 97.98 -26.73
C THR D 592 -25.57 98.42 -25.75
N ILE D 593 -24.88 97.45 -25.14
CA ILE D 593 -23.81 97.79 -24.22
C ILE D 593 -22.72 98.56 -24.96
N ALA D 594 -22.35 98.11 -26.15
CA ALA D 594 -21.32 98.81 -26.91
C ALA D 594 -21.77 100.23 -27.28
N GLN D 595 -23.01 100.37 -27.74
CA GLN D 595 -23.50 101.69 -28.13
C GLN D 595 -23.48 102.65 -26.94
N MET D 596 -23.92 102.19 -25.77
CA MET D 596 -23.87 103.03 -24.58
C MET D 596 -22.43 103.36 -24.19
N LEU D 597 -21.54 102.37 -24.27
CA LEU D 597 -20.16 102.57 -23.85
C LEU D 597 -19.40 103.49 -24.79
N SER D 598 -19.89 103.68 -26.02
CA SER D 598 -19.18 104.54 -26.97
C SER D 598 -19.17 106.00 -26.55
N THR D 599 -20.15 106.43 -25.74
CA THR D 599 -20.26 107.85 -25.43
C THR D 599 -19.16 108.32 -24.49
N ILE D 600 -18.87 107.56 -23.44
CA ILE D 600 -17.87 107.98 -22.47
C ILE D 600 -16.48 107.78 -23.06
N ASP D 601 -15.48 108.36 -22.40
CA ASP D 601 -14.12 108.36 -22.90
C ASP D 601 -13.18 107.67 -21.92
N LEU D 602 -12.31 106.82 -22.46
CA LEU D 602 -11.25 106.19 -21.68
C LEU D 602 -10.03 106.05 -22.61
N ASP D 603 -9.16 107.05 -22.55
CA ASP D 603 -7.97 106.99 -23.39
C ASP D 603 -6.92 106.11 -22.74
N PRO D 604 -6.03 105.50 -23.52
CA PRO D 604 -5.03 104.59 -22.97
C PRO D 604 -3.79 105.27 -22.40
N THR D 605 -3.73 106.60 -22.42
CA THR D 605 -2.57 107.34 -21.91
C THR D 605 -2.95 108.18 -20.69
N ARG D 606 -3.74 107.60 -19.81
CA ARG D 606 -4.12 108.29 -18.59
C ARG D 606 -3.80 107.49 -17.33
N TYR D 607 -3.91 106.17 -17.40
CA TYR D 607 -3.64 105.31 -16.27
C TYR D 607 -2.62 104.25 -16.66
N GLY D 608 -2.38 103.31 -15.75
CA GLY D 608 -1.54 102.17 -16.05
C GLY D 608 -2.32 101.11 -16.80
N THR D 609 -1.65 99.99 -17.05
CA THR D 609 -2.29 98.90 -17.77
C THR D 609 -3.33 98.17 -16.94
N SER D 610 -3.34 98.35 -15.62
CA SER D 610 -4.29 97.70 -14.73
C SER D 610 -5.37 98.63 -14.20
N GLU D 611 -5.00 99.88 -13.89
CA GLU D 611 -6.00 100.84 -13.46
C GLU D 611 -7.00 101.10 -14.58
N SER D 612 -6.53 101.07 -15.84
CA SER D 612 -7.44 101.22 -16.96
C SER D 612 -8.43 100.07 -17.02
N ILE D 613 -7.96 98.84 -16.78
CA ILE D 613 -8.86 97.69 -16.76
C ILE D 613 -9.90 97.86 -15.66
N ASP D 614 -9.47 98.28 -14.47
CA ASP D 614 -10.42 98.45 -13.37
C ASP D 614 -11.44 99.53 -13.68
N LYS D 615 -10.99 100.64 -14.28
CA LYS D 615 -11.91 101.70 -14.66
C LYS D 615 -12.91 101.22 -15.69
N PHE D 616 -12.45 100.42 -16.66
CA PHE D 616 -13.36 99.88 -17.66
C PHE D 616 -14.39 98.96 -17.02
N LYS D 617 -13.98 98.13 -16.06
CA LYS D 617 -14.92 97.27 -15.36
C LYS D 617 -15.98 98.09 -14.64
N ILE D 618 -15.55 99.15 -13.95
CA ILE D 618 -16.50 99.99 -13.21
C ILE D 618 -17.47 100.65 -14.18
N ALA D 619 -16.96 101.15 -15.31
CA ALA D 619 -17.82 101.79 -16.29
C ALA D 619 -18.84 100.80 -16.85
N TRP D 620 -18.40 99.58 -17.14
CA TRP D 620 -19.31 98.56 -17.65
C TRP D 620 -20.40 98.25 -16.64
N GLU D 621 -20.03 98.06 -15.38
CA GLU D 621 -21.03 97.77 -14.36
C GLU D 621 -22.02 98.92 -14.22
N ASN D 622 -21.51 100.15 -14.21
CA ASN D 622 -22.39 101.31 -14.09
C ASN D 622 -23.36 101.39 -15.25
N VAL D 623 -22.87 101.24 -16.48
CA VAL D 623 -23.73 101.32 -17.65
C VAL D 623 -24.78 100.21 -17.61
N GLU D 624 -24.37 99.00 -17.24
CA GLU D 624 -25.31 97.88 -17.18
C GLU D 624 -26.40 98.14 -16.16
N SER D 625 -26.05 98.70 -15.00
CA SER D 625 -27.05 98.98 -13.98
C SER D 625 -27.85 100.24 -14.29
N VAL D 626 -27.41 101.07 -15.22
CA VAL D 626 -28.12 102.30 -15.54
C VAL D 626 -29.23 102.04 -16.55
N LEU D 627 -28.89 101.45 -17.69
CA LEU D 627 -29.84 101.37 -18.80
C LEU D 627 -30.71 100.12 -18.71
N ASN D 628 -30.08 98.96 -18.74
CA ASN D 628 -30.80 97.70 -18.83
C ASN D 628 -31.13 97.15 -17.44
N MET D 629 -32.20 96.37 -17.38
CA MET D 629 -32.52 95.65 -16.16
C MET D 629 -31.51 94.53 -15.94
N GLU D 630 -31.42 94.08 -14.69
CA GLU D 630 -30.45 93.06 -14.34
C GLU D 630 -30.72 91.77 -15.08
N GLY D 631 -29.67 91.17 -15.63
CA GLY D 631 -29.75 89.91 -16.34
C GLY D 631 -28.56 89.04 -16.07
N ASN D 632 -27.99 88.45 -17.12
CA ASN D 632 -26.82 87.59 -16.98
C ASN D 632 -25.59 88.11 -17.71
N ASP D 633 -25.77 88.75 -18.86
CA ASP D 633 -24.67 89.37 -19.61
C ASP D 633 -23.61 88.33 -19.96
N PHE D 634 -24.02 87.41 -20.83
CA PHE D 634 -23.20 86.26 -21.21
C PHE D 634 -21.78 86.68 -21.58
N VAL D 635 -21.65 87.69 -22.44
CA VAL D 635 -20.33 88.13 -22.87
C VAL D 635 -19.53 88.68 -21.70
N LYS D 636 -20.19 89.41 -20.79
CA LYS D 636 -19.47 89.97 -19.65
C LYS D 636 -18.88 88.88 -18.77
N THR D 637 -19.68 87.86 -18.47
CA THR D 637 -19.17 86.77 -17.65
C THR D 637 -18.09 85.98 -18.36
N ILE D 638 -18.22 85.79 -19.68
CA ILE D 638 -17.17 85.10 -20.43
C ILE D 638 -15.86 85.87 -20.32
N MET D 639 -15.91 87.19 -20.51
CA MET D 639 -14.71 88.00 -20.37
C MET D 639 -14.14 87.92 -18.97
N TYR D 640 -15.00 87.99 -17.96
CA TYR D 640 -14.53 88.00 -16.58
C TYR D 640 -13.84 86.69 -16.22
N ALA D 641 -14.41 85.57 -16.63
CA ALA D 641 -13.91 84.28 -16.17
C ALA D 641 -12.51 83.99 -16.67
N TYR D 642 -12.25 84.24 -17.94
CA TYR D 642 -10.99 83.85 -18.58
C TYR D 642 -10.03 85.01 -18.71
N GLU D 643 -10.08 85.97 -17.79
CA GLU D 643 -9.19 87.11 -17.85
C GLU D 643 -7.75 86.78 -17.47
N ASP D 644 -7.52 85.65 -16.82
CA ASP D 644 -6.18 85.24 -16.45
C ASP D 644 -5.49 84.41 -17.51
N ASN D 645 -6.16 84.12 -18.62
CA ASN D 645 -5.55 83.41 -19.74
C ASN D 645 -4.95 84.35 -20.77
N PHE D 646 -4.98 85.65 -20.52
CA PHE D 646 -4.48 86.63 -21.46
C PHE D 646 -3.52 87.58 -20.75
N PRO D 647 -2.47 88.02 -21.44
CA PRO D 647 -1.64 89.09 -20.90
C PRO D 647 -2.42 90.40 -20.85
N LYS D 648 -2.02 91.26 -19.92
CA LYS D 648 -2.85 92.44 -19.61
C LYS D 648 -2.98 93.36 -20.82
N LYS D 649 -1.90 93.54 -21.58
CA LYS D 649 -1.94 94.47 -22.71
C LYS D 649 -2.97 94.04 -23.75
N ASP D 650 -2.89 92.77 -24.19
CA ASP D 650 -3.82 92.31 -25.22
C ASP D 650 -5.23 92.17 -24.67
N PHE D 651 -5.38 91.87 -23.37
CA PHE D 651 -6.72 91.87 -22.78
C PHE D 651 -7.34 93.26 -22.83
N TYR D 652 -6.55 94.30 -22.51
CA TYR D 652 -7.05 95.65 -22.61
C TYR D 652 -7.38 96.02 -24.04
N MET D 653 -6.54 95.60 -24.99
CA MET D 653 -6.84 95.89 -26.40
C MET D 653 -8.14 95.24 -26.83
N MET D 654 -8.35 93.98 -26.43
CA MET D 654 -9.57 93.28 -26.81
C MET D 654 -10.80 93.91 -26.16
N LEU D 655 -10.67 94.38 -24.91
CA LEU D 655 -11.76 95.12 -24.30
C LEU D 655 -12.06 96.41 -25.04
N LYS D 656 -11.00 97.13 -25.44
CA LYS D 656 -11.21 98.38 -26.16
C LYS D 656 -11.84 98.15 -27.52
N GLN D 657 -11.63 96.96 -28.10
CA GLN D 657 -12.27 96.62 -29.37
C GLN D 657 -13.78 96.69 -29.25
N ILE D 658 -14.32 96.25 -28.10
CA ILE D 658 -15.77 96.28 -27.91
C ILE D 658 -16.29 97.71 -28.00
N ALA D 659 -15.63 98.63 -27.31
CA ALA D 659 -16.05 100.02 -27.36
C ALA D 659 -15.86 100.60 -28.76
N SER D 660 -14.81 100.20 -29.46
CA SER D 660 -14.56 100.74 -30.78
C SER D 660 -15.54 100.24 -31.83
N ASP D 661 -16.09 99.04 -31.66
CA ASP D 661 -16.93 98.47 -32.71
C ASP D 661 -18.27 99.19 -32.84
N GLY D 662 -18.71 99.86 -31.78
CA GLY D 662 -20.01 100.50 -31.82
C GLY D 662 -19.98 102.01 -31.67
N GLN D 663 -19.07 102.66 -32.37
CA GLN D 663 -18.79 104.08 -32.17
C GLN D 663 -19.24 104.90 -33.37
N GLY D 664 -19.91 106.01 -33.10
CA GLY D 664 -20.13 107.04 -34.11
C GLY D 664 -21.55 107.28 -34.59
N ALA D 665 -22.17 108.34 -34.07
CA ALA D 665 -23.36 108.96 -34.64
C ALA D 665 -24.50 107.95 -34.85
N HIS D 666 -24.99 107.43 -33.73
CA HIS D 666 -26.08 106.48 -33.71
C HIS D 666 -27.17 107.00 -32.78
N PRO D 667 -28.43 106.56 -32.99
CA PRO D 667 -29.53 107.13 -32.20
C PRO D 667 -29.39 106.92 -30.69
N ILE D 668 -28.63 105.91 -30.26
CA ILE D 668 -28.37 105.76 -28.83
C ILE D 668 -27.60 106.95 -28.31
N ALA D 669 -26.64 107.46 -29.09
CA ALA D 669 -25.86 108.60 -28.67
C ALA D 669 -26.64 109.90 -28.71
N ALA D 670 -27.46 110.11 -29.75
CA ALA D 670 -28.17 111.39 -29.89
C ALA D 670 -29.02 111.68 -28.66
N ALA D 671 -29.59 110.63 -28.06
CA ALA D 671 -30.37 110.81 -26.84
C ALA D 671 -29.51 111.39 -25.72
N ILE D 672 -28.30 110.86 -25.53
CA ILE D 672 -27.48 111.37 -24.43
C ILE D 672 -26.92 112.75 -24.75
N ASP D 673 -26.64 113.04 -26.03
CA ASP D 673 -26.16 114.38 -26.37
C ASP D 673 -27.26 115.42 -26.21
N GLN D 674 -28.52 115.04 -26.43
CA GLN D 674 -29.60 115.99 -26.21
C GLN D 674 -29.65 116.44 -24.75
N LEU D 675 -29.45 115.51 -23.81
CA LEU D 675 -29.41 115.89 -22.41
C LEU D 675 -28.13 116.64 -22.07
N ARG D 676 -27.00 116.19 -22.61
CA ARG D 676 -25.72 116.84 -22.31
C ARG D 676 -25.70 118.28 -22.82
N THR D 677 -26.44 118.56 -23.88
CA THR D 677 -26.56 119.95 -24.33
C THR D 677 -27.22 120.81 -23.26
N ILE D 678 -28.27 120.30 -22.63
CA ILE D 678 -28.93 121.04 -21.56
C ILE D 678 -28.00 121.17 -20.36
N VAL D 679 -27.26 120.11 -20.04
CA VAL D 679 -26.38 120.16 -18.87
C VAL D 679 -25.33 121.25 -19.02
N TYR D 680 -24.74 121.36 -20.22
CA TYR D 680 -23.71 122.38 -20.43
C TYR D 680 -24.28 123.78 -20.38
N ARG D 681 -25.49 123.97 -20.90
CA ARG D 681 -26.01 125.31 -21.09
C ARG D 681 -26.48 125.96 -19.79
N GLU D 682 -26.95 125.17 -18.82
CA GLU D 682 -27.55 125.69 -17.60
C GLU D 682 -26.81 125.10 -16.39
N PRO D 683 -25.64 125.63 -16.07
CA PRO D 683 -24.85 125.03 -14.98
C PRO D 683 -25.49 125.21 -13.61
N GLU D 684 -26.16 126.34 -13.37
CA GLU D 684 -26.71 126.62 -12.06
C GLU D 684 -27.92 125.74 -11.73
N ARG D 685 -28.67 125.33 -12.75
CA ARG D 685 -29.83 124.49 -12.48
C ARG D 685 -29.41 123.13 -11.94
N PHE D 686 -28.26 122.62 -12.36
CA PHE D 686 -27.76 121.34 -11.88
C PHE D 686 -26.77 121.47 -10.74
N GLY D 687 -26.58 122.67 -10.21
CA GLY D 687 -25.74 122.86 -9.04
C GLY D 687 -24.26 122.64 -9.25
N TYR D 688 -23.70 123.22 -10.31
CA TYR D 688 -22.26 123.18 -10.53
C TYR D 688 -21.84 124.41 -11.30
N ILE D 689 -20.55 124.73 -11.23
CA ILE D 689 -19.99 125.89 -11.91
C ILE D 689 -18.77 125.45 -12.71
N ASP D 690 -18.56 126.09 -13.87
CA ASP D 690 -17.44 125.68 -14.75
C ASP D 690 -16.09 125.95 -14.07
N SER D 691 -15.90 127.14 -13.49
CA SER D 691 -14.61 127.49 -12.89
C SER D 691 -14.83 128.62 -11.90
N VAL D 692 -13.79 128.88 -11.10
CA VAL D 692 -13.84 129.89 -10.05
C VAL D 692 -12.59 130.74 -10.16
N ILE D 693 -12.63 131.92 -9.55
CA ILE D 693 -11.54 132.89 -9.65
C ILE D 693 -11.19 133.41 -8.26
N LEU D 694 -9.89 133.62 -8.03
CA LEU D 694 -9.37 134.17 -6.79
C LEU D 694 -8.55 135.41 -7.11
N THR D 695 -8.61 136.42 -6.24
CA THR D 695 -7.88 137.66 -6.48
C THR D 695 -7.74 138.43 -5.16
N HIS D 696 -6.79 139.37 -5.15
CA HIS D 696 -6.66 140.30 -4.04
C HIS D 696 -7.82 141.29 -4.02
N ASN D 697 -7.96 142.08 -5.07
CA ASN D 697 -8.96 143.14 -5.12
C ASN D 697 -10.04 142.78 -6.14
N PRO D 698 -11.23 142.41 -5.69
CA PRO D 698 -12.30 142.15 -6.66
C PRO D 698 -12.69 143.43 -7.38
N ASP D 699 -13.13 143.26 -8.63
CA ASP D 699 -13.55 144.37 -9.47
C ASP D 699 -15.03 144.12 -9.73
N VAL D 700 -15.90 144.83 -8.99
CA VAL D 700 -17.33 144.73 -9.22
C VAL D 700 -17.66 145.31 -10.58
N ASP D 701 -18.45 144.57 -11.36
CA ASP D 701 -18.77 144.99 -12.72
C ASP D 701 -19.90 146.01 -12.79
N THR D 702 -20.66 146.19 -11.71
CA THR D 702 -21.75 147.16 -11.65
C THR D 702 -22.85 146.86 -12.67
N ALA D 703 -22.71 145.77 -13.43
CA ALA D 703 -23.79 145.39 -14.33
C ALA D 703 -24.95 144.78 -13.57
N TYR D 704 -24.67 143.96 -12.57
CA TYR D 704 -25.70 143.36 -11.74
C TYR D 704 -26.04 144.19 -10.51
N ASN D 705 -25.44 145.38 -10.36
CA ASN D 705 -25.79 146.22 -9.23
C ASN D 705 -27.23 146.72 -9.31
N ARG D 706 -27.86 146.61 -10.48
CA ARG D 706 -29.27 146.98 -10.59
C ARG D 706 -30.19 145.96 -9.93
N PHE D 707 -29.68 144.78 -9.58
CA PHE D 707 -30.52 143.73 -9.03
C PHE D 707 -30.10 143.28 -7.65
N PHE D 708 -28.81 143.25 -7.35
CA PHE D 708 -28.32 142.76 -6.07
C PHE D 708 -27.54 143.84 -5.35
N HIS D 709 -27.62 143.84 -4.02
CA HIS D 709 -26.83 144.78 -3.23
C HIS D 709 -25.38 144.31 -3.14
N LEU D 710 -25.16 143.04 -2.85
CA LEU D 710 -23.84 142.42 -2.85
C LEU D 710 -23.91 141.14 -3.66
N HIS D 711 -22.94 140.93 -4.53
CA HIS D 711 -22.91 139.73 -5.34
C HIS D 711 -21.47 139.31 -5.55
N PRO D 712 -21.22 138.00 -5.62
CA PRO D 712 -19.86 137.51 -5.87
C PRO D 712 -19.43 137.56 -7.32
N ILE D 713 -20.19 138.29 -8.16
CA ILE D 713 -19.86 138.37 -9.61
C ILE D 713 -18.69 139.34 -9.80
N VAL D 714 -17.63 138.91 -10.47
CA VAL D 714 -16.45 139.73 -10.67
C VAL D 714 -16.00 139.59 -12.12
N THR D 715 -15.22 140.56 -12.59
CA THR D 715 -14.67 140.56 -13.95
C THR D 715 -13.17 140.85 -13.88
N ASN D 716 -12.37 139.80 -13.91
CA ASN D 716 -10.93 139.92 -14.00
C ASN D 716 -10.42 139.02 -15.11
N GLN D 717 -9.52 139.55 -15.93
CA GLN D 717 -8.91 138.73 -16.96
C GLN D 717 -7.94 137.77 -16.30
N PRO D 718 -8.13 136.47 -16.42
CA PRO D 718 -7.25 135.53 -15.72
C PRO D 718 -5.84 135.57 -16.26
N SER D 719 -4.88 135.32 -15.37
CA SER D 719 -3.50 135.10 -15.75
C SER D 719 -2.97 133.93 -14.92
N ASN D 720 -2.16 133.09 -15.56
CA ASN D 720 -1.64 131.88 -14.94
C ASN D 720 -2.77 130.96 -14.49
N THR D 721 -3.55 130.52 -15.47
CA THR D 721 -4.62 129.57 -15.19
C THR D 721 -4.06 128.23 -14.77
N ILE D 722 -4.63 127.66 -13.70
CA ILE D 722 -4.26 126.35 -13.20
C ILE D 722 -5.23 125.34 -13.75
N LYS D 723 -4.70 124.27 -14.36
CA LYS D 723 -5.52 123.33 -15.12
C LYS D 723 -6.26 122.32 -14.25
N ASN D 724 -5.93 122.21 -12.97
CA ASN D 724 -6.60 121.22 -12.14
C ASN D 724 -6.63 121.72 -10.70
N ALA D 725 -7.78 121.54 -10.05
CA ALA D 725 -7.95 122.01 -8.68
C ALA D 725 -7.06 121.26 -7.69
N GLN D 726 -6.53 120.11 -8.06
CA GLN D 726 -5.61 119.41 -7.17
C GLN D 726 -4.25 120.08 -7.12
N LEU D 727 -3.83 120.70 -8.23
CA LEU D 727 -2.55 121.41 -8.24
C LEU D 727 -2.55 122.53 -7.21
N TRP D 728 -3.67 123.23 -7.04
CA TRP D 728 -3.73 124.30 -6.06
C TRP D 728 -3.58 123.77 -4.64
N ASN D 729 -4.20 122.62 -4.34
CA ASN D 729 -4.15 122.10 -2.98
C ASN D 729 -2.76 121.60 -2.60
N GLU D 730 -2.09 120.90 -3.51
CA GLU D 730 -0.79 120.33 -3.20
C GLU D 730 0.33 121.36 -3.23
N MET D 731 0.10 122.53 -3.79
CA MET D 731 1.15 123.54 -3.88
C MET D 731 1.49 124.09 -2.51
N ARG D 732 2.75 124.51 -2.36
CA ARG D 732 3.19 125.10 -1.10
C ARG D 732 2.60 126.49 -0.92
N LEU D 733 2.61 126.96 0.33
CA LEU D 733 1.98 128.23 0.66
C LEU D 733 2.67 129.40 -0.03
N GLU D 734 4.01 129.40 -0.03
CA GLU D 734 4.73 130.52 -0.61
C GLU D 734 4.51 130.62 -2.12
N GLN D 735 4.52 129.47 -2.81
CA GLN D 735 4.23 129.49 -4.24
C GLN D 735 2.80 129.95 -4.49
N GLN D 736 1.87 129.57 -3.61
CA GLN D 736 0.49 130.03 -3.74
C GLN D 736 0.40 131.54 -3.62
N VAL D 737 1.07 132.12 -2.63
CA VAL D 737 1.05 133.56 -2.46
C VAL D 737 1.69 134.25 -3.65
N GLU D 738 2.79 133.68 -4.16
CA GLU D 738 3.44 134.25 -5.33
C GLU D 738 2.50 134.23 -6.54
N HIS D 739 1.77 133.14 -6.73
CA HIS D 739 0.79 133.08 -7.81
C HIS D 739 -0.29 134.14 -7.62
N ILE D 740 -0.76 134.31 -6.39
CA ILE D 740 -1.82 135.26 -6.12
C ILE D 740 -1.36 136.69 -6.37
N LYS D 741 -0.14 137.02 -5.94
CA LYS D 741 0.35 138.39 -6.04
C LYS D 741 0.50 138.88 -7.47
N ALA D 742 0.79 137.99 -8.41
CA ALA D 742 1.04 138.40 -9.79
C ALA D 742 -0.22 138.84 -10.51
N GLY D 743 -1.40 138.63 -9.93
CA GLY D 743 -2.64 138.98 -10.57
C GLY D 743 -3.70 137.93 -10.34
N PRO D 744 -4.89 138.16 -10.87
CA PRO D 744 -5.98 137.19 -10.68
C PRO D 744 -5.62 135.84 -11.28
N VAL D 745 -6.04 134.78 -10.58
CA VAL D 745 -5.74 133.41 -10.97
C VAL D 745 -7.05 132.65 -11.10
N ARG D 746 -7.18 131.87 -12.16
CA ARG D 746 -8.40 131.12 -12.43
C ARG D 746 -8.16 129.65 -12.14
N ILE D 747 -9.06 129.04 -11.37
CA ILE D 747 -9.05 127.61 -11.08
C ILE D 747 -10.13 126.96 -11.92
N ILE D 748 -9.73 126.07 -12.81
CA ILE D 748 -10.67 125.36 -13.67
C ILE D 748 -10.92 123.98 -13.06
N GLY D 749 -12.14 123.50 -13.18
CA GLY D 749 -12.54 122.25 -12.57
C GLY D 749 -13.90 122.40 -11.92
N PRO D 750 -14.79 121.44 -12.18
CA PRO D 750 -16.16 121.56 -11.67
C PRO D 750 -16.20 121.62 -10.15
N PHE D 751 -17.14 122.41 -9.64
CA PHE D 751 -17.35 122.57 -8.21
C PHE D 751 -18.84 122.48 -7.90
N HIS D 752 -19.17 121.88 -6.76
CA HIS D 752 -20.54 121.90 -6.27
C HIS D 752 -20.82 123.24 -5.62
N VAL D 753 -21.84 123.95 -6.12
CA VAL D 753 -22.18 125.27 -5.64
C VAL D 753 -23.65 125.30 -5.29
N THR D 754 -23.99 125.92 -4.16
CA THR D 754 -25.36 126.23 -3.79
C THR D 754 -25.43 127.71 -3.49
N TYR D 755 -26.32 128.42 -4.19
CA TYR D 755 -26.48 129.85 -4.02
C TYR D 755 -27.53 130.12 -2.95
N ASN D 756 -27.29 131.14 -2.14
CA ASN D 756 -28.22 131.55 -1.11
C ASN D 756 -28.71 132.96 -1.41
N TYR D 757 -30.00 133.10 -1.70
CA TYR D 757 -30.61 134.39 -1.96
C TYR D 757 -31.27 134.87 -0.67
N LEU D 758 -30.91 136.07 -0.23
CA LEU D 758 -31.33 136.57 1.06
C LEU D 758 -31.86 137.98 0.93
N SER D 759 -32.89 138.28 1.71
CA SER D 759 -33.28 139.66 1.93
C SER D 759 -32.36 140.28 2.97
N GLU D 760 -31.97 141.54 2.76
CA GLU D 760 -30.93 142.14 3.59
C GLU D 760 -31.37 142.37 5.02
N GLU D 761 -32.67 142.26 5.33
CA GLU D 761 -33.11 142.42 6.71
C GLU D 761 -32.59 141.28 7.60
N GLU D 762 -32.36 140.11 7.01
CA GLU D 762 -31.89 138.94 7.78
C GLU D 762 -30.35 138.90 7.77
N ASP D 763 -29.74 138.40 8.84
CA ASP D 763 -28.26 138.36 8.95
C ASP D 763 -27.68 137.42 7.88
N MET D 764 -26.54 137.78 7.30
CA MET D 764 -25.92 136.96 6.22
C MET D 764 -25.19 135.75 6.84
N PRO D 765 -25.36 134.48 6.37
CA PRO D 765 -24.59 133.36 6.91
C PRO D 765 -23.13 133.50 6.48
N ALA D 766 -22.22 132.81 7.18
CA ALA D 766 -20.78 132.88 6.83
C ALA D 766 -20.38 131.60 6.08
N THR D 767 -19.64 131.76 4.98
CA THR D 767 -19.25 130.59 4.15
C THR D 767 -17.74 130.39 4.24
N SER D 768 -17.29 129.17 4.57
CA SER D 768 -15.84 128.90 4.73
C SER D 768 -15.21 128.62 3.36
N HIS D 769 -15.02 129.65 2.56
CA HIS D 769 -14.52 129.41 1.19
C HIS D 769 -13.11 128.81 1.22
N ILE D 770 -12.19 129.37 2.01
CA ILE D 770 -10.79 128.87 2.02
C ILE D 770 -10.37 128.53 3.45
N ILE D 771 -9.87 127.34 3.69
CA ILE D 771 -9.39 126.93 5.04
C ILE D 771 -7.87 127.00 5.00
N MET D 772 -7.20 127.30 6.12
CA MET D 772 -5.72 127.48 6.03
C MET D 772 -4.98 126.61 7.05
N LYS D 773 -4.98 125.30 6.84
CA LYS D 773 -4.21 124.41 7.75
C LYS D 773 -2.70 124.67 7.61
N ASP D 774 -2.16 124.72 6.39
CA ASP D 774 -0.73 125.06 6.16
C ASP D 774 -0.67 125.71 4.78
N ASN D 775 -1.58 125.32 3.91
CA ASN D 775 -1.66 125.93 2.56
C ASN D 775 -3.12 126.29 2.37
N MET D 776 -3.44 127.18 1.44
CA MET D 776 -4.85 127.61 1.34
C MET D 776 -5.60 126.58 0.50
N ILE D 777 -6.10 125.52 1.13
CA ILE D 777 -6.90 124.49 0.41
C ILE D 777 -8.24 125.11 -0.01
N LEU D 778 -8.75 124.74 -1.19
CA LEU D 778 -10.06 125.27 -1.65
C LEU D 778 -11.09 124.17 -1.48
N ASN D 779 -12.14 124.43 -0.70
CA ASN D 779 -13.13 123.36 -0.40
C ASN D 779 -13.77 122.93 -1.71
N ASP D 780 -13.99 121.62 -1.87
CA ASP D 780 -14.65 121.09 -3.10
C ASP D 780 -16.08 121.66 -3.18
N HIS D 781 -16.78 121.68 -2.04
CA HIS D 781 -18.16 122.26 -2.04
C HIS D 781 -18.05 123.74 -1.68
N LEU D 782 -18.65 124.61 -2.48
CA LEU D 782 -18.53 126.07 -2.24
C LEU D 782 -19.92 126.66 -2.10
N THR D 783 -20.07 127.71 -1.29
CA THR D 783 -21.38 128.38 -1.15
C THR D 783 -21.13 129.88 -1.31
N PHE D 784 -22.05 130.62 -1.93
CA PHE D 784 -21.87 132.07 -2.15
C PHE D 784 -23.17 132.77 -1.74
N ASN D 785 -23.13 134.05 -1.38
CA ASN D 785 -24.37 134.70 -0.89
C ASN D 785 -24.70 135.95 -1.71
N PHE D 786 -25.95 136.07 -2.17
CA PHE D 786 -26.41 137.26 -2.91
C PHE D 786 -27.48 137.93 -2.07
N VAL D 787 -27.37 139.25 -1.87
CA VAL D 787 -28.42 140.01 -1.13
C VAL D 787 -29.30 140.70 -2.17
N LYS D 788 -30.58 140.35 -2.26
CA LYS D 788 -31.43 140.95 -3.32
C LYS D 788 -31.82 142.39 -3.02
N ARG D 789 -32.07 143.17 -4.07
CA ARG D 789 -32.55 144.56 -3.88
C ARG D 789 -34.04 144.53 -4.17
N GLU D 790 -34.85 145.00 -3.23
CA GLU D 790 -36.32 144.97 -3.41
C GLU D 790 -36.83 146.41 -3.44
N ARG D 791 -38.10 146.61 -3.79
CA ARG D 791 -38.64 147.98 -3.94
C ARG D 791 -38.47 148.74 -2.63
N ARG D 792 -38.55 148.04 -1.50
CA ARG D 792 -38.48 148.70 -0.16
C ARG D 792 -37.09 149.33 0.06
N ASN D 793 -36.02 148.67 -0.39
CA ASN D 793 -34.66 149.18 -0.12
C ASN D 793 -33.96 149.61 -1.41
N ASN D 794 -34.71 149.90 -2.47
CA ASN D 794 -34.06 150.20 -3.77
C ASN D 794 -33.17 151.44 -3.68
N LYS D 795 -33.59 152.47 -2.97
CA LYS D 795 -32.82 153.75 -2.98
C LYS D 795 -31.90 153.88 -1.77
N LYS D 796 -31.80 152.85 -0.92
CA LYS D 796 -31.01 152.97 0.32
C LYS D 796 -29.65 152.29 0.14
N ARG D 797 -28.56 153.04 0.31
CA ARG D 797 -27.19 152.48 0.10
C ARG D 797 -26.86 151.50 1.23
N VAL D 798 -26.17 150.41 0.90
CA VAL D 798 -25.80 149.36 1.92
C VAL D 798 -24.27 149.27 1.96
N SER D 799 -23.70 149.26 3.17
CA SER D 799 -22.22 149.21 3.31
C SER D 799 -21.72 147.81 2.96
N SER D 800 -20.44 147.69 2.60
CA SER D 800 -19.87 146.37 2.21
C SER D 800 -19.14 145.76 3.39
N TYR D 809 -7.81 137.43 3.41
CA TYR D 809 -6.99 138.24 2.47
C TYR D 809 -7.35 137.88 1.03
N VAL D 810 -7.64 136.59 0.77
CA VAL D 810 -7.95 136.13 -0.61
C VAL D 810 -9.45 135.92 -0.73
N ALA D 811 -10.05 136.38 -1.83
CA ALA D 811 -11.51 136.28 -2.01
C ALA D 811 -11.84 135.35 -3.18
N VAL D 812 -12.69 134.36 -2.97
CA VAL D 812 -13.13 133.43 -4.05
C VAL D 812 -14.40 134.01 -4.69
N ARG D 813 -14.35 134.37 -5.99
CA ARG D 813 -15.52 134.98 -6.64
C ARG D 813 -15.81 134.19 -7.91
N ILE D 814 -16.89 134.50 -8.62
CA ILE D 814 -17.33 133.75 -9.79
C ILE D 814 -17.57 134.73 -10.94
N SER D 815 -17.84 134.18 -12.12
CA SER D 815 -18.19 134.97 -13.29
C SER D 815 -19.27 134.23 -14.06
N ARG D 816 -19.87 134.93 -15.03
CA ARG D 816 -20.86 134.34 -15.94
C ARG D 816 -22.04 133.76 -15.17
N PHE D 817 -22.80 134.66 -14.54
CA PHE D 817 -24.06 134.32 -13.90
C PHE D 817 -25.19 134.53 -14.89
N GLN D 818 -25.98 133.49 -15.12
CA GLN D 818 -27.08 133.52 -16.09
C GLN D 818 -28.39 133.68 -15.34
N LEU D 819 -29.06 134.81 -15.55
CA LEU D 819 -30.37 135.06 -14.97
C LEU D 819 -31.25 135.71 -16.04
N GLU D 820 -32.57 135.56 -15.86
CA GLU D 820 -33.53 135.98 -16.87
C GLU D 820 -34.36 137.14 -16.33
N VAL D 821 -34.35 138.26 -17.05
CA VAL D 821 -35.21 139.40 -16.77
C VAL D 821 -36.40 139.33 -17.70
N LEU D 822 -37.49 140.00 -17.34
CA LEU D 822 -38.75 139.87 -18.06
C LEU D 822 -39.22 141.15 -18.71
N ARG D 823 -39.32 142.24 -17.95
CA ARG D 823 -39.73 143.56 -18.43
C ARG D 823 -41.20 143.64 -18.83
N ASP D 824 -41.97 142.56 -18.64
CA ASP D 824 -43.40 142.60 -18.90
C ASP D 824 -44.07 141.46 -18.16
N LEU D 825 -45.32 141.68 -17.75
CA LEU D 825 -46.03 140.65 -17.01
C LEU D 825 -46.44 139.48 -17.90
N HIS D 826 -46.75 139.76 -19.17
CA HIS D 826 -47.22 138.72 -20.08
C HIS D 826 -46.18 137.64 -20.34
N ASP D 827 -44.90 137.90 -20.06
CA ASP D 827 -43.85 136.94 -20.36
C ASP D 827 -43.76 135.83 -19.32
N LEU D 828 -44.56 135.87 -18.28
CA LEU D 828 -44.65 134.77 -17.33
C LEU D 828 -45.57 133.65 -17.83
N VAL D 829 -45.97 133.68 -19.09
CA VAL D 829 -46.88 132.69 -19.64
C VAL D 829 -46.12 131.83 -20.64
N ARG D 830 -46.11 130.52 -20.38
CA ARG D 830 -45.42 129.54 -21.22
C ARG D 830 -46.47 128.57 -21.77
N SER D 831 -46.01 127.48 -22.38
CA SER D 831 -46.93 126.53 -22.99
C SER D 831 -46.48 125.10 -22.72
N ARG D 832 -47.46 124.22 -22.49
CA ARG D 832 -47.25 122.79 -22.35
C ARG D 832 -47.98 122.05 -23.47
N THR D 833 -47.96 120.71 -23.40
CA THR D 833 -48.63 119.87 -24.38
C THR D 833 -49.33 118.73 -23.64
N TYR D 834 -50.64 118.61 -23.82
CA TYR D 834 -51.43 117.58 -23.17
C TYR D 834 -52.13 116.72 -24.21
N LEU D 835 -52.66 115.58 -23.76
CA LEU D 835 -53.43 114.68 -24.59
C LEU D 835 -54.90 115.02 -24.50
N ASP D 836 -55.58 115.05 -25.65
CA ASP D 836 -57.01 115.35 -25.70
C ASP D 836 -57.77 114.04 -25.64
N VAL D 837 -58.22 113.66 -24.43
CA VAL D 837 -58.97 112.42 -24.27
C VAL D 837 -60.39 112.51 -24.81
N SER D 838 -60.86 113.69 -25.19
CA SER D 838 -62.20 113.82 -25.71
C SER D 838 -62.37 113.04 -27.01
N LYS D 839 -61.38 113.09 -27.88
CA LYS D 839 -61.45 112.40 -29.16
C LYS D 839 -60.32 111.41 -29.40
N SER D 840 -59.36 111.31 -28.48
CA SER D 840 -58.28 110.33 -28.55
C SER D 840 -58.16 109.64 -27.20
N PRO D 841 -59.11 108.78 -26.85
CA PRO D 841 -59.11 108.19 -25.52
C PRO D 841 -57.99 107.17 -25.36
N LEU D 842 -57.74 106.81 -24.09
CA LEU D 842 -56.76 105.78 -23.77
C LEU D 842 -57.37 104.40 -23.94
N ALA D 843 -56.59 103.49 -24.52
CA ALA D 843 -57.06 102.13 -24.69
C ALA D 843 -57.11 101.40 -23.35
N THR D 844 -57.93 100.37 -23.28
CA THR D 844 -58.10 99.59 -22.06
C THR D 844 -57.65 98.15 -22.20
N THR D 845 -57.84 97.53 -23.36
CA THR D 845 -57.50 96.14 -23.53
C THR D 845 -56.71 95.94 -24.81
N PRO D 846 -55.85 94.91 -24.85
CA PRO D 846 -55.12 94.60 -26.08
C PRO D 846 -56.03 94.14 -27.20
N ILE D 847 -55.42 93.74 -28.32
CA ILE D 847 -56.18 93.43 -29.53
C ILE D 847 -56.76 92.02 -29.54
N ARG D 848 -56.19 91.10 -28.76
CA ARG D 848 -56.65 89.71 -28.68
C ARG D 848 -56.60 89.04 -30.04
N VAL D 849 -55.38 88.86 -30.54
CA VAL D 849 -55.15 88.23 -31.83
C VAL D 849 -55.17 86.72 -31.69
N VAL D 850 -55.67 86.05 -32.72
CA VAL D 850 -55.71 84.59 -32.78
C VAL D 850 -55.13 84.15 -34.11
N GLU D 851 -54.31 83.10 -34.09
CA GLU D 851 -53.59 82.64 -35.26
C GLU D 851 -53.96 81.21 -35.60
N TYR D 852 -53.91 80.89 -36.89
CA TYR D 852 -54.10 79.53 -37.38
C TYR D 852 -52.96 79.19 -38.33
N VAL D 853 -52.58 77.92 -38.31
CA VAL D 853 -51.50 77.47 -39.19
C VAL D 853 -52.01 77.32 -40.61
N ARG D 854 -51.25 77.85 -41.56
CA ARG D 854 -51.58 77.71 -42.96
C ARG D 854 -51.49 76.26 -43.42
N LEU E 61 -41.85 -24.58 -19.23
CA LEU E 61 -42.77 -25.62 -19.68
C LEU E 61 -42.03 -26.75 -20.38
N ASP E 62 -40.84 -27.06 -19.87
CA ASP E 62 -40.01 -28.14 -20.41
C ASP E 62 -40.05 -29.40 -19.56
N ASN E 63 -40.28 -29.27 -18.26
CA ASN E 63 -40.29 -30.42 -17.37
C ASN E 63 -41.56 -31.24 -17.49
N VAL E 64 -42.58 -30.74 -18.20
CA VAL E 64 -43.86 -31.44 -18.27
C VAL E 64 -43.67 -32.82 -18.90
N ILE E 65 -42.88 -32.91 -19.97
CA ILE E 65 -42.58 -34.21 -20.56
C ILE E 65 -41.32 -34.83 -19.98
N LYS E 66 -40.44 -34.04 -19.37
CA LYS E 66 -39.25 -34.61 -18.75
C LYS E 66 -39.63 -35.51 -17.57
N GLN E 67 -40.56 -35.06 -16.74
CA GLN E 67 -41.00 -35.88 -15.62
C GLN E 67 -41.69 -37.15 -16.11
N ILE E 68 -42.45 -37.04 -17.19
CA ILE E 68 -43.11 -38.22 -17.76
C ILE E 68 -42.07 -39.21 -18.27
N GLU E 69 -41.03 -38.71 -18.95
CA GLU E 69 -39.97 -39.59 -19.42
C GLU E 69 -39.25 -40.27 -18.26
N ALA E 70 -38.94 -39.51 -17.21
CA ALA E 70 -38.26 -40.09 -16.06
C ALA E 70 -39.12 -41.15 -15.39
N LEU E 71 -40.41 -40.88 -15.24
CA LEU E 71 -41.31 -41.87 -14.64
C LEU E 71 -41.43 -43.11 -15.51
N SER E 72 -41.47 -42.93 -16.83
CA SER E 72 -41.56 -44.08 -17.73
C SER E 72 -40.31 -44.94 -17.64
N VAL E 73 -39.13 -44.33 -17.51
CA VAL E 73 -37.92 -45.11 -17.34
C VAL E 73 -37.90 -45.79 -15.98
N ILE E 74 -38.37 -45.10 -14.94
CA ILE E 74 -38.32 -45.64 -13.59
C ILE E 74 -39.24 -46.83 -13.43
N VAL E 75 -40.46 -46.75 -13.96
CA VAL E 75 -41.41 -47.85 -13.82
C VAL E 75 -40.91 -49.10 -14.52
N ASN E 76 -40.03 -48.96 -15.51
CA ASN E 76 -39.48 -50.09 -16.24
C ASN E 76 -38.54 -50.94 -15.40
N ARG E 77 -38.16 -50.50 -14.21
CA ARG E 77 -37.29 -51.30 -13.35
C ARG E 77 -38.03 -52.43 -12.66
N SER E 78 -39.36 -52.44 -12.71
CA SER E 78 -40.12 -53.56 -12.18
C SER E 78 -39.90 -54.81 -13.03
N GLU E 79 -40.05 -55.97 -12.40
CA GLU E 79 -39.90 -57.23 -13.13
C GLU E 79 -40.97 -57.35 -14.22
N LYS E 80 -42.23 -57.11 -13.86
CA LYS E 80 -43.35 -57.09 -14.80
C LYS E 80 -43.42 -58.38 -15.60
N ALA E 81 -43.68 -59.47 -14.89
CA ALA E 81 -43.74 -60.79 -15.51
C ALA E 81 -44.98 -60.87 -16.40
N ASP E 82 -44.78 -60.64 -17.70
CA ASP E 82 -45.89 -60.64 -18.65
C ASP E 82 -46.29 -62.08 -18.99
N ASP E 83 -47.59 -62.34 -18.97
CA ASP E 83 -48.10 -63.70 -19.21
C ASP E 83 -48.20 -63.92 -20.72
N ALA E 84 -47.05 -64.27 -21.30
CA ALA E 84 -46.96 -64.62 -22.71
C ALA E 84 -45.98 -65.76 -22.88
N GLN E 85 -46.09 -66.46 -24.00
CA GLN E 85 -45.21 -67.55 -24.41
C GLN E 85 -45.38 -68.80 -23.56
N ILE E 86 -46.25 -68.78 -22.56
CA ILE E 86 -46.47 -69.92 -21.67
C ILE E 86 -47.94 -70.30 -21.74
N LEU E 87 -48.22 -71.57 -21.99
CA LEU E 87 -49.58 -72.07 -22.16
C LEU E 87 -50.03 -72.85 -20.94
N GLY E 88 -51.31 -73.21 -20.95
CA GLY E 88 -51.89 -73.96 -19.85
C GLY E 88 -52.94 -74.93 -20.34
N PRO E 89 -53.24 -75.95 -19.54
CA PRO E 89 -54.23 -76.96 -19.94
C PRO E 89 -55.62 -76.37 -20.03
N ASN E 90 -56.43 -76.96 -20.91
CA ASN E 90 -57.80 -76.52 -21.12
C ASN E 90 -58.63 -77.69 -21.62
N THR E 91 -59.95 -77.54 -21.53
CA THR E 91 -60.89 -78.55 -21.96
C THR E 91 -62.01 -77.91 -22.75
N TYR E 92 -62.63 -78.70 -23.63
CA TYR E 92 -63.74 -78.21 -24.43
C TYR E 92 -64.97 -77.99 -23.57
N LYS E 93 -65.81 -77.04 -24.00
CA LYS E 93 -67.02 -76.68 -23.27
C LYS E 93 -68.22 -77.38 -23.90
N GLN E 94 -69.01 -78.03 -23.07
CA GLN E 94 -70.15 -78.79 -23.55
C GLN E 94 -71.35 -77.88 -23.81
N LEU E 95 -72.04 -78.13 -24.92
CA LEU E 95 -73.24 -77.39 -25.27
C LEU E 95 -74.48 -78.17 -24.82
N LEU E 96 -75.66 -77.68 -25.19
CA LEU E 96 -76.91 -78.34 -24.88
C LEU E 96 -77.62 -78.70 -26.17
N GLU E 97 -78.10 -79.94 -26.29
CA GLU E 97 -78.82 -80.31 -27.51
C GLU E 97 -80.19 -80.90 -27.26
N HIS E 98 -80.41 -81.64 -26.18
CA HIS E 98 -81.74 -82.13 -25.83
C HIS E 98 -82.33 -82.98 -26.95
N LEU E 99 -81.70 -84.13 -27.16
CA LEU E 99 -82.14 -85.06 -28.18
C LEU E 99 -83.24 -85.96 -27.66
N PHE E 100 -83.99 -86.56 -28.59
CA PHE E 100 -85.10 -87.44 -28.26
C PHE E 100 -85.36 -88.35 -29.45
N SER E 101 -86.33 -89.27 -29.29
CA SER E 101 -86.64 -90.25 -30.32
C SER E 101 -88.15 -90.45 -30.43
N PRO E 102 -88.71 -90.36 -31.64
CA PRO E 102 -90.14 -90.56 -31.80
C PRO E 102 -90.55 -92.02 -31.93
N GLU E 103 -89.67 -92.85 -32.47
CA GLU E 103 -89.93 -94.28 -32.62
C GLU E 103 -88.59 -94.98 -32.83
N GLU E 104 -88.66 -96.29 -33.13
CA GLU E 104 -87.45 -97.10 -33.19
C GLU E 104 -86.59 -96.72 -34.40
N ASN E 105 -85.28 -96.72 -34.19
CA ASN E 105 -84.27 -96.51 -35.22
C ASN E 105 -84.34 -95.13 -35.85
N VAL E 106 -84.93 -94.15 -35.16
CA VAL E 106 -84.84 -92.75 -35.56
C VAL E 106 -84.57 -91.92 -34.31
N TYR E 107 -83.60 -91.02 -34.40
CA TYR E 107 -83.20 -90.18 -33.28
C TYR E 107 -82.99 -88.76 -33.78
N ILE E 108 -83.72 -87.82 -33.19
CA ILE E 108 -83.72 -86.43 -33.64
C ILE E 108 -82.83 -85.61 -32.73
N LEU E 109 -82.01 -84.75 -33.32
CA LEU E 109 -81.18 -83.80 -32.58
C LEU E 109 -81.80 -82.43 -32.73
N LEU E 110 -82.28 -81.87 -31.62
CA LEU E 110 -82.93 -80.58 -31.82
C LEU E 110 -81.91 -79.45 -31.78
N PRO E 111 -81.99 -78.49 -32.70
CA PRO E 111 -81.11 -77.33 -32.65
C PRO E 111 -81.55 -76.38 -31.54
N ILE E 112 -80.75 -76.33 -30.47
CA ILE E 112 -81.03 -75.49 -29.31
C ILE E 112 -80.21 -74.21 -29.45
N GLN E 113 -80.84 -73.08 -29.17
CA GLN E 113 -80.17 -71.79 -29.29
C GLN E 113 -78.91 -71.77 -28.42
N ALA E 114 -77.80 -71.32 -29.01
CA ALA E 114 -76.52 -71.30 -28.32
C ALA E 114 -76.12 -69.90 -27.85
N TYR E 115 -76.20 -68.89 -28.71
CA TYR E 115 -75.83 -67.53 -28.35
C TYR E 115 -77.01 -66.61 -28.61
N THR E 116 -77.38 -65.82 -27.59
CA THR E 116 -78.51 -64.91 -27.67
C THR E 116 -78.12 -63.52 -28.13
N GLY E 117 -77.06 -63.43 -28.94
CA GLY E 117 -76.69 -62.12 -29.52
C GLY E 117 -77.31 -61.86 -30.88
N GLY E 118 -77.36 -60.60 -31.34
CA GLY E 118 -77.86 -60.27 -32.69
C GLY E 118 -78.53 -58.90 -32.74
N VAL E 119 -78.14 -58.02 -33.68
CA VAL E 119 -78.87 -56.71 -33.80
C VAL E 119 -79.14 -56.37 -35.27
N ILE E 120 -80.26 -55.72 -35.58
CA ILE E 120 -80.67 -55.51 -36.99
C ILE E 120 -79.97 -54.29 -37.53
N ASP E 121 -80.55 -53.68 -38.56
CA ASP E 121 -79.95 -52.49 -39.21
C ASP E 121 -81.01 -51.45 -39.48
N ARG E 122 -82.17 -51.87 -40.00
CA ARG E 122 -83.29 -50.94 -40.32
C ARG E 122 -82.84 -49.92 -41.38
N ARG E 123 -81.68 -50.15 -42.01
CA ARG E 123 -81.21 -49.24 -43.08
C ARG E 123 -82.08 -49.54 -44.27
N ASP E 124 -83.04 -50.42 -44.06
CA ASP E 124 -84.00 -50.76 -45.15
C ASP E 124 -83.36 -51.76 -46.11
N ALA E 125 -82.03 -51.78 -46.20
CA ALA E 125 -81.37 -52.65 -47.20
C ALA E 125 -80.08 -53.24 -46.61
N SER E 126 -80.19 -54.46 -46.05
CA SER E 126 -78.99 -55.13 -45.51
C SER E 126 -79.23 -56.64 -45.52
N PHE E 127 -78.45 -57.39 -44.76
CA PHE E 127 -78.69 -58.85 -44.60
C PHE E 127 -77.35 -59.48 -44.29
N SER E 128 -76.26 -58.76 -44.52
CA SER E 128 -74.99 -59.30 -44.09
C SER E 128 -74.48 -58.61 -42.82
N ASN E 129 -74.95 -57.39 -42.55
CA ASN E 129 -74.52 -56.70 -41.34
C ASN E 129 -74.97 -57.46 -40.11
N PHE E 130 -76.17 -58.04 -40.13
CA PHE E 130 -76.66 -58.82 -39.00
C PHE E 130 -75.76 -60.02 -38.74
N ALA E 131 -75.42 -60.76 -39.80
CA ALA E 131 -74.56 -61.93 -39.64
C ALA E 131 -73.19 -61.53 -39.14
N TYR E 132 -72.62 -60.45 -39.67
CA TYR E 132 -71.30 -60.03 -39.20
C TYR E 132 -71.35 -59.63 -37.74
N SER E 133 -72.41 -58.92 -37.32
CA SER E 133 -72.52 -58.54 -35.92
C SER E 133 -72.57 -59.77 -35.03
N ILE E 134 -73.39 -60.75 -35.40
CA ILE E 134 -73.51 -61.96 -34.59
C ILE E 134 -72.17 -62.67 -34.51
N ALA E 135 -71.51 -62.87 -35.65
CA ALA E 135 -70.27 -63.62 -35.68
C ALA E 135 -69.18 -62.91 -34.88
N SER E 136 -69.04 -61.60 -35.05
CA SER E 136 -68.01 -60.88 -34.33
C SER E 136 -68.27 -60.88 -32.84
N LYS E 137 -69.52 -60.69 -32.43
CA LYS E 137 -69.81 -60.68 -31.00
C LYS E 137 -69.58 -62.04 -30.38
N LEU E 138 -69.91 -63.12 -31.08
CA LEU E 138 -69.67 -64.46 -30.54
C LEU E 138 -68.19 -64.77 -30.49
N MET E 139 -67.44 -64.41 -31.54
CA MET E 139 -66.01 -64.70 -31.55
C MET E 139 -65.25 -63.89 -30.52
N MET E 140 -65.71 -62.68 -30.20
CA MET E 140 -65.07 -61.90 -29.15
C MET E 140 -65.16 -62.57 -27.81
N GLU E 141 -66.14 -63.46 -27.61
CA GLU E 141 -66.31 -64.21 -26.38
C GLU E 141 -65.66 -65.57 -26.42
N LEU E 142 -65.72 -66.26 -27.56
CA LEU E 142 -65.05 -67.56 -27.67
C LEU E 142 -63.55 -67.42 -27.52
N SER E 143 -62.95 -66.41 -28.14
CA SER E 143 -61.50 -66.23 -28.06
C SER E 143 -61.05 -65.75 -26.70
N ALA E 144 -61.95 -65.20 -25.89
CA ALA E 144 -61.58 -64.75 -24.56
C ALA E 144 -61.48 -65.90 -23.56
N ALA E 145 -62.01 -67.07 -23.88
CA ALA E 145 -61.94 -68.22 -22.98
C ALA E 145 -60.74 -69.10 -23.24
N THR E 146 -60.06 -68.94 -24.38
CA THR E 146 -58.88 -69.74 -24.68
C THR E 146 -57.69 -68.82 -24.90
N HIS E 147 -57.49 -67.87 -23.98
CA HIS E 147 -56.47 -66.85 -24.16
C HIS E 147 -55.08 -67.46 -24.27
N ASN E 148 -54.61 -68.08 -23.19
CA ASN E 148 -53.30 -68.69 -23.15
C ASN E 148 -53.40 -70.17 -22.84
N LYS E 149 -54.33 -70.85 -23.52
CA LYS E 149 -54.65 -72.23 -23.20
C LYS E 149 -54.71 -73.06 -24.47
N ILE E 150 -54.45 -74.36 -24.31
CA ILE E 150 -54.57 -75.33 -25.39
C ILE E 150 -55.44 -76.48 -24.89
N PHE E 151 -56.18 -77.08 -25.81
CA PHE E 151 -57.05 -78.20 -25.47
C PHE E 151 -56.20 -79.46 -25.32
N THR E 152 -56.01 -79.91 -24.08
CA THR E 152 -55.18 -81.08 -23.81
C THR E 152 -55.91 -82.12 -22.98
N ASP E 153 -56.84 -81.67 -22.14
CA ASP E 153 -57.42 -82.55 -21.13
C ASP E 153 -58.76 -83.11 -21.60
N TYR E 154 -58.92 -84.42 -21.47
CA TYR E 154 -60.18 -85.09 -21.77
C TYR E 154 -60.43 -86.15 -20.71
N THR E 155 -61.51 -86.90 -20.88
CA THR E 155 -61.92 -87.91 -19.92
C THR E 155 -61.76 -89.30 -20.52
N ARG E 156 -61.01 -90.16 -19.84
CA ARG E 156 -60.76 -91.53 -20.27
C ARG E 156 -61.25 -92.47 -19.19
N ILE E 157 -61.14 -93.77 -19.44
CA ILE E 157 -61.51 -94.76 -18.43
C ILE E 157 -60.23 -95.37 -17.85
N ALA E 158 -59.52 -96.13 -18.68
CA ALA E 158 -58.28 -96.80 -18.28
C ALA E 158 -57.77 -97.55 -19.50
N ALA E 159 -56.57 -98.13 -19.35
CA ALA E 159 -56.04 -99.10 -20.31
C ALA E 159 -55.35 -100.18 -19.47
N SER E 160 -56.10 -101.21 -19.08
CA SER E 160 -55.57 -102.18 -18.12
C SER E 160 -56.18 -103.55 -18.40
N ALA E 161 -55.46 -104.35 -19.21
CA ALA E 161 -55.72 -105.78 -19.39
C ALA E 161 -57.07 -106.05 -20.03
N LEU E 162 -57.89 -105.02 -20.14
CA LEU E 162 -59.14 -105.03 -20.86
C LEU E 162 -58.89 -104.43 -22.25
N GLY E 163 -59.95 -104.11 -22.97
CA GLY E 163 -59.83 -103.41 -24.23
C GLY E 163 -58.98 -102.16 -24.09
N PRO E 164 -58.46 -101.68 -25.21
CA PRO E 164 -57.57 -100.50 -25.17
C PRO E 164 -58.26 -99.29 -24.56
N GLU E 165 -57.46 -98.25 -24.34
CA GLU E 165 -57.96 -97.03 -23.72
C GLU E 165 -59.12 -96.45 -24.52
N ILE E 166 -60.21 -96.13 -23.82
CA ILE E 166 -61.43 -95.65 -24.45
C ILE E 166 -61.80 -94.31 -23.84
N SER E 167 -62.66 -93.59 -24.55
CA SER E 167 -63.03 -92.23 -24.18
C SER E 167 -64.51 -92.16 -23.88
N THR E 168 -64.87 -91.47 -22.80
CA THR E 168 -66.25 -91.10 -22.51
C THR E 168 -66.24 -89.58 -22.39
N GLU E 169 -66.39 -88.89 -23.52
CA GLU E 169 -66.18 -87.45 -23.56
C GLU E 169 -67.47 -86.65 -23.65
N GLY E 170 -68.42 -87.07 -24.48
CA GLY E 170 -69.68 -86.36 -24.57
C GLY E 170 -70.58 -86.62 -23.39
N MET E 171 -71.89 -86.58 -23.57
CA MET E 171 -72.79 -86.98 -22.50
C MET E 171 -72.63 -88.46 -22.21
N PRO E 172 -72.87 -88.89 -20.97
CA PRO E 172 -72.73 -90.30 -20.63
C PRO E 172 -73.66 -91.17 -21.47
N LEU E 173 -73.15 -92.33 -21.89
CA LEU E 173 -73.94 -93.21 -22.74
C LEU E 173 -75.11 -93.84 -21.98
N PHE E 174 -75.01 -93.94 -20.66
CA PHE E 174 -76.09 -94.54 -19.88
C PHE E 174 -77.36 -93.69 -19.94
N SER E 175 -77.20 -92.36 -19.88
CA SER E 175 -78.35 -91.47 -19.83
C SER E 175 -79.20 -91.54 -21.08
N LEU E 176 -78.66 -92.07 -22.18
CA LEU E 176 -79.45 -92.21 -23.40
C LEU E 176 -80.61 -93.16 -23.22
N ILE E 177 -80.47 -94.15 -22.33
CA ILE E 177 -81.58 -95.08 -22.10
C ILE E 177 -82.80 -94.34 -21.56
N GLU E 178 -82.58 -93.44 -20.60
CA GLU E 178 -83.69 -92.67 -20.05
C GLU E 178 -84.15 -91.59 -21.02
N SER E 179 -83.22 -90.91 -21.70
CA SER E 179 -83.59 -89.77 -22.53
C SER E 179 -84.25 -90.19 -23.83
N LEU E 180 -83.97 -91.38 -24.33
CA LEU E 180 -84.47 -91.83 -25.62
C LEU E 180 -85.53 -92.91 -25.51
N GLU E 181 -85.84 -93.37 -24.30
CA GLU E 181 -86.81 -94.46 -24.11
C GLU E 181 -86.42 -95.68 -24.93
N LEU E 182 -85.14 -96.04 -24.84
CA LEU E 182 -84.63 -97.15 -25.63
C LEU E 182 -85.22 -98.47 -25.18
N THR E 183 -85.26 -99.43 -26.10
CA THR E 183 -85.76 -100.76 -25.83
C THR E 183 -84.59 -101.73 -25.60
N GLU E 184 -84.93 -102.95 -25.20
CA GLU E 184 -83.90 -103.96 -24.92
C GLU E 184 -83.18 -104.41 -26.17
N ALA E 185 -83.85 -104.40 -27.33
CA ALA E 185 -83.19 -104.79 -28.56
C ALA E 185 -82.08 -103.81 -28.93
N GLU E 186 -82.31 -102.52 -28.70
CA GLU E 186 -81.32 -101.50 -29.01
C GLU E 186 -80.32 -101.29 -27.89
N THR E 187 -80.71 -101.53 -26.64
CA THR E 187 -79.79 -101.33 -25.53
C THR E 187 -78.57 -102.23 -25.62
N SER E 188 -78.71 -103.40 -26.25
CA SER E 188 -77.57 -104.30 -26.41
C SER E 188 -76.46 -103.70 -27.24
N ARG E 189 -76.77 -102.72 -28.08
CA ARG E 189 -75.76 -102.09 -28.93
C ARG E 189 -75.05 -100.94 -28.25
N LEU E 190 -75.39 -100.64 -27.00
CA LEU E 190 -74.68 -99.57 -26.30
C LEU E 190 -73.30 -100.00 -25.83
N PRO E 191 -73.15 -101.18 -25.20
CA PRO E 191 -71.79 -101.58 -24.78
C PRO E 191 -70.79 -101.68 -25.91
N VAL E 192 -71.22 -102.15 -27.09
CA VAL E 192 -70.29 -102.25 -28.21
C VAL E 192 -69.87 -100.87 -28.70
N ILE E 193 -70.82 -99.94 -28.75
CA ILE E 193 -70.48 -98.56 -29.12
C ILE E 193 -69.50 -97.97 -28.12
N GLN E 194 -69.75 -98.21 -26.82
CA GLN E 194 -68.85 -97.69 -25.80
C GLN E 194 -67.45 -98.29 -25.93
N ASP E 195 -67.37 -99.58 -26.25
CA ASP E 195 -66.08 -100.25 -26.35
C ASP E 195 -65.40 -100.05 -27.71
N SER E 196 -66.06 -99.42 -28.66
CA SER E 196 -65.47 -99.19 -29.98
C SER E 196 -64.90 -97.79 -30.15
N MET E 197 -64.84 -96.99 -29.08
CA MET E 197 -64.30 -95.64 -29.16
C MET E 197 -62.85 -95.62 -28.67
N VAL E 198 -61.97 -96.12 -29.54
CA VAL E 198 -60.54 -96.12 -29.26
C VAL E 198 -59.96 -94.75 -29.62
N ILE E 199 -58.73 -94.50 -29.20
CA ILE E 199 -58.05 -93.24 -29.47
C ILE E 199 -56.98 -93.50 -30.53
N GLN E 200 -56.94 -92.65 -31.54
CA GLN E 200 -55.99 -92.79 -32.65
C GLN E 200 -55.02 -91.61 -32.62
N LYS E 201 -53.74 -91.91 -32.84
CA LYS E 201 -52.68 -90.92 -32.76
C LYS E 201 -52.26 -90.47 -34.16
N SER E 202 -51.83 -89.22 -34.26
CA SER E 202 -51.37 -88.65 -35.52
C SER E 202 -50.42 -87.52 -35.23
N THR E 203 -49.82 -86.99 -36.29
CA THR E 203 -48.83 -85.93 -36.18
C THR E 203 -49.21 -84.76 -37.07
N ALA E 204 -48.94 -83.55 -36.59
CA ALA E 204 -49.18 -82.33 -37.34
C ALA E 204 -47.96 -81.43 -37.25
N THR E 205 -47.74 -80.65 -38.30
CA THR E 205 -46.58 -79.77 -38.39
C THR E 205 -46.99 -78.33 -38.08
N VAL E 206 -46.06 -77.59 -37.47
CA VAL E 206 -46.29 -76.20 -37.11
C VAL E 206 -45.04 -75.40 -37.50
N GLY E 207 -45.18 -74.08 -37.45
CA GLY E 207 -44.06 -73.21 -37.71
C GLY E 207 -43.97 -72.81 -39.17
N ASN E 208 -43.39 -71.63 -39.39
CA ASN E 208 -43.22 -71.07 -40.71
C ASN E 208 -41.75 -71.09 -41.09
N ALA E 209 -41.42 -70.50 -42.24
CA ALA E 209 -40.03 -70.49 -42.70
C ALA E 209 -39.15 -69.63 -41.80
N GLN E 210 -39.67 -68.50 -41.32
CA GLN E 210 -38.87 -67.61 -40.48
C GLN E 210 -38.47 -68.30 -39.18
N GLN E 211 -39.41 -69.01 -38.56
CA GLN E 211 -39.10 -69.86 -37.42
C GLN E 211 -38.69 -71.24 -37.95
N GLY E 212 -38.60 -72.21 -37.07
CA GLY E 212 -38.29 -73.56 -37.51
C GLY E 212 -39.51 -74.34 -37.93
N ILE E 213 -39.27 -75.46 -38.59
CA ILE E 213 -40.33 -76.40 -38.94
C ILE E 213 -40.27 -77.52 -37.89
N SER E 214 -41.28 -77.55 -37.03
CA SER E 214 -41.34 -78.52 -35.94
C SER E 214 -42.46 -79.53 -36.18
N THR E 215 -42.47 -80.57 -35.36
CA THR E 215 -43.47 -81.63 -35.45
C THR E 215 -44.00 -81.92 -34.07
N ILE E 216 -45.32 -81.92 -33.91
CA ILE E 216 -45.96 -82.25 -32.65
C ILE E 216 -46.93 -83.40 -32.88
N ASN E 217 -47.23 -84.11 -31.81
CA ASN E 217 -48.12 -85.26 -31.86
C ASN E 217 -49.50 -84.87 -31.36
N ILE E 218 -50.53 -85.35 -32.05
CA ILE E 218 -51.91 -85.01 -31.72
C ILE E 218 -52.73 -86.28 -31.59
N LYS E 219 -53.75 -86.22 -30.73
CA LYS E 219 -54.70 -87.29 -30.56
C LYS E 219 -55.98 -86.97 -31.33
N ARG E 220 -56.86 -87.97 -31.41
CA ARG E 220 -58.15 -87.82 -32.08
C ARG E 220 -59.13 -88.73 -31.36
N VAL E 221 -59.85 -88.16 -30.38
CA VAL E 221 -60.71 -88.97 -29.52
C VAL E 221 -62.15 -88.86 -30.00
N PRO E 222 -62.96 -89.90 -29.82
CA PRO E 222 -64.37 -89.81 -30.18
C PRO E 222 -65.22 -89.27 -29.04
N PHE E 223 -66.34 -88.66 -29.41
CA PHE E 223 -67.29 -88.13 -28.45
C PHE E 223 -68.67 -88.11 -29.11
N VAL E 224 -69.70 -88.05 -28.27
CA VAL E 224 -71.09 -88.08 -28.74
C VAL E 224 -71.65 -86.67 -28.71
N GLY E 225 -72.31 -86.28 -29.79
CA GLY E 225 -72.88 -84.96 -29.87
C GLY E 225 -73.31 -84.64 -31.30
N SER E 226 -73.75 -83.39 -31.48
CA SER E 226 -74.19 -82.93 -32.77
C SER E 226 -73.02 -82.48 -33.63
N ALA E 227 -73.21 -82.56 -34.95
CA ALA E 227 -72.16 -82.14 -35.87
C ALA E 227 -71.82 -80.67 -35.71
N PHE E 228 -72.78 -79.86 -35.26
CA PHE E 228 -72.51 -78.45 -35.02
C PHE E 228 -71.42 -78.27 -33.97
N GLN E 229 -71.47 -79.08 -32.91
CA GLN E 229 -70.40 -79.04 -31.91
C GLN E 229 -69.07 -79.44 -32.52
N GLN E 230 -69.07 -80.43 -33.42
CA GLN E 230 -67.84 -80.82 -34.07
C GLN E 230 -67.26 -79.68 -34.88
N VAL E 231 -68.11 -78.95 -35.62
CA VAL E 231 -67.63 -77.84 -36.42
C VAL E 231 -67.08 -76.74 -35.53
N ILE E 232 -67.78 -76.42 -34.44
CA ILE E 232 -67.32 -75.39 -33.52
C ILE E 232 -65.98 -75.77 -32.92
N ASP E 233 -65.84 -77.03 -32.50
CA ASP E 233 -64.59 -77.47 -31.89
C ASP E 233 -63.45 -77.45 -32.89
N GLN E 234 -63.70 -77.84 -34.14
CA GLN E 234 -62.65 -77.79 -35.15
C GLN E 234 -62.23 -76.35 -35.41
N LEU E 235 -63.19 -75.43 -35.45
CA LEU E 235 -62.84 -74.02 -35.63
C LEU E 235 -62.00 -73.52 -34.46
N LEU E 236 -62.36 -73.88 -33.24
CA LEU E 236 -61.57 -73.48 -32.08
C LEU E 236 -60.16 -74.05 -32.15
N TRP E 237 -60.03 -75.30 -32.57
CA TRP E 237 -58.71 -75.90 -32.68
C TRP E 237 -57.87 -75.18 -33.72
N GLU E 238 -58.47 -74.85 -34.87
CA GLU E 238 -57.73 -74.15 -35.91
C GLU E 238 -57.30 -72.77 -35.45
N TYR E 239 -58.17 -72.09 -34.70
CA TYR E 239 -57.83 -70.75 -34.23
C TYR E 239 -56.76 -70.79 -33.15
N SER E 240 -56.83 -71.74 -32.23
CA SER E 240 -55.93 -71.75 -31.09
C SER E 240 -54.54 -72.26 -31.43
N THR E 241 -54.42 -73.20 -32.37
CA THR E 241 -53.16 -73.88 -32.59
C THR E 241 -52.18 -73.09 -33.47
N THR E 242 -52.61 -71.96 -34.03
CA THR E 242 -51.71 -71.20 -34.88
C THR E 242 -50.56 -70.61 -34.07
N SER E 243 -49.43 -70.39 -34.75
CA SER E 243 -48.25 -69.80 -34.14
C SER E 243 -47.76 -70.61 -32.95
N LEU E 244 -47.35 -71.85 -33.24
CA LEU E 244 -46.82 -72.76 -32.23
C LEU E 244 -45.44 -73.25 -32.67
N THR E 245 -44.56 -73.46 -31.70
CA THR E 245 -43.24 -73.98 -31.99
C THR E 245 -42.67 -74.67 -30.76
N THR E 246 -41.61 -75.44 -30.98
CA THR E 246 -40.97 -76.20 -29.93
C THR E 246 -39.70 -75.49 -29.47
N LYS E 247 -39.26 -75.81 -28.25
CA LYS E 247 -38.09 -75.16 -27.69
C LYS E 247 -36.83 -75.49 -28.48
N GLU E 248 -36.79 -76.66 -29.12
CA GLU E 248 -35.57 -77.06 -29.82
C GLU E 248 -35.32 -76.22 -31.06
N GLN E 249 -36.34 -75.53 -31.57
CA GLN E 249 -36.16 -74.55 -32.64
C GLN E 249 -35.98 -73.13 -32.13
N ARG E 250 -36.69 -72.79 -31.05
CA ARG E 250 -36.53 -71.47 -30.46
C ARG E 250 -35.10 -71.25 -29.99
N ARG E 251 -34.49 -72.27 -29.38
CA ARG E 251 -33.11 -72.14 -28.94
C ARG E 251 -32.17 -71.96 -30.12
N GLN E 252 -32.40 -72.69 -31.21
CA GLN E 252 -31.56 -72.52 -32.39
C GLN E 252 -31.66 -71.11 -32.94
N ARG E 253 -32.89 -70.57 -33.01
CA ARG E 253 -33.07 -69.21 -33.50
C ARG E 253 -32.38 -68.21 -32.59
N ILE E 254 -32.49 -68.40 -31.27
CA ILE E 254 -31.85 -67.49 -30.33
C ILE E 254 -30.34 -67.51 -30.51
N THR E 255 -29.77 -68.71 -30.62
CA THR E 255 -28.32 -68.81 -30.79
C THR E 255 -27.87 -68.16 -32.09
N GLU E 256 -28.62 -68.36 -33.17
CA GLU E 256 -28.26 -67.72 -34.43
C GLU E 256 -28.32 -66.21 -34.30
N MET E 257 -29.36 -65.68 -33.66
CA MET E 257 -29.52 -64.23 -33.57
C MET E 257 -28.49 -63.57 -32.66
N VAL E 258 -27.87 -64.33 -31.75
CA VAL E 258 -26.84 -63.78 -30.89
C VAL E 258 -25.49 -64.41 -31.25
N ASN E 259 -24.69 -63.69 -32.01
CA ASN E 259 -23.45 -64.26 -32.53
C ASN E 259 -22.28 -64.14 -31.57
N ASP E 260 -22.44 -63.42 -30.46
CA ASP E 260 -21.33 -63.28 -29.51
C ASP E 260 -21.14 -64.57 -28.74
N ARG E 261 -19.90 -65.04 -28.66
CA ARG E 261 -19.60 -66.31 -28.01
C ARG E 261 -19.53 -66.20 -26.49
N ARG E 262 -19.43 -64.99 -25.93
CA ARG E 262 -19.45 -64.85 -24.49
C ARG E 262 -20.78 -65.31 -23.92
N ILE E 263 -21.87 -64.96 -24.59
CA ILE E 263 -23.20 -65.40 -24.17
C ILE E 263 -23.38 -66.85 -24.57
N MET E 264 -23.65 -67.70 -23.59
CA MET E 264 -23.99 -69.09 -23.83
C MET E 264 -25.37 -69.36 -23.26
N ILE E 265 -26.21 -69.99 -24.06
CA ILE E 265 -27.60 -70.23 -23.72
C ILE E 265 -27.70 -71.53 -22.95
N GLN E 266 -28.59 -71.57 -21.95
CA GLN E 266 -28.76 -72.77 -21.15
C GLN E 266 -29.12 -73.96 -22.03
N LYS E 267 -28.41 -75.07 -21.84
CA LYS E 267 -28.66 -76.26 -22.63
C LYS E 267 -29.98 -76.89 -22.22
N LEU E 268 -30.62 -77.55 -23.19
CA LEU E 268 -31.91 -78.19 -22.98
C LEU E 268 -31.70 -79.68 -22.83
N THR E 269 -32.14 -80.24 -21.70
CA THR E 269 -32.03 -81.68 -21.52
C THR E 269 -33.07 -82.39 -22.38
N LEU E 270 -32.95 -83.72 -22.44
CA LEU E 270 -33.76 -84.50 -23.36
C LEU E 270 -35.25 -84.34 -23.09
N ALA E 271 -35.63 -84.04 -21.84
CA ALA E 271 -37.04 -83.99 -21.50
C ALA E 271 -37.75 -82.83 -22.18
N GLU E 272 -37.19 -81.63 -22.11
CA GLU E 272 -37.87 -80.43 -22.60
C GLU E 272 -37.58 -80.14 -24.07
N LYS E 273 -36.84 -81.01 -24.74
CA LYS E 273 -36.58 -80.78 -26.16
C LYS E 273 -37.84 -80.71 -27.01
N PRO E 274 -38.81 -81.62 -26.88
CA PRO E 274 -40.02 -81.52 -27.70
C PRO E 274 -41.17 -80.74 -27.07
N GLN E 275 -40.93 -79.98 -26.01
CA GLN E 275 -42.00 -79.18 -25.41
C GLN E 275 -42.43 -78.07 -26.37
N VAL E 276 -43.71 -77.74 -26.34
CA VAL E 276 -44.27 -76.75 -27.26
C VAL E 276 -44.50 -75.44 -26.51
N MET E 277 -44.48 -74.35 -27.26
CA MET E 277 -44.67 -73.01 -26.72
C MET E 277 -45.11 -72.10 -27.85
N ARG E 278 -45.50 -70.87 -27.50
CA ARG E 278 -46.09 -69.93 -28.44
C ARG E 278 -45.05 -68.91 -28.87
N HIS E 279 -44.95 -68.69 -30.17
CA HIS E 279 -44.05 -67.70 -30.74
C HIS E 279 -44.85 -66.57 -31.36
N VAL E 280 -44.20 -65.41 -31.48
CA VAL E 280 -44.89 -64.24 -32.01
C VAL E 280 -45.15 -64.43 -33.50
N THR E 281 -46.07 -63.61 -34.03
CA THR E 281 -46.48 -63.74 -35.42
C THR E 281 -45.32 -63.42 -36.38
N THR E 282 -44.65 -62.29 -36.15
CA THR E 282 -43.51 -61.91 -36.99
C THR E 282 -42.41 -61.34 -36.12
N GLU E 283 -41.18 -61.73 -36.42
CA GLU E 283 -40.04 -61.26 -35.66
C GLU E 283 -39.76 -59.79 -35.96
N ILE E 284 -39.16 -59.10 -35.00
CA ILE E 284 -38.75 -57.72 -35.17
C ILE E 284 -37.32 -57.73 -35.70
N ASN E 285 -37.15 -57.35 -36.96
CA ASN E 285 -35.85 -57.28 -37.60
C ASN E 285 -35.50 -55.82 -37.86
N ASN E 286 -34.38 -55.61 -38.58
CA ASN E 286 -33.95 -54.25 -38.88
C ASN E 286 -34.89 -53.52 -39.81
N ASP E 287 -35.83 -54.22 -40.45
CA ASP E 287 -36.74 -53.57 -41.39
C ASP E 287 -37.59 -52.52 -40.69
N LEU E 288 -38.17 -52.87 -39.55
CA LEU E 288 -39.02 -51.93 -38.83
C LEU E 288 -38.24 -50.71 -38.37
N PHE E 289 -37.04 -50.93 -37.83
CA PHE E 289 -36.24 -49.81 -37.36
C PHE E 289 -35.84 -48.91 -38.51
N PHE E 290 -35.49 -49.49 -39.66
CA PHE E 290 -35.14 -48.68 -40.82
C PHE E 290 -36.34 -47.85 -41.29
N LYS E 291 -37.52 -48.47 -41.35
CA LYS E 291 -38.70 -47.72 -41.76
C LYS E 291 -39.13 -46.69 -40.73
N MET E 292 -38.64 -46.78 -39.50
CA MET E 292 -38.95 -45.80 -38.48
C MET E 292 -38.04 -44.58 -38.55
N SER E 293 -37.27 -44.45 -39.63
CA SER E 293 -36.28 -43.39 -39.71
C SER E 293 -36.84 -41.98 -39.63
N PRO E 294 -37.94 -41.60 -40.32
CA PRO E 294 -38.31 -40.18 -40.38
C PRO E 294 -38.58 -39.53 -39.04
N VAL E 295 -38.56 -40.29 -37.94
CA VAL E 295 -38.82 -39.76 -36.62
C VAL E 295 -37.71 -40.11 -35.62
N ALA E 296 -36.65 -40.77 -36.06
CA ALA E 296 -35.70 -41.38 -35.13
C ALA E 296 -34.88 -40.35 -34.38
N GLN E 297 -34.72 -39.14 -34.93
CA GLN E 297 -33.85 -38.16 -34.30
C GLN E 297 -34.35 -37.79 -32.91
N LEU E 298 -35.66 -37.58 -32.77
CA LEU E 298 -36.22 -37.26 -31.46
C LEU E 298 -36.01 -38.41 -30.48
N TYR E 299 -36.20 -39.65 -30.94
CA TYR E 299 -35.99 -40.79 -30.06
C TYR E 299 -34.55 -40.86 -29.57
N ILE E 300 -33.58 -40.67 -30.47
CA ILE E 300 -32.19 -40.72 -30.06
C ILE E 300 -31.89 -39.61 -29.07
N TYR E 301 -32.35 -38.38 -29.36
CA TYR E 301 -32.07 -37.28 -28.46
C TYR E 301 -32.65 -37.53 -27.08
N HIS E 302 -33.89 -38.00 -27.02
CA HIS E 302 -34.53 -38.18 -25.72
C HIS E 302 -33.95 -39.36 -24.96
N LEU E 303 -33.55 -40.42 -25.66
CA LEU E 303 -32.86 -41.51 -24.99
C LEU E 303 -31.56 -41.03 -24.36
N ASP E 304 -30.77 -40.28 -25.14
CA ASP E 304 -29.52 -39.76 -24.61
C ASP E 304 -29.76 -38.85 -23.42
N ARG E 305 -30.78 -38.00 -23.50
CA ARG E 305 -31.02 -37.05 -22.41
C ARG E 305 -31.54 -37.76 -21.16
N ALA E 306 -32.28 -38.85 -21.34
CA ALA E 306 -32.83 -39.57 -20.19
C ALA E 306 -31.86 -40.55 -19.59
N PHE E 307 -30.79 -40.92 -20.30
CA PHE E 307 -29.84 -41.89 -19.78
C PHE E 307 -28.47 -41.31 -19.49
N LEU E 308 -28.31 -39.99 -19.56
CA LEU E 308 -27.05 -39.32 -19.23
C LEU E 308 -27.32 -38.37 -18.08
N ASP E 309 -27.24 -38.88 -16.86
CA ASP E 309 -27.59 -38.08 -15.69
C ASP E 309 -26.52 -37.06 -15.30
N GLY E 310 -25.25 -37.41 -15.46
CA GLY E 310 -24.17 -36.56 -14.98
C GLY E 310 -23.10 -36.37 -16.04
N VAL E 311 -22.20 -35.43 -15.75
CA VAL E 311 -21.09 -35.10 -16.64
C VAL E 311 -19.82 -35.03 -15.81
N GLY E 312 -18.75 -35.64 -16.33
CA GLY E 312 -17.48 -35.67 -15.64
C GLY E 312 -16.56 -34.52 -16.01
N PHE E 313 -16.84 -33.33 -15.49
CA PHE E 313 -16.03 -32.15 -15.77
C PHE E 313 -15.14 -31.83 -14.58
N THR E 314 -13.98 -31.21 -14.87
CA THR E 314 -13.11 -30.74 -13.81
C THR E 314 -13.52 -29.33 -13.38
N PRO E 315 -13.32 -28.98 -12.12
CA PRO E 315 -13.66 -27.62 -11.68
C PRO E 315 -12.86 -26.58 -12.44
N LEU E 316 -13.50 -25.44 -12.72
CA LEU E 316 -12.86 -24.40 -13.51
C LEU E 316 -11.68 -23.77 -12.79
N ALA E 317 -11.72 -23.75 -11.46
CA ALA E 317 -10.64 -23.11 -10.70
C ALA E 317 -9.31 -23.82 -10.95
N GLU E 318 -9.37 -25.16 -11.04
CA GLU E 318 -8.14 -25.95 -11.32
C GLU E 318 -7.55 -25.46 -12.65
N LYS E 319 -8.38 -25.38 -13.69
CA LYS E 319 -7.90 -24.97 -15.00
C LYS E 319 -7.32 -23.56 -14.96
N GLN E 320 -7.97 -22.66 -14.21
CA GLN E 320 -7.42 -21.31 -14.08
C GLN E 320 -6.05 -21.35 -13.42
N GLN E 321 -5.89 -22.15 -12.36
CA GLN E 321 -4.60 -22.27 -11.69
C GLN E 321 -3.56 -22.86 -12.64
N GLN E 322 -3.95 -23.85 -13.44
CA GLN E 322 -3.01 -24.46 -14.38
C GLN E 322 -2.54 -23.44 -15.41
N LEU E 323 -3.45 -22.61 -15.92
CA LEU E 323 -3.07 -21.67 -16.95
C LEU E 323 -2.24 -20.53 -16.35
N GLN E 324 -2.55 -20.13 -15.11
CA GLN E 324 -1.77 -19.09 -14.45
C GLN E 324 -0.30 -19.44 -14.41
N LEU E 325 0.03 -20.69 -14.11
CA LEU E 325 1.41 -21.12 -14.08
C LEU E 325 2.04 -21.12 -15.46
N GLN E 326 1.25 -21.39 -16.50
CA GLN E 326 1.82 -21.58 -17.83
C GLN E 326 2.07 -20.28 -18.58
N LEU E 327 1.50 -19.17 -18.12
CA LEU E 327 1.73 -17.89 -18.79
C LEU E 327 3.17 -17.41 -18.59
N LYS E 328 3.68 -16.68 -19.57
CA LYS E 328 5.03 -16.14 -19.53
C LYS E 328 5.04 -14.66 -19.14
N THR E 329 3.89 -14.13 -18.73
CA THR E 329 3.76 -12.73 -18.37
C THR E 329 3.54 -12.58 -16.86
N ASN E 330 3.84 -11.39 -16.36
CA ASN E 330 3.69 -11.13 -14.91
C ASN E 330 2.22 -11.00 -14.57
N ILE E 331 1.88 -11.16 -13.30
CA ILE E 331 0.51 -10.97 -12.82
C ILE E 331 0.11 -9.50 -12.94
N LEU E 332 1.04 -8.59 -12.68
CA LEU E 332 0.71 -7.17 -12.68
C LEU E 332 0.25 -6.71 -14.04
N THR E 333 0.93 -7.13 -15.10
CA THR E 333 0.52 -6.75 -16.44
C THR E 333 -0.79 -7.44 -16.81
N ALA E 334 -1.45 -6.91 -17.84
CA ALA E 334 -2.76 -7.38 -18.25
C ALA E 334 -2.64 -8.22 -19.51
N ASN E 335 -3.23 -9.41 -19.48
CA ASN E 335 -3.31 -10.29 -20.64
C ASN E 335 -4.77 -10.63 -20.87
N LEU E 336 -5.22 -10.51 -22.12
CA LEU E 336 -6.63 -10.71 -22.41
C LEU E 336 -7.06 -12.16 -22.32
N ILE E 337 -6.18 -13.11 -22.64
CA ILE E 337 -6.56 -14.52 -22.56
C ILE E 337 -6.84 -14.91 -21.12
N ARG E 338 -6.01 -14.48 -20.18
CA ARG E 338 -6.24 -14.80 -18.78
C ARG E 338 -7.54 -14.18 -18.28
N SER E 339 -7.81 -12.93 -18.67
CA SER E 339 -9.01 -12.25 -18.21
C SER E 339 -10.28 -12.81 -18.84
N ALA E 340 -10.21 -13.29 -20.08
CA ALA E 340 -11.39 -13.75 -20.78
C ALA E 340 -12.00 -14.98 -20.13
N ILE E 341 -11.16 -15.96 -19.74
CA ILE E 341 -11.69 -17.16 -19.11
C ILE E 341 -12.06 -16.95 -17.65
N ASN E 342 -11.59 -15.86 -17.03
CA ASN E 342 -11.97 -15.59 -15.65
C ASN E 342 -13.47 -15.38 -15.52
N GLY E 343 -14.08 -14.70 -16.48
CA GLY E 343 -15.51 -14.54 -16.50
C GLY E 343 -16.21 -15.65 -17.26
N MET E 344 -16.03 -16.88 -16.79
CA MET E 344 -16.64 -18.05 -17.42
C MET E 344 -17.31 -18.91 -16.35
N ASN E 345 -18.30 -19.68 -16.78
CA ASN E 345 -19.04 -20.55 -15.88
C ASN E 345 -19.29 -21.89 -16.56
N THR E 346 -19.52 -22.92 -15.74
CA THR E 346 -19.78 -24.27 -16.23
C THR E 346 -21.16 -24.75 -15.80
N GLU E 347 -22.14 -23.85 -15.84
CA GLU E 347 -23.48 -24.20 -15.36
C GLU E 347 -24.21 -25.11 -16.32
N SER E 348 -23.88 -25.06 -17.60
CA SER E 348 -24.66 -25.76 -18.61
C SER E 348 -23.82 -26.78 -19.37
N ASN E 349 -23.02 -27.58 -18.67
CA ASN E 349 -22.23 -28.59 -19.34
C ASN E 349 -23.06 -29.79 -19.76
N LEU E 350 -24.11 -30.13 -18.99
CA LEU E 350 -24.87 -31.35 -19.26
C LEU E 350 -25.58 -31.28 -20.60
N GLU E 351 -26.23 -30.15 -20.86
CA GLU E 351 -26.98 -29.99 -22.14
C GLU E 351 -26.00 -30.03 -23.31
N VAL E 352 -24.85 -29.36 -23.18
CA VAL E 352 -23.85 -29.39 -24.25
C VAL E 352 -23.37 -30.80 -24.48
N ALA E 353 -23.19 -31.57 -23.40
CA ALA E 353 -22.76 -32.96 -23.55
C ALA E 353 -23.80 -33.79 -24.27
N ILE E 354 -25.07 -33.59 -23.95
CA ILE E 354 -26.12 -34.36 -24.61
C ILE E 354 -26.12 -34.08 -26.11
N LYS E 355 -26.07 -32.80 -26.48
CA LYS E 355 -25.98 -32.49 -27.91
C LYS E 355 -24.67 -32.97 -28.54
N MET E 356 -23.58 -32.99 -27.80
CA MET E 356 -22.34 -33.54 -28.32
C MET E 356 -22.50 -35.00 -28.69
N MET E 357 -23.12 -35.77 -27.79
CA MET E 357 -23.36 -37.18 -28.07
C MET E 357 -24.29 -37.35 -29.27
N GLN E 358 -25.35 -36.55 -29.34
CA GLN E 358 -26.29 -36.67 -30.46
C GLN E 358 -25.60 -36.37 -31.78
N ALA E 359 -24.75 -35.33 -31.81
CA ALA E 359 -24.02 -35.01 -33.01
C ALA E 359 -23.04 -36.12 -33.37
N ALA E 360 -22.42 -36.75 -32.38
CA ALA E 360 -21.52 -37.85 -32.67
C ALA E 360 -22.25 -39.03 -33.30
N GLN E 361 -23.44 -39.36 -32.81
CA GLN E 361 -24.14 -40.54 -33.31
C GLN E 361 -24.67 -40.33 -34.73
N LEU E 362 -25.35 -39.21 -34.97
CA LEU E 362 -25.94 -38.92 -36.28
C LEU E 362 -25.05 -37.96 -37.04
N HIS E 363 -24.61 -38.37 -38.22
CA HIS E 363 -23.70 -37.53 -38.98
C HIS E 363 -24.39 -36.35 -39.65
N ARG E 364 -25.72 -36.32 -39.65
CA ARG E 364 -26.44 -35.20 -40.25
C ARG E 364 -26.90 -34.18 -39.23
N ALA E 365 -26.95 -34.53 -37.96
CA ALA E 365 -27.35 -33.59 -36.91
C ALA E 365 -26.14 -32.87 -36.33
N SER E 366 -25.33 -32.30 -37.20
CA SER E 366 -24.13 -31.62 -36.76
C SER E 366 -24.49 -30.38 -35.94
N ILE E 367 -23.70 -30.12 -34.91
CA ILE E 367 -23.98 -29.01 -34.01
C ILE E 367 -23.66 -27.70 -34.70
N GLU E 368 -24.55 -26.73 -34.57
CA GLU E 368 -24.38 -25.40 -35.17
C GLU E 368 -24.25 -24.37 -34.07
N ILE E 369 -23.34 -23.43 -34.24
CA ILE E 369 -23.04 -22.42 -33.25
C ILE E 369 -23.74 -21.12 -33.61
N ALA E 370 -24.36 -20.48 -32.62
CA ALA E 370 -24.96 -19.17 -32.78
C ALA E 370 -24.01 -18.13 -32.19
N PHE E 371 -23.39 -17.33 -33.06
CA PHE E 371 -22.42 -16.34 -32.60
C PHE E 371 -23.11 -15.05 -32.23
N PRO E 372 -22.82 -14.48 -31.06
CA PRO E 372 -23.47 -13.20 -30.68
C PRO E 372 -23.13 -12.05 -31.61
N MET E 373 -21.94 -12.05 -32.20
CA MET E 373 -21.52 -10.92 -33.01
C MET E 373 -22.27 -10.89 -34.34
N ASN E 374 -22.20 -9.74 -35.01
CA ASN E 374 -22.70 -9.59 -36.36
C ASN E 374 -21.58 -9.26 -37.35
N VAL E 375 -20.83 -8.18 -37.10
CA VAL E 375 -19.70 -7.82 -37.94
C VAL E 375 -18.44 -7.67 -37.10
N SER E 376 -18.56 -7.03 -35.95
CA SER E 376 -17.40 -6.70 -35.13
C SER E 376 -16.97 -7.91 -34.30
N LEU E 377 -15.90 -7.73 -33.54
CA LEU E 377 -15.39 -8.78 -32.66
C LEU E 377 -15.28 -8.30 -31.23
N SER E 378 -14.66 -9.12 -30.38
CA SER E 378 -14.49 -8.81 -28.97
C SER E 378 -13.35 -9.66 -28.44
N PRO E 379 -12.70 -9.25 -27.35
CA PRO E 379 -11.65 -10.10 -26.77
C PRO E 379 -12.14 -11.48 -26.39
N GLU E 380 -13.38 -11.60 -25.90
CA GLU E 380 -13.91 -12.90 -25.53
C GLU E 380 -14.05 -13.80 -26.74
N ILE E 381 -14.56 -13.26 -27.85
CA ILE E 381 -14.93 -14.08 -28.99
C ILE E 381 -13.69 -14.75 -29.59
N ILE E 382 -12.58 -14.02 -29.67
CA ILE E 382 -11.38 -14.58 -30.29
C ILE E 382 -10.87 -15.77 -29.50
N VAL E 383 -10.77 -15.63 -28.18
CA VAL E 383 -10.25 -16.72 -27.37
C VAL E 383 -11.21 -17.89 -27.36
N GLN E 384 -12.52 -17.63 -27.38
CA GLN E 384 -13.48 -18.72 -27.43
C GLN E 384 -13.38 -19.48 -28.75
N CYS E 385 -13.19 -18.76 -29.84
CA CYS E 385 -13.02 -19.41 -31.13
C CYS E 385 -11.74 -20.24 -31.16
N PHE E 386 -10.67 -19.73 -30.55
CA PHE E 386 -9.44 -20.52 -30.47
C PHE E 386 -9.66 -21.79 -29.67
N ILE E 387 -10.39 -21.69 -28.55
CA ILE E 387 -10.65 -22.87 -27.74
C ILE E 387 -11.46 -23.89 -28.53
N VAL E 388 -12.49 -23.44 -29.25
CA VAL E 388 -13.28 -24.35 -30.06
C VAL E 388 -12.44 -25.00 -31.14
N TRP E 389 -11.58 -24.22 -31.79
CA TRP E 389 -10.73 -24.77 -32.84
C TRP E 389 -9.78 -25.82 -32.28
N MET E 390 -9.23 -25.59 -31.10
CA MET E 390 -8.21 -26.47 -30.55
C MET E 390 -8.77 -27.65 -29.77
N SER E 391 -10.06 -27.64 -29.41
CA SER E 391 -10.57 -28.64 -28.48
C SER E 391 -11.81 -29.40 -28.96
N ILE E 392 -12.57 -28.88 -29.91
CA ILE E 392 -13.79 -29.54 -30.38
C ILE E 392 -13.50 -30.17 -31.74
N PRO E 393 -13.86 -31.42 -32.06
CA PRO E 393 -13.56 -31.94 -33.38
C PRO E 393 -14.18 -31.15 -34.51
N GLU E 394 -14.10 -31.65 -35.73
CA GLU E 394 -14.55 -30.87 -36.90
C GLU E 394 -15.67 -31.55 -37.67
N GLN E 395 -15.67 -32.87 -37.69
CA GLN E 395 -16.70 -33.61 -38.43
C GLN E 395 -17.97 -33.55 -37.60
N LEU E 396 -17.89 -33.00 -36.40
CA LEU E 396 -19.09 -32.83 -35.55
C LEU E 396 -19.63 -31.45 -35.83
N LEU E 397 -18.77 -30.51 -36.19
CA LEU E 397 -19.23 -29.11 -36.39
C LEU E 397 -19.75 -29.04 -37.79
N SER E 398 -20.87 -28.38 -37.92
CA SER E 398 -21.41 -28.21 -39.25
C SER E 398 -20.42 -27.44 -40.12
N ASP E 399 -20.77 -27.30 -41.40
CA ASP E 399 -19.89 -26.60 -42.33
C ASP E 399 -19.83 -25.11 -42.02
N ARG E 400 -20.98 -24.49 -41.77
CA ARG E 400 -21.00 -23.06 -41.54
C ARG E 400 -20.21 -22.68 -40.29
N SER E 401 -20.39 -23.44 -39.21
CA SER E 401 -19.67 -23.13 -37.97
C SER E 401 -18.17 -23.27 -38.16
N ASN E 402 -17.75 -24.34 -38.84
CA ASN E 402 -16.33 -24.52 -39.12
C ASN E 402 -15.79 -23.35 -39.93
N PHE E 403 -16.52 -22.93 -40.95
CA PHE E 403 -16.07 -21.80 -41.75
C PHE E 403 -15.96 -20.53 -40.92
N ILE E 404 -16.91 -20.33 -40.00
CA ILE E 404 -16.90 -19.11 -39.20
C ILE E 404 -15.66 -19.08 -38.29
N ILE E 405 -15.39 -20.18 -37.60
CA ILE E 405 -14.23 -20.17 -36.71
C ILE E 405 -12.94 -20.05 -37.53
N ALA E 406 -12.91 -20.68 -38.70
CA ALA E 406 -11.73 -20.58 -39.55
C ALA E 406 -11.51 -19.14 -40.00
N ALA E 407 -12.58 -18.44 -40.38
CA ALA E 407 -12.44 -17.05 -40.79
C ALA E 407 -11.99 -16.17 -39.63
N VAL E 408 -12.52 -16.41 -38.44
CA VAL E 408 -12.11 -15.63 -37.28
C VAL E 408 -10.63 -15.82 -37.01
N ILE E 409 -10.15 -17.06 -37.09
CA ILE E 409 -8.72 -17.31 -36.88
C ILE E 409 -7.91 -16.63 -37.98
N TRP E 410 -8.33 -16.79 -39.24
CA TRP E 410 -7.54 -16.29 -40.36
C TRP E 410 -7.52 -14.78 -40.44
N ALA E 411 -8.49 -14.10 -39.82
CA ALA E 411 -8.54 -12.64 -39.89
C ALA E 411 -7.36 -11.98 -39.21
N GLY E 412 -6.64 -12.68 -38.34
CA GLY E 412 -5.53 -12.07 -37.64
C GLY E 412 -4.18 -12.32 -38.29
N PHE E 413 -3.97 -13.54 -38.78
CA PHE E 413 -2.71 -13.89 -39.41
C PHE E 413 -2.61 -13.41 -40.84
N SER E 414 -3.71 -12.98 -41.45
CA SER E 414 -3.67 -12.48 -42.81
C SER E 414 -2.91 -11.16 -42.86
N ALA E 415 -2.12 -10.99 -43.92
CA ALA E 415 -1.36 -9.76 -44.06
C ALA E 415 -2.28 -8.56 -44.25
N ASP E 416 -3.31 -8.70 -45.09
CA ASP E 416 -4.16 -7.58 -45.46
C ASP E 416 -5.66 -7.82 -45.28
N ASP E 417 -6.12 -9.06 -45.40
CA ASP E 417 -7.54 -9.34 -45.24
C ASP E 417 -7.98 -9.09 -43.80
N SER E 418 -9.26 -8.76 -43.65
CA SER E 418 -9.87 -8.52 -42.34
C SER E 418 -11.12 -9.37 -42.22
N TYR E 419 -11.73 -9.32 -41.03
CA TYR E 419 -12.90 -10.14 -40.76
C TYR E 419 -14.17 -9.60 -41.40
N ALA E 420 -14.29 -8.28 -41.49
CA ALA E 420 -15.51 -7.69 -42.02
C ALA E 420 -15.73 -8.07 -43.48
N ASP E 421 -14.67 -8.04 -44.28
CA ASP E 421 -14.80 -8.30 -45.71
C ASP E 421 -14.77 -9.78 -46.06
N ILE E 422 -14.11 -10.60 -45.24
CA ILE E 422 -14.00 -12.02 -45.57
C ILE E 422 -15.36 -12.70 -45.54
N MET E 423 -16.29 -12.23 -44.72
CA MET E 423 -17.64 -12.78 -44.73
C MET E 423 -18.42 -12.32 -45.95
N ARG E 424 -18.42 -11.02 -46.23
CA ARG E 424 -19.22 -10.49 -47.32
C ARG E 424 -18.72 -10.93 -48.69
N ARG E 425 -17.42 -11.20 -48.83
CA ARG E 425 -16.92 -11.70 -50.11
C ARG E 425 -17.39 -13.13 -50.37
N SER E 426 -17.46 -13.90 -49.30
CA SER E 426 -17.82 -15.34 -49.45
C SER E 426 -19.33 -15.55 -49.38
N ALA E 427 -19.77 -16.75 -49.73
CA ALA E 427 -21.18 -17.14 -49.67
C ALA E 427 -21.32 -18.47 -48.96
N ARG E 428 -22.48 -18.67 -48.32
CA ARG E 428 -22.71 -19.85 -47.52
C ARG E 428 -22.88 -21.12 -48.35
N ALA E 429 -23.00 -20.99 -49.68
CA ALA E 429 -23.24 -22.16 -50.50
C ALA E 429 -22.06 -23.13 -50.47
N SER E 430 -20.84 -22.62 -50.55
CA SER E 430 -19.65 -23.44 -50.69
C SER E 430 -18.63 -23.09 -49.61
N ASP E 431 -19.08 -23.02 -48.36
CA ASP E 431 -18.16 -22.74 -47.26
C ASP E 431 -17.23 -23.89 -46.98
N ARG E 432 -17.55 -25.10 -47.43
CA ARG E 432 -16.67 -26.23 -47.21
C ARG E 432 -15.33 -26.04 -47.91
N GLN E 433 -15.37 -25.55 -49.15
CA GLN E 433 -14.12 -25.28 -49.86
C GLN E 433 -13.31 -24.21 -49.16
N ASN E 434 -13.95 -23.16 -48.67
CA ASN E 434 -13.23 -22.12 -47.95
C ASN E 434 -12.60 -22.67 -46.69
N TYR E 435 -13.32 -23.53 -45.96
CA TYR E 435 -12.76 -24.16 -44.77
C TYR E 435 -11.54 -25.00 -45.12
N ASP E 436 -11.63 -25.76 -46.21
CA ASP E 436 -10.49 -26.58 -46.63
C ASP E 436 -9.29 -25.71 -46.95
N ILE E 437 -9.49 -24.62 -47.69
CA ILE E 437 -8.38 -23.75 -48.05
C ILE E 437 -7.77 -23.12 -46.81
N ILE E 438 -8.61 -22.66 -45.88
CA ILE E 438 -8.10 -22.04 -44.66
C ILE E 438 -7.27 -23.04 -43.86
N LYS E 439 -7.76 -24.28 -43.73
CA LYS E 439 -7.00 -25.28 -43.00
C LYS E 439 -5.67 -25.58 -43.68
N ALA E 440 -5.69 -25.67 -45.02
CA ALA E 440 -4.45 -25.93 -45.75
C ALA E 440 -3.45 -24.81 -45.54
N ALA E 441 -3.91 -23.56 -45.56
CA ALA E 441 -3.01 -22.45 -45.28
C ALA E 441 -2.47 -22.51 -43.86
N LEU E 442 -3.33 -22.84 -42.90
CA LEU E 442 -2.91 -22.88 -41.51
C LEU E 442 -2.06 -24.09 -41.17
N SER E 443 -1.94 -25.07 -42.08
CA SER E 443 -1.05 -26.19 -41.89
C SER E 443 0.16 -26.13 -42.82
N SER E 444 0.67 -24.93 -43.06
CA SER E 444 1.79 -24.73 -43.98
C SER E 444 3.10 -24.68 -43.22
N ARG E 445 4.18 -24.32 -43.91
CA ARG E 445 5.49 -24.19 -43.28
C ARG E 445 5.63 -22.91 -42.48
N LYS E 446 4.77 -21.93 -42.71
CA LYS E 446 4.84 -20.67 -41.97
C LYS E 446 3.97 -20.70 -40.72
N PHE E 447 2.79 -21.31 -40.79
CA PHE E 447 1.90 -21.42 -39.65
C PHE E 447 1.49 -22.88 -39.48
N LYS E 448 1.38 -23.31 -38.22
CA LYS E 448 0.97 -24.68 -37.91
C LYS E 448 0.07 -24.64 -36.68
N LEU E 449 -1.23 -24.64 -36.91
CA LEU E 449 -2.20 -24.71 -35.82
C LEU E 449 -2.84 -26.08 -35.82
N PRO E 450 -2.69 -26.86 -34.75
CA PRO E 450 -3.32 -28.18 -34.71
C PRO E 450 -4.84 -28.07 -34.69
N ARG E 451 -5.48 -29.03 -35.34
CA ARG E 451 -6.94 -29.11 -35.38
C ARG E 451 -7.39 -30.42 -34.75
N ALA E 452 -8.27 -30.34 -33.77
CA ALA E 452 -8.75 -31.54 -33.09
C ALA E 452 -9.51 -32.44 -34.05
N SER E 453 -9.34 -33.74 -33.90
CA SER E 453 -9.98 -34.71 -34.78
C SER E 453 -10.46 -35.89 -33.94
N THR E 454 -11.12 -36.84 -34.62
CA THR E 454 -11.74 -37.98 -33.96
C THR E 454 -11.78 -39.15 -34.94
N THR E 455 -11.66 -40.36 -34.40
CA THR E 455 -11.66 -41.58 -35.20
C THR E 455 -12.85 -42.44 -34.82
N LEU E 456 -13.17 -43.38 -35.70
CA LEU E 456 -14.32 -44.26 -35.51
C LEU E 456 -14.03 -45.33 -34.48
N PHE E 457 -15.10 -45.83 -33.85
CA PHE E 457 -15.00 -46.87 -32.83
C PHE E 457 -15.92 -48.03 -33.22
N ASP E 458 -15.40 -49.25 -33.13
CA ASP E 458 -16.13 -50.43 -33.55
C ASP E 458 -16.44 -51.36 -32.38
N GLU E 459 -15.84 -51.16 -31.22
CA GLU E 459 -16.05 -52.05 -30.09
C GLU E 459 -17.50 -52.00 -29.61
N ASN E 460 -17.91 -53.05 -28.90
CA ASN E 460 -19.29 -53.19 -28.46
C ASN E 460 -19.29 -53.84 -27.08
N GLU E 461 -20.47 -54.32 -26.68
CA GLU E 461 -20.75 -54.90 -25.38
C GLU E 461 -21.54 -56.19 -25.58
N PRO E 462 -21.40 -57.17 -24.68
CA PRO E 462 -22.19 -58.39 -24.81
C PRO E 462 -23.54 -58.25 -24.13
N VAL E 463 -24.61 -58.36 -24.92
CA VAL E 463 -25.97 -58.22 -24.41
C VAL E 463 -26.91 -58.79 -25.45
N VAL E 464 -28.03 -59.33 -24.99
CA VAL E 464 -29.00 -59.99 -25.88
C VAL E 464 -29.86 -58.90 -26.55
N ARG E 465 -29.71 -58.76 -27.86
CA ARG E 465 -30.49 -57.80 -28.63
C ARG E 465 -30.83 -58.45 -29.97
N ARG E 466 -31.63 -57.76 -30.77
CA ARG E 466 -32.11 -58.30 -32.03
C ARG E 466 -31.65 -57.53 -33.26
N TYR E 467 -31.39 -56.23 -33.13
CA TYR E 467 -31.01 -55.41 -34.27
C TYR E 467 -29.49 -55.37 -34.42
N GLN E 468 -29.02 -54.63 -35.41
CA GLN E 468 -27.59 -54.44 -35.65
C GLN E 468 -27.10 -53.18 -34.94
N ILE E 469 -25.77 -53.06 -34.86
CA ILE E 469 -25.12 -51.87 -34.36
C ILE E 469 -24.08 -51.43 -35.38
N GLY E 470 -23.69 -50.16 -35.30
CA GLY E 470 -22.71 -49.62 -36.22
C GLY E 470 -21.52 -49.03 -35.51
N ARG E 471 -20.87 -48.08 -36.16
CA ARG E 471 -19.69 -47.41 -35.63
C ARG E 471 -19.97 -45.93 -35.51
N VAL E 472 -19.60 -45.34 -34.38
CA VAL E 472 -19.89 -43.93 -34.11
C VAL E 472 -18.59 -43.20 -33.82
N TYR E 473 -18.65 -41.87 -33.94
CA TYR E 473 -17.51 -41.03 -33.59
C TYR E 473 -17.43 -40.87 -32.09
N ALA E 474 -16.24 -40.51 -31.61
CA ALA E 474 -16.21 -40.27 -30.19
C ALA E 474 -16.40 -38.78 -29.91
N PRO E 475 -17.11 -38.42 -28.84
CA PRO E 475 -17.33 -37.00 -28.53
C PRO E 475 -16.11 -36.28 -27.95
N PHE E 476 -14.93 -36.88 -27.99
CA PHE E 476 -13.71 -36.26 -27.48
C PHE E 476 -12.56 -36.62 -28.39
N PRO E 477 -11.49 -35.81 -28.41
CA PRO E 477 -10.37 -36.08 -29.31
C PRO E 477 -9.43 -37.19 -28.85
N VAL E 478 -9.78 -37.96 -27.83
CA VAL E 478 -8.89 -38.99 -27.33
C VAL E 478 -8.83 -40.15 -28.32
N ASP E 479 -7.67 -40.83 -28.36
CA ASP E 479 -7.47 -42.00 -29.20
C ASP E 479 -7.11 -43.14 -28.26
N ARG E 480 -7.92 -43.33 -27.22
CA ARG E 480 -7.71 -44.34 -26.18
C ARG E 480 -6.33 -44.21 -25.52
N TYR E 481 -5.70 -43.04 -25.67
CA TYR E 481 -4.45 -42.74 -25.00
C TYR E 481 -4.47 -41.26 -24.63
N GLY E 482 -3.60 -40.89 -23.69
CA GLY E 482 -3.58 -39.53 -23.20
C GLY E 482 -3.35 -38.50 -24.29
N SER E 483 -2.45 -38.80 -25.21
CA SER E 483 -2.17 -37.88 -26.29
C SER E 483 -3.38 -37.82 -27.22
N PRO E 484 -3.94 -36.64 -27.47
CA PRO E 484 -5.05 -36.52 -28.41
C PRO E 484 -4.54 -36.58 -29.84
N VAL E 485 -5.47 -36.82 -30.77
CA VAL E 485 -5.16 -36.91 -32.19
C VAL E 485 -5.50 -35.57 -32.83
N TYR E 486 -4.58 -35.06 -33.64
CA TYR E 486 -4.76 -33.83 -34.39
C TYR E 486 -4.70 -34.14 -35.88
N SER E 487 -5.39 -33.31 -36.66
CA SER E 487 -5.46 -33.56 -38.10
C SER E 487 -4.10 -33.39 -38.77
N ASN E 488 -3.36 -32.35 -38.40
CA ASN E 488 -2.12 -32.00 -39.09
C ASN E 488 -0.87 -32.45 -38.32
N CYS E 489 -0.68 -31.95 -37.11
CA CYS E 489 0.49 -32.25 -36.30
C CYS E 489 0.35 -31.58 -34.94
N THR E 490 0.99 -32.16 -33.94
CA THR E 490 0.92 -31.65 -32.57
C THR E 490 2.05 -30.67 -32.24
N LYS E 491 2.22 -29.66 -33.10
CA LYS E 491 3.24 -28.64 -32.90
C LYS E 491 2.66 -27.28 -33.22
N VAL E 492 2.95 -26.29 -32.38
CA VAL E 492 2.45 -24.93 -32.57
C VAL E 492 3.65 -24.02 -32.79
N GLU E 493 3.67 -23.37 -33.95
CA GLU E 493 4.67 -22.34 -34.21
C GLU E 493 4.14 -21.44 -35.32
N LEU E 494 4.36 -20.14 -35.16
CA LEU E 494 3.86 -19.15 -36.09
C LEU E 494 5.00 -18.24 -36.53
N ALA E 495 4.71 -17.39 -37.52
CA ALA E 495 5.67 -16.43 -38.03
C ALA E 495 5.51 -15.06 -37.41
N SER E 496 4.29 -14.55 -37.29
CA SER E 496 4.03 -13.24 -36.72
C SER E 496 3.04 -13.39 -35.57
N ASP E 497 2.67 -12.25 -34.99
CA ASP E 497 1.72 -12.23 -33.89
C ASP E 497 0.30 -12.37 -34.45
N TYR E 498 -0.71 -12.23 -33.59
CA TYR E 498 -2.10 -12.23 -33.99
C TYR E 498 -2.68 -10.85 -33.70
N ASN E 499 -2.95 -10.09 -34.76
CA ASN E 499 -3.52 -8.76 -34.62
C ASN E 499 -4.72 -8.65 -35.55
N ALA E 500 -5.82 -8.12 -35.02
CA ALA E 500 -7.03 -7.93 -35.81
C ALA E 500 -7.82 -6.80 -35.17
N GLU E 501 -7.75 -5.61 -35.75
CA GLU E 501 -8.33 -4.40 -35.17
C GLU E 501 -8.01 -4.32 -33.68
N GLY E 502 -6.72 -4.34 -33.38
CA GLY E 502 -6.26 -4.43 -32.02
C GLY E 502 -6.29 -5.87 -31.54
N PHE E 503 -6.30 -6.03 -30.22
CA PHE E 503 -6.33 -7.34 -29.58
C PHE E 503 -5.13 -8.18 -30.02
N THR E 504 -3.95 -7.71 -29.70
CA THR E 504 -2.73 -8.41 -30.06
C THR E 504 -2.47 -9.57 -29.11
N ILE E 505 -2.18 -10.73 -29.68
CA ILE E 505 -1.84 -11.94 -28.93
C ILE E 505 -0.38 -12.27 -29.18
N ARG E 506 0.38 -12.47 -28.12
CA ARG E 506 1.79 -12.78 -28.25
C ARG E 506 1.98 -14.17 -28.85
N LYS E 507 3.19 -14.43 -29.35
CA LYS E 507 3.46 -15.70 -30.02
C LYS E 507 3.30 -16.88 -29.07
N ASP E 508 3.92 -16.80 -27.90
CA ASP E 508 3.97 -17.95 -27.00
C ASP E 508 2.67 -18.17 -26.23
N ASP E 509 1.71 -17.26 -26.33
CA ASP E 509 0.46 -17.45 -25.61
C ASP E 509 -0.31 -18.64 -26.14
N PHE E 510 -0.29 -18.87 -27.46
CA PHE E 510 -0.93 -20.05 -28.02
C PHE E 510 -0.27 -21.33 -27.51
N ARG E 511 1.06 -21.34 -27.47
CA ARG E 511 1.77 -22.51 -26.97
C ARG E 511 1.40 -22.76 -25.51
N ALA E 512 1.30 -21.71 -24.72
CA ALA E 512 0.85 -21.87 -23.33
C ALA E 512 -0.57 -22.42 -23.28
N LEU E 513 -1.44 -21.93 -24.15
CA LEU E 513 -2.84 -22.37 -24.14
C LEU E 513 -2.95 -23.86 -24.49
N GLN E 514 -2.15 -24.32 -25.45
CA GLN E 514 -2.24 -25.71 -25.87
C GLN E 514 -1.90 -26.70 -24.75
N ALA E 515 -1.15 -26.27 -23.75
CA ALA E 515 -0.78 -27.14 -22.64
C ALA E 515 -1.88 -27.30 -21.62
N VAL E 516 -2.99 -26.57 -21.76
CA VAL E 516 -4.09 -26.64 -20.81
C VAL E 516 -5.25 -27.49 -21.31
N LEU E 517 -5.50 -27.51 -22.61
CA LEU E 517 -6.66 -28.19 -23.17
C LEU E 517 -6.51 -29.70 -23.24
N ARG E 518 -5.39 -30.26 -22.75
CA ARG E 518 -5.26 -31.71 -22.73
C ARG E 518 -6.18 -32.32 -21.68
N ILE E 519 -6.43 -33.61 -21.84
CA ILE E 519 -7.28 -34.33 -20.91
C ILE E 519 -6.42 -34.88 -19.77
N ASP E 520 -7.07 -35.19 -18.65
CA ASP E 520 -6.34 -35.68 -17.48
C ASP E 520 -5.84 -37.10 -17.68
N GLU E 521 -6.59 -37.92 -18.42
CA GLU E 521 -6.25 -39.30 -18.76
C GLU E 521 -6.37 -40.22 -17.55
N ASP E 522 -6.60 -39.65 -16.37
CA ASP E 522 -6.94 -40.46 -15.21
C ASP E 522 -8.30 -41.11 -15.38
N ARG E 523 -9.26 -40.39 -15.96
CA ARG E 523 -10.64 -40.85 -16.06
C ARG E 523 -10.90 -41.61 -17.36
N ALA E 524 -9.86 -42.20 -17.96
CA ALA E 524 -10.03 -42.81 -19.28
C ALA E 524 -11.07 -43.92 -19.25
N ALA E 525 -11.00 -44.79 -18.24
CA ALA E 525 -11.93 -45.91 -18.16
C ALA E 525 -13.37 -45.43 -18.01
N ASP E 526 -13.59 -44.47 -17.11
CA ASP E 526 -14.93 -43.93 -16.95
C ASP E 526 -15.36 -43.14 -18.18
N MET E 527 -14.41 -42.51 -18.86
CA MET E 527 -14.74 -41.77 -20.07
C MET E 527 -15.16 -42.72 -21.19
N PHE E 528 -14.63 -43.94 -21.19
CA PHE E 528 -14.91 -44.87 -22.28
C PHE E 528 -16.07 -45.81 -21.99
N THR E 529 -16.43 -46.03 -20.72
CA THR E 529 -17.55 -46.91 -20.43
C THR E 529 -18.85 -46.37 -21.00
N THR E 530 -19.03 -45.05 -20.94
CA THR E 530 -20.24 -44.45 -21.52
C THR E 530 -20.32 -44.71 -23.01
N LEU E 531 -19.21 -44.51 -23.72
CA LEU E 531 -19.19 -44.78 -25.16
C LEU E 531 -19.44 -46.25 -25.43
N ARG E 532 -18.88 -47.12 -24.58
CA ARG E 532 -19.15 -48.56 -24.64
C ARG E 532 -20.64 -48.83 -24.66
N ILE E 533 -21.34 -48.42 -23.60
CA ILE E 533 -22.76 -48.73 -23.50
C ILE E 533 -23.60 -47.94 -24.49
N MET E 534 -23.04 -46.90 -25.12
CA MET E 534 -23.80 -46.14 -26.10
C MET E 534 -23.70 -46.71 -27.51
N ILE E 535 -22.63 -47.44 -27.81
CA ILE E 535 -22.44 -47.94 -29.20
C ILE E 535 -23.20 -49.26 -29.40
N SER E 536 -23.53 -49.98 -28.32
CA SER E 536 -24.20 -51.26 -28.43
C SER E 536 -25.65 -51.22 -27.98
N SER E 537 -26.30 -50.07 -28.09
CA SER E 537 -27.68 -49.95 -27.64
C SER E 537 -28.57 -49.13 -28.56
N ILE E 538 -28.06 -48.67 -29.71
CA ILE E 538 -28.81 -47.86 -30.65
C ILE E 538 -28.76 -48.55 -32.00
N PRO E 539 -29.88 -48.83 -32.63
CA PRO E 539 -29.85 -49.55 -33.91
C PRO E 539 -29.07 -48.77 -34.97
N ALA E 540 -28.35 -49.51 -35.81
CA ALA E 540 -27.46 -48.88 -36.77
C ALA E 540 -28.20 -48.19 -37.89
N VAL E 541 -29.42 -48.63 -38.23
CA VAL E 541 -30.13 -48.04 -39.34
C VAL E 541 -30.61 -46.62 -39.05
N TRP E 542 -30.64 -46.22 -37.78
CA TRP E 542 -31.05 -44.87 -37.44
C TRP E 542 -29.98 -43.83 -37.72
N TYR E 543 -28.76 -44.23 -38.04
CA TYR E 543 -27.68 -43.28 -38.24
C TYR E 543 -27.88 -42.43 -39.48
N ASP E 544 -28.82 -42.78 -40.34
CA ASP E 544 -29.10 -42.02 -41.56
C ASP E 544 -30.19 -40.97 -41.34
N ALA E 545 -31.04 -41.16 -40.34
CA ALA E 545 -32.24 -40.35 -40.19
C ALA E 545 -31.93 -38.86 -40.17
N GLU E 546 -32.89 -38.07 -40.65
CA GLU E 546 -32.74 -36.63 -40.77
C GLU E 546 -32.97 -35.98 -39.40
N VAL E 547 -33.05 -34.66 -39.38
CA VAL E 547 -33.34 -33.89 -38.18
C VAL E 547 -34.65 -33.14 -38.40
N VAL E 548 -35.50 -33.11 -37.38
CA VAL E 548 -36.80 -32.47 -37.48
C VAL E 548 -36.97 -31.32 -36.50
N HIS E 549 -36.15 -31.23 -35.46
CA HIS E 549 -36.25 -30.16 -34.47
C HIS E 549 -34.94 -29.40 -34.46
N TYR E 550 -34.98 -28.15 -34.92
CA TYR E 550 -33.76 -27.35 -34.98
C TYR E 550 -33.10 -27.14 -33.63
N PRO E 551 -33.82 -26.78 -32.55
CA PRO E 551 -33.12 -26.44 -31.30
C PRO E 551 -32.29 -27.55 -30.71
N HIS E 552 -32.52 -28.80 -31.09
CA HIS E 552 -31.75 -29.91 -30.54
C HIS E 552 -30.31 -29.92 -31.03
N THR E 553 -29.96 -29.09 -32.00
CA THR E 553 -28.59 -29.02 -32.50
C THR E 553 -28.04 -27.60 -32.50
N ALA E 554 -28.46 -26.76 -31.56
CA ALA E 554 -28.03 -25.37 -31.50
C ALA E 554 -27.55 -25.04 -30.10
N VAL E 555 -26.31 -24.53 -30.01
CA VAL E 555 -25.76 -24.06 -28.75
C VAL E 555 -25.07 -22.72 -29.00
N GLU E 556 -24.92 -21.94 -27.94
CA GLU E 556 -24.22 -20.67 -28.05
C GLU E 556 -22.72 -20.89 -27.90
N LEU E 557 -21.94 -19.90 -28.37
CA LEU E 557 -20.50 -20.09 -28.45
C LEU E 557 -19.87 -20.23 -27.07
N GLU E 558 -20.32 -19.45 -26.08
CA GLU E 558 -19.67 -19.47 -24.78
C GLU E 558 -19.86 -20.80 -24.08
N GLN E 559 -21.03 -21.41 -24.21
CA GLN E 559 -21.26 -22.71 -23.58
C GLN E 559 -20.35 -23.78 -24.18
N LEU E 560 -20.25 -23.81 -25.51
CA LEU E 560 -19.35 -24.76 -26.16
C LEU E 560 -17.91 -24.51 -25.77
N ALA E 561 -17.52 -23.23 -25.65
CA ALA E 561 -16.15 -22.91 -25.27
C ALA E 561 -15.85 -23.39 -23.86
N ALA E 562 -16.78 -23.18 -22.93
CA ALA E 562 -16.58 -23.65 -21.57
C ALA E 562 -16.50 -25.17 -21.53
N TYR E 563 -17.38 -25.84 -22.27
CA TYR E 563 -17.36 -27.30 -22.31
C TYR E 563 -16.04 -27.82 -22.86
N GLY E 564 -15.54 -27.21 -23.93
CA GLY E 564 -14.26 -27.65 -24.49
C GLY E 564 -13.09 -27.37 -23.57
N LEU E 565 -13.07 -26.18 -22.96
CA LEU E 565 -11.97 -25.84 -22.07
C LEU E 565 -11.92 -26.77 -20.87
N THR E 566 -13.08 -27.07 -20.29
CA THR E 566 -13.11 -27.96 -19.14
C THR E 566 -12.76 -29.40 -19.53
N GLY E 567 -12.94 -29.75 -20.80
CA GLY E 567 -12.69 -31.10 -21.24
C GLY E 567 -13.67 -32.12 -20.68
N ALA E 568 -14.95 -31.78 -20.65
CA ALA E 568 -15.95 -32.65 -20.07
C ALA E 568 -16.31 -33.80 -21.02
N TYR E 569 -16.89 -34.85 -20.45
CA TYR E 569 -17.36 -36.00 -21.18
C TYR E 569 -18.69 -36.44 -20.59
N PRO E 570 -19.56 -37.09 -21.36
CA PRO E 570 -20.80 -37.61 -20.80
C PRO E 570 -20.53 -38.74 -19.81
N ARG E 571 -21.39 -38.84 -18.81
CA ARG E 571 -21.29 -39.86 -17.79
C ARG E 571 -22.66 -40.46 -17.52
N THR E 572 -22.70 -41.76 -17.24
CA THR E 572 -23.94 -42.46 -16.98
C THR E 572 -23.74 -43.53 -15.93
N ASN E 573 -24.83 -43.90 -15.26
CA ASN E 573 -24.79 -44.93 -14.24
C ASN E 573 -25.71 -46.11 -14.54
N HIS E 574 -26.65 -45.97 -15.47
CA HIS E 574 -27.54 -47.07 -15.80
C HIS E 574 -26.77 -48.17 -16.53
N SER E 575 -27.34 -49.37 -16.50
CA SER E 575 -26.71 -50.52 -17.13
C SER E 575 -27.00 -50.51 -18.63
N VAL E 576 -26.63 -51.59 -19.31
CA VAL E 576 -26.89 -51.72 -20.74
C VAL E 576 -28.30 -52.22 -21.00
N ASP E 577 -28.74 -53.22 -20.24
CA ASP E 577 -30.04 -53.83 -20.47
C ASP E 577 -31.17 -52.81 -20.34
N THR E 578 -31.01 -51.81 -19.49
CA THR E 578 -32.05 -50.79 -19.32
C THR E 578 -32.33 -50.04 -20.60
N ILE E 579 -31.36 -49.96 -21.51
CA ILE E 579 -31.56 -49.22 -22.76
C ILE E 579 -32.19 -50.11 -23.82
N VAL E 580 -31.69 -51.34 -23.96
CA VAL E 580 -32.27 -52.25 -24.93
C VAL E 580 -33.71 -52.59 -24.56
N LYS E 581 -34.03 -52.60 -23.27
CA LYS E 581 -35.42 -52.80 -22.87
C LYS E 581 -36.30 -51.68 -23.39
N THR E 582 -35.84 -50.44 -23.27
CA THR E 582 -36.61 -49.31 -23.77
C THR E 582 -36.76 -49.36 -25.29
N VAL E 583 -35.68 -49.72 -25.99
CA VAL E 583 -35.75 -49.82 -27.44
C VAL E 583 -36.74 -50.90 -27.87
N ASN E 584 -36.71 -52.04 -27.19
CA ASN E 584 -37.67 -53.11 -27.47
C ASN E 584 -39.09 -52.63 -27.19
N ASN E 585 -39.27 -51.85 -26.13
CA ASN E 585 -40.60 -51.31 -25.84
C ASN E 585 -41.09 -50.41 -26.97
N ILE E 586 -40.21 -49.57 -27.50
CA ILE E 586 -40.59 -48.69 -28.61
C ILE E 586 -41.00 -49.53 -29.82
N SER E 587 -40.18 -50.53 -30.14
CA SER E 587 -40.50 -51.37 -31.30
C SER E 587 -41.84 -52.08 -31.11
N ALA E 588 -42.08 -52.61 -29.91
CA ALA E 588 -43.34 -53.30 -29.65
C ALA E 588 -44.52 -52.36 -29.76
N THR E 589 -44.38 -51.13 -29.25
CA THR E 589 -45.47 -50.17 -29.35
C THR E 589 -45.79 -49.83 -30.79
N TYR E 590 -44.78 -49.69 -31.65
CA TYR E 590 -45.09 -49.49 -33.06
C TYR E 590 -45.73 -50.73 -33.67
N SER E 591 -45.27 -51.92 -33.28
CA SER E 591 -45.78 -53.15 -33.89
C SER E 591 -47.26 -53.38 -33.55
N THR E 592 -47.65 -52.97 -32.35
CA THR E 592 -49.07 -53.12 -31.94
C THR E 592 -49.96 -52.35 -32.91
N ILE E 593 -49.64 -51.08 -33.17
CA ILE E 593 -50.42 -50.26 -34.09
C ILE E 593 -50.32 -50.81 -35.50
N ALA E 594 -49.14 -51.32 -35.88
CA ALA E 594 -48.99 -51.88 -37.21
C ALA E 594 -49.98 -53.01 -37.45
N GLN E 595 -50.01 -54.00 -36.54
CA GLN E 595 -50.92 -55.11 -36.78
C GLN E 595 -52.38 -54.69 -36.64
N MET E 596 -52.67 -53.73 -35.75
CA MET E 596 -54.05 -53.30 -35.59
C MET E 596 -54.56 -52.66 -36.87
N LEU E 597 -53.77 -51.76 -37.47
CA LEU E 597 -54.14 -51.18 -38.75
C LEU E 597 -54.24 -52.25 -39.81
N SER E 598 -53.36 -53.26 -39.76
CA SER E 598 -53.42 -54.33 -40.74
C SER E 598 -54.73 -55.11 -40.66
N THR E 599 -55.22 -55.36 -39.46
CA THR E 599 -56.42 -56.18 -39.32
C THR E 599 -57.72 -55.39 -39.33
N ILE E 600 -57.66 -54.06 -39.24
CA ILE E 600 -58.87 -53.25 -39.12
C ILE E 600 -59.01 -52.26 -40.27
N ASP E 601 -57.94 -51.52 -40.59
CA ASP E 601 -58.07 -50.36 -41.46
C ASP E 601 -57.59 -50.57 -42.89
N LEU E 602 -56.59 -51.43 -43.11
CA LEU E 602 -55.97 -51.55 -44.43
C LEU E 602 -56.99 -51.92 -45.50
N ASP E 603 -57.10 -51.08 -46.52
CA ASP E 603 -58.05 -51.27 -47.61
C ASP E 603 -57.61 -50.44 -48.82
N PRO E 604 -57.40 -51.06 -49.98
CA PRO E 604 -56.93 -50.29 -51.14
C PRO E 604 -57.93 -49.25 -51.63
N THR E 605 -59.14 -49.66 -51.96
CA THR E 605 -60.11 -48.77 -52.57
C THR E 605 -60.83 -47.95 -51.49
N ARG E 606 -61.91 -47.27 -51.87
CA ARG E 606 -62.83 -46.69 -50.90
C ARG E 606 -62.18 -45.66 -49.99
N TYR E 607 -61.87 -44.48 -50.52
CA TYR E 607 -61.29 -43.38 -49.76
C TYR E 607 -59.88 -43.69 -49.28
N GLY E 608 -58.96 -43.85 -50.23
CA GLY E 608 -57.57 -44.02 -49.88
C GLY E 608 -56.88 -42.68 -49.68
N THR E 609 -55.87 -42.38 -50.49
CA THR E 609 -55.13 -41.14 -50.32
C THR E 609 -56.02 -39.91 -50.53
N SER E 610 -56.93 -39.95 -51.49
CA SER E 610 -57.76 -38.80 -51.85
C SER E 610 -59.02 -38.84 -50.98
N GLU E 611 -58.93 -38.22 -49.80
CA GLU E 611 -60.06 -38.16 -48.88
C GLU E 611 -60.14 -36.76 -48.30
N SER E 612 -61.35 -36.35 -47.93
CA SER E 612 -61.53 -35.05 -47.31
C SER E 612 -60.92 -35.03 -45.91
N ILE E 613 -60.54 -33.85 -45.47
CA ILE E 613 -59.92 -33.72 -44.15
C ILE E 613 -60.92 -34.04 -43.05
N ASP E 614 -62.22 -34.02 -43.36
CA ASP E 614 -63.23 -34.38 -42.35
C ASP E 614 -63.06 -35.82 -41.90
N LYS E 615 -62.81 -36.74 -42.82
CA LYS E 615 -62.78 -38.16 -42.50
C LYS E 615 -61.62 -38.55 -41.58
N PHE E 616 -60.59 -37.71 -41.49
CA PHE E 616 -59.41 -38.10 -40.73
C PHE E 616 -59.69 -38.20 -39.24
N LYS E 617 -60.70 -37.48 -38.74
CA LYS E 617 -61.03 -37.56 -37.33
C LYS E 617 -61.47 -38.96 -36.95
N ILE E 618 -62.22 -39.62 -37.82
CA ILE E 618 -62.65 -41.00 -37.56
C ILE E 618 -61.45 -41.93 -37.50
N ALA E 619 -60.53 -41.79 -38.45
CA ALA E 619 -59.39 -42.70 -38.50
C ALA E 619 -58.47 -42.51 -37.30
N TRP E 620 -58.14 -41.26 -36.95
CA TRP E 620 -57.18 -41.02 -35.89
C TRP E 620 -57.67 -41.47 -34.52
N GLU E 621 -58.99 -41.65 -34.36
CA GLU E 621 -59.53 -42.05 -33.06
C GLU E 621 -58.96 -43.39 -32.64
N ASN E 622 -58.86 -44.33 -33.58
CA ASN E 622 -58.37 -45.67 -33.26
C ASN E 622 -56.93 -45.63 -32.78
N VAL E 623 -56.07 -44.88 -33.47
CA VAL E 623 -54.66 -44.83 -33.08
C VAL E 623 -54.51 -44.09 -31.75
N GLU E 624 -55.27 -43.01 -31.55
CA GLU E 624 -55.22 -42.31 -30.27
C GLU E 624 -55.64 -43.23 -29.14
N SER E 625 -56.65 -44.06 -29.37
CA SER E 625 -57.06 -45.01 -28.35
C SER E 625 -55.96 -46.03 -28.07
N VAL E 626 -55.37 -46.60 -29.12
CA VAL E 626 -54.36 -47.64 -28.92
C VAL E 626 -53.15 -47.07 -28.18
N LEU E 627 -52.84 -45.80 -28.40
CA LEU E 627 -51.71 -45.20 -27.70
C LEU E 627 -51.96 -45.01 -26.20
N ASN E 628 -53.01 -45.59 -25.62
CA ASN E 628 -53.30 -45.47 -24.19
C ASN E 628 -53.50 -46.85 -23.57
N MET E 629 -52.53 -47.74 -23.80
CA MET E 629 -52.68 -49.14 -23.29
C MET E 629 -51.83 -49.39 -22.04
N GLU E 630 -51.25 -48.35 -21.42
CA GLU E 630 -50.51 -48.53 -20.16
C GLU E 630 -49.19 -49.26 -20.40
N GLY E 631 -48.28 -48.55 -21.08
CA GLY E 631 -47.02 -49.13 -21.43
C GLY E 631 -46.51 -48.64 -22.77
N ASN E 632 -47.30 -47.78 -23.41
CA ASN E 632 -46.89 -47.06 -24.61
C ASN E 632 -46.61 -45.60 -24.31
N ASP E 633 -46.25 -45.31 -23.04
CA ASP E 633 -46.05 -43.90 -22.61
C ASP E 633 -44.89 -43.24 -23.38
N PHE E 634 -43.86 -44.00 -23.74
CA PHE E 634 -42.70 -43.39 -24.38
C PHE E 634 -43.08 -42.73 -25.69
N VAL E 635 -43.77 -43.47 -26.57
CA VAL E 635 -44.18 -42.91 -27.85
C VAL E 635 -45.27 -41.87 -27.66
N LYS E 636 -46.20 -42.13 -26.73
CA LYS E 636 -47.35 -41.25 -26.56
C LYS E 636 -46.93 -39.84 -26.19
N THR E 637 -45.97 -39.69 -25.27
CA THR E 637 -45.54 -38.36 -24.87
C THR E 637 -44.73 -37.68 -25.96
N ILE E 638 -43.83 -38.43 -26.60
CA ILE E 638 -43.00 -37.85 -27.66
C ILE E 638 -43.87 -37.33 -28.79
N MET E 639 -44.95 -38.04 -29.10
CA MET E 639 -45.84 -37.60 -30.16
C MET E 639 -46.47 -36.24 -29.86
N TYR E 640 -47.07 -36.12 -28.68
CA TYR E 640 -47.79 -34.89 -28.37
C TYR E 640 -46.85 -33.73 -28.06
N ALA E 641 -45.61 -34.02 -27.67
CA ALA E 641 -44.67 -32.93 -27.41
C ALA E 641 -44.26 -32.23 -28.70
N TYR E 642 -44.00 -32.97 -29.76
CA TYR E 642 -43.46 -32.44 -31.00
C TYR E 642 -44.45 -32.59 -32.15
N GLU E 643 -45.72 -32.27 -31.89
CA GLU E 643 -46.73 -32.39 -32.93
C GLU E 643 -46.50 -31.37 -34.04
N ASP E 644 -46.09 -30.14 -33.68
CA ASP E 644 -45.99 -29.08 -34.67
C ASP E 644 -44.94 -29.40 -35.73
N ASN E 645 -43.79 -29.91 -35.32
CA ASN E 645 -42.75 -30.24 -36.29
C ASN E 645 -43.17 -31.42 -37.15
N PHE E 646 -43.78 -32.44 -36.54
CA PHE E 646 -44.19 -33.65 -37.25
C PHE E 646 -45.70 -33.81 -37.16
N PRO E 647 -46.45 -33.42 -38.19
CA PRO E 647 -47.90 -33.47 -38.10
C PRO E 647 -48.41 -34.90 -38.10
N LYS E 648 -49.64 -35.06 -37.61
CA LYS E 648 -50.22 -36.39 -37.46
C LYS E 648 -50.43 -37.08 -38.80
N LYS E 649 -50.63 -36.32 -39.86
CA LYS E 649 -50.91 -36.94 -41.16
C LYS E 649 -49.73 -37.77 -41.63
N ASP E 650 -48.50 -37.24 -41.52
CA ASP E 650 -47.35 -38.01 -41.96
C ASP E 650 -47.07 -39.20 -41.05
N PHE E 651 -47.33 -39.07 -39.75
CA PHE E 651 -47.20 -40.22 -38.87
C PHE E 651 -48.17 -41.32 -39.26
N TYR E 652 -49.41 -40.96 -39.56
CA TYR E 652 -50.40 -41.94 -40.01
C TYR E 652 -49.96 -42.57 -41.33
N MET E 653 -49.41 -41.76 -42.24
CA MET E 653 -48.94 -42.30 -43.51
C MET E 653 -47.79 -43.28 -43.30
N MET E 654 -46.87 -42.96 -42.40
CA MET E 654 -45.76 -43.85 -42.11
C MET E 654 -46.26 -45.17 -41.53
N LEU E 655 -47.20 -45.11 -40.59
CA LEU E 655 -47.76 -46.34 -40.03
C LEU E 655 -48.48 -47.15 -41.10
N LYS E 656 -49.20 -46.46 -41.99
CA LYS E 656 -49.89 -47.13 -43.09
C LYS E 656 -48.91 -47.88 -43.97
N GLN E 657 -47.79 -47.23 -44.32
CA GLN E 657 -46.79 -47.89 -45.14
C GLN E 657 -46.19 -49.09 -44.42
N ILE E 658 -45.91 -48.93 -43.12
CA ILE E 658 -45.33 -50.03 -42.34
C ILE E 658 -46.27 -51.23 -42.34
N ALA E 659 -47.56 -50.98 -42.11
CA ALA E 659 -48.52 -52.08 -42.09
C ALA E 659 -48.69 -52.70 -43.47
N SER E 660 -48.69 -51.90 -44.53
CA SER E 660 -48.98 -52.42 -45.85
C SER E 660 -47.81 -53.19 -46.44
N ASP E 661 -46.57 -52.86 -46.05
CA ASP E 661 -45.42 -53.57 -46.60
C ASP E 661 -45.52 -55.06 -46.35
N GLY E 662 -45.48 -55.46 -45.08
CA GLY E 662 -45.74 -56.85 -44.73
C GLY E 662 -45.95 -57.03 -43.25
N GLN E 663 -47.06 -57.65 -42.88
CA GLN E 663 -47.42 -57.84 -41.48
C GLN E 663 -48.63 -58.74 -41.40
N GLY E 664 -48.58 -59.71 -40.49
CA GLY E 664 -49.75 -60.54 -40.24
C GLY E 664 -50.83 -59.69 -39.59
N ALA E 665 -52.04 -59.75 -40.14
CA ALA E 665 -53.13 -58.93 -39.62
C ALA E 665 -53.46 -59.31 -38.18
N HIS E 666 -54.02 -60.50 -37.99
CA HIS E 666 -54.33 -61.09 -36.69
C HIS E 666 -54.94 -62.46 -36.90
N PRO E 667 -54.81 -63.37 -35.96
CA PRO E 667 -55.51 -64.66 -36.08
C PRO E 667 -57.02 -64.53 -36.06
N ILE E 668 -57.58 -63.46 -35.49
CA ILE E 668 -59.01 -63.41 -35.27
C ILE E 668 -59.80 -63.07 -36.52
N ALA E 669 -59.17 -62.44 -37.52
CA ALA E 669 -59.89 -62.10 -38.74
C ALA E 669 -60.32 -63.36 -39.49
N ALA E 670 -59.40 -64.32 -39.63
CA ALA E 670 -59.75 -65.57 -40.29
C ALA E 670 -60.81 -66.33 -39.52
N ALA E 671 -60.74 -66.28 -38.19
CA ALA E 671 -61.74 -66.95 -37.36
C ALA E 671 -63.12 -66.34 -37.59
N ILE E 672 -63.21 -65.02 -37.62
CA ILE E 672 -64.51 -64.38 -37.85
C ILE E 672 -65.01 -64.71 -39.25
N ASP E 673 -64.12 -64.72 -40.24
CA ASP E 673 -64.52 -65.07 -41.60
C ASP E 673 -65.11 -66.48 -41.63
N GLN E 674 -64.42 -67.43 -40.99
CA GLN E 674 -64.91 -68.79 -40.97
C GLN E 674 -66.22 -68.92 -40.20
N LEU E 675 -66.40 -68.13 -39.15
CA LEU E 675 -67.60 -68.23 -38.35
C LEU E 675 -68.81 -67.63 -39.03
N ARG E 676 -68.60 -66.64 -39.92
CA ARG E 676 -69.74 -66.01 -40.59
C ARG E 676 -70.49 -67.02 -41.46
N THR E 677 -69.75 -67.90 -42.15
CA THR E 677 -70.41 -68.91 -42.97
C THR E 677 -71.27 -69.84 -42.13
N ILE E 678 -70.74 -70.26 -40.99
CA ILE E 678 -71.51 -71.12 -40.09
C ILE E 678 -72.77 -70.39 -39.62
N VAL E 679 -72.65 -69.11 -39.31
CA VAL E 679 -73.82 -68.33 -38.93
C VAL E 679 -74.84 -68.32 -40.06
N TYR E 680 -74.37 -68.17 -41.30
CA TYR E 680 -75.28 -68.16 -42.43
C TYR E 680 -76.02 -69.48 -42.56
N ARG E 681 -75.32 -70.60 -42.37
CA ARG E 681 -75.89 -71.88 -42.75
C ARG E 681 -76.95 -72.36 -41.76
N GLU E 682 -76.73 -72.19 -40.45
CA GLU E 682 -77.61 -72.74 -39.43
C GLU E 682 -78.22 -71.61 -38.62
N PRO E 683 -79.41 -71.14 -38.99
CA PRO E 683 -80.01 -69.99 -38.31
C PRO E 683 -80.63 -70.32 -36.96
N GLU E 684 -81.27 -71.48 -36.83
CA GLU E 684 -81.95 -71.80 -35.58
C GLU E 684 -81.00 -71.88 -34.40
N ARG E 685 -79.75 -72.26 -34.63
CA ARG E 685 -78.81 -72.40 -33.53
C ARG E 685 -78.40 -71.06 -32.95
N PHE E 686 -78.40 -70.01 -33.76
CA PHE E 686 -78.03 -68.67 -33.31
C PHE E 686 -79.22 -67.82 -32.92
N GLY E 687 -80.44 -68.35 -33.03
CA GLY E 687 -81.61 -67.67 -32.50
C GLY E 687 -82.14 -66.55 -33.38
N TYR E 688 -82.26 -66.81 -34.68
CA TYR E 688 -82.87 -65.85 -35.58
C TYR E 688 -83.49 -66.58 -36.75
N ILE E 689 -84.45 -65.91 -37.39
CA ILE E 689 -85.11 -66.44 -38.58
C ILE E 689 -85.60 -65.27 -39.40
N ASP E 690 -85.89 -65.52 -40.67
CA ASP E 690 -86.42 -64.52 -41.57
C ASP E 690 -87.67 -65.07 -42.25
N SER E 691 -88.37 -64.18 -42.96
CA SER E 691 -89.55 -64.53 -43.75
C SER E 691 -90.59 -65.28 -42.91
N VAL E 692 -91.13 -64.56 -41.92
CA VAL E 692 -92.28 -65.05 -41.18
C VAL E 692 -93.53 -64.85 -42.03
N ILE E 693 -94.33 -65.90 -42.16
CA ILE E 693 -95.50 -65.90 -43.03
C ILE E 693 -96.75 -65.67 -42.20
N LEU E 694 -97.52 -64.67 -42.58
CA LEU E 694 -98.79 -64.33 -41.93
C LEU E 694 -99.94 -64.77 -42.83
N THR E 695 -100.90 -65.50 -42.25
CA THR E 695 -102.03 -65.97 -43.02
C THR E 695 -103.12 -66.45 -42.07
N HIS E 696 -104.31 -66.63 -42.63
CA HIS E 696 -105.40 -67.32 -41.96
C HIS E 696 -105.75 -68.55 -42.79
N ASN E 697 -106.25 -69.58 -42.12
CA ASN E 697 -106.53 -70.88 -42.73
C ASN E 697 -105.21 -71.36 -43.31
N PRO E 698 -104.28 -71.81 -42.47
CA PRO E 698 -103.01 -72.34 -42.97
C PRO E 698 -103.17 -73.81 -43.36
N ASP E 699 -102.07 -74.39 -43.85
CA ASP E 699 -102.02 -75.81 -44.15
C ASP E 699 -100.63 -76.33 -43.80
N VAL E 700 -100.60 -77.55 -43.28
CA VAL E 700 -99.36 -78.18 -42.84
C VAL E 700 -98.74 -78.95 -43.99
N ASP E 701 -97.43 -79.12 -43.94
CA ASP E 701 -96.70 -79.80 -45.00
C ASP E 701 -96.73 -81.32 -44.86
N THR E 702 -97.19 -81.84 -43.72
CA THR E 702 -97.35 -83.27 -43.47
C THR E 702 -96.03 -84.04 -43.55
N ALA E 703 -94.91 -83.35 -43.68
CA ALA E 703 -93.61 -84.00 -43.69
C ALA E 703 -92.93 -83.99 -42.33
N TYR E 704 -93.25 -83.02 -41.49
CA TYR E 704 -92.72 -82.95 -40.14
C TYR E 704 -93.69 -83.53 -39.11
N ASN E 705 -94.84 -84.04 -39.54
CA ASN E 705 -95.73 -84.72 -38.61
C ASN E 705 -95.12 -86.00 -38.07
N ARG E 706 -94.11 -86.54 -38.76
CA ARG E 706 -93.42 -87.72 -38.26
C ARG E 706 -92.66 -87.44 -36.96
N PHE E 707 -92.33 -86.17 -36.69
CA PHE E 707 -91.49 -85.81 -35.56
C PHE E 707 -92.23 -85.01 -34.49
N PHE E 708 -93.21 -84.20 -34.88
CA PHE E 708 -93.96 -83.39 -33.94
C PHE E 708 -95.44 -83.67 -34.10
N HIS E 709 -96.19 -83.57 -33.01
CA HIS E 709 -97.63 -83.77 -33.08
C HIS E 709 -98.32 -82.60 -33.76
N LEU E 710 -97.85 -81.39 -33.51
CA LEU E 710 -98.31 -80.20 -34.20
C LEU E 710 -97.23 -79.13 -34.12
N HIS E 711 -97.03 -78.42 -35.22
CA HIS E 711 -95.89 -77.55 -35.39
C HIS E 711 -96.32 -76.28 -36.12
N PRO E 712 -95.55 -75.21 -36.00
CA PRO E 712 -95.90 -73.97 -36.71
C PRO E 712 -95.42 -73.94 -38.15
N ILE E 713 -95.14 -75.10 -38.73
CA ILE E 713 -94.55 -75.18 -40.06
C ILE E 713 -95.65 -75.33 -41.10
N VAL E 714 -95.61 -74.49 -42.12
CA VAL E 714 -96.57 -74.52 -43.22
C VAL E 714 -95.81 -74.50 -44.54
N THR E 715 -96.56 -74.57 -45.64
CA THR E 715 -95.99 -74.65 -46.97
C THR E 715 -96.71 -73.76 -47.97
N ASN E 716 -97.47 -72.78 -47.48
CA ASN E 716 -98.20 -71.89 -48.37
C ASN E 716 -97.25 -71.04 -49.20
N GLN E 717 -97.66 -70.73 -50.42
CA GLN E 717 -96.91 -69.82 -51.27
C GLN E 717 -97.37 -68.39 -51.01
N PRO E 718 -96.48 -67.50 -50.59
CA PRO E 718 -96.93 -66.16 -50.19
C PRO E 718 -97.35 -65.32 -51.38
N SER E 719 -98.10 -64.26 -51.09
CA SER E 719 -98.49 -63.26 -52.07
C SER E 719 -98.43 -61.89 -51.42
N ASN E 720 -97.93 -60.91 -52.17
CA ASN E 720 -97.85 -59.52 -51.72
C ASN E 720 -96.98 -59.41 -50.47
N THR E 721 -95.70 -59.75 -50.64
CA THR E 721 -94.74 -59.74 -49.51
C THR E 721 -94.42 -58.30 -49.11
N ILE E 722 -94.42 -58.02 -47.81
CA ILE E 722 -94.09 -56.71 -47.28
C ILE E 722 -92.58 -56.55 -47.21
N LYS E 723 -92.11 -55.31 -47.37
CA LYS E 723 -90.66 -55.09 -47.42
C LYS E 723 -89.99 -55.45 -46.11
N ASN E 724 -90.59 -55.07 -44.98
CA ASN E 724 -90.05 -55.41 -43.67
C ASN E 724 -91.12 -55.12 -42.62
N ALA E 725 -90.78 -55.41 -41.37
CA ALA E 725 -91.64 -55.02 -40.26
C ALA E 725 -91.58 -53.51 -40.07
N GLN E 726 -92.37 -53.03 -39.11
CA GLN E 726 -92.56 -51.62 -38.81
C GLN E 726 -93.29 -50.89 -39.93
N LEU E 727 -93.55 -51.56 -41.05
CA LEU E 727 -94.44 -51.07 -42.09
C LEU E 727 -95.82 -51.70 -41.97
N TRP E 728 -95.87 -53.01 -41.75
CA TRP E 728 -97.12 -53.64 -41.36
C TRP E 728 -97.60 -53.14 -40.02
N ASN E 729 -96.66 -52.82 -39.12
CA ASN E 729 -97.01 -52.42 -37.76
C ASN E 729 -97.81 -51.13 -37.72
N GLU E 730 -97.75 -50.32 -38.77
CA GLU E 730 -98.26 -48.96 -38.72
C GLU E 730 -99.27 -48.66 -39.82
N MET E 731 -99.44 -49.57 -40.79
CA MET E 731 -100.14 -49.22 -42.03
C MET E 731 -101.56 -48.72 -41.76
N ARG E 732 -102.46 -49.60 -41.30
CA ARG E 732 -103.77 -49.23 -40.76
C ARG E 732 -104.50 -50.54 -40.47
N LEU E 733 -105.50 -50.47 -39.60
CA LEU E 733 -106.44 -51.57 -39.48
C LEU E 733 -107.40 -51.55 -40.68
N GLU E 734 -107.95 -52.72 -40.99
CA GLU E 734 -108.98 -52.94 -42.02
C GLU E 734 -108.47 -52.54 -43.41
N GLN E 735 -107.25 -52.02 -43.47
CA GLN E 735 -106.54 -51.89 -44.74
C GLN E 735 -105.58 -53.03 -44.97
N GLN E 736 -105.14 -53.69 -43.90
CA GLN E 736 -104.34 -54.90 -44.00
C GLN E 736 -105.18 -56.16 -44.07
N VAL E 737 -106.46 -56.09 -43.72
CA VAL E 737 -107.31 -57.25 -43.84
C VAL E 737 -107.48 -57.64 -45.31
N GLU E 738 -107.42 -56.66 -46.21
CA GLU E 738 -107.42 -56.98 -47.63
C GLU E 738 -106.17 -57.75 -48.03
N HIS E 739 -105.04 -57.46 -47.37
CA HIS E 739 -103.82 -58.20 -47.68
C HIS E 739 -103.95 -59.67 -47.30
N ILE E 740 -104.53 -59.96 -46.14
CA ILE E 740 -104.67 -61.35 -45.72
C ILE E 740 -105.83 -62.03 -46.43
N LYS E 741 -106.81 -61.28 -46.91
CA LYS E 741 -107.95 -61.89 -47.59
C LYS E 741 -107.51 -62.57 -48.89
N ALA E 742 -106.62 -61.93 -49.64
CA ALA E 742 -106.20 -62.47 -50.92
C ALA E 742 -105.24 -63.65 -50.79
N GLY E 743 -104.71 -63.91 -49.61
CA GLY E 743 -103.79 -64.99 -49.40
C GLY E 743 -102.76 -64.69 -48.33
N PRO E 744 -101.80 -65.58 -48.14
CA PRO E 744 -100.77 -65.34 -47.14
C PRO E 744 -99.89 -64.15 -47.52
N VAL E 745 -99.40 -63.46 -46.49
CA VAL E 745 -98.45 -62.38 -46.67
C VAL E 745 -97.17 -62.73 -45.93
N ARG E 746 -96.08 -62.11 -46.34
CA ARG E 746 -94.76 -62.46 -45.83
C ARG E 746 -94.04 -61.21 -45.34
N ILE E 747 -93.43 -61.29 -44.17
CA ILE E 747 -92.67 -60.19 -43.60
C ILE E 747 -91.20 -60.55 -43.74
N ILE E 748 -90.48 -59.80 -44.59
CA ILE E 748 -89.13 -60.20 -44.98
C ILE E 748 -88.16 -60.04 -43.81
N GLY E 749 -88.28 -58.96 -43.05
CA GLY E 749 -87.27 -58.60 -42.07
C GLY E 749 -86.97 -59.69 -41.07
N PRO E 750 -85.68 -59.98 -40.87
CA PRO E 750 -85.30 -61.03 -39.92
C PRO E 750 -85.71 -60.69 -38.51
N PHE E 751 -85.99 -61.74 -37.72
CA PHE E 751 -86.54 -61.61 -36.39
C PHE E 751 -85.69 -62.38 -35.39
N HIS E 752 -85.80 -61.97 -34.13
CA HIS E 752 -85.17 -62.68 -33.01
C HIS E 752 -86.19 -63.67 -32.46
N VAL E 753 -86.01 -64.93 -32.79
CA VAL E 753 -86.99 -65.97 -32.47
C VAL E 753 -86.38 -66.98 -31.52
N THR E 754 -87.16 -67.39 -30.52
CA THR E 754 -86.78 -68.46 -29.61
C THR E 754 -87.81 -69.57 -29.69
N TYR E 755 -87.33 -70.80 -29.74
CA TYR E 755 -88.20 -71.97 -29.88
C TYR E 755 -88.43 -72.62 -28.53
N ASN E 756 -89.59 -73.24 -28.36
CA ASN E 756 -89.95 -73.98 -27.17
C ASN E 756 -90.42 -75.38 -27.55
N TYR E 757 -89.80 -76.39 -26.98
CA TYR E 757 -90.19 -77.78 -27.19
C TYR E 757 -90.82 -78.32 -25.92
N LEU E 758 -92.05 -78.82 -26.04
CA LEU E 758 -92.80 -79.29 -24.89
C LEU E 758 -93.25 -80.72 -25.11
N SER E 759 -93.24 -81.50 -24.04
CA SER E 759 -93.87 -82.80 -24.06
C SER E 759 -95.38 -82.64 -23.97
N GLU E 760 -96.11 -83.72 -24.22
CA GLU E 760 -97.56 -83.67 -24.17
C GLU E 760 -98.00 -83.89 -22.72
N GLU E 761 -97.80 -82.84 -21.92
CA GLU E 761 -98.22 -82.83 -20.54
C GLU E 761 -98.98 -81.54 -20.21
N GLU E 762 -98.60 -80.46 -20.86
CA GLU E 762 -99.20 -79.16 -20.65
C GLU E 762 -98.81 -78.25 -21.81
N ASP E 763 -99.35 -77.04 -21.81
CA ASP E 763 -99.05 -76.07 -22.86
C ASP E 763 -98.52 -74.78 -22.24
N MET E 764 -97.66 -74.09 -22.97
CA MET E 764 -97.08 -72.83 -22.52
C MET E 764 -97.64 -71.72 -23.38
N PRO E 765 -98.60 -70.94 -22.88
CA PRO E 765 -99.34 -69.97 -23.72
C PRO E 765 -98.72 -68.56 -23.73
N ALA E 766 -97.62 -68.40 -24.46
CA ALA E 766 -97.09 -67.07 -24.69
C ALA E 766 -98.05 -66.25 -25.55
N THR E 767 -98.26 -66.70 -26.79
CA THR E 767 -99.35 -66.22 -27.65
C THR E 767 -99.33 -64.71 -27.83
N SER E 768 -98.17 -64.08 -27.63
CA SER E 768 -98.02 -62.65 -27.86
C SER E 768 -97.65 -62.37 -29.31
N HIS E 769 -98.03 -63.27 -30.23
CA HIS E 769 -97.67 -63.09 -31.63
C HIS E 769 -98.25 -61.81 -32.20
N ILE E 770 -99.55 -61.60 -32.02
CA ILE E 770 -100.21 -60.42 -32.53
C ILE E 770 -101.06 -59.81 -31.42
N ILE E 771 -100.77 -58.57 -31.07
CA ILE E 771 -101.52 -57.83 -30.05
C ILE E 771 -102.55 -56.98 -30.76
N MET E 772 -103.82 -57.18 -30.44
CA MET E 772 -104.91 -56.48 -31.13
C MET E 772 -105.31 -55.27 -30.30
N LYS E 773 -104.72 -54.12 -30.61
CA LYS E 773 -105.11 -52.84 -30.04
C LYS E 773 -105.32 -51.85 -31.18
N ASP E 774 -106.58 -51.73 -31.61
CA ASP E 774 -107.01 -50.86 -32.72
C ASP E 774 -106.11 -51.00 -33.94
N ASN E 775 -105.45 -52.14 -34.07
CA ASN E 775 -104.51 -52.42 -35.16
C ASN E 775 -104.03 -53.86 -34.98
N MET E 776 -103.23 -54.32 -35.92
CA MET E 776 -102.67 -55.66 -35.89
C MET E 776 -101.15 -55.53 -35.84
N ILE E 777 -100.62 -55.36 -34.63
CA ILE E 777 -99.21 -55.11 -34.45
C ILE E 777 -98.49 -56.42 -34.14
N LEU E 778 -97.20 -56.45 -34.44
CA LEU E 778 -96.37 -57.62 -34.20
C LEU E 778 -95.43 -57.37 -33.03
N ASN E 779 -95.11 -58.44 -32.31
CA ASN E 779 -94.16 -58.36 -31.21
C ASN E 779 -92.74 -58.42 -31.78
N ASP E 780 -91.75 -58.41 -30.89
CA ASP E 780 -90.36 -58.58 -31.30
C ASP E 780 -89.68 -59.76 -30.61
N HIS E 781 -90.45 -60.68 -30.04
CA HIS E 781 -89.89 -61.85 -29.40
C HIS E 781 -90.23 -63.13 -30.15
N LEU E 782 -91.50 -63.31 -30.54
CA LEU E 782 -91.91 -64.38 -31.44
C LEU E 782 -91.49 -65.76 -30.93
N THR E 783 -92.07 -66.16 -29.80
CA THR E 783 -91.83 -67.49 -29.27
C THR E 783 -92.85 -68.46 -29.87
N PHE E 784 -92.35 -69.56 -30.45
CA PHE E 784 -93.20 -70.58 -31.03
C PHE E 784 -93.21 -71.81 -30.13
N ASN E 785 -94.17 -72.71 -30.40
CA ASN E 785 -94.37 -73.89 -29.59
C ASN E 785 -94.31 -75.15 -30.44
N PHE E 786 -93.53 -76.12 -29.99
CA PHE E 786 -93.49 -77.45 -30.59
C PHE E 786 -93.89 -78.46 -29.53
N VAL E 787 -94.49 -79.57 -29.98
CA VAL E 787 -94.84 -80.68 -29.10
C VAL E 787 -94.12 -81.92 -29.59
N LYS E 788 -93.28 -82.50 -28.74
CA LYS E 788 -92.50 -83.67 -29.11
C LYS E 788 -93.39 -84.90 -29.18
N ARG E 789 -93.24 -85.67 -30.25
CA ARG E 789 -93.90 -86.96 -30.35
C ARG E 789 -92.94 -88.03 -29.85
N GLU E 790 -93.23 -88.59 -28.69
CA GLU E 790 -92.36 -89.58 -28.07
C GLU E 790 -92.98 -90.97 -28.19
N ARG E 791 -92.16 -91.98 -27.89
CA ARG E 791 -92.64 -93.36 -27.93
C ARG E 791 -93.74 -93.61 -26.91
N ARG E 792 -93.80 -92.81 -25.85
CA ARG E 792 -94.83 -92.99 -24.83
C ARG E 792 -96.22 -92.80 -25.41
N ASN E 793 -96.39 -91.78 -26.26
CA ASN E 793 -97.68 -91.50 -26.89
C ASN E 793 -97.41 -91.14 -28.34
N ASN E 794 -97.40 -92.15 -29.21
CA ASN E 794 -97.21 -91.92 -30.63
C ASN E 794 -98.32 -92.47 -31.50
N LYS E 795 -99.17 -93.37 -30.98
CA LYS E 795 -100.29 -93.89 -31.73
C LYS E 795 -101.60 -93.16 -31.42
N LYS E 796 -101.56 -92.16 -30.54
CA LYS E 796 -102.74 -91.35 -30.27
C LYS E 796 -102.72 -90.11 -31.16
N ARG E 797 -103.78 -89.33 -31.11
CA ARG E 797 -103.90 -88.13 -31.92
C ARG E 797 -104.36 -86.97 -31.06
N VAL E 798 -103.70 -85.82 -31.23
CA VAL E 798 -104.08 -84.61 -30.51
C VAL E 798 -105.12 -83.86 -31.34
N SER E 799 -106.18 -83.39 -30.69
CA SER E 799 -107.29 -82.76 -31.37
C SER E 799 -106.98 -81.35 -31.86
N SER E 800 -105.75 -80.88 -31.67
CA SER E 800 -105.33 -79.55 -32.09
C SER E 800 -106.18 -78.45 -31.46
N PHE E 801 -106.66 -78.70 -30.24
CA PHE E 801 -107.47 -77.71 -29.55
C PHE E 801 -106.62 -76.75 -28.74
N ARG E 802 -105.64 -77.26 -28.00
CA ARG E 802 -104.76 -76.37 -27.24
C ARG E 802 -103.63 -75.84 -28.12
N TYR E 803 -104.00 -75.40 -29.32
CA TYR E 803 -103.09 -74.67 -30.19
C TYR E 803 -103.74 -73.49 -30.89
N LYS E 804 -105.06 -73.47 -31.06
CA LYS E 804 -105.76 -72.35 -31.66
C LYS E 804 -106.77 -71.70 -30.74
N ALA E 805 -107.23 -72.39 -29.69
CA ALA E 805 -108.12 -71.76 -28.73
C ALA E 805 -107.43 -70.62 -28.00
N VAL E 806 -106.10 -70.61 -28.01
CA VAL E 806 -105.29 -69.54 -27.44
C VAL E 806 -104.63 -68.69 -28.52
N GLU E 807 -104.83 -69.03 -29.79
CA GLU E 807 -104.25 -68.28 -30.90
C GLU E 807 -105.34 -67.45 -31.58
N MET E 808 -104.95 -66.28 -32.08
CA MET E 808 -105.91 -65.33 -32.64
C MET E 808 -106.35 -65.81 -34.02
N TYR E 809 -107.15 -64.98 -34.72
CA TYR E 809 -107.63 -65.35 -36.04
C TYR E 809 -106.47 -65.49 -37.02
N VAL E 810 -105.62 -64.49 -37.12
CA VAL E 810 -104.44 -64.53 -37.99
C VAL E 810 -103.30 -65.18 -37.21
N ALA E 811 -102.69 -66.20 -37.80
CA ALA E 811 -101.66 -66.98 -37.13
C ALA E 811 -100.32 -66.79 -37.82
N VAL E 812 -99.28 -66.60 -37.02
CA VAL E 812 -97.90 -66.55 -37.51
C VAL E 812 -97.43 -67.97 -37.74
N ARG E 813 -96.62 -68.17 -38.77
CA ARG E 813 -96.14 -69.50 -39.14
C ARG E 813 -94.72 -69.39 -39.67
N ILE E 814 -94.02 -70.53 -39.64
CA ILE E 814 -92.60 -70.60 -40.09
C ILE E 814 -92.57 -71.35 -41.42
N SER E 815 -91.73 -70.90 -42.35
CA SER E 815 -91.63 -71.50 -43.68
C SER E 815 -90.64 -72.64 -43.74
N ARG E 816 -89.48 -72.52 -43.09
CA ARG E 816 -88.43 -73.52 -43.22
C ARG E 816 -87.86 -73.86 -41.86
N PHE E 817 -87.33 -75.08 -41.74
CA PHE E 817 -86.79 -75.58 -40.49
C PHE E 817 -85.82 -76.70 -40.80
N GLN E 818 -84.86 -76.90 -39.90
CA GLN E 818 -83.80 -77.87 -40.13
C GLN E 818 -83.56 -78.69 -38.87
N LEU E 819 -83.33 -79.99 -39.06
CA LEU E 819 -83.02 -80.88 -37.94
C LEU E 819 -82.23 -82.06 -38.48
N GLU E 820 -81.49 -82.70 -37.57
CA GLU E 820 -80.63 -83.83 -37.91
C GLU E 820 -81.36 -85.13 -37.57
N VAL E 821 -81.44 -86.03 -38.54
CA VAL E 821 -82.10 -87.32 -38.37
C VAL E 821 -81.08 -88.42 -38.59
N LEU E 822 -80.97 -89.32 -37.62
CA LEU E 822 -80.04 -90.43 -37.66
C LEU E 822 -80.80 -91.73 -37.68
N ARG E 823 -80.33 -92.70 -38.46
CA ARG E 823 -81.00 -93.99 -38.59
C ARG E 823 -80.35 -95.06 -37.73
N ASP E 824 -79.04 -94.95 -37.47
CA ASP E 824 -78.30 -95.94 -36.72
C ASP E 824 -77.68 -95.29 -35.50
N LEU E 825 -77.61 -96.04 -34.39
CA LEU E 825 -77.04 -95.51 -33.17
C LEU E 825 -75.55 -95.22 -33.29
N HIS E 826 -74.86 -95.86 -34.22
CA HIS E 826 -73.42 -95.68 -34.36
C HIS E 826 -73.04 -94.38 -35.03
N ASP E 827 -74.00 -93.60 -35.51
CA ASP E 827 -73.73 -92.33 -36.18
C ASP E 827 -73.72 -91.16 -35.21
N LEU E 828 -73.86 -91.41 -33.91
CA LEU E 828 -73.85 -90.36 -32.91
C LEU E 828 -72.44 -90.01 -32.44
N VAL E 829 -71.41 -90.65 -32.96
CA VAL E 829 -70.04 -90.42 -32.52
C VAL E 829 -69.33 -89.53 -33.53
N ARG E 830 -68.64 -88.52 -33.01
CA ARG E 830 -67.85 -87.60 -33.80
C ARG E 830 -66.42 -87.60 -33.25
N SER E 831 -65.60 -86.67 -33.72
CA SER E 831 -64.19 -86.64 -33.34
C SER E 831 -63.74 -85.22 -33.05
N ARG E 832 -62.71 -85.11 -32.24
CA ARG E 832 -62.05 -83.85 -31.93
C ARG E 832 -60.55 -84.08 -32.01
N THR E 833 -59.78 -83.08 -31.59
CA THR E 833 -58.33 -83.18 -31.54
C THR E 833 -57.83 -82.70 -30.20
N TYR E 834 -56.67 -83.22 -29.79
CA TYR E 834 -56.06 -82.85 -28.52
C TYR E 834 -54.56 -82.73 -28.73
N LEU E 835 -53.83 -82.50 -27.64
CA LEU E 835 -52.41 -82.21 -27.74
C LEU E 835 -51.52 -83.39 -27.39
N ASP E 836 -52.01 -84.37 -26.62
CA ASP E 836 -51.23 -85.53 -26.21
C ASP E 836 -49.99 -85.06 -25.44
N VAL E 837 -50.26 -84.54 -24.25
CA VAL E 837 -49.20 -84.06 -23.36
C VAL E 837 -48.19 -85.14 -23.03
N SER E 838 -48.55 -86.41 -23.23
CA SER E 838 -47.65 -87.51 -22.87
C SER E 838 -46.35 -87.46 -23.66
N LYS E 839 -46.40 -87.00 -24.91
CA LYS E 839 -45.22 -86.94 -25.74
C LYS E 839 -44.77 -85.53 -26.11
N SER E 840 -45.65 -84.55 -26.02
CA SER E 840 -45.31 -83.14 -26.29
C SER E 840 -45.86 -82.28 -25.16
N PRO E 841 -45.27 -82.37 -23.97
CA PRO E 841 -45.81 -81.64 -22.83
C PRO E 841 -45.67 -80.13 -23.01
N LEU E 842 -46.57 -79.40 -22.37
CA LEU E 842 -46.50 -77.95 -22.39
C LEU E 842 -45.24 -77.47 -21.69
N ALA E 843 -44.65 -76.41 -22.22
CA ALA E 843 -43.39 -75.90 -21.72
C ALA E 843 -43.59 -74.98 -20.54
N THR E 844 -42.55 -74.83 -19.73
CA THR E 844 -42.51 -73.90 -18.62
C THR E 844 -41.08 -73.41 -18.47
N THR E 845 -40.92 -72.26 -17.81
CA THR E 845 -39.60 -71.69 -17.57
C THR E 845 -38.89 -71.46 -18.90
N PRO E 846 -39.28 -70.44 -19.67
CA PRO E 846 -38.74 -70.26 -21.02
C PRO E 846 -37.23 -70.15 -21.03
N ILE E 847 -36.68 -70.16 -22.25
CA ILE E 847 -35.24 -70.19 -22.44
C ILE E 847 -34.59 -68.98 -21.80
N ARG E 848 -33.49 -69.20 -21.09
CA ARG E 848 -32.79 -68.14 -20.39
C ARG E 848 -31.28 -68.36 -20.52
N VAL E 849 -30.53 -67.38 -20.04
CA VAL E 849 -29.08 -67.44 -20.05
C VAL E 849 -28.59 -67.87 -18.68
N VAL E 850 -27.34 -68.29 -18.60
CA VAL E 850 -26.77 -68.81 -17.36
C VAL E 850 -26.08 -67.69 -16.60
N GLU E 851 -26.53 -67.44 -15.37
CA GLU E 851 -25.84 -66.54 -14.47
C GLU E 851 -26.57 -66.71 -13.14
N TYR E 852 -25.87 -66.52 -12.01
CA TYR E 852 -26.29 -67.03 -10.71
C TYR E 852 -26.40 -68.56 -10.75
N VAL E 853 -25.25 -69.21 -10.93
CA VAL E 853 -25.22 -70.67 -10.79
C VAL E 853 -24.88 -71.02 -9.35
N ARG E 854 -25.74 -71.82 -8.73
CA ARG E 854 -25.56 -72.21 -7.34
C ARG E 854 -26.45 -73.38 -6.97
N MET F 1 31.12 -90.43 5.18
CA MET F 1 30.65 -91.71 4.66
C MET F 1 30.82 -92.80 5.72
N ALA F 2 29.71 -93.19 6.36
CA ALA F 2 29.74 -94.18 7.42
C ALA F 2 28.33 -94.75 7.59
N SER F 3 28.17 -95.63 8.59
CA SER F 3 26.87 -96.22 8.85
C SER F 3 25.86 -95.20 9.36
N THR F 4 26.33 -94.14 10.03
CA THR F 4 25.42 -93.11 10.51
C THR F 4 24.85 -92.26 9.37
N THR F 5 25.40 -92.38 8.17
CA THR F 5 24.96 -91.59 7.03
C THR F 5 23.74 -92.17 6.34
N ARG F 6 22.97 -93.04 7.02
CA ARG F 6 21.79 -93.64 6.41
C ARG F 6 20.55 -93.51 7.28
N LEU F 7 20.62 -92.73 8.36
CA LEU F 7 19.53 -92.70 9.34
C LEU F 7 18.27 -92.06 8.77
N VAL F 8 18.43 -90.98 8.00
CA VAL F 8 17.24 -90.30 7.45
C VAL F 8 16.51 -91.23 6.49
N ASN F 9 17.25 -91.89 5.61
CA ASN F 9 16.62 -92.82 4.68
C ASN F 9 16.02 -94.02 5.40
N ASP F 10 16.67 -94.48 6.47
CA ASP F 10 16.09 -95.57 7.25
C ASP F 10 14.77 -95.14 7.87
N ARG F 11 14.71 -93.91 8.38
CA ARG F 11 13.46 -93.42 8.95
C ARG F 11 12.39 -93.30 7.88
N LYS F 12 12.76 -92.88 6.67
CA LYS F 12 11.79 -92.81 5.58
C LYS F 12 11.22 -94.19 5.27
N GLN F 13 12.09 -95.19 5.15
CA GLN F 13 11.64 -96.54 4.85
C GLN F 13 10.75 -97.07 5.98
N LEU F 14 11.14 -96.82 7.22
CA LEU F 14 10.34 -97.30 8.35
C LEU F 14 8.97 -96.64 8.36
N GLU F 15 8.90 -95.34 8.08
CA GLU F 15 7.62 -94.66 8.01
C GLU F 15 6.74 -95.26 6.93
N GLN F 16 7.31 -95.53 5.76
CA GLN F 16 6.52 -96.11 4.68
C GLN F 16 5.99 -97.49 5.08
N GLN F 17 6.84 -98.33 5.67
CA GLN F 17 6.41 -99.66 6.05
C GLN F 17 5.34 -99.61 7.13
N VAL F 18 5.49 -98.70 8.11
CA VAL F 18 4.50 -98.59 9.17
C VAL F 18 3.16 -98.14 8.61
N LYS F 19 3.16 -97.17 7.71
CA LYS F 19 1.91 -96.74 7.09
C LYS F 19 1.26 -97.89 6.33
N ASP F 20 2.04 -98.63 5.55
CA ASP F 20 1.48 -99.73 4.77
C ASP F 20 0.89 -100.81 5.68
N ASP F 21 1.62 -101.18 6.73
CA ASP F 21 1.14 -102.26 7.58
C ASP F 21 -0.05 -101.84 8.43
N ALA F 22 -0.10 -100.58 8.84
CA ALA F 22 -1.29 -100.09 9.52
C ALA F 22 -2.49 -100.04 8.60
N ARG F 23 -2.28 -99.78 7.32
CA ARG F 23 -3.39 -99.83 6.36
C ARG F 23 -3.84 -101.26 6.10
N ILE F 24 -2.92 -102.22 6.06
CA ILE F 24 -3.26 -103.58 5.67
C ILE F 24 -4.23 -104.21 6.67
N LEU F 25 -3.92 -104.10 7.96
CA LEU F 25 -4.67 -104.81 8.99
C LEU F 25 -5.94 -104.07 9.41
N ALA F 26 -6.05 -102.78 9.10
CA ALA F 26 -7.20 -102.00 9.54
C ALA F 26 -8.48 -102.53 8.91
N ASP F 27 -9.55 -102.58 9.69
CA ASP F 27 -10.83 -103.09 9.24
C ASP F 27 -11.51 -102.09 8.30
N ALA F 28 -12.38 -102.61 7.46
CA ALA F 28 -13.12 -101.81 6.48
C ALA F 28 -14.61 -101.86 6.82
N ARG F 29 -15.24 -100.69 6.88
CA ARG F 29 -16.67 -100.59 7.20
C ARG F 29 -17.33 -99.73 6.14
N GLY F 30 -18.13 -100.37 5.28
CA GLY F 30 -18.84 -99.62 4.25
C GLY F 30 -19.82 -98.65 4.85
N LEU F 31 -19.77 -97.40 4.41
CA LEU F 31 -20.65 -96.37 4.91
C LEU F 31 -21.83 -96.17 3.98
N ASN F 32 -22.99 -95.90 4.56
CA ASN F 32 -24.21 -95.69 3.80
C ASN F 32 -24.20 -94.31 3.16
N ILE F 33 -24.45 -94.26 1.86
CA ILE F 33 -24.42 -93.01 1.11
C ILE F 33 -25.78 -92.34 1.25
N THR F 34 -25.78 -91.09 1.72
CA THR F 34 -27.00 -90.32 1.90
C THR F 34 -26.78 -88.91 1.36
N THR F 35 -27.74 -88.03 1.63
CA THR F 35 -27.70 -86.63 1.19
C THR F 35 -27.50 -86.52 -0.32
N VAL F 36 -28.37 -87.20 -1.06
CA VAL F 36 -28.38 -87.17 -2.51
C VAL F 36 -29.71 -86.61 -2.97
N ALA F 37 -29.66 -85.54 -3.75
CA ALA F 37 -30.87 -84.86 -4.19
C ALA F 37 -30.54 -83.95 -5.37
N ASN F 38 -31.58 -83.41 -5.99
CA ASN F 38 -31.45 -82.49 -7.11
C ASN F 38 -31.57 -81.08 -6.56
N ASP F 39 -30.44 -80.45 -6.28
CA ASP F 39 -30.39 -79.08 -5.77
C ASP F 39 -29.25 -78.31 -6.41
N SER F 40 -29.09 -78.46 -7.73
CA SER F 40 -28.01 -77.80 -8.46
C SER F 40 -28.57 -77.04 -9.65
N ALA F 41 -29.62 -76.28 -9.42
CA ALA F 41 -30.27 -75.54 -10.49
C ALA F 41 -29.40 -74.38 -10.97
N THR F 42 -29.64 -73.95 -12.20
CA THR F 42 -28.95 -72.83 -12.79
C THR F 42 -29.96 -71.74 -13.12
N GLY F 43 -29.73 -70.54 -12.57
CA GLY F 43 -30.63 -69.43 -12.77
C GLY F 43 -30.23 -68.58 -13.97
N GLY F 44 -30.85 -67.41 -14.04
CA GLY F 44 -30.58 -66.48 -15.12
C GLY F 44 -31.81 -65.65 -15.42
N GLN F 45 -31.67 -64.81 -16.44
CA GLN F 45 -32.74 -63.91 -16.87
C GLN F 45 -33.40 -64.47 -18.11
N ALA F 46 -34.74 -64.51 -18.09
CA ALA F 46 -35.49 -65.02 -19.23
C ALA F 46 -35.37 -64.09 -20.42
N ILE F 47 -35.40 -64.68 -21.62
CA ILE F 47 -35.32 -63.88 -22.83
C ILE F 47 -36.58 -63.03 -23.00
N ARG F 48 -37.75 -63.65 -22.82
CA ARG F 48 -39.02 -62.93 -22.78
C ARG F 48 -39.23 -62.13 -24.08
N ASN F 49 -39.45 -62.89 -25.15
CA ASN F 49 -39.52 -62.33 -26.50
C ASN F 49 -40.45 -61.13 -26.56
N VAL F 50 -40.17 -60.23 -27.50
CA VAL F 50 -40.93 -59.01 -27.65
C VAL F 50 -41.67 -59.06 -28.99
N GLY F 51 -42.83 -58.44 -29.01
CA GLY F 51 -43.67 -58.40 -30.17
C GLY F 51 -44.95 -57.65 -29.89
N PRO F 52 -45.82 -57.57 -30.89
CA PRO F 52 -47.06 -56.81 -30.72
C PRO F 52 -47.94 -57.39 -29.63
N ASN F 53 -48.63 -56.51 -28.92
CA ASN F 53 -49.54 -56.89 -27.85
C ASN F 53 -50.91 -57.22 -28.43
N ASP F 54 -51.40 -58.41 -28.12
CA ASP F 54 -52.68 -58.87 -28.67
C ASP F 54 -53.88 -58.30 -27.92
N GLU F 55 -53.70 -57.74 -26.74
CA GLU F 55 -54.81 -57.22 -25.96
C GLU F 55 -55.35 -55.91 -26.49
N ALA F 56 -54.59 -55.18 -27.31
CA ALA F 56 -55.02 -53.90 -27.81
C ALA F 56 -55.89 -54.02 -29.05
N THR F 57 -55.55 -54.96 -29.94
CA THR F 57 -56.31 -55.14 -31.16
C THR F 57 -57.75 -55.53 -30.87
N ILE F 58 -57.94 -56.43 -29.90
CA ILE F 58 -59.29 -56.86 -29.54
C ILE F 58 -60.10 -55.68 -29.02
N LYS F 59 -59.49 -54.86 -28.16
CA LYS F 59 -60.21 -53.71 -27.62
C LYS F 59 -60.58 -52.73 -28.73
N ALA F 60 -59.65 -52.47 -29.65
CA ALA F 60 -59.96 -51.55 -30.75
C ALA F 60 -61.07 -52.09 -31.64
N LEU F 61 -61.03 -53.39 -31.93
CA LEU F 61 -62.08 -53.99 -32.76
C LEU F 61 -63.43 -53.91 -32.06
N ASP F 62 -63.46 -54.17 -30.76
CA ASP F 62 -64.71 -54.08 -30.02
C ASP F 62 -65.24 -52.65 -30.03
N ASN F 63 -64.36 -51.67 -29.84
CA ASN F 63 -64.79 -50.27 -29.89
C ASN F 63 -65.38 -49.92 -31.24
N VAL F 64 -64.71 -50.34 -32.32
CA VAL F 64 -65.21 -50.01 -33.66
C VAL F 64 -66.55 -50.68 -33.91
N ILE F 65 -66.69 -51.94 -33.50
CA ILE F 65 -67.96 -52.63 -33.70
C ILE F 65 -69.07 -51.94 -32.93
N LYS F 66 -68.80 -51.56 -31.68
CA LYS F 66 -69.81 -50.87 -30.89
C LYS F 66 -70.24 -49.57 -31.55
N GLN F 67 -69.27 -48.77 -32.02
CA GLN F 67 -69.61 -47.50 -32.66
C GLN F 67 -70.44 -47.73 -33.92
N ILE F 68 -70.00 -48.64 -34.79
CA ILE F 68 -70.68 -48.81 -36.07
C ILE F 68 -72.07 -49.35 -35.86
N GLU F 69 -72.26 -50.21 -34.86
CA GLU F 69 -73.59 -50.75 -34.65
C GLU F 69 -74.50 -49.71 -34.01
N ALA F 70 -73.98 -48.95 -33.05
CA ALA F 70 -74.78 -47.90 -32.42
C ALA F 70 -75.22 -46.85 -33.42
N LEU F 71 -74.41 -46.58 -34.44
CA LEU F 71 -74.84 -45.65 -35.48
C LEU F 71 -76.02 -46.18 -36.28
N SER F 72 -75.97 -47.46 -36.65
CA SER F 72 -76.97 -48.02 -37.55
C SER F 72 -78.34 -48.17 -36.89
N VAL F 73 -78.45 -48.03 -35.58
CA VAL F 73 -79.74 -48.15 -34.91
C VAL F 73 -80.59 -46.89 -35.07
N ILE F 74 -79.94 -45.72 -35.13
CA ILE F 74 -80.68 -44.46 -35.16
C ILE F 74 -81.57 -44.41 -36.39
N VAL F 75 -82.83 -44.06 -36.18
CA VAL F 75 -83.81 -43.92 -37.24
C VAL F 75 -84.36 -42.50 -37.21
N ASN F 76 -84.89 -42.06 -38.35
CA ASN F 76 -85.41 -40.72 -38.51
C ASN F 76 -86.91 -40.77 -38.71
N ARG F 77 -87.63 -39.94 -37.95
CA ARG F 77 -89.08 -39.90 -37.99
C ARG F 77 -89.55 -38.54 -37.50
N SER F 78 -90.51 -37.95 -38.20
CA SER F 78 -91.11 -36.69 -37.79
C SER F 78 -92.62 -36.79 -37.92
N GLU F 79 -93.32 -36.18 -36.96
CA GLU F 79 -94.78 -36.25 -36.89
C GLU F 79 -95.38 -34.85 -36.82
N LYS F 80 -94.91 -33.96 -37.69
CA LYS F 80 -95.43 -32.60 -37.72
C LYS F 80 -96.84 -32.59 -38.32
N ALA F 81 -97.60 -31.55 -37.97
CA ALA F 81 -98.96 -31.40 -38.47
C ALA F 81 -98.94 -30.73 -39.84
N ASP F 82 -100.10 -30.33 -40.32
CA ASP F 82 -100.25 -29.73 -41.64
C ASP F 82 -100.50 -28.23 -41.48
N ASP F 83 -100.37 -27.50 -42.59
CA ASP F 83 -100.50 -26.05 -42.59
C ASP F 83 -101.94 -25.57 -42.67
N ALA F 84 -102.91 -26.47 -42.69
CA ALA F 84 -104.30 -26.08 -42.83
C ALA F 84 -104.79 -25.34 -41.59
N GLN F 85 -106.02 -24.86 -41.64
CA GLN F 85 -106.61 -24.06 -40.59
C GLN F 85 -107.90 -24.71 -40.09
N ILE F 86 -108.64 -23.99 -39.26
CA ILE F 86 -109.77 -24.55 -38.52
C ILE F 86 -111.11 -24.17 -39.12
N LEU F 87 -111.32 -22.88 -39.40
CA LEU F 87 -112.54 -22.40 -40.05
C LEU F 87 -113.80 -22.66 -39.22
N GLY F 88 -113.88 -21.96 -38.09
CA GLY F 88 -115.08 -21.96 -37.28
C GLY F 88 -116.22 -21.23 -37.96
N PRO F 89 -117.43 -21.36 -37.40
CA PRO F 89 -118.60 -20.74 -38.03
C PRO F 89 -118.67 -19.24 -37.78
N ASN F 90 -119.50 -18.58 -38.59
CA ASN F 90 -119.69 -17.13 -38.49
C ASN F 90 -120.90 -16.75 -39.33
N THR F 91 -121.48 -15.59 -39.01
CA THR F 91 -122.67 -15.10 -39.69
C THR F 91 -122.40 -13.72 -40.29
N TYR F 92 -123.25 -13.33 -41.23
CA TYR F 92 -123.19 -11.99 -41.80
C TYR F 92 -123.70 -10.96 -40.80
N LYS F 93 -123.15 -9.76 -40.88
CA LYS F 93 -123.61 -8.62 -40.11
C LYS F 93 -124.26 -7.62 -41.05
N GLN F 94 -125.53 -7.33 -40.81
CA GLN F 94 -126.29 -6.46 -41.71
C GLN F 94 -126.16 -5.01 -41.27
N LEU F 95 -125.83 -4.14 -42.22
CA LEU F 95 -125.62 -2.73 -41.92
C LEU F 95 -126.94 -1.98 -41.89
N LEU F 96 -126.95 -0.88 -41.13
CA LEU F 96 -128.15 -0.09 -40.98
C LEU F 96 -128.50 0.61 -42.29
N GLU F 97 -129.79 0.76 -42.53
CA GLU F 97 -130.26 1.41 -43.75
C GLU F 97 -131.58 2.12 -43.45
N HIS F 98 -132.08 2.85 -44.44
CA HIS F 98 -133.26 3.68 -44.31
C HIS F 98 -134.28 3.26 -45.35
N LEU F 99 -135.53 3.67 -45.14
CA LEU F 99 -136.61 3.28 -46.04
C LEU F 99 -137.80 4.21 -45.84
N PHE F 100 -138.39 4.64 -46.95
CA PHE F 100 -139.59 5.47 -46.90
C PHE F 100 -140.28 5.41 -48.26
N SER F 101 -141.55 5.80 -48.28
CA SER F 101 -142.33 5.72 -49.50
C SER F 101 -143.23 6.94 -49.68
N PRO F 102 -143.06 7.69 -50.76
CA PRO F 102 -143.91 8.87 -50.97
C PRO F 102 -145.28 8.58 -51.57
N GLU F 103 -145.37 7.57 -52.42
CA GLU F 103 -146.62 7.29 -53.13
C GLU F 103 -147.06 5.84 -52.89
N GLU F 104 -148.10 5.43 -53.62
CA GLU F 104 -148.73 4.13 -53.39
C GLU F 104 -147.92 2.98 -53.96
N ASN F 105 -147.15 3.21 -55.02
CA ASN F 105 -146.46 2.14 -55.71
C ASN F 105 -144.99 2.45 -55.97
N VAL F 106 -144.42 3.41 -55.26
CA VAL F 106 -143.00 3.73 -55.39
C VAL F 106 -142.38 3.66 -54.00
N TYR F 107 -141.09 3.33 -54.10
CA TYR F 107 -140.38 3.07 -52.86
C TYR F 107 -138.93 3.52 -53.08
N ILE F 108 -138.64 4.80 -52.93
CA ILE F 108 -137.26 5.33 -53.06
C ILE F 108 -136.40 4.70 -51.98
N LEU F 109 -135.13 4.44 -52.25
CA LEU F 109 -134.20 3.87 -51.26
C LEU F 109 -132.98 4.78 -51.25
N LEU F 110 -132.83 5.63 -50.23
CA LEU F 110 -131.78 6.67 -50.20
C LEU F 110 -130.43 6.03 -49.95
N PRO F 111 -129.32 6.72 -50.25
CA PRO F 111 -128.01 6.16 -50.06
C PRO F 111 -127.24 6.64 -48.84
N ILE F 112 -127.42 6.00 -47.68
CA ILE F 112 -126.78 6.50 -46.44
C ILE F 112 -125.30 6.21 -46.56
N GLN F 113 -124.50 6.60 -45.58
CA GLN F 113 -123.04 6.38 -45.63
C GLN F 113 -122.76 4.94 -45.26
N ALA F 114 -121.52 4.61 -44.94
CA ALA F 114 -121.18 3.20 -44.68
C ALA F 114 -119.72 3.03 -44.33
N TYR F 115 -118.83 3.34 -45.24
CA TYR F 115 -117.41 3.00 -44.98
C TYR F 115 -116.51 4.21 -44.71
N THR F 116 -116.96 5.43 -44.88
CA THR F 116 -116.12 6.60 -44.50
C THR F 116 -114.66 6.45 -44.92
N GLY F 117 -113.77 7.06 -44.17
CA GLY F 117 -112.36 7.03 -44.57
C GLY F 117 -112.11 8.10 -45.61
N GLY F 118 -110.85 8.48 -45.84
CA GLY F 118 -110.52 9.45 -46.90
C GLY F 118 -109.80 10.63 -46.33
N VAL F 119 -108.65 11.00 -46.90
CA VAL F 119 -107.85 12.11 -46.32
C VAL F 119 -107.65 13.18 -47.38
N ILE F 120 -108.58 14.11 -47.47
CA ILE F 120 -108.47 15.12 -48.55
C ILE F 120 -107.26 15.96 -48.21
N ASP F 121 -106.39 16.16 -49.20
CA ASP F 121 -105.16 16.95 -48.99
C ASP F 121 -104.82 17.73 -50.27
N ARG F 122 -104.80 19.06 -50.19
CA ARG F 122 -104.48 19.90 -51.36
C ARG F 122 -102.96 19.92 -51.38
N ARG F 123 -102.35 20.38 -52.44
CA ARG F 123 -100.87 20.30 -52.56
C ARG F 123 -100.58 18.93 -53.15
N ASP F 124 -101.63 18.23 -53.57
CA ASP F 124 -101.49 16.92 -54.26
C ASP F 124 -102.86 16.63 -54.85
N ALA F 125 -103.12 17.11 -56.05
CA ALA F 125 -104.47 16.97 -56.61
C ALA F 125 -104.81 15.51 -56.87
N SER F 126 -104.02 14.60 -56.36
CA SER F 126 -104.21 13.21 -56.72
C SER F 126 -105.53 12.70 -56.15
N PHE F 127 -106.54 12.62 -57.01
CA PHE F 127 -107.81 12.02 -56.62
C PHE F 127 -107.69 10.53 -56.38
N SER F 128 -106.65 9.89 -56.94
CA SER F 128 -106.51 8.46 -56.79
C SER F 128 -106.05 8.07 -55.39
N ASN F 129 -105.19 8.88 -54.76
CA ASN F 129 -104.74 8.55 -53.41
C ASN F 129 -105.89 8.55 -52.43
N PHE F 130 -106.91 9.38 -52.65
CA PHE F 130 -108.10 9.35 -51.81
C PHE F 130 -108.78 7.99 -51.89
N ALA F 131 -108.97 7.50 -53.12
CA ALA F 131 -109.58 6.19 -53.31
C ALA F 131 -108.74 5.09 -52.70
N TYR F 132 -107.42 5.16 -52.85
CA TYR F 132 -106.56 4.14 -52.25
C TYR F 132 -106.64 4.17 -50.74
N SER F 133 -106.70 5.36 -50.15
CA SER F 133 -106.81 5.46 -48.70
C SER F 133 -108.11 4.85 -48.21
N ILE F 134 -109.20 5.07 -48.94
CA ILE F 134 -110.46 4.44 -48.56
C ILE F 134 -110.38 2.93 -48.73
N ALA F 135 -109.81 2.47 -49.84
CA ALA F 135 -109.79 1.05 -50.16
C ALA F 135 -108.90 0.28 -49.20
N SER F 136 -107.81 0.87 -48.73
CA SER F 136 -106.95 0.17 -47.77
C SER F 136 -107.71 -0.11 -46.48
N LYS F 137 -108.45 0.89 -45.98
CA LYS F 137 -109.26 0.69 -44.78
C LYS F 137 -110.34 -0.35 -45.02
N LEU F 138 -110.97 -0.30 -46.20
CA LEU F 138 -112.00 -1.29 -46.52
C LEU F 138 -111.42 -2.70 -46.56
N MET F 139 -110.23 -2.85 -47.15
CA MET F 139 -109.58 -4.16 -47.20
C MET F 139 -109.23 -4.65 -45.81
N MET F 140 -108.73 -3.76 -44.95
CA MET F 140 -108.44 -4.17 -43.57
C MET F 140 -109.70 -4.64 -42.88
N GLU F 141 -110.81 -3.91 -43.05
CA GLU F 141 -112.06 -4.30 -42.41
C GLU F 141 -112.53 -5.66 -42.91
N LEU F 142 -112.50 -5.87 -44.22
CA LEU F 142 -112.96 -7.14 -44.77
C LEU F 142 -112.08 -8.30 -44.32
N SER F 143 -110.75 -8.11 -44.35
CA SER F 143 -109.86 -9.18 -43.93
C SER F 143 -109.95 -9.47 -42.44
N ALA F 144 -110.30 -8.47 -41.63
CA ALA F 144 -110.50 -8.72 -40.21
C ALA F 144 -111.82 -9.43 -39.95
N ALA F 145 -112.85 -9.14 -40.75
CA ALA F 145 -114.17 -9.72 -40.50
C ALA F 145 -114.25 -11.19 -40.90
N THR F 146 -113.36 -11.67 -41.75
CA THR F 146 -113.43 -13.05 -42.27
C THR F 146 -112.13 -13.79 -42.02
N HIS F 147 -111.58 -13.63 -40.82
CA HIS F 147 -110.37 -14.34 -40.42
C HIS F 147 -110.78 -15.67 -39.79
N ASN F 148 -110.47 -16.77 -40.49
CA ASN F 148 -110.76 -18.12 -40.01
C ASN F 148 -112.26 -18.32 -39.80
N LYS F 149 -113.06 -17.76 -40.71
CA LYS F 149 -114.51 -17.88 -40.65
C LYS F 149 -115.03 -18.07 -42.06
N ILE F 150 -116.18 -18.74 -42.17
CA ILE F 150 -116.63 -19.27 -43.46
C ILE F 150 -118.09 -18.97 -43.75
N PHE F 151 -118.80 -18.25 -42.88
CA PHE F 151 -120.17 -17.80 -43.15
C PHE F 151 -121.12 -19.00 -43.39
N THR F 152 -121.33 -19.75 -42.31
CA THR F 152 -122.15 -20.95 -42.42
C THR F 152 -123.48 -20.90 -41.65
N ASP F 153 -123.66 -19.96 -40.74
CA ASP F 153 -124.82 -19.95 -39.86
C ASP F 153 -125.76 -18.83 -40.25
N TYR F 154 -127.06 -19.11 -40.20
CA TYR F 154 -128.08 -18.14 -40.55
C TYR F 154 -129.39 -18.53 -39.88
N THR F 155 -130.29 -17.56 -39.76
CA THR F 155 -131.60 -17.78 -39.17
C THR F 155 -132.58 -18.29 -40.22
N ARG F 156 -133.57 -19.05 -39.76
CA ARG F 156 -134.44 -19.77 -40.67
C ARG F 156 -135.69 -20.22 -39.91
N ILE F 157 -136.81 -20.24 -40.62
CA ILE F 157 -138.05 -20.82 -40.11
C ILE F 157 -137.99 -22.33 -40.35
N ALA F 158 -138.30 -23.10 -39.30
CA ALA F 158 -138.20 -24.55 -39.39
C ALA F 158 -139.10 -25.11 -40.48
N ALA F 159 -138.60 -26.10 -41.20
CA ALA F 159 -139.36 -26.75 -42.26
C ALA F 159 -140.43 -27.63 -41.63
N SER F 160 -141.66 -27.14 -41.61
CA SER F 160 -142.77 -27.86 -41.00
C SER F 160 -143.26 -28.94 -41.97
N ALA F 161 -144.40 -29.55 -41.64
CA ALA F 161 -144.97 -30.62 -42.45
C ALA F 161 -145.86 -30.12 -43.58
N LEU F 162 -146.07 -28.82 -43.70
CA LEU F 162 -146.93 -28.26 -44.73
C LEU F 162 -146.24 -27.22 -45.61
N GLY F 163 -144.91 -27.09 -45.51
CA GLY F 163 -144.20 -26.14 -46.31
C GLY F 163 -142.69 -26.35 -46.31
N PRO F 164 -142.01 -25.82 -47.32
CA PRO F 164 -140.55 -25.93 -47.38
C PRO F 164 -139.85 -24.89 -46.52
N GLU F 165 -138.52 -24.82 -46.65
CA GLU F 165 -137.73 -23.90 -45.83
C GLU F 165 -138.06 -22.45 -46.14
N ILE F 166 -138.04 -21.61 -45.11
CA ILE F 166 -138.29 -20.18 -45.23
C ILE F 166 -137.11 -19.44 -44.59
N SER F 167 -136.60 -18.43 -45.31
CA SER F 167 -135.34 -17.81 -44.91
C SER F 167 -135.55 -16.84 -43.74
N THR F 168 -136.39 -15.83 -43.94
CA THR F 168 -136.58 -14.71 -43.01
C THR F 168 -135.26 -14.28 -42.36
N GLU F 169 -134.32 -13.91 -43.21
CA GLU F 169 -132.95 -13.64 -42.76
C GLU F 169 -132.86 -12.33 -41.98
N GLY F 170 -133.13 -11.21 -42.64
CA GLY F 170 -132.94 -9.92 -42.03
C GLY F 170 -134.06 -8.95 -42.39
N MET F 171 -134.20 -7.92 -41.54
CA MET F 171 -135.24 -6.92 -41.70
C MET F 171 -136.61 -7.57 -41.79
N PRO F 172 -137.18 -8.05 -40.68
CA PRO F 172 -138.43 -8.79 -40.75
C PRO F 172 -139.54 -8.00 -41.43
N LEU F 173 -140.38 -8.71 -42.18
CA LEU F 173 -141.36 -8.07 -43.05
C LEU F 173 -142.39 -7.25 -42.30
N PHE F 174 -142.60 -7.53 -41.01
CA PHE F 174 -143.62 -6.79 -40.28
C PHE F 174 -143.25 -5.32 -40.09
N SER F 175 -141.96 -5.02 -39.95
CA SER F 175 -141.54 -3.64 -39.76
C SER F 175 -141.84 -2.76 -40.97
N LEU F 176 -142.08 -3.37 -42.13
CA LEU F 176 -142.38 -2.59 -43.33
C LEU F 176 -143.67 -1.82 -43.19
N ILE F 177 -144.65 -2.38 -42.46
CA ILE F 177 -145.92 -1.69 -42.28
C ILE F 177 -145.72 -0.34 -41.62
N GLU F 178 -144.92 -0.30 -40.55
CA GLU F 178 -144.66 0.95 -39.85
C GLU F 178 -143.71 1.84 -40.64
N SER F 179 -142.64 1.26 -41.20
CA SER F 179 -141.62 2.07 -41.86
C SER F 179 -142.03 2.54 -43.25
N LEU F 180 -143.17 2.10 -43.77
CA LEU F 180 -143.56 2.41 -45.13
C LEU F 180 -145.01 2.82 -45.29
N GLU F 181 -145.86 2.63 -44.29
CA GLU F 181 -147.26 3.02 -44.33
C GLU F 181 -147.97 2.46 -45.57
N LEU F 182 -148.02 1.13 -45.61
CA LEU F 182 -148.75 0.45 -46.67
C LEU F 182 -150.25 0.54 -46.43
N THR F 183 -151.00 0.44 -47.52
CA THR F 183 -152.45 0.39 -47.44
C THR F 183 -152.90 -1.08 -47.34
N GLU F 184 -154.20 -1.31 -47.45
CA GLU F 184 -154.71 -2.68 -47.32
C GLU F 184 -154.39 -3.54 -48.53
N ALA F 185 -154.25 -2.94 -49.72
CA ALA F 185 -153.93 -3.74 -50.89
C ALA F 185 -152.51 -4.29 -50.82
N GLU F 186 -151.62 -3.55 -50.16
CA GLU F 186 -150.19 -3.96 -50.12
C GLU F 186 -149.94 -4.98 -49.01
N THR F 187 -150.58 -4.81 -47.84
CA THR F 187 -150.28 -5.69 -46.71
C THR F 187 -150.68 -7.12 -47.01
N SER F 188 -151.70 -7.30 -47.86
CA SER F 188 -152.13 -8.65 -48.23
C SER F 188 -151.07 -9.40 -49.00
N ARG F 189 -150.16 -8.69 -49.67
CA ARG F 189 -149.13 -9.36 -50.46
C ARG F 189 -147.95 -9.82 -49.61
N LEU F 190 -147.83 -9.33 -48.38
CA LEU F 190 -146.69 -9.72 -47.54
C LEU F 190 -146.64 -11.22 -47.27
N PRO F 191 -147.73 -11.91 -46.90
CA PRO F 191 -147.62 -13.36 -46.72
C PRO F 191 -147.19 -14.09 -47.97
N VAL F 192 -147.60 -13.64 -49.15
CA VAL F 192 -147.19 -14.29 -50.39
C VAL F 192 -145.69 -14.13 -50.60
N ILE F 193 -145.16 -12.94 -50.35
CA ILE F 193 -143.72 -12.73 -50.47
C ILE F 193 -142.98 -13.57 -49.46
N GLN F 194 -143.53 -13.70 -48.25
CA GLN F 194 -142.88 -14.52 -47.23
C GLN F 194 -142.80 -15.98 -47.65
N ASP F 195 -143.72 -16.44 -48.51
CA ASP F 195 -143.73 -17.83 -48.93
C ASP F 195 -142.88 -18.09 -50.17
N SER F 196 -142.39 -17.05 -50.83
CA SER F 196 -141.56 -17.22 -52.01
C SER F 196 -140.07 -17.23 -51.70
N MET F 197 -139.69 -17.06 -50.43
CA MET F 197 -138.28 -17.00 -50.05
C MET F 197 -137.81 -18.38 -49.61
N VAL F 198 -137.61 -19.23 -50.62
CA VAL F 198 -137.16 -20.60 -50.40
C VAL F 198 -135.65 -20.65 -50.56
N ILE F 199 -135.05 -21.73 -50.06
CA ILE F 199 -133.60 -21.89 -50.04
C ILE F 199 -133.19 -22.80 -51.18
N GLN F 200 -132.22 -22.36 -51.98
CA GLN F 200 -131.72 -23.13 -53.11
C GLN F 200 -130.36 -23.73 -52.75
N LYS F 201 -130.23 -25.03 -52.94
CA LYS F 201 -128.99 -25.74 -52.67
C LYS F 201 -128.37 -26.18 -53.99
N SER F 202 -127.07 -25.93 -54.15
CA SER F 202 -126.37 -26.33 -55.36
C SER F 202 -124.88 -26.35 -55.07
N THR F 203 -124.11 -26.80 -56.04
CA THR F 203 -122.66 -26.87 -55.95
C THR F 203 -122.04 -25.76 -56.77
N ALA F 204 -120.81 -25.42 -56.43
CA ALA F 204 -120.09 -24.38 -57.15
C ALA F 204 -118.60 -24.59 -56.97
N THR F 205 -117.82 -23.80 -57.70
CA THR F 205 -116.37 -23.89 -57.71
C THR F 205 -115.79 -22.72 -56.93
N VAL F 206 -114.81 -23.02 -56.08
CA VAL F 206 -114.14 -22.00 -55.30
C VAL F 206 -112.68 -21.92 -55.74
N GLY F 207 -112.06 -20.79 -55.46
CA GLY F 207 -110.68 -20.58 -55.81
C GLY F 207 -110.50 -20.15 -57.26
N ASN F 208 -109.24 -19.98 -57.64
CA ASN F 208 -108.88 -19.55 -58.98
C ASN F 208 -107.69 -20.38 -59.44
N ALA F 209 -107.10 -19.98 -60.57
CA ALA F 209 -106.01 -20.76 -61.14
C ALA F 209 -104.79 -20.77 -60.22
N GLN F 210 -104.48 -19.63 -59.61
CA GLN F 210 -103.26 -19.52 -58.81
C GLN F 210 -103.30 -20.44 -57.60
N GLN F 211 -104.44 -20.51 -56.92
CA GLN F 211 -104.52 -21.28 -55.68
C GLN F 211 -104.96 -22.72 -55.92
N GLY F 212 -106.11 -22.91 -56.52
CA GLY F 212 -106.62 -24.25 -56.78
C GLY F 212 -108.09 -24.20 -57.12
N ILE F 213 -108.63 -25.38 -57.43
CA ILE F 213 -110.01 -25.51 -57.85
C ILE F 213 -110.64 -26.63 -57.02
N SER F 214 -111.81 -26.37 -56.46
CA SER F 214 -112.54 -27.37 -55.68
C SER F 214 -114.03 -27.17 -55.91
N THR F 215 -114.80 -28.20 -55.60
CA THR F 215 -116.25 -28.19 -55.75
C THR F 215 -116.90 -28.32 -54.39
N ILE F 216 -117.55 -27.25 -53.93
CA ILE F 216 -118.13 -27.16 -52.60
C ILE F 216 -119.63 -27.03 -52.72
N ASN F 217 -120.37 -27.72 -51.86
CA ASN F 217 -121.82 -27.55 -51.78
C ASN F 217 -122.14 -26.28 -51.01
N ILE F 218 -123.13 -25.52 -51.49
CA ILE F 218 -123.50 -24.25 -50.87
C ILE F 218 -125.02 -24.11 -50.89
N LYS F 219 -125.48 -22.98 -50.35
CA LYS F 219 -126.89 -22.63 -50.31
C LYS F 219 -127.07 -21.20 -50.78
N ARG F 220 -128.25 -20.91 -51.30
CA ARG F 220 -128.61 -19.57 -51.79
C ARG F 220 -129.83 -19.09 -50.99
N VAL F 221 -129.57 -18.44 -49.86
CA VAL F 221 -130.62 -18.02 -48.95
C VAL F 221 -131.00 -16.57 -49.28
N PRO F 222 -132.25 -16.30 -49.61
CA PRO F 222 -132.66 -14.92 -49.87
C PRO F 222 -132.82 -14.11 -48.58
N PHE F 223 -132.72 -12.79 -48.74
CA PHE F 223 -132.88 -11.88 -47.63
C PHE F 223 -133.36 -10.53 -48.15
N VAL F 224 -133.90 -9.73 -47.25
CA VAL F 224 -134.46 -8.42 -47.59
C VAL F 224 -133.48 -7.34 -47.19
N GLY F 225 -133.11 -6.49 -48.14
CA GLY F 225 -132.15 -5.44 -47.85
C GLY F 225 -131.89 -4.59 -49.07
N SER F 226 -130.84 -3.78 -48.98
CA SER F 226 -130.48 -2.86 -50.03
C SER F 226 -129.64 -3.57 -51.09
N ALA F 227 -129.24 -2.84 -52.13
CA ALA F 227 -128.44 -3.42 -53.20
C ALA F 227 -126.96 -3.35 -52.90
N PHE F 228 -126.46 -2.21 -52.39
CA PHE F 228 -125.07 -2.12 -51.97
C PHE F 228 -124.74 -3.20 -50.95
N GLN F 229 -125.71 -3.54 -50.10
CA GLN F 229 -125.52 -4.66 -49.19
C GLN F 229 -125.10 -5.90 -49.94
N GLN F 230 -125.86 -6.28 -50.96
CA GLN F 230 -125.57 -7.50 -51.71
C GLN F 230 -124.15 -7.51 -52.24
N VAL F 231 -123.68 -6.37 -52.75
CA VAL F 231 -122.31 -6.27 -53.22
C VAL F 231 -121.34 -6.52 -52.07
N ILE F 232 -121.65 -5.99 -50.89
CA ILE F 232 -120.76 -6.20 -49.76
C ILE F 232 -120.69 -7.68 -49.38
N ASP F 233 -121.84 -8.36 -49.33
CA ASP F 233 -121.80 -9.79 -49.02
C ASP F 233 -121.08 -10.58 -50.10
N GLN F 234 -121.24 -10.20 -51.37
CA GLN F 234 -120.53 -10.93 -52.42
C GLN F 234 -119.03 -10.75 -52.29
N LEU F 235 -118.58 -9.53 -51.97
CA LEU F 235 -117.16 -9.32 -51.72
C LEU F 235 -116.67 -10.16 -50.54
N LEU F 236 -117.46 -10.19 -49.46
CA LEU F 236 -117.05 -10.96 -48.29
C LEU F 236 -116.95 -12.44 -48.61
N TRP F 237 -117.93 -12.97 -49.37
CA TRP F 237 -117.90 -14.37 -49.75
C TRP F 237 -116.70 -14.68 -50.63
N GLU F 238 -116.39 -13.80 -51.59
CA GLU F 238 -115.23 -14.04 -52.43
C GLU F 238 -113.94 -13.98 -51.61
N TYR F 239 -113.86 -13.06 -50.65
CA TYR F 239 -112.65 -12.96 -49.83
C TYR F 239 -112.48 -14.17 -48.92
N SER F 240 -113.57 -14.69 -48.37
CA SER F 240 -113.46 -15.73 -47.37
C SER F 240 -113.12 -17.09 -47.98
N THR F 241 -113.57 -17.33 -49.22
CA THR F 241 -113.38 -18.65 -49.85
C THR F 241 -112.29 -18.60 -50.93
N THR F 242 -111.34 -17.67 -50.83
CA THR F 242 -110.33 -17.54 -51.87
C THR F 242 -109.38 -18.72 -51.89
N SER F 243 -109.26 -19.45 -50.79
CA SER F 243 -108.41 -20.65 -50.75
C SER F 243 -109.12 -21.69 -49.88
N LEU F 244 -109.93 -22.52 -50.53
CA LEU F 244 -110.66 -23.59 -49.86
C LEU F 244 -110.36 -24.89 -50.57
N THR F 245 -109.99 -25.91 -49.80
CA THR F 245 -109.73 -27.24 -50.35
C THR F 245 -110.34 -28.27 -49.42
N THR F 246 -110.91 -29.31 -50.02
CA THR F 246 -111.42 -30.41 -49.22
C THR F 246 -110.26 -31.26 -48.72
N LYS F 247 -110.55 -32.11 -47.73
CA LYS F 247 -109.52 -32.93 -47.12
C LYS F 247 -108.91 -33.89 -48.15
N GLU F 248 -109.73 -34.44 -49.04
CA GLU F 248 -109.23 -35.39 -50.02
C GLU F 248 -108.22 -34.74 -50.95
N GLN F 249 -108.51 -33.52 -51.42
CA GLN F 249 -107.58 -32.83 -52.30
C GLN F 249 -106.27 -32.54 -51.59
N ARG F 250 -106.34 -32.12 -50.32
CA ARG F 250 -105.13 -31.88 -49.56
C ARG F 250 -104.30 -33.15 -49.43
N ARG F 251 -104.94 -34.27 -49.13
CA ARG F 251 -104.21 -35.52 -48.97
C ARG F 251 -103.57 -35.94 -50.30
N GLN F 252 -104.31 -35.79 -51.40
CA GLN F 252 -103.75 -36.15 -52.69
C GLN F 252 -102.56 -35.27 -53.04
N ARG F 253 -102.65 -33.97 -52.76
CA ARG F 253 -101.55 -33.07 -53.07
C ARG F 253 -100.32 -33.39 -52.23
N ILE F 254 -100.53 -33.74 -50.96
CA ILE F 254 -99.39 -34.03 -50.08
C ILE F 254 -98.58 -35.21 -50.59
N THR F 255 -99.27 -36.26 -51.03
CA THR F 255 -98.57 -37.51 -51.38
C THR F 255 -97.71 -37.34 -52.62
N GLU F 256 -98.15 -36.52 -53.58
CA GLU F 256 -97.50 -36.48 -54.88
C GLU F 256 -96.08 -35.91 -54.82
N MET F 257 -95.73 -35.22 -53.75
CA MET F 257 -94.37 -34.69 -53.61
C MET F 257 -93.36 -35.84 -53.53
N VAL F 258 -92.29 -35.74 -54.30
CA VAL F 258 -91.32 -36.82 -54.43
C VAL F 258 -89.94 -36.21 -54.23
N ASN F 259 -89.90 -35.04 -53.59
CA ASN F 259 -88.69 -34.23 -53.51
C ASN F 259 -87.52 -34.95 -52.86
N ASP F 260 -87.65 -35.32 -51.58
CA ASP F 260 -86.54 -35.88 -50.84
C ASP F 260 -86.92 -37.00 -49.89
N ARG F 261 -88.16 -37.08 -49.45
CA ARG F 261 -88.57 -38.01 -48.41
C ARG F 261 -89.79 -38.79 -48.88
N ARG F 262 -89.98 -39.97 -48.31
CA ARG F 262 -91.17 -40.77 -48.59
C ARG F 262 -92.24 -40.33 -47.61
N ILE F 263 -93.29 -39.69 -48.12
CA ILE F 263 -94.39 -39.22 -47.31
C ILE F 263 -95.47 -40.28 -47.32
N MET F 264 -95.89 -40.73 -46.15
CA MET F 264 -96.94 -41.72 -46.05
C MET F 264 -98.04 -41.16 -45.15
N ILE F 265 -99.27 -41.20 -45.65
CA ILE F 265 -100.43 -40.73 -44.90
C ILE F 265 -101.53 -41.76 -45.05
N GLN F 266 -102.08 -42.19 -43.92
CA GLN F 266 -103.15 -43.18 -43.92
C GLN F 266 -104.42 -42.63 -44.55
N LYS F 267 -105.21 -43.52 -45.14
CA LYS F 267 -106.49 -43.14 -45.73
C LYS F 267 -107.44 -42.66 -44.64
N LEU F 268 -108.04 -41.49 -44.88
CA LEU F 268 -108.70 -40.75 -43.80
C LEU F 268 -109.96 -41.45 -43.31
N THR F 269 -111.01 -41.49 -44.13
CA THR F 269 -112.30 -42.06 -43.78
C THR F 269 -113.18 -41.95 -45.02
N LEU F 270 -114.19 -42.81 -45.10
CA LEU F 270 -115.18 -42.70 -46.17
C LEU F 270 -116.12 -41.52 -45.97
N ALA F 271 -116.24 -41.01 -44.75
CA ALA F 271 -117.16 -39.92 -44.45
C ALA F 271 -116.47 -38.59 -44.20
N GLU F 272 -115.17 -38.58 -43.92
CA GLU F 272 -114.44 -37.35 -43.68
C GLU F 272 -113.85 -36.75 -44.94
N LYS F 273 -114.11 -37.35 -46.10
CA LYS F 273 -113.59 -36.79 -47.35
C LYS F 273 -114.09 -35.38 -47.63
N PRO F 274 -115.39 -35.06 -47.53
CA PRO F 274 -115.86 -33.73 -47.93
C PRO F 274 -115.58 -32.63 -46.92
N GLN F 275 -114.81 -32.88 -45.88
CA GLN F 275 -114.51 -31.83 -44.91
C GLN F 275 -113.62 -30.77 -45.54
N VAL F 276 -113.85 -29.51 -45.18
CA VAL F 276 -113.17 -28.38 -45.82
C VAL F 276 -112.14 -27.80 -44.85
N MET F 277 -111.14 -27.13 -45.42
CA MET F 277 -110.08 -26.47 -44.67
C MET F 277 -109.44 -25.43 -45.58
N ARG F 278 -108.67 -24.54 -44.98
CA ARG F 278 -108.09 -23.40 -45.70
C ARG F 278 -106.58 -23.57 -45.81
N HIS F 279 -106.06 -23.42 -47.02
CA HIS F 279 -104.62 -23.47 -47.29
C HIS F 279 -104.23 -22.20 -48.03
N VAL F 280 -103.48 -21.34 -47.36
CA VAL F 280 -102.96 -20.14 -48.01
C VAL F 280 -101.64 -20.48 -48.71
N THR F 281 -101.47 -19.94 -49.91
CA THR F 281 -100.24 -20.13 -50.67
C THR F 281 -99.88 -18.81 -51.33
N THR F 282 -98.70 -18.29 -51.01
CA THR F 282 -98.26 -17.04 -51.62
C THR F 282 -98.04 -17.22 -53.11
N GLU F 283 -98.47 -16.24 -53.88
CA GLU F 283 -98.32 -16.25 -55.34
C GLU F 283 -97.64 -14.94 -55.75
N ILE F 284 -96.32 -14.95 -55.79
CA ILE F 284 -95.55 -13.81 -56.24
C ILE F 284 -94.16 -14.30 -56.63
N ASN F 285 -93.61 -13.72 -57.68
CA ASN F 285 -92.26 -14.09 -58.08
C ASN F 285 -91.25 -13.53 -57.10
N ASN F 286 -90.28 -14.37 -56.72
CA ASN F 286 -89.20 -13.96 -55.84
C ASN F 286 -87.94 -13.64 -56.63
N ASP F 287 -88.09 -13.06 -57.82
CA ASP F 287 -86.97 -12.87 -58.72
C ASP F 287 -86.60 -11.41 -58.95
N LEU F 288 -87.46 -10.48 -58.59
CA LEU F 288 -87.17 -9.07 -58.83
C LEU F 288 -86.27 -8.46 -57.76
N PHE F 289 -85.90 -9.23 -56.73
CA PHE F 289 -84.95 -8.76 -55.73
C PHE F 289 -83.51 -9.11 -56.07
N PHE F 290 -83.29 -10.07 -56.97
CA PHE F 290 -81.95 -10.56 -57.29
C PHE F 290 -81.39 -9.93 -58.57
N LYS F 291 -81.68 -8.66 -58.81
CA LYS F 291 -81.07 -7.95 -59.91
C LYS F 291 -79.83 -7.20 -59.43
N MET F 292 -79.07 -6.68 -60.39
CA MET F 292 -77.90 -5.88 -60.04
C MET F 292 -78.34 -4.56 -59.43
N SER F 293 -77.73 -4.20 -58.31
CA SER F 293 -78.11 -3.00 -57.58
C SER F 293 -76.87 -2.24 -57.15
N PRO F 294 -76.98 -0.92 -57.01
CA PRO F 294 -75.82 -0.14 -56.56
C PRO F 294 -75.63 -0.20 -55.05
N VAL F 295 -76.25 -1.18 -54.40
CA VAL F 295 -76.19 -1.29 -52.95
C VAL F 295 -75.92 -2.72 -52.54
N ALA F 296 -75.56 -3.56 -53.51
CA ALA F 296 -75.40 -5.00 -53.25
C ALA F 296 -74.30 -5.30 -52.25
N GLN F 297 -73.21 -4.53 -52.25
CA GLN F 297 -72.14 -4.76 -51.29
C GLN F 297 -72.66 -4.67 -49.86
N LEU F 298 -73.58 -3.74 -49.60
CA LEU F 298 -74.21 -3.67 -48.29
C LEU F 298 -74.97 -4.95 -47.97
N TYR F 299 -75.70 -5.49 -48.93
CA TYR F 299 -76.42 -6.73 -48.71
C TYR F 299 -75.47 -7.85 -48.34
N ILE F 300 -74.36 -7.98 -49.09
CA ILE F 300 -73.41 -9.05 -48.82
C ILE F 300 -72.84 -8.90 -47.41
N TYR F 301 -72.41 -7.69 -47.07
CA TYR F 301 -71.78 -7.48 -45.75
C TYR F 301 -72.77 -7.75 -44.63
N HIS F 302 -74.00 -7.29 -44.76
CA HIS F 302 -74.95 -7.45 -43.67
C HIS F 302 -75.60 -8.82 -43.63
N LEU F 303 -75.48 -9.62 -44.69
CA LEU F 303 -75.84 -11.02 -44.57
C LEU F 303 -74.73 -11.82 -43.90
N ASP F 304 -73.47 -11.54 -44.28
CA ASP F 304 -72.35 -12.23 -43.63
C ASP F 304 -72.30 -11.91 -42.15
N ARG F 305 -72.52 -10.64 -41.78
CA ARG F 305 -72.50 -10.27 -40.37
C ARG F 305 -73.60 -10.99 -39.60
N ALA F 306 -74.76 -11.18 -40.21
CA ALA F 306 -75.87 -11.83 -39.55
C ALA F 306 -75.69 -13.33 -39.41
N PHE F 307 -75.08 -13.99 -40.40
CA PHE F 307 -74.98 -15.45 -40.38
C PHE F 307 -73.69 -15.96 -39.75
N LEU F 308 -72.64 -15.16 -39.72
CA LEU F 308 -71.38 -15.54 -39.11
C LEU F 308 -71.43 -15.13 -37.64
N ASP F 309 -72.02 -15.99 -36.81
CA ASP F 309 -72.26 -15.62 -35.43
C ASP F 309 -70.96 -15.55 -34.64
N GLY F 310 -70.25 -16.67 -34.54
CA GLY F 310 -69.04 -16.76 -33.75
C GLY F 310 -67.79 -16.89 -34.59
N VAL F 311 -66.66 -16.94 -33.88
CA VAL F 311 -65.36 -17.12 -34.50
C VAL F 311 -64.55 -18.08 -33.64
N GLY F 312 -63.88 -19.03 -34.29
CA GLY F 312 -63.06 -19.99 -33.58
C GLY F 312 -61.59 -19.69 -33.72
N PHE F 313 -60.88 -19.64 -32.60
CA PHE F 313 -59.47 -19.31 -32.62
C PHE F 313 -58.83 -19.79 -31.32
N THR F 314 -57.58 -20.21 -31.42
CA THR F 314 -56.84 -20.57 -30.22
C THR F 314 -56.45 -19.32 -29.44
N PRO F 315 -56.46 -19.39 -28.10
CA PRO F 315 -56.06 -18.24 -27.30
C PRO F 315 -54.58 -17.93 -27.48
N LEU F 316 -54.23 -16.68 -27.17
CA LEU F 316 -52.84 -16.24 -27.32
C LEU F 316 -51.91 -16.99 -26.38
N ALA F 317 -52.42 -17.46 -25.24
CA ALA F 317 -51.56 -18.15 -24.28
C ALA F 317 -50.93 -19.39 -24.89
N GLU F 318 -51.73 -20.21 -25.56
CA GLU F 318 -51.20 -21.42 -26.19
C GLU F 318 -50.19 -21.07 -27.27
N LYS F 319 -50.40 -19.95 -27.98
CA LYS F 319 -49.45 -19.53 -28.99
C LYS F 319 -48.11 -19.16 -28.37
N GLN F 320 -48.12 -18.44 -27.24
CA GLN F 320 -46.85 -18.14 -26.61
C GLN F 320 -46.17 -19.39 -26.06
N GLN F 321 -46.96 -20.34 -25.54
CA GLN F 321 -46.34 -21.60 -25.11
C GLN F 321 -45.68 -22.33 -26.27
N GLN F 322 -46.38 -22.40 -27.41
CA GLN F 322 -45.80 -23.07 -28.57
C GLN F 322 -44.55 -22.35 -29.06
N LEU F 323 -44.57 -21.01 -29.02
CA LEU F 323 -43.38 -20.26 -29.41
C LEU F 323 -42.22 -20.53 -28.47
N GLN F 324 -42.48 -20.57 -27.17
CA GLN F 324 -41.42 -20.86 -26.19
C GLN F 324 -40.86 -22.25 -26.42
N LEU F 325 -41.71 -23.20 -26.79
CA LEU F 325 -41.22 -24.54 -27.11
C LEU F 325 -40.35 -24.53 -28.35
N GLN F 326 -40.83 -23.90 -29.43
CA GLN F 326 -40.09 -23.91 -30.69
C GLN F 326 -38.86 -23.03 -30.64
N LEU F 327 -39.00 -21.81 -30.11
CA LEU F 327 -37.93 -20.82 -30.13
C LEU F 327 -37.28 -20.79 -28.75
N LYS F 328 -36.41 -21.77 -28.50
CA LYS F 328 -35.75 -21.90 -27.21
C LYS F 328 -34.53 -20.99 -27.20
N THR F 329 -34.75 -19.75 -26.75
CA THR F 329 -33.72 -18.73 -26.70
C THR F 329 -33.51 -18.29 -25.26
N ASN F 330 -32.25 -18.16 -24.86
CA ASN F 330 -31.93 -17.73 -23.51
C ASN F 330 -32.43 -16.31 -23.27
N ILE F 331 -32.89 -16.08 -22.04
CA ILE F 331 -33.32 -14.75 -21.63
C ILE F 331 -32.09 -13.86 -21.52
N LEU F 332 -32.30 -12.55 -21.39
CA LEU F 332 -31.22 -11.57 -21.34
C LEU F 332 -30.41 -11.58 -22.64
N THR F 333 -31.08 -11.85 -23.76
CA THR F 333 -30.45 -11.84 -25.07
C THR F 333 -31.11 -10.89 -26.06
N ALA F 334 -32.26 -10.30 -25.71
CA ALA F 334 -32.95 -9.31 -26.53
C ALA F 334 -33.34 -9.91 -27.89
N ASN F 335 -34.14 -10.96 -27.85
CA ASN F 335 -34.73 -11.55 -29.05
C ASN F 335 -36.08 -10.90 -29.28
N LEU F 336 -36.21 -10.16 -30.38
CA LEU F 336 -37.35 -9.27 -30.56
C LEU F 336 -38.60 -9.96 -31.09
N ILE F 337 -38.50 -11.19 -31.57
CA ILE F 337 -39.71 -11.91 -32.00
C ILE F 337 -40.65 -12.09 -30.82
N ARG F 338 -40.11 -12.61 -29.71
CA ARG F 338 -40.92 -12.84 -28.53
C ARG F 338 -41.47 -11.54 -27.97
N SER F 339 -40.64 -10.49 -27.92
CA SER F 339 -41.10 -9.21 -27.39
C SER F 339 -42.21 -8.63 -28.25
N ALA F 340 -42.07 -8.72 -29.57
CA ALA F 340 -43.11 -8.21 -30.46
C ALA F 340 -44.42 -8.99 -30.30
N ILE F 341 -44.33 -10.32 -30.23
CA ILE F 341 -45.56 -11.11 -30.17
C ILE F 341 -46.19 -11.03 -28.79
N ASN F 342 -45.42 -10.68 -27.77
CA ASN F 342 -45.99 -10.60 -26.44
C ASN F 342 -46.97 -9.45 -26.26
N GLY F 343 -47.08 -8.50 -27.19
CA GLY F 343 -47.96 -7.37 -26.99
C GLY F 343 -49.26 -7.44 -27.79
N MET F 344 -49.43 -8.50 -28.56
CA MET F 344 -50.60 -8.60 -29.42
C MET F 344 -51.88 -8.81 -28.60
N ASN F 345 -53.01 -8.56 -29.25
CA ASN F 345 -54.31 -8.69 -28.61
C ASN F 345 -55.31 -9.17 -29.65
N THR F 346 -56.29 -9.95 -29.21
CA THR F 346 -57.26 -10.59 -30.09
C THR F 346 -58.68 -10.05 -29.87
N GLU F 347 -58.79 -8.81 -29.40
CA GLU F 347 -60.11 -8.24 -29.19
C GLU F 347 -60.88 -8.11 -30.50
N SER F 348 -60.22 -7.65 -31.56
CA SER F 348 -60.85 -7.44 -32.85
C SER F 348 -60.58 -8.66 -33.72
N ASN F 349 -61.43 -9.67 -33.56
CA ASN F 349 -61.37 -10.86 -34.40
C ASN F 349 -62.64 -11.12 -35.18
N LEU F 350 -63.81 -10.75 -34.63
CA LEU F 350 -65.05 -10.91 -35.39
C LEU F 350 -65.09 -9.98 -36.59
N GLU F 351 -64.75 -8.70 -36.38
CA GLU F 351 -64.79 -7.74 -37.48
C GLU F 351 -63.81 -8.13 -38.58
N VAL F 352 -62.60 -8.53 -38.20
CA VAL F 352 -61.62 -8.94 -39.20
C VAL F 352 -62.10 -10.17 -39.94
N ALA F 353 -62.74 -11.10 -39.23
CA ALA F 353 -63.26 -12.30 -39.88
C ALA F 353 -64.31 -11.93 -40.92
N ILE F 354 -65.24 -11.04 -40.56
CA ILE F 354 -66.29 -10.66 -41.50
C ILE F 354 -65.70 -9.97 -42.72
N LYS F 355 -64.77 -9.04 -42.49
CA LYS F 355 -64.15 -8.32 -43.59
C LYS F 355 -63.39 -9.27 -44.51
N MET F 356 -62.65 -10.21 -43.93
CA MET F 356 -61.89 -11.15 -44.72
C MET F 356 -62.82 -12.05 -45.54
N MET F 357 -63.92 -12.49 -44.94
CA MET F 357 -64.84 -13.34 -45.68
C MET F 357 -65.48 -12.57 -46.83
N GLN F 358 -65.84 -11.31 -46.60
CA GLN F 358 -66.40 -10.50 -47.69
C GLN F 358 -65.38 -10.31 -48.80
N ALA F 359 -64.11 -10.09 -48.44
CA ALA F 359 -63.09 -9.83 -49.45
C ALA F 359 -62.83 -11.02 -50.36
N ALA F 360 -63.32 -12.21 -50.00
CA ALA F 360 -63.11 -13.40 -50.80
C ALA F 360 -64.28 -13.72 -51.71
N GLN F 361 -65.15 -12.75 -51.96
CA GLN F 361 -66.33 -12.99 -52.77
C GLN F 361 -66.49 -12.01 -53.93
N LEU F 362 -66.09 -10.74 -53.75
CA LEU F 362 -66.51 -9.69 -54.64
C LEU F 362 -65.57 -9.46 -55.82
N HIS F 363 -64.36 -10.02 -55.79
CA HIS F 363 -63.34 -9.81 -56.82
C HIS F 363 -62.91 -8.35 -56.94
N ARG F 364 -63.50 -7.46 -56.14
CA ARG F 364 -63.17 -6.04 -56.23
C ARG F 364 -63.10 -5.34 -54.88
N ALA F 365 -63.26 -6.06 -53.78
CA ALA F 365 -63.25 -5.47 -52.45
C ALA F 365 -62.06 -5.98 -51.64
N SER F 366 -60.88 -6.02 -52.27
CA SER F 366 -59.70 -6.57 -51.63
C SER F 366 -59.34 -5.76 -50.40
N ILE F 367 -58.74 -6.43 -49.43
CA ILE F 367 -58.42 -5.80 -48.16
C ILE F 367 -57.40 -4.69 -48.37
N GLU F 368 -57.63 -3.55 -47.74
CA GLU F 368 -56.68 -2.43 -47.74
C GLU F 368 -56.10 -2.28 -46.34
N ILE F 369 -54.78 -2.29 -46.25
CA ILE F 369 -54.08 -2.26 -44.97
C ILE F 369 -53.65 -0.83 -44.67
N ALA F 370 -53.84 -0.40 -43.43
CA ALA F 370 -53.38 0.90 -42.97
C ALA F 370 -52.21 0.71 -42.01
N PHE F 371 -51.13 1.44 -42.26
CA PHE F 371 -49.91 1.30 -41.48
C PHE F 371 -49.79 2.42 -40.46
N PRO F 372 -49.02 2.20 -39.39
CA PRO F 372 -48.95 3.20 -38.33
C PRO F 372 -48.33 4.52 -38.80
N MET F 373 -48.73 5.59 -38.13
CA MET F 373 -48.29 6.93 -38.49
C MET F 373 -46.87 7.20 -38.02
N ASN F 374 -46.11 7.92 -38.85
CA ASN F 374 -44.83 8.54 -38.47
C ASN F 374 -43.87 7.59 -37.78
N VAL F 375 -44.00 6.29 -38.02
CA VAL F 375 -43.05 5.31 -37.52
C VAL F 375 -42.68 4.38 -38.67
N SER F 376 -41.38 4.19 -38.87
CA SER F 376 -40.90 3.32 -39.94
C SER F 376 -40.01 2.24 -39.34
N LEU F 377 -40.21 1.01 -39.79
CA LEU F 377 -39.35 -0.12 -39.43
C LEU F 377 -39.26 -0.29 -37.91
N SER F 378 -40.41 -0.18 -37.25
CA SER F 378 -40.48 -0.51 -35.84
C SER F 378 -40.30 -2.02 -35.66
N PRO F 379 -39.80 -2.46 -34.50
CA PRO F 379 -39.66 -3.91 -34.29
C PRO F 379 -40.95 -4.68 -34.42
N GLU F 380 -42.09 -4.07 -34.08
CA GLU F 380 -43.36 -4.78 -34.22
C GLU F 380 -43.77 -4.88 -35.69
N ILE F 381 -43.43 -3.87 -36.49
CA ILE F 381 -43.86 -3.84 -37.89
C ILE F 381 -43.24 -5.00 -38.66
N ILE F 382 -41.96 -5.27 -38.44
CA ILE F 382 -41.29 -6.33 -39.17
C ILE F 382 -41.92 -7.69 -38.86
N VAL F 383 -42.17 -7.95 -37.58
CA VAL F 383 -42.75 -9.23 -37.18
C VAL F 383 -44.16 -9.36 -37.74
N GLN F 384 -44.96 -8.30 -37.67
CA GLN F 384 -46.32 -8.37 -38.17
C GLN F 384 -46.33 -8.58 -39.68
N CYS F 385 -45.43 -7.92 -40.40
CA CYS F 385 -45.36 -8.10 -41.84
C CYS F 385 -44.95 -9.53 -42.18
N PHE F 386 -44.01 -10.10 -41.42
CA PHE F 386 -43.62 -11.48 -41.65
C PHE F 386 -44.80 -12.42 -41.41
N ILE F 387 -45.57 -12.18 -40.36
CA ILE F 387 -46.73 -13.01 -40.08
C ILE F 387 -47.73 -12.93 -41.21
N VAL F 388 -47.99 -11.71 -41.70
CA VAL F 388 -48.95 -11.55 -42.79
C VAL F 388 -48.46 -12.22 -44.06
N TRP F 389 -47.15 -12.20 -44.30
CA TRP F 389 -46.63 -12.69 -45.58
C TRP F 389 -46.90 -14.17 -45.77
N MET F 390 -46.77 -14.96 -44.71
CA MET F 390 -46.92 -16.40 -44.80
C MET F 390 -48.24 -16.93 -44.25
N SER F 391 -49.18 -16.06 -43.97
CA SER F 391 -50.43 -16.57 -43.42
C SER F 391 -51.67 -16.09 -44.16
N ILE F 392 -51.69 -14.84 -44.61
CA ILE F 392 -52.86 -14.27 -45.28
C ILE F 392 -52.72 -14.54 -46.77
N PRO F 393 -53.70 -15.14 -47.43
CA PRO F 393 -53.58 -15.47 -48.85
C PRO F 393 -53.35 -14.22 -49.69
N GLU F 394 -52.56 -14.38 -50.75
CA GLU F 394 -52.17 -13.25 -51.57
C GLU F 394 -53.32 -12.70 -52.40
N GLN F 395 -54.31 -13.53 -52.74
CA GLN F 395 -55.40 -13.08 -53.60
C GLN F 395 -56.41 -12.23 -52.86
N LEU F 396 -56.36 -12.21 -51.53
CA LEU F 396 -57.31 -11.46 -50.72
C LEU F 396 -56.82 -10.06 -50.37
N LEU F 397 -55.61 -9.70 -50.79
CA LEU F 397 -55.05 -8.39 -50.48
C LEU F 397 -55.07 -7.51 -51.72
N SER F 398 -55.14 -6.20 -51.48
CA SER F 398 -55.06 -5.26 -52.57
C SER F 398 -53.65 -5.23 -53.15
N ASP F 399 -53.55 -4.73 -54.37
CA ASP F 399 -52.24 -4.66 -55.02
C ASP F 399 -51.28 -3.76 -54.26
N ARG F 400 -51.78 -2.68 -53.69
CA ARG F 400 -50.92 -1.77 -52.94
C ARG F 400 -50.35 -2.46 -51.70
N SER F 401 -51.19 -3.19 -50.96
CA SER F 401 -50.75 -3.77 -49.70
C SER F 401 -49.66 -4.81 -49.91
N ASN F 402 -49.81 -5.64 -50.95
CA ASN F 402 -48.81 -6.65 -51.24
C ASN F 402 -47.46 -6.02 -51.46
N PHE F 403 -47.41 -4.92 -52.20
CA PHE F 403 -46.14 -4.26 -52.46
C PHE F 403 -45.50 -3.74 -51.19
N ILE F 404 -46.30 -3.15 -50.30
CA ILE F 404 -45.73 -2.61 -49.07
C ILE F 404 -45.17 -3.73 -48.20
N ILE F 405 -45.92 -4.82 -48.06
CA ILE F 405 -45.44 -5.95 -47.27
C ILE F 405 -44.15 -6.50 -47.87
N ALA F 406 -44.12 -6.65 -49.20
CA ALA F 406 -42.94 -7.18 -49.86
C ALA F 406 -41.75 -6.27 -49.67
N ALA F 407 -41.96 -4.96 -49.73
CA ALA F 407 -40.87 -4.02 -49.52
C ALA F 407 -40.31 -4.13 -48.12
N VAL F 408 -41.19 -4.20 -47.11
CA VAL F 408 -40.71 -4.32 -45.74
C VAL F 408 -39.93 -5.61 -45.57
N ILE F 409 -40.40 -6.70 -46.18
CA ILE F 409 -39.68 -7.98 -46.08
C ILE F 409 -38.32 -7.88 -46.74
N TRP F 410 -38.28 -7.34 -47.96
CA TRP F 410 -37.08 -7.34 -48.78
C TRP F 410 -36.06 -6.29 -48.35
N ALA F 411 -36.44 -5.33 -47.51
CA ALA F 411 -35.48 -4.33 -47.07
C ALA F 411 -34.31 -4.95 -46.32
N GLY F 412 -34.58 -5.94 -45.47
CA GLY F 412 -33.52 -6.52 -44.67
C GLY F 412 -32.61 -7.47 -45.41
N PHE F 413 -33.15 -8.23 -46.35
CA PHE F 413 -32.37 -9.22 -47.07
C PHE F 413 -31.61 -8.64 -48.26
N SER F 414 -31.93 -7.41 -48.66
CA SER F 414 -31.24 -6.81 -49.79
C SER F 414 -29.78 -6.53 -49.43
N ALA F 415 -28.88 -6.81 -50.38
CA ALA F 415 -27.46 -6.57 -50.14
C ALA F 415 -27.16 -5.09 -50.10
N ASP F 416 -27.71 -4.32 -51.02
CA ASP F 416 -27.36 -2.91 -51.14
C ASP F 416 -28.55 -1.97 -50.99
N ASP F 417 -29.68 -2.27 -51.64
CA ASP F 417 -30.83 -1.38 -51.58
C ASP F 417 -31.43 -1.38 -50.17
N SER F 418 -31.93 -0.22 -49.77
CA SER F 418 -32.55 -0.07 -48.47
C SER F 418 -34.05 0.18 -48.63
N TYR F 419 -34.71 0.42 -47.49
CA TYR F 419 -36.16 0.54 -47.48
C TYR F 419 -36.64 1.70 -48.34
N ALA F 420 -36.05 2.88 -48.15
CA ALA F 420 -36.48 4.04 -48.92
C ALA F 420 -36.14 3.88 -50.40
N ASP F 421 -34.97 3.36 -50.71
CA ASP F 421 -34.61 3.13 -52.11
C ASP F 421 -35.48 2.05 -52.75
N ILE F 422 -36.02 1.12 -51.95
CA ILE F 422 -36.95 0.15 -52.50
C ILE F 422 -38.30 0.80 -52.78
N MET F 423 -38.80 1.59 -51.84
CA MET F 423 -40.09 2.24 -52.04
C MET F 423 -40.01 3.35 -53.09
N ARG F 424 -38.80 3.78 -53.46
CA ARG F 424 -38.66 4.71 -54.56
C ARG F 424 -39.05 4.10 -55.90
N ARG F 425 -39.23 2.79 -55.96
CA ARG F 425 -39.65 2.11 -57.18
C ARG F 425 -41.08 2.34 -57.52
N SER F 426 -41.79 3.26 -56.85
CA SER F 426 -43.20 3.49 -57.19
C SER F 426 -43.35 3.99 -58.62
N ALA F 427 -42.34 4.68 -59.14
CA ALA F 427 -42.29 5.03 -60.55
C ALA F 427 -41.57 3.92 -61.32
N ARG F 428 -41.54 4.06 -62.64
CA ARG F 428 -40.89 3.10 -63.54
C ARG F 428 -41.51 1.72 -63.47
N ALA F 429 -42.59 1.56 -62.70
CA ALA F 429 -43.25 0.27 -62.58
C ALA F 429 -44.61 0.49 -61.92
N SER F 430 -45.47 -0.52 -62.05
CA SER F 430 -46.79 -0.47 -61.44
C SER F 430 -46.75 -1.11 -60.06
N ASP F 431 -47.87 -0.99 -59.34
CA ASP F 431 -47.96 -1.56 -58.01
C ASP F 431 -47.87 -3.09 -58.07
N ARG F 432 -48.56 -3.70 -59.02
CA ARG F 432 -48.53 -5.16 -59.12
C ARG F 432 -47.16 -5.65 -59.59
N GLN F 433 -46.57 -4.98 -60.59
CA GLN F 433 -45.33 -5.48 -61.17
C GLN F 433 -44.20 -5.51 -60.15
N ASN F 434 -44.05 -4.44 -59.37
CA ASN F 434 -42.99 -4.41 -58.37
C ASN F 434 -43.13 -5.55 -57.39
N TYR F 435 -44.38 -5.88 -57.02
CA TYR F 435 -44.61 -7.04 -56.17
C TYR F 435 -44.13 -8.31 -56.84
N ASP F 436 -44.35 -8.43 -58.15
CA ASP F 436 -43.87 -9.60 -58.88
C ASP F 436 -42.35 -9.69 -58.84
N ILE F 437 -41.66 -8.56 -59.05
CA ILE F 437 -40.21 -8.58 -59.03
C ILE F 437 -39.69 -8.99 -57.65
N ILE F 438 -40.27 -8.41 -56.60
CA ILE F 438 -39.80 -8.73 -55.26
C ILE F 438 -40.07 -10.20 -54.93
N LYS F 439 -41.26 -10.69 -55.29
CA LYS F 439 -41.56 -12.10 -55.04
C LYS F 439 -40.60 -13.02 -55.77
N ALA F 440 -40.32 -12.73 -57.03
CA ALA F 440 -39.36 -13.53 -57.77
C ALA F 440 -37.98 -13.48 -57.13
N ALA F 441 -37.61 -12.33 -56.58
CA ALA F 441 -36.33 -12.25 -55.87
C ALA F 441 -36.35 -13.03 -54.56
N LEU F 442 -37.52 -13.30 -54.01
CA LEU F 442 -37.63 -14.04 -52.76
C LEU F 442 -37.79 -15.54 -52.98
N SER F 443 -37.65 -16.01 -54.21
CA SER F 443 -37.75 -17.44 -54.51
C SER F 443 -36.60 -17.87 -55.41
N SER F 444 -35.41 -17.34 -55.14
CA SER F 444 -34.23 -17.66 -55.92
C SER F 444 -33.43 -18.75 -55.20
N ARG F 445 -32.23 -19.03 -55.71
CA ARG F 445 -31.34 -20.00 -55.07
C ARG F 445 -30.75 -19.48 -53.78
N LYS F 446 -30.88 -18.20 -53.49
CA LYS F 446 -30.28 -17.60 -52.30
C LYS F 446 -31.27 -17.39 -51.18
N PHE F 447 -32.51 -17.02 -51.49
CA PHE F 447 -33.54 -16.80 -50.49
C PHE F 447 -34.81 -17.53 -50.90
N LYS F 448 -35.55 -18.00 -49.91
CA LYS F 448 -36.82 -18.68 -50.14
C LYS F 448 -37.80 -18.30 -49.04
N LEU F 449 -39.06 -18.11 -49.42
CA LEU F 449 -40.11 -17.77 -48.47
C LEU F 449 -41.42 -18.36 -48.97
N PRO F 450 -42.28 -18.83 -48.08
CA PRO F 450 -43.51 -19.49 -48.51
C PRO F 450 -44.49 -18.60 -49.28
N ARG F 451 -44.91 -17.48 -48.71
CA ARG F 451 -45.91 -16.60 -49.33
C ARG F 451 -47.21 -17.36 -49.59
N ALA F 452 -47.89 -17.68 -48.48
CA ALA F 452 -49.11 -18.47 -48.51
C ALA F 452 -50.12 -17.90 -49.48
N SER F 453 -50.69 -18.78 -50.32
CA SER F 453 -51.69 -18.42 -51.31
C SER F 453 -52.91 -19.32 -51.14
N THR F 454 -53.85 -19.21 -52.06
CA THR F 454 -55.08 -19.99 -51.99
C THR F 454 -55.62 -20.21 -53.40
N THR F 455 -56.57 -21.14 -53.50
CA THR F 455 -57.18 -21.51 -54.76
C THR F 455 -58.69 -21.36 -54.66
N LEU F 456 -59.36 -21.62 -55.78
CA LEU F 456 -60.81 -21.51 -55.84
C LEU F 456 -61.47 -22.72 -55.20
N PHE F 457 -62.77 -22.60 -54.94
CA PHE F 457 -63.54 -23.63 -54.25
C PHE F 457 -64.92 -23.68 -54.87
N ASP F 458 -65.36 -24.88 -55.26
CA ASP F 458 -66.59 -25.00 -56.05
C ASP F 458 -67.43 -26.20 -55.61
N GLU F 459 -67.24 -26.66 -54.38
CA GLU F 459 -68.00 -27.79 -53.85
C GLU F 459 -69.18 -27.27 -53.04
N ASN F 460 -70.36 -27.83 -53.28
CA ASN F 460 -71.59 -27.35 -52.67
C ASN F 460 -72.45 -28.52 -52.26
N GLU F 461 -73.39 -28.23 -51.35
CA GLU F 461 -74.31 -29.24 -50.84
C GLU F 461 -75.66 -29.10 -51.56
N PRO F 462 -76.08 -30.08 -52.36
CA PRO F 462 -77.33 -29.95 -53.10
C PRO F 462 -78.53 -29.58 -52.25
N VAL F 463 -79.08 -28.39 -52.50
CA VAL F 463 -80.25 -27.90 -51.78
C VAL F 463 -81.11 -27.14 -52.78
N VAL F 464 -82.43 -27.27 -52.65
CA VAL F 464 -83.33 -26.54 -53.53
C VAL F 464 -83.14 -25.04 -53.33
N ARG F 465 -83.06 -24.31 -54.45
CA ARG F 465 -82.77 -22.89 -54.42
C ARG F 465 -83.55 -22.20 -55.52
N ARG F 466 -83.42 -20.87 -55.57
CA ARG F 466 -84.05 -20.06 -56.60
C ARG F 466 -83.09 -19.12 -57.32
N TYR F 467 -81.87 -18.98 -56.85
CA TYR F 467 -80.90 -18.05 -57.42
C TYR F 467 -79.65 -18.79 -57.85
N GLN F 468 -78.64 -18.03 -58.26
CA GLN F 468 -77.42 -18.60 -58.82
C GLN F 468 -76.36 -18.77 -57.73
N ILE F 469 -75.42 -19.68 -58.00
CA ILE F 469 -74.33 -19.99 -57.08
C ILE F 469 -73.02 -19.85 -57.83
N GLY F 470 -72.03 -19.23 -57.18
CA GLY F 470 -70.74 -19.00 -57.80
C GLY F 470 -69.60 -19.44 -56.91
N ARG F 471 -68.42 -19.55 -57.52
CA ARG F 471 -67.23 -19.94 -56.80
C ARG F 471 -66.77 -18.84 -55.87
N VAL F 472 -66.08 -19.23 -54.80
CA VAL F 472 -65.63 -18.32 -53.75
C VAL F 472 -64.22 -18.70 -53.35
N TYR F 473 -63.35 -17.70 -53.22
CA TYR F 473 -62.00 -17.96 -52.76
C TYR F 473 -62.00 -18.46 -51.32
N ALA F 474 -61.14 -19.43 -51.04
CA ALA F 474 -61.01 -19.92 -49.67
C ALA F 474 -60.21 -18.93 -48.84
N PRO F 475 -60.75 -18.39 -47.76
CA PRO F 475 -60.04 -17.36 -47.01
C PRO F 475 -58.92 -17.88 -46.12
N PHE F 476 -58.60 -19.17 -46.28
CA PHE F 476 -57.55 -19.81 -45.45
C PHE F 476 -56.50 -20.49 -46.35
N PRO F 477 -55.20 -20.55 -46.00
CA PRO F 477 -54.18 -21.11 -46.90
C PRO F 477 -54.07 -22.63 -46.90
N VAL F 478 -55.06 -23.36 -46.39
CA VAL F 478 -55.00 -24.80 -46.29
C VAL F 478 -55.89 -25.40 -47.35
N ASP F 479 -55.36 -26.39 -48.08
CA ASP F 479 -56.12 -27.05 -49.13
C ASP F 479 -57.17 -27.97 -48.52
N ARG F 480 -57.96 -28.59 -49.41
CA ARG F 480 -59.02 -29.50 -48.95
C ARG F 480 -58.45 -30.77 -48.35
N TYR F 481 -57.22 -31.14 -48.70
CA TYR F 481 -56.60 -32.35 -48.20
C TYR F 481 -55.72 -32.13 -46.98
N GLY F 482 -55.64 -30.90 -46.48
CA GLY F 482 -54.89 -30.57 -45.29
C GLY F 482 -53.49 -30.08 -45.55
N SER F 483 -52.93 -30.36 -46.72
CA SER F 483 -51.59 -29.87 -47.04
C SER F 483 -51.64 -28.37 -47.26
N PRO F 484 -50.74 -27.60 -46.65
CA PRO F 484 -50.74 -26.16 -46.87
C PRO F 484 -50.45 -25.83 -48.33
N VAL F 485 -51.07 -24.77 -48.81
CA VAL F 485 -50.90 -24.31 -50.18
C VAL F 485 -50.02 -23.07 -50.18
N TYR F 486 -48.95 -23.10 -50.97
CA TYR F 486 -47.99 -22.01 -51.04
C TYR F 486 -47.80 -21.61 -52.49
N SER F 487 -47.56 -20.32 -52.71
CA SER F 487 -47.52 -19.80 -54.08
C SER F 487 -46.28 -20.29 -54.83
N ASN F 488 -45.12 -20.30 -54.18
CA ASN F 488 -43.87 -20.60 -54.85
C ASN F 488 -43.22 -21.88 -54.33
N CYS F 489 -42.93 -21.97 -53.03
CA CYS F 489 -42.21 -23.10 -52.49
C CYS F 489 -42.46 -23.17 -50.99
N THR F 490 -42.14 -24.33 -50.42
CA THR F 490 -42.26 -24.56 -48.99
C THR F 490 -40.88 -24.71 -48.37
N LYS F 491 -40.86 -25.00 -47.07
CA LYS F 491 -39.61 -25.26 -46.32
C LYS F 491 -38.68 -24.04 -46.40
N VAL F 492 -39.13 -22.97 -45.74
CA VAL F 492 -38.37 -21.73 -45.68
C VAL F 492 -36.91 -22.00 -45.37
N GLU F 493 -36.03 -21.41 -46.17
CA GLU F 493 -34.60 -21.49 -45.94
C GLU F 493 -33.95 -20.27 -46.59
N LEU F 494 -32.85 -19.83 -46.00
CA LEU F 494 -32.20 -18.61 -46.46
C LEU F 494 -30.79 -18.52 -45.90
N ALA F 495 -29.84 -18.15 -46.75
CA ALA F 495 -28.43 -18.10 -46.36
C ALA F 495 -28.00 -16.67 -46.06
N SER F 496 -28.62 -16.08 -45.05
CA SER F 496 -28.27 -14.74 -44.59
C SER F 496 -29.03 -14.47 -43.30
N ASP F 497 -28.90 -13.25 -42.81
CA ASP F 497 -29.63 -12.79 -41.64
C ASP F 497 -30.39 -11.53 -41.99
N TYR F 498 -31.55 -11.35 -41.35
CA TYR F 498 -32.37 -10.18 -41.63
C TYR F 498 -31.72 -8.96 -40.98
N ASN F 499 -31.02 -8.17 -41.79
CA ASN F 499 -30.35 -6.96 -41.33
C ASN F 499 -31.17 -5.76 -41.78
N ALA F 500 -32.00 -5.26 -40.87
CA ALA F 500 -32.77 -4.06 -41.14
C ALA F 500 -31.88 -2.85 -40.95
N GLU F 501 -32.46 -1.66 -40.87
CA GLU F 501 -31.66 -0.46 -40.66
C GLU F 501 -30.90 -0.54 -39.35
N GLY F 502 -31.54 -1.03 -38.30
CA GLY F 502 -30.85 -1.22 -37.03
C GLY F 502 -31.31 -2.45 -36.27
N PHE F 503 -32.14 -3.27 -36.89
CA PHE F 503 -32.75 -4.42 -36.24
C PHE F 503 -32.27 -5.70 -36.89
N THR F 504 -31.82 -6.64 -36.07
CA THR F 504 -31.30 -7.92 -36.53
C THR F 504 -32.05 -9.05 -35.86
N ILE F 505 -32.55 -10.00 -36.65
CA ILE F 505 -33.14 -11.21 -36.13
C ILE F 505 -32.45 -12.40 -36.79
N ARG F 506 -32.26 -13.46 -36.02
CA ARG F 506 -31.41 -14.57 -36.46
C ARG F 506 -32.11 -15.35 -37.57
N LYS F 507 -31.30 -16.04 -38.37
CA LYS F 507 -31.83 -16.74 -39.54
C LYS F 507 -32.68 -17.94 -39.16
N ASP F 508 -32.48 -18.50 -37.98
CA ASP F 508 -33.23 -19.68 -37.56
C ASP F 508 -34.53 -19.34 -36.86
N ASP F 509 -34.85 -18.06 -36.70
CA ASP F 509 -36.10 -17.65 -36.09
C ASP F 509 -37.28 -17.74 -37.05
N PHE F 510 -37.03 -18.02 -38.33
CA PHE F 510 -38.10 -18.09 -39.31
C PHE F 510 -38.74 -19.46 -39.39
N ARG F 511 -37.93 -20.52 -39.43
CA ARG F 511 -38.50 -21.86 -39.49
C ARG F 511 -39.37 -22.13 -38.27
N ALA F 512 -39.00 -21.59 -37.11
CA ALA F 512 -39.87 -21.67 -35.95
C ALA F 512 -41.17 -20.93 -36.19
N LEU F 513 -41.10 -19.76 -36.83
CA LEU F 513 -42.32 -19.01 -37.12
C LEU F 513 -43.24 -19.78 -38.06
N GLN F 514 -42.66 -20.44 -39.06
CA GLN F 514 -43.48 -21.24 -39.96
C GLN F 514 -44.06 -22.44 -39.22
N ALA F 515 -43.29 -23.02 -38.30
CA ALA F 515 -43.79 -24.17 -37.55
C ALA F 515 -44.97 -23.80 -36.68
N VAL F 516 -44.92 -22.64 -36.02
CA VAL F 516 -46.01 -22.27 -35.14
C VAL F 516 -47.23 -21.78 -35.91
N LEU F 517 -47.08 -21.45 -37.19
CA LEU F 517 -48.18 -20.91 -37.99
C LEU F 517 -48.97 -21.98 -38.73
N ARG F 518 -48.59 -23.25 -38.62
CA ARG F 518 -49.26 -24.29 -39.36
C ARG F 518 -50.67 -24.52 -38.80
N ILE F 519 -51.50 -25.20 -39.59
CA ILE F 519 -52.90 -25.42 -39.26
C ILE F 519 -53.12 -26.90 -38.98
N ASP F 520 -53.75 -27.19 -37.84
CA ASP F 520 -54.09 -28.55 -37.48
C ASP F 520 -55.21 -29.08 -38.37
N GLU F 521 -55.33 -30.41 -38.40
CA GLU F 521 -56.33 -31.05 -39.27
C GLU F 521 -57.75 -30.71 -38.83
N ASP F 522 -58.02 -30.76 -37.53
CA ASP F 522 -59.38 -30.49 -37.04
C ASP F 522 -59.79 -29.05 -37.33
N ARG F 523 -58.84 -28.12 -37.20
CA ARG F 523 -59.11 -26.73 -37.56
C ARG F 523 -59.49 -26.63 -39.03
N ALA F 524 -58.77 -27.34 -39.89
CA ALA F 524 -59.10 -27.33 -41.31
C ALA F 524 -60.49 -27.90 -41.55
N ALA F 525 -60.84 -28.97 -40.82
CA ALA F 525 -62.16 -29.55 -40.96
C ALA F 525 -63.24 -28.53 -40.59
N ASP F 526 -63.05 -27.80 -39.49
CA ASP F 526 -64.02 -26.79 -39.09
C ASP F 526 -64.14 -25.68 -40.14
N MET F 527 -63.01 -25.19 -40.62
CA MET F 527 -63.04 -24.13 -41.62
C MET F 527 -63.80 -24.58 -42.87
N PHE F 528 -63.52 -25.79 -43.34
CA PHE F 528 -64.16 -26.24 -44.55
C PHE F 528 -65.64 -26.54 -44.32
N THR F 529 -66.01 -27.00 -43.12
CA THR F 529 -67.42 -27.21 -42.84
C THR F 529 -68.19 -25.90 -42.90
N THR F 530 -67.61 -24.83 -42.37
CA THR F 530 -68.28 -23.53 -42.47
C THR F 530 -68.34 -23.05 -43.92
N LEU F 531 -67.21 -23.11 -44.62
CA LEU F 531 -67.17 -22.56 -45.98
C LEU F 531 -68.13 -23.30 -46.89
N ARG F 532 -68.20 -24.63 -46.78
CA ARG F 532 -69.03 -25.42 -47.67
C ARG F 532 -70.49 -25.01 -47.59
N ILE F 533 -70.97 -24.62 -46.41
CA ILE F 533 -72.36 -24.20 -46.29
C ILE F 533 -72.55 -22.73 -46.53
N MET F 534 -71.48 -21.93 -46.48
CA MET F 534 -71.67 -20.51 -46.75
C MET F 534 -71.41 -20.15 -48.22
N ILE F 535 -71.07 -21.13 -49.07
CA ILE F 535 -70.96 -20.89 -50.49
C ILE F 535 -72.26 -21.23 -51.22
N SER F 536 -72.94 -22.31 -50.85
CA SER F 536 -74.13 -22.75 -51.55
C SER F 536 -75.39 -22.03 -51.10
N SER F 537 -75.27 -20.93 -50.38
CA SER F 537 -76.42 -20.20 -49.89
C SER F 537 -76.46 -18.74 -50.30
N ILE F 538 -75.34 -18.05 -50.28
CA ILE F 538 -75.31 -16.62 -50.62
C ILE F 538 -75.51 -16.47 -52.13
N PRO F 539 -76.44 -15.64 -52.57
CA PRO F 539 -76.65 -15.46 -54.01
C PRO F 539 -75.41 -14.93 -54.70
N ALA F 540 -75.16 -15.42 -55.90
CA ALA F 540 -73.95 -15.09 -56.65
C ALA F 540 -74.13 -13.93 -57.61
N VAL F 541 -75.33 -13.37 -57.71
CA VAL F 541 -75.53 -12.24 -58.61
C VAL F 541 -74.82 -11.01 -58.10
N TRP F 542 -74.67 -10.87 -56.79
CA TRP F 542 -74.05 -9.70 -56.20
C TRP F 542 -72.54 -9.79 -56.13
N TYR F 543 -71.95 -10.89 -56.62
CA TYR F 543 -70.50 -11.04 -56.53
C TYR F 543 -69.75 -10.05 -57.41
N ASP F 544 -70.44 -9.35 -58.31
CA ASP F 544 -69.80 -8.37 -59.18
C ASP F 544 -70.10 -6.94 -58.74
N ALA F 545 -70.54 -6.76 -57.51
CA ALA F 545 -70.89 -5.43 -57.03
C ALA F 545 -69.63 -4.60 -56.79
N GLU F 546 -69.75 -3.30 -57.07
CA GLU F 546 -68.69 -2.36 -56.78
C GLU F 546 -68.75 -1.94 -55.31
N VAL F 547 -67.59 -1.60 -54.77
CA VAL F 547 -67.49 -1.18 -53.37
C VAL F 547 -68.10 0.21 -53.23
N VAL F 548 -68.95 0.38 -52.21
CA VAL F 548 -69.64 1.64 -51.97
C VAL F 548 -69.27 2.22 -50.61
N HIS F 549 -69.17 1.40 -49.57
CA HIS F 549 -68.75 1.85 -48.25
C HIS F 549 -67.32 1.38 -48.02
N TYR F 550 -66.36 2.26 -48.27
CA TYR F 550 -64.95 1.89 -48.15
C TYR F 550 -64.55 1.39 -46.77
N PRO F 551 -65.02 1.97 -45.64
CA PRO F 551 -64.55 1.47 -44.33
C PRO F 551 -64.75 -0.01 -44.11
N HIS F 552 -65.54 -0.67 -44.95
CA HIS F 552 -65.77 -2.11 -44.81
C HIS F 552 -64.60 -2.95 -45.30
N THR F 553 -63.59 -2.34 -45.93
CA THR F 553 -62.47 -3.09 -46.46
C THR F 553 -61.14 -2.55 -45.97
N ALA F 554 -61.09 -2.07 -44.72
CA ALA F 554 -59.87 -1.54 -44.16
C ALA F 554 -59.62 -2.13 -42.78
N VAL F 555 -58.37 -2.46 -42.49
CA VAL F 555 -57.98 -3.04 -41.21
C VAL F 555 -56.59 -2.55 -40.84
N GLU F 556 -56.36 -2.42 -39.53
CA GLU F 556 -55.03 -2.12 -39.04
C GLU F 556 -54.11 -3.32 -39.26
N LEU F 557 -52.81 -3.05 -39.36
CA LEU F 557 -51.86 -4.13 -39.55
C LEU F 557 -51.83 -5.07 -38.35
N GLU F 558 -51.88 -4.53 -37.13
CA GLU F 558 -51.83 -5.37 -35.95
C GLU F 558 -53.05 -6.26 -35.84
N GLN F 559 -54.23 -5.77 -36.21
CA GLN F 559 -55.42 -6.61 -36.18
C GLN F 559 -55.28 -7.78 -37.15
N LEU F 560 -54.80 -7.52 -38.35
CA LEU F 560 -54.61 -8.59 -39.33
C LEU F 560 -53.57 -9.59 -38.85
N ALA F 561 -52.48 -9.10 -38.25
CA ALA F 561 -51.46 -10.01 -37.74
C ALA F 561 -51.98 -10.86 -36.61
N ALA F 562 -52.78 -10.30 -35.71
CA ALA F 562 -53.37 -11.09 -34.64
C ALA F 562 -54.34 -12.12 -35.21
N TYR F 563 -55.10 -11.74 -36.23
CA TYR F 563 -56.02 -12.69 -36.86
C TYR F 563 -55.26 -13.84 -37.48
N GLY F 564 -54.13 -13.55 -38.13
CA GLY F 564 -53.37 -14.61 -38.77
C GLY F 564 -52.58 -15.47 -37.81
N LEU F 565 -52.10 -14.90 -36.71
CA LEU F 565 -51.27 -15.65 -35.78
C LEU F 565 -52.07 -16.71 -35.06
N THR F 566 -53.07 -16.29 -34.30
CA THR F 566 -54.05 -17.23 -33.74
C THR F 566 -54.97 -17.61 -34.88
N GLY F 567 -54.67 -18.72 -35.55
CA GLY F 567 -55.36 -19.05 -36.78
C GLY F 567 -56.86 -19.11 -36.60
N ALA F 568 -57.53 -18.10 -37.12
CA ALA F 568 -58.95 -17.91 -36.91
C ALA F 568 -59.71 -18.17 -38.21
N TYR F 569 -61.03 -18.39 -38.07
CA TYR F 569 -61.86 -18.70 -39.21
C TYR F 569 -63.30 -18.34 -38.87
N PRO F 570 -64.10 -17.98 -39.86
CA PRO F 570 -65.53 -17.77 -39.61
C PRO F 570 -66.18 -19.05 -39.14
N ARG F 571 -67.09 -18.92 -38.18
CA ARG F 571 -67.82 -20.06 -37.63
C ARG F 571 -69.29 -19.73 -37.56
N THR F 572 -70.13 -20.70 -37.92
CA THR F 572 -71.57 -20.53 -37.93
C THR F 572 -72.24 -21.69 -37.20
N ASN F 573 -73.46 -21.43 -36.73
CA ASN F 573 -74.22 -22.41 -35.97
C ASN F 573 -75.48 -22.87 -36.67
N HIS F 574 -75.73 -22.42 -37.90
CA HIS F 574 -76.95 -22.75 -38.61
C HIS F 574 -76.65 -23.69 -39.77
N SER F 575 -77.71 -24.12 -40.46
CA SER F 575 -77.60 -25.05 -41.57
C SER F 575 -77.95 -24.35 -42.88
N VAL F 576 -77.75 -25.06 -43.98
CA VAL F 576 -78.02 -24.50 -45.30
C VAL F 576 -79.49 -24.16 -45.46
N ASP F 577 -80.37 -25.04 -44.99
CA ASP F 577 -81.80 -24.83 -45.17
C ASP F 577 -82.26 -23.56 -44.46
N THR F 578 -81.75 -23.32 -43.25
CA THR F 578 -82.13 -22.13 -42.51
C THR F 578 -81.74 -20.86 -43.27
N ILE F 579 -80.51 -20.83 -43.80
CA ILE F 579 -80.05 -19.66 -44.52
C ILE F 579 -80.89 -19.44 -45.77
N VAL F 580 -81.16 -20.51 -46.52
CA VAL F 580 -81.94 -20.38 -47.74
C VAL F 580 -83.34 -19.87 -47.42
N LYS F 581 -83.94 -20.39 -46.35
CA LYS F 581 -85.28 -19.94 -45.98
C LYS F 581 -85.29 -18.48 -45.58
N THR F 582 -84.26 -18.03 -44.84
CA THR F 582 -84.21 -16.62 -44.46
C THR F 582 -84.07 -15.72 -45.69
N VAL F 583 -83.20 -16.11 -46.63
CA VAL F 583 -83.04 -15.32 -47.84
C VAL F 583 -84.34 -15.27 -48.63
N ASN F 584 -85.01 -16.41 -48.75
CA ASN F 584 -86.29 -16.44 -49.45
C ASN F 584 -87.32 -15.56 -48.76
N ASN F 585 -87.30 -15.54 -47.43
CA ASN F 585 -88.25 -14.72 -46.69
C ASN F 585 -88.04 -13.24 -46.96
N ILE F 586 -86.79 -12.79 -46.91
CA ILE F 586 -86.54 -11.37 -47.15
C ILE F 586 -86.85 -11.02 -48.60
N SER F 587 -86.57 -11.93 -49.54
CA SER F 587 -86.91 -11.67 -50.93
C SER F 587 -88.41 -11.55 -51.13
N ALA F 588 -89.18 -12.43 -50.50
CA ALA F 588 -90.63 -12.36 -50.61
C ALA F 588 -91.17 -11.07 -49.99
N THR F 589 -90.61 -10.65 -48.86
CA THR F 589 -91.02 -9.41 -48.24
C THR F 589 -90.77 -8.23 -49.18
N TYR F 590 -89.58 -8.20 -49.79
CA TYR F 590 -89.27 -7.12 -50.72
C TYR F 590 -90.22 -7.13 -51.91
N SER F 591 -90.50 -8.31 -52.45
CA SER F 591 -91.38 -8.40 -53.62
C SER F 591 -92.79 -7.91 -53.28
N THR F 592 -93.33 -8.33 -52.14
CA THR F 592 -94.67 -7.88 -51.76
C THR F 592 -94.70 -6.37 -51.52
N ILE F 593 -93.68 -5.85 -50.83
CA ILE F 593 -93.64 -4.43 -50.55
C ILE F 593 -93.61 -3.63 -51.84
N ALA F 594 -92.75 -4.04 -52.78
CA ALA F 594 -92.68 -3.33 -54.06
C ALA F 594 -93.95 -3.49 -54.86
N GLN F 595 -94.60 -4.65 -54.76
CA GLN F 595 -95.84 -4.86 -55.50
C GLN F 595 -96.94 -3.94 -55.01
N MET F 596 -97.00 -3.74 -53.69
CA MET F 596 -98.04 -2.88 -53.13
C MET F 596 -97.83 -1.42 -53.51
N LEU F 597 -96.58 -0.95 -53.52
CA LEU F 597 -96.32 0.46 -53.76
C LEU F 597 -96.66 0.92 -55.17
N SER F 598 -96.88 -0.01 -56.11
CA SER F 598 -97.14 0.38 -57.48
C SER F 598 -98.55 0.93 -57.67
N THR F 599 -99.48 0.63 -56.77
CA THR F 599 -100.84 1.11 -56.94
C THR F 599 -100.93 2.62 -56.75
N ILE F 600 -100.31 3.14 -55.69
CA ILE F 600 -100.35 4.57 -55.42
C ILE F 600 -99.45 5.27 -56.44
N ASP F 601 -99.56 6.59 -56.53
CA ASP F 601 -98.78 7.38 -57.47
C ASP F 601 -97.78 8.26 -56.73
N LEU F 602 -96.56 8.35 -57.26
CA LEU F 602 -95.49 9.15 -56.67
C LEU F 602 -94.72 9.78 -57.83
N ASP F 603 -95.12 10.97 -58.22
CA ASP F 603 -94.40 11.51 -59.36
C ASP F 603 -93.28 12.43 -58.91
N PRO F 604 -92.19 12.50 -59.67
CA PRO F 604 -91.06 13.34 -59.26
C PRO F 604 -91.27 14.82 -59.52
N THR F 605 -92.36 15.22 -60.20
CA THR F 605 -92.57 16.61 -60.58
C THR F 605 -93.69 17.26 -59.78
N ARG F 606 -93.84 16.89 -58.51
CA ARG F 606 -94.84 17.50 -57.66
C ARG F 606 -94.27 18.16 -56.41
N TYR F 607 -93.29 17.53 -55.76
CA TYR F 607 -92.59 18.15 -54.66
C TYR F 607 -91.13 18.37 -55.05
N GLY F 608 -90.36 18.93 -54.13
CA GLY F 608 -88.93 19.01 -54.31
C GLY F 608 -88.27 17.67 -54.06
N THR F 609 -86.98 17.60 -54.37
CA THR F 609 -86.25 16.36 -54.16
C THR F 609 -86.22 15.93 -52.71
N SER F 610 -86.03 16.86 -51.78
CA SER F 610 -85.93 16.51 -50.37
C SER F 610 -87.27 16.15 -49.74
N GLU F 611 -88.40 16.49 -50.37
CA GLU F 611 -89.70 16.17 -49.80
C GLU F 611 -90.30 14.90 -50.37
N SER F 612 -90.07 14.62 -51.66
CA SER F 612 -90.56 13.38 -52.23
C SER F 612 -89.99 12.18 -51.50
N ILE F 613 -88.77 12.28 -51.00
CA ILE F 613 -88.18 11.21 -50.21
C ILE F 613 -89.01 10.96 -48.96
N ASP F 614 -89.40 12.03 -48.27
CA ASP F 614 -90.19 11.87 -47.06
C ASP F 614 -91.56 11.30 -47.37
N LYS F 615 -92.18 11.74 -48.47
CA LYS F 615 -93.46 11.15 -48.87
C LYS F 615 -93.30 9.66 -49.13
N PHE F 616 -92.21 9.27 -49.78
CA PHE F 616 -91.95 7.86 -50.02
C PHE F 616 -91.78 7.09 -48.73
N LYS F 617 -91.08 7.68 -47.75
CA LYS F 617 -90.92 7.01 -46.46
C LYS F 617 -92.27 6.81 -45.78
N ILE F 618 -93.12 7.82 -45.81
CA ILE F 618 -94.44 7.69 -45.17
C ILE F 618 -95.25 6.61 -45.88
N ALA F 619 -95.22 6.59 -47.21
CA ALA F 619 -95.96 5.57 -47.94
C ALA F 619 -95.45 4.17 -47.63
N TRP F 620 -94.13 4.01 -47.53
CA TRP F 620 -93.56 2.71 -47.19
C TRP F 620 -94.01 2.27 -45.81
N GLU F 621 -93.96 3.17 -44.82
CA GLU F 621 -94.39 2.81 -43.48
C GLU F 621 -95.86 2.43 -43.45
N ASN F 622 -96.69 3.19 -44.17
CA ASN F 622 -98.12 2.88 -44.21
C ASN F 622 -98.38 1.52 -44.83
N VAL F 623 -97.74 1.22 -45.95
CA VAL F 623 -98.04 -0.06 -46.67
C VAL F 623 -97.77 -1.24 -45.74
N GLU F 624 -96.66 -1.21 -45.00
CA GLU F 624 -96.29 -2.38 -44.18
C GLU F 624 -97.39 -2.63 -43.14
N SER F 625 -97.88 -1.58 -42.49
CA SER F 625 -98.91 -1.72 -41.43
C SER F 625 -100.25 -2.09 -42.06
N VAL F 626 -100.48 -1.68 -43.31
CA VAL F 626 -101.76 -2.01 -44.02
C VAL F 626 -101.87 -3.52 -44.24
N LEU F 627 -100.78 -4.20 -44.60
CA LEU F 627 -100.92 -5.64 -44.96
C LEU F 627 -100.07 -6.58 -44.08
N ASN F 628 -98.75 -6.64 -44.29
CA ASN F 628 -97.92 -7.64 -43.57
C ASN F 628 -97.92 -7.41 -42.05
N MET F 629 -97.73 -6.17 -41.60
CA MET F 629 -97.71 -5.84 -40.15
C MET F 629 -96.68 -6.71 -39.43
N GLU F 630 -95.57 -7.07 -40.10
CA GLU F 630 -94.59 -8.01 -39.47
C GLU F 630 -93.22 -7.88 -40.12
N GLY F 631 -92.15 -8.35 -39.45
CA GLY F 631 -90.81 -8.36 -40.04
C GLY F 631 -90.08 -7.03 -39.92
N ASN F 632 -88.78 -7.09 -39.62
CA ASN F 632 -87.95 -5.84 -39.66
C ASN F 632 -87.37 -5.88 -41.07
N ASP F 633 -87.91 -5.10 -42.01
CA ASP F 633 -87.47 -5.26 -43.42
C ASP F 633 -85.96 -5.10 -43.50
N PHE F 634 -85.28 -6.09 -44.08
CA PHE F 634 -83.81 -6.01 -44.27
C PHE F 634 -83.53 -4.87 -45.24
N VAL F 635 -84.31 -4.78 -46.31
CA VAL F 635 -84.12 -3.71 -47.33
C VAL F 635 -84.36 -2.34 -46.69
N LYS F 636 -85.39 -2.21 -45.82
CA LYS F 636 -85.71 -0.87 -45.29
C LYS F 636 -84.56 -0.41 -44.39
N THR F 637 -84.21 -1.20 -43.40
CA THR F 637 -83.16 -0.79 -42.47
C THR F 637 -81.86 -0.51 -43.20
N ILE F 638 -81.53 -1.35 -44.20
CA ILE F 638 -80.35 -1.09 -45.00
C ILE F 638 -80.43 0.26 -45.69
N MET F 639 -81.61 0.58 -46.25
CA MET F 639 -81.78 1.86 -46.93
C MET F 639 -81.62 3.02 -45.95
N TYR F 640 -82.21 2.90 -44.76
CA TYR F 640 -82.21 4.01 -43.82
C TYR F 640 -80.81 4.27 -43.27
N ALA F 641 -80.11 3.22 -42.86
CA ALA F 641 -78.85 3.40 -42.15
C ALA F 641 -77.74 3.91 -43.04
N TYR F 642 -77.94 3.97 -44.36
CA TYR F 642 -76.87 4.33 -45.29
C TYR F 642 -77.28 5.44 -46.23
N GLU F 643 -78.39 6.13 -45.96
CA GLU F 643 -78.85 7.19 -46.86
C GLU F 643 -77.92 8.39 -46.87
N ASP F 644 -77.08 8.55 -45.85
CA ASP F 644 -76.17 9.69 -45.78
C ASP F 644 -74.91 9.50 -46.60
N ASN F 645 -74.71 8.33 -47.18
CA ASN F 645 -73.58 8.09 -48.07
C ASN F 645 -73.95 8.23 -49.54
N PHE F 646 -75.13 8.77 -49.82
CA PHE F 646 -75.61 8.97 -51.18
C PHE F 646 -76.10 10.41 -51.34
N PRO F 647 -75.78 11.06 -52.45
CA PRO F 647 -76.36 12.38 -52.71
C PRO F 647 -77.86 12.25 -52.96
N LYS F 648 -78.58 13.32 -52.62
CA LYS F 648 -80.04 13.27 -52.63
C LYS F 648 -80.62 12.97 -54.01
N LYS F 649 -79.89 13.27 -55.08
CA LYS F 649 -80.43 13.05 -56.41
C LYS F 649 -80.57 11.57 -56.73
N ASP F 650 -79.50 10.81 -56.49
CA ASP F 650 -79.52 9.39 -56.86
C ASP F 650 -80.18 8.51 -55.81
N PHE F 651 -80.23 8.93 -54.55
CA PHE F 651 -80.97 8.15 -53.57
C PHE F 651 -82.44 8.06 -53.94
N TYR F 652 -83.03 9.17 -54.39
CA TYR F 652 -84.42 9.16 -54.80
C TYR F 652 -84.64 8.28 -56.02
N MET F 653 -83.73 8.32 -56.99
CA MET F 653 -83.86 7.47 -58.16
C MET F 653 -83.75 5.99 -57.77
N MET F 654 -82.84 5.68 -56.85
CA MET F 654 -82.69 4.30 -56.39
C MET F 654 -83.94 3.83 -55.66
N LEU F 655 -84.56 4.71 -54.88
CA LEU F 655 -85.84 4.36 -54.25
C LEU F 655 -86.93 4.16 -55.29
N LYS F 656 -86.98 5.03 -56.30
CA LYS F 656 -88.01 4.91 -57.33
C LYS F 656 -87.85 3.63 -58.14
N GLN F 657 -86.62 3.13 -58.25
CA GLN F 657 -86.42 1.85 -58.94
C GLN F 657 -87.20 0.73 -58.27
N ILE F 658 -87.30 0.78 -56.94
CA ILE F 658 -88.03 -0.27 -56.22
C ILE F 658 -89.49 -0.26 -56.62
N ALA F 659 -90.11 0.93 -56.66
CA ALA F 659 -91.50 1.02 -57.08
C ALA F 659 -91.66 0.61 -58.54
N SER F 660 -90.69 0.99 -59.39
CA SER F 660 -90.76 0.62 -60.79
C SER F 660 -90.58 -0.88 -61.01
N ASP F 661 -90.01 -1.60 -60.04
CA ASP F 661 -89.71 -3.01 -60.24
C ASP F 661 -90.98 -3.83 -60.46
N GLY F 662 -92.02 -3.56 -59.69
CA GLY F 662 -93.20 -4.41 -59.74
C GLY F 662 -94.43 -3.73 -60.30
N GLN F 663 -94.26 -2.97 -61.38
CA GLN F 663 -95.32 -2.16 -61.94
C GLN F 663 -96.00 -2.91 -63.08
N GLY F 664 -97.34 -2.98 -63.02
CA GLY F 664 -98.11 -3.38 -64.19
C GLY F 664 -98.85 -4.70 -64.15
N ALA F 665 -100.15 -4.63 -63.89
CA ALA F 665 -101.10 -5.72 -64.17
C ALA F 665 -100.70 -7.03 -63.49
N HIS F 666 -100.74 -7.00 -62.16
CA HIS F 666 -100.42 -8.15 -61.33
C HIS F 666 -101.63 -8.51 -60.47
N PRO F 667 -101.69 -9.75 -59.96
CA PRO F 667 -102.82 -10.15 -59.12
C PRO F 667 -103.05 -9.25 -57.92
N ILE F 668 -101.99 -8.69 -57.33
CA ILE F 668 -102.16 -7.75 -56.22
C ILE F 668 -102.94 -6.52 -56.66
N ALA F 669 -102.61 -5.96 -57.82
CA ALA F 669 -103.31 -4.79 -58.31
C ALA F 669 -104.77 -5.09 -58.61
N ALA F 670 -105.10 -6.34 -58.95
CA ALA F 670 -106.48 -6.68 -59.21
C ALA F 670 -107.34 -6.54 -57.97
N ALA F 671 -106.81 -6.93 -56.80
CA ALA F 671 -107.57 -6.81 -55.57
C ALA F 671 -107.88 -5.36 -55.25
N ILE F 672 -106.90 -4.47 -55.41
CA ILE F 672 -107.13 -3.06 -55.15
C ILE F 672 -108.08 -2.47 -56.19
N ASP F 673 -107.94 -2.90 -57.45
CA ASP F 673 -108.80 -2.38 -58.50
C ASP F 673 -110.27 -2.75 -58.26
N GLN F 674 -110.51 -3.99 -57.84
CA GLN F 674 -111.88 -4.41 -57.58
C GLN F 674 -112.50 -3.58 -56.47
N LEU F 675 -111.75 -3.29 -55.41
CA LEU F 675 -112.26 -2.47 -54.32
C LEU F 675 -112.35 -1.00 -54.69
N ARG F 676 -111.55 -0.51 -55.63
CA ARG F 676 -111.63 0.87 -56.05
C ARG F 676 -112.70 1.10 -57.12
N THR F 677 -113.18 0.02 -57.73
CA THR F 677 -114.30 0.16 -58.70
C THR F 677 -115.51 0.72 -57.95
N ILE F 678 -116.00 -0.01 -56.95
CA ILE F 678 -117.20 0.42 -56.17
C ILE F 678 -116.91 1.76 -55.48
N VAL F 679 -115.67 1.96 -55.03
CA VAL F 679 -115.31 3.23 -54.32
C VAL F 679 -115.64 4.41 -55.24
N TYR F 680 -115.19 4.35 -56.50
CA TYR F 680 -115.50 5.42 -57.48
C TYR F 680 -116.97 5.34 -57.87
N ARG F 681 -117.55 4.12 -57.87
CA ARG F 681 -118.95 3.95 -58.32
C ARG F 681 -119.90 4.82 -57.48
N GLU F 682 -119.81 4.76 -56.15
CA GLU F 682 -120.77 5.51 -55.30
C GLU F 682 -120.03 6.28 -54.20
N PRO F 683 -120.20 7.63 -54.10
CA PRO F 683 -119.59 8.40 -53.02
C PRO F 683 -120.51 8.43 -51.79
N GLU F 684 -121.79 8.10 -51.99
CA GLU F 684 -122.78 8.13 -50.87
C GLU F 684 -122.39 7.08 -49.82
N ARG F 685 -121.88 5.92 -50.26
CA ARG F 685 -121.42 4.88 -49.30
C ARG F 685 -120.33 5.49 -48.41
N PHE F 686 -119.63 6.50 -48.91
CA PHE F 686 -118.60 7.19 -48.09
C PHE F 686 -119.05 8.65 -47.95
N GLY F 687 -118.13 9.60 -48.08
CA GLY F 687 -118.52 11.03 -48.04
C GLY F 687 -117.56 11.88 -48.84
N TYR F 688 -117.79 12.02 -50.15
CA TYR F 688 -116.80 12.77 -50.97
C TYR F 688 -117.43 13.38 -52.23
N ILE F 689 -118.66 13.91 -52.15
CA ILE F 689 -119.23 14.65 -53.32
C ILE F 689 -118.07 15.01 -54.19
N ASP F 690 -117.89 14.23 -55.20
CA ASP F 690 -116.86 14.50 -56.20
C ASP F 690 -116.60 15.99 -56.37
N SER F 691 -117.65 16.80 -56.37
CA SER F 691 -117.48 18.24 -56.54
C SER F 691 -118.71 18.96 -56.00
N VAL F 692 -118.56 20.26 -55.80
CA VAL F 692 -119.59 21.11 -55.22
C VAL F 692 -119.73 22.35 -56.08
N ILE F 693 -120.97 22.78 -56.32
CA ILE F 693 -121.25 23.92 -57.18
C ILE F 693 -121.80 25.06 -56.34
N LEU F 694 -121.50 26.29 -56.76
CA LEU F 694 -122.01 27.49 -56.12
C LEU F 694 -122.61 28.40 -57.19
N THR F 695 -123.68 29.12 -56.81
CA THR F 695 -124.36 30.05 -57.74
C THR F 695 -125.30 30.97 -56.94
N HIS F 696 -125.50 32.21 -57.39
CA HIS F 696 -126.42 33.14 -56.69
C HIS F 696 -127.87 32.67 -56.88
N ASN F 697 -128.20 32.13 -58.05
CA ASN F 697 -129.59 31.67 -58.33
C ASN F 697 -129.61 30.15 -58.62
N PRO F 698 -129.89 29.22 -57.66
CA PRO F 698 -129.91 27.80 -58.00
C PRO F 698 -131.12 27.45 -58.86
N ASP F 699 -130.95 26.43 -59.68
CA ASP F 699 -131.99 25.94 -60.58
C ASP F 699 -132.39 24.54 -60.12
N VAL F 700 -133.50 24.46 -59.41
CA VAL F 700 -134.01 23.16 -58.97
C VAL F 700 -134.37 22.33 -60.19
N ASP F 701 -133.97 21.06 -60.18
CA ASP F 701 -134.14 20.20 -61.35
C ASP F 701 -135.58 19.74 -61.54
N THR F 702 -136.40 19.75 -60.47
CA THR F 702 -137.79 19.35 -60.52
C THR F 702 -137.99 17.91 -60.97
N ALA F 703 -136.89 17.19 -61.23
CA ALA F 703 -136.99 15.77 -61.48
C ALA F 703 -136.93 14.95 -60.20
N TYR F 704 -136.59 15.59 -59.08
CA TYR F 704 -136.53 14.92 -57.79
C TYR F 704 -137.59 15.44 -56.83
N ASN F 705 -138.43 16.37 -57.26
CA ASN F 705 -139.49 16.88 -56.40
C ASN F 705 -140.52 15.83 -56.04
N ARG F 706 -140.56 14.72 -56.77
CA ARG F 706 -141.49 13.65 -56.46
C ARG F 706 -141.16 12.96 -55.13
N PHE F 707 -139.93 13.09 -54.67
CA PHE F 707 -139.50 12.40 -53.45
C PHE F 707 -139.18 13.31 -52.29
N PHE F 708 -138.72 14.54 -52.55
CA PHE F 708 -138.35 15.46 -51.49
C PHE F 708 -139.05 16.79 -51.68
N HIS F 709 -139.22 17.52 -50.58
CA HIS F 709 -139.79 18.86 -50.66
C HIS F 709 -138.70 19.91 -50.84
N LEU F 710 -137.65 19.83 -50.03
CA LEU F 710 -136.48 20.71 -50.16
C LEU F 710 -135.25 19.84 -50.31
N HIS F 711 -134.42 20.13 -51.32
CA HIS F 711 -133.26 19.32 -51.59
C HIS F 711 -132.16 20.16 -52.23
N PRO F 712 -130.91 19.96 -51.83
CA PRO F 712 -129.81 20.74 -52.39
C PRO F 712 -129.38 20.34 -53.79
N ILE F 713 -130.21 19.51 -54.45
CA ILE F 713 -129.87 19.01 -55.80
C ILE F 713 -130.12 20.13 -56.81
N VAL F 714 -129.15 20.36 -57.70
CA VAL F 714 -129.28 21.45 -58.66
C VAL F 714 -128.76 21.00 -60.01
N THR F 715 -129.17 21.70 -61.06
CA THR F 715 -128.71 21.45 -62.42
C THR F 715 -128.24 22.76 -63.04
N ASN F 716 -126.98 23.10 -62.81
CA ASN F 716 -126.36 24.28 -63.40
C ASN F 716 -125.12 23.87 -64.18
N GLN F 717 -125.05 24.26 -65.43
CA GLN F 717 -123.88 23.98 -66.23
C GLN F 717 -122.71 24.82 -65.72
N PRO F 718 -121.61 24.21 -65.31
CA PRO F 718 -120.54 24.98 -64.70
C PRO F 718 -119.83 25.88 -65.69
N SER F 719 -119.30 26.98 -65.18
CA SER F 719 -118.41 27.86 -65.92
C SER F 719 -117.28 28.28 -64.99
N ASN F 720 -116.07 28.39 -65.54
CA ASN F 720 -114.88 28.70 -64.74
C ASN F 720 -114.72 27.71 -63.59
N THR F 721 -114.51 26.45 -63.95
CA THR F 721 -114.23 25.44 -62.94
C THR F 721 -112.88 25.70 -62.29
N ILE F 722 -112.75 25.29 -61.04
CA ILE F 722 -111.53 25.46 -60.27
C ILE F 722 -110.97 24.09 -59.94
N LYS F 723 -109.68 23.89 -60.24
CA LYS F 723 -109.08 22.57 -60.17
C LYS F 723 -108.61 22.19 -58.77
N ASN F 724 -108.74 23.08 -57.79
CA ASN F 724 -108.31 22.75 -56.44
C ASN F 724 -109.05 23.65 -55.46
N ALA F 725 -109.45 23.07 -54.33
CA ALA F 725 -110.20 23.84 -53.34
C ALA F 725 -109.36 24.90 -52.65
N GLN F 726 -108.07 24.68 -52.49
CA GLN F 726 -107.21 25.66 -51.85
C GLN F 726 -107.09 26.94 -52.68
N LEU F 727 -107.24 26.85 -54.00
CA LEU F 727 -107.20 28.04 -54.83
C LEU F 727 -108.39 28.96 -54.59
N TRP F 728 -109.47 28.43 -54.00
CA TRP F 728 -110.61 29.26 -53.64
C TRP F 728 -110.45 29.93 -52.30
N ASN F 729 -109.82 29.25 -51.34
CA ASN F 729 -109.66 29.83 -50.01
C ASN F 729 -108.64 30.95 -50.01
N GLU F 730 -107.57 30.82 -50.80
CA GLU F 730 -106.52 31.83 -50.81
C GLU F 730 -106.88 33.05 -51.64
N MET F 731 -107.99 33.02 -52.38
CA MET F 731 -108.34 34.13 -53.24
C MET F 731 -108.82 35.32 -52.41
N ARG F 732 -108.75 36.50 -53.01
CA ARG F 732 -109.26 37.72 -52.41
C ARG F 732 -110.77 37.83 -52.64
N LEU F 733 -111.44 38.56 -51.74
CA LEU F 733 -112.89 38.57 -51.74
C LEU F 733 -113.45 39.15 -53.04
N GLU F 734 -112.84 40.23 -53.53
CA GLU F 734 -113.35 40.85 -54.76
C GLU F 734 -113.25 39.91 -55.94
N GLN F 735 -112.16 39.15 -56.05
CA GLN F 735 -112.04 38.17 -57.13
C GLN F 735 -113.09 37.08 -56.98
N GLN F 736 -113.39 36.68 -55.76
CA GLN F 736 -114.44 35.68 -55.55
C GLN F 736 -115.79 36.21 -56.02
N VAL F 737 -116.10 37.46 -55.68
CA VAL F 737 -117.38 38.03 -56.10
C VAL F 737 -117.44 38.16 -57.62
N GLU F 738 -116.31 38.52 -58.24
CA GLU F 738 -116.27 38.57 -59.70
C GLU F 738 -116.52 37.20 -60.30
N HIS F 739 -115.90 36.17 -59.72
CA HIS F 739 -116.09 34.82 -60.24
C HIS F 739 -117.54 34.39 -60.11
N ILE F 740 -118.18 34.67 -58.97
CA ILE F 740 -119.52 34.17 -58.72
C ILE F 740 -120.53 34.86 -59.64
N LYS F 741 -120.41 36.17 -59.80
CA LYS F 741 -121.38 36.93 -60.58
C LYS F 741 -121.34 36.61 -62.05
N ALA F 742 -120.28 35.97 -62.54
CA ALA F 742 -120.20 35.60 -63.94
C ALA F 742 -121.03 34.36 -64.27
N GLY F 743 -121.50 33.63 -63.26
CA GLY F 743 -122.22 32.40 -63.47
C GLY F 743 -121.84 31.37 -62.44
N PRO F 744 -122.45 30.19 -62.53
CA PRO F 744 -122.14 29.13 -61.57
C PRO F 744 -120.68 28.71 -61.66
N VAL F 745 -120.10 28.38 -60.52
CA VAL F 745 -118.70 28.00 -60.42
C VAL F 745 -118.61 26.65 -59.71
N ARG F 746 -117.80 25.75 -60.25
CA ARG F 746 -117.62 24.41 -59.72
C ARG F 746 -116.26 24.31 -59.05
N ILE F 747 -116.22 23.70 -57.87
CA ILE F 747 -114.97 23.42 -57.17
C ILE F 747 -114.75 21.91 -57.17
N ILE F 748 -113.62 21.49 -57.69
CA ILE F 748 -113.27 20.08 -57.77
C ILE F 748 -112.41 19.73 -56.57
N GLY F 749 -112.78 18.66 -55.87
CA GLY F 749 -112.04 18.21 -54.72
C GLY F 749 -112.90 17.35 -53.82
N PRO F 750 -112.31 16.30 -53.26
CA PRO F 750 -113.07 15.42 -52.35
C PRO F 750 -113.45 16.16 -51.08
N PHE F 751 -114.74 16.17 -50.79
CA PHE F 751 -115.28 16.79 -49.58
C PHE F 751 -115.98 15.73 -48.74
N HIS F 752 -115.70 15.74 -47.44
CA HIS F 752 -116.46 14.89 -46.53
C HIS F 752 -117.89 15.38 -46.45
N VAL F 753 -118.87 14.50 -46.68
CA VAL F 753 -120.28 14.99 -46.73
C VAL F 753 -121.15 14.20 -45.74
N THR F 754 -122.17 14.85 -45.18
CA THR F 754 -123.11 14.15 -44.25
C THR F 754 -124.55 14.49 -44.65
N TYR F 755 -125.01 13.91 -45.76
CA TYR F 755 -126.40 14.19 -46.24
C TYR F 755 -127.39 13.85 -45.13
N ASN F 756 -128.23 14.83 -44.76
CA ASN F 756 -129.19 14.63 -43.66
C ASN F 756 -130.58 14.59 -44.25
N TYR F 757 -131.21 13.42 -44.31
CA TYR F 757 -132.61 13.32 -44.81
C TYR F 757 -133.52 13.63 -43.64
N LEU F 758 -134.40 14.60 -43.76
CA LEU F 758 -135.26 15.09 -42.67
C LEU F 758 -136.67 14.88 -43.11
N SER F 759 -137.62 14.92 -42.19
CA SER F 759 -139.04 14.78 -42.55
C SER F 759 -139.67 16.14 -42.38
N GLU F 760 -140.96 16.18 -42.14
CA GLU F 760 -141.51 17.52 -42.17
C GLU F 760 -141.76 18.05 -40.76
N GLU F 761 -142.29 17.21 -39.88
CA GLU F 761 -142.69 17.67 -38.55
C GLU F 761 -141.50 18.21 -37.76
N GLU F 762 -140.39 17.48 -37.76
CA GLU F 762 -139.26 17.83 -36.91
C GLU F 762 -138.50 19.03 -37.48
N ASP F 763 -137.76 19.69 -36.59
CA ASP F 763 -137.01 20.88 -36.97
C ASP F 763 -135.78 20.50 -37.81
N MET F 764 -135.22 21.50 -38.47
CA MET F 764 -134.03 21.31 -39.28
C MET F 764 -132.80 21.81 -38.55
N PRO F 765 -131.79 20.98 -38.32
CA PRO F 765 -130.57 21.44 -37.65
C PRO F 765 -129.86 22.51 -38.48
N ALA F 766 -129.24 23.46 -37.78
CA ALA F 766 -128.49 24.51 -38.43
C ALA F 766 -127.15 23.98 -38.97
N THR F 767 -126.72 24.53 -40.10
CA THR F 767 -125.46 24.16 -40.70
C THR F 767 -124.66 25.41 -41.01
N SER F 768 -123.34 25.26 -40.97
CA SER F 768 -122.40 26.31 -41.34
C SER F 768 -121.72 25.89 -42.62
N HIS F 769 -122.07 26.54 -43.73
CA HIS F 769 -121.53 26.15 -45.03
C HIS F 769 -120.27 26.94 -45.39
N ILE F 770 -120.29 28.25 -45.17
CA ILE F 770 -119.15 29.11 -45.48
C ILE F 770 -118.87 30.00 -44.28
N ILE F 771 -117.61 30.10 -43.92
CA ILE F 771 -117.17 31.01 -42.86
C ILE F 771 -116.80 32.34 -43.50
N MET F 772 -117.13 33.43 -42.82
CA MET F 772 -117.00 34.76 -43.42
C MET F 772 -116.12 35.68 -42.58
N LYS F 773 -114.93 35.19 -42.20
CA LYS F 773 -113.99 36.05 -41.48
C LYS F 773 -113.57 37.24 -42.31
N ASP F 774 -112.92 37.00 -43.45
CA ASP F 774 -112.61 38.06 -44.40
C ASP F 774 -112.91 37.71 -45.85
N ASN F 775 -113.03 36.44 -46.21
CA ASN F 775 -113.44 36.02 -47.54
C ASN F 775 -114.23 34.73 -47.40
N MET F 776 -115.02 34.43 -48.43
CA MET F 776 -115.89 33.25 -48.37
C MET F 776 -115.06 31.99 -48.43
N ILE F 777 -114.76 31.42 -47.26
CA ILE F 777 -113.98 30.20 -47.17
C ILE F 777 -114.93 29.02 -47.13
N LEU F 778 -114.53 27.92 -47.79
CA LEU F 778 -115.37 26.74 -47.90
C LEU F 778 -114.85 25.66 -46.97
N ASN F 779 -115.70 25.16 -46.09
CA ASN F 779 -115.17 24.05 -45.27
C ASN F 779 -114.82 22.95 -46.26
N ASP F 780 -114.19 21.88 -45.81
CA ASP F 780 -114.01 20.72 -46.70
C ASP F 780 -114.89 19.65 -46.09
N HIS F 781 -115.78 20.06 -45.21
CA HIS F 781 -116.70 19.13 -44.53
C HIS F 781 -118.08 19.74 -44.70
N LEU F 782 -118.62 19.69 -45.92
CA LEU F 782 -119.92 20.33 -46.22
C LEU F 782 -121.05 19.46 -45.71
N THR F 783 -122.26 19.99 -45.59
CA THR F 783 -123.43 19.19 -45.22
C THR F 783 -124.66 19.77 -45.87
N PHE F 784 -125.27 19.07 -46.82
CA PHE F 784 -126.46 19.55 -47.54
C PHE F 784 -127.68 18.94 -46.88
N ASN F 785 -128.86 19.55 -46.97
CA ASN F 785 -130.08 19.06 -46.28
C ASN F 785 -131.23 18.82 -47.26
N PHE F 786 -131.89 17.66 -47.23
CA PHE F 786 -133.00 17.29 -48.15
C PHE F 786 -134.27 16.99 -47.36
N VAL F 787 -135.44 17.56 -47.66
CA VAL F 787 -136.65 17.19 -46.88
C VAL F 787 -137.47 16.26 -47.74
N LYS F 788 -137.90 15.11 -47.23
CA LYS F 788 -138.55 14.07 -48.08
C LYS F 788 -140.06 14.24 -48.15
N ARG F 789 -140.68 13.86 -49.27
CA ARG F 789 -142.13 13.94 -49.47
C ARG F 789 -142.74 12.57 -49.15
N GLU F 790 -143.70 12.44 -48.23
CA GLU F 790 -144.19 11.07 -47.83
C GLU F 790 -145.72 10.93 -47.95
N ARG F 791 -146.36 9.86 -47.42
CA ARG F 791 -147.79 9.75 -47.69
C ARG F 791 -148.61 10.66 -46.79
N ARG F 792 -148.20 10.83 -45.53
CA ARG F 792 -149.01 11.62 -44.60
C ARG F 792 -149.12 13.07 -45.06
N ASN F 793 -148.02 13.65 -45.53
CA ASN F 793 -147.99 15.06 -45.92
C ASN F 793 -147.60 15.14 -47.40
N ASN F 794 -148.61 15.08 -48.26
CA ASN F 794 -148.40 15.15 -49.69
C ASN F 794 -149.33 16.22 -50.25
N LYS F 795 -149.09 16.58 -51.52
CA LYS F 795 -149.71 17.74 -52.18
C LYS F 795 -149.79 18.95 -51.25
N LYS F 796 -148.70 19.18 -50.51
CA LYS F 796 -148.61 20.30 -49.58
C LYS F 796 -147.33 21.07 -49.88
N ARG F 797 -147.43 22.40 -49.83
CA ARG F 797 -146.29 23.28 -50.03
C ARG F 797 -145.75 23.68 -48.66
N VAL F 798 -144.46 23.42 -48.43
CA VAL F 798 -143.89 23.66 -47.10
C VAL F 798 -143.49 25.13 -46.92
N SER F 799 -142.56 25.62 -47.75
CA SER F 799 -142.04 26.97 -47.61
C SER F 799 -141.15 27.25 -48.83
N SER F 800 -140.51 28.41 -48.80
CA SER F 800 -139.54 28.81 -49.82
C SER F 800 -140.10 28.70 -51.23
N TYR F 809 -125.21 34.77 -48.38
CA TYR F 809 -125.91 35.37 -49.49
C TYR F 809 -125.81 34.50 -50.73
N VAL F 810 -124.79 33.65 -50.76
CA VAL F 810 -124.59 32.71 -51.85
C VAL F 810 -125.14 31.36 -51.41
N ALA F 811 -125.35 30.48 -52.38
CA ALA F 811 -125.92 29.16 -52.14
C ALA F 811 -124.96 28.08 -52.61
N VAL F 812 -124.82 27.03 -51.81
CA VAL F 812 -123.97 25.89 -52.12
C VAL F 812 -124.86 24.68 -52.34
N ARG F 813 -124.67 24.02 -53.48
CA ARG F 813 -125.52 22.91 -53.87
C ARG F 813 -124.66 21.79 -54.44
N ILE F 814 -125.30 20.67 -54.77
CA ILE F 814 -124.64 19.50 -55.33
C ILE F 814 -125.38 19.07 -56.59
N SER F 815 -124.71 18.20 -57.36
CA SER F 815 -125.30 17.61 -58.55
C SER F 815 -124.94 16.14 -58.59
N ARG F 816 -125.62 15.40 -59.47
CA ARG F 816 -125.39 13.97 -59.66
C ARG F 816 -125.55 13.20 -58.35
N PHE F 817 -126.79 13.15 -57.88
CA PHE F 817 -127.16 12.31 -56.74
C PHE F 817 -127.85 11.05 -57.24
N GLN F 818 -127.48 9.92 -56.61
CA GLN F 818 -128.01 8.60 -57.05
C GLN F 818 -128.82 7.95 -55.94
N LEU F 819 -129.95 7.34 -56.28
CA LEU F 819 -130.81 6.63 -55.34
C LEU F 819 -131.54 5.53 -56.09
N GLU F 820 -132.17 4.63 -55.35
CA GLU F 820 -132.82 3.46 -55.92
C GLU F 820 -134.33 3.58 -55.76
N VAL F 821 -135.05 3.46 -56.85
CA VAL F 821 -136.51 3.38 -56.85
C VAL F 821 -136.90 1.94 -57.06
N LEU F 822 -137.84 1.46 -56.26
CA LEU F 822 -138.15 0.04 -56.22
C LEU F 822 -139.33 -0.35 -57.09
N ARG F 823 -140.44 0.38 -57.03
CA ARG F 823 -141.63 0.20 -57.85
C ARG F 823 -142.41 -1.07 -57.54
N ASP F 824 -141.93 -1.91 -56.64
CA ASP F 824 -142.63 -3.12 -56.25
C ASP F 824 -141.99 -3.70 -55.01
N LEU F 825 -142.82 -4.27 -54.13
CA LEU F 825 -142.31 -4.90 -52.92
C LEU F 825 -141.46 -6.12 -53.23
N HIS F 826 -141.67 -6.76 -54.38
CA HIS F 826 -140.92 -7.96 -54.70
C HIS F 826 -139.44 -7.70 -54.95
N ASP F 827 -139.05 -6.47 -55.23
CA ASP F 827 -137.65 -6.18 -55.53
C ASP F 827 -136.83 -5.91 -54.28
N LEU F 828 -137.42 -6.01 -53.10
CA LEU F 828 -136.68 -5.83 -51.86
C LEU F 828 -135.90 -7.07 -51.46
N VAL F 829 -136.10 -8.20 -52.12
CA VAL F 829 -135.46 -9.45 -51.72
C VAL F 829 -134.20 -9.68 -52.56
N ARG F 830 -133.09 -9.94 -51.87
CA ARG F 830 -131.81 -10.19 -52.52
C ARG F 830 -131.34 -11.59 -52.12
N SER F 831 -130.11 -11.95 -52.47
CA SER F 831 -129.60 -13.27 -52.17
C SER F 831 -128.19 -13.20 -51.60
N ARG F 832 -127.83 -14.22 -50.84
CA ARG F 832 -126.49 -14.38 -50.27
C ARG F 832 -125.96 -15.75 -50.66
N THR F 833 -124.85 -16.14 -50.01
CA THR F 833 -124.27 -17.47 -50.19
C THR F 833 -123.83 -17.99 -48.84
N TYR F 834 -124.21 -19.22 -48.51
CA TYR F 834 -123.86 -19.84 -47.25
C TYR F 834 -123.31 -21.23 -47.49
N LEU F 835 -122.37 -21.63 -46.64
CA LEU F 835 -121.87 -22.99 -46.68
C LEU F 835 -122.95 -23.97 -46.24
N ASP F 836 -122.94 -25.15 -46.86
CA ASP F 836 -123.91 -26.19 -46.55
C ASP F 836 -123.22 -27.25 -45.69
N VAL F 837 -123.23 -27.03 -44.37
CA VAL F 837 -122.64 -27.99 -43.45
C VAL F 837 -123.41 -29.30 -43.39
N SER F 838 -124.55 -29.39 -44.07
CA SER F 838 -125.29 -30.65 -44.12
C SER F 838 -124.47 -31.73 -44.80
N LYS F 839 -123.76 -31.40 -45.86
CA LYS F 839 -122.98 -32.38 -46.60
C LYS F 839 -121.55 -31.94 -46.88
N SER F 840 -121.14 -30.76 -46.43
CA SER F 840 -119.75 -30.31 -46.54
C SER F 840 -119.34 -29.75 -45.19
N PRO F 841 -119.12 -30.61 -44.20
CA PRO F 841 -118.85 -30.14 -42.85
C PRO F 841 -117.48 -29.48 -42.75
N LEU F 842 -117.24 -28.86 -41.60
CA LEU F 842 -115.98 -28.21 -41.31
C LEU F 842 -115.05 -29.16 -40.59
N ALA F 843 -113.78 -29.16 -41.01
CA ALA F 843 -112.79 -30.02 -40.38
C ALA F 843 -112.50 -29.52 -38.97
N THR F 844 -112.01 -30.43 -38.13
CA THR F 844 -111.74 -30.11 -36.74
C THR F 844 -110.28 -30.36 -36.39
N THR F 845 -109.68 -31.31 -37.12
CA THR F 845 -108.29 -31.72 -36.80
C THR F 845 -107.43 -31.73 -38.07
N PRO F 846 -106.12 -31.38 -38.03
CA PRO F 846 -105.24 -31.50 -39.21
C PRO F 846 -105.08 -32.95 -39.67
N ILE F 847 -104.25 -33.15 -40.68
CA ILE F 847 -104.11 -34.47 -41.29
C ILE F 847 -103.18 -35.39 -40.51
N ARG F 848 -102.20 -34.85 -39.78
CA ARG F 848 -101.24 -35.62 -39.00
C ARG F 848 -100.44 -36.55 -39.90
N VAL F 849 -99.64 -35.93 -40.76
CA VAL F 849 -98.81 -36.65 -41.72
C VAL F 849 -97.43 -36.88 -41.09
N VAL F 850 -96.91 -38.09 -41.25
CA VAL F 850 -95.56 -38.43 -40.81
C VAL F 850 -94.78 -38.95 -42.01
N GLU F 851 -93.47 -38.87 -41.93
CA GLU F 851 -92.61 -39.21 -43.05
C GLU F 851 -91.31 -39.81 -42.56
N TYR F 852 -90.64 -40.50 -43.47
CA TYR F 852 -89.33 -41.08 -43.23
C TYR F 852 -88.39 -40.62 -44.34
N VAL F 853 -87.11 -40.92 -44.17
CA VAL F 853 -86.11 -40.59 -45.16
C VAL F 853 -85.80 -41.83 -45.99
N ARG F 854 -85.74 -41.66 -47.30
CA ARG F 854 -85.40 -42.76 -48.19
C ARG F 854 -83.95 -43.18 -48.01
N LEU G 61 2.86 -56.84 9.72
CA LEU G 61 3.66 -57.97 9.27
C LEU G 61 5.01 -57.50 8.73
N ASP G 62 5.20 -56.18 8.69
CA ASP G 62 6.46 -55.61 8.21
C ASP G 62 7.46 -55.38 9.34
N ASN G 63 7.02 -54.78 10.43
CA ASN G 63 7.91 -54.52 11.57
C ASN G 63 8.09 -55.75 12.45
N VAL G 64 7.32 -56.82 12.22
CA VAL G 64 7.48 -58.02 13.04
C VAL G 64 8.86 -58.63 12.84
N ILE G 65 9.40 -58.55 11.62
CA ILE G 65 10.77 -58.99 11.39
C ILE G 65 11.78 -57.89 11.66
N LYS G 66 11.36 -56.61 11.60
CA LYS G 66 12.25 -55.53 11.98
C LYS G 66 12.66 -55.62 13.44
N GLN G 67 11.69 -55.88 14.33
CA GLN G 67 12.04 -56.01 15.73
C GLN G 67 12.96 -57.21 15.95
N ILE G 68 12.73 -58.29 15.20
CA ILE G 68 13.59 -59.46 15.34
C ILE G 68 15.02 -59.12 14.94
N GLU G 69 15.19 -58.43 13.82
CA GLU G 69 16.52 -58.04 13.38
C GLU G 69 17.17 -57.08 14.37
N ALA G 70 16.39 -56.13 14.90
CA ALA G 70 16.95 -55.16 15.83
C ALA G 70 17.44 -55.85 17.10
N LEU G 71 16.63 -56.73 17.67
CA LEU G 71 17.08 -57.46 18.85
C LEU G 71 18.23 -58.41 18.53
N SER G 72 18.26 -58.98 17.32
CA SER G 72 19.35 -59.87 16.95
C SER G 72 20.68 -59.12 16.90
N VAL G 73 20.68 -57.91 16.35
CA VAL G 73 21.91 -57.12 16.36
C VAL G 73 22.18 -56.49 17.71
N ILE G 74 21.15 -56.34 18.56
CA ILE G 74 21.38 -55.82 19.90
C ILE G 74 22.09 -56.86 20.77
N VAL G 75 21.65 -58.12 20.71
CA VAL G 75 22.22 -59.14 21.59
C VAL G 75 23.67 -59.46 21.25
N ASN G 76 24.15 -59.03 20.09
CA ASN G 76 25.55 -59.22 19.73
C ASN G 76 26.48 -58.32 20.51
N ARG G 77 25.96 -57.37 21.28
CA ARG G 77 26.77 -56.49 22.10
C ARG G 77 27.17 -57.11 23.43
N SER G 78 26.70 -58.32 23.72
CA SER G 78 27.07 -59.03 24.94
C SER G 78 28.35 -59.81 24.73
N GLU G 79 28.92 -60.30 25.84
CA GLU G 79 30.14 -61.10 25.75
C GLU G 79 29.84 -62.51 25.28
N LYS G 80 29.05 -63.25 26.07
CA LYS G 80 28.68 -64.64 25.76
C LYS G 80 29.91 -65.49 25.46
N ALA G 81 30.76 -65.63 26.49
CA ALA G 81 32.01 -66.37 26.33
C ALA G 81 31.74 -67.84 26.07
N ASP G 82 31.88 -68.26 24.81
CA ASP G 82 31.63 -69.65 24.45
C ASP G 82 32.72 -70.55 24.98
N ASP G 83 32.34 -71.75 25.39
CA ASP G 83 33.28 -72.76 25.88
C ASP G 83 33.82 -73.52 24.67
N ALA G 84 34.85 -72.94 24.06
CA ALA G 84 35.51 -73.55 22.92
C ALA G 84 36.97 -73.14 22.92
N GLN G 85 37.79 -73.93 22.23
CA GLN G 85 39.22 -73.70 22.02
C GLN G 85 40.04 -73.81 23.30
N ILE G 86 39.41 -74.07 24.45
CA ILE G 86 40.11 -74.20 25.72
C ILE G 86 39.70 -75.53 26.33
N LEU G 87 40.68 -76.30 26.77
CA LEU G 87 40.46 -77.63 27.31
C LEU G 87 40.77 -77.64 28.81
N GLY G 88 40.38 -78.73 29.45
CA GLY G 88 40.57 -78.86 30.89
C GLY G 88 41.07 -80.23 31.29
N PRO G 89 41.57 -80.35 32.52
CA PRO G 89 42.06 -81.64 33.00
C PRO G 89 40.93 -82.66 33.12
N ASN G 90 41.29 -83.93 32.93
CA ASN G 90 40.33 -85.02 33.02
C ASN G 90 41.05 -86.30 33.37
N THR G 91 40.28 -87.29 33.81
CA THR G 91 40.81 -88.58 34.20
C THR G 91 39.87 -89.69 33.76
N TYR G 92 40.42 -90.88 33.57
CA TYR G 92 39.61 -92.03 33.19
C TYR G 92 38.73 -92.46 34.36
N LYS G 93 37.51 -92.86 34.05
CA LYS G 93 36.61 -93.40 35.05
C LYS G 93 36.81 -94.91 35.19
N GLN G 94 36.59 -95.41 36.40
CA GLN G 94 36.87 -96.80 36.72
C GLN G 94 35.64 -97.65 36.48
N LEU G 95 35.84 -98.85 35.93
CA LEU G 95 34.77 -99.80 35.68
C LEU G 95 34.74 -100.86 36.79
N LEU G 96 33.81 -101.79 36.67
CA LEU G 96 33.65 -102.88 37.62
C LEU G 96 34.16 -104.17 37.00
N GLU G 97 35.01 -104.89 37.74
CA GLU G 97 35.61 -106.11 37.24
C GLU G 97 35.32 -107.33 38.11
N HIS G 98 35.53 -107.26 39.42
CA HIS G 98 35.13 -108.31 40.36
C HIS G 98 35.76 -109.65 39.97
N LEU G 99 37.08 -109.70 40.10
CA LEU G 99 37.84 -110.90 39.77
C LEU G 99 37.98 -111.80 40.99
N PHE G 100 38.21 -113.09 40.73
CA PHE G 100 38.41 -114.08 41.76
C PHE G 100 39.37 -115.15 41.26
N SER G 101 39.66 -116.13 42.10
CA SER G 101 40.60 -117.19 41.74
C SER G 101 40.14 -118.54 42.26
N PRO G 102 40.07 -119.55 41.40
CA PRO G 102 39.65 -120.87 41.86
C PRO G 102 40.75 -121.66 42.55
N GLU G 103 41.98 -121.53 42.07
CA GLU G 103 43.11 -122.23 42.67
C GLU G 103 44.40 -121.50 42.30
N GLU G 104 45.53 -122.15 42.52
CA GLU G 104 46.82 -121.50 42.35
C GLU G 104 47.10 -121.21 40.87
N ASN G 105 47.64 -120.03 40.60
CA ASN G 105 48.14 -119.63 39.29
C ASN G 105 47.06 -119.64 38.22
N VAL G 106 45.80 -119.45 38.60
CA VAL G 106 44.72 -119.21 37.65
C VAL G 106 43.85 -118.08 38.20
N TYR G 107 43.60 -117.06 37.38
CA TYR G 107 42.82 -115.92 37.80
C TYR G 107 41.75 -115.64 36.74
N ILE G 108 40.55 -115.31 37.21
CA ILE G 108 39.39 -115.16 36.36
C ILE G 108 38.91 -113.72 36.42
N LEU G 109 38.63 -113.13 35.27
CA LEU G 109 38.04 -111.80 35.18
C LEU G 109 36.57 -111.96 34.81
N LEU G 110 35.69 -111.73 35.75
CA LEU G 110 34.26 -111.91 35.50
C LEU G 110 33.72 -110.74 34.69
N PRO G 111 33.08 -111.01 33.55
CA PRO G 111 32.46 -109.92 32.78
C PRO G 111 31.21 -109.41 33.48
N ILE G 112 31.22 -108.12 33.84
CA ILE G 112 30.11 -107.49 34.54
C ILE G 112 29.51 -106.44 33.62
N GLN G 113 28.18 -106.37 33.61
CA GLN G 113 27.48 -105.43 32.73
C GLN G 113 27.93 -104.00 33.00
N ALA G 114 28.20 -103.27 31.93
CA ALA G 114 28.67 -101.89 32.01
C ALA G 114 27.56 -100.87 31.80
N TYR G 115 26.86 -100.94 30.67
CA TYR G 115 25.77 -100.02 30.36
C TYR G 115 24.46 -100.80 30.25
N THR G 116 23.44 -100.32 30.95
CA THR G 116 22.15 -100.98 30.98
C THR G 116 21.26 -100.62 29.79
N GLY G 117 21.80 -99.91 28.80
CA GLY G 117 21.00 -99.52 27.67
C GLY G 117 20.58 -100.70 26.82
N GLY G 118 19.66 -100.43 25.91
CA GLY G 118 19.18 -101.46 25.01
C GLY G 118 17.67 -101.59 25.05
N VAL G 119 17.07 -101.69 23.87
CA VAL G 119 15.62 -101.86 23.77
C VAL G 119 15.34 -102.72 22.54
N ILE G 120 14.51 -103.74 22.74
CA ILE G 120 14.35 -104.81 21.75
C ILE G 120 13.56 -104.32 20.56
N ASP G 121 14.03 -104.66 19.37
CA ASP G 121 13.30 -104.39 18.13
C ASP G 121 12.17 -105.40 18.04
N ARG G 122 10.95 -104.94 18.34
CA ARG G 122 9.80 -105.84 18.29
C ARG G 122 9.50 -106.32 16.88
N ARG G 123 9.70 -105.46 15.88
CA ARG G 123 9.45 -105.86 14.50
C ARG G 123 10.32 -107.03 14.06
N ASP G 124 11.48 -107.22 14.72
CA ASP G 124 12.37 -108.34 14.44
C ASP G 124 12.80 -108.38 12.98
N ALA G 125 12.96 -107.21 12.37
CA ALA G 125 13.42 -107.16 10.99
C ALA G 125 14.83 -107.73 10.85
N SER G 126 15.71 -107.40 11.79
CA SER G 126 17.10 -107.86 11.73
C SER G 126 17.68 -107.83 13.13
N PHE G 127 19.00 -107.95 13.22
CA PHE G 127 19.73 -107.95 14.48
C PHE G 127 20.66 -106.75 14.62
N SER G 128 21.18 -106.21 13.52
CA SER G 128 22.14 -105.12 13.59
C SER G 128 21.53 -103.86 14.18
N ASN G 129 20.20 -103.70 14.09
CA ASN G 129 19.57 -102.51 14.64
C ASN G 129 19.75 -102.45 16.15
N PHE G 130 19.69 -103.59 16.82
CA PHE G 130 19.90 -103.64 18.27
C PHE G 130 21.30 -103.14 18.62
N ALA G 131 22.31 -103.65 17.91
CA ALA G 131 23.68 -103.22 18.17
C ALA G 131 23.85 -101.74 17.88
N TYR G 132 23.26 -101.26 16.79
CA TYR G 132 23.38 -99.83 16.49
C TYR G 132 22.74 -98.99 17.57
N SER G 133 21.58 -99.40 18.08
CA SER G 133 20.92 -98.64 19.13
C SER G 133 21.76 -98.58 20.39
N ILE G 134 22.28 -99.73 20.84
CA ILE G 134 23.07 -99.74 22.05
C ILE G 134 24.34 -98.92 21.86
N ALA G 135 24.98 -99.04 20.70
CA ALA G 135 26.20 -98.29 20.45
C ALA G 135 25.94 -96.78 20.44
N SER G 136 24.87 -96.35 19.76
CA SER G 136 24.57 -94.93 19.71
C SER G 136 24.27 -94.37 21.09
N LYS G 137 23.46 -95.09 21.88
CA LYS G 137 23.16 -94.59 23.22
C LYS G 137 24.42 -94.51 24.07
N LEU G 138 25.25 -95.56 24.04
CA LEU G 138 26.45 -95.56 24.86
C LEU G 138 27.43 -94.46 24.44
N MET G 139 27.63 -94.27 23.14
CA MET G 139 28.57 -93.25 22.70
C MET G 139 28.05 -91.84 22.97
N MET G 140 26.74 -91.63 22.83
CA MET G 140 26.18 -90.32 23.17
C MET G 140 26.36 -90.04 24.65
N GLU G 141 26.20 -91.05 25.51
CA GLU G 141 26.47 -90.85 26.93
C GLU G 141 27.94 -90.56 27.19
N LEU G 142 28.83 -91.30 26.53
CA LEU G 142 30.27 -91.16 26.79
C LEU G 142 30.78 -89.80 26.35
N SER G 143 30.36 -89.33 25.18
CA SER G 143 30.86 -88.05 24.66
C SER G 143 30.45 -86.87 25.54
N ALA G 144 29.42 -87.04 26.37
CA ALA G 144 29.00 -85.96 27.26
C ALA G 144 29.89 -85.83 28.48
N ALA G 145 30.81 -86.77 28.72
CA ALA G 145 31.72 -86.69 29.83
C ALA G 145 33.08 -86.13 29.47
N THR G 146 33.45 -86.15 28.19
CA THR G 146 34.70 -85.59 27.72
C THR G 146 34.44 -84.51 26.69
N HIS G 147 33.50 -83.61 27.00
CA HIS G 147 33.04 -82.62 26.02
C HIS G 147 34.19 -81.74 25.56
N ASN G 148 34.94 -81.16 26.50
CA ASN G 148 36.07 -80.29 26.19
C ASN G 148 37.23 -80.61 27.12
N LYS G 149 37.52 -81.90 27.28
CA LYS G 149 38.51 -82.34 28.24
C LYS G 149 39.46 -83.34 27.60
N ILE G 150 40.70 -83.35 28.10
CA ILE G 150 41.71 -84.32 27.68
C ILE G 150 42.22 -85.03 28.93
N PHE G 151 42.36 -86.35 28.85
CA PHE G 151 42.84 -87.14 29.97
C PHE G 151 44.29 -86.84 30.28
N THR G 152 44.56 -86.20 31.42
CA THR G 152 45.92 -85.89 31.82
C THR G 152 46.25 -86.21 33.27
N ASP G 153 45.28 -86.41 34.15
CA ASP G 153 45.53 -86.59 35.56
C ASP G 153 45.48 -88.07 35.93
N TYR G 154 46.54 -88.56 36.56
CA TYR G 154 46.61 -89.95 36.97
C TYR G 154 47.40 -90.04 38.27
N THR G 155 47.18 -91.13 38.99
CA THR G 155 47.80 -91.33 40.31
C THR G 155 49.22 -91.83 40.12
N ARG G 156 50.17 -91.15 40.77
CA ARG G 156 51.57 -91.51 40.77
C ARG G 156 52.02 -91.75 42.21
N ILE G 157 53.29 -92.10 42.38
CA ILE G 157 53.83 -92.23 43.73
C ILE G 157 54.87 -91.15 43.97
N ALA G 158 56.01 -91.26 43.29
CA ALA G 158 57.13 -90.35 43.46
C ALA G 158 58.28 -90.77 42.55
N ALA G 159 59.34 -89.97 42.52
CA ALA G 159 60.62 -90.39 41.95
C ALA G 159 61.69 -89.73 42.82
N SER G 160 62.12 -90.43 43.87
CA SER G 160 62.99 -89.83 44.89
C SER G 160 63.98 -90.86 45.40
N ALA G 161 65.17 -90.91 44.78
CA ALA G 161 66.32 -91.66 45.27
C ALA G 161 66.07 -93.16 45.27
N LEU G 162 64.84 -93.56 44.98
CA LEU G 162 64.45 -94.93 44.75
C LEU G 162 64.27 -95.10 43.24
N GLY G 163 63.72 -96.25 42.83
CA GLY G 163 63.43 -96.47 41.43
C GLY G 163 62.61 -95.35 40.82
N PRO G 164 62.55 -95.30 39.50
CA PRO G 164 61.88 -94.18 38.82
C PRO G 164 60.40 -94.10 39.14
N GLU G 165 59.72 -93.10 38.59
CA GLU G 165 58.32 -92.89 38.86
C GLU G 165 57.51 -94.13 38.52
N ILE G 166 56.72 -94.60 39.50
CA ILE G 166 55.85 -95.75 39.32
C ILE G 166 54.41 -95.27 39.44
N SER G 167 53.49 -96.11 38.96
CA SER G 167 52.09 -95.74 38.88
C SER G 167 51.24 -96.76 39.62
N THR G 168 50.27 -96.27 40.37
CA THR G 168 49.24 -97.09 41.00
C THR G 168 47.91 -96.48 40.59
N GLU G 169 47.41 -96.89 39.43
CA GLU G 169 46.26 -96.22 38.85
C GLU G 169 45.03 -97.11 38.75
N GLY G 170 45.19 -98.40 38.51
CA GLY G 170 44.04 -99.29 38.48
C GLY G 170 43.53 -99.61 39.86
N MET G 171 43.11 -100.85 40.10
CA MET G 171 42.79 -101.25 41.45
C MET G 171 44.06 -101.25 42.30
N PRO G 172 43.96 -100.91 43.58
CA PRO G 172 45.12 -101.04 44.46
C PRO G 172 45.59 -102.49 44.51
N LEU G 173 46.91 -102.67 44.46
CA LEU G 173 47.47 -104.01 44.44
C LEU G 173 47.32 -104.73 45.77
N PHE G 174 47.21 -103.99 46.87
CA PHE G 174 47.04 -104.63 48.17
C PHE G 174 45.72 -105.39 48.27
N SER G 175 44.65 -104.82 47.70
CA SER G 175 43.35 -105.46 47.78
C SER G 175 43.30 -106.79 47.05
N LEU G 176 44.25 -107.03 46.13
CA LEU G 176 44.30 -108.32 45.45
C LEU G 176 44.58 -109.45 46.43
N ILE G 177 45.29 -109.17 47.52
CA ILE G 177 45.56 -110.20 48.52
C ILE G 177 44.25 -110.74 49.08
N GLU G 178 43.33 -109.84 49.42
CA GLU G 178 42.05 -110.28 49.97
C GLU G 178 41.13 -110.82 48.89
N SER G 179 41.12 -110.21 47.71
CA SER G 179 40.19 -110.62 46.67
C SER G 179 40.53 -111.99 46.13
N LEU G 180 41.80 -112.24 45.85
CA LEU G 180 42.23 -113.49 45.23
C LEU G 180 42.60 -114.56 46.24
N GLU G 181 42.68 -114.22 47.53
CA GLU G 181 43.07 -115.16 48.57
C GLU G 181 44.40 -115.84 48.22
N LEU G 182 45.35 -115.03 47.79
CA LEU G 182 46.64 -115.55 47.37
C LEU G 182 47.39 -116.16 48.55
N THR G 183 48.24 -117.14 48.25
CA THR G 183 49.07 -117.76 49.26
C THR G 183 50.37 -117.00 49.44
N GLU G 184 51.23 -117.50 50.33
CA GLU G 184 52.48 -116.82 50.64
C GLU G 184 53.49 -116.90 49.50
N ALA G 185 53.28 -117.77 48.51
CA ALA G 185 54.21 -117.85 47.39
C ALA G 185 53.93 -116.77 46.36
N GLU G 186 52.66 -116.64 45.95
CA GLU G 186 52.30 -115.59 45.00
C GLU G 186 52.33 -114.20 45.63
N THR G 187 52.30 -114.11 46.95
CA THR G 187 52.38 -112.82 47.60
C THR G 187 53.71 -112.15 47.33
N SER G 188 54.80 -112.92 47.30
CA SER G 188 56.12 -112.35 47.08
C SER G 188 56.27 -111.69 45.73
N ARG G 189 55.42 -112.05 44.75
CA ARG G 189 55.54 -111.46 43.43
C ARG G 189 54.84 -110.10 43.33
N LEU G 190 54.01 -109.74 44.30
CA LEU G 190 53.34 -108.44 44.23
C LEU G 190 54.31 -107.27 44.27
N PRO G 191 55.29 -107.21 45.18
CA PRO G 191 56.20 -106.05 45.19
C PRO G 191 56.95 -105.85 43.89
N VAL G 192 57.41 -106.92 43.24
CA VAL G 192 58.13 -106.74 41.98
C VAL G 192 57.20 -106.26 40.87
N ILE G 193 55.97 -106.74 40.84
CA ILE G 193 55.00 -106.21 39.89
C ILE G 193 54.78 -104.73 40.14
N GLN G 194 54.67 -104.33 41.40
CA GLN G 194 54.49 -102.91 41.72
C GLN G 194 55.70 -102.09 41.28
N ASP G 195 56.90 -102.63 41.45
CA ASP G 195 58.11 -101.90 41.10
C ASP G 195 58.44 -101.95 39.61
N SER G 196 57.75 -102.77 38.82
CA SER G 196 58.06 -102.90 37.40
C SER G 196 57.14 -102.07 36.51
N MET G 197 56.27 -101.24 37.08
CA MET G 197 55.37 -100.41 36.27
C MET G 197 55.96 -98.99 36.17
N VAL G 198 56.92 -98.87 35.25
CA VAL G 198 57.53 -97.58 34.95
C VAL G 198 56.73 -96.89 33.84
N ILE G 199 56.95 -95.59 33.67
CA ILE G 199 56.25 -94.79 32.67
C ILE G 199 57.19 -94.50 31.52
N GLN G 200 56.71 -94.69 30.29
CA GLN G 200 57.51 -94.50 29.09
C GLN G 200 56.97 -93.34 28.28
N LYS G 201 57.85 -92.43 27.88
CA LYS G 201 57.45 -91.28 27.09
C LYS G 201 57.41 -91.63 25.61
N SER G 202 56.66 -90.83 24.86
CA SER G 202 56.55 -91.01 23.41
C SER G 202 56.02 -89.73 22.81
N THR G 203 56.02 -89.68 21.48
CA THR G 203 55.59 -88.51 20.73
C THR G 203 54.46 -88.89 19.79
N ALA G 204 53.67 -87.89 19.41
CA ALA G 204 52.60 -88.07 18.45
C ALA G 204 52.43 -86.79 17.65
N THR G 205 51.85 -86.92 16.47
CA THR G 205 51.65 -85.80 15.56
C THR G 205 50.17 -85.52 15.42
N VAL G 206 49.82 -84.23 15.37
CA VAL G 206 48.45 -83.77 15.22
C VAL G 206 48.39 -82.73 14.12
N GLY G 207 47.19 -82.51 13.62
CA GLY G 207 47.00 -81.50 12.59
C GLY G 207 47.02 -82.09 11.19
N ASN G 208 46.35 -81.39 10.29
CA ASN G 208 46.25 -81.79 8.89
C ASN G 208 47.06 -80.84 8.01
N ALA G 209 46.97 -81.05 6.70
CA ALA G 209 47.74 -80.23 5.77
C ALA G 209 47.23 -78.80 5.74
N GLN G 210 45.92 -78.61 5.90
CA GLN G 210 45.36 -77.26 5.85
C GLN G 210 45.93 -76.39 6.96
N GLN G 211 45.99 -76.92 8.18
CA GLN G 211 46.63 -76.23 9.28
C GLN G 211 48.08 -76.67 9.39
N GLY G 212 48.75 -76.31 10.48
CA GLY G 212 50.11 -76.73 10.70
C GLY G 212 50.21 -78.15 11.21
N ILE G 213 51.43 -78.69 11.17
CA ILE G 213 51.72 -80.03 11.67
C ILE G 213 52.53 -79.87 12.94
N SER G 214 51.88 -80.03 14.09
CA SER G 214 52.52 -79.85 15.37
C SER G 214 53.08 -81.18 15.87
N THR G 215 53.50 -81.21 17.14
CA THR G 215 54.02 -82.43 17.75
C THR G 215 53.82 -82.33 19.26
N ILE G 216 53.11 -83.30 19.83
CA ILE G 216 52.81 -83.31 21.25
C ILE G 216 53.51 -84.50 21.89
N ASN G 217 53.74 -84.40 23.20
CA ASN G 217 54.37 -85.45 23.97
C ASN G 217 53.30 -86.24 24.72
N ILE G 218 53.44 -87.56 24.73
CA ILE G 218 52.48 -88.44 25.37
C ILE G 218 53.21 -89.40 26.30
N LYS G 219 52.48 -89.88 27.31
CA LYS G 219 52.97 -90.90 28.20
C LYS G 219 52.28 -92.23 27.92
N ARG G 220 52.84 -93.30 28.48
CA ARG G 220 52.25 -94.63 28.33
C ARG G 220 52.37 -95.31 29.69
N VAL G 221 51.31 -95.17 30.49
CA VAL G 221 51.33 -95.57 31.89
C VAL G 221 50.71 -96.95 32.03
N PRO G 222 51.29 -97.83 32.85
CA PRO G 222 50.66 -99.13 33.12
C PRO G 222 49.60 -99.05 34.20
N PHE G 223 48.64 -99.96 34.11
CA PHE G 223 47.59 -100.07 35.11
C PHE G 223 47.04 -101.49 35.09
N VAL G 224 46.35 -101.85 36.16
CA VAL G 224 45.83 -103.20 36.36
C VAL G 224 44.34 -103.20 36.05
N GLY G 225 43.91 -104.19 35.27
CA GLY G 225 42.51 -104.27 34.91
C GLY G 225 42.29 -105.28 33.80
N SER G 226 41.11 -105.20 33.18
CA SER G 226 40.73 -106.12 32.13
C SER G 226 40.99 -105.50 30.76
N ALA G 227 41.13 -106.38 29.75
CA ALA G 227 41.42 -105.91 28.40
C ALA G 227 40.27 -105.07 27.83
N PHE G 228 39.04 -105.35 28.26
CA PHE G 228 37.91 -104.56 27.79
C PHE G 228 38.06 -103.10 28.18
N GLN G 229 38.51 -102.84 29.41
CA GLN G 229 38.75 -101.48 29.84
C GLN G 229 39.84 -100.83 28.99
N GLN G 230 40.89 -101.58 28.66
CA GLN G 230 41.94 -101.04 27.81
C GLN G 230 41.40 -100.63 26.45
N VAL G 231 40.57 -101.48 25.85
CA VAL G 231 40.03 -101.17 24.53
C VAL G 231 39.11 -99.95 24.61
N ILE G 232 38.27 -99.89 25.63
CA ILE G 232 37.37 -98.73 25.79
C ILE G 232 38.18 -97.46 25.95
N ASP G 233 39.23 -97.50 26.77
CA ASP G 233 40.03 -96.31 27.00
C ASP G 233 40.80 -95.90 25.76
N GLN G 234 41.27 -96.86 24.98
CA GLN G 234 41.92 -96.51 23.71
C GLN G 234 40.94 -95.83 22.78
N LEU G 235 39.70 -96.33 22.71
CA LEU G 235 38.69 -95.68 21.89
C LEU G 235 38.43 -94.26 22.36
N LEU G 236 38.33 -94.07 23.68
CA LEU G 236 38.11 -92.73 24.21
C LEU G 236 39.24 -91.80 23.87
N TRP G 237 40.48 -92.28 23.97
CA TRP G 237 41.63 -91.44 23.61
C TRP G 237 41.59 -91.07 22.14
N GLU G 238 41.27 -92.05 21.28
CA GLU G 238 41.22 -91.76 19.85
C GLU G 238 40.16 -90.71 19.55
N TYR G 239 38.99 -90.82 20.18
CA TYR G 239 37.93 -89.86 19.93
C TYR G 239 38.27 -88.48 20.48
N SER G 240 38.96 -88.43 21.62
CA SER G 240 39.13 -87.17 22.33
C SER G 240 40.27 -86.31 21.81
N THR G 241 41.16 -86.85 20.98
CA THR G 241 42.31 -86.10 20.48
C THR G 241 42.26 -85.95 18.97
N THR G 242 41.09 -85.63 18.44
CA THR G 242 40.94 -85.24 17.05
C THR G 242 40.87 -83.72 16.97
N SER G 243 41.47 -83.17 15.92
CA SER G 243 41.52 -81.72 15.71
C SER G 243 42.22 -81.02 16.88
N LEU G 244 43.50 -81.35 17.04
CA LEU G 244 44.35 -80.73 18.03
C LEU G 244 45.48 -79.99 17.33
N THR G 245 45.88 -78.86 17.91
CA THR G 245 47.01 -78.10 17.37
C THR G 245 47.60 -77.24 18.48
N THR G 246 48.81 -76.76 18.23
CA THR G 246 49.52 -75.94 19.20
C THR G 246 49.37 -74.46 18.86
N LYS G 247 49.66 -73.63 19.85
CA LYS G 247 49.56 -72.19 19.64
C LYS G 247 50.56 -71.69 18.59
N GLU G 248 51.75 -72.29 18.55
CA GLU G 248 52.79 -71.78 17.66
C GLU G 248 52.45 -72.00 16.19
N GLN G 249 51.47 -72.85 15.90
CA GLN G 249 50.98 -73.01 14.53
C GLN G 249 49.71 -72.22 14.28
N ARG G 250 48.84 -72.12 15.28
CA ARG G 250 47.65 -71.30 15.13
C ARG G 250 48.01 -69.84 14.90
N ARG G 251 49.03 -69.35 15.61
CA ARG G 251 49.46 -67.97 15.42
C ARG G 251 50.01 -67.75 14.01
N GLN G 252 50.78 -68.71 13.50
CA GLN G 252 51.30 -68.58 12.15
C GLN G 252 50.16 -68.54 11.13
N ARG G 253 49.17 -69.41 11.29
CA ARG G 253 48.04 -69.40 10.37
C ARG G 253 47.28 -68.08 10.46
N ILE G 254 47.12 -67.55 11.68
CA ILE G 254 46.39 -66.31 11.85
C ILE G 254 47.11 -65.15 11.17
N THR G 255 48.43 -65.07 11.34
CA THR G 255 49.17 -64.00 10.70
C THR G 255 49.22 -64.18 9.20
N GLU G 256 49.11 -65.43 8.72
CA GLU G 256 48.99 -65.66 7.29
C GLU G 256 47.66 -65.14 6.76
N MET G 257 46.58 -65.34 7.52
CA MET G 257 45.26 -64.93 7.05
C MET G 257 45.05 -63.42 7.12
N VAL G 258 45.85 -62.72 7.93
CA VAL G 258 45.75 -61.26 8.04
C VAL G 258 47.06 -60.70 7.49
N ASN G 259 47.05 -60.33 6.21
CA ASN G 259 48.24 -59.81 5.55
C ASN G 259 48.55 -58.37 5.95
N ASP G 260 47.66 -57.71 6.69
CA ASP G 260 47.86 -56.32 7.04
C ASP G 260 48.99 -56.21 8.08
N ARG G 261 49.71 -55.08 8.04
CA ARG G 261 50.77 -54.83 8.99
C ARG G 261 50.37 -53.94 10.15
N ARG G 262 49.29 -53.17 10.01
CA ARG G 262 48.79 -52.37 11.15
C ARG G 262 48.41 -53.36 12.26
N ILE G 263 47.62 -54.37 11.92
CA ILE G 263 47.27 -55.41 12.89
C ILE G 263 48.54 -56.15 13.26
N MET G 264 48.86 -56.20 14.55
CA MET G 264 49.96 -57.01 15.03
C MET G 264 49.46 -57.94 16.13
N ILE G 265 49.88 -59.19 16.04
CA ILE G 265 49.40 -60.24 16.92
C ILE G 265 50.31 -60.31 18.14
N GLN G 266 49.71 -60.50 19.32
CA GLN G 266 50.49 -60.57 20.55
C GLN G 266 51.53 -61.67 20.45
N LYS G 267 52.76 -61.34 20.81
CA LYS G 267 53.86 -62.29 20.72
C LYS G 267 53.67 -63.42 21.74
N LEU G 268 54.22 -64.58 21.41
CA LEU G 268 54.10 -65.76 22.25
C LEU G 268 55.38 -65.95 23.06
N THR G 269 55.23 -66.07 24.37
CA THR G 269 56.36 -66.34 25.24
C THR G 269 56.87 -67.76 24.99
N LEU G 270 58.09 -68.02 25.47
CA LEU G 270 58.69 -69.33 25.27
C LEU G 270 57.92 -70.43 25.99
N ALA G 271 57.23 -70.13 27.07
CA ALA G 271 56.47 -71.13 27.81
C ALA G 271 55.09 -71.38 27.24
N GLU G 272 54.67 -70.60 26.24
CA GLU G 272 53.35 -70.77 25.64
C GLU G 272 53.41 -71.38 24.24
N LYS G 273 54.59 -71.47 23.64
CA LYS G 273 54.68 -72.05 22.30
C LYS G 273 54.21 -73.49 22.23
N PRO G 274 54.61 -74.41 23.13
CA PRO G 274 54.16 -75.80 23.01
C PRO G 274 52.77 -76.07 23.56
N GLN G 275 52.04 -75.07 24.02
CA GLN G 275 50.70 -75.30 24.55
C GLN G 275 49.76 -75.77 23.43
N VAL G 276 48.72 -76.51 23.81
CA VAL G 276 47.83 -77.17 22.85
C VAL G 276 46.43 -76.56 22.98
N MET G 277 45.78 -76.37 21.84
CA MET G 277 44.40 -75.90 21.76
C MET G 277 43.62 -76.80 20.82
N ARG G 278 42.32 -76.55 20.72
CA ARG G 278 41.42 -77.30 19.85
C ARG G 278 40.93 -76.39 18.74
N HIS G 279 41.01 -76.88 17.50
CA HIS G 279 40.60 -76.13 16.33
C HIS G 279 39.39 -76.78 15.67
N VAL G 280 38.65 -75.97 14.91
CA VAL G 280 37.48 -76.50 14.21
C VAL G 280 37.91 -77.50 13.15
N THR G 281 36.95 -78.32 12.72
CA THR G 281 37.25 -79.38 11.76
C THR G 281 37.60 -78.81 10.39
N THR G 282 36.79 -77.90 9.88
CA THR G 282 36.96 -77.37 8.54
C THR G 282 37.04 -75.85 8.58
N GLU G 283 38.02 -75.29 7.89
CA GLU G 283 38.18 -73.85 7.82
C GLU G 283 37.06 -73.22 7.02
N ILE G 284 36.68 -72.01 7.41
CA ILE G 284 35.67 -71.23 6.69
C ILE G 284 36.42 -70.33 5.73
N ASN G 285 36.56 -70.78 4.48
CA ASN G 285 37.24 -70.03 3.44
C ASN G 285 36.22 -69.40 2.49
N ASN G 286 36.72 -68.85 1.39
CA ASN G 286 35.85 -68.16 0.44
C ASN G 286 34.91 -69.10 -0.30
N ASP G 287 35.26 -70.39 -0.41
CA ASP G 287 34.42 -71.31 -1.15
C ASP G 287 33.04 -71.44 -0.53
N LEU G 288 32.98 -71.48 0.80
CA LEU G 288 31.68 -71.58 1.47
C LEU G 288 30.82 -70.35 1.18
N PHE G 289 31.41 -69.16 1.23
CA PHE G 289 30.64 -67.96 0.94
C PHE G 289 30.21 -67.92 -0.52
N PHE G 290 31.02 -68.50 -1.41
CA PHE G 290 30.68 -68.48 -2.83
C PHE G 290 29.40 -69.24 -3.14
N LYS G 291 29.02 -70.19 -2.30
CA LYS G 291 27.86 -71.02 -2.56
C LYS G 291 26.57 -70.45 -1.99
N MET G 292 26.65 -69.33 -1.27
CA MET G 292 25.46 -68.66 -0.77
C MET G 292 24.94 -67.59 -1.72
N SER G 293 25.55 -67.47 -2.90
CA SER G 293 25.12 -66.43 -3.84
C SER G 293 23.64 -66.50 -4.22
N PRO G 294 23.01 -67.65 -4.41
CA PRO G 294 21.59 -67.64 -4.81
C PRO G 294 20.67 -66.96 -3.80
N VAL G 295 21.15 -66.65 -2.61
CA VAL G 295 20.28 -66.05 -1.59
C VAL G 295 20.97 -64.83 -0.98
N ALA G 296 22.15 -64.47 -1.51
CA ALA G 296 22.97 -63.44 -0.88
C ALA G 296 22.31 -62.06 -0.92
N GLN G 297 21.45 -61.81 -1.91
CA GLN G 297 20.86 -60.48 -2.05
C GLN G 297 20.01 -60.12 -0.84
N LEU G 298 19.23 -61.09 -0.34
CA LEU G 298 18.41 -60.83 0.84
C LEU G 298 19.27 -60.48 2.04
N TYR G 299 20.36 -61.22 2.25
CA TYR G 299 21.25 -60.94 3.37
C TYR G 299 21.87 -59.56 3.24
N ILE G 300 22.31 -59.19 2.05
CA ILE G 300 22.92 -57.88 1.86
C ILE G 300 21.92 -56.78 2.16
N TYR G 301 20.70 -56.90 1.63
CA TYR G 301 19.71 -55.86 1.86
C TYR G 301 19.38 -55.74 3.34
N HIS G 302 19.21 -56.86 4.02
CA HIS G 302 18.80 -56.79 5.42
C HIS G 302 19.93 -56.27 6.31
N LEU G 303 21.17 -56.65 6.00
CA LEU G 303 22.30 -56.11 6.75
C LEU G 303 22.38 -54.60 6.57
N ASP G 304 22.25 -54.12 5.33
CA ASP G 304 22.29 -52.68 5.11
C ASP G 304 21.15 -51.97 5.82
N ARG G 305 19.95 -52.54 5.78
CA ARG G 305 18.80 -51.85 6.35
C ARG G 305 18.81 -51.93 7.87
N ALA G 306 19.60 -52.86 8.43
CA ALA G 306 19.73 -52.93 9.88
C ALA G 306 20.86 -52.05 10.39
N PHE G 307 21.91 -51.84 9.60
CA PHE G 307 23.09 -51.11 10.05
C PHE G 307 23.12 -49.65 9.60
N LEU G 308 22.07 -49.17 8.94
CA LEU G 308 21.97 -47.77 8.52
C LEU G 308 20.79 -47.16 9.25
N ASP G 309 21.08 -46.34 10.25
CA ASP G 309 20.05 -45.75 11.10
C ASP G 309 19.67 -44.34 10.66
N GLY G 310 20.61 -43.58 10.12
CA GLY G 310 20.32 -42.20 9.76
C GLY G 310 20.85 -41.88 8.38
N VAL G 311 20.45 -40.70 7.89
CA VAL G 311 20.84 -40.24 6.58
C VAL G 311 21.21 -38.76 6.67
N GLY G 312 22.32 -38.40 6.06
CA GLY G 312 22.82 -37.03 6.10
C GLY G 312 22.25 -36.13 5.02
N PHE G 313 20.99 -35.72 5.17
CA PHE G 313 20.33 -34.89 4.17
C PHE G 313 20.20 -33.45 4.67
N THR G 314 20.47 -32.50 3.79
CA THR G 314 20.25 -31.10 4.10
C THR G 314 18.76 -30.78 4.03
N PRO G 315 18.28 -29.88 4.88
CA PRO G 315 16.85 -29.55 4.89
C PRO G 315 16.40 -28.95 3.56
N LEU G 316 15.13 -29.20 3.22
CA LEU G 316 14.61 -28.74 1.94
C LEU G 316 14.44 -27.23 1.90
N ALA G 317 14.20 -26.60 3.06
CA ALA G 317 14.00 -25.15 3.08
C ALA G 317 15.25 -24.42 2.61
N GLU G 318 16.42 -24.89 3.02
CA GLU G 318 17.66 -24.25 2.58
C GLU G 318 17.83 -24.36 1.07
N LYS G 319 17.51 -25.53 0.50
CA LYS G 319 17.60 -25.70 -0.95
C LYS G 319 16.63 -24.78 -1.66
N GLN G 320 15.41 -24.64 -1.13
CA GLN G 320 14.46 -23.72 -1.73
C GLN G 320 14.97 -22.28 -1.70
N GLN G 321 15.58 -21.88 -0.57
CA GLN G 321 16.11 -20.52 -0.47
C GLN G 321 17.26 -20.30 -1.46
N GLN G 322 18.16 -21.27 -1.58
CA GLN G 322 19.25 -21.15 -2.54
C GLN G 322 18.73 -21.04 -3.95
N LEU G 323 17.73 -21.85 -4.32
CA LEU G 323 17.16 -21.76 -5.65
C LEU G 323 16.50 -20.42 -5.87
N GLN G 324 15.80 -19.91 -4.86
CA GLN G 324 15.16 -18.59 -4.99
C GLN G 324 16.20 -17.51 -5.25
N LEU G 325 17.33 -17.58 -4.55
CA LEU G 325 18.40 -16.61 -4.79
C LEU G 325 19.01 -16.78 -6.17
N GLN G 326 19.17 -18.01 -6.65
CA GLN G 326 19.91 -18.26 -7.88
C GLN G 326 19.11 -17.89 -9.12
N LEU G 327 17.79 -18.00 -9.08
CA LEU G 327 16.98 -17.72 -10.27
C LEU G 327 17.05 -16.25 -10.64
N LYS G 328 17.22 -15.98 -11.92
CA LYS G 328 17.43 -14.62 -12.43
C LYS G 328 16.13 -13.94 -12.85
N THR G 329 15.01 -14.63 -12.75
CA THR G 329 13.72 -14.07 -13.13
C THR G 329 13.03 -13.46 -11.91
N ASN G 330 11.91 -12.79 -12.17
CA ASN G 330 11.15 -12.15 -11.11
C ASN G 330 10.49 -13.18 -10.22
N ILE G 331 10.03 -12.74 -9.06
CA ILE G 331 9.23 -13.59 -8.19
C ILE G 331 7.75 -13.51 -8.50
N LEU G 332 7.31 -12.48 -9.22
CA LEU G 332 5.90 -12.40 -9.59
C LEU G 332 5.56 -13.39 -10.69
N THR G 333 6.43 -13.53 -11.68
CA THR G 333 6.18 -14.48 -12.76
C THR G 333 6.26 -15.91 -12.23
N ALA G 334 5.62 -16.82 -12.96
CA ALA G 334 5.55 -18.22 -12.58
C ALA G 334 6.54 -19.01 -13.41
N ASN G 335 7.42 -19.74 -12.73
CA ASN G 335 8.35 -20.67 -13.37
C ASN G 335 8.09 -22.06 -12.83
N LEU G 336 7.95 -23.03 -13.72
CA LEU G 336 7.57 -24.37 -13.29
C LEU G 336 8.69 -25.13 -12.60
N ILE G 337 9.94 -24.70 -12.73
CA ILE G 337 11.01 -25.33 -11.97
C ILE G 337 10.87 -25.02 -10.49
N ARG G 338 10.63 -23.75 -10.15
CA ARG G 338 10.53 -23.38 -8.75
C ARG G 338 9.24 -23.92 -8.13
N SER G 339 8.13 -23.85 -8.87
CA SER G 339 6.85 -24.30 -8.33
C SER G 339 6.88 -25.79 -8.01
N ALA G 340 7.45 -26.59 -8.92
CA ALA G 340 7.49 -28.03 -8.70
C ALA G 340 8.35 -28.37 -7.48
N ILE G 341 9.50 -27.72 -7.34
CA ILE G 341 10.36 -27.99 -6.19
C ILE G 341 9.67 -27.56 -4.90
N ASN G 342 8.90 -26.47 -4.94
CA ASN G 342 8.16 -26.06 -3.75
C ASN G 342 7.22 -27.15 -3.27
N GLY G 343 6.70 -27.96 -4.18
CA GLY G 343 5.83 -29.06 -3.82
C GLY G 343 6.54 -30.39 -3.65
N MET G 344 7.42 -30.49 -2.66
CA MET G 344 8.19 -31.71 -2.44
C MET G 344 8.45 -31.90 -0.96
N ASN G 345 8.76 -33.14 -0.59
CA ASN G 345 9.12 -33.48 0.78
C ASN G 345 10.15 -34.59 0.77
N THR G 346 10.90 -34.69 1.86
CA THR G 346 11.98 -35.66 2.01
C THR G 346 11.70 -36.61 3.16
N GLU G 347 10.46 -37.08 3.26
CA GLU G 347 10.08 -37.96 4.35
C GLU G 347 10.78 -39.32 4.24
N SER G 348 10.92 -39.85 3.03
CA SER G 348 11.35 -41.23 2.87
C SER G 348 12.75 -41.33 2.27
N ASN G 349 13.67 -40.49 2.73
CA ASN G 349 15.04 -40.56 2.26
C ASN G 349 15.75 -41.84 2.68
N LEU G 350 15.39 -42.38 3.85
CA LEU G 350 16.13 -43.53 4.39
C LEU G 350 16.01 -44.75 3.48
N GLU G 351 14.80 -45.07 3.05
CA GLU G 351 14.59 -46.24 2.22
C GLU G 351 15.32 -46.12 0.89
N VAL G 352 15.25 -44.93 0.27
CA VAL G 352 15.93 -44.71 -1.00
C VAL G 352 17.43 -44.82 -0.80
N ALA G 353 17.95 -44.32 0.33
CA ALA G 353 19.38 -44.45 0.59
C ALA G 353 19.80 -45.91 0.71
N ILE G 354 18.99 -46.70 1.41
CA ILE G 354 19.32 -48.12 1.56
C ILE G 354 19.33 -48.81 0.20
N LYS G 355 18.30 -48.54 -0.61
CA LYS G 355 18.23 -49.15 -1.93
C LYS G 355 19.42 -48.71 -2.79
N MET G 356 19.79 -47.44 -2.69
CA MET G 356 20.95 -46.94 -3.44
C MET G 356 22.23 -47.66 -3.03
N MET G 357 22.41 -47.87 -1.73
CA MET G 357 23.61 -48.55 -1.26
C MET G 357 23.65 -49.99 -1.75
N GLN G 358 22.50 -50.67 -1.71
CA GLN G 358 22.45 -52.03 -2.24
C GLN G 358 22.80 -52.05 -3.72
N ALA G 359 22.26 -51.09 -4.49
CA ALA G 359 22.59 -51.03 -5.91
C ALA G 359 24.06 -50.71 -6.13
N ALA G 360 24.66 -49.96 -5.23
CA ALA G 360 26.10 -49.69 -5.33
C ALA G 360 26.91 -50.96 -5.13
N GLN G 361 26.50 -51.80 -4.18
CA GLN G 361 27.26 -53.03 -3.92
C GLN G 361 27.10 -54.04 -5.06
N LEU G 362 25.88 -54.50 -5.29
CA LEU G 362 25.61 -55.49 -6.33
C LEU G 362 25.41 -54.81 -7.67
N HIS G 363 26.07 -55.34 -8.70
CA HIS G 363 25.96 -54.75 -10.02
C HIS G 363 24.79 -55.30 -10.82
N ARG G 364 24.00 -56.20 -10.24
CA ARG G 364 22.81 -56.72 -10.91
C ARG G 364 21.52 -56.08 -10.39
N ALA G 365 21.52 -55.61 -9.14
CA ALA G 365 20.32 -55.05 -8.53
C ALA G 365 20.25 -53.55 -8.78
N SER G 366 20.34 -53.17 -10.04
CA SER G 366 20.24 -51.77 -10.41
C SER G 366 18.83 -51.26 -10.13
N ILE G 367 18.77 -50.02 -9.66
CA ILE G 367 17.48 -49.42 -9.29
C ILE G 367 16.61 -49.29 -10.53
N GLU G 368 15.34 -49.62 -10.38
CA GLU G 368 14.35 -49.46 -11.44
C GLU G 368 13.32 -48.42 -11.01
N ILE G 369 13.12 -47.42 -11.85
CA ILE G 369 12.23 -46.31 -11.53
C ILE G 369 10.84 -46.63 -12.05
N ALA G 370 9.84 -46.47 -11.18
CA ALA G 370 8.44 -46.67 -11.54
C ALA G 370 7.82 -45.30 -11.76
N PHE G 371 7.66 -44.91 -13.02
CA PHE G 371 7.12 -43.61 -13.35
C PHE G 371 5.61 -43.58 -13.12
N PRO G 372 5.09 -42.45 -12.65
CA PRO G 372 3.64 -42.35 -12.41
C PRO G 372 2.83 -42.06 -13.65
N MET G 373 3.48 -41.68 -14.76
CA MET G 373 2.78 -41.36 -15.99
C MET G 373 3.05 -42.45 -17.02
N ASN G 374 2.16 -42.57 -18.00
CA ASN G 374 2.23 -43.64 -18.99
C ASN G 374 2.51 -43.13 -20.39
N VAL G 375 1.79 -42.12 -20.89
CA VAL G 375 2.07 -41.57 -22.21
C VAL G 375 2.28 -40.06 -22.12
N SER G 376 1.38 -39.37 -21.42
CA SER G 376 1.44 -37.91 -21.36
C SER G 376 2.64 -37.47 -20.53
N LEU G 377 2.77 -36.17 -20.35
CA LEU G 377 3.81 -35.58 -19.54
C LEU G 377 3.16 -34.69 -18.48
N SER G 378 4.00 -34.06 -17.66
CA SER G 378 3.52 -33.18 -16.61
C SER G 378 4.67 -32.28 -16.20
N PRO G 379 4.38 -31.08 -15.68
CA PRO G 379 5.47 -30.22 -15.20
C PRO G 379 6.37 -30.88 -14.16
N GLU G 380 5.80 -31.68 -13.27
CA GLU G 380 6.62 -32.34 -12.25
C GLU G 380 7.60 -33.32 -12.87
N ILE G 381 7.14 -34.08 -13.87
CA ILE G 381 7.95 -35.17 -14.41
C ILE G 381 9.21 -34.64 -15.07
N ILE G 382 9.10 -33.54 -15.80
CA ILE G 382 10.25 -33.02 -16.54
C ILE G 382 11.35 -32.57 -15.59
N VAL G 383 10.99 -31.79 -14.58
CA VAL G 383 11.99 -31.29 -13.65
C VAL G 383 12.57 -32.44 -12.83
N GLN G 384 11.73 -33.41 -12.44
CA GLN G 384 12.25 -34.55 -11.69
C GLN G 384 13.21 -35.37 -12.53
N CYS G 385 12.90 -35.55 -13.81
CA CYS G 385 13.81 -36.29 -14.70
C CYS G 385 15.12 -35.54 -14.87
N PHE G 386 15.07 -34.21 -14.99
CA PHE G 386 16.30 -33.44 -15.07
C PHE G 386 17.13 -33.60 -13.80
N ILE G 387 16.48 -33.57 -12.64
CA ILE G 387 17.21 -33.71 -11.38
C ILE G 387 17.86 -35.09 -11.32
N VAL G 388 17.14 -36.13 -11.72
CA VAL G 388 17.71 -37.47 -11.72
C VAL G 388 18.88 -37.55 -12.68
N TRP G 389 18.76 -36.95 -13.87
CA TRP G 389 19.82 -37.00 -14.85
C TRP G 389 21.08 -36.32 -14.33
N MET G 390 20.93 -35.19 -13.65
CA MET G 390 22.08 -34.42 -13.22
C MET G 390 22.56 -34.76 -11.82
N SER G 391 21.89 -35.68 -11.11
CA SER G 391 22.25 -35.92 -9.71
C SER G 391 22.39 -37.39 -9.32
N ILE G 392 22.00 -38.33 -10.16
CA ILE G 392 22.08 -39.75 -9.82
C ILE G 392 23.03 -40.42 -10.80
N PRO G 393 24.10 -41.06 -10.33
CA PRO G 393 25.06 -41.66 -11.25
C PRO G 393 24.42 -42.73 -12.11
N GLU G 394 24.87 -42.82 -13.36
CA GLU G 394 24.23 -43.71 -14.32
C GLU G 394 24.51 -45.18 -14.00
N GLN G 395 25.67 -45.49 -13.43
CA GLN G 395 26.01 -46.87 -13.15
C GLN G 395 25.09 -47.49 -12.10
N LEU G 396 24.33 -46.67 -11.37
CA LEU G 396 23.46 -47.16 -10.32
C LEU G 396 22.03 -47.42 -10.81
N LEU G 397 21.76 -47.25 -12.09
CA LEU G 397 20.41 -47.41 -12.62
C LEU G 397 20.39 -48.50 -13.69
N SER G 398 19.22 -49.09 -13.87
CA SER G 398 19.06 -50.18 -14.82
C SER G 398 19.12 -49.65 -16.25
N ASP G 399 19.17 -50.59 -17.19
CA ASP G 399 19.21 -50.22 -18.60
C ASP G 399 17.90 -49.61 -19.07
N ARG G 400 16.81 -49.81 -18.33
CA ARG G 400 15.53 -49.28 -18.76
C ARG G 400 15.29 -47.86 -18.25
N SER G 401 15.55 -47.61 -16.97
CA SER G 401 15.28 -46.28 -16.41
C SER G 401 16.12 -45.21 -17.10
N ASN G 402 17.39 -45.52 -17.36
CA ASN G 402 18.25 -44.57 -18.07
C ASN G 402 17.65 -44.17 -19.40
N PHE G 403 17.17 -45.15 -20.17
CA PHE G 403 16.60 -44.84 -21.48
C PHE G 403 15.34 -43.98 -21.33
N ILE G 404 14.53 -44.25 -20.31
CA ILE G 404 13.29 -43.48 -20.16
C ILE G 404 13.59 -42.04 -19.84
N ILE G 405 14.49 -41.79 -18.88
CA ILE G 405 14.79 -40.40 -18.56
C ILE G 405 15.49 -39.72 -19.72
N ALA G 406 16.33 -40.45 -20.46
CA ALA G 406 16.99 -39.86 -21.62
C ALA G 406 15.98 -39.49 -22.69
N ALA G 407 14.97 -40.34 -22.91
CA ALA G 407 13.96 -40.02 -23.91
C ALA G 407 13.12 -38.83 -23.49
N VAL G 408 12.75 -38.76 -22.20
CA VAL G 408 12.03 -37.59 -21.72
C VAL G 408 12.88 -36.34 -21.92
N ILE G 409 14.19 -36.46 -21.70
CA ILE G 409 15.08 -35.33 -21.84
C ILE G 409 15.13 -34.89 -23.29
N TRP G 410 15.27 -35.85 -24.21
CA TRP G 410 15.48 -35.56 -25.62
C TRP G 410 14.21 -35.15 -26.33
N ALA G 411 13.04 -35.44 -25.76
CA ALA G 411 11.79 -35.07 -26.41
C ALA G 411 11.66 -33.57 -26.60
N GLY G 412 12.32 -32.76 -25.78
CA GLY G 412 12.18 -31.32 -25.88
C GLY G 412 13.18 -30.67 -26.81
N PHE G 413 14.45 -31.05 -26.70
CA PHE G 413 15.47 -30.45 -27.54
C PHE G 413 15.34 -30.88 -28.99
N SER G 414 14.72 -32.02 -29.26
CA SER G 414 14.52 -32.45 -30.63
C SER G 414 13.60 -31.47 -31.36
N ALA G 415 13.90 -31.26 -32.64
CA ALA G 415 13.14 -30.29 -33.42
C ALA G 415 11.76 -30.80 -33.79
N ASP G 416 11.61 -32.11 -33.99
CA ASP G 416 10.35 -32.66 -34.48
C ASP G 416 9.83 -33.88 -33.72
N ASP G 417 10.68 -34.62 -33.02
CA ASP G 417 10.21 -35.77 -32.28
C ASP G 417 9.44 -35.34 -31.03
N SER G 418 8.56 -36.23 -30.58
CA SER G 418 7.82 -36.06 -29.34
C SER G 418 8.17 -37.21 -28.40
N TYR G 419 7.46 -37.30 -27.28
CA TYR G 419 7.70 -38.38 -26.34
C TYR G 419 6.98 -39.66 -26.75
N ALA G 420 5.76 -39.52 -27.27
CA ALA G 420 4.96 -40.70 -27.60
C ALA G 420 5.61 -41.54 -28.69
N ASP G 421 6.03 -40.89 -29.78
CA ASP G 421 6.60 -41.64 -30.89
C ASP G 421 7.91 -42.32 -30.50
N ILE G 422 8.77 -41.64 -29.74
CA ILE G 422 10.03 -42.26 -29.34
C ILE G 422 9.77 -43.40 -28.37
N MET G 423 8.77 -43.27 -27.50
CA MET G 423 8.47 -44.36 -26.58
C MET G 423 7.92 -45.58 -27.31
N ARG G 424 7.01 -45.35 -28.26
CA ARG G 424 6.30 -46.44 -28.93
C ARG G 424 7.13 -47.14 -29.99
N ARG G 425 8.01 -46.42 -30.69
CA ARG G 425 8.78 -47.01 -31.78
C ARG G 425 9.92 -47.91 -31.28
N SER G 426 10.55 -47.57 -30.17
CA SER G 426 11.70 -48.33 -29.69
C SER G 426 11.27 -49.64 -29.06
N ALA G 427 12.25 -50.51 -28.83
CA ALA G 427 12.03 -51.82 -28.24
C ALA G 427 12.75 -51.91 -26.90
N ARG G 428 12.11 -52.57 -25.93
CA ARG G 428 12.69 -52.68 -24.60
C ARG G 428 13.94 -53.56 -24.61
N ALA G 429 14.08 -54.43 -25.59
CA ALA G 429 15.20 -55.36 -25.61
C ALA G 429 16.53 -54.64 -25.78
N SER G 430 16.57 -53.61 -26.61
CA SER G 430 17.84 -52.98 -26.97
C SER G 430 17.86 -51.50 -26.62
N ASP G 431 17.46 -51.15 -25.40
CA ASP G 431 17.45 -49.75 -25.01
C ASP G 431 18.84 -49.21 -24.66
N ARG G 432 19.81 -50.08 -24.42
CA ARG G 432 21.16 -49.60 -24.10
C ARG G 432 21.77 -48.82 -25.26
N GLN G 433 21.62 -49.33 -26.49
CA GLN G 433 22.15 -48.62 -27.64
C GLN G 433 21.45 -47.28 -27.82
N ASN G 434 20.14 -47.24 -27.61
CA ASN G 434 19.41 -45.98 -27.71
C ASN G 434 19.90 -45.00 -26.65
N TYR G 435 20.13 -45.48 -25.43
CA TYR G 435 20.64 -44.61 -24.38
C TYR G 435 22.00 -44.05 -24.76
N ASP G 436 22.88 -44.90 -25.30
CA ASP G 436 24.20 -44.43 -25.71
C ASP G 436 24.11 -43.39 -26.83
N ILE G 437 23.23 -43.64 -27.81
CA ILE G 437 23.08 -42.69 -28.90
C ILE G 437 22.57 -41.35 -28.39
N ILE G 438 21.57 -41.39 -27.50
CA ILE G 438 21.02 -40.15 -26.97
C ILE G 438 22.06 -39.40 -26.16
N LYS G 439 22.84 -40.13 -25.36
CA LYS G 439 23.90 -39.48 -24.58
C LYS G 439 24.94 -38.84 -25.49
N ALA G 440 25.31 -39.53 -26.57
CA ALA G 440 26.28 -38.98 -27.51
C ALA G 440 25.74 -37.71 -28.15
N ALA G 441 24.47 -37.71 -28.55
CA ALA G 441 23.88 -36.51 -29.12
C ALA G 441 23.85 -35.38 -28.11
N LEU G 442 23.53 -35.70 -26.85
CA LEU G 442 23.47 -34.68 -25.81
C LEU G 442 24.85 -34.23 -25.36
N SER G 443 25.91 -34.92 -25.76
CA SER G 443 27.28 -34.51 -25.45
C SER G 443 27.99 -33.97 -26.70
N SER G 444 27.23 -33.42 -27.63
CA SER G 444 27.77 -32.97 -28.90
C SER G 444 28.26 -31.53 -28.79
N ARG G 445 28.60 -30.94 -29.93
CA ARG G 445 29.11 -29.58 -29.97
C ARG G 445 27.98 -28.55 -29.98
N LYS G 446 26.75 -28.98 -30.22
CA LYS G 446 25.59 -28.09 -30.16
C LYS G 446 24.92 -28.15 -28.79
N PHE G 447 24.72 -29.35 -28.27
CA PHE G 447 24.13 -29.56 -26.95
C PHE G 447 25.15 -30.25 -26.05
N LYS G 448 25.31 -29.73 -24.83
CA LYS G 448 26.14 -30.38 -23.82
C LYS G 448 25.39 -30.35 -22.50
N LEU G 449 25.01 -31.53 -22.01
CA LEU G 449 24.40 -31.67 -20.70
C LEU G 449 25.24 -32.61 -19.86
N PRO G 450 25.71 -32.19 -18.68
CA PRO G 450 26.54 -33.07 -17.86
C PRO G 450 25.72 -34.23 -17.30
N ARG G 451 26.33 -35.41 -17.28
CA ARG G 451 25.72 -36.61 -16.71
C ARG G 451 26.54 -37.08 -15.52
N ALA G 452 25.88 -37.33 -14.40
CA ALA G 452 26.58 -37.76 -13.21
C ALA G 452 27.18 -39.15 -13.41
N SER G 453 28.28 -39.40 -12.71
CA SER G 453 28.96 -40.69 -12.80
C SER G 453 29.64 -40.97 -11.46
N THR G 454 30.43 -42.04 -11.42
CA THR G 454 31.09 -42.44 -10.19
C THR G 454 32.26 -43.35 -10.53
N THR G 455 33.09 -43.64 -9.53
CA THR G 455 34.29 -44.44 -9.70
C THR G 455 34.44 -45.40 -8.53
N LEU G 456 35.23 -46.44 -8.77
CA LEU G 456 35.41 -47.50 -7.78
C LEU G 456 36.32 -47.04 -6.63
N PHE G 457 36.01 -47.52 -5.42
CA PHE G 457 36.77 -47.18 -4.22
C PHE G 457 37.29 -48.46 -3.58
N ASP G 458 38.57 -48.45 -3.20
CA ASP G 458 39.26 -49.63 -2.68
C ASP G 458 39.73 -49.45 -1.23
N GLU G 459 39.08 -48.59 -0.45
CA GLU G 459 39.56 -48.30 0.90
C GLU G 459 39.27 -49.45 1.83
N ASN G 460 40.23 -49.77 2.70
CA ASN G 460 40.10 -50.87 3.65
C ASN G 460 39.95 -50.32 5.07
N GLU G 461 39.88 -51.25 6.04
CA GLU G 461 39.85 -51.03 7.47
C GLU G 461 40.61 -52.12 8.20
N PRO G 462 41.43 -51.78 9.18
CA PRO G 462 42.12 -52.83 9.95
C PRO G 462 41.15 -53.59 10.84
N VAL G 463 40.78 -54.80 10.42
CA VAL G 463 39.91 -55.67 11.19
C VAL G 463 40.37 -57.10 10.95
N VAL G 464 39.89 -58.00 11.82
CA VAL G 464 40.22 -59.42 11.72
C VAL G 464 39.06 -60.09 10.99
N ARG G 465 39.21 -60.28 9.68
CA ARG G 465 38.21 -60.93 8.86
C ARG G 465 38.86 -62.03 8.06
N ARG G 466 38.07 -63.04 7.68
CA ARG G 466 38.59 -64.24 7.06
C ARG G 466 38.21 -64.39 5.60
N TYR G 467 37.65 -63.36 4.98
CA TYR G 467 37.23 -63.42 3.59
C TYR G 467 37.69 -62.18 2.86
N GLN G 468 37.96 -62.35 1.56
CA GLN G 468 38.48 -61.24 0.76
C GLN G 468 37.39 -60.22 0.46
N ILE G 469 37.81 -58.97 0.27
CA ILE G 469 36.92 -57.88 -0.06
C ILE G 469 37.27 -57.36 -1.44
N GLY G 470 36.32 -56.66 -2.06
CA GLY G 470 36.48 -56.16 -3.40
C GLY G 470 36.35 -54.66 -3.44
N ARG G 471 35.84 -54.17 -4.57
CA ARG G 471 35.67 -52.75 -4.82
C ARG G 471 34.23 -52.46 -5.18
N VAL G 472 33.70 -51.35 -4.69
CA VAL G 472 32.30 -51.01 -4.89
C VAL G 472 32.22 -49.60 -5.46
N TYR G 473 31.08 -49.31 -6.09
CA TYR G 473 30.81 -47.98 -6.61
C TYR G 473 30.32 -47.08 -5.48
N ALA G 474 30.80 -45.86 -5.46
CA ALA G 474 30.34 -44.90 -4.46
C ALA G 474 28.91 -44.48 -4.77
N PRO G 475 28.00 -44.57 -3.83
CA PRO G 475 26.59 -44.22 -4.06
C PRO G 475 26.34 -42.71 -4.05
N PHE G 476 27.21 -41.97 -4.71
CA PHE G 476 27.14 -40.51 -4.80
C PHE G 476 28.20 -40.01 -5.79
N PRO G 477 27.91 -38.96 -6.54
CA PRO G 477 28.85 -38.45 -7.55
C PRO G 477 29.73 -37.33 -7.00
N VAL G 478 30.70 -37.67 -6.17
CA VAL G 478 31.53 -36.69 -5.48
C VAL G 478 33.01 -36.91 -5.78
N ASP G 479 33.48 -38.15 -5.73
CA ASP G 479 34.88 -38.51 -5.93
C ASP G 479 35.71 -38.04 -4.73
N ARG G 480 37.04 -38.10 -4.84
CA ARG G 480 37.90 -37.85 -3.68
C ARG G 480 37.68 -36.48 -3.07
N TYR G 481 37.37 -35.48 -3.89
CA TYR G 481 37.18 -34.12 -3.43
C TYR G 481 35.73 -33.71 -3.67
N GLY G 482 35.39 -32.51 -3.21
CA GLY G 482 34.01 -32.05 -3.31
C GLY G 482 33.55 -31.81 -4.74
N SER G 483 34.47 -31.66 -5.68
CA SER G 483 34.09 -31.38 -7.05
C SER G 483 33.36 -32.58 -7.65
N PRO G 484 32.16 -32.39 -8.18
CA PRO G 484 31.43 -33.51 -8.78
C PRO G 484 32.13 -34.02 -10.02
N VAL G 485 31.89 -35.30 -10.30
CA VAL G 485 32.43 -35.96 -11.48
C VAL G 485 31.32 -36.14 -12.50
N TYR G 486 31.68 -36.04 -13.77
CA TYR G 486 30.75 -36.18 -14.88
C TYR G 486 31.34 -37.12 -15.91
N SER G 487 30.59 -37.37 -16.98
CA SER G 487 31.02 -38.28 -18.03
C SER G 487 31.31 -37.60 -19.36
N ASN G 488 30.75 -36.42 -19.61
CA ASN G 488 30.95 -35.73 -20.89
C ASN G 488 31.71 -34.43 -20.73
N CYS G 489 31.21 -33.48 -19.93
CA CYS G 489 31.83 -32.18 -19.76
C CYS G 489 31.09 -31.43 -18.66
N THR G 490 31.83 -30.61 -17.93
CA THR G 490 31.27 -29.86 -16.80
C THR G 490 30.81 -28.46 -17.21
N LYS G 491 29.97 -28.38 -18.24
CA LYS G 491 29.39 -27.12 -18.67
C LYS G 491 27.95 -27.35 -19.11
N VAL G 492 27.15 -26.30 -19.06
CA VAL G 492 25.73 -26.36 -19.43
C VAL G 492 25.47 -25.20 -20.38
N GLU G 493 25.40 -25.50 -21.67
CA GLU G 493 24.93 -24.53 -22.66
C GLU G 493 24.10 -25.24 -23.70
N LEU G 494 23.16 -24.51 -24.28
CA LEU G 494 22.21 -25.07 -25.22
C LEU G 494 22.14 -24.18 -26.45
N ALA G 495 21.57 -24.74 -27.53
CA ALA G 495 21.36 -23.96 -28.74
C ALA G 495 20.01 -23.25 -28.73
N SER G 496 18.92 -24.01 -28.59
CA SER G 496 17.59 -23.43 -28.56
C SER G 496 16.97 -23.64 -27.17
N ASP G 497 15.70 -23.29 -27.02
CA ASP G 497 15.05 -23.46 -25.74
C ASP G 497 14.49 -24.88 -25.63
N TYR G 498 13.91 -25.18 -24.47
CA TYR G 498 13.32 -26.50 -24.24
C TYR G 498 11.80 -26.38 -24.21
N ASN G 499 11.13 -27.11 -25.09
CA ASN G 499 9.67 -27.14 -25.13
C ASN G 499 9.22 -28.53 -25.54
N ALA G 500 8.14 -28.99 -24.92
CA ALA G 500 7.56 -30.29 -25.25
C ALA G 500 6.09 -30.24 -24.88
N GLU G 501 5.21 -30.21 -25.88
CA GLU G 501 3.79 -29.93 -25.70
C GLU G 501 3.57 -28.88 -24.61
N GLY G 502 4.17 -27.72 -24.84
CA GLY G 502 4.19 -26.68 -23.84
C GLY G 502 5.31 -26.89 -22.85
N PHE G 503 5.13 -26.33 -21.66
CA PHE G 503 6.10 -26.44 -20.58
C PHE G 503 7.48 -25.95 -21.04
N THR G 504 7.53 -24.67 -21.39
CA THR G 504 8.75 -24.05 -21.85
C THR G 504 9.69 -23.82 -20.67
N ILE G 505 10.95 -24.22 -20.84
CA ILE G 505 12.00 -23.96 -19.85
C ILE G 505 13.06 -23.10 -20.51
N ARG G 506 13.37 -21.96 -19.89
CA ARG G 506 14.31 -21.03 -20.47
C ARG G 506 15.73 -21.60 -20.46
N LYS G 507 16.62 -20.96 -21.22
CA LYS G 507 17.99 -21.43 -21.32
C LYS G 507 18.71 -21.35 -19.97
N ASP G 508 18.55 -20.25 -19.26
CA ASP G 508 19.32 -19.99 -18.05
C ASP G 508 18.81 -20.78 -16.85
N ASP G 509 17.60 -21.33 -16.91
CA ASP G 509 17.09 -22.11 -15.80
C ASP G 509 17.97 -23.32 -15.54
N PHE G 510 18.48 -23.95 -16.59
CA PHE G 510 19.31 -25.13 -16.41
C PHE G 510 20.64 -24.78 -15.77
N ARG G 511 21.24 -23.68 -16.22
CA ARG G 511 22.47 -23.20 -15.58
C ARG G 511 22.23 -22.90 -14.11
N ALA G 512 21.08 -22.30 -13.78
CA ALA G 512 20.75 -22.06 -12.39
C ALA G 512 20.62 -23.36 -11.62
N LEU G 513 19.98 -24.37 -12.23
CA LEU G 513 19.73 -25.62 -11.54
C LEU G 513 21.03 -26.38 -11.28
N GLN G 514 21.98 -26.32 -12.22
CA GLN G 514 23.25 -27.02 -12.03
C GLN G 514 24.01 -26.47 -10.83
N ALA G 515 23.76 -25.22 -10.46
CA ALA G 515 24.51 -24.58 -9.39
C ALA G 515 24.04 -24.99 -8.00
N VAL G 516 22.89 -25.65 -7.88
CA VAL G 516 22.37 -26.01 -6.57
C VAL G 516 22.44 -27.52 -6.32
N LEU G 517 22.58 -28.34 -7.36
CA LEU G 517 22.63 -29.79 -7.21
C LEU G 517 24.01 -30.29 -6.77
N ARG G 518 24.88 -29.42 -6.28
CA ARG G 518 26.20 -29.84 -5.83
C ARG G 518 26.17 -30.22 -4.35
N ILE G 519 27.24 -30.87 -3.92
CA ILE G 519 27.35 -31.33 -2.54
C ILE G 519 27.99 -30.24 -1.69
N ASP G 520 27.64 -30.23 -0.40
CA ASP G 520 28.02 -29.14 0.49
C ASP G 520 29.53 -28.96 0.61
N GLU G 521 30.31 -30.00 0.30
CA GLU G 521 31.77 -30.03 0.29
C GLU G 521 32.37 -30.09 1.69
N ASP G 522 31.58 -29.92 2.75
CA ASP G 522 32.07 -30.03 4.12
C ASP G 522 31.58 -31.29 4.81
N ARG G 523 30.77 -32.10 4.13
CA ARG G 523 30.25 -33.33 4.69
C ARG G 523 31.11 -34.54 4.35
N ALA G 524 32.20 -34.34 3.62
CA ALA G 524 32.99 -35.46 3.11
C ALA G 524 33.54 -36.32 4.24
N ALA G 525 33.97 -35.71 5.34
CA ALA G 525 34.53 -36.47 6.44
C ALA G 525 33.53 -37.50 6.95
N ASP G 526 32.31 -37.06 7.25
CA ASP G 526 31.28 -37.99 7.70
C ASP G 526 30.76 -38.85 6.56
N MET G 527 30.65 -38.29 5.37
CA MET G 527 30.07 -39.03 4.22
C MET G 527 30.91 -40.27 3.88
N PHE G 528 32.24 -40.14 3.89
CA PHE G 528 33.08 -41.25 3.45
C PHE G 528 33.20 -42.36 4.48
N THR G 529 32.86 -42.10 5.75
CA THR G 529 33.02 -43.13 6.77
C THR G 529 32.10 -44.31 6.51
N THR G 530 30.88 -44.05 6.04
CA THR G 530 29.95 -45.14 5.78
C THR G 530 30.48 -46.06 4.68
N LEU G 531 30.95 -45.48 3.57
CA LEU G 531 31.55 -46.29 2.52
C LEU G 531 32.79 -47.01 3.04
N ARG G 532 33.55 -46.32 3.90
CA ARG G 532 34.80 -46.92 4.45
C ARG G 532 34.44 -48.20 5.22
N ILE G 533 33.42 -48.15 6.08
CA ILE G 533 33.08 -49.32 6.89
C ILE G 533 32.26 -50.35 6.14
N MET G 534 31.64 -49.98 5.01
CA MET G 534 30.88 -50.96 4.25
C MET G 534 31.70 -51.68 3.18
N ILE G 535 32.77 -51.07 2.68
CA ILE G 535 33.59 -51.75 1.70
C ILE G 535 34.29 -52.96 2.31
N SER G 536 34.80 -52.79 3.54
CA SER G 536 35.67 -53.78 4.16
C SER G 536 34.94 -54.71 5.11
N SER G 537 33.66 -54.98 4.87
CA SER G 537 32.93 -55.89 5.73
C SER G 537 31.96 -56.80 4.99
N ILE G 538 31.92 -56.77 3.67
CA ILE G 538 31.02 -57.65 2.91
C ILE G 538 31.86 -58.51 1.99
N PRO G 539 31.71 -59.84 2.03
CA PRO G 539 32.55 -60.70 1.21
C PRO G 539 32.42 -60.38 -0.28
N ALA G 540 33.55 -60.44 -0.98
CA ALA G 540 33.58 -60.00 -2.37
C ALA G 540 32.87 -60.95 -3.31
N VAL G 541 32.76 -62.23 -2.95
CA VAL G 541 32.16 -63.21 -3.84
C VAL G 541 30.66 -63.04 -3.99
N TRP G 542 30.00 -62.36 -3.05
CA TRP G 542 28.57 -62.14 -3.16
C TRP G 542 28.21 -61.13 -4.23
N TYR G 543 29.18 -60.39 -4.76
CA TYR G 543 28.89 -59.30 -5.69
C TYR G 543 28.33 -59.78 -7.01
N ASP G 544 28.37 -61.07 -7.30
CA ASP G 544 27.79 -61.62 -8.52
C ASP G 544 26.44 -62.27 -8.29
N ALA G 545 25.82 -62.04 -7.13
CA ALA G 545 24.53 -62.64 -6.84
C ALA G 545 23.43 -61.98 -7.67
N GLU G 546 22.42 -62.76 -8.04
CA GLU G 546 21.27 -62.22 -8.72
C GLU G 546 20.29 -61.60 -7.73
N VAL G 547 19.21 -61.05 -8.26
CA VAL G 547 18.15 -60.48 -7.44
C VAL G 547 17.01 -61.47 -7.35
N VAL G 548 16.52 -61.72 -6.13
CA VAL G 548 15.46 -62.69 -5.92
C VAL G 548 14.14 -62.03 -5.51
N HIS G 549 14.17 -60.89 -4.83
CA HIS G 549 12.96 -60.18 -4.44
C HIS G 549 12.92 -58.84 -5.17
N TYR G 550 11.96 -58.69 -6.08
CA TYR G 550 11.91 -57.50 -6.91
C TYR G 550 11.76 -56.20 -6.12
N PRO G 551 10.83 -56.07 -5.16
CA PRO G 551 10.56 -54.74 -4.60
C PRO G 551 11.74 -54.10 -3.89
N HIS G 552 12.84 -54.83 -3.71
CA HIS G 552 14.01 -54.25 -3.09
C HIS G 552 14.79 -53.34 -4.04
N THR G 553 14.43 -53.31 -5.32
CA THR G 553 15.12 -52.48 -6.30
C THR G 553 14.17 -51.54 -7.03
N ALA G 554 13.06 -51.18 -6.41
CA ALA G 554 12.05 -50.33 -7.04
C ALA G 554 11.72 -49.16 -6.14
N VAL G 555 11.69 -47.96 -6.73
CA VAL G 555 11.34 -46.75 -6.01
C VAL G 555 10.74 -45.76 -7.00
N GLU G 556 9.70 -45.06 -6.57
CA GLU G 556 9.00 -44.12 -7.43
C GLU G 556 9.86 -42.89 -7.70
N LEU G 557 9.56 -42.22 -8.81
CA LEU G 557 10.39 -41.12 -9.29
C LEU G 557 10.39 -39.94 -8.31
N GLU G 558 9.22 -39.63 -7.74
CA GLU G 558 9.11 -38.49 -6.83
C GLU G 558 9.95 -38.67 -5.57
N GLN G 559 10.34 -39.89 -5.25
CA GLN G 559 11.20 -40.15 -4.11
C GLN G 559 12.68 -40.06 -4.47
N LEU G 560 13.05 -40.65 -5.62
CA LEU G 560 14.43 -40.56 -6.07
C LEU G 560 14.84 -39.13 -6.33
N ALA G 561 13.94 -38.34 -6.93
CA ALA G 561 14.25 -36.94 -7.17
C ALA G 561 14.46 -36.18 -5.87
N ALA G 562 13.61 -36.42 -4.87
CA ALA G 562 13.78 -35.77 -3.58
C ALA G 562 15.09 -36.18 -2.94
N TYR G 563 15.46 -37.45 -3.05
CA TYR G 563 16.73 -37.92 -2.50
C TYR G 563 17.91 -37.22 -3.18
N GLY G 564 17.86 -37.09 -4.51
CA GLY G 564 18.97 -36.49 -5.22
C GLY G 564 19.08 -34.99 -5.02
N LEU G 565 17.95 -34.31 -4.88
CA LEU G 565 17.96 -32.85 -4.76
C LEU G 565 18.66 -32.41 -3.49
N THR G 566 18.41 -33.10 -2.38
CA THR G 566 18.98 -32.71 -1.10
C THR G 566 20.40 -33.22 -0.91
N GLY G 567 20.93 -34.00 -1.85
CA GLY G 567 22.29 -34.51 -1.71
C GLY G 567 22.49 -35.41 -0.52
N ALA G 568 21.51 -36.29 -0.26
CA ALA G 568 21.58 -37.15 0.92
C ALA G 568 22.58 -38.28 0.71
N TYR G 569 23.18 -38.72 1.80
CA TYR G 569 24.12 -39.83 1.82
C TYR G 569 23.81 -40.75 2.99
N PRO G 570 24.12 -42.04 2.86
CA PRO G 570 23.89 -42.95 3.98
C PRO G 570 24.79 -42.62 5.16
N ARG G 571 24.25 -42.81 6.36
CA ARG G 571 24.99 -42.51 7.58
C ARG G 571 24.83 -43.65 8.57
N THR G 572 25.85 -43.85 9.39
CA THR G 572 25.85 -44.94 10.34
C THR G 572 26.57 -44.51 11.61
N ASN G 573 26.26 -45.19 12.72
CA ASN G 573 26.94 -44.96 13.97
C ASN G 573 27.30 -46.27 14.67
N HIS G 574 27.42 -47.35 13.91
CA HIS G 574 27.87 -48.63 14.43
C HIS G 574 29.33 -48.84 14.07
N SER G 575 30.03 -49.58 14.92
CA SER G 575 31.43 -49.90 14.66
C SER G 575 31.52 -50.88 13.49
N VAL G 576 32.74 -51.27 13.16
CA VAL G 576 32.93 -52.24 12.09
C VAL G 576 32.86 -53.67 12.61
N ASP G 577 33.35 -53.93 13.82
CA ASP G 577 33.41 -55.30 14.32
C ASP G 577 32.02 -55.92 14.45
N THR G 578 31.02 -55.11 14.78
CA THR G 578 29.67 -55.65 14.92
C THR G 578 29.15 -56.23 13.60
N ILE G 579 29.66 -55.78 12.46
CA ILE G 579 29.18 -56.28 11.18
C ILE G 579 29.91 -57.56 10.79
N VAL G 580 31.22 -57.60 10.96
CA VAL G 580 31.95 -58.82 10.65
C VAL G 580 31.53 -59.93 11.61
N LYS G 581 31.20 -59.59 12.85
CA LYS G 581 30.71 -60.61 13.77
C LYS G 581 29.38 -61.19 13.29
N THR G 582 28.49 -60.34 12.78
CA THR G 582 27.23 -60.84 12.24
C THR G 582 27.45 -61.72 11.01
N VAL G 583 28.37 -61.31 10.14
CA VAL G 583 28.66 -62.13 8.95
C VAL G 583 29.24 -63.48 9.36
N ASN G 584 30.12 -63.48 10.36
CA ASN G 584 30.64 -64.75 10.87
C ASN G 584 29.54 -65.58 11.49
N ASN G 585 28.56 -64.96 12.14
CA ASN G 585 27.43 -65.71 12.68
C ASN G 585 26.63 -66.38 11.57
N ILE G 586 26.40 -65.65 10.48
CA ILE G 586 25.69 -66.23 9.33
C ILE G 586 26.48 -67.42 8.79
N SER G 587 27.79 -67.26 8.64
CA SER G 587 28.62 -68.35 8.14
C SER G 587 28.56 -69.56 9.07
N ALA G 588 28.59 -69.31 10.39
CA ALA G 588 28.56 -70.40 11.35
C ALA G 588 27.24 -71.16 11.26
N THR G 589 26.12 -70.45 11.15
CA THR G 589 24.85 -71.15 11.06
C THR G 589 24.68 -71.86 9.72
N TYR G 590 25.35 -71.40 8.67
CA TYR G 590 25.36 -72.20 7.45
C TYR G 590 26.26 -73.41 7.55
N SER G 591 27.31 -73.34 8.36
CA SER G 591 28.19 -74.49 8.51
C SER G 591 27.59 -75.57 9.40
N THR G 592 26.83 -75.19 10.43
CA THR G 592 26.25 -76.19 11.33
C THR G 592 25.29 -77.10 10.59
N ILE G 593 24.43 -76.52 9.76
CA ILE G 593 23.44 -77.33 9.03
C ILE G 593 24.14 -78.24 8.04
N ALA G 594 25.19 -77.74 7.37
CA ALA G 594 25.93 -78.57 6.45
C ALA G 594 26.59 -79.74 7.17
N GLN G 595 27.17 -79.48 8.34
CA GLN G 595 27.80 -80.57 9.10
C GLN G 595 26.77 -81.60 9.52
N MET G 596 25.60 -81.16 10.00
CA MET G 596 24.57 -82.10 10.41
C MET G 596 24.09 -82.93 9.23
N LEU G 597 23.87 -82.29 8.08
CA LEU G 597 23.47 -83.03 6.88
C LEU G 597 24.52 -84.06 6.49
N SER G 598 25.79 -83.68 6.54
CA SER G 598 26.85 -84.59 6.13
C SER G 598 26.99 -85.75 7.09
N THR G 599 26.73 -85.53 8.38
CA THR G 599 26.89 -86.60 9.35
C THR G 599 25.63 -87.42 9.56
N ILE G 600 24.49 -87.03 8.99
CA ILE G 600 23.28 -87.81 9.20
C ILE G 600 22.65 -88.26 7.88
N ASP G 601 22.38 -87.31 6.98
CA ASP G 601 21.53 -87.57 5.83
C ASP G 601 22.29 -87.91 4.55
N LEU G 602 23.56 -87.54 4.44
CA LEU G 602 24.27 -87.64 3.17
C LEU G 602 24.38 -89.09 2.70
N ASP G 603 23.61 -89.44 1.67
CA ASP G 603 23.60 -90.78 1.12
C ASP G 603 23.38 -90.75 -0.39
N PRO G 604 24.24 -91.39 -1.17
CA PRO G 604 24.10 -91.33 -2.64
C PRO G 604 22.81 -91.94 -3.17
N THR G 605 22.57 -93.21 -2.84
CA THR G 605 21.43 -93.94 -3.39
C THR G 605 20.23 -93.77 -2.48
N ARG G 606 19.19 -94.59 -2.67
CA ARG G 606 18.10 -94.74 -1.70
C ARG G 606 17.36 -93.40 -1.49
N TYR G 607 16.55 -93.06 -2.48
CA TYR G 607 15.78 -91.82 -2.49
C TYR G 607 16.67 -90.60 -2.60
N GLY G 608 17.32 -90.45 -3.74
CA GLY G 608 18.05 -89.23 -4.03
C GLY G 608 17.13 -88.17 -4.58
N THR G 609 17.41 -87.68 -5.79
CA THR G 609 16.60 -86.61 -6.35
C THR G 609 15.22 -87.08 -6.80
N SER G 610 15.00 -88.39 -6.93
CA SER G 610 13.73 -88.92 -7.40
C SER G 610 12.95 -89.50 -6.22
N GLU G 611 12.25 -88.63 -5.51
CA GLU G 611 11.41 -89.04 -4.41
C GLU G 611 10.05 -88.37 -4.52
N SER G 612 9.06 -88.97 -3.88
CA SER G 612 7.77 -88.32 -3.77
C SER G 612 7.87 -87.13 -2.82
N ILE G 613 6.90 -86.23 -2.94
CA ILE G 613 6.91 -85.03 -2.09
C ILE G 613 6.71 -85.41 -0.64
N ASP G 614 5.92 -86.45 -0.37
CA ASP G 614 5.59 -86.82 1.00
C ASP G 614 6.81 -87.17 1.83
N LYS G 615 7.93 -87.53 1.21
CA LYS G 615 9.13 -87.85 1.96
C LYS G 615 9.91 -86.61 2.39
N PHE G 616 9.54 -85.44 1.90
CA PHE G 616 10.35 -84.26 2.15
C PHE G 616 10.19 -83.74 3.58
N LYS G 617 9.04 -83.97 4.19
CA LYS G 617 8.80 -83.44 5.54
C LYS G 617 9.77 -84.04 6.55
N ILE G 618 10.04 -85.34 6.44
CA ILE G 618 10.95 -85.99 7.37
C ILE G 618 12.34 -85.36 7.30
N ALA G 619 12.84 -85.14 6.08
CA ALA G 619 14.14 -84.51 5.94
C ALA G 619 14.12 -83.08 6.46
N TRP G 620 13.05 -82.33 6.17
CA TRP G 620 12.99 -80.94 6.59
C TRP G 620 12.86 -80.79 8.10
N GLU G 621 12.41 -81.84 8.79
CA GLU G 621 12.25 -81.76 10.24
C GLU G 621 13.58 -81.46 10.92
N ASN G 622 14.66 -82.14 10.50
CA ASN G 622 15.96 -81.93 11.13
C ASN G 622 16.46 -80.51 10.93
N VAL G 623 16.30 -79.98 9.72
CA VAL G 623 16.73 -78.61 9.46
C VAL G 623 15.94 -77.62 10.31
N GLU G 624 14.63 -77.83 10.42
CA GLU G 624 13.82 -76.96 11.26
C GLU G 624 14.25 -77.04 12.72
N SER G 625 14.58 -78.24 13.20
CA SER G 625 15.03 -78.38 14.57
C SER G 625 16.35 -77.65 14.79
N VAL G 626 17.27 -77.74 13.83
CA VAL G 626 18.56 -77.07 13.98
C VAL G 626 18.38 -75.56 13.93
N LEU G 627 17.48 -75.07 13.08
CA LEU G 627 17.30 -73.63 12.92
C LEU G 627 16.68 -72.96 14.14
N ASN G 628 16.47 -73.62 15.27
CA ASN G 628 15.94 -73.00 16.47
C ASN G 628 16.87 -73.24 17.64
N MET G 629 18.15 -73.03 17.43
CA MET G 629 19.20 -73.39 18.39
C MET G 629 19.77 -72.18 19.11
N GLU G 630 18.96 -71.13 19.29
CA GLU G 630 19.30 -70.00 20.15
C GLU G 630 20.62 -69.34 19.70
N GLY G 631 20.54 -68.67 18.56
CA GLY G 631 21.72 -68.05 17.99
C GLY G 631 21.75 -68.13 16.48
N ASN G 632 20.73 -68.77 15.91
CA ASN G 632 20.57 -68.86 14.47
C ASN G 632 19.34 -68.09 13.99
N ASP G 633 18.95 -67.06 14.75
CA ASP G 633 17.70 -66.37 14.46
C ASP G 633 17.75 -65.61 13.15
N PHE G 634 18.93 -65.17 12.73
CA PHE G 634 19.04 -64.35 11.52
C PHE G 634 18.58 -65.14 10.29
N VAL G 635 19.14 -66.33 10.09
CA VAL G 635 18.80 -67.12 8.91
C VAL G 635 17.36 -67.60 9.01
N LYS G 636 16.90 -67.96 10.22
CA LYS G 636 15.54 -68.44 10.39
C LYS G 636 14.54 -67.35 10.00
N THR G 637 14.76 -66.13 10.47
CA THR G 637 13.85 -65.03 10.14
C THR G 637 13.91 -64.70 8.66
N ILE G 638 15.11 -64.68 8.07
CA ILE G 638 15.20 -64.41 6.64
C ILE G 638 14.46 -65.47 5.84
N MET G 639 14.55 -66.72 6.26
CA MET G 639 13.83 -67.80 5.59
C MET G 639 12.33 -67.60 5.67
N TYR G 640 11.81 -67.41 6.89
CA TYR G 640 10.36 -67.39 7.03
C TYR G 640 9.75 -66.13 6.44
N ALA G 641 10.53 -65.05 6.30
CA ALA G 641 9.98 -63.84 5.71
C ALA G 641 9.85 -63.95 4.19
N TYR G 642 10.80 -64.61 3.54
CA TYR G 642 10.82 -64.64 2.07
C TYR G 642 10.73 -66.07 1.55
N GLU G 643 9.82 -66.87 2.13
CA GLU G 643 9.66 -68.25 1.69
C GLU G 643 9.13 -68.32 0.27
N ASP G 644 8.21 -67.43 -0.10
CA ASP G 644 7.54 -67.53 -1.39
C ASP G 644 8.52 -67.41 -2.55
N ASN G 645 9.44 -66.45 -2.47
CA ASN G 645 10.39 -66.24 -3.56
C ASN G 645 11.47 -67.30 -3.57
N PHE G 646 11.82 -67.86 -2.42
CA PHE G 646 12.89 -68.85 -2.30
C PHE G 646 12.33 -70.06 -1.55
N PRO G 647 11.74 -71.01 -2.26
CA PRO G 647 11.09 -72.14 -1.58
C PRO G 647 12.10 -73.08 -0.95
N LYS G 648 11.57 -73.91 -0.05
CA LYS G 648 12.44 -74.74 0.79
C LYS G 648 13.19 -75.81 0.00
N LYS G 649 12.62 -76.27 -1.11
CA LYS G 649 13.24 -77.36 -1.85
C LYS G 649 14.62 -76.97 -2.37
N ASP G 650 14.72 -75.79 -2.98
CA ASP G 650 16.01 -75.34 -3.50
C ASP G 650 17.00 -75.03 -2.39
N PHE G 651 16.53 -74.53 -1.26
CA PHE G 651 17.41 -74.33 -0.12
C PHE G 651 18.00 -75.67 0.35
N TYR G 652 17.15 -76.69 0.44
CA TYR G 652 17.63 -78.01 0.82
C TYR G 652 18.63 -78.55 -0.20
N MET G 653 18.36 -78.36 -1.48
CA MET G 653 19.28 -78.81 -2.51
C MET G 653 20.63 -78.11 -2.39
N MET G 654 20.60 -76.79 -2.16
CA MET G 654 21.85 -76.03 -2.04
C MET G 654 22.64 -76.49 -0.81
N LEU G 655 21.95 -76.74 0.30
CA LEU G 655 22.65 -77.22 1.49
C LEU G 655 23.25 -78.60 1.25
N LYS G 656 22.53 -79.46 0.55
CA LYS G 656 23.07 -80.78 0.23
C LYS G 656 24.31 -80.65 -0.64
N GLN G 657 24.28 -79.74 -1.62
CA GLN G 657 25.45 -79.51 -2.45
C GLN G 657 26.63 -79.03 -1.61
N ILE G 658 26.36 -78.11 -0.66
CA ILE G 658 27.43 -77.60 0.20
C ILE G 658 28.06 -78.72 1.00
N ALA G 659 27.21 -79.58 1.59
CA ALA G 659 27.73 -80.68 2.39
C ALA G 659 28.50 -81.67 1.53
N SER G 660 28.03 -81.94 0.33
CA SER G 660 28.65 -82.96 -0.50
C SER G 660 29.97 -82.51 -1.11
N ASP G 661 30.11 -81.21 -1.39
CA ASP G 661 31.34 -80.74 -2.03
C ASP G 661 32.56 -81.06 -1.17
N GLY G 662 32.53 -80.66 0.10
CA GLY G 662 33.52 -81.12 1.05
C GLY G 662 33.24 -80.58 2.44
N GLN G 663 33.22 -81.46 3.43
CA GLN G 663 32.91 -81.11 4.81
C GLN G 663 33.21 -82.27 5.74
N GLY G 664 33.94 -82.01 6.82
CA GLY G 664 34.14 -83.02 7.83
C GLY G 664 32.82 -83.36 8.50
N ALA G 665 32.41 -84.62 8.46
CA ALA G 665 31.11 -85.00 8.99
C ALA G 665 31.02 -84.74 10.48
N HIS G 666 31.77 -85.52 11.27
CA HIS G 666 31.87 -85.37 12.71
C HIS G 666 32.83 -86.42 13.26
N PRO G 667 33.50 -86.16 14.38
CA PRO G 667 34.29 -87.22 15.00
C PRO G 667 33.46 -88.37 15.54
N ILE G 668 32.16 -88.18 15.76
CA ILE G 668 31.38 -89.19 16.46
C ILE G 668 30.93 -90.32 15.55
N ALA G 669 30.89 -90.10 14.23
CA ALA G 669 30.46 -91.18 13.33
C ALA G 669 31.44 -92.34 13.36
N ALA G 670 32.73 -92.05 13.23
CA ALA G 670 33.73 -93.10 13.31
C ALA G 670 33.75 -93.74 14.68
N ALA G 671 33.52 -92.97 15.74
CA ALA G 671 33.47 -93.54 17.08
C ALA G 671 32.34 -94.54 17.21
N ILE G 672 31.16 -94.19 16.70
CA ILE G 672 30.02 -95.11 16.77
C ILE G 672 30.30 -96.36 15.96
N ASP G 673 30.86 -96.19 14.76
CA ASP G 673 31.16 -97.36 13.92
C ASP G 673 32.17 -98.27 14.59
N GLN G 674 33.17 -97.71 15.25
CA GLN G 674 34.17 -98.52 15.92
C GLN G 674 33.63 -99.16 17.18
N LEU G 675 32.68 -98.52 17.84
CA LEU G 675 32.07 -99.10 19.04
C LEU G 675 31.11 -100.23 18.70
N ARG G 676 30.52 -100.19 17.50
CA ARG G 676 29.60 -101.26 17.13
C ARG G 676 30.30 -102.60 17.05
N THR G 677 31.53 -102.63 16.55
CA THR G 677 32.30 -103.87 16.53
C THR G 677 32.54 -104.38 17.94
N ILE G 678 32.87 -103.48 18.86
CA ILE G 678 33.08 -103.87 20.25
C ILE G 678 31.82 -104.49 20.82
N VAL G 679 30.67 -103.88 20.54
CA VAL G 679 29.40 -104.43 21.01
C VAL G 679 29.17 -105.81 20.44
N TYR G 680 29.47 -106.00 19.16
CA TYR G 680 29.30 -107.31 18.53
C TYR G 680 30.16 -108.36 19.22
N ARG G 681 31.41 -108.01 19.54
CA ARG G 681 32.37 -109.02 19.97
C ARG G 681 32.04 -109.59 21.35
N GLU G 682 31.76 -108.72 22.32
CA GLU G 682 31.55 -109.16 23.70
C GLU G 682 30.12 -108.88 24.13
N PRO G 683 29.22 -109.87 24.10
CA PRO G 683 27.81 -109.57 24.43
C PRO G 683 27.56 -109.29 25.89
N GLU G 684 28.12 -110.10 26.79
CA GLU G 684 27.72 -110.03 28.20
C GLU G 684 28.11 -108.73 28.87
N ARG G 685 29.14 -108.03 28.37
CA ARG G 685 29.48 -106.75 28.96
C ARG G 685 28.37 -105.73 28.78
N PHE G 686 27.54 -105.88 27.77
CA PHE G 686 26.42 -104.99 27.52
C PHE G 686 25.09 -105.60 27.95
N GLY G 687 25.12 -106.74 28.63
CA GLY G 687 23.91 -107.31 29.19
C GLY G 687 22.88 -107.77 28.17
N TYR G 688 23.30 -108.47 27.13
CA TYR G 688 22.37 -109.05 26.17
C TYR G 688 22.93 -110.38 25.69
N ILE G 689 22.02 -111.28 25.33
CA ILE G 689 22.39 -112.59 24.80
C ILE G 689 21.38 -112.98 23.73
N ASP G 690 21.74 -113.97 22.94
CA ASP G 690 20.86 -114.54 21.94
C ASP G 690 20.87 -116.05 22.06
N SER G 691 19.87 -116.68 21.47
CA SER G 691 19.76 -118.14 21.40
C SER G 691 19.73 -118.76 22.80
N VAL G 692 18.66 -118.43 23.53
CA VAL G 692 18.35 -119.12 24.77
C VAL G 692 17.75 -120.47 24.43
N ILE G 693 18.25 -121.53 25.06
CA ILE G 693 17.85 -122.90 24.74
C ILE G 693 16.92 -123.41 25.84
N LEU G 694 15.76 -123.91 25.42
CA LEU G 694 14.78 -124.50 26.33
C LEU G 694 14.80 -126.01 26.18
N THR G 695 14.88 -126.71 27.31
CA THR G 695 14.93 -128.17 27.27
C THR G 695 14.72 -128.73 28.68
N HIS G 696 14.52 -130.04 28.73
CA HIS G 696 14.67 -130.81 29.94
C HIS G 696 15.69 -131.91 29.68
N ASN G 697 16.15 -132.55 30.75
CA ASN G 697 17.35 -133.38 30.89
C ASN G 697 18.54 -132.68 30.25
N PRO G 698 19.03 -131.59 30.84
CA PRO G 698 20.20 -130.92 30.30
C PRO G 698 21.48 -131.64 30.69
N ASP G 699 22.52 -131.41 29.89
CA ASP G 699 23.80 -132.06 30.10
C ASP G 699 24.87 -130.98 30.11
N VAL G 700 25.64 -130.92 31.19
CA VAL G 700 26.68 -129.91 31.35
C VAL G 700 27.86 -130.27 30.44
N ASP G 701 28.72 -129.28 30.16
CA ASP G 701 29.83 -129.53 29.25
C ASP G 701 31.12 -129.95 29.95
N THR G 702 31.16 -129.89 31.29
CA THR G 702 32.34 -130.25 32.06
C THR G 702 33.57 -129.44 31.66
N ALA G 703 33.38 -128.29 31.04
CA ALA G 703 34.49 -127.42 30.64
C ALA G 703 34.64 -126.21 31.53
N TYR G 704 33.55 -125.56 31.89
CA TYR G 704 33.57 -124.49 32.89
C TYR G 704 33.39 -125.02 34.30
N ASN G 705 33.23 -126.33 34.47
CA ASN G 705 33.18 -126.90 35.82
C ASN G 705 34.47 -126.66 36.58
N ARG G 706 35.57 -126.40 35.89
CA ARG G 706 36.81 -126.05 36.56
C ARG G 706 36.72 -124.71 37.27
N PHE G 707 35.78 -123.86 36.88
CA PHE G 707 35.64 -122.52 37.45
C PHE G 707 34.41 -122.36 38.32
N PHE G 708 33.29 -122.96 37.95
CA PHE G 708 32.05 -122.86 38.71
C PHE G 708 31.64 -124.25 39.19
N HIS G 709 30.90 -124.28 40.30
CA HIS G 709 30.39 -125.55 40.79
C HIS G 709 29.18 -126.01 39.99
N LEU G 710 28.18 -125.15 39.86
CA LEU G 710 27.04 -125.42 39.00
C LEU G 710 26.71 -124.17 38.20
N HIS G 711 26.47 -124.37 36.91
CA HIS G 711 26.34 -123.29 35.95
C HIS G 711 25.25 -123.61 34.95
N PRO G 712 24.64 -122.60 34.34
CA PRO G 712 23.57 -122.85 33.37
C PRO G 712 24.06 -123.17 31.97
N ILE G 713 25.31 -123.52 31.82
CA ILE G 713 25.92 -123.73 30.51
C ILE G 713 25.71 -125.18 30.10
N VAL G 714 25.15 -125.40 28.91
CA VAL G 714 24.99 -126.73 28.34
C VAL G 714 25.37 -126.68 26.87
N THR G 715 25.55 -127.88 26.29
CA THR G 715 25.84 -128.05 24.87
C THR G 715 24.92 -129.09 24.24
N ASN G 716 23.63 -128.95 24.47
CA ASN G 716 22.66 -129.80 23.78
C ASN G 716 22.42 -129.25 22.39
N GLN G 717 22.55 -130.11 21.38
CA GLN G 717 22.33 -129.67 20.02
C GLN G 717 20.86 -129.37 19.82
N PRO G 718 20.50 -128.15 19.40
CA PRO G 718 19.09 -127.79 19.30
C PRO G 718 18.39 -128.54 18.18
N SER G 719 17.07 -128.61 18.29
CA SER G 719 16.23 -129.20 17.27
C SER G 719 14.88 -128.49 17.30
N ASN G 720 14.33 -128.24 16.10
CA ASN G 720 13.05 -127.54 15.95
C ASN G 720 13.09 -126.18 16.67
N THR G 721 13.97 -125.33 16.15
CA THR G 721 14.14 -124.00 16.71
C THR G 721 12.94 -123.11 16.40
N ILE G 722 12.51 -122.36 17.41
CA ILE G 722 11.43 -121.39 17.23
C ILE G 722 12.03 -120.05 16.78
N LYS G 723 11.28 -119.33 15.95
CA LYS G 723 11.80 -118.10 15.36
C LYS G 723 12.13 -117.06 16.43
N ASN G 724 11.23 -116.85 17.38
CA ASN G 724 11.45 -115.88 18.44
C ASN G 724 10.36 -116.05 19.49
N ALA G 725 10.45 -115.27 20.56
CA ALA G 725 9.39 -115.22 21.54
C ALA G 725 8.15 -114.58 20.94
N GLN G 726 7.09 -114.50 21.75
CA GLN G 726 5.78 -114.05 21.31
C GLN G 726 5.19 -115.02 20.29
N LEU G 727 5.94 -116.07 19.96
CA LEU G 727 5.45 -117.21 19.20
C LEU G 727 5.36 -118.45 20.07
N TRP G 728 6.44 -118.78 20.78
CA TRP G 728 6.35 -119.75 21.86
C TRP G 728 5.43 -119.25 22.96
N ASN G 729 5.38 -117.94 23.17
CA ASN G 729 4.63 -117.39 24.30
C ASN G 729 3.14 -117.67 24.17
N GLU G 730 2.60 -117.59 22.96
CA GLU G 730 1.16 -117.62 22.75
C GLU G 730 0.68 -118.86 22.01
N MET G 731 1.54 -119.83 21.71
CA MET G 731 1.14 -120.93 20.84
C MET G 731 0.01 -121.73 21.45
N ARG G 732 0.29 -122.49 22.51
CA ARG G 732 -0.70 -123.19 23.33
C ARG G 732 0.04 -124.01 24.37
N LEU G 733 -0.67 -124.37 25.43
CA LEU G 733 -0.21 -125.44 26.28
C LEU G 733 -0.45 -126.77 25.56
N GLU G 734 0.30 -127.79 25.98
CA GLU G 734 0.22 -129.18 25.50
C GLU G 734 0.50 -129.30 24.00
N GLN G 735 0.79 -128.19 23.33
CA GLN G 735 1.41 -128.21 22.01
C GLN G 735 2.90 -127.96 22.07
N GLN G 736 3.32 -127.02 22.91
CA GLN G 736 4.74 -126.83 23.18
C GLN G 736 5.33 -128.00 23.95
N VAL G 737 4.50 -128.76 24.68
CA VAL G 737 4.98 -129.96 25.34
C VAL G 737 5.50 -130.96 24.32
N GLU G 738 4.83 -131.04 23.17
CA GLU G 738 5.32 -131.92 22.11
C GLU G 738 6.64 -131.45 21.54
N HIS G 739 6.84 -130.13 21.49
CA HIS G 739 8.12 -129.61 20.99
C HIS G 739 9.28 -130.02 21.89
N ILE G 740 9.10 -129.95 23.21
CA ILE G 740 10.20 -130.28 24.12
C ILE G 740 10.37 -131.77 24.31
N LYS G 741 9.43 -132.59 23.84
CA LYS G 741 9.60 -134.04 23.97
C LYS G 741 10.60 -134.57 22.96
N ALA G 742 10.61 -134.02 21.74
CA ALA G 742 11.54 -134.50 20.72
C ALA G 742 12.98 -134.17 21.05
N GLY G 743 13.22 -133.16 21.86
CA GLY G 743 14.56 -132.73 22.19
C GLY G 743 14.59 -131.26 22.56
N PRO G 744 15.80 -130.72 22.74
CA PRO G 744 15.92 -129.31 23.11
C PRO G 744 15.41 -128.40 22.01
N VAL G 745 14.89 -127.24 22.42
CA VAL G 745 14.43 -126.23 21.48
C VAL G 745 15.19 -124.93 21.76
N ARG G 746 15.21 -124.05 20.77
CA ARG G 746 16.01 -122.84 20.82
C ARG G 746 15.16 -121.64 20.42
N ILE G 747 15.34 -120.53 21.13
CA ILE G 747 14.63 -119.28 20.84
C ILE G 747 15.67 -118.28 20.33
N ILE G 748 15.48 -117.80 19.10
CA ILE G 748 16.52 -117.02 18.44
C ILE G 748 16.59 -115.59 18.97
N GLY G 749 15.45 -114.96 19.24
CA GLY G 749 15.41 -113.55 19.53
C GLY G 749 16.30 -113.12 20.69
N PRO G 750 16.94 -111.96 20.55
CA PRO G 750 17.79 -111.46 21.63
C PRO G 750 17.00 -111.12 22.88
N PHE G 751 17.67 -111.24 24.03
CA PHE G 751 17.05 -111.05 25.33
C PHE G 751 17.88 -110.07 26.16
N HIS G 752 17.28 -109.62 27.25
CA HIS G 752 17.93 -108.71 28.20
C HIS G 752 18.21 -109.50 29.47
N VAL G 753 19.39 -110.11 29.54
CA VAL G 753 19.72 -110.99 30.64
C VAL G 753 20.69 -110.29 31.58
N THR G 754 20.66 -110.69 32.85
CA THR G 754 21.60 -110.24 33.86
C THR G 754 22.14 -111.44 34.61
N TYR G 755 23.45 -111.46 34.85
CA TYR G 755 24.11 -112.57 35.50
C TYR G 755 24.35 -112.25 36.96
N ASN G 756 24.12 -113.23 37.83
CA ASN G 756 24.39 -113.11 39.25
C ASN G 756 25.49 -114.10 39.64
N TYR G 757 26.55 -113.60 40.26
CA TYR G 757 27.63 -114.44 40.75
C TYR G 757 27.56 -114.49 42.27
N LEU G 758 27.54 -115.71 42.81
CA LEU G 758 27.33 -115.90 44.24
C LEU G 758 28.37 -116.85 44.81
N SER G 759 28.69 -116.64 46.09
CA SER G 759 29.52 -117.56 46.83
C SER G 759 28.69 -118.77 47.25
N GLU G 760 29.35 -119.77 47.83
CA GLU G 760 28.67 -121.01 48.15
C GLU G 760 27.76 -120.85 49.36
N GLU G 761 28.21 -120.12 50.38
CA GLU G 761 27.41 -119.99 51.60
C GLU G 761 26.16 -119.15 51.38
N GLU G 762 26.27 -118.11 50.55
CA GLU G 762 25.14 -117.22 50.30
C GLU G 762 24.04 -117.99 49.57
N ASP G 763 22.80 -117.86 50.02
CA ASP G 763 21.74 -118.54 49.28
C ASP G 763 21.37 -117.71 48.04
N MET G 764 20.82 -118.40 47.05
CA MET G 764 20.60 -117.80 45.74
C MET G 764 19.21 -117.19 45.65
N PRO G 765 19.09 -116.09 44.91
CA PRO G 765 17.77 -115.46 44.70
C PRO G 765 16.79 -116.38 44.01
N ALA G 766 15.55 -115.94 43.89
CA ALA G 766 14.52 -116.70 43.19
C ALA G 766 14.38 -116.16 41.77
N THR G 767 14.48 -117.06 40.79
CA THR G 767 14.40 -116.70 39.38
C THR G 767 13.13 -117.32 38.81
N SER G 768 12.18 -116.47 38.43
CA SER G 768 10.96 -116.91 37.77
C SER G 768 11.25 -117.05 36.29
N HIS G 769 11.97 -118.11 35.93
CA HIS G 769 12.33 -118.33 34.53
C HIS G 769 11.10 -118.56 33.67
N ILE G 770 10.18 -119.40 34.14
CA ILE G 770 8.95 -119.69 33.42
C ILE G 770 7.78 -119.57 34.39
N ILE G 771 6.61 -119.21 33.87
CA ILE G 771 5.40 -119.08 34.65
C ILE G 771 4.38 -120.08 34.12
N MET G 772 3.82 -120.89 35.01
CA MET G 772 2.85 -121.91 34.63
C MET G 772 1.45 -121.40 34.96
N LYS G 773 0.86 -120.67 34.01
CA LYS G 773 -0.54 -120.26 34.08
C LYS G 773 -1.14 -120.50 32.69
N ASP G 774 -1.82 -121.63 32.54
CA ASP G 774 -2.46 -122.11 31.32
C ASP G 774 -1.51 -122.23 30.13
N ASN G 775 -0.20 -122.05 30.35
CA ASN G 775 0.77 -121.98 29.26
C ASN G 775 2.15 -121.92 29.87
N MET G 776 3.16 -121.93 28.99
CA MET G 776 4.56 -121.79 29.38
C MET G 776 5.03 -120.45 28.81
N ILE G 777 5.12 -119.42 29.66
CA ILE G 777 5.42 -118.06 29.22
C ILE G 777 6.76 -117.64 29.80
N LEU G 778 7.66 -117.19 28.92
CA LEU G 778 8.94 -116.66 29.35
C LEU G 778 8.81 -115.22 29.81
N ASN G 779 9.78 -114.77 30.60
CA ASN G 779 9.82 -113.40 31.06
C ASN G 779 10.67 -112.56 30.12
N ASP G 780 10.97 -111.33 30.54
CA ASP G 780 11.85 -110.44 29.79
C ASP G 780 13.09 -110.06 30.59
N HIS G 781 13.40 -110.81 31.65
CA HIS G 781 14.56 -110.55 32.47
C HIS G 781 15.57 -111.70 32.46
N LEU G 782 15.11 -112.92 32.74
CA LEU G 782 15.93 -114.12 32.61
C LEU G 782 17.24 -114.02 33.39
N THR G 783 17.11 -113.93 34.71
CA THR G 783 18.28 -113.82 35.58
C THR G 783 18.83 -115.21 35.86
N PHE G 784 20.05 -115.46 35.42
CA PHE G 784 20.71 -116.72 35.69
C PHE G 784 21.58 -116.61 36.94
N ASN G 785 21.94 -117.76 37.50
CA ASN G 785 22.68 -117.82 38.74
C ASN G 785 23.94 -118.66 38.56
N PHE G 786 25.06 -118.14 39.05
CA PHE G 786 26.33 -118.86 39.08
C PHE G 786 26.77 -119.04 40.52
N VAL G 787 27.65 -120.01 40.75
CA VAL G 787 28.31 -120.20 42.03
C VAL G 787 29.81 -120.30 41.78
N LYS G 788 30.59 -119.52 42.52
CA LYS G 788 32.02 -119.43 42.29
C LYS G 788 32.75 -120.51 43.06
N ARG G 789 33.63 -121.24 42.38
CA ARG G 789 34.51 -122.20 43.03
C ARG G 789 35.76 -121.45 43.46
N GLU G 790 35.90 -121.19 44.75
CA GLU G 790 37.00 -120.43 45.29
C GLU G 790 37.95 -121.34 46.06
N ARG G 791 39.12 -120.80 46.38
CA ARG G 791 40.16 -121.60 47.03
C ARG G 791 39.71 -122.13 48.38
N ARG G 792 38.81 -121.42 49.05
CA ARG G 792 38.36 -121.87 50.37
C ARG G 792 37.63 -123.20 50.30
N ASN G 793 36.75 -123.38 49.32
CA ASN G 793 35.99 -124.63 49.18
C ASN G 793 36.04 -125.04 47.70
N ASN G 794 37.09 -125.78 47.34
CA ASN G 794 37.28 -126.22 45.96
C ASN G 794 37.49 -127.72 45.86
N LYS G 795 37.29 -128.46 46.93
CA LYS G 795 37.44 -129.91 46.90
C LYS G 795 36.15 -130.66 47.22
N LYS G 796 35.29 -130.02 48.02
CA LYS G 796 33.97 -130.62 48.36
C LYS G 796 33.04 -130.43 47.15
N ARG G 797 32.13 -131.38 46.93
CA ARG G 797 31.22 -131.32 45.80
C ARG G 797 29.80 -131.06 46.28
N VAL G 798 29.16 -130.04 45.71
CA VAL G 798 27.78 -129.76 46.03
C VAL G 798 26.88 -130.82 45.40
N SER G 799 25.70 -131.00 45.97
CA SER G 799 24.79 -132.05 45.53
C SER G 799 23.88 -131.60 44.40
N SER G 800 23.93 -130.33 43.98
CA SER G 800 23.07 -129.78 42.95
C SER G 800 21.60 -129.82 43.35
N PHE G 801 21.30 -130.06 44.63
CA PHE G 801 19.92 -130.08 45.07
C PHE G 801 19.29 -128.69 45.01
N ARG G 802 20.00 -127.68 45.47
CA ARG G 802 19.47 -126.31 45.44
C ARG G 802 19.84 -125.62 44.14
N TYR G 803 19.55 -126.30 43.03
CA TYR G 803 19.54 -125.66 41.72
C TYR G 803 18.39 -126.13 40.84
N LYS G 804 17.83 -127.30 41.11
CA LYS G 804 16.61 -127.75 40.44
C LYS G 804 15.38 -127.65 41.34
N ALA G 805 15.56 -127.53 42.66
CA ALA G 805 14.42 -127.40 43.56
C ALA G 805 13.67 -126.11 43.30
N VAL G 806 14.39 -125.01 43.06
CA VAL G 806 13.77 -123.72 42.81
C VAL G 806 13.54 -123.56 41.32
N GLU G 807 13.75 -124.62 40.56
CA GLU G 807 13.56 -124.63 39.12
C GLU G 807 12.35 -125.49 38.76
N MET G 808 11.72 -125.16 37.64
CA MET G 808 10.58 -125.89 37.14
C MET G 808 11.05 -127.05 36.26
N TYR G 809 10.13 -127.96 35.95
CA TYR G 809 10.45 -129.15 35.17
C TYR G 809 11.18 -128.81 33.87
N VAL G 810 10.81 -127.70 33.24
CA VAL G 810 11.49 -127.24 32.04
C VAL G 810 12.52 -126.20 32.44
N ALA G 811 13.74 -126.35 31.94
CA ALA G 811 14.86 -125.49 32.34
C ALA G 811 15.31 -124.61 31.18
N VAL G 812 15.84 -123.44 31.50
CA VAL G 812 16.45 -122.53 30.54
C VAL G 812 17.96 -122.61 30.74
N ARG G 813 18.69 -122.64 29.62
CA ARG G 813 20.14 -122.76 29.66
C ARG G 813 20.76 -121.82 28.64
N ILE G 814 22.08 -121.76 28.64
CA ILE G 814 22.85 -120.83 27.83
C ILE G 814 23.83 -121.61 26.98
N SER G 815 23.94 -121.25 25.70
CA SER G 815 24.76 -122.04 24.78
C SER G 815 26.23 -121.67 24.85
N ARG G 816 26.56 -120.38 24.86
CA ARG G 816 27.95 -119.94 24.80
C ARG G 816 28.24 -118.91 25.88
N PHE G 817 29.51 -118.84 26.25
CA PHE G 817 29.97 -117.95 27.31
C PHE G 817 31.46 -117.70 27.14
N GLN G 818 31.84 -116.42 27.29
CA GLN G 818 33.25 -116.00 27.10
C GLN G 818 33.78 -115.37 28.39
N LEU G 819 35.04 -115.63 28.72
CA LEU G 819 35.66 -115.09 29.93
C LEU G 819 37.17 -115.18 29.75
N GLU G 820 37.88 -114.28 30.42
CA GLU G 820 39.33 -114.18 30.30
C GLU G 820 40.00 -114.88 31.48
N VAL G 821 40.81 -115.88 31.19
CA VAL G 821 41.53 -116.65 32.18
C VAL G 821 43.03 -116.45 31.95
N LEU G 822 43.76 -116.12 33.01
CA LEU G 822 45.17 -115.77 32.90
C LEU G 822 46.02 -116.73 33.72
N ARG G 823 47.25 -116.91 33.27
CA ARG G 823 48.18 -117.87 33.86
C ARG G 823 49.17 -117.25 34.84
N ASP G 824 49.54 -115.99 34.64
CA ASP G 824 50.54 -115.33 35.47
C ASP G 824 50.02 -113.99 35.94
N LEU G 825 50.46 -113.58 37.13
CA LEU G 825 50.06 -112.29 37.66
C LEU G 825 50.55 -111.14 36.80
N HIS G 826 51.66 -111.34 36.09
CA HIS G 826 52.22 -110.27 35.28
C HIS G 826 51.36 -109.92 34.07
N ASP G 827 50.33 -110.72 33.79
CA ASP G 827 49.41 -110.46 32.70
C ASP G 827 48.31 -109.48 33.08
N LEU G 828 48.29 -109.00 34.32
CA LEU G 828 47.25 -108.10 34.79
C LEU G 828 47.50 -106.65 34.42
N VAL G 829 48.62 -106.33 33.78
CA VAL G 829 49.00 -104.94 33.52
C VAL G 829 48.73 -104.59 32.07
N ARG G 830 48.01 -103.50 31.85
CA ARG G 830 47.75 -102.96 30.52
C ARG G 830 48.28 -101.54 30.46
N SER G 831 48.01 -100.84 29.36
CA SER G 831 48.58 -99.52 29.14
C SER G 831 47.50 -98.54 28.68
N ARG G 832 47.71 -97.28 29.03
CA ARG G 832 46.87 -96.18 28.58
C ARG G 832 47.77 -94.99 28.27
N THR G 833 47.25 -94.04 27.51
CA THR G 833 48.01 -92.86 27.11
C THR G 833 47.52 -91.64 27.86
N TYR G 834 48.38 -90.62 27.90
CA TYR G 834 48.11 -89.38 28.60
C TYR G 834 48.77 -88.23 27.86
N LEU G 835 48.53 -87.00 28.33
CA LEU G 835 48.97 -85.82 27.60
C LEU G 835 50.31 -85.29 28.07
N ASP G 836 50.74 -85.64 29.29
CA ASP G 836 52.05 -85.24 29.81
C ASP G 836 52.14 -83.70 29.82
N VAL G 837 51.36 -83.13 30.73
CA VAL G 837 51.32 -81.68 30.90
C VAL G 837 52.66 -81.07 31.26
N SER G 838 53.65 -81.88 31.61
CA SER G 838 54.95 -81.34 32.00
C SER G 838 55.62 -80.60 30.85
N LYS G 839 55.55 -81.15 29.64
CA LYS G 839 56.22 -80.56 28.49
C LYS G 839 55.28 -79.93 27.48
N SER G 840 54.01 -80.35 27.43
CA SER G 840 53.03 -79.79 26.51
C SER G 840 51.76 -79.46 27.30
N PRO G 841 51.80 -78.43 28.13
CA PRO G 841 50.66 -78.15 29.00
C PRO G 841 49.46 -77.63 28.24
N LEU G 842 48.30 -77.78 28.86
CA LEU G 842 47.07 -77.25 28.28
C LEU G 842 47.12 -75.72 28.23
N ALA G 843 46.53 -75.16 27.18
CA ALA G 843 46.60 -73.74 26.94
C ALA G 843 45.51 -72.99 27.69
N THR G 844 45.71 -71.68 27.84
CA THR G 844 44.73 -70.78 28.41
C THR G 844 44.96 -69.41 27.79
N THR G 845 43.93 -68.56 27.84
CA THR G 845 44.03 -67.19 27.34
C THR G 845 44.42 -67.19 25.87
N PRO G 846 43.49 -67.50 24.97
CA PRO G 846 43.83 -67.66 23.56
C PRO G 846 44.45 -66.41 22.96
N ILE G 847 44.90 -66.55 21.71
CA ILE G 847 45.60 -65.48 21.02
C ILE G 847 44.71 -64.25 20.91
N ARG G 848 45.29 -63.09 21.16
CA ARG G 848 44.54 -61.83 21.16
C ARG G 848 45.36 -60.74 20.50
N VAL G 849 44.67 -59.73 19.99
CA VAL G 849 45.33 -58.58 19.39
C VAL G 849 45.67 -57.57 20.48
N VAL G 850 46.86 -56.99 20.38
CA VAL G 850 47.37 -56.10 21.42
C VAL G 850 46.73 -54.72 21.27
N GLU G 851 46.10 -54.24 22.35
CA GLU G 851 45.62 -52.88 22.47
C GLU G 851 45.12 -52.78 23.91
N TYR G 852 45.12 -51.56 24.46
CA TYR G 852 45.04 -51.34 25.91
C TYR G 852 46.26 -51.95 26.62
N VAL G 853 47.44 -51.40 26.28
CA VAL G 853 48.70 -51.83 26.96
C VAL G 853 48.84 -50.95 28.19
N ARG G 854 48.97 -51.56 29.38
CA ARG G 854 49.03 -50.82 30.63
C ARG G 854 49.88 -51.54 31.66
N MET H 1 89.45 -5.06 27.21
CA MET H 1 90.30 -6.19 27.58
C MET H 1 90.99 -5.94 28.90
N ALA H 2 90.38 -6.42 29.99
CA ALA H 2 90.93 -6.26 31.32
C ALA H 2 90.47 -7.44 32.18
N SER H 3 90.94 -7.46 33.43
CA SER H 3 90.60 -8.55 34.31
C SER H 3 89.11 -8.60 34.64
N THR H 4 88.39 -7.49 34.44
CA THR H 4 86.96 -7.49 34.71
C THR H 4 86.19 -8.24 33.64
N THR H 5 86.74 -8.34 32.43
CA THR H 5 86.04 -8.99 31.34
C THR H 5 86.10 -10.51 31.41
N ARG H 6 86.48 -11.09 32.54
CA ARG H 6 86.57 -12.54 32.66
C ARG H 6 85.77 -13.06 33.85
N LEU H 7 84.96 -12.22 34.48
CA LEU H 7 84.27 -12.62 35.70
C LEU H 7 83.26 -13.72 35.45
N VAL H 8 82.51 -13.64 34.35
CA VAL H 8 81.49 -14.65 34.07
C VAL H 8 82.13 -16.00 33.81
N ASN H 9 83.19 -16.03 33.01
CA ASN H 9 83.87 -17.30 32.75
C ASN H 9 84.49 -17.85 34.02
N ASP H 10 85.05 -16.98 34.86
CA ASP H 10 85.62 -17.44 36.12
C ASP H 10 84.53 -18.04 37.00
N ARG H 11 83.35 -17.41 37.04
CA ARG H 11 82.26 -17.95 37.84
C ARG H 11 81.79 -19.29 37.30
N LYS H 12 81.75 -19.44 35.98
CA LYS H 12 81.41 -20.75 35.41
C LYS H 12 82.39 -21.82 35.86
N GLN H 13 83.69 -21.52 35.76
CA GLN H 13 84.69 -22.51 36.16
C GLN H 13 84.59 -22.83 37.64
N LEU H 14 84.38 -21.80 38.48
CA LEU H 14 84.27 -22.03 39.91
C LEU H 14 83.04 -22.86 40.25
N GLU H 15 81.92 -22.61 39.57
CA GLU H 15 80.73 -23.41 39.81
C GLU H 15 80.97 -24.87 39.46
N GLN H 16 81.62 -25.12 38.32
CA GLN H 16 81.94 -26.51 37.96
C GLN H 16 82.85 -27.15 39.00
N GLN H 17 83.87 -26.41 39.44
CA GLN H 17 84.82 -26.95 40.41
C GLN H 17 84.13 -27.28 41.73
N VAL H 18 83.24 -26.41 42.20
CA VAL H 18 82.58 -26.66 43.47
C VAL H 18 81.60 -27.82 43.35
N LYS H 19 80.95 -27.97 42.19
CA LYS H 19 80.10 -29.14 42.00
C LYS H 19 80.92 -30.41 42.06
N ASP H 20 82.08 -30.42 41.40
CA ASP H 20 82.94 -31.60 41.40
C ASP H 20 83.43 -31.93 42.80
N ASP H 21 83.88 -30.91 43.54
CA ASP H 21 84.46 -31.18 44.84
C ASP H 21 83.40 -31.50 45.90
N ALA H 22 82.16 -31.06 45.69
CA ALA H 22 81.08 -31.52 46.56
C ALA H 22 80.69 -32.96 46.23
N ARG H 23 80.71 -33.32 44.95
CA ARG H 23 80.40 -34.70 44.59
C ARG H 23 81.47 -35.67 45.08
N ILE H 24 82.72 -35.20 45.16
CA ILE H 24 83.81 -36.09 45.58
C ILE H 24 83.59 -36.58 47.00
N LEU H 25 83.20 -35.69 47.90
CA LEU H 25 83.11 -36.02 49.32
C LEU H 25 81.74 -36.47 49.77
N ALA H 26 80.76 -36.55 48.86
CA ALA H 26 79.43 -36.98 49.24
C ALA H 26 79.43 -38.44 49.64
N ASP H 27 78.75 -38.75 50.75
CA ASP H 27 78.68 -40.12 51.23
C ASP H 27 77.72 -40.94 50.37
N ALA H 28 78.12 -42.17 50.07
CA ALA H 28 77.33 -43.07 49.23
C ALA H 28 76.68 -44.13 50.11
N ARG H 29 75.35 -44.26 49.99
CA ARG H 29 74.58 -45.26 50.73
C ARG H 29 73.70 -46.00 49.73
N GLY H 30 74.09 -47.22 49.38
CA GLY H 30 73.33 -47.98 48.41
C GLY H 30 71.94 -48.28 48.91
N LEU H 31 70.93 -47.88 48.15
CA LEU H 31 69.55 -48.07 48.54
C LEU H 31 69.09 -49.47 48.16
N ASN H 32 68.32 -50.07 49.06
CA ASN H 32 67.78 -51.40 48.82
C ASN H 32 66.72 -51.32 47.73
N ILE H 33 66.78 -52.23 46.76
CA ILE H 33 65.86 -52.20 45.64
C ILE H 33 64.61 -52.98 46.01
N THR H 34 63.45 -52.35 45.88
CA THR H 34 62.18 -53.01 46.12
C THR H 34 61.22 -52.74 44.97
N THR H 35 59.96 -53.11 45.14
CA THR H 35 58.91 -52.86 44.14
C THR H 35 59.27 -53.48 42.80
N VAL H 36 59.53 -54.78 42.83
CA VAL H 36 59.76 -55.59 41.63
C VAL H 36 58.65 -56.62 41.55
N ALA H 37 57.86 -56.56 40.48
CA ALA H 37 56.73 -57.47 40.33
C ALA H 37 56.35 -57.55 38.86
N ASN H 38 55.59 -58.60 38.53
CA ASN H 38 55.16 -58.84 37.16
C ASN H 38 53.73 -58.31 37.01
N ASP H 39 53.62 -57.01 36.79
CA ASP H 39 52.33 -56.33 36.66
C ASP H 39 52.34 -55.39 35.46
N SER H 40 52.82 -55.89 34.33
CA SER H 40 52.86 -55.13 33.09
C SER H 40 52.17 -55.92 31.99
N ALA H 41 50.99 -56.46 32.30
CA ALA H 41 50.26 -57.29 31.36
C ALA H 41 49.76 -56.46 30.18
N THR H 42 49.30 -57.18 29.16
CA THR H 42 48.79 -56.57 27.94
C THR H 42 47.35 -56.99 27.71
N GLY H 43 46.48 -56.03 27.49
CA GLY H 43 45.08 -56.29 27.21
C GLY H 43 44.83 -56.58 25.74
N GLY H 44 43.58 -56.44 25.35
CA GLY H 44 43.16 -56.67 23.98
C GLY H 44 41.94 -57.55 23.92
N GLN H 45 41.53 -57.86 22.69
CA GLN H 45 40.36 -58.68 22.44
C GLN H 45 40.78 -60.00 21.81
N ALA H 46 40.12 -61.08 22.22
CA ALA H 46 40.42 -62.39 21.70
C ALA H 46 39.99 -62.51 20.24
N ILE H 47 40.44 -63.58 19.59
CA ILE H 47 40.08 -63.80 18.20
C ILE H 47 38.89 -64.76 18.07
N ARG H 48 38.85 -65.81 18.89
CA ARG H 48 37.64 -66.61 19.08
C ARG H 48 37.12 -67.19 17.76
N ASN H 49 37.91 -68.12 17.22
CA ASN H 49 37.63 -68.72 15.92
C ASN H 49 36.21 -69.22 15.82
N VAL H 50 35.61 -69.01 14.65
CA VAL H 50 34.24 -69.41 14.39
C VAL H 50 34.25 -70.77 13.70
N GLY H 51 33.12 -71.45 13.77
CA GLY H 51 32.98 -72.75 13.17
C GLY H 51 31.67 -73.40 13.55
N PRO H 52 31.45 -74.63 13.07
CA PRO H 52 30.20 -75.32 13.38
C PRO H 52 30.03 -75.56 14.86
N ASN H 53 28.79 -75.43 15.32
CA ASN H 53 28.44 -75.69 16.71
C ASN H 53 28.24 -77.18 16.92
N ASP H 54 29.04 -77.79 17.80
CA ASP H 54 28.99 -79.27 17.95
C ASP H 54 27.86 -79.73 18.89
N GLU H 55 27.13 -78.81 19.53
CA GLU H 55 26.01 -79.23 20.36
C GLU H 55 24.79 -79.57 19.52
N ALA H 56 24.54 -78.82 18.46
CA ALA H 56 23.31 -78.99 17.69
C ALA H 56 23.24 -80.36 17.03
N THR H 57 24.36 -80.82 16.45
CA THR H 57 24.34 -82.10 15.75
C THR H 57 24.08 -83.26 16.71
N ILE H 58 24.55 -83.16 17.95
CA ILE H 58 24.25 -84.20 18.93
C ILE H 58 22.76 -84.27 19.20
N LYS H 59 22.12 -83.11 19.37
CA LYS H 59 20.68 -83.08 19.58
C LYS H 59 19.94 -83.65 18.38
N ALA H 60 20.39 -83.30 17.16
CA ALA H 60 19.75 -83.83 15.97
C ALA H 60 19.86 -85.35 15.89
N LEU H 61 21.05 -85.88 16.20
CA LEU H 61 21.25 -87.32 16.18
C LEU H 61 20.38 -88.00 17.22
N ASP H 62 20.29 -87.41 18.42
CA ASP H 62 19.44 -87.98 19.45
C ASP H 62 17.98 -88.00 19.03
N ASN H 63 17.51 -86.90 18.44
CA ASN H 63 16.12 -86.85 17.98
C ASN H 63 15.86 -87.90 16.91
N VAL H 64 16.78 -88.04 15.96
CA VAL H 64 16.60 -89.03 14.90
C VAL H 64 16.53 -90.43 15.48
N ILE H 65 17.44 -90.74 16.41
CA ILE H 65 17.46 -92.08 17.01
C ILE H 65 16.17 -92.34 17.77
N LYS H 66 15.72 -91.38 18.56
CA LYS H 66 14.47 -91.54 19.28
C LYS H 66 13.32 -91.79 18.34
N GLN H 67 13.22 -91.01 17.26
CA GLN H 67 12.13 -91.17 16.31
C GLN H 67 12.14 -92.55 15.67
N ILE H 68 13.31 -92.97 15.17
CA ILE H 68 13.35 -94.24 14.44
C ILE H 68 13.06 -95.40 15.38
N GLU H 69 13.56 -95.35 16.62
CA GLU H 69 13.32 -96.48 17.49
C GLU H 69 11.90 -96.50 18.03
N ALA H 70 11.27 -95.32 18.21
CA ALA H 70 9.86 -95.31 18.57
C ALA H 70 9.00 -95.85 17.45
N LEU H 71 9.33 -95.52 16.19
CA LEU H 71 8.56 -96.06 15.06
C LEU H 71 8.77 -97.55 14.85
N SER H 72 9.73 -98.17 15.52
CA SER H 72 10.05 -99.56 15.30
C SER H 72 9.53 -100.49 16.40
N VAL H 73 8.86 -99.94 17.41
CA VAL H 73 8.39 -100.76 18.52
C VAL H 73 6.91 -101.08 18.34
N ILE H 74 6.25 -100.36 17.42
CA ILE H 74 4.83 -100.56 17.22
C ILE H 74 4.60 -101.88 16.50
N VAL H 75 3.74 -102.71 17.07
CA VAL H 75 3.37 -104.00 16.50
C VAL H 75 1.86 -104.02 16.30
N ASN H 76 1.43 -104.61 15.19
CA ASN H 76 0.02 -104.68 14.84
C ASN H 76 -0.51 -106.07 15.12
N ARG H 77 -1.58 -106.14 15.93
CA ARG H 77 -2.15 -107.42 16.34
C ARG H 77 -3.61 -107.19 16.68
N SER H 78 -4.51 -107.69 15.83
CA SER H 78 -5.93 -107.53 16.01
C SER H 78 -6.56 -108.82 16.55
N GLU H 79 -7.73 -108.69 17.16
CA GLU H 79 -8.43 -109.79 17.80
C GLU H 79 -9.88 -109.87 17.34
N LYS H 80 -10.09 -109.76 16.03
CA LYS H 80 -11.44 -109.83 15.49
C LYS H 80 -12.02 -111.23 15.66
N ALA H 81 -13.30 -111.31 15.97
CA ALA H 81 -14.00 -112.59 16.12
C ALA H 81 -14.59 -113.03 14.79
N ASP H 82 -15.19 -114.21 14.78
CA ASP H 82 -15.76 -114.78 13.57
C ASP H 82 -17.15 -114.19 13.29
N ASP H 83 -17.58 -114.34 12.03
CA ASP H 83 -18.89 -113.87 11.59
C ASP H 83 -19.96 -114.95 11.65
N ALA H 84 -19.80 -115.94 12.53
CA ALA H 84 -20.73 -117.06 12.59
C ALA H 84 -21.93 -116.72 13.47
N GLN H 85 -22.73 -117.74 13.79
CA GLN H 85 -23.97 -117.57 14.54
C GLN H 85 -23.98 -118.53 15.73
N ILE H 86 -25.13 -118.60 16.40
CA ILE H 86 -25.27 -119.34 17.65
C ILE H 86 -26.19 -120.54 17.49
N LEU H 87 -27.30 -120.38 16.77
CA LEU H 87 -28.23 -121.48 16.47
C LEU H 87 -28.84 -122.06 17.74
N GLY H 88 -29.67 -121.24 18.39
CA GLY H 88 -30.43 -121.69 19.54
C GLY H 88 -31.41 -122.80 19.20
N PRO H 89 -31.90 -123.49 20.22
CA PRO H 89 -32.80 -124.62 19.99
C PRO H 89 -34.16 -124.18 19.49
N ASN H 90 -34.85 -125.12 18.83
CA ASN H 90 -36.17 -124.86 18.26
C ASN H 90 -36.92 -126.17 18.11
N THR H 91 -38.24 -126.06 17.89
CA THR H 91 -39.10 -127.22 17.72
C THR H 91 -40.15 -126.92 16.66
N TYR H 92 -40.69 -127.98 16.08
CA TYR H 92 -41.72 -127.85 15.07
C TYR H 92 -43.05 -127.43 15.69
N LYS H 93 -43.82 -126.65 14.93
CA LYS H 93 -45.17 -126.28 15.31
C LYS H 93 -46.14 -126.92 14.35
N GLN H 94 -47.12 -127.65 14.89
CA GLN H 94 -48.07 -128.36 14.06
C GLN H 94 -49.29 -127.50 13.77
N LEU H 95 -49.92 -127.74 12.63
CA LEU H 95 -51.11 -127.03 12.24
C LEU H 95 -52.34 -127.94 12.28
N LEU H 96 -53.48 -127.34 12.60
CA LEU H 96 -54.70 -128.10 12.84
C LEU H 96 -55.20 -128.76 11.57
N GLU H 97 -55.94 -129.85 11.75
CA GLU H 97 -56.56 -130.57 10.65
C GLU H 97 -57.88 -131.16 11.11
N HIS H 98 -58.59 -131.76 10.17
CA HIS H 98 -59.91 -132.34 10.43
C HIS H 98 -59.90 -133.79 10.00
N LEU H 99 -60.63 -134.63 10.73
CA LEU H 99 -60.67 -136.06 10.46
C LEU H 99 -62.09 -136.57 10.62
N PHE H 100 -62.46 -137.52 9.77
CA PHE H 100 -63.71 -138.25 9.91
C PHE H 100 -63.63 -139.49 9.04
N SER H 101 -64.54 -140.42 9.29
CA SER H 101 -64.52 -141.69 8.58
C SER H 101 -65.94 -142.18 8.29
N PRO H 102 -66.35 -142.18 7.03
CA PRO H 102 -67.72 -142.61 6.72
C PRO H 102 -67.92 -144.11 6.81
N GLU H 103 -66.94 -144.88 6.36
CA GLU H 103 -67.08 -146.33 6.25
C GLU H 103 -66.05 -146.97 7.18
N GLU H 104 -66.03 -148.31 7.21
CA GLU H 104 -65.25 -149.02 8.22
C GLU H 104 -63.74 -148.97 7.96
N ASN H 105 -63.31 -148.78 6.72
CA ASN H 105 -61.89 -148.80 6.42
C ASN H 105 -61.52 -147.68 5.47
N VAL H 106 -62.11 -146.51 5.66
CA VAL H 106 -61.74 -145.31 4.92
C VAL H 106 -61.60 -144.16 5.91
N TYR H 107 -60.62 -143.31 5.66
CA TYR H 107 -60.35 -142.17 6.52
C TYR H 107 -60.05 -140.96 5.64
N ILE H 108 -60.63 -139.82 6.00
CA ILE H 108 -60.59 -138.62 5.17
C ILE H 108 -59.86 -137.52 5.94
N LEU H 109 -58.96 -136.82 5.26
CA LEU H 109 -58.31 -135.64 5.79
C LEU H 109 -58.70 -134.44 4.96
N LEU H 110 -59.23 -133.42 5.60
CA LEU H 110 -59.67 -132.30 4.81
C LEU H 110 -58.66 -131.17 4.86
N PRO H 111 -58.38 -130.53 3.73
CA PRO H 111 -57.50 -129.36 3.74
C PRO H 111 -58.13 -128.23 4.55
N ILE H 112 -57.30 -127.54 5.32
CA ILE H 112 -57.74 -126.41 6.14
C ILE H 112 -56.93 -125.19 5.72
N GLN H 113 -57.61 -124.04 5.67
CA GLN H 113 -57.01 -122.85 5.11
C GLN H 113 -55.97 -122.26 6.06
N ALA H 114 -54.72 -122.72 5.93
CA ALA H 114 -53.59 -122.12 6.61
C ALA H 114 -52.77 -121.32 5.62
N TYR H 115 -51.85 -120.42 5.97
CA TYR H 115 -51.04 -119.73 4.91
C TYR H 115 -51.93 -119.11 3.84
N THR H 116 -52.28 -117.84 3.96
CA THR H 116 -53.21 -117.18 3.01
C THR H 116 -52.70 -115.82 2.49
N GLY H 117 -53.40 -115.23 1.52
CA GLY H 117 -53.00 -113.92 0.96
C GLY H 117 -53.43 -113.82 -0.49
N GLY H 118 -53.11 -112.72 -1.18
CA GLY H 118 -53.42 -112.60 -2.62
C GLY H 118 -54.10 -111.29 -2.98
N VAL H 119 -53.79 -110.73 -4.14
CA VAL H 119 -54.29 -109.37 -4.50
C VAL H 119 -54.88 -109.41 -5.89
N ILE H 120 -56.21 -109.39 -5.99
CA ILE H 120 -56.85 -109.54 -7.33
C ILE H 120 -57.19 -108.16 -7.84
N ASP H 121 -56.69 -107.81 -9.03
CA ASP H 121 -56.96 -106.50 -9.68
C ASP H 121 -57.47 -106.81 -11.08
N ARG H 122 -58.78 -106.77 -11.28
CA ARG H 122 -59.30 -107.23 -12.57
C ARG H 122 -58.64 -106.44 -13.68
N ARG H 123 -57.86 -105.43 -13.36
CA ARG H 123 -57.16 -104.74 -14.48
C ARG H 123 -55.85 -105.46 -14.74
N ASP H 124 -55.61 -106.62 -14.11
CA ASP H 124 -54.41 -107.36 -14.53
C ASP H 124 -54.68 -108.85 -14.28
N ALA H 125 -54.92 -109.59 -15.36
CA ALA H 125 -55.35 -110.98 -15.28
C ALA H 125 -54.19 -111.94 -15.13
N SER H 126 -53.04 -111.46 -14.66
CA SER H 126 -51.85 -112.31 -14.55
C SER H 126 -51.99 -113.20 -13.32
N PHE H 127 -52.20 -114.50 -13.55
CA PHE H 127 -52.22 -115.46 -12.46
C PHE H 127 -50.86 -115.53 -11.77
N SER H 128 -49.78 -115.33 -12.53
CA SER H 128 -48.44 -115.43 -11.97
C SER H 128 -48.23 -114.42 -10.84
N ASN H 129 -48.81 -113.23 -10.96
CA ASN H 129 -48.66 -112.24 -9.90
C ASN H 129 -49.36 -112.69 -8.62
N PHE H 130 -50.52 -113.32 -8.76
CA PHE H 130 -51.20 -113.86 -7.58
C PHE H 130 -50.37 -114.94 -6.92
N ALA H 131 -49.81 -115.84 -7.72
CA ALA H 131 -48.96 -116.88 -7.16
C ALA H 131 -47.75 -116.29 -6.46
N TYR H 132 -47.12 -115.29 -7.08
CA TYR H 132 -45.95 -114.67 -6.46
C TYR H 132 -46.32 -113.93 -5.19
N SER H 133 -47.49 -113.28 -5.15
CA SER H 133 -47.92 -112.60 -3.95
C SER H 133 -48.10 -113.58 -2.80
N ILE H 134 -48.63 -114.76 -3.08
CA ILE H 134 -48.71 -115.77 -2.01
C ILE H 134 -47.32 -116.26 -1.63
N ALA H 135 -46.48 -116.53 -2.63
CA ALA H 135 -45.20 -117.18 -2.39
C ALA H 135 -44.24 -116.28 -1.62
N SER H 136 -44.25 -114.98 -1.89
CA SER H 136 -43.34 -114.08 -1.19
C SER H 136 -43.68 -114.02 0.29
N LYS H 137 -44.96 -113.94 0.63
CA LYS H 137 -45.36 -113.97 2.03
C LYS H 137 -45.02 -115.31 2.67
N LEU H 138 -45.19 -116.40 1.92
CA LEU H 138 -44.81 -117.70 2.45
C LEU H 138 -43.32 -117.76 2.77
N MET H 139 -42.49 -117.24 1.87
CA MET H 139 -41.04 -117.23 2.10
C MET H 139 -40.68 -116.35 3.29
N MET H 140 -41.33 -115.19 3.41
CA MET H 140 -41.06 -114.34 4.58
C MET H 140 -41.41 -115.06 5.87
N GLU H 141 -42.56 -115.74 5.90
CA GLU H 141 -42.95 -116.49 7.07
C GLU H 141 -41.95 -117.60 7.39
N LEU H 142 -41.53 -118.36 6.37
CA LEU H 142 -40.60 -119.46 6.60
C LEU H 142 -39.26 -118.94 7.11
N SER H 143 -38.75 -117.87 6.52
CA SER H 143 -37.48 -117.32 6.96
C SER H 143 -37.57 -116.79 8.39
N ALA H 144 -38.67 -116.13 8.73
CA ALA H 144 -38.83 -115.63 10.09
C ALA H 144 -39.04 -116.75 11.10
N ALA H 145 -39.53 -117.91 10.66
CA ALA H 145 -39.75 -119.00 11.59
C ALA H 145 -38.45 -119.67 12.01
N THR H 146 -37.41 -119.60 11.17
CA THR H 146 -36.17 -120.33 11.44
C THR H 146 -34.96 -119.41 11.49
N HIS H 147 -35.07 -118.29 12.20
CA HIS H 147 -33.94 -117.37 12.32
C HIS H 147 -33.04 -117.83 13.44
N ASN H 148 -31.85 -118.33 13.08
CA ASN H 148 -30.85 -118.82 14.04
C ASN H 148 -31.43 -119.93 14.92
N LYS H 149 -32.05 -120.92 14.27
CA LYS H 149 -32.63 -122.05 14.97
C LYS H 149 -32.47 -123.29 14.11
N ILE H 150 -32.46 -124.46 14.74
CA ILE H 150 -32.03 -125.68 14.05
C ILE H 150 -32.95 -126.88 14.23
N PHE H 151 -34.08 -126.70 14.91
CA PHE H 151 -35.09 -127.76 15.04
C PHE H 151 -34.51 -129.01 15.71
N THR H 152 -34.23 -128.90 17.03
CA THR H 152 -33.57 -130.05 17.71
C THR H 152 -34.49 -130.71 18.74
N ASP H 153 -35.27 -129.93 19.50
CA ASP H 153 -36.06 -130.54 20.57
C ASP H 153 -37.31 -131.22 20.02
N TYR H 154 -37.73 -132.29 20.70
CA TYR H 154 -38.93 -133.03 20.32
C TYR H 154 -39.33 -133.93 21.48
N THR H 155 -40.63 -134.23 21.55
CA THR H 155 -41.14 -135.09 22.60
C THR H 155 -40.77 -136.54 22.33
N ARG H 156 -40.66 -137.31 23.41
CA ARG H 156 -40.22 -138.70 23.31
C ARG H 156 -40.58 -139.43 24.59
N ILE H 157 -41.01 -140.68 24.44
CA ILE H 157 -41.19 -141.59 25.56
C ILE H 157 -39.82 -142.17 25.90
N ALA H 158 -39.43 -142.04 27.17
CA ALA H 158 -38.09 -142.43 27.59
C ALA H 158 -37.85 -143.92 27.33
N ALA H 159 -36.63 -144.25 26.90
CA ALA H 159 -36.26 -145.62 26.60
C ALA H 159 -36.27 -146.43 27.89
N SER H 160 -37.24 -147.32 28.03
CA SER H 160 -37.37 -148.15 29.23
C SER H 160 -36.42 -149.35 29.12
N ALA H 161 -36.56 -150.29 30.05
CA ALA H 161 -35.73 -151.48 30.04
C ALA H 161 -36.25 -152.57 29.11
N LEU H 162 -37.43 -152.38 28.51
CA LEU H 162 -38.02 -153.39 27.66
C LEU H 162 -38.42 -152.86 26.28
N GLY H 163 -38.05 -151.64 25.94
CA GLY H 163 -38.40 -151.08 24.66
C GLY H 163 -37.51 -149.92 24.24
N PRO H 164 -37.37 -149.73 22.93
CA PRO H 164 -36.55 -148.62 22.42
C PRO H 164 -37.29 -147.29 22.43
N GLU H 165 -36.66 -146.26 21.88
CA GLU H 165 -37.26 -144.94 21.87
C GLU H 165 -38.56 -144.92 21.09
N ILE H 166 -39.57 -144.26 21.64
CA ILE H 166 -40.88 -144.13 21.02
C ILE H 166 -41.12 -142.65 20.74
N SER H 167 -41.67 -142.36 19.56
CA SER H 167 -41.75 -140.98 19.10
C SER H 167 -42.86 -140.21 19.80
N THR H 168 -44.11 -140.63 19.59
CA THR H 168 -45.32 -139.93 20.04
C THR H 168 -45.16 -138.41 19.93
N GLU H 169 -44.87 -137.96 18.70
CA GLU H 169 -44.52 -136.57 18.50
C GLU H 169 -45.75 -135.67 18.61
N GLY H 170 -46.72 -135.83 17.71
CA GLY H 170 -47.88 -134.98 17.69
C GLY H 170 -49.13 -135.74 17.33
N MET H 171 -50.28 -135.16 17.70
CA MET H 171 -51.60 -135.73 17.49
C MET H 171 -51.60 -137.13 18.09
N PRO H 172 -51.72 -137.25 19.41
CA PRO H 172 -51.61 -138.56 20.04
C PRO H 172 -52.72 -139.50 19.61
N LEU H 173 -52.39 -140.79 19.59
CA LEU H 173 -53.28 -141.80 19.00
C LEU H 173 -54.59 -141.94 19.76
N PHE H 174 -54.61 -141.67 21.07
CA PHE H 174 -55.85 -141.82 21.83
C PHE H 174 -56.91 -140.81 21.41
N SER H 175 -56.52 -139.67 20.88
CA SER H 175 -57.49 -138.69 20.40
C SER H 175 -58.23 -139.15 19.16
N LEU H 176 -57.78 -140.23 18.51
CA LEU H 176 -58.45 -140.71 17.31
C LEU H 176 -59.77 -141.38 17.65
N ILE H 177 -59.91 -141.92 18.87
CA ILE H 177 -61.14 -142.61 19.23
C ILE H 177 -62.33 -141.67 19.17
N GLU H 178 -62.17 -140.46 19.71
CA GLU H 178 -63.28 -139.51 19.74
C GLU H 178 -63.60 -138.98 18.35
N SER H 179 -62.58 -138.74 17.52
CA SER H 179 -62.75 -138.06 16.25
C SER H 179 -62.88 -139.01 15.07
N LEU H 180 -62.90 -140.32 15.31
CA LEU H 180 -63.06 -141.29 14.23
C LEU H 180 -64.10 -142.36 14.49
N GLU H 181 -64.50 -142.60 15.74
CA GLU H 181 -65.50 -143.60 16.09
C GLU H 181 -65.10 -144.98 15.57
N LEU H 182 -63.86 -145.37 15.88
CA LEU H 182 -63.36 -146.67 15.48
C LEU H 182 -64.01 -147.77 16.31
N THR H 183 -64.15 -148.94 15.68
CA THR H 183 -64.74 -150.10 16.33
C THR H 183 -63.70 -150.79 17.21
N GLU H 184 -64.02 -152.00 17.68
CA GLU H 184 -63.08 -152.75 18.50
C GLU H 184 -61.97 -153.38 17.68
N ALA H 185 -62.19 -153.68 16.40
CA ALA H 185 -61.17 -154.25 15.55
C ALA H 185 -60.08 -153.25 15.19
N GLU H 186 -60.27 -151.97 15.47
CA GLU H 186 -59.28 -150.96 15.19
C GLU H 186 -58.69 -150.32 16.43
N THR H 187 -59.40 -150.34 17.55
CA THR H 187 -58.81 -149.89 18.81
C THR H 187 -57.69 -150.82 19.25
N SER H 188 -57.80 -152.11 18.94
CA SER H 188 -56.76 -153.06 19.29
C SER H 188 -55.46 -152.82 18.53
N ARG H 189 -55.55 -152.27 17.32
CA ARG H 189 -54.36 -152.04 16.52
C ARG H 189 -53.54 -150.84 16.99
N LEU H 190 -54.14 -149.95 17.78
CA LEU H 190 -53.44 -148.72 18.19
C LEU H 190 -52.15 -148.99 18.94
N PRO H 191 -52.10 -149.87 19.95
CA PRO H 191 -50.81 -150.14 20.60
C PRO H 191 -49.76 -150.70 19.66
N VAL H 192 -50.17 -151.48 18.66
CA VAL H 192 -49.21 -152.07 17.74
C VAL H 192 -48.50 -150.99 16.94
N ILE H 193 -49.27 -150.06 16.36
CA ILE H 193 -48.65 -148.98 15.61
C ILE H 193 -47.99 -147.96 16.54
N GLN H 194 -48.36 -147.94 17.82
CA GLN H 194 -47.64 -147.09 18.77
C GLN H 194 -46.21 -147.56 18.95
N ASP H 195 -46.00 -148.88 18.95
CA ASP H 195 -44.66 -149.43 19.14
C ASP H 195 -43.85 -149.48 17.86
N SER H 196 -44.42 -149.10 16.72
CA SER H 196 -43.68 -149.10 15.46
C SER H 196 -43.02 -147.76 15.17
N MET H 197 -43.20 -146.76 16.03
CA MET H 197 -42.58 -145.45 15.83
C MET H 197 -41.21 -145.42 16.51
N VAL H 198 -40.26 -146.08 15.87
CA VAL H 198 -38.89 -146.13 16.35
C VAL H 198 -38.08 -145.06 15.64
N ILE H 199 -37.18 -144.42 16.38
CA ILE H 199 -36.40 -143.31 15.88
C ILE H 199 -35.21 -143.84 15.10
N GLN H 200 -35.00 -143.31 13.90
CA GLN H 200 -33.86 -143.67 13.08
C GLN H 200 -32.70 -142.72 13.32
N LYS H 201 -31.48 -143.23 13.17
CA LYS H 201 -30.26 -142.45 13.34
C LYS H 201 -29.33 -142.73 12.17
N SER H 202 -28.87 -141.67 11.52
CA SER H 202 -27.96 -141.79 10.38
C SER H 202 -27.31 -140.43 10.14
N THR H 203 -26.43 -140.38 9.15
CA THR H 203 -25.74 -139.17 8.77
C THR H 203 -26.23 -138.70 7.41
N ALA H 204 -26.02 -137.40 7.13
CA ALA H 204 -26.45 -136.84 5.86
C ALA H 204 -25.57 -135.65 5.52
N THR H 205 -25.86 -135.05 4.37
CA THR H 205 -25.13 -133.90 3.86
C THR H 205 -26.05 -132.70 3.79
N VAL H 206 -25.61 -131.59 4.39
CA VAL H 206 -26.35 -130.35 4.33
C VAL H 206 -25.63 -129.40 3.38
N GLY H 207 -26.32 -128.32 3.03
CA GLY H 207 -25.76 -127.36 2.12
C GLY H 207 -25.84 -127.82 0.67
N ASN H 208 -25.23 -127.03 -0.19
CA ASN H 208 -25.24 -127.28 -1.63
C ASN H 208 -23.85 -126.99 -2.17
N ALA H 209 -23.74 -126.99 -3.50
CA ALA H 209 -22.45 -126.72 -4.13
C ALA H 209 -21.98 -125.29 -3.86
N GLN H 210 -22.90 -124.33 -3.92
CA GLN H 210 -22.52 -122.93 -3.78
C GLN H 210 -22.00 -122.63 -2.37
N GLN H 211 -22.68 -123.15 -1.34
CA GLN H 211 -22.27 -122.85 0.02
C GLN H 211 -21.17 -123.78 0.50
N GLY H 212 -21.42 -125.07 0.46
CA GLY H 212 -20.45 -126.05 0.92
C GLY H 212 -21.13 -127.35 1.27
N ILE H 213 -20.29 -128.37 1.48
CA ILE H 213 -20.73 -129.72 1.78
C ILE H 213 -20.17 -130.12 3.13
N SER H 214 -21.03 -130.60 4.02
CA SER H 214 -20.62 -131.03 5.34
C SER H 214 -21.39 -132.27 5.75
N THR H 215 -20.83 -133.01 6.70
CA THR H 215 -21.43 -134.22 7.23
C THR H 215 -21.96 -133.96 8.62
N ILE H 216 -23.22 -134.33 8.86
CA ILE H 216 -23.93 -133.98 10.08
C ILE H 216 -24.79 -135.16 10.51
N ASN H 217 -24.91 -135.38 11.81
CA ASN H 217 -25.73 -136.46 12.33
C ASN H 217 -27.15 -135.96 12.58
N ILE H 218 -28.14 -136.74 12.17
CA ILE H 218 -29.54 -136.33 12.25
C ILE H 218 -30.34 -137.46 12.88
N LYS H 219 -31.63 -137.20 13.07
CA LYS H 219 -32.60 -138.19 13.51
C LYS H 219 -33.86 -138.04 12.68
N ARG H 220 -34.59 -139.13 12.52
CA ARG H 220 -35.85 -139.16 11.76
C ARG H 220 -36.96 -139.62 12.69
N VAL H 221 -37.66 -138.68 13.29
CA VAL H 221 -38.70 -138.96 14.28
C VAL H 221 -40.03 -139.06 13.54
N PRO H 222 -40.69 -140.22 13.53
CA PRO H 222 -42.01 -140.30 12.91
C PRO H 222 -43.06 -139.57 13.74
N PHE H 223 -44.07 -139.04 13.05
CA PHE H 223 -45.16 -138.32 13.69
C PHE H 223 -46.45 -138.60 12.94
N VAL H 224 -47.55 -138.06 13.45
CA VAL H 224 -48.88 -138.29 12.91
C VAL H 224 -49.43 -136.97 12.40
N GLY H 225 -49.84 -136.94 11.15
CA GLY H 225 -50.35 -135.72 10.57
C GLY H 225 -50.74 -135.92 9.12
N SER H 226 -50.93 -134.80 8.42
CA SER H 226 -51.35 -134.82 7.03
C SER H 226 -50.15 -134.83 6.10
N ALA H 227 -50.41 -135.10 4.82
CA ALA H 227 -49.34 -135.10 3.83
C ALA H 227 -48.73 -133.72 3.63
N PHE H 228 -49.55 -132.67 3.65
CA PHE H 228 -49.04 -131.31 3.51
C PHE H 228 -48.07 -130.97 4.62
N GLN H 229 -48.27 -131.55 5.81
CA GLN H 229 -47.34 -131.30 6.91
C GLN H 229 -45.94 -131.78 6.56
N GLN H 230 -45.83 -132.95 5.92
CA GLN H 230 -44.51 -133.45 5.57
C GLN H 230 -43.81 -132.50 4.61
N VAL H 231 -44.53 -131.96 3.63
CA VAL H 231 -43.95 -131.01 2.70
C VAL H 231 -43.49 -129.75 3.43
N ILE H 232 -44.33 -129.25 4.35
CA ILE H 232 -43.97 -128.03 5.06
C ILE H 232 -42.71 -128.24 5.89
N ASP H 233 -42.63 -129.36 6.61
CA ASP H 233 -41.42 -129.63 7.38
C ASP H 233 -40.21 -129.88 6.49
N GLN H 234 -40.43 -130.47 5.31
CA GLN H 234 -39.32 -130.67 4.35
C GLN H 234 -38.75 -129.30 3.97
N LEU H 235 -39.63 -128.35 3.64
CA LEU H 235 -39.19 -127.00 3.28
C LEU H 235 -38.51 -126.31 4.46
N LEU H 236 -39.06 -126.49 5.66
CA LEU H 236 -38.45 -125.87 6.85
C LEU H 236 -37.05 -126.40 7.09
N TRP H 237 -36.87 -127.72 6.95
CA TRP H 237 -35.54 -128.29 7.12
C TRP H 237 -34.58 -127.79 6.06
N GLU H 238 -35.05 -127.69 4.81
CA GLU H 238 -34.18 -127.20 3.74
C GLU H 238 -33.76 -125.75 3.99
N TYR H 239 -34.70 -124.91 4.43
CA TYR H 239 -34.36 -123.52 4.70
C TYR H 239 -33.43 -123.40 5.91
N SER H 240 -33.61 -124.26 6.91
CA SER H 240 -32.85 -124.14 8.14
C SER H 240 -31.38 -124.48 7.94
N THR H 241 -31.10 -125.52 7.17
CA THR H 241 -29.73 -126.03 7.00
C THR H 241 -29.20 -125.76 5.60
N THR H 242 -29.52 -124.62 5.03
CA THR H 242 -28.98 -124.28 3.72
C THR H 242 -27.49 -123.94 3.80
N SER H 243 -27.00 -123.59 4.98
CA SER H 243 -25.57 -123.32 5.16
C SER H 243 -25.22 -123.71 6.59
N LEU H 244 -24.73 -124.95 6.74
CA LEU H 244 -24.26 -125.44 8.02
C LEU H 244 -22.85 -125.96 7.86
N THR H 245 -21.95 -125.53 8.74
CA THR H 245 -20.57 -125.96 8.70
C THR H 245 -20.14 -126.35 10.10
N THR H 246 -19.38 -127.44 10.19
CA THR H 246 -18.77 -127.82 11.45
C THR H 246 -17.62 -126.89 11.75
N LYS H 247 -17.02 -127.06 12.94
CA LYS H 247 -15.87 -126.26 13.30
C LYS H 247 -14.64 -126.63 12.46
N GLU H 248 -14.54 -127.89 12.06
CA GLU H 248 -13.45 -128.30 11.17
C GLU H 248 -13.41 -127.45 9.92
N GLN H 249 -14.52 -127.34 9.21
CA GLN H 249 -14.51 -126.70 7.91
C GLN H 249 -14.27 -125.21 8.05
N ARG H 250 -14.91 -124.57 9.03
CA ARG H 250 -14.70 -123.15 9.22
C ARG H 250 -13.26 -122.85 9.58
N ARG H 251 -12.68 -123.62 10.50
CA ARG H 251 -11.29 -123.37 10.89
C ARG H 251 -10.34 -123.59 9.72
N GLN H 252 -10.53 -124.67 8.96
CA GLN H 252 -9.64 -124.93 7.84
C GLN H 252 -9.79 -123.88 6.74
N ARG H 253 -11.03 -123.44 6.49
CA ARG H 253 -11.25 -122.42 5.46
C ARG H 253 -10.63 -121.09 5.85
N ILE H 254 -10.74 -120.71 7.12
CA ILE H 254 -10.15 -119.44 7.56
C ILE H 254 -8.63 -119.52 7.49
N THR H 255 -8.05 -120.62 7.95
CA THR H 255 -6.59 -120.74 8.00
C THR H 255 -5.96 -120.95 6.63
N GLU H 256 -6.76 -121.13 5.58
CA GLU H 256 -6.20 -121.38 4.26
C GLU H 256 -6.01 -120.12 3.43
N MET H 257 -6.64 -119.00 3.81
CA MET H 257 -6.46 -117.76 3.08
C MET H 257 -5.05 -117.24 3.30
N VAL H 258 -4.37 -116.88 2.20
CA VAL H 258 -2.98 -116.45 2.24
C VAL H 258 -2.87 -115.09 1.56
N ASN H 259 -3.98 -114.34 1.58
CA ASN H 259 -4.08 -113.10 0.82
C ASN H 259 -3.03 -112.08 1.23
N ASP H 260 -3.09 -111.60 2.48
CA ASP H 260 -2.21 -110.52 2.91
C ASP H 260 -1.64 -110.68 4.31
N ARG H 261 -2.29 -111.41 5.20
CA ARG H 261 -1.94 -111.44 6.60
C ARG H 261 -1.59 -112.85 7.03
N ARG H 262 -1.06 -112.97 8.24
CA ARG H 262 -0.70 -114.24 8.84
C ARG H 262 -1.75 -114.57 9.89
N ILE H 263 -2.70 -115.41 9.50
CA ILE H 263 -3.78 -115.83 10.38
C ILE H 263 -3.41 -117.18 10.99
N MET H 264 -3.51 -117.28 12.31
CA MET H 264 -3.26 -118.53 13.01
C MET H 264 -4.39 -118.81 13.98
N ILE H 265 -4.67 -120.10 14.18
CA ILE H 265 -5.74 -120.54 15.07
C ILE H 265 -5.21 -121.66 15.94
N GLN H 266 -5.40 -121.53 17.25
CA GLN H 266 -5.03 -122.60 18.17
C GLN H 266 -5.95 -123.80 17.95
N LYS H 267 -5.35 -124.99 18.01
CA LYS H 267 -6.10 -126.22 17.78
C LYS H 267 -7.20 -126.33 18.83
N LEU H 268 -8.40 -126.66 18.38
CA LEU H 268 -9.59 -126.42 19.22
C LEU H 268 -9.67 -127.39 20.39
N THR H 269 -9.91 -128.67 20.12
CA THR H 269 -10.10 -129.73 21.09
C THR H 269 -10.40 -130.98 20.27
N LEU H 270 -10.22 -132.14 20.87
CA LEU H 270 -10.69 -133.38 20.25
C LEU H 270 -12.20 -133.55 20.39
N ALA H 271 -12.81 -133.02 21.44
CA ALA H 271 -14.23 -133.20 21.72
C ALA H 271 -15.11 -132.07 21.23
N GLU H 272 -14.63 -130.83 21.24
CA GLU H 272 -15.40 -129.69 20.78
C GLU H 272 -15.35 -129.54 19.26
N LYS H 273 -14.96 -130.59 18.56
CA LYS H 273 -14.75 -130.57 17.11
C LYS H 273 -16.06 -130.58 16.32
N PRO H 274 -16.97 -131.53 16.53
CA PRO H 274 -18.13 -131.66 15.63
C PRO H 274 -19.23 -130.63 15.83
N GLN H 275 -19.00 -129.57 16.60
CA GLN H 275 -20.04 -128.58 16.82
C GLN H 275 -20.41 -127.88 15.53
N VAL H 276 -21.66 -127.40 15.45
CA VAL H 276 -22.19 -126.80 14.24
C VAL H 276 -22.43 -125.32 14.45
N MET H 277 -22.52 -124.59 13.34
CA MET H 277 -22.73 -123.15 13.36
C MET H 277 -23.06 -122.71 11.95
N ARG H 278 -23.55 -121.47 11.84
CA ARG H 278 -24.04 -120.93 10.58
C ARG H 278 -23.08 -119.89 10.03
N HIS H 279 -22.90 -119.91 8.70
CA HIS H 279 -22.06 -118.91 8.03
C HIS H 279 -22.52 -118.83 6.58
N VAL H 280 -23.29 -117.80 6.26
CA VAL H 280 -23.89 -117.66 4.94
C VAL H 280 -23.01 -116.79 4.07
N THR H 281 -22.83 -117.21 2.80
CA THR H 281 -22.06 -116.46 1.82
C THR H 281 -22.88 -116.43 0.53
N THR H 282 -23.45 -115.27 0.21
CA THR H 282 -24.22 -115.12 -1.01
C THR H 282 -23.31 -115.21 -2.24
N GLU H 283 -23.88 -115.72 -3.34
CA GLU H 283 -23.14 -115.90 -4.59
C GLU H 283 -23.93 -115.25 -5.71
N ILE H 284 -23.74 -113.95 -5.89
CA ILE H 284 -24.30 -113.21 -7.01
C ILE H 284 -23.18 -112.40 -7.63
N ASN H 285 -23.08 -112.45 -8.96
CA ASN H 285 -22.07 -111.67 -9.65
C ASN H 285 -22.36 -110.18 -9.47
N ASN H 286 -21.30 -109.41 -9.26
CA ASN H 286 -21.40 -107.96 -9.17
C ASN H 286 -21.13 -107.28 -10.50
N ASP H 287 -20.94 -108.04 -11.57
CA ASP H 287 -20.47 -107.48 -12.83
C ASP H 287 -21.59 -106.91 -13.70
N LEU H 288 -22.85 -107.14 -13.37
CA LEU H 288 -23.93 -106.61 -14.20
C LEU H 288 -24.33 -105.19 -13.79
N PHE H 289 -23.73 -104.64 -12.74
CA PHE H 289 -23.95 -103.25 -12.39
C PHE H 289 -23.02 -102.31 -13.13
N PHE H 290 -21.86 -102.80 -13.57
CA PHE H 290 -20.84 -101.97 -14.22
C PHE H 290 -20.98 -101.94 -15.74
N LYS H 291 -22.18 -102.16 -16.26
CA LYS H 291 -22.40 -101.97 -17.68
C LYS H 291 -22.50 -100.48 -18.00
N MET H 292 -22.33 -100.15 -19.27
CA MET H 292 -22.47 -98.77 -19.70
C MET H 292 -23.95 -98.38 -19.65
N SER H 293 -24.25 -97.28 -18.97
CA SER H 293 -25.62 -96.86 -18.78
C SER H 293 -25.74 -95.36 -19.01
N PRO H 294 -26.92 -94.88 -19.42
CA PRO H 294 -27.08 -93.46 -19.73
C PRO H 294 -27.11 -92.54 -18.52
N VAL H 295 -26.82 -93.03 -17.32
CA VAL H 295 -26.81 -92.16 -16.15
C VAL H 295 -25.48 -92.31 -15.41
N ALA H 296 -24.45 -92.76 -16.12
CA ALA H 296 -23.16 -93.01 -15.48
C ALA H 296 -22.55 -91.73 -14.95
N GLN H 297 -22.68 -90.63 -15.69
CA GLN H 297 -22.17 -89.36 -15.20
C GLN H 297 -22.75 -89.01 -13.84
N LEU H 298 -24.03 -89.32 -13.64
CA LEU H 298 -24.66 -89.00 -12.36
C LEU H 298 -24.10 -89.86 -11.25
N TYR H 299 -23.84 -91.14 -11.54
CA TYR H 299 -23.19 -92.01 -10.58
C TYR H 299 -21.85 -91.43 -10.16
N ILE H 300 -21.06 -91.00 -11.13
CA ILE H 300 -19.74 -90.45 -10.82
C ILE H 300 -19.87 -89.22 -9.94
N TYR H 301 -20.76 -88.30 -10.32
CA TYR H 301 -20.89 -87.06 -9.57
C TYR H 301 -21.31 -87.33 -8.13
N HIS H 302 -22.30 -88.20 -7.94
CA HIS H 302 -22.79 -88.39 -6.58
C HIS H 302 -21.85 -89.23 -5.74
N LEU H 303 -21.11 -90.17 -6.34
CA LEU H 303 -20.07 -90.87 -5.59
C LEU H 303 -18.99 -89.90 -5.14
N ASP H 304 -18.56 -89.00 -6.02
CA ASP H 304 -17.55 -88.02 -5.64
C ASP H 304 -18.07 -87.11 -4.54
N ARG H 305 -19.33 -86.69 -4.63
CA ARG H 305 -19.90 -85.86 -3.56
C ARG H 305 -19.93 -86.62 -2.25
N ALA H 306 -20.26 -87.91 -2.29
CA ALA H 306 -20.37 -88.68 -1.06
C ALA H 306 -19.02 -88.94 -0.40
N PHE H 307 -17.98 -89.23 -1.19
CA PHE H 307 -16.69 -89.60 -0.61
C PHE H 307 -15.82 -88.40 -0.28
N LEU H 308 -16.09 -87.23 -0.85
CA LEU H 308 -15.27 -86.06 -0.61
C LEU H 308 -15.88 -85.27 0.54
N ASP H 309 -15.23 -85.33 1.69
CA ASP H 309 -15.80 -84.74 2.91
C ASP H 309 -15.60 -83.23 2.91
N GLY H 310 -14.35 -82.77 2.92
CA GLY H 310 -14.05 -81.37 3.07
C GLY H 310 -13.04 -80.90 2.05
N VAL H 311 -12.65 -79.63 2.20
CA VAL H 311 -11.68 -78.98 1.33
C VAL H 311 -10.63 -78.30 2.19
N GLY H 312 -9.37 -78.42 1.80
CA GLY H 312 -8.30 -77.73 2.46
C GLY H 312 -7.91 -76.51 1.67
N PHE H 313 -7.79 -75.37 2.37
CA PHE H 313 -7.49 -74.11 1.72
C PHE H 313 -7.14 -73.07 2.76
N THR H 314 -6.20 -72.20 2.42
CA THR H 314 -5.87 -71.08 3.28
C THR H 314 -6.90 -69.97 3.10
N PRO H 315 -7.32 -69.33 4.18
CA PRO H 315 -8.31 -68.25 4.07
C PRO H 315 -7.70 -67.01 3.43
N LEU H 316 -8.58 -66.07 3.07
CA LEU H 316 -8.10 -64.82 2.46
C LEU H 316 -7.27 -64.00 3.42
N ALA H 317 -7.46 -64.21 4.73
CA ALA H 317 -6.66 -63.48 5.70
C ALA H 317 -5.17 -63.78 5.52
N GLU H 318 -4.83 -65.03 5.24
CA GLU H 318 -3.44 -65.40 5.06
C GLU H 318 -2.92 -65.06 3.66
N LYS H 319 -3.80 -64.70 2.72
CA LYS H 319 -3.36 -64.37 1.38
C LYS H 319 -3.24 -62.87 1.14
N GLN H 320 -4.08 -62.06 1.79
CA GLN H 320 -4.00 -60.61 1.57
C GLN H 320 -2.67 -60.06 2.08
N GLN H 321 -2.26 -60.48 3.27
CA GLN H 321 -0.97 -60.03 3.78
C GLN H 321 0.18 -60.58 2.95
N GLN H 322 0.04 -61.80 2.44
CA GLN H 322 1.07 -62.35 1.56
C GLN H 322 1.22 -61.50 0.31
N LEU H 323 0.10 -61.09 -0.28
CA LEU H 323 0.15 -60.22 -1.45
C LEU H 323 0.75 -58.86 -1.10
N GLN H 324 0.38 -58.31 0.06
CA GLN H 324 0.92 -57.02 0.45
C GLN H 324 2.43 -57.08 0.61
N LEU H 325 2.93 -58.17 1.19
CA LEU H 325 4.38 -58.33 1.31
C LEU H 325 5.02 -58.50 -0.07
N GLN H 326 4.45 -59.37 -0.90
CA GLN H 326 5.03 -59.60 -2.23
C GLN H 326 4.89 -58.39 -3.13
N LEU H 327 3.93 -57.51 -2.86
CA LEU H 327 3.66 -56.34 -3.68
C LEU H 327 3.58 -55.13 -2.74
N LYS H 328 4.73 -54.49 -2.52
CA LYS H 328 4.80 -53.36 -1.60
C LYS H 328 4.45 -52.09 -2.36
N THR H 329 3.26 -51.55 -2.07
CA THR H 329 2.80 -50.31 -2.69
C THR H 329 2.07 -49.48 -1.66
N ASN H 330 2.31 -48.17 -1.69
CA ASN H 330 1.72 -47.28 -0.71
C ASN H 330 0.20 -47.18 -0.90
N ILE H 331 -0.49 -46.85 0.19
CA ILE H 331 -1.92 -46.64 0.12
C ILE H 331 -2.24 -45.37 -0.67
N LEU H 332 -3.41 -45.36 -1.29
CA LEU H 332 -3.84 -44.25 -2.16
C LEU H 332 -2.89 -44.08 -3.34
N THR H 333 -2.60 -45.20 -4.02
CA THR H 333 -1.75 -45.19 -5.20
C THR H 333 -2.43 -45.79 -6.42
N ALA H 334 -3.73 -46.08 -6.33
CA ALA H 334 -4.52 -46.58 -7.45
C ALA H 334 -3.97 -47.90 -8.00
N ASN H 335 -3.98 -48.91 -7.13
CA ASN H 335 -3.61 -50.27 -7.49
C ASN H 335 -4.87 -51.13 -7.49
N LEU H 336 -5.23 -51.64 -8.67
CA LEU H 336 -6.51 -52.34 -8.79
C LEU H 336 -6.40 -53.84 -8.55
N ILE H 337 -5.21 -54.41 -8.56
CA ILE H 337 -5.07 -55.82 -8.21
C ILE H 337 -5.52 -56.06 -6.77
N ARG H 338 -5.00 -55.24 -5.85
CA ARG H 338 -5.37 -55.36 -4.45
C ARG H 338 -6.86 -55.11 -4.25
N SER H 339 -7.41 -54.09 -4.93
CA SER H 339 -8.81 -53.77 -4.75
C SER H 339 -9.70 -54.90 -5.27
N ALA H 340 -9.35 -55.47 -6.42
CA ALA H 340 -10.13 -56.57 -6.96
C ALA H 340 -10.06 -57.79 -6.05
N ILE H 341 -8.88 -58.11 -5.54
CA ILE H 341 -8.74 -59.31 -4.72
C ILE H 341 -9.40 -59.13 -3.37
N ASN H 342 -9.47 -57.89 -2.87
CA ASN H 342 -10.07 -57.65 -1.55
C ASN H 342 -11.52 -58.10 -1.48
N GLY H 343 -12.22 -58.12 -2.61
CA GLY H 343 -13.63 -58.41 -2.61
C GLY H 343 -14.01 -59.83 -2.99
N MET H 344 -13.27 -60.82 -2.50
CA MET H 344 -13.52 -62.21 -2.82
C MET H 344 -13.98 -62.95 -1.57
N ASN H 345 -14.47 -64.18 -1.78
CA ASN H 345 -14.91 -65.03 -0.70
C ASN H 345 -14.86 -66.47 -1.17
N THR H 346 -14.88 -67.40 -0.21
CA THR H 346 -14.85 -68.83 -0.50
C THR H 346 -16.01 -69.57 0.14
N GLU H 347 -17.23 -69.03 0.01
CA GLU H 347 -18.40 -69.80 0.41
C GLU H 347 -18.56 -71.03 -0.47
N SER H 348 -18.37 -70.87 -1.78
CA SER H 348 -18.54 -71.96 -2.73
C SER H 348 -17.18 -72.54 -3.10
N ASN H 349 -16.63 -73.34 -2.19
CA ASN H 349 -15.42 -74.10 -2.47
C ASN H 349 -15.65 -75.60 -2.59
N LEU H 350 -16.64 -76.13 -1.89
CA LEU H 350 -16.92 -77.56 -1.99
C LEU H 350 -17.48 -77.91 -3.36
N GLU H 351 -18.47 -77.15 -3.83
CA GLU H 351 -19.12 -77.46 -5.10
C GLU H 351 -18.14 -77.38 -6.25
N VAL H 352 -17.32 -76.32 -6.29
CA VAL H 352 -16.35 -76.20 -7.36
C VAL H 352 -15.30 -77.30 -7.28
N ALA H 353 -14.93 -77.71 -6.07
CA ALA H 353 -13.99 -78.82 -5.93
C ALA H 353 -14.56 -80.09 -6.52
N ILE H 354 -15.83 -80.38 -6.23
CA ILE H 354 -16.46 -81.57 -6.79
C ILE H 354 -16.53 -81.49 -8.30
N LYS H 355 -16.89 -80.32 -8.82
CA LYS H 355 -16.99 -80.16 -10.27
C LYS H 355 -15.64 -80.37 -10.93
N MET H 356 -14.58 -79.81 -10.36
CA MET H 356 -13.26 -79.99 -10.96
C MET H 356 -12.80 -81.44 -10.84
N MET H 357 -13.11 -82.11 -9.74
CA MET H 357 -12.76 -83.52 -9.63
C MET H 357 -13.45 -84.35 -10.69
N GLN H 358 -14.74 -84.07 -10.93
CA GLN H 358 -15.44 -84.79 -11.99
C GLN H 358 -14.86 -84.49 -13.35
N ALA H 359 -14.52 -83.22 -13.61
CA ALA H 359 -14.05 -82.82 -14.94
C ALA H 359 -12.71 -83.46 -15.29
N ALA H 360 -12.00 -84.00 -14.31
CA ALA H 360 -10.70 -84.61 -14.55
C ALA H 360 -10.79 -86.09 -14.88
N GLN H 361 -11.99 -86.62 -15.00
CA GLN H 361 -12.18 -88.06 -15.20
C GLN H 361 -12.94 -88.40 -16.47
N LEU H 362 -13.91 -87.58 -16.86
CA LEU H 362 -14.92 -88.03 -17.81
C LEU H 362 -14.52 -87.89 -19.27
N HIS H 363 -13.43 -87.20 -19.59
CA HIS H 363 -12.95 -86.96 -20.95
C HIS H 363 -13.91 -86.11 -21.78
N ARG H 364 -15.10 -85.80 -21.28
CA ARG H 364 -16.06 -85.04 -22.07
C ARG H 364 -16.85 -84.05 -21.23
N ALA H 365 -16.51 -83.85 -19.96
CA ALA H 365 -17.28 -82.97 -19.09
C ALA H 365 -16.45 -81.77 -18.66
N SER H 366 -15.72 -81.18 -19.61
CA SER H 366 -14.88 -80.04 -19.29
C SER H 366 -15.72 -78.88 -18.78
N ILE H 367 -15.14 -78.14 -17.83
CA ILE H 367 -15.85 -77.03 -17.18
C ILE H 367 -16.13 -75.94 -18.20
N GLU H 368 -17.35 -75.41 -18.19
CA GLU H 368 -17.73 -74.26 -18.99
C GLU H 368 -17.98 -73.08 -18.06
N ILE H 369 -17.30 -71.98 -18.30
CA ILE H 369 -17.39 -70.80 -17.45
C ILE H 369 -18.51 -69.91 -17.94
N ALA H 370 -19.16 -69.22 -17.00
CA ALA H 370 -20.25 -68.29 -17.30
C ALA H 370 -19.81 -66.89 -16.89
N PHE H 371 -19.48 -66.07 -17.87
CA PHE H 371 -18.97 -64.74 -17.61
C PHE H 371 -20.08 -63.78 -17.21
N PRO H 372 -19.75 -62.69 -16.52
CA PRO H 372 -20.79 -61.77 -16.04
C PRO H 372 -21.56 -61.12 -17.18
N MET H 373 -22.79 -60.76 -16.88
CA MET H 373 -23.70 -60.16 -17.83
C MET H 373 -23.37 -58.69 -18.08
N ASN H 374 -23.63 -58.25 -19.31
CA ASN H 374 -23.65 -56.86 -19.77
C ASN H 374 -22.58 -55.98 -19.14
N VAL H 375 -21.37 -56.51 -19.00
CA VAL H 375 -20.21 -55.75 -18.57
C VAL H 375 -18.98 -56.33 -19.28
N SER H 376 -18.16 -55.46 -19.84
CA SER H 376 -16.95 -55.89 -20.54
C SER H 376 -15.73 -55.25 -19.88
N LEU H 377 -14.75 -56.08 -19.54
CA LEU H 377 -13.49 -55.63 -18.96
C LEU H 377 -13.71 -54.77 -17.72
N SER H 378 -14.48 -55.31 -16.78
CA SER H 378 -14.51 -54.75 -15.45
C SER H 378 -13.14 -54.94 -14.80
N PRO H 379 -12.77 -54.08 -13.84
CA PRO H 379 -11.48 -54.26 -13.18
C PRO H 379 -11.33 -55.62 -12.51
N GLU H 380 -12.43 -56.23 -12.07
CA GLU H 380 -12.35 -57.56 -11.48
C GLU H 380 -12.15 -58.64 -12.54
N ILE H 381 -12.70 -58.44 -13.75
CA ILE H 381 -12.66 -59.49 -14.77
C ILE H 381 -11.23 -59.79 -15.18
N ILE H 382 -10.41 -58.75 -15.39
CA ILE H 382 -9.04 -58.97 -15.85
C ILE H 382 -8.25 -59.75 -14.80
N VAL H 383 -8.37 -59.35 -13.54
CA VAL H 383 -7.61 -60.03 -12.49
C VAL H 383 -8.06 -61.47 -12.34
N GLN H 384 -9.37 -61.71 -12.38
CA GLN H 384 -9.86 -63.08 -12.26
C GLN H 384 -9.41 -63.93 -13.44
N CYS H 385 -9.42 -63.35 -14.64
CA CYS H 385 -8.96 -64.08 -15.81
C CYS H 385 -7.49 -64.42 -15.70
N PHE H 386 -6.67 -63.49 -15.21
CA PHE H 386 -5.25 -63.77 -15.03
C PHE H 386 -5.03 -64.84 -13.99
N ILE H 387 -5.80 -64.83 -12.90
CA ILE H 387 -5.69 -65.88 -11.90
C ILE H 387 -6.03 -67.24 -12.51
N VAL H 388 -7.09 -67.29 -13.31
CA VAL H 388 -7.48 -68.54 -13.94
C VAL H 388 -6.42 -69.03 -14.90
N TRP H 389 -5.77 -68.10 -15.63
CA TRP H 389 -4.86 -68.49 -16.69
C TRP H 389 -3.68 -69.30 -16.18
N MET H 390 -3.11 -68.90 -15.03
CA MET H 390 -1.89 -69.51 -14.53
C MET H 390 -2.11 -70.37 -13.29
N SER H 391 -3.35 -70.71 -12.97
CA SER H 391 -3.63 -71.57 -11.81
C SER H 391 -4.55 -72.74 -12.10
N ILE H 392 -5.30 -72.74 -13.19
CA ILE H 392 -6.23 -73.81 -13.53
C ILE H 392 -5.69 -74.52 -14.77
N PRO H 393 -5.52 -75.85 -14.73
CA PRO H 393 -4.90 -76.54 -15.87
C PRO H 393 -5.72 -76.41 -17.13
N GLU H 394 -5.03 -76.40 -18.27
CA GLU H 394 -5.69 -76.21 -19.55
C GLU H 394 -6.48 -77.43 -19.99
N GLN H 395 -6.14 -78.61 -19.51
CA GLN H 395 -6.83 -79.82 -19.94
C GLN H 395 -8.18 -80.01 -19.26
N LEU H 396 -8.52 -79.16 -18.29
CA LEU H 396 -9.79 -79.26 -17.59
C LEU H 396 -10.86 -78.33 -18.14
N LEU H 397 -10.46 -77.18 -18.69
CA LEU H 397 -11.41 -76.23 -19.23
C LEU H 397 -11.79 -76.59 -20.65
N SER H 398 -13.01 -76.21 -21.04
CA SER H 398 -13.46 -76.44 -22.40
C SER H 398 -12.75 -75.48 -23.35
N ASP H 399 -12.85 -75.79 -24.65
CA ASP H 399 -12.20 -74.95 -25.65
C ASP H 399 -12.77 -73.53 -25.64
N ARG H 400 -14.08 -73.42 -25.48
CA ARG H 400 -14.71 -72.10 -25.45
C ARG H 400 -14.16 -71.25 -24.32
N SER H 401 -14.08 -71.84 -23.12
CA SER H 401 -13.58 -71.10 -21.96
C SER H 401 -12.13 -70.69 -22.15
N ASN H 402 -11.31 -71.61 -22.64
CA ASN H 402 -9.91 -71.28 -22.89
C ASN H 402 -9.79 -70.13 -23.87
N PHE H 403 -10.58 -70.16 -24.95
CA PHE H 403 -10.50 -69.09 -25.93
C PHE H 403 -10.91 -67.76 -25.34
N ILE H 404 -11.98 -67.74 -24.52
CA ILE H 404 -12.40 -66.46 -23.95
C ILE H 404 -11.35 -65.91 -23.00
N ILE H 405 -10.77 -66.76 -22.15
CA ILE H 405 -9.73 -66.30 -21.24
C ILE H 405 -8.55 -65.75 -22.02
N ALA H 406 -8.14 -66.47 -23.07
CA ALA H 406 -7.00 -66.03 -23.87
C ALA H 406 -7.29 -64.70 -24.55
N ALA H 407 -8.51 -64.53 -25.06
CA ALA H 407 -8.87 -63.27 -25.69
C ALA H 407 -8.81 -62.12 -24.69
N VAL H 408 -9.35 -62.33 -23.49
CA VAL H 408 -9.33 -61.27 -22.50
C VAL H 408 -7.91 -60.86 -22.17
N ILE H 409 -7.02 -61.85 -22.02
CA ILE H 409 -5.64 -61.53 -21.68
C ILE H 409 -4.94 -60.83 -22.84
N TRP H 410 -5.08 -61.36 -24.04
CA TRP H 410 -4.36 -60.83 -25.20
C TRP H 410 -4.89 -59.49 -25.67
N ALA H 411 -6.09 -59.09 -25.23
CA ALA H 411 -6.61 -57.79 -25.63
C ALA H 411 -5.76 -56.64 -25.10
N GLY H 412 -5.06 -56.83 -23.98
CA GLY H 412 -4.34 -55.74 -23.38
C GLY H 412 -2.89 -55.63 -23.80
N PHE H 413 -2.36 -56.67 -24.43
CA PHE H 413 -0.97 -56.68 -24.86
C PHE H 413 -0.79 -56.37 -26.33
N SER H 414 -1.79 -56.64 -27.15
CA SER H 414 -1.68 -56.37 -28.58
C SER H 414 -1.58 -54.86 -28.80
N ALA H 415 -0.74 -54.48 -29.76
CA ALA H 415 -0.55 -53.05 -30.04
C ALA H 415 -1.79 -52.44 -30.67
N ASP H 416 -2.47 -53.19 -31.53
CA ASP H 416 -3.56 -52.64 -32.32
C ASP H 416 -4.90 -53.34 -32.10
N ASP H 417 -4.90 -54.67 -32.00
CA ASP H 417 -6.15 -55.40 -31.89
C ASP H 417 -6.89 -55.04 -30.62
N SER H 418 -8.19 -54.80 -30.74
CA SER H 418 -9.02 -54.48 -29.59
C SER H 418 -9.75 -55.76 -29.15
N TYR H 419 -10.61 -55.61 -28.14
CA TYR H 419 -11.33 -56.77 -27.61
C TYR H 419 -12.27 -57.33 -28.67
N ALA H 420 -13.10 -56.48 -29.26
CA ALA H 420 -14.07 -56.93 -30.24
C ALA H 420 -13.37 -57.43 -31.50
N ASP H 421 -12.29 -56.76 -31.90
CA ASP H 421 -11.51 -57.23 -33.03
C ASP H 421 -10.98 -58.63 -32.78
N ILE H 422 -10.57 -58.92 -31.54
CA ILE H 422 -10.07 -60.24 -31.22
C ILE H 422 -11.19 -61.26 -31.26
N MET H 423 -12.34 -60.95 -30.66
CA MET H 423 -13.45 -61.90 -30.69
C MET H 423 -14.01 -62.12 -32.10
N ARG H 424 -13.84 -61.17 -33.01
CA ARG H 424 -14.39 -61.36 -34.35
C ARG H 424 -13.70 -62.48 -35.10
N ARG H 425 -12.59 -63.00 -34.58
CA ARG H 425 -11.93 -64.19 -35.12
C ARG H 425 -12.73 -65.45 -34.91
N SER H 426 -13.93 -65.38 -34.32
CA SER H 426 -14.73 -66.58 -34.14
C SER H 426 -15.07 -67.21 -35.48
N ALA H 427 -15.43 -66.41 -36.46
CA ALA H 427 -15.53 -66.90 -37.82
C ALA H 427 -14.13 -67.05 -38.41
N ARG H 428 -14.06 -67.74 -39.55
CA ARG H 428 -12.82 -67.98 -40.30
C ARG H 428 -11.77 -68.73 -39.48
N ALA H 429 -12.15 -69.23 -38.30
CA ALA H 429 -11.25 -70.01 -37.47
C ALA H 429 -12.10 -70.81 -36.48
N SER H 430 -11.47 -71.80 -35.86
CA SER H 430 -12.11 -72.60 -34.83
C SER H 430 -11.74 -72.08 -33.46
N ASP H 431 -12.42 -72.59 -32.44
CA ASP H 431 -12.11 -72.17 -31.07
C ASP H 431 -10.74 -72.69 -30.65
N ARG H 432 -10.49 -73.97 -30.86
CA ARG H 432 -9.19 -74.53 -30.49
C ARG H 432 -8.05 -73.89 -31.27
N GLN H 433 -8.27 -73.66 -32.57
CA GLN H 433 -7.23 -73.04 -33.38
C GLN H 433 -6.95 -71.61 -32.93
N ASN H 434 -7.99 -70.85 -32.62
CA ASN H 434 -7.79 -69.49 -32.10
C ASN H 434 -7.04 -69.51 -30.79
N TYR H 435 -7.39 -70.45 -29.90
CA TYR H 435 -6.69 -70.55 -28.64
C TYR H 435 -5.22 -70.88 -28.86
N ASP H 436 -4.92 -71.79 -29.78
CA ASP H 436 -3.53 -72.13 -30.08
C ASP H 436 -2.78 -70.92 -30.62
N ILE H 437 -3.43 -70.15 -31.50
CA ILE H 437 -2.77 -68.97 -32.06
C ILE H 437 -2.43 -67.98 -30.96
N ILE H 438 -3.39 -67.69 -30.08
CA ILE H 438 -3.14 -66.72 -29.02
C ILE H 438 -2.08 -67.23 -28.07
N LYS H 439 -2.11 -68.51 -27.73
CA LYS H 439 -1.11 -69.07 -26.84
C LYS H 439 0.29 -68.98 -27.45
N ALA H 440 0.39 -69.23 -28.76
CA ALA H 440 1.67 -69.06 -29.43
C ALA H 440 2.12 -67.61 -29.39
N ALA H 441 1.19 -66.66 -29.49
CA ALA H 441 1.56 -65.26 -29.37
C ALA H 441 2.13 -64.95 -27.98
N LEU H 442 1.54 -65.51 -26.94
CA LEU H 442 1.94 -65.23 -25.57
C LEU H 442 3.16 -66.04 -25.13
N SER H 443 3.88 -66.66 -26.05
CA SER H 443 5.07 -67.41 -25.71
C SER H 443 6.22 -67.06 -26.64
N SER H 444 6.21 -65.85 -27.21
CA SER H 444 7.24 -65.42 -28.13
C SER H 444 8.34 -64.71 -27.36
N ARG H 445 9.23 -64.02 -28.08
CA ARG H 445 10.30 -63.29 -27.43
C ARG H 445 9.78 -62.06 -26.69
N LYS H 446 8.71 -61.44 -27.20
CA LYS H 446 8.21 -60.21 -26.60
C LYS H 446 7.49 -60.48 -25.29
N PHE H 447 6.67 -61.53 -25.23
CA PHE H 447 5.85 -61.81 -24.07
C PHE H 447 5.99 -63.27 -23.67
N LYS H 448 5.83 -63.52 -22.37
CA LYS H 448 5.92 -64.88 -21.84
C LYS H 448 5.00 -65.00 -20.64
N LEU H 449 4.06 -65.95 -20.70
CA LEU H 449 3.17 -66.24 -19.60
C LEU H 449 3.13 -67.74 -19.37
N PRO H 450 3.01 -68.18 -18.12
CA PRO H 450 3.11 -69.61 -17.82
C PRO H 450 2.03 -70.47 -18.46
N ARG H 451 0.75 -70.18 -18.22
CA ARG H 451 -0.36 -71.02 -18.68
C ARG H 451 -0.23 -72.44 -18.11
N ALA H 452 -0.45 -72.52 -16.81
CA ALA H 452 -0.26 -73.77 -16.08
C ALA H 452 -1.08 -74.90 -16.70
N SER H 453 -0.42 -76.05 -16.88
CA SER H 453 -1.04 -77.25 -17.42
C SER H 453 -0.86 -78.38 -16.41
N THR H 454 -1.24 -79.59 -16.82
CA THR H 454 -1.16 -80.75 -15.96
C THR H 454 -0.71 -81.94 -16.79
N THR H 455 -0.84 -83.14 -16.23
CA THR H 455 -0.39 -84.36 -16.89
C THR H 455 -1.18 -85.54 -16.36
N LEU H 456 -1.09 -86.65 -17.08
CA LEU H 456 -1.78 -87.87 -16.69
C LEU H 456 -1.10 -88.51 -15.48
N PHE H 457 -1.89 -89.23 -14.70
CA PHE H 457 -1.43 -89.84 -13.46
C PHE H 457 -1.90 -91.28 -13.41
N ASP H 458 -1.04 -92.19 -12.93
CA ASP H 458 -1.41 -93.59 -12.90
C ASP H 458 -0.96 -94.35 -11.64
N GLU H 459 -0.34 -93.69 -10.68
CA GLU H 459 0.08 -94.39 -9.47
C GLU H 459 -1.14 -94.78 -8.65
N ASN H 460 -1.09 -95.97 -8.06
CA ASN H 460 -2.21 -96.47 -7.27
C ASN H 460 -1.69 -97.42 -6.20
N GLU H 461 -2.49 -97.58 -5.14
CA GLU H 461 -2.15 -98.50 -4.07
C GLU H 461 -2.80 -99.85 -4.34
N PRO H 462 -2.03 -100.93 -4.45
CA PRO H 462 -2.63 -102.23 -4.74
C PRO H 462 -3.66 -102.63 -3.69
N VAL H 463 -4.76 -103.20 -4.17
CA VAL H 463 -5.85 -103.66 -3.32
C VAL H 463 -6.76 -104.54 -4.16
N VAL H 464 -7.33 -105.56 -3.54
CA VAL H 464 -8.21 -106.47 -4.27
C VAL H 464 -9.47 -105.74 -4.70
N ARG H 465 -9.84 -105.89 -5.96
CA ARG H 465 -10.99 -105.20 -6.53
C ARG H 465 -11.76 -106.16 -7.41
N ARG H 466 -12.87 -105.65 -7.98
CA ARG H 466 -13.70 -106.41 -8.88
C ARG H 466 -13.93 -105.74 -10.23
N TYR H 467 -13.64 -104.45 -10.34
CA TYR H 467 -13.89 -103.70 -11.56
C TYR H 467 -12.58 -103.19 -12.14
N GLN H 468 -12.67 -102.49 -13.26
CA GLN H 468 -11.51 -101.97 -13.95
C GLN H 468 -11.04 -100.67 -13.31
N ILE H 469 -9.83 -100.26 -13.69
CA ILE H 469 -9.21 -99.03 -13.19
C ILE H 469 -8.70 -98.25 -14.38
N GLY H 470 -8.54 -96.93 -14.18
CA GLY H 470 -8.15 -96.08 -15.28
C GLY H 470 -7.34 -94.88 -14.84
N ARG H 471 -6.72 -94.22 -15.82
CA ARG H 471 -5.92 -93.04 -15.56
C ARG H 471 -6.80 -91.82 -15.40
N VAL H 472 -6.33 -90.88 -14.58
CA VAL H 472 -7.10 -89.70 -14.22
C VAL H 472 -6.20 -88.47 -14.33
N TYR H 473 -6.71 -87.41 -14.97
CA TYR H 473 -5.99 -86.15 -15.02
C TYR H 473 -5.84 -85.58 -13.62
N ALA H 474 -4.65 -85.05 -13.33
CA ALA H 474 -4.42 -84.41 -12.04
C ALA H 474 -5.06 -83.02 -12.05
N PRO H 475 -5.96 -82.71 -11.12
CA PRO H 475 -6.66 -81.43 -11.14
C PRO H 475 -5.86 -80.24 -10.62
N PHE H 476 -4.56 -80.45 -10.46
CA PHE H 476 -3.70 -79.39 -9.88
C PHE H 476 -2.43 -79.22 -10.74
N PRO H 477 -1.84 -78.01 -10.91
CA PRO H 477 -0.69 -77.85 -11.79
C PRO H 477 0.65 -78.25 -11.19
N VAL H 478 0.68 -78.96 -10.08
CA VAL H 478 1.92 -79.36 -9.46
C VAL H 478 2.21 -80.81 -9.84
N ASP H 479 3.48 -81.11 -10.06
CA ASP H 479 3.90 -82.42 -10.49
C ASP H 479 4.16 -83.33 -9.29
N ARG H 480 4.54 -84.57 -9.59
CA ARG H 480 4.80 -85.55 -8.53
C ARG H 480 5.97 -85.13 -7.64
N TYR H 481 6.93 -84.40 -8.20
CA TYR H 481 8.13 -84.03 -7.47
C TYR H 481 8.05 -82.65 -6.83
N GLY H 482 6.92 -81.95 -6.98
CA GLY H 482 6.71 -80.66 -6.39
C GLY H 482 7.00 -79.49 -7.31
N SER H 483 7.76 -79.70 -8.38
CA SER H 483 8.01 -78.65 -9.33
C SER H 483 6.74 -78.33 -10.12
N PRO H 484 6.37 -77.06 -10.24
CA PRO H 484 5.15 -76.72 -10.99
C PRO H 484 5.28 -77.08 -12.47
N VAL H 485 4.14 -77.43 -13.06
CA VAL H 485 4.08 -77.82 -14.46
C VAL H 485 3.50 -76.67 -15.26
N TYR H 486 4.19 -76.28 -16.32
CA TYR H 486 3.75 -75.20 -17.18
C TYR H 486 3.78 -75.66 -18.63
N SER H 487 2.82 -75.17 -19.41
CA SER H 487 2.66 -75.66 -20.79
C SER H 487 3.79 -75.19 -21.69
N ASN H 488 4.16 -73.91 -21.60
CA ASN H 488 5.12 -73.33 -22.52
C ASN H 488 6.43 -72.95 -21.84
N CYS H 489 6.37 -72.11 -20.81
CA CYS H 489 7.59 -71.63 -20.16
C CYS H 489 7.24 -71.12 -18.77
N THR H 490 8.27 -70.99 -17.94
CA THR H 490 8.14 -70.44 -16.60
C THR H 490 8.79 -69.07 -16.55
N LYS H 491 8.79 -68.47 -15.35
CA LYS H 491 9.41 -67.18 -15.10
C LYS H 491 8.81 -66.10 -16.01
N VAL H 492 7.54 -65.79 -15.69
CA VAL H 492 6.80 -64.77 -16.43
C VAL H 492 7.64 -63.52 -16.64
N GLU H 493 7.72 -63.09 -17.89
CA GLU H 493 8.39 -61.84 -18.24
C GLU H 493 7.72 -61.28 -19.48
N LEU H 494 7.65 -59.96 -19.55
CA LEU H 494 6.97 -59.31 -20.67
C LEU H 494 7.48 -57.88 -20.80
N ALA H 495 7.81 -57.49 -22.04
CA ALA H 495 8.41 -56.19 -22.30
C ALA H 495 7.34 -55.18 -22.74
N SER H 496 6.35 -54.98 -21.89
CA SER H 496 5.30 -54.00 -22.14
C SER H 496 4.45 -53.90 -20.87
N ASP H 497 3.37 -53.15 -20.96
CA ASP H 497 2.42 -52.99 -19.88
C ASP H 497 1.03 -53.38 -20.35
N TYR H 498 0.24 -53.96 -19.46
CA TYR H 498 -1.12 -54.36 -19.80
C TYR H 498 -1.97 -53.12 -19.91
N ASN H 499 -2.14 -52.62 -21.13
CA ASN H 499 -2.97 -51.45 -21.39
C ASN H 499 -4.27 -51.92 -22.02
N ALA H 500 -5.30 -52.06 -21.21
CA ALA H 500 -6.63 -52.42 -21.70
C ALA H 500 -7.27 -51.16 -22.29
N GLU H 501 -8.57 -51.22 -22.55
CA GLU H 501 -9.24 -50.06 -23.13
C GLU H 501 -9.16 -48.86 -22.19
N GLY H 502 -9.30 -49.09 -20.88
CA GLY H 502 -9.15 -48.01 -19.93
C GLY H 502 -8.49 -48.40 -18.63
N PHE H 503 -7.99 -49.63 -18.55
CA PHE H 503 -7.41 -50.17 -17.33
C PHE H 503 -5.97 -50.55 -17.58
N THR H 504 -5.08 -50.16 -16.66
CA THR H 504 -3.66 -50.42 -16.78
C THR H 504 -3.13 -51.00 -15.48
N ILE H 505 -2.21 -51.95 -15.60
CA ILE H 505 -1.50 -52.51 -14.47
C ILE H 505 -0.04 -52.68 -14.84
N ARG H 506 0.84 -52.42 -13.88
CA ARG H 506 2.26 -52.26 -14.18
C ARG H 506 2.90 -53.61 -14.51
N LYS H 507 4.11 -53.52 -15.06
CA LYS H 507 4.85 -54.70 -15.49
C LYS H 507 5.23 -55.61 -14.33
N ASP H 508 5.46 -55.05 -13.16
CA ASP H 508 5.98 -55.81 -12.02
C ASP H 508 4.92 -56.66 -11.32
N ASP H 509 3.64 -56.42 -11.56
CA ASP H 509 2.60 -57.10 -10.81
C ASP H 509 2.52 -58.57 -11.15
N PHE H 510 2.75 -58.94 -12.41
CA PHE H 510 2.60 -60.32 -12.83
C PHE H 510 3.61 -61.22 -12.12
N ARG H 511 4.87 -60.78 -12.02
CA ARG H 511 5.84 -61.56 -11.28
C ARG H 511 5.57 -61.51 -9.78
N ALA H 512 4.79 -60.54 -9.33
CA ALA H 512 4.32 -60.51 -7.96
C ALA H 512 3.04 -61.30 -7.76
N LEU H 513 2.37 -61.68 -8.84
CA LEU H 513 1.17 -62.51 -8.77
C LEU H 513 1.47 -63.99 -8.95
N GLN H 514 2.51 -64.33 -9.71
CA GLN H 514 2.88 -65.74 -9.86
C GLN H 514 3.46 -66.30 -8.57
N ALA H 515 4.19 -65.47 -7.83
CA ALA H 515 4.82 -65.95 -6.59
C ALA H 515 3.78 -66.31 -5.54
N VAL H 516 2.72 -65.51 -5.41
CA VAL H 516 1.72 -65.78 -4.39
C VAL H 516 0.89 -67.01 -4.77
N LEU H 517 0.88 -67.36 -6.05
CA LEU H 517 0.10 -68.50 -6.53
C LEU H 517 0.86 -69.81 -6.46
N ARG H 518 2.09 -69.81 -6.00
CA ARG H 518 2.87 -71.03 -5.93
C ARG H 518 2.29 -71.98 -4.89
N ILE H 519 2.55 -73.27 -5.07
CA ILE H 519 2.01 -74.32 -4.21
C ILE H 519 3.11 -74.82 -3.29
N ASP H 520 2.81 -74.87 -2.00
CA ASP H 520 3.78 -75.28 -0.99
C ASP H 520 3.99 -76.79 -1.08
N GLU H 521 4.97 -77.31 -0.34
CA GLU H 521 5.30 -78.73 -0.43
C GLU H 521 4.26 -79.60 0.27
N ASP H 522 4.01 -79.38 1.56
CA ASP H 522 3.07 -80.26 2.26
C ASP H 522 1.67 -80.16 1.67
N ARG H 523 1.32 -79.00 1.13
CA ARG H 523 0.09 -78.87 0.36
C ARG H 523 0.05 -79.90 -0.76
N ALA H 524 1.14 -79.99 -1.53
CA ALA H 524 1.22 -80.98 -2.59
C ALA H 524 1.17 -82.40 -2.05
N ALA H 525 1.80 -82.63 -0.90
CA ALA H 525 1.76 -83.96 -0.30
C ALA H 525 0.34 -84.38 0.01
N ASP H 526 -0.43 -83.50 0.67
CA ASP H 526 -1.81 -83.80 0.97
C ASP H 526 -2.63 -84.00 -0.30
N MET H 527 -2.41 -83.14 -1.29
CA MET H 527 -3.14 -83.23 -2.55
C MET H 527 -2.92 -84.58 -3.21
N PHE H 528 -1.67 -85.02 -3.28
CA PHE H 528 -1.38 -86.28 -3.92
C PHE H 528 -1.88 -87.46 -3.08
N THR H 529 -1.86 -87.35 -1.75
CA THR H 529 -2.40 -88.44 -0.94
C THR H 529 -3.88 -88.62 -1.22
N THR H 530 -4.63 -87.52 -1.34
CA THR H 530 -6.04 -87.65 -1.67
C THR H 530 -6.24 -88.24 -3.06
N LEU H 531 -5.51 -87.74 -4.05
CA LEU H 531 -5.73 -88.22 -5.41
C LEU H 531 -5.39 -89.70 -5.53
N ARG H 532 -4.35 -90.16 -4.81
CA ARG H 532 -3.91 -91.54 -4.96
C ARG H 532 -4.99 -92.52 -4.53
N ILE H 533 -5.72 -92.20 -3.46
CA ILE H 533 -6.80 -93.08 -3.07
C ILE H 533 -8.06 -92.82 -3.90
N MET H 534 -8.17 -91.65 -4.51
CA MET H 534 -9.35 -91.42 -5.34
C MET H 534 -9.28 -92.18 -6.66
N ILE H 535 -8.09 -92.30 -7.25
CA ILE H 535 -7.99 -92.98 -8.54
C ILE H 535 -8.20 -94.48 -8.40
N SER H 536 -7.68 -95.08 -7.33
CA SER H 536 -7.62 -96.53 -7.22
C SER H 536 -8.89 -97.16 -6.69
N SER H 537 -10.00 -96.43 -6.64
CA SER H 537 -11.23 -97.00 -6.10
C SER H 537 -12.43 -96.76 -7.02
N ILE H 538 -12.42 -95.65 -7.75
CA ILE H 538 -13.57 -95.30 -8.59
C ILE H 538 -13.55 -96.17 -9.84
N PRO H 539 -14.66 -96.81 -10.19
CA PRO H 539 -14.69 -97.64 -11.41
C PRO H 539 -14.39 -96.81 -12.65
N ALA H 540 -13.68 -97.41 -13.59
CA ALA H 540 -13.23 -96.72 -14.79
C ALA H 540 -14.09 -97.00 -16.01
N VAL H 541 -15.13 -97.83 -15.88
CA VAL H 541 -15.97 -98.10 -17.04
C VAL H 541 -16.90 -96.93 -17.33
N TRP H 542 -17.10 -96.05 -16.36
CA TRP H 542 -17.96 -94.89 -16.54
C TRP H 542 -17.19 -93.66 -17.03
N TYR H 543 -15.89 -93.79 -17.26
CA TYR H 543 -15.09 -92.64 -17.66
C TYR H 543 -15.38 -92.17 -19.07
N ASP H 544 -16.17 -92.92 -19.84
CA ASP H 544 -16.53 -92.55 -21.20
C ASP H 544 -18.01 -92.25 -21.34
N ALA H 545 -18.59 -91.60 -20.34
CA ALA H 545 -20.01 -91.32 -20.31
C ALA H 545 -20.28 -89.88 -20.72
N GLU H 546 -21.18 -89.69 -21.67
CA GLU H 546 -21.58 -88.35 -22.05
C GLU H 546 -22.37 -87.70 -20.92
N VAL H 547 -22.21 -86.39 -20.77
CA VAL H 547 -22.88 -85.67 -19.70
C VAL H 547 -24.38 -85.62 -19.99
N VAL H 548 -25.18 -85.68 -18.92
CA VAL H 548 -26.63 -85.63 -19.02
C VAL H 548 -27.20 -84.42 -18.30
N HIS H 549 -26.69 -84.10 -17.11
CA HIS H 549 -27.15 -82.94 -16.35
C HIS H 549 -26.10 -81.85 -16.50
N TYR H 550 -26.33 -80.93 -17.44
CA TYR H 550 -25.34 -79.90 -17.73
C TYR H 550 -24.99 -79.01 -16.55
N PRO H 551 -25.93 -78.59 -15.67
CA PRO H 551 -25.54 -77.72 -14.55
C PRO H 551 -24.41 -78.25 -13.70
N HIS H 552 -24.11 -79.55 -13.79
CA HIS H 552 -23.03 -80.11 -12.99
C HIS H 552 -21.65 -79.66 -13.46
N THR H 553 -21.54 -79.16 -14.69
CA THR H 553 -20.25 -78.77 -15.24
C THR H 553 -20.12 -77.28 -15.48
N ALA H 554 -21.07 -76.47 -15.03
CA ALA H 554 -21.06 -75.04 -15.26
C ALA H 554 -20.77 -74.33 -13.95
N VAL H 555 -19.77 -73.44 -13.97
CA VAL H 555 -19.37 -72.69 -12.79
C VAL H 555 -19.15 -71.23 -13.18
N GLU H 556 -19.29 -70.34 -12.21
CA GLU H 556 -19.08 -68.92 -12.43
C GLU H 556 -17.59 -68.62 -12.52
N LEU H 557 -17.26 -67.44 -13.04
CA LEU H 557 -15.87 -67.03 -13.12
C LEU H 557 -15.34 -66.69 -11.73
N GLU H 558 -16.12 -65.98 -10.92
CA GLU H 558 -15.65 -65.58 -9.59
C GLU H 558 -15.39 -66.79 -8.71
N GLN H 559 -16.26 -67.80 -8.78
CA GLN H 559 -16.06 -69.00 -7.96
C GLN H 559 -14.80 -69.73 -8.36
N LEU H 560 -14.58 -69.89 -9.67
CA LEU H 560 -13.37 -70.55 -10.14
C LEU H 560 -12.12 -69.79 -9.73
N ALA H 561 -12.17 -68.45 -9.85
CA ALA H 561 -11.02 -67.65 -9.48
C ALA H 561 -10.74 -67.74 -7.98
N ALA H 562 -11.79 -67.74 -7.15
CA ALA H 562 -11.58 -67.88 -5.72
C ALA H 562 -11.02 -69.25 -5.38
N TYR H 563 -11.49 -70.29 -6.07
CA TYR H 563 -10.95 -71.63 -5.85
C TYR H 563 -9.48 -71.70 -6.23
N GLY H 564 -9.10 -71.04 -7.32
CA GLY H 564 -7.71 -71.09 -7.75
C GLY H 564 -6.77 -70.22 -6.94
N LEU H 565 -7.24 -69.07 -6.47
CA LEU H 565 -6.38 -68.16 -5.72
C LEU H 565 -5.90 -68.81 -4.43
N THR H 566 -6.83 -69.11 -3.54
CA THR H 566 -6.50 -69.88 -2.35
C THR H 566 -6.29 -71.33 -2.75
N GLY H 567 -5.12 -71.88 -2.41
CA GLY H 567 -4.84 -73.24 -2.77
C GLY H 567 -5.87 -74.18 -2.16
N ALA H 568 -6.80 -74.64 -2.99
CA ALA H 568 -7.93 -75.44 -2.53
C ALA H 568 -7.92 -76.77 -3.26
N TYR H 569 -8.08 -77.85 -2.51
CA TYR H 569 -7.98 -79.18 -3.07
C TYR H 569 -9.02 -80.10 -2.44
N PRO H 570 -9.46 -81.12 -3.17
CA PRO H 570 -10.33 -82.14 -2.58
C PRO H 570 -9.61 -82.86 -1.45
N ARG H 571 -10.37 -83.18 -0.39
CA ARG H 571 -9.82 -83.85 0.78
C ARG H 571 -10.78 -84.93 1.25
N THR H 572 -10.23 -86.09 1.63
CA THR H 572 -11.02 -87.22 2.08
C THR H 572 -10.57 -87.66 3.47
N ASN H 573 -11.47 -88.30 4.19
CA ASN H 573 -11.19 -88.82 5.53
C ASN H 573 -11.38 -90.33 5.61
N HIS H 574 -11.37 -91.01 4.48
CA HIS H 574 -11.58 -92.45 4.43
C HIS H 574 -10.42 -93.11 3.70
N SER H 575 -10.31 -94.42 3.90
CA SER H 575 -9.26 -95.21 3.26
C SER H 575 -9.78 -95.85 1.99
N VAL H 576 -8.87 -96.51 1.26
CA VAL H 576 -9.25 -97.17 0.03
C VAL H 576 -10.23 -98.30 0.30
N ASP H 577 -10.00 -99.05 1.38
CA ASP H 577 -10.82 -100.22 1.67
C ASP H 577 -12.26 -99.83 1.90
N THR H 578 -12.50 -98.73 2.61
CA THR H 578 -13.88 -98.29 2.85
C THR H 578 -14.59 -97.95 1.56
N ILE H 579 -13.91 -97.24 0.66
CA ILE H 579 -14.52 -96.89 -0.62
C ILE H 579 -14.83 -98.15 -1.42
N VAL H 580 -13.89 -99.09 -1.48
CA VAL H 580 -14.11 -100.31 -2.25
C VAL H 580 -15.26 -101.10 -1.66
N LYS H 581 -15.32 -101.21 -0.34
CA LYS H 581 -16.41 -101.95 0.30
C LYS H 581 -17.75 -101.30 0.02
N THR H 582 -17.81 -99.96 0.08
CA THR H 582 -19.06 -99.28 -0.22
C THR H 582 -19.52 -99.53 -1.65
N VAL H 583 -18.59 -99.44 -2.60
CA VAL H 583 -18.96 -99.68 -4.00
C VAL H 583 -19.44 -101.11 -4.18
N ASN H 584 -18.75 -102.07 -3.59
CA ASN H 584 -19.17 -103.46 -3.70
C ASN H 584 -20.54 -103.68 -3.08
N ASN H 585 -20.81 -103.01 -1.95
CA ASN H 585 -22.11 -103.17 -1.30
C ASN H 585 -23.24 -102.66 -2.16
N ILE H 586 -23.08 -101.46 -2.74
CA ILE H 586 -24.16 -100.96 -3.58
C ILE H 586 -24.30 -101.81 -4.84
N SER H 587 -23.19 -102.34 -5.37
CA SER H 587 -23.30 -103.23 -6.52
C SER H 587 -24.07 -104.49 -6.17
N ALA H 588 -23.80 -105.07 -5.00
CA ALA H 588 -24.51 -106.26 -4.58
C ALA H 588 -26.00 -105.98 -4.38
N THR H 589 -26.33 -104.83 -3.81
CA THR H 589 -27.73 -104.47 -3.63
C THR H 589 -28.44 -104.35 -4.97
N TYR H 590 -27.80 -103.67 -5.93
CA TYR H 590 -28.40 -103.55 -7.26
C TYR H 590 -28.59 -104.92 -7.90
N SER H 591 -27.59 -105.80 -7.77
CA SER H 591 -27.70 -107.12 -8.36
C SER H 591 -28.83 -107.91 -7.73
N THR H 592 -28.97 -107.86 -6.41
CA THR H 592 -30.03 -108.59 -5.75
C THR H 592 -31.40 -108.09 -6.18
N ILE H 593 -31.56 -106.76 -6.27
CA ILE H 593 -32.84 -106.21 -6.71
C ILE H 593 -33.14 -106.66 -8.15
N ALA H 594 -32.12 -106.63 -9.01
CA ALA H 594 -32.32 -107.03 -10.40
C ALA H 594 -32.73 -108.50 -10.50
N GLN H 595 -32.07 -109.36 -9.72
CA GLN H 595 -32.42 -110.78 -9.75
C GLN H 595 -33.83 -110.99 -9.23
N MET H 596 -34.22 -110.27 -8.17
CA MET H 596 -35.57 -110.41 -7.63
C MET H 596 -36.63 -109.96 -8.63
N LEU H 597 -36.38 -108.87 -9.34
CA LEU H 597 -37.39 -108.28 -10.21
C LEU H 597 -37.66 -109.07 -11.48
N SER H 598 -36.98 -110.21 -11.67
CA SER H 598 -37.12 -110.99 -12.89
C SER H 598 -38.16 -112.10 -12.77
N THR H 599 -38.87 -112.18 -11.64
CA THR H 599 -39.88 -113.22 -11.48
C THR H 599 -41.27 -112.72 -11.83
N ILE H 600 -41.63 -111.51 -11.38
CA ILE H 600 -42.93 -110.95 -11.74
C ILE H 600 -42.91 -110.49 -13.19
N ASP H 601 -44.10 -110.39 -13.77
CA ASP H 601 -44.23 -110.03 -15.18
C ASP H 601 -44.66 -108.58 -15.32
N LEU H 602 -43.90 -107.83 -16.12
CA LEU H 602 -44.18 -106.42 -16.38
C LEU H 602 -44.15 -106.23 -17.89
N ASP H 603 -45.33 -106.26 -18.50
CA ASP H 603 -45.30 -106.15 -19.95
C ASP H 603 -45.71 -104.75 -20.41
N PRO H 604 -45.15 -104.27 -21.51
CA PRO H 604 -45.47 -102.91 -21.96
C PRO H 604 -46.86 -102.77 -22.55
N THR H 605 -47.47 -103.86 -23.02
CA THR H 605 -48.74 -103.79 -23.72
C THR H 605 -49.94 -103.94 -22.79
N ARG H 606 -49.77 -103.68 -21.50
CA ARG H 606 -50.85 -103.82 -20.53
C ARG H 606 -51.37 -102.49 -20.02
N TYR H 607 -50.50 -101.50 -19.85
CA TYR H 607 -50.89 -100.18 -19.39
C TYR H 607 -50.35 -99.14 -20.37
N GLY H 608 -50.63 -97.88 -20.06
CA GLY H 608 -49.96 -96.79 -20.72
C GLY H 608 -48.59 -96.56 -20.13
N THR H 609 -47.81 -95.70 -20.78
CA THR H 609 -46.46 -95.42 -20.32
C THR H 609 -46.46 -94.73 -18.95
N SER H 610 -47.50 -93.98 -18.62
CA SER H 610 -47.55 -93.28 -17.35
C SER H 610 -47.85 -94.20 -16.16
N GLU H 611 -48.70 -95.20 -16.35
CA GLU H 611 -49.09 -96.06 -15.24
C GLU H 611 -48.10 -97.19 -15.00
N SER H 612 -47.50 -97.72 -16.08
CA SER H 612 -46.52 -98.78 -15.91
C SER H 612 -45.34 -98.32 -15.07
N ILE H 613 -45.00 -97.02 -15.15
CA ILE H 613 -43.94 -96.50 -14.30
C ILE H 613 -44.30 -96.65 -12.84
N ASP H 614 -45.54 -96.30 -12.47
CA ASP H 614 -45.95 -96.43 -11.07
C ASP H 614 -46.05 -97.88 -10.64
N LYS H 615 -46.48 -98.76 -11.55
CA LYS H 615 -46.48 -100.19 -11.22
C LYS H 615 -45.06 -100.67 -10.94
N PHE H 616 -44.10 -100.22 -11.74
CA PHE H 616 -42.71 -100.57 -11.51
C PHE H 616 -42.21 -100.03 -10.17
N LYS H 617 -42.59 -98.80 -9.84
CA LYS H 617 -42.18 -98.23 -8.55
C LYS H 617 -42.73 -99.06 -7.39
N ILE H 618 -44.01 -99.44 -7.48
CA ILE H 618 -44.61 -100.23 -6.42
C ILE H 618 -43.92 -101.58 -6.28
N ALA H 619 -43.65 -102.22 -7.42
CA ALA H 619 -42.96 -103.50 -7.38
C ALA H 619 -41.58 -103.38 -6.76
N TRP H 620 -40.85 -102.32 -7.12
CA TRP H 620 -39.52 -102.10 -6.56
C TRP H 620 -39.60 -101.91 -5.05
N GLU H 621 -40.54 -101.09 -4.59
CA GLU H 621 -40.67 -100.86 -3.15
C GLU H 621 -41.01 -102.15 -2.41
N ASN H 622 -41.94 -102.94 -2.96
CA ASN H 622 -42.31 -104.19 -2.32
C ASN H 622 -41.12 -105.16 -2.25
N VAL H 623 -40.38 -105.26 -3.36
CA VAL H 623 -39.25 -106.18 -3.40
C VAL H 623 -38.17 -105.76 -2.41
N GLU H 624 -37.91 -104.46 -2.33
CA GLU H 624 -36.92 -103.99 -1.36
C GLU H 624 -37.38 -104.22 0.07
N SER H 625 -38.67 -104.08 0.35
CA SER H 625 -39.16 -104.20 1.72
C SER H 625 -39.32 -105.64 2.17
N VAL H 626 -39.56 -106.59 1.26
CA VAL H 626 -39.93 -107.93 1.69
C VAL H 626 -38.77 -108.64 2.39
N LEU H 627 -37.57 -108.58 1.80
CA LEU H 627 -36.45 -109.38 2.30
C LEU H 627 -35.26 -108.54 2.72
N ASN H 628 -34.99 -107.44 2.02
CA ASN H 628 -33.89 -106.57 2.43
C ASN H 628 -34.27 -105.75 3.66
N MET H 629 -33.33 -104.91 4.08
CA MET H 629 -33.55 -103.95 5.14
C MET H 629 -33.80 -102.57 4.56
N GLU H 630 -34.44 -101.70 5.33
CA GLU H 630 -34.70 -100.34 4.86
C GLU H 630 -33.46 -99.46 5.02
N GLY H 631 -32.81 -99.16 3.91
CA GLY H 631 -31.64 -98.31 3.94
C GLY H 631 -31.75 -97.16 2.97
N ASN H 632 -30.70 -96.93 2.18
CA ASN H 632 -30.69 -95.85 1.20
C ASN H 632 -30.92 -96.33 -0.21
N ASP H 633 -30.28 -97.42 -0.62
CA ASP H 633 -30.44 -98.01 -1.95
C ASP H 633 -30.11 -96.98 -3.02
N PHE H 634 -28.83 -96.61 -3.03
CA PHE H 634 -28.26 -95.57 -3.87
C PHE H 634 -28.92 -95.44 -5.24
N VAL H 635 -29.03 -96.55 -5.96
CA VAL H 635 -29.50 -96.50 -7.34
C VAL H 635 -30.95 -96.00 -7.40
N LYS H 636 -31.79 -96.45 -6.47
CA LYS H 636 -33.18 -96.02 -6.49
C LYS H 636 -33.31 -94.52 -6.27
N THR H 637 -32.57 -93.98 -5.30
CA THR H 637 -32.63 -92.54 -5.06
C THR H 637 -32.12 -91.76 -6.27
N ILE H 638 -31.02 -92.23 -6.86
CA ILE H 638 -30.49 -91.58 -8.05
C ILE H 638 -31.55 -91.54 -9.14
N MET H 639 -32.25 -92.66 -9.34
CA MET H 639 -33.23 -92.72 -10.43
C MET H 639 -34.45 -91.87 -10.11
N TYR H 640 -34.85 -91.80 -8.85
CA TYR H 640 -36.01 -91.02 -8.47
C TYR H 640 -35.77 -89.52 -8.64
N ALA H 641 -34.62 -89.05 -8.16
CA ALA H 641 -34.38 -87.61 -8.13
C ALA H 641 -34.29 -87.02 -9.53
N TYR H 642 -33.72 -87.76 -10.46
CA TYR H 642 -33.33 -87.24 -11.77
C TYR H 642 -34.24 -87.76 -12.88
N GLU H 643 -35.47 -88.12 -12.52
CA GLU H 643 -36.40 -88.68 -13.50
C GLU H 643 -37.07 -87.62 -14.35
N ASP H 644 -37.03 -86.35 -13.94
CA ASP H 644 -37.69 -85.29 -14.69
C ASP H 644 -36.88 -84.81 -15.88
N ASN H 645 -35.65 -85.31 -16.05
CA ASN H 645 -34.81 -84.94 -17.18
C ASN H 645 -34.84 -85.97 -18.29
N PHE H 646 -35.80 -86.89 -18.27
CA PHE H 646 -35.91 -87.90 -19.30
C PHE H 646 -37.33 -87.94 -19.84
N PRO H 647 -37.50 -88.16 -21.14
CA PRO H 647 -38.84 -88.43 -21.65
C PRO H 647 -39.35 -89.73 -21.08
N LYS H 648 -40.69 -89.82 -20.95
CA LYS H 648 -41.28 -90.95 -20.23
C LYS H 648 -40.96 -92.27 -20.91
N LYS H 649 -40.98 -92.31 -22.24
CA LYS H 649 -40.66 -93.55 -22.94
C LYS H 649 -39.22 -93.99 -22.68
N ASP H 650 -38.29 -93.04 -22.73
CA ASP H 650 -36.89 -93.36 -22.47
C ASP H 650 -36.68 -93.79 -21.03
N PHE H 651 -37.36 -93.12 -20.09
CA PHE H 651 -37.25 -93.51 -18.69
C PHE H 651 -37.75 -94.92 -18.47
N TYR H 652 -38.89 -95.26 -19.10
CA TYR H 652 -39.42 -96.61 -18.97
C TYR H 652 -38.48 -97.65 -19.59
N MET H 653 -37.90 -97.34 -20.75
CA MET H 653 -36.97 -98.29 -21.37
C MET H 653 -35.75 -98.49 -20.48
N MET H 654 -35.23 -97.41 -19.90
CA MET H 654 -34.10 -97.51 -18.99
C MET H 654 -34.44 -98.34 -17.76
N LEU H 655 -35.65 -98.16 -17.21
CA LEU H 655 -36.06 -98.98 -16.08
C LEU H 655 -36.19 -100.45 -16.47
N LYS H 656 -36.74 -100.71 -17.65
CA LYS H 656 -36.87 -102.09 -18.13
C LYS H 656 -35.52 -102.75 -18.30
N GLN H 657 -34.49 -101.96 -18.66
CA GLN H 657 -33.15 -102.53 -18.80
C GLN H 657 -32.68 -103.15 -17.49
N ILE H 658 -33.02 -102.53 -16.35
CA ILE H 658 -32.59 -103.06 -15.07
C ILE H 658 -33.15 -104.46 -14.85
N ALA H 659 -34.46 -104.63 -15.11
CA ALA H 659 -35.06 -105.94 -14.95
C ALA H 659 -34.50 -106.93 -15.96
N SER H 660 -34.17 -106.45 -17.15
CA SER H 660 -33.74 -107.41 -18.18
C SER H 660 -32.37 -108.00 -17.83
N ASP H 661 -31.57 -107.25 -17.08
CA ASP H 661 -30.19 -107.69 -16.80
C ASP H 661 -30.18 -109.00 -16.00
N GLY H 662 -31.10 -109.17 -15.06
CA GLY H 662 -31.03 -110.36 -14.20
C GLY H 662 -31.76 -111.54 -14.77
N GLN H 663 -32.38 -111.39 -15.94
CA GLN H 663 -33.21 -112.48 -16.51
C GLN H 663 -32.37 -113.75 -16.66
N GLY H 664 -32.89 -114.90 -16.24
CA GLY H 664 -32.19 -116.18 -16.40
C GLY H 664 -32.60 -117.17 -15.34
N ALA H 665 -32.03 -118.38 -15.39
CA ALA H 665 -32.30 -119.34 -14.32
C ALA H 665 -31.19 -119.18 -13.29
N HIS H 666 -31.53 -118.78 -12.07
CA HIS H 666 -30.48 -118.48 -11.07
C HIS H 666 -30.97 -118.97 -9.72
N PRO H 667 -30.13 -119.02 -8.67
CA PRO H 667 -30.58 -119.57 -7.40
C PRO H 667 -31.82 -118.88 -6.83
N ILE H 668 -31.94 -117.56 -6.94
CA ILE H 668 -33.19 -116.89 -6.47
C ILE H 668 -34.40 -117.46 -7.20
N ALA H 669 -34.45 -117.35 -8.53
CA ALA H 669 -35.58 -117.80 -9.32
C ALA H 669 -35.90 -119.26 -9.03
N ALA H 670 -34.88 -120.07 -8.77
CA ALA H 670 -35.12 -121.46 -8.43
C ALA H 670 -35.92 -121.59 -7.13
N ALA H 671 -35.56 -120.80 -6.11
CA ALA H 671 -36.30 -120.85 -4.86
C ALA H 671 -37.73 -120.35 -5.04
N ILE H 672 -37.90 -119.25 -5.77
CA ILE H 672 -39.25 -118.74 -5.96
C ILE H 672 -40.11 -119.73 -6.74
N ASP H 673 -39.51 -120.44 -7.70
CA ASP H 673 -40.26 -121.44 -8.45
C ASP H 673 -40.56 -122.66 -7.58
N GLN H 674 -39.66 -123.00 -6.67
CA GLN H 674 -39.94 -124.09 -5.75
C GLN H 674 -41.14 -123.78 -4.87
N LEU H 675 -41.22 -122.56 -4.36
CA LEU H 675 -42.41 -122.19 -3.58
C LEU H 675 -43.65 -122.14 -4.46
N ARG H 676 -43.55 -121.56 -5.66
CA ARG H 676 -44.71 -121.43 -6.52
C ARG H 676 -45.24 -122.79 -6.96
N THR H 677 -44.37 -123.79 -7.04
CA THR H 677 -44.83 -125.14 -7.36
C THR H 677 -45.78 -125.64 -6.29
N ILE H 678 -45.44 -125.42 -5.02
CA ILE H 678 -46.35 -125.80 -3.94
C ILE H 678 -47.62 -124.97 -3.98
N VAL H 679 -47.50 -123.69 -4.34
CA VAL H 679 -48.69 -122.84 -4.37
C VAL H 679 -49.68 -123.33 -5.42
N TYR H 680 -49.20 -123.68 -6.61
CA TYR H 680 -50.12 -124.13 -7.66
C TYR H 680 -50.76 -125.47 -7.32
N ARG H 681 -50.01 -126.38 -6.75
CA ARG H 681 -50.49 -127.76 -6.61
C ARG H 681 -51.57 -127.92 -5.55
N GLU H 682 -51.61 -127.07 -4.54
CA GLU H 682 -52.50 -127.23 -3.39
C GLU H 682 -53.35 -125.97 -3.23
N PRO H 683 -54.26 -125.72 -4.15
CA PRO H 683 -55.04 -124.46 -4.07
C PRO H 683 -55.89 -124.36 -2.83
N GLU H 684 -56.43 -125.48 -2.34
CA GLU H 684 -57.32 -125.43 -1.19
C GLU H 684 -56.60 -125.05 0.08
N ARG H 685 -55.32 -125.42 0.21
CA ARG H 685 -54.59 -125.11 1.43
C ARG H 685 -54.39 -123.61 1.61
N PHE H 686 -54.23 -122.89 0.50
CA PHE H 686 -53.99 -121.45 0.56
C PHE H 686 -55.27 -120.64 0.40
N GLY H 687 -56.43 -121.29 0.43
CA GLY H 687 -57.69 -120.57 0.38
C GLY H 687 -57.98 -119.86 -0.92
N TYR H 688 -57.73 -120.50 -2.05
CA TYR H 688 -58.13 -119.94 -3.33
C TYR H 688 -58.53 -121.07 -4.27
N ILE H 689 -59.38 -120.73 -5.23
CA ILE H 689 -59.84 -121.67 -6.25
C ILE H 689 -59.56 -121.06 -7.61
N ASP H 690 -59.13 -121.89 -8.56
CA ASP H 690 -58.73 -121.37 -9.87
C ASP H 690 -59.90 -120.77 -10.62
N SER H 691 -61.08 -121.39 -10.55
CA SER H 691 -62.25 -120.88 -11.23
C SER H 691 -63.50 -121.56 -10.69
N VAL H 692 -64.65 -120.95 -10.97
CA VAL H 692 -65.94 -121.47 -10.57
C VAL H 692 -66.76 -121.70 -11.82
N ILE H 693 -67.92 -122.34 -11.64
CA ILE H 693 -68.80 -122.67 -12.76
C ILE H 693 -70.22 -122.23 -12.43
N LEU H 694 -70.96 -121.86 -13.47
CA LEU H 694 -72.33 -121.38 -13.34
C LEU H 694 -73.22 -122.15 -14.30
N THR H 695 -74.36 -122.61 -13.80
CA THR H 695 -75.26 -123.40 -14.64
C THR H 695 -76.66 -123.42 -14.03
N HIS H 696 -77.64 -123.79 -14.86
CA HIS H 696 -79.00 -123.98 -14.37
C HIS H 696 -79.11 -125.21 -13.50
N ASN H 697 -78.90 -126.38 -14.08
CA ASN H 697 -79.07 -127.65 -13.37
C ASN H 697 -77.70 -128.28 -13.19
N PRO H 698 -77.08 -128.16 -12.02
CA PRO H 698 -75.80 -128.81 -11.80
C PRO H 698 -75.94 -130.33 -11.86
N ASP H 699 -74.89 -130.99 -12.34
CA ASP H 699 -74.84 -132.44 -12.45
C ASP H 699 -73.87 -132.93 -11.38
N VAL H 700 -74.43 -133.53 -10.32
CA VAL H 700 -73.60 -134.11 -9.27
C VAL H 700 -72.80 -135.28 -9.83
N ASP H 701 -71.51 -135.33 -9.51
CA ASP H 701 -70.63 -136.33 -10.08
C ASP H 701 -70.81 -137.71 -9.47
N THR H 702 -71.42 -137.79 -8.30
CA THR H 702 -71.67 -139.06 -7.60
C THR H 702 -70.38 -139.82 -7.29
N ALA H 703 -69.23 -139.21 -7.56
CA ALA H 703 -67.96 -139.81 -7.17
C ALA H 703 -67.51 -139.35 -5.79
N TYR H 704 -68.24 -138.44 -5.17
CA TYR H 704 -67.89 -137.92 -3.85
C TYR H 704 -69.00 -138.10 -2.84
N ASN H 705 -70.16 -138.63 -3.24
CA ASN H 705 -71.22 -138.88 -2.27
C ASN H 705 -70.84 -139.94 -1.26
N ARG H 706 -69.81 -140.75 -1.54
CA ARG H 706 -69.32 -141.73 -0.59
C ARG H 706 -68.73 -141.09 0.66
N PHE H 707 -68.43 -139.79 0.62
CA PHE H 707 -67.87 -139.09 1.77
C PHE H 707 -68.73 -137.94 2.24
N PHE H 708 -69.42 -137.25 1.34
CA PHE H 708 -70.26 -136.12 1.69
C PHE H 708 -71.71 -136.40 1.32
N HIS H 709 -72.62 -135.80 2.09
CA HIS H 709 -74.04 -135.88 1.74
C HIS H 709 -74.41 -134.83 0.69
N LEU H 710 -74.19 -133.57 1.02
CA LEU H 710 -74.38 -132.45 0.09
C LEU H 710 -73.02 -131.78 -0.13
N HIS H 711 -72.65 -131.59 -1.38
CA HIS H 711 -71.39 -130.97 -1.72
C HIS H 711 -71.58 -130.08 -2.94
N PRO H 712 -70.78 -129.01 -3.06
CA PRO H 712 -70.88 -128.14 -4.23
C PRO H 712 -70.12 -128.63 -5.44
N ILE H 713 -69.72 -129.90 -5.46
CA ILE H 713 -68.81 -130.38 -6.48
C ILE H 713 -69.62 -130.87 -7.68
N VAL H 714 -69.27 -130.36 -8.87
CA VAL H 714 -70.09 -130.57 -10.05
C VAL H 714 -69.19 -130.85 -11.25
N THR H 715 -69.64 -131.78 -12.10
CA THR H 715 -68.97 -132.10 -13.34
C THR H 715 -69.77 -131.51 -14.50
N ASN H 716 -69.11 -130.69 -15.31
CA ASN H 716 -69.74 -130.10 -16.48
C ASN H 716 -68.65 -129.69 -17.47
N GLN H 717 -68.99 -129.70 -18.75
CA GLN H 717 -68.08 -129.21 -19.77
C GLN H 717 -68.49 -127.79 -20.12
N PRO H 718 -67.74 -126.77 -19.71
CA PRO H 718 -68.19 -125.40 -19.93
C PRO H 718 -68.17 -125.03 -21.40
N SER H 719 -69.05 -124.10 -21.74
CA SER H 719 -69.05 -123.46 -23.05
C SER H 719 -69.14 -121.96 -22.84
N ASN H 720 -68.55 -121.21 -23.76
CA ASN H 720 -68.46 -119.75 -23.65
C ASN H 720 -67.81 -119.34 -22.34
N THR H 721 -66.57 -119.77 -22.16
CA THR H 721 -65.81 -119.37 -20.98
C THR H 721 -65.54 -117.87 -21.02
N ILE H 722 -65.31 -117.30 -19.84
CA ILE H 722 -65.06 -115.87 -19.69
C ILE H 722 -63.68 -115.69 -19.07
N LYS H 723 -62.85 -114.86 -19.71
CA LYS H 723 -61.44 -114.79 -19.37
C LYS H 723 -61.14 -113.92 -18.16
N ASN H 724 -62.12 -113.15 -17.66
CA ASN H 724 -61.87 -112.34 -16.47
C ASN H 724 -63.22 -112.08 -15.81
N ALA H 725 -63.22 -112.07 -14.48
CA ALA H 725 -64.46 -111.92 -13.74
C ALA H 725 -65.07 -110.54 -13.91
N GLN H 726 -64.25 -109.54 -14.24
CA GLN H 726 -64.77 -108.18 -14.34
C GLN H 726 -65.76 -108.02 -15.49
N LEU H 727 -65.55 -108.73 -16.60
CA LEU H 727 -66.51 -108.65 -17.70
C LEU H 727 -67.89 -109.14 -17.27
N TRP H 728 -67.94 -110.16 -16.42
CA TRP H 728 -69.23 -110.66 -15.96
C TRP H 728 -69.99 -109.60 -15.19
N ASN H 729 -69.31 -108.86 -14.32
CA ASN H 729 -69.99 -107.87 -13.50
C ASN H 729 -70.52 -106.71 -14.34
N GLU H 730 -69.75 -106.25 -15.32
CA GLU H 730 -70.17 -105.13 -16.14
C GLU H 730 -71.18 -105.52 -17.20
N MET H 731 -71.39 -106.81 -17.43
CA MET H 731 -72.33 -107.24 -18.46
C MET H 731 -73.76 -106.89 -18.07
N ARG H 732 -74.60 -106.69 -19.07
CA ARG H 732 -75.99 -106.38 -18.84
C ARG H 732 -76.77 -107.61 -18.39
N LEU H 733 -77.90 -107.37 -17.73
CA LEU H 733 -78.69 -108.47 -17.19
C LEU H 733 -79.20 -109.39 -18.29
N GLU H 734 -79.71 -108.83 -19.38
CA GLU H 734 -80.26 -109.65 -20.45
C GLU H 734 -79.18 -110.53 -21.07
N GLN H 735 -78.01 -109.95 -21.32
CA GLN H 735 -76.90 -110.74 -21.86
C GLN H 735 -76.45 -111.81 -20.86
N GLN H 736 -76.47 -111.48 -19.57
CA GLN H 736 -76.10 -112.46 -18.56
C GLN H 736 -77.05 -113.64 -18.58
N VAL H 737 -78.35 -113.38 -18.66
CA VAL H 737 -79.34 -114.46 -18.69
C VAL H 737 -79.20 -115.27 -19.98
N GLU H 738 -78.91 -114.59 -21.09
CA GLU H 738 -78.70 -115.31 -22.35
C GLU H 738 -77.51 -116.25 -22.25
N HIS H 739 -76.39 -115.77 -21.70
CA HIS H 739 -75.22 -116.63 -21.52
C HIS H 739 -75.55 -117.80 -20.62
N ILE H 740 -76.24 -117.54 -19.51
CA ILE H 740 -76.54 -118.60 -18.55
C ILE H 740 -77.44 -119.66 -19.18
N LYS H 741 -78.46 -119.22 -19.92
CA LYS H 741 -79.41 -120.16 -20.51
C LYS H 741 -78.78 -120.94 -21.66
N ALA H 742 -77.82 -120.35 -22.38
CA ALA H 742 -77.19 -121.06 -23.48
C ALA H 742 -76.45 -122.31 -23.05
N GLY H 743 -76.08 -122.42 -21.78
CA GLY H 743 -75.35 -123.57 -21.28
C GLY H 743 -74.50 -123.19 -20.09
N PRO H 744 -73.80 -124.17 -19.53
CA PRO H 744 -72.92 -123.88 -18.39
C PRO H 744 -71.79 -122.94 -18.81
N VAL H 745 -71.45 -122.02 -17.92
CA VAL H 745 -70.45 -121.00 -18.19
C VAL H 745 -69.42 -121.01 -17.06
N ARG H 746 -68.15 -120.86 -17.43
CA ARG H 746 -67.04 -120.86 -16.47
C ARG H 746 -66.46 -119.47 -16.36
N ILE H 747 -66.19 -119.04 -15.13
CA ILE H 747 -65.66 -117.72 -14.87
C ILE H 747 -64.24 -117.89 -14.34
N ILE H 748 -63.25 -117.66 -15.20
CA ILE H 748 -61.86 -117.81 -14.82
C ILE H 748 -61.44 -116.61 -13.99
N GLY H 749 -60.68 -116.87 -12.93
CA GLY H 749 -60.16 -115.81 -12.09
C GLY H 749 -60.02 -116.28 -10.66
N PRO H 750 -58.89 -115.97 -10.03
CA PRO H 750 -58.67 -116.42 -8.66
C PRO H 750 -59.68 -115.78 -7.72
N PHE H 751 -60.30 -116.61 -6.89
CA PHE H 751 -61.22 -116.17 -5.86
C PHE H 751 -60.68 -116.57 -4.50
N HIS H 752 -61.26 -115.97 -3.46
CA HIS H 752 -61.00 -116.38 -2.08
C HIS H 752 -62.13 -117.28 -1.62
N VAL H 753 -61.81 -118.50 -1.20
CA VAL H 753 -62.80 -119.48 -0.81
C VAL H 753 -62.46 -119.99 0.57
N THR H 754 -63.48 -120.07 1.44
CA THR H 754 -63.37 -120.70 2.74
C THR H 754 -64.41 -121.80 2.83
N TYR H 755 -63.96 -123.03 2.98
CA TYR H 755 -64.87 -124.18 3.06
C TYR H 755 -65.37 -124.37 4.48
N ASN H 756 -66.61 -124.84 4.59
CA ASN H 756 -67.22 -125.16 5.87
C ASN H 756 -67.61 -126.63 5.86
N TYR H 757 -66.91 -127.43 6.65
CA TYR H 757 -67.25 -128.83 6.86
C TYR H 757 -68.11 -128.90 8.12
N LEU H 758 -69.38 -129.25 7.94
CA LEU H 758 -70.36 -129.21 9.02
C LEU H 758 -70.93 -130.61 9.26
N SER H 759 -71.12 -130.93 10.53
CA SER H 759 -71.90 -132.10 10.87
C SER H 759 -73.35 -131.88 10.47
N GLU H 760 -74.04 -132.97 10.14
CA GLU H 760 -75.40 -132.84 9.62
C GLU H 760 -76.34 -132.25 10.66
N GLU H 761 -76.06 -132.49 11.94
CA GLU H 761 -76.96 -132.01 12.99
C GLU H 761 -76.99 -130.49 13.05
N GLU H 762 -75.84 -129.85 12.90
CA GLU H 762 -75.78 -128.40 12.97
C GLU H 762 -76.41 -127.77 11.73
N ASP H 763 -76.71 -126.48 11.84
CA ASP H 763 -77.34 -125.73 10.77
C ASP H 763 -76.28 -125.07 9.89
N MET H 764 -76.54 -125.06 8.58
CA MET H 764 -75.63 -124.49 7.62
C MET H 764 -75.77 -122.97 7.60
N PRO H 765 -74.68 -122.22 7.73
CA PRO H 765 -74.79 -120.76 7.70
C PRO H 765 -75.28 -120.27 6.34
N ALA H 766 -76.00 -119.15 6.38
CA ALA H 766 -76.50 -118.54 5.16
C ALA H 766 -75.35 -117.99 4.33
N THR H 767 -75.45 -118.16 3.01
CA THR H 767 -74.43 -117.74 2.08
C THR H 767 -75.02 -116.76 1.07
N SER H 768 -74.27 -115.70 0.78
CA SER H 768 -74.66 -114.70 -0.21
C SER H 768 -73.73 -114.87 -1.41
N HIS H 769 -74.10 -115.79 -2.31
CA HIS H 769 -73.26 -116.06 -3.46
C HIS H 769 -73.39 -114.97 -4.51
N ILE H 770 -74.59 -114.44 -4.71
CA ILE H 770 -74.88 -113.50 -5.78
C ILE H 770 -75.80 -112.41 -5.25
N ILE H 771 -75.47 -111.16 -5.54
CA ILE H 771 -76.34 -110.02 -5.24
C ILE H 771 -77.04 -109.62 -6.52
N MET H 772 -78.35 -109.44 -6.46
CA MET H 772 -79.15 -109.25 -7.67
C MET H 772 -79.85 -107.89 -7.68
N LYS H 773 -79.11 -106.83 -7.37
CA LYS H 773 -79.73 -105.49 -7.36
C LYS H 773 -80.14 -105.08 -8.77
N ASP H 774 -79.23 -105.17 -9.73
CA ASP H 774 -79.58 -104.88 -11.13
C ASP H 774 -79.09 -106.00 -12.04
N ASN H 775 -77.98 -106.64 -11.65
CA ASN H 775 -77.47 -107.79 -12.39
C ASN H 775 -76.80 -108.73 -11.39
N MET H 776 -76.65 -109.98 -11.79
CA MET H 776 -76.08 -111.00 -10.92
C MET H 776 -74.57 -110.77 -10.84
N ILE H 777 -74.15 -110.05 -9.82
CA ILE H 777 -72.73 -109.79 -9.58
C ILE H 777 -72.15 -110.89 -8.73
N LEU H 778 -70.98 -111.38 -9.14
CA LEU H 778 -70.29 -112.47 -8.45
C LEU H 778 -69.33 -111.87 -7.43
N ASN H 779 -69.46 -112.26 -6.18
CA ASN H 779 -68.65 -111.69 -5.12
C ASN H 779 -67.19 -112.12 -5.25
N ASP H 780 -66.31 -111.33 -4.65
CA ASP H 780 -64.89 -111.68 -4.62
C ASP H 780 -64.59 -112.78 -3.62
N HIS H 781 -65.30 -112.81 -2.50
CA HIS H 781 -65.13 -113.83 -1.47
C HIS H 781 -66.32 -114.78 -1.52
N LEU H 782 -66.04 -116.07 -1.63
CA LEU H 782 -67.08 -117.09 -1.71
C LEU H 782 -66.91 -118.08 -0.58
N THR H 783 -68.03 -118.61 -0.09
CA THR H 783 -68.02 -119.63 0.95
C THR H 783 -68.92 -120.78 0.53
N PHE H 784 -68.42 -122.01 0.63
CA PHE H 784 -69.18 -123.20 0.35
C PHE H 784 -69.27 -124.04 1.61
N ASN H 785 -70.35 -124.80 1.72
CA ASN H 785 -70.59 -125.63 2.90
C ASN H 785 -70.65 -127.09 2.49
N PHE H 786 -69.99 -127.94 3.28
CA PHE H 786 -70.03 -129.39 3.12
C PHE H 786 -70.70 -130.00 4.33
N VAL H 787 -71.44 -131.08 4.12
CA VAL H 787 -71.94 -131.91 5.21
C VAL H 787 -71.39 -133.31 5.00
N LYS H 788 -70.79 -133.86 6.06
CA LYS H 788 -70.00 -135.08 5.93
C LYS H 788 -70.81 -136.30 6.33
N ARG H 789 -70.87 -137.28 5.44
CA ARG H 789 -71.47 -138.57 5.75
C ARG H 789 -70.53 -139.34 6.67
N GLU H 790 -71.04 -139.83 7.79
CA GLU H 790 -70.16 -140.54 8.74
C GLU H 790 -70.80 -141.87 9.16
N ARG H 791 -70.41 -142.41 10.31
CA ARG H 791 -70.92 -143.72 10.72
C ARG H 791 -72.25 -143.64 11.44
N ARG H 792 -72.44 -142.68 12.34
CA ARG H 792 -73.69 -142.62 13.10
C ARG H 792 -74.88 -142.40 12.18
N ASN H 793 -74.72 -141.53 11.18
CA ASN H 793 -75.78 -141.21 10.22
C ASN H 793 -75.29 -141.61 8.84
N ASN H 794 -75.49 -142.88 8.52
CA ASN H 794 -75.07 -143.44 7.25
C ASN H 794 -76.23 -144.21 6.63
N LYS H 795 -76.22 -144.31 5.30
CA LYS H 795 -77.34 -144.85 4.53
C LYS H 795 -78.64 -144.13 4.90
N LYS H 796 -78.59 -142.80 4.84
CA LYS H 796 -79.72 -141.94 5.18
C LYS H 796 -79.85 -140.83 4.15
N ARG H 797 -81.06 -140.65 3.63
CA ARG H 797 -81.38 -139.53 2.76
C ARG H 797 -81.55 -138.31 3.66
N VAL H 798 -80.74 -137.27 3.41
CA VAL H 798 -80.76 -136.11 4.30
C VAL H 798 -81.82 -135.09 3.87
N SER H 799 -81.69 -134.54 2.66
CA SER H 799 -82.59 -133.50 2.20
C SER H 799 -82.28 -133.17 0.75
N SER H 800 -83.09 -132.28 0.18
CA SER H 800 -82.88 -131.73 -1.16
C SER H 800 -82.70 -132.80 -2.22
N TYR H 809 -81.18 -118.48 -7.58
CA TYR H 809 -81.89 -119.16 -8.66
C TYR H 809 -80.88 -119.87 -9.55
N VAL H 810 -79.78 -119.20 -9.88
CA VAL H 810 -78.65 -119.86 -10.53
C VAL H 810 -77.72 -120.41 -9.45
N ALA H 811 -77.08 -121.53 -9.74
CA ALA H 811 -76.24 -122.22 -8.76
C ALA H 811 -74.78 -122.07 -9.15
N VAL H 812 -73.95 -121.68 -8.19
CA VAL H 812 -72.51 -121.58 -8.36
C VAL H 812 -71.85 -122.81 -7.75
N ARG H 813 -71.02 -123.49 -8.52
CA ARG H 813 -70.41 -124.74 -8.12
C ARG H 813 -68.95 -124.75 -8.51
N ILE H 814 -68.20 -125.72 -7.98
CA ILE H 814 -66.78 -125.84 -8.27
C ILE H 814 -66.48 -127.21 -8.87
N SER H 815 -65.22 -127.44 -9.20
CA SER H 815 -64.75 -128.72 -9.72
C SER H 815 -63.31 -128.93 -9.30
N ARG H 816 -62.83 -130.16 -9.44
CA ARG H 816 -61.46 -130.52 -9.09
C ARG H 816 -61.15 -130.17 -7.62
N PHE H 817 -61.80 -130.89 -6.72
CA PHE H 817 -61.52 -130.78 -5.30
C PHE H 817 -60.54 -131.89 -4.90
N GLN H 818 -59.48 -131.52 -4.21
CA GLN H 818 -58.39 -132.44 -3.89
C GLN H 818 -58.48 -132.86 -2.43
N LEU H 819 -58.63 -134.16 -2.20
CA LEU H 819 -58.69 -134.72 -0.86
C LEU H 819 -57.98 -136.07 -0.87
N GLU H 820 -57.56 -136.51 0.31
CA GLU H 820 -56.77 -137.71 0.46
C GLU H 820 -57.57 -138.80 1.16
N VAL H 821 -57.72 -139.94 0.49
CA VAL H 821 -58.28 -141.14 1.10
C VAL H 821 -57.13 -142.02 1.54
N LEU H 822 -57.24 -142.57 2.75
CA LEU H 822 -56.09 -143.21 3.37
C LEU H 822 -56.17 -144.74 3.37
N ARG H 823 -57.35 -145.31 3.55
CA ARG H 823 -57.62 -146.73 3.41
C ARG H 823 -56.96 -147.60 4.48
N ASP H 824 -56.17 -147.03 5.39
CA ASP H 824 -55.53 -147.82 6.43
C ASP H 824 -55.09 -146.91 7.55
N LEU H 825 -55.17 -147.43 8.78
CA LEU H 825 -54.76 -146.65 9.94
C LEU H 825 -53.26 -146.41 9.97
N HIS H 826 -52.47 -147.34 9.42
CA HIS H 826 -51.03 -147.22 9.48
C HIS H 826 -50.49 -146.08 8.62
N ASP H 827 -51.32 -145.51 7.75
CA ASP H 827 -50.87 -144.45 6.86
C ASP H 827 -50.89 -143.07 7.51
N LEU H 828 -51.26 -142.99 8.79
CA LEU H 828 -51.26 -141.71 9.48
C LEU H 828 -49.87 -141.24 9.89
N VAL H 829 -48.86 -142.08 9.72
CA VAL H 829 -47.52 -141.77 10.22
C VAL H 829 -46.66 -141.22 9.09
N ARG H 830 -45.95 -140.13 9.39
CA ARG H 830 -45.04 -139.50 8.43
C ARG H 830 -43.66 -139.42 9.05
N SER H 831 -42.75 -138.68 8.42
CA SER H 831 -41.38 -138.56 8.91
C SER H 831 -40.94 -137.11 8.91
N ARG H 832 -40.17 -136.74 9.93
CA ARG H 832 -39.56 -135.42 10.04
C ARG H 832 -38.04 -135.61 10.04
N THR H 833 -37.33 -134.53 10.32
CA THR H 833 -35.88 -134.57 10.44
C THR H 833 -35.46 -133.65 11.58
N TYR H 834 -34.69 -134.20 12.52
CA TYR H 834 -34.21 -133.45 13.67
C TYR H 834 -32.69 -133.48 13.69
N LEU H 835 -32.12 -132.72 14.61
CA LEU H 835 -30.67 -132.66 14.79
C LEU H 835 -30.28 -133.47 16.02
N ASP H 836 -29.30 -134.34 15.86
CA ASP H 836 -28.82 -135.19 16.95
C ASP H 836 -27.82 -134.39 17.77
N VAL H 837 -28.26 -133.87 18.91
CA VAL H 837 -27.38 -133.08 19.76
C VAL H 837 -26.42 -133.97 20.55
N SER H 838 -26.64 -135.28 20.55
CA SER H 838 -25.75 -136.17 21.30
C SER H 838 -24.34 -136.16 20.73
N LYS H 839 -24.21 -136.19 19.40
CA LYS H 839 -22.91 -136.23 18.75
C LYS H 839 -22.63 -135.04 17.85
N SER H 840 -23.59 -134.13 17.68
CA SER H 840 -23.38 -132.90 16.92
C SER H 840 -23.93 -131.74 17.74
N PRO H 841 -23.24 -131.34 18.80
CA PRO H 841 -23.79 -130.31 19.69
C PRO H 841 -23.81 -128.95 19.00
N LEU H 842 -24.39 -127.99 19.72
CA LEU H 842 -24.52 -126.63 19.22
C LEU H 842 -23.43 -125.76 19.81
N ALA H 843 -22.70 -125.05 18.95
CA ALA H 843 -21.63 -124.20 19.41
C ALA H 843 -22.18 -123.05 20.26
N THR H 844 -21.42 -122.69 21.29
CA THR H 844 -21.79 -121.60 22.19
C THR H 844 -21.00 -120.32 21.95
N THR H 845 -19.72 -120.43 21.61
CA THR H 845 -18.90 -119.27 21.30
C THR H 845 -18.25 -119.46 19.94
N PRO H 846 -18.06 -118.38 19.19
CA PRO H 846 -17.45 -118.50 17.87
C PRO H 846 -15.94 -118.65 17.97
N ILE H 847 -15.32 -118.98 16.84
CA ILE H 847 -13.87 -119.14 16.78
C ILE H 847 -13.22 -117.77 16.88
N ARG H 848 -12.26 -117.64 17.79
CA ARG H 848 -11.55 -116.39 17.98
C ARG H 848 -10.25 -116.43 17.18
N VAL H 849 -10.07 -115.46 16.28
CA VAL H 849 -8.91 -115.38 15.41
C VAL H 849 -8.11 -114.13 15.78
N VAL H 850 -6.79 -114.26 15.78
CA VAL H 850 -5.88 -113.14 15.90
C VAL H 850 -4.93 -113.17 14.72
N GLU H 851 -4.67 -112.00 14.15
CA GLU H 851 -3.97 -111.88 12.88
C GLU H 851 -2.77 -110.96 13.02
N TYR H 852 -1.67 -111.35 12.38
CA TYR H 852 -0.45 -110.56 12.37
C TYR H 852 -0.07 -110.24 10.93
N VAL H 853 0.45 -109.04 10.72
CA VAL H 853 0.84 -108.60 9.38
C VAL H 853 2.14 -109.31 8.99
N ARG H 854 2.20 -109.76 7.75
CA ARG H 854 3.42 -110.37 7.22
C ARG H 854 4.48 -109.32 6.93
N LEU I 61 45.19 -15.68 26.01
CA LEU I 61 45.85 -14.96 27.09
C LEU I 61 46.84 -13.95 26.54
N ASP I 62 46.68 -13.60 25.26
CA ASP I 62 47.55 -12.61 24.64
C ASP I 62 47.23 -11.18 25.07
N ASN I 63 46.10 -10.96 25.73
CA ASN I 63 45.70 -9.63 26.13
C ASN I 63 46.40 -9.14 27.40
N VAL I 64 47.15 -10.00 28.08
CA VAL I 64 47.86 -9.57 29.27
C VAL I 64 48.98 -8.61 28.93
N ILE I 65 49.58 -8.74 27.74
CA ILE I 65 50.63 -7.83 27.31
C ILE I 65 50.08 -6.58 26.64
N LYS I 66 48.79 -6.58 26.26
CA LYS I 66 48.19 -5.38 25.67
C LYS I 66 48.22 -4.23 26.67
N GLN I 67 47.70 -4.47 27.87
CA GLN I 67 47.71 -3.46 28.91
C GLN I 67 49.13 -3.13 29.34
N ILE I 68 50.06 -4.09 29.21
CA ILE I 68 51.44 -3.81 29.55
C ILE I 68 52.01 -2.73 28.62
N GLU I 69 51.78 -2.87 27.32
CA GLU I 69 52.22 -1.84 26.38
C GLU I 69 51.51 -0.53 26.63
N ALA I 70 50.21 -0.58 26.91
CA ALA I 70 49.47 0.66 27.17
C ALA I 70 50.05 1.39 28.38
N LEU I 71 50.33 0.67 29.46
CA LEU I 71 50.91 1.28 30.65
C LEU I 71 52.32 1.76 30.39
N SER I 72 53.09 1.05 29.56
CA SER I 72 54.42 1.51 29.22
C SER I 72 54.36 2.86 28.51
N VAL I 73 53.45 3.00 27.55
CA VAL I 73 53.33 4.28 26.86
C VAL I 73 52.81 5.36 27.81
N ILE I 74 51.88 5.01 28.69
CA ILE I 74 51.34 6.00 29.62
C ILE I 74 52.44 6.53 30.53
N VAL I 75 53.24 5.63 31.11
CA VAL I 75 54.34 6.04 31.96
C VAL I 75 55.43 6.72 31.16
N ASN I 76 55.52 6.45 29.86
CA ASN I 76 56.42 7.20 29.00
C ASN I 76 55.96 8.65 28.90
N ARG I 77 54.65 8.88 28.83
CA ARG I 77 54.14 10.24 28.80
C ARG I 77 54.50 11.02 30.06
N SER I 78 54.84 10.34 31.16
CA SER I 78 55.35 11.03 32.32
C SER I 78 56.72 11.65 32.00
N GLU I 79 57.01 12.78 32.67
CA GLU I 79 58.23 13.50 32.37
C GLU I 79 59.47 12.69 32.75
N LYS I 80 59.61 12.36 34.03
CA LYS I 80 60.77 11.62 34.54
C LYS I 80 62.07 12.32 34.14
N ALA I 81 62.23 13.54 34.66
CA ALA I 81 63.38 14.38 34.32
C ALA I 81 64.66 13.85 34.99
N ASP I 82 65.41 13.03 34.28
CA ASP I 82 66.68 12.54 34.80
C ASP I 82 67.71 13.67 34.81
N ASP I 83 68.56 13.67 35.84
CA ASP I 83 69.61 14.68 35.96
C ASP I 83 70.91 14.19 35.33
N ALA I 84 70.84 13.71 34.09
CA ALA I 84 72.02 13.36 33.33
C ALA I 84 72.55 14.59 32.61
N GLN I 85 73.77 14.47 32.09
CA GLN I 85 74.43 15.51 31.30
C GLN I 85 74.79 16.74 32.14
N ILE I 86 74.39 16.76 33.41
CA ILE I 86 74.57 17.93 34.27
C ILE I 86 75.48 17.53 35.42
N LEU I 87 76.52 18.32 35.65
CA LEU I 87 77.52 18.01 36.66
C LEU I 87 77.29 18.86 37.90
N GLY I 88 78.12 18.64 38.92
CA GLY I 88 77.98 19.35 40.17
C GLY I 88 79.29 19.56 40.88
N PRO I 89 79.33 20.54 41.78
CA PRO I 89 80.57 20.81 42.53
C PRO I 89 80.91 19.67 43.47
N ASN I 90 82.21 19.53 43.73
CA ASN I 90 82.70 18.48 44.62
C ASN I 90 84.05 18.89 45.18
N THR I 91 84.43 18.23 46.28
CA THR I 91 85.71 18.45 46.93
C THR I 91 86.38 17.10 47.18
N TYR I 92 87.71 17.12 47.26
CA TYR I 92 88.44 15.91 47.58
C TYR I 92 88.23 15.51 49.03
N LYS I 93 88.03 14.22 49.26
CA LYS I 93 87.90 13.71 50.61
C LYS I 93 89.26 13.65 51.29
N GLN I 94 89.24 13.65 52.62
CA GLN I 94 90.45 13.70 53.43
C GLN I 94 90.67 12.36 54.11
N LEU I 95 91.89 11.85 54.03
CA LEU I 95 92.27 10.61 54.68
C LEU I 95 92.98 10.93 55.99
N LEU I 96 93.49 9.89 56.65
CA LEU I 96 94.21 10.04 57.92
C LEU I 96 95.62 9.50 57.76
N GLU I 97 96.59 10.22 58.30
CA GLU I 97 97.96 9.73 58.24
C GLU I 97 98.68 9.70 59.59
N HIS I 98 98.40 10.64 60.48
CA HIS I 98 98.91 10.58 61.86
C HIS I 98 100.44 10.48 61.89
N LEU I 99 101.07 11.56 61.42
CA LEU I 99 102.52 11.60 61.35
C LEU I 99 103.13 12.09 62.65
N PHE I 100 104.43 11.85 62.80
CA PHE I 100 105.17 12.25 63.99
C PHE I 100 106.65 12.33 63.62
N SER I 101 107.48 12.72 64.59
CA SER I 101 108.90 12.90 64.35
C SER I 101 109.73 12.43 65.53
N PRO I 102 110.72 11.57 65.32
CA PRO I 102 111.56 11.11 66.43
C PRO I 102 112.66 12.07 66.83
N GLU I 103 113.27 12.76 65.86
CA GLU I 103 114.35 13.69 66.17
C GLU I 103 114.40 14.75 65.07
N GLU I 104 115.50 15.49 65.03
CA GLU I 104 115.59 16.67 64.16
C GLU I 104 115.70 16.26 62.70
N ASN I 105 114.96 16.97 61.85
CA ASN I 105 115.04 16.82 60.40
C ASN I 105 114.72 15.40 59.92
N VAL I 106 113.96 14.66 60.71
CA VAL I 106 113.38 13.40 60.25
C VAL I 106 111.90 13.40 60.65
N TYR I 107 111.03 13.07 59.69
CA TYR I 107 109.60 13.08 59.91
C TYR I 107 109.02 11.79 59.34
N ILE I 108 108.26 11.07 60.15
CA ILE I 108 107.77 9.75 59.78
C ILE I 108 106.31 9.87 59.39
N LEU I 109 105.95 9.29 58.25
CA LEU I 109 104.58 9.27 57.77
C LEU I 109 104.05 7.86 57.95
N LEU I 110 103.50 7.60 59.13
CA LEU I 110 102.99 6.26 59.43
C LEU I 110 101.78 5.95 58.57
N PRO I 111 101.65 4.72 58.08
CA PRO I 111 100.46 4.33 57.33
C PRO I 111 99.32 3.91 58.23
N ILE I 112 98.12 4.35 57.89
CA ILE I 112 96.91 4.06 58.66
C ILE I 112 95.90 3.41 57.73
N GLN I 113 95.22 2.39 58.24
CA GLN I 113 94.25 1.66 57.44
C GLN I 113 93.18 2.61 56.91
N ALA I 114 92.88 2.49 55.61
CA ALA I 114 91.90 3.34 54.95
C ALA I 114 90.55 2.66 54.80
N TYR I 115 90.52 1.45 54.26
CA TYR I 115 89.28 0.71 54.02
C TYR I 115 89.49 -0.73 54.47
N THR I 116 88.55 -1.23 55.27
CA THR I 116 88.74 -2.46 56.05
C THR I 116 87.92 -3.64 55.53
N GLY I 117 87.57 -3.62 54.24
CA GLY I 117 86.81 -4.71 53.66
C GLY I 117 87.72 -5.81 53.12
N GLY I 118 87.11 -6.70 52.33
CA GLY I 118 87.82 -7.81 51.75
C GLY I 118 87.86 -9.01 52.66
N VAL I 119 87.50 -10.18 52.13
CA VAL I 119 87.49 -11.41 52.89
C VAL I 119 88.42 -12.41 52.23
N ILE I 120 89.17 -13.12 53.08
CA ILE I 120 90.21 -14.06 52.58
C ILE I 120 89.57 -15.17 51.75
N ASP I 121 90.33 -15.71 50.81
CA ASP I 121 89.87 -16.80 49.94
C ASP I 121 90.11 -18.12 50.65
N ARG I 122 89.03 -18.85 50.95
CA ARG I 122 89.17 -20.10 51.68
C ARG I 122 89.79 -21.20 50.83
N ARG I 123 89.56 -21.18 49.52
CA ARG I 123 90.14 -22.19 48.64
C ARG I 123 91.67 -22.13 48.65
N ASP I 124 92.23 -20.95 48.94
CA ASP I 124 93.67 -20.76 49.07
C ASP I 124 94.42 -21.04 47.78
N ALA I 125 93.70 -21.21 46.68
CA ALA I 125 94.34 -21.53 45.40
C ALA I 125 95.13 -20.35 44.87
N SER I 126 94.59 -19.14 45.02
CA SER I 126 95.20 -17.95 44.42
C SER I 126 95.32 -16.85 45.47
N PHE I 127 96.25 -15.94 45.20
CA PHE I 127 96.45 -14.74 46.00
C PHE I 127 95.91 -13.49 45.33
N SER I 128 95.86 -13.47 44.00
CA SER I 128 95.40 -12.29 43.28
C SER I 128 93.91 -12.05 43.47
N ASN I 129 93.14 -13.10 43.74
CA ASN I 129 91.70 -12.93 43.92
C ASN I 129 91.39 -12.06 45.13
N PHE I 130 92.18 -12.20 46.19
CA PHE I 130 92.00 -11.36 47.38
C PHE I 130 92.17 -9.88 47.03
N ALA I 131 93.25 -9.57 46.31
CA ALA I 131 93.49 -8.18 45.91
C ALA I 131 92.39 -7.67 44.98
N TYR I 132 91.93 -8.53 44.07
CA TYR I 132 90.86 -8.11 43.17
C TYR I 132 89.60 -7.79 43.95
N SER I 133 89.26 -8.62 44.94
CA SER I 133 88.09 -8.34 45.76
C SER I 133 88.23 -7.01 46.48
N ILE I 134 89.39 -6.77 47.08
CA ILE I 134 89.62 -5.52 47.79
C ILE I 134 89.41 -4.33 46.85
N ALA I 135 90.06 -4.38 45.69
CA ALA I 135 90.01 -3.26 44.76
C ALA I 135 88.58 -3.02 44.27
N SER I 136 87.89 -4.09 43.88
CA SER I 136 86.55 -3.93 43.34
C SER I 136 85.60 -3.33 44.36
N LYS I 137 85.62 -3.84 45.59
CA LYS I 137 84.71 -3.31 46.59
C LYS I 137 85.05 -1.87 46.94
N LEU I 138 86.35 -1.56 47.04
CA LEU I 138 86.75 -0.20 47.37
C LEU I 138 86.29 0.79 46.31
N MET I 139 86.51 0.46 45.03
CA MET I 139 86.10 1.38 43.99
C MET I 139 84.59 1.40 43.78
N MET I 140 83.87 0.32 44.13
CA MET I 140 82.41 0.40 44.14
C MET I 140 81.95 1.41 45.17
N GLU I 141 82.59 1.44 46.34
CA GLU I 141 82.26 2.48 47.31
C GLU I 141 82.66 3.86 46.79
N LEU I 142 83.85 3.98 46.23
CA LEU I 142 84.35 5.29 45.81
C LEU I 142 83.52 5.88 44.68
N SER I 143 83.14 5.06 43.69
CA SER I 143 82.41 5.58 42.55
C SER I 143 81.03 6.10 42.92
N ALA I 144 80.53 5.77 44.11
CA ALA I 144 79.25 6.29 44.57
C ALA I 144 79.36 7.70 45.13
N ALA I 145 80.58 8.19 45.37
CA ALA I 145 80.76 9.55 45.89
C ALA I 145 81.01 10.57 44.80
N THR I 146 81.34 10.14 43.58
CA THR I 146 81.56 11.06 42.48
C THR I 146 80.70 10.65 41.29
N HIS I 147 79.41 10.40 41.53
CA HIS I 147 78.53 9.90 40.49
C HIS I 147 78.44 10.87 39.32
N ASN I 148 78.15 12.13 39.62
CA ASN I 148 78.05 13.17 38.60
C ASN I 148 78.71 14.44 39.12
N LYS I 149 79.89 14.30 39.71
CA LYS I 149 80.55 15.41 40.38
C LYS I 149 81.98 15.55 39.87
N ILE I 150 82.40 16.79 39.70
CA ILE I 150 83.77 17.15 39.33
C ILE I 150 84.39 17.90 40.50
N PHE I 151 85.68 17.69 40.72
CA PHE I 151 86.39 18.38 41.79
C PHE I 151 86.70 19.81 41.35
N THR I 152 86.03 20.78 41.96
CA THR I 152 86.25 22.19 41.64
C THR I 152 86.58 23.03 42.87
N ASP I 153 85.95 22.76 44.00
CA ASP I 153 86.07 23.62 45.17
C ASP I 153 87.35 23.30 45.93
N TYR I 154 88.03 24.35 46.39
CA TYR I 154 89.20 24.19 47.25
C TYR I 154 89.30 25.39 48.16
N THR I 155 90.03 25.23 49.27
CA THR I 155 90.07 26.23 50.33
C THR I 155 91.24 27.17 50.08
N ARG I 156 90.97 28.27 49.37
CA ARG I 156 91.94 29.33 49.17
C ARG I 156 92.00 30.21 50.41
N ILE I 157 92.72 31.32 50.33
CA ILE I 157 92.67 32.32 51.38
C ILE I 157 92.22 33.66 50.80
N ALA I 158 93.02 34.24 49.92
CA ALA I 158 92.75 35.52 49.29
C ALA I 158 93.90 35.80 48.33
N ALA I 159 93.76 36.90 47.58
CA ALA I 159 94.86 37.46 46.79
C ALA I 159 94.64 38.97 46.78
N SER I 160 95.27 39.67 47.73
CA SER I 160 94.95 41.08 47.93
C SER I 160 96.21 41.81 48.42
N ALA I 161 96.95 42.38 47.47
CA ALA I 161 98.00 43.36 47.75
C ALA I 161 99.15 42.78 48.55
N LEU I 162 98.98 41.57 49.04
CA LEU I 162 100.01 40.73 49.60
C LEU I 162 100.51 39.81 48.49
N GLY I 163 101.27 38.78 48.84
CA GLY I 163 101.65 37.77 47.89
C GLY I 163 100.44 37.20 47.16
N PRO I 164 100.65 36.55 46.04
CA PRO I 164 99.52 36.06 45.23
C PRO I 164 98.69 35.02 45.96
N GLU I 165 97.63 34.54 45.32
CA GLU I 165 96.75 33.56 45.93
C GLU I 165 97.53 32.32 46.32
N ILE I 166 97.37 31.89 47.57
CA ILE I 166 98.01 30.69 48.09
C ILE I 166 96.95 29.78 48.67
N SER I 167 97.29 28.51 48.80
CA SER I 167 96.32 27.46 49.09
C SER I 167 96.60 26.84 50.45
N THR I 168 95.53 26.57 51.19
CA THR I 168 95.58 25.80 52.44
C THR I 168 94.57 24.68 52.32
N GLU I 169 94.98 23.56 51.73
CA GLU I 169 94.12 22.41 51.51
C GLU I 169 94.34 21.25 52.46
N GLY I 170 95.58 20.86 52.72
CA GLY I 170 95.82 19.75 53.62
C GLY I 170 95.52 20.11 55.06
N MET I 171 96.04 19.34 55.99
CA MET I 171 95.92 19.73 57.39
C MET I 171 96.63 21.06 57.60
N PRO I 172 96.10 21.94 58.44
CA PRO I 172 96.68 23.27 58.59
C PRO I 172 98.14 23.18 59.04
N LEU I 173 98.97 24.01 58.42
CA LEU I 173 100.40 23.99 58.75
C LEU I 173 100.65 24.44 60.18
N PHE I 174 99.73 25.21 60.77
CA PHE I 174 99.89 25.59 62.18
C PHE I 174 99.75 24.39 63.10
N SER I 175 98.93 23.40 62.71
CA SER I 175 98.71 22.24 63.55
C SER I 175 99.94 21.33 63.66
N LEU I 176 100.89 21.43 62.73
CA LEU I 176 102.07 20.59 62.79
C LEU I 176 102.97 20.93 63.97
N ILE I 177 102.81 22.12 64.56
CA ILE I 177 103.68 22.51 65.65
C ILE I 177 103.47 21.60 66.86
N GLU I 178 102.22 21.31 67.19
CA GLU I 178 101.92 20.48 68.36
C GLU I 178 101.96 18.98 68.06
N SER I 179 102.02 18.59 66.78
CA SER I 179 102.09 17.19 66.40
C SER I 179 103.52 16.73 66.18
N LEU I 180 104.36 17.58 65.60
CA LEU I 180 105.73 17.24 65.28
C LEU I 180 106.72 17.70 66.34
N GLU I 181 106.26 18.43 67.35
CA GLU I 181 107.13 19.00 68.39
C GLU I 181 108.34 19.70 67.77
N LEU I 182 108.05 20.60 66.83
CA LEU I 182 109.10 21.35 66.17
C LEU I 182 109.79 22.29 67.14
N THR I 183 111.07 22.51 66.91
CA THR I 183 111.83 23.46 67.71
C THR I 183 111.77 24.84 67.06
N GLU I 184 112.39 25.83 67.72
CA GLU I 184 112.38 27.22 67.20
C GLU I 184 113.13 27.29 65.85
N ALA I 185 114.16 26.46 65.67
CA ALA I 185 114.95 26.55 64.45
C ALA I 185 114.17 26.13 63.22
N GLU I 186 113.13 25.32 63.38
CA GLU I 186 112.35 24.85 62.24
C GLU I 186 110.98 25.51 62.12
N THR I 187 110.42 26.02 63.22
CA THR I 187 109.15 26.74 63.12
C THR I 187 109.29 27.97 62.25
N SER I 188 110.48 28.57 62.21
CA SER I 188 110.73 29.69 61.32
C SER I 188 110.63 29.29 59.86
N ARG I 189 110.84 28.01 59.55
CA ARG I 189 110.72 27.52 58.18
C ARG I 189 109.27 27.27 57.76
N LEU I 190 108.32 27.42 58.67
CA LEU I 190 106.94 27.14 58.33
C LEU I 190 106.28 28.26 57.52
N PRO I 191 106.44 29.54 57.89
CA PRO I 191 105.78 30.59 57.08
C PRO I 191 106.21 30.60 55.63
N VAL I 192 107.46 30.26 55.31
CA VAL I 192 107.89 30.27 53.91
C VAL I 192 107.18 29.16 53.14
N ILE I 193 106.94 28.01 53.78
CA ILE I 193 106.20 26.95 53.11
C ILE I 193 104.78 27.42 52.80
N GLN I 194 104.14 28.10 53.76
CA GLN I 194 102.80 28.60 53.53
C GLN I 194 102.78 29.65 52.43
N ASP I 195 103.79 30.50 52.37
CA ASP I 195 103.82 31.57 51.37
C ASP I 195 104.36 31.12 50.03
N SER I 196 104.85 29.88 49.92
CA SER I 196 105.34 29.36 48.65
C SER I 196 104.35 28.43 47.97
N MET I 197 103.11 28.38 48.43
CA MET I 197 102.10 27.49 47.87
C MET I 197 101.26 28.20 46.81
N VAL I 198 101.92 28.58 45.73
CA VAL I 198 101.23 29.27 44.65
C VAL I 198 100.41 28.27 43.84
N ILE I 199 99.53 28.80 43.00
CA ILE I 199 98.64 27.99 42.17
C ILE I 199 99.06 28.17 40.72
N GLN I 200 99.20 27.07 39.99
CA GLN I 200 99.65 27.08 38.61
C GLN I 200 98.51 26.65 37.69
N LYS I 201 98.30 27.40 36.62
CA LYS I 201 97.28 27.08 35.64
C LYS I 201 97.88 26.28 34.49
N SER I 202 97.02 25.58 33.76
CA SER I 202 97.42 24.79 32.61
C SER I 202 96.19 24.46 31.80
N THR I 203 96.38 23.67 30.75
CA THR I 203 95.30 23.28 29.85
C THR I 203 95.31 21.78 29.66
N ALA I 204 94.14 21.24 29.30
CA ALA I 204 94.01 19.82 29.01
C ALA I 204 92.95 19.66 27.93
N THR I 205 93.15 18.66 27.07
CA THR I 205 92.23 18.41 25.97
C THR I 205 91.28 17.28 26.31
N VAL I 206 90.02 17.45 25.90
CA VAL I 206 88.97 16.47 26.14
C VAL I 206 88.26 16.17 24.83
N GLY I 207 87.59 15.04 24.80
CA GLY I 207 86.82 14.65 23.63
C GLY I 207 87.57 13.71 22.72
N ASN I 208 86.82 12.89 21.99
CA ASN I 208 87.38 11.93 21.06
C ASN I 208 87.23 12.44 19.63
N ALA I 209 87.60 11.59 18.66
CA ALA I 209 87.48 11.98 17.26
C ALA I 209 86.03 12.05 16.82
N GLN I 210 85.20 11.12 17.27
CA GLN I 210 83.80 11.13 16.89
C GLN I 210 83.08 12.36 17.42
N GLN I 211 83.35 12.73 18.67
CA GLN I 211 82.88 13.99 19.21
C GLN I 211 83.82 15.10 18.74
N GLY I 212 83.68 16.29 19.30
CA GLY I 212 84.58 17.37 18.99
C GLY I 212 85.77 17.41 19.92
N ILE I 213 86.87 17.97 19.44
CA ILE I 213 88.06 18.17 20.26
C ILE I 213 87.96 19.57 20.88
N SER I 214 87.91 19.62 22.20
CA SER I 214 87.80 20.87 22.91
C SER I 214 88.95 21.01 23.91
N THR I 215 89.04 22.16 24.56
CA THR I 215 90.07 22.42 25.56
C THR I 215 89.41 22.98 26.80
N ILE I 216 89.86 22.53 27.97
CA ILE I 216 89.38 23.05 29.24
C ILE I 216 90.59 23.47 30.07
N ASN I 217 90.35 24.38 31.01
CA ASN I 217 91.40 24.90 31.86
C ASN I 217 91.44 24.13 33.17
N ILE I 218 92.65 23.98 33.73
CA ILE I 218 92.85 23.22 34.95
C ILE I 218 93.78 24.00 35.87
N LYS I 219 93.80 23.59 37.14
CA LYS I 219 94.67 24.14 38.15
C LYS I 219 95.51 23.03 38.75
N ARG I 220 96.61 23.41 39.42
CA ARG I 220 97.46 22.45 40.12
C ARG I 220 97.78 23.05 41.49
N VAL I 221 96.93 22.75 42.46
CA VAL I 221 97.03 23.33 43.80
C VAL I 221 97.94 22.46 44.67
N PRO I 222 98.79 23.04 45.50
CA PRO I 222 99.58 22.24 46.42
C PRO I 222 98.86 22.00 47.74
N PHE I 223 99.19 20.87 48.36
CA PHE I 223 98.61 20.49 49.64
C PHE I 223 99.58 19.58 50.38
N VAL I 224 99.39 19.49 51.68
CA VAL I 224 100.27 18.70 52.55
C VAL I 224 99.61 17.35 52.81
N GLY I 225 100.40 16.28 52.69
CA GLY I 225 99.89 14.96 52.92
C GLY I 225 100.86 13.90 52.44
N SER I 226 100.36 12.67 52.39
CA SER I 226 101.15 11.52 51.99
C SER I 226 101.06 11.30 50.48
N ALA I 227 102.09 10.67 49.93
CA ALA I 227 102.11 10.37 48.50
C ALA I 227 100.99 9.41 48.11
N PHE I 228 100.61 8.51 49.02
CA PHE I 228 99.50 7.61 48.74
C PHE I 228 98.23 8.38 48.46
N GLN I 229 97.97 9.43 49.23
CA GLN I 229 96.82 10.27 48.97
C GLN I 229 96.93 10.94 47.60
N GLN I 230 98.14 11.36 47.23
CA GLN I 230 98.33 11.96 45.91
C GLN I 230 97.97 10.99 44.80
N VAL I 231 98.41 9.74 44.93
CA VAL I 231 98.09 8.76 43.89
C VAL I 231 96.59 8.48 43.87
N ILE I 232 95.96 8.44 45.03
CA ILE I 232 94.52 8.20 45.09
C ILE I 232 93.76 9.32 44.37
N ASP I 233 94.14 10.57 44.63
CA ASP I 233 93.45 11.67 43.95
C ASP I 233 93.76 11.69 42.46
N GLN I 234 94.97 11.31 42.06
CA GLN I 234 95.27 11.22 40.64
C GLN I 234 94.36 10.21 39.96
N LEU I 235 94.19 9.04 40.57
CA LEU I 235 93.29 8.03 40.02
C LEU I 235 91.86 8.55 39.97
N LEU I 236 91.41 9.21 41.03
CA LEU I 236 90.04 9.74 41.04
C LEU I 236 89.83 10.76 39.94
N TRP I 237 90.80 11.66 39.73
CA TRP I 237 90.69 12.64 38.66
C TRP I 237 90.67 11.97 37.30
N GLU I 238 91.53 10.97 37.09
CA GLU I 238 91.55 10.29 35.79
C GLU I 238 90.22 9.60 35.53
N TYR I 239 89.63 9.00 36.56
CA TYR I 239 88.37 8.29 36.38
C TYR I 239 87.19 9.23 36.21
N SER I 240 87.21 10.38 36.88
CA SER I 240 86.03 11.24 36.94
C SER I 240 85.87 12.16 35.73
N THR I 241 86.90 12.35 34.92
CA THR I 241 86.86 13.28 33.79
C THR I 241 87.01 12.55 32.47
N THR I 242 86.35 11.42 32.31
CA THR I 242 86.26 10.76 31.02
C THR I 242 84.93 11.11 30.37
N SER I 243 84.96 11.24 29.04
CA SER I 243 83.78 11.62 28.26
C SER I 243 83.25 12.98 28.71
N LEU I 244 84.12 13.98 28.61
CA LEU I 244 83.77 15.38 28.87
C LEU I 244 83.83 16.16 27.57
N THR I 245 82.98 17.17 27.45
CA THR I 245 82.97 18.02 26.27
C THR I 245 82.31 19.35 26.62
N THR I 246 82.51 20.32 25.74
CA THR I 246 81.96 21.65 25.92
C THR I 246 80.66 21.81 25.15
N LYS I 247 79.89 22.84 25.51
CA LYS I 247 78.61 23.06 24.85
C LYS I 247 78.78 23.46 23.40
N GLU I 248 79.86 24.19 23.07
CA GLU I 248 80.00 24.68 21.71
C GLU I 248 80.30 23.55 20.73
N GLN I 249 80.78 22.41 21.20
CA GLN I 249 80.96 21.25 20.33
C GLN I 249 79.68 20.43 20.23
N ARG I 250 78.99 20.26 21.36
CA ARG I 250 77.73 19.51 21.33
C ARG I 250 76.71 20.19 20.45
N ARG I 251 76.63 21.52 20.52
CA ARG I 251 75.69 22.24 19.67
C ARG I 251 76.02 22.05 18.19
N GLN I 252 77.31 22.10 17.84
CA GLN I 252 77.70 21.89 16.45
C GLN I 252 77.32 20.50 15.98
N ARG I 253 77.58 19.49 16.82
CA ARG I 253 77.21 18.12 16.44
C ARG I 253 75.72 17.98 16.27
N ILE I 254 74.94 18.58 17.17
CA ILE I 254 73.48 18.46 17.10
C ILE I 254 72.96 19.14 15.84
N THR I 255 73.50 20.31 15.51
CA THR I 255 73.08 21.00 14.29
C THR I 255 73.44 20.18 13.06
N GLU I 256 74.63 19.58 13.05
CA GLU I 256 75.02 18.75 11.92
C GLU I 256 74.09 17.55 11.77
N MET I 257 73.66 16.96 12.89
CA MET I 257 72.79 15.80 12.82
C MET I 257 71.38 16.14 12.34
N VAL I 258 70.86 17.30 12.71
CA VAL I 258 69.55 17.76 12.24
C VAL I 258 69.78 18.57 10.98
N ASN I 259 69.59 17.93 9.82
CA ASN I 259 69.88 18.61 8.56
C ASN I 259 68.84 19.68 8.22
N ASP I 260 67.59 19.47 8.60
CA ASP I 260 66.51 20.36 8.19
C ASP I 260 66.67 21.74 8.82
N ARG I 261 66.23 22.77 8.07
CA ARG I 261 66.36 24.14 8.53
C ARG I 261 65.14 24.65 9.29
N ARG I 262 64.03 23.91 9.29
CA ARG I 262 62.89 24.34 10.11
C ARG I 262 63.26 24.33 11.58
N ILE I 263 63.99 23.31 12.03
CA ILE I 263 64.46 23.23 13.40
C ILE I 263 65.48 24.33 13.61
N MET I 264 65.31 25.12 14.66
CA MET I 264 66.26 26.15 15.02
C MET I 264 66.70 25.92 16.46
N ILE I 265 67.95 25.56 16.64
CA ILE I 265 68.52 25.30 17.96
C ILE I 265 68.79 26.63 18.64
N GLN I 266 68.56 26.69 19.96
CA GLN I 266 68.76 27.93 20.68
C GLN I 266 70.21 28.39 20.55
N LYS I 267 70.39 29.66 20.21
CA LYS I 267 71.72 30.22 20.05
C LYS I 267 72.41 30.35 21.39
N LEU I 268 73.72 30.08 21.41
CA LEU I 268 74.47 30.11 22.64
C LEU I 268 74.99 31.51 22.93
N THR I 269 74.84 31.93 24.18
CA THR I 269 75.42 33.19 24.61
C THR I 269 76.94 33.06 24.67
N LEU I 270 77.60 34.19 24.93
CA LEU I 270 79.06 34.16 25.01
C LEU I 270 79.55 33.43 26.24
N ALA I 271 78.84 33.54 27.35
CA ALA I 271 79.30 32.93 28.59
C ALA I 271 79.10 31.42 28.63
N GLU I 272 78.14 30.89 27.86
CA GLU I 272 77.84 29.48 27.89
C GLU I 272 78.64 28.67 26.88
N LYS I 273 79.40 29.32 25.99
CA LYS I 273 80.19 28.57 25.01
C LYS I 273 81.26 27.70 25.64
N PRO I 274 82.06 28.16 26.60
CA PRO I 274 83.11 27.29 27.16
C PRO I 274 82.65 26.42 28.32
N GLN I 275 81.37 26.36 28.63
CA GLN I 275 80.90 25.54 29.75
C GLN I 275 81.09 24.06 29.44
N VAL I 276 81.31 23.28 30.49
CA VAL I 276 81.67 21.87 30.36
C VAL I 276 80.45 21.00 30.65
N MET I 277 80.33 19.90 29.91
CA MET I 277 79.23 18.96 30.06
C MET I 277 79.76 17.54 29.92
N ARG I 278 78.89 16.58 30.19
CA ARG I 278 79.22 15.17 30.07
C ARG I 278 78.40 14.55 28.94
N HIS I 279 79.06 13.75 28.09
CA HIS I 279 78.42 13.10 26.97
C HIS I 279 78.56 11.58 27.12
N VAL I 280 77.67 10.86 26.44
CA VAL I 280 77.68 9.40 26.54
C VAL I 280 78.94 8.85 25.89
N THR I 281 79.26 7.60 26.25
CA THR I 281 80.51 6.99 25.78
C THR I 281 80.51 6.81 24.27
N THR I 282 79.41 6.31 23.70
CA THR I 282 79.31 6.10 22.27
C THR I 282 77.91 6.46 21.80
N GLU I 283 77.85 7.11 20.65
CA GLU I 283 76.58 7.56 20.09
C GLU I 283 75.84 6.41 19.44
N ILE I 284 74.52 6.56 19.35
CA ILE I 284 73.64 5.59 18.72
C ILE I 284 73.47 6.02 17.27
N ASN I 285 74.14 5.31 16.37
CA ASN I 285 74.03 5.57 14.94
C ASN I 285 73.12 4.52 14.29
N ASN I 286 73.05 4.55 12.96
CA ASN I 286 72.25 3.55 12.25
C ASN I 286 72.82 2.15 12.38
N ASP I 287 74.10 2.03 12.70
CA ASP I 287 74.73 0.71 12.77
C ASP I 287 74.09 -0.15 13.86
N LEU I 288 73.82 0.44 15.03
CA LEU I 288 73.17 -0.31 16.09
C LEU I 288 71.78 -0.77 15.67
N PHE I 289 71.03 0.11 15.01
CA PHE I 289 69.68 -0.26 14.59
C PHE I 289 69.70 -1.31 13.50
N PHE I 290 70.79 -1.39 12.72
CA PHE I 290 70.85 -2.39 11.67
C PHE I 290 70.92 -3.81 12.23
N LYS I 291 71.69 -4.00 13.30
CA LYS I 291 71.90 -5.35 13.83
C LYS I 291 70.69 -5.91 14.56
N MET I 292 69.71 -5.08 14.90
CA MET I 292 68.49 -5.54 15.54
C MET I 292 67.48 -6.06 14.53
N SER I 293 67.90 -6.30 13.29
CA SER I 293 66.97 -6.77 12.26
C SER I 293 66.27 -8.08 12.60
N PRO I 294 66.92 -9.13 13.14
CA PRO I 294 66.23 -10.43 13.25
C PRO I 294 64.97 -10.38 14.09
N VAL I 295 64.85 -9.43 15.01
CA VAL I 295 63.68 -9.33 15.88
C VAL I 295 62.91 -8.03 15.64
N ALA I 296 63.22 -7.32 14.56
CA ALA I 296 62.64 -6.00 14.34
C ALA I 296 61.15 -6.07 14.01
N GLN I 297 60.70 -7.15 13.37
CA GLN I 297 59.31 -7.23 12.95
C GLN I 297 58.37 -7.18 14.13
N LEU I 298 58.71 -7.84 15.23
CA LEU I 298 57.89 -7.80 16.43
C LEU I 298 57.78 -6.37 16.94
N TYR I 299 58.89 -5.64 17.00
CA TYR I 299 58.85 -4.26 17.46
C TYR I 299 57.99 -3.40 16.55
N ILE I 300 58.11 -3.59 15.24
CA ILE I 300 57.34 -2.78 14.31
C ILE I 300 55.85 -3.03 14.49
N TYR I 301 55.47 -4.31 14.58
CA TYR I 301 54.06 -4.65 14.77
C TYR I 301 53.52 -4.07 16.06
N HIS I 302 54.27 -4.22 17.16
CA HIS I 302 53.75 -3.75 18.43
C HIS I 302 53.83 -2.23 18.57
N LEU I 303 54.67 -1.56 17.79
CA LEU I 303 54.65 -0.12 17.76
C LEU I 303 53.45 0.39 16.99
N ASP I 304 53.12 -0.24 15.86
CA ASP I 304 51.91 0.13 15.15
C ASP I 304 50.68 -0.11 16.00
N ARG I 305 50.63 -1.25 16.69
CA ARG I 305 49.43 -1.61 17.42
C ARG I 305 49.18 -0.67 18.59
N ALA I 306 50.23 -0.25 19.28
CA ALA I 306 50.07 0.58 20.47
C ALA I 306 49.76 2.04 20.16
N PHE I 307 49.83 2.46 18.89
CA PHE I 307 49.65 3.86 18.55
C PHE I 307 48.50 4.09 17.57
N LEU I 308 47.83 3.03 17.11
CA LEU I 308 46.73 3.15 16.17
C LEU I 308 45.47 2.66 16.86
N ASP I 309 44.76 3.56 17.54
CA ASP I 309 43.59 3.21 18.33
C ASP I 309 42.29 3.59 17.64
N GLY I 310 42.32 3.91 16.35
CA GLY I 310 41.12 4.29 15.64
C GLY I 310 41.21 3.89 14.19
N VAL I 311 40.07 4.02 13.50
CA VAL I 311 39.99 3.69 12.08
C VAL I 311 38.85 4.46 11.44
N GLY I 312 39.12 5.09 10.32
CA GLY I 312 38.14 5.93 9.65
C GLY I 312 37.30 5.23 8.60
N PHE I 313 36.36 4.39 9.03
CA PHE I 313 35.52 3.64 8.12
C PHE I 313 34.12 4.24 8.08
N THR I 314 33.60 4.41 6.88
CA THR I 314 32.22 4.85 6.73
C THR I 314 31.27 3.69 7.03
N PRO I 315 30.17 3.94 7.72
CA PRO I 315 29.29 2.84 8.15
C PRO I 315 28.78 2.04 6.96
N LEU I 316 28.60 0.73 7.18
CA LEU I 316 28.32 -0.18 6.08
C LEU I 316 26.97 0.08 5.45
N ALA I 317 25.98 0.53 6.23
CA ALA I 317 24.65 0.74 5.69
C ALA I 317 24.67 1.78 4.58
N GLU I 318 25.54 2.78 4.70
CA GLU I 318 25.60 3.83 3.69
C GLU I 318 26.09 3.27 2.37
N LYS I 319 27.12 2.42 2.41
CA LYS I 319 27.61 1.78 1.20
C LYS I 319 26.57 0.82 0.63
N GLN I 320 25.81 0.16 1.51
CA GLN I 320 24.75 -0.70 1.04
C GLN I 320 23.71 0.08 0.26
N GLN I 321 23.30 1.24 0.78
CA GLN I 321 22.35 2.09 0.06
C GLN I 321 22.94 2.56 -1.27
N GLN I 322 24.21 2.97 -1.26
CA GLN I 322 24.85 3.40 -2.49
C GLN I 322 24.81 2.30 -3.55
N LEU I 323 25.20 1.09 -3.16
CA LEU I 323 25.23 -0.01 -4.10
C LEU I 323 23.83 -0.34 -4.61
N GLN I 324 22.84 -0.31 -3.72
CA GLN I 324 21.48 -0.62 -4.16
C GLN I 324 21.01 0.40 -5.19
N LEU I 325 21.35 1.68 -4.97
CA LEU I 325 21.00 2.70 -5.95
C LEU I 325 21.72 2.47 -7.27
N GLN I 326 23.00 2.08 -7.21
CA GLN I 326 23.77 1.91 -8.44
C GLN I 326 23.36 0.68 -9.22
N LEU I 327 22.68 -0.27 -8.57
CA LEU I 327 22.32 -1.52 -9.22
C LEU I 327 21.30 -1.27 -10.32
N LYS I 328 21.40 -2.03 -11.41
CA LYS I 328 20.51 -1.87 -12.55
C LYS I 328 19.42 -2.93 -12.56
N THR I 329 19.15 -3.52 -11.40
CA THR I 329 18.22 -4.63 -11.30
C THR I 329 16.99 -4.18 -10.52
N ASN I 330 15.89 -4.87 -10.78
CA ASN I 330 14.65 -4.58 -10.07
C ASN I 330 14.83 -4.96 -8.61
N ILE I 331 14.09 -4.27 -7.74
CA ILE I 331 14.19 -4.52 -6.30
C ILE I 331 13.74 -5.93 -5.95
N LEU I 332 12.61 -6.38 -6.50
CA LEU I 332 12.07 -7.66 -6.07
C LEU I 332 12.84 -8.85 -6.63
N THR I 333 13.45 -8.70 -7.81
CA THR I 333 14.24 -9.79 -8.35
C THR I 333 15.52 -9.96 -7.55
N ALA I 334 16.15 -11.11 -7.71
CA ALA I 334 17.31 -11.48 -6.89
C ALA I 334 18.59 -11.28 -7.70
N ASN I 335 19.51 -10.49 -7.13
CA ASN I 335 20.86 -10.36 -7.64
C ASN I 335 21.82 -10.66 -6.50
N LEU I 336 22.78 -11.56 -6.74
CA LEU I 336 23.59 -12.08 -5.65
C LEU I 336 24.56 -11.05 -5.09
N ILE I 337 24.94 -10.03 -5.86
CA ILE I 337 25.86 -9.03 -5.35
C ILE I 337 25.23 -8.29 -4.17
N ARG I 338 23.97 -7.89 -4.31
CA ARG I 338 23.33 -7.18 -3.21
C ARG I 338 22.98 -8.12 -2.06
N SER I 339 22.91 -9.42 -2.30
CA SER I 339 22.62 -10.39 -1.25
C SER I 339 23.87 -10.99 -0.63
N ALA I 340 25.05 -10.59 -1.11
CA ALA I 340 26.30 -11.06 -0.54
C ALA I 340 26.94 -10.06 0.41
N ILE I 341 26.84 -8.77 0.11
CA ILE I 341 27.36 -7.75 1.02
C ILE I 341 26.42 -7.46 2.18
N ASN I 342 25.18 -7.96 2.12
CA ASN I 342 24.27 -7.77 3.24
C ASN I 342 24.73 -8.52 4.47
N GLY I 343 25.35 -9.69 4.29
CA GLY I 343 25.86 -10.45 5.41
C GLY I 343 27.32 -10.15 5.70
N MET I 344 27.66 -8.88 5.84
CA MET I 344 29.03 -8.45 6.09
C MET I 344 29.08 -7.64 7.39
N ASN I 345 30.15 -7.83 8.15
CA ASN I 345 30.32 -7.19 9.43
C ASN I 345 31.69 -6.54 9.44
N THR I 346 31.80 -5.41 10.15
CA THR I 346 33.01 -4.60 10.17
C THR I 346 33.55 -4.44 11.60
N GLU I 347 33.37 -5.47 12.43
CA GLU I 347 33.81 -5.36 13.81
C GLU I 347 35.32 -5.46 13.94
N SER I 348 35.97 -6.16 13.02
CA SER I 348 37.41 -6.40 13.10
C SER I 348 38.20 -5.57 12.10
N ASN I 349 37.78 -4.33 11.85
CA ASN I 349 38.51 -3.49 10.91
C ASN I 349 39.86 -3.06 11.48
N LEU I 350 39.95 -2.90 12.80
CA LEU I 350 41.16 -2.36 13.41
C LEU I 350 42.35 -3.29 13.22
N GLU I 351 42.14 -4.59 13.44
CA GLU I 351 43.23 -5.55 13.30
C GLU I 351 43.73 -5.61 11.86
N VAL I 352 42.81 -5.62 10.90
CA VAL I 352 43.20 -5.63 9.49
C VAL I 352 43.92 -4.34 9.15
N ALA I 353 43.52 -3.22 9.73
CA ALA I 353 44.22 -1.97 9.47
C ALA I 353 45.66 -2.04 9.96
N ILE I 354 45.87 -2.59 11.16
CA ILE I 354 47.23 -2.72 11.67
C ILE I 354 48.07 -3.60 10.76
N LYS I 355 47.51 -4.74 10.33
CA LYS I 355 48.25 -5.62 9.44
C LYS I 355 48.52 -4.96 8.09
N MET I 356 47.56 -4.17 7.59
CA MET I 356 47.74 -3.46 6.34
C MET I 356 48.91 -2.51 6.43
N MET I 357 48.97 -1.74 7.53
CA MET I 357 50.07 -0.79 7.69
C MET I 357 51.40 -1.51 7.81
N GLN I 358 51.43 -2.61 8.55
CA GLN I 358 52.69 -3.36 8.68
C GLN I 358 53.15 -3.88 7.32
N ALA I 359 52.23 -4.40 6.52
CA ALA I 359 52.59 -4.83 5.17
C ALA I 359 53.07 -3.66 4.34
N ALA I 360 52.52 -2.47 4.57
CA ALA I 360 52.98 -1.29 3.84
C ALA I 360 54.43 -0.97 4.17
N GLN I 361 54.81 -1.07 5.45
CA GLN I 361 56.18 -0.73 5.81
C GLN I 361 57.17 -1.78 5.31
N LEU I 362 57.05 -3.01 5.81
CA LEU I 362 57.99 -4.06 5.43
C LEU I 362 57.56 -4.72 4.12
N HIS I 363 58.50 -4.85 3.20
CA HIS I 363 58.20 -5.43 1.90
C HIS I 363 58.24 -6.95 1.91
N ARG I 364 58.59 -7.58 3.02
CA ARG I 364 58.60 -9.03 3.11
C ARG I 364 57.50 -9.59 3.99
N ALA I 365 56.86 -8.77 4.83
CA ALA I 365 55.73 -9.21 5.63
C ALA I 365 54.42 -9.02 4.87
N SER I 366 54.37 -9.52 3.65
CA SER I 366 53.17 -9.39 2.83
C SER I 366 52.01 -10.14 3.45
N ILE I 367 50.81 -9.58 3.28
CA ILE I 367 49.62 -10.20 3.84
C ILE I 367 49.22 -11.42 3.03
N GLU I 368 48.94 -12.52 3.72
CA GLU I 368 48.46 -13.75 3.10
C GLU I 368 47.03 -14.00 3.55
N ILE I 369 46.16 -14.30 2.60
CA ILE I 369 44.75 -14.54 2.88
C ILE I 369 44.52 -16.03 3.07
N ALA I 370 43.66 -16.37 4.00
CA ALA I 370 43.26 -17.76 4.26
C ALA I 370 41.87 -17.98 3.67
N PHE I 371 41.75 -18.98 2.80
CA PHE I 371 40.52 -19.23 2.08
C PHE I 371 39.77 -20.40 2.72
N PRO I 372 38.57 -20.19 3.25
CA PRO I 372 37.83 -21.32 3.85
C PRO I 372 37.52 -22.42 2.84
N MET I 373 37.29 -22.04 1.59
CA MET I 373 37.04 -22.98 0.52
C MET I 373 38.26 -23.80 0.18
N ASN I 374 38.02 -25.01 -0.35
CA ASN I 374 39.08 -25.94 -0.71
C ASN I 374 39.18 -26.15 -2.22
N VAL I 375 38.09 -26.54 -2.87
CA VAL I 375 38.07 -26.77 -4.31
C VAL I 375 36.89 -26.07 -4.98
N SER I 376 35.71 -26.15 -4.37
CA SER I 376 34.51 -25.56 -4.94
C SER I 376 34.50 -24.06 -4.68
N LEU I 377 33.41 -23.40 -5.06
CA LEU I 377 33.23 -21.97 -4.83
C LEU I 377 31.95 -21.73 -4.03
N SER I 378 31.65 -20.45 -3.85
CA SER I 378 30.50 -19.98 -3.11
C SER I 378 30.12 -18.61 -3.64
N PRO I 379 28.84 -18.23 -3.56
CA PRO I 379 28.47 -16.88 -4.03
C PRO I 379 29.22 -15.78 -3.32
N GLU I 380 29.48 -15.92 -2.01
CA GLU I 380 30.19 -14.87 -1.29
C GLU I 380 31.64 -14.75 -1.75
N ILE I 381 32.26 -15.88 -2.07
CA ILE I 381 33.69 -15.88 -2.40
C ILE I 381 33.97 -15.05 -3.63
N ILE I 382 33.13 -15.19 -4.66
CA ILE I 382 33.39 -14.49 -5.92
C ILE I 382 33.34 -12.99 -5.71
N VAL I 383 32.30 -12.50 -5.02
CA VAL I 383 32.17 -11.06 -4.84
C VAL I 383 33.28 -10.55 -3.91
N GLN I 384 33.66 -11.32 -2.90
CA GLN I 384 34.71 -10.87 -2.00
C GLN I 384 36.05 -10.80 -2.74
N CYS I 385 36.33 -11.78 -3.59
CA CYS I 385 37.55 -11.76 -4.38
C CYS I 385 37.55 -10.56 -5.32
N PHE I 386 36.41 -10.26 -5.93
CA PHE I 386 36.35 -9.09 -6.81
C PHE I 386 36.59 -7.81 -6.03
N ILE I 387 36.01 -7.70 -4.84
CA ILE I 387 36.24 -6.51 -4.01
C ILE I 387 37.72 -6.37 -3.68
N VAL I 388 38.36 -7.47 -3.30
CA VAL I 388 39.79 -7.42 -2.98
C VAL I 388 40.59 -7.01 -4.19
N TRP I 389 40.26 -7.57 -5.36
CA TRP I 389 41.00 -7.25 -6.58
C TRP I 389 40.86 -5.78 -6.94
N MET I 390 39.67 -5.22 -6.77
CA MET I 390 39.42 -3.84 -7.19
C MET I 390 39.78 -2.81 -6.14
N SER I 391 40.02 -3.20 -4.89
CA SER I 391 40.18 -2.22 -3.82
C SER I 391 41.47 -2.31 -3.03
N ILE I 392 42.12 -3.47 -2.96
CA ILE I 392 43.34 -3.64 -2.16
C ILE I 392 44.54 -3.59 -3.11
N PRO I 393 45.50 -2.70 -2.87
CA PRO I 393 46.63 -2.60 -3.80
C PRO I 393 47.44 -3.87 -3.85
N GLU I 394 48.03 -4.13 -5.01
CA GLU I 394 48.71 -5.39 -5.26
C GLU I 394 50.05 -5.49 -4.55
N GLN I 395 50.70 -4.36 -4.24
CA GLN I 395 52.01 -4.42 -3.63
C GLN I 395 51.96 -4.90 -2.19
N LEU I 396 50.80 -4.82 -1.54
CA LEU I 396 50.65 -5.23 -0.15
C LEU I 396 50.10 -6.64 0.00
N LEU I 397 49.98 -7.39 -1.10
CA LEU I 397 49.50 -8.76 -1.06
C LEU I 397 50.60 -9.71 -1.51
N SER I 398 50.66 -10.88 -0.88
CA SER I 398 51.67 -11.85 -1.22
C SER I 398 51.40 -12.45 -2.60
N ASP I 399 52.42 -13.14 -3.13
CA ASP I 399 52.30 -13.73 -4.46
C ASP I 399 51.21 -14.80 -4.48
N ARG I 400 51.14 -15.63 -3.44
CA ARG I 400 50.14 -16.68 -3.39
C ARG I 400 48.73 -16.11 -3.42
N SER I 401 48.46 -15.10 -2.58
CA SER I 401 47.14 -14.50 -2.54
C SER I 401 46.77 -13.86 -3.86
N ASN I 402 47.72 -13.14 -4.47
CA ASN I 402 47.47 -12.53 -5.76
C ASN I 402 47.11 -13.58 -6.80
N PHE I 403 47.88 -14.67 -6.85
CA PHE I 403 47.59 -15.70 -7.84
C PHE I 403 46.22 -16.33 -7.58
N ILE I 404 45.86 -16.53 -6.31
CA ILE I 404 44.58 -17.18 -6.03
C ILE I 404 43.43 -16.30 -6.49
N ILE I 405 43.45 -15.02 -6.12
CA ILE I 405 42.33 -14.17 -6.54
C ILE I 405 42.32 -14.00 -8.05
N ALA I 406 43.52 -13.94 -8.67
CA ALA I 406 43.56 -13.84 -10.12
C ALA I 406 42.96 -15.06 -10.79
N ALA I 407 43.23 -16.25 -10.26
CA ALA I 407 42.64 -17.46 -10.82
C ALA I 407 41.14 -17.48 -10.64
N VAL I 408 40.66 -17.02 -9.48
CA VAL I 408 39.21 -16.97 -9.27
C VAL I 408 38.56 -16.03 -10.27
N ILE I 409 39.17 -14.88 -10.51
CA ILE I 409 38.63 -13.96 -11.51
C ILE I 409 38.67 -14.57 -12.90
N TRP I 410 39.78 -15.21 -13.25
CA TRP I 410 39.98 -15.71 -14.60
C TRP I 410 39.12 -16.93 -14.92
N ALA I 411 38.69 -17.67 -13.91
CA ALA I 411 37.90 -18.87 -14.17
C ALA I 411 36.60 -18.52 -14.89
N GLY I 412 35.90 -17.49 -14.43
CA GLY I 412 34.60 -17.17 -15.00
C GLY I 412 34.70 -16.69 -16.44
N PHE I 413 35.67 -15.83 -16.74
CA PHE I 413 35.78 -15.23 -18.06
C PHE I 413 36.41 -16.17 -19.08
N SER I 414 37.06 -17.24 -18.65
CA SER I 414 37.70 -18.15 -19.59
C SER I 414 36.65 -18.91 -20.40
N ALA I 415 37.06 -19.29 -21.61
CA ALA I 415 36.15 -20.00 -22.51
C ALA I 415 35.89 -21.42 -22.04
N ASP I 416 36.93 -22.14 -21.62
CA ASP I 416 36.82 -23.54 -21.27
C ASP I 416 37.34 -23.89 -19.88
N ASP I 417 38.16 -23.05 -19.27
CA ASP I 417 38.81 -23.41 -18.02
C ASP I 417 37.84 -23.34 -16.86
N SER I 418 38.16 -24.10 -15.81
CA SER I 418 37.46 -24.11 -14.54
C SER I 418 38.44 -23.72 -13.44
N TYR I 419 38.04 -23.93 -12.19
CA TYR I 419 38.91 -23.58 -11.06
C TYR I 419 39.80 -24.75 -10.69
N ALA I 420 39.23 -25.95 -10.58
CA ALA I 420 40.00 -27.10 -10.11
C ALA I 420 41.16 -27.39 -11.06
N ASP I 421 40.92 -27.34 -12.37
CA ASP I 421 41.98 -27.62 -13.32
C ASP I 421 43.08 -26.57 -13.26
N ILE I 422 42.73 -25.29 -13.12
CA ILE I 422 43.76 -24.26 -13.15
C ILE I 422 44.64 -24.35 -11.91
N MET I 423 44.07 -24.68 -10.76
CA MET I 423 44.94 -24.95 -9.62
C MET I 423 45.76 -26.21 -9.82
N ARG I 424 45.14 -27.29 -10.28
CA ARG I 424 45.83 -28.57 -10.35
C ARG I 424 46.96 -28.57 -11.36
N ARG I 425 46.79 -27.87 -12.49
CA ARG I 425 47.84 -27.78 -13.49
C ARG I 425 49.02 -26.93 -13.03
N SER I 426 48.77 -25.94 -12.17
CA SER I 426 49.82 -25.02 -11.77
C SER I 426 50.52 -25.52 -10.49
N ALA I 427 51.63 -24.86 -10.17
CA ALA I 427 52.39 -25.15 -8.95
C ALA I 427 52.70 -23.84 -8.24
N ARG I 428 52.75 -23.92 -6.90
CA ARG I 428 52.91 -22.72 -6.09
C ARG I 428 54.31 -22.14 -6.15
N ALA I 429 55.28 -22.86 -6.72
CA ALA I 429 56.66 -22.37 -6.73
C ALA I 429 56.82 -21.19 -7.67
N SER I 430 56.14 -21.21 -8.81
CA SER I 430 56.33 -20.17 -9.82
C SER I 430 55.01 -19.48 -10.16
N ASP I 431 54.25 -19.13 -9.14
CA ASP I 431 52.96 -18.47 -9.37
C ASP I 431 53.09 -17.02 -9.82
N ARG I 432 54.26 -16.41 -9.68
CA ARG I 432 54.42 -15.02 -10.09
C ARG I 432 54.21 -14.87 -11.60
N GLN I 433 54.79 -15.76 -12.39
CA GLN I 433 54.61 -15.70 -13.84
C GLN I 433 53.15 -15.91 -14.21
N ASN I 434 52.47 -16.83 -13.52
CA ASN I 434 51.05 -17.06 -13.78
C ASN I 434 50.24 -15.81 -13.46
N TYR I 435 50.54 -15.14 -12.35
CA TYR I 435 49.83 -13.92 -12.00
C TYR I 435 50.05 -12.84 -13.05
N ASP I 436 51.29 -12.69 -13.51
CA ASP I 436 51.58 -11.69 -14.54
C ASP I 436 50.84 -12.01 -15.83
N ILE I 437 50.80 -13.28 -16.22
CA ILE I 437 50.13 -13.67 -17.44
C ILE I 437 48.63 -13.39 -17.34
N ILE I 438 48.03 -13.72 -16.19
CA ILE I 438 46.60 -13.48 -16.01
C ILE I 438 46.31 -11.99 -16.04
N LYS I 439 47.17 -11.18 -15.41
CA LYS I 439 46.97 -9.74 -15.44
C LYS I 439 47.06 -9.20 -16.85
N ALA I 440 48.04 -9.69 -17.63
CA ALA I 440 48.15 -9.25 -19.02
C ALA I 440 46.92 -9.62 -19.82
N ALA I 441 46.40 -10.83 -19.61
CA ALA I 441 45.19 -11.23 -20.32
C ALA I 441 44.01 -10.36 -19.92
N LEU I 442 43.89 -10.04 -18.63
CA LEU I 442 42.80 -9.20 -18.16
C LEU I 442 42.97 -7.74 -18.52
N SER I 443 44.14 -7.34 -19.01
CA SER I 443 44.38 -5.97 -19.44
C SER I 443 44.47 -5.85 -20.96
N SER I 444 43.74 -6.70 -21.68
CA SER I 444 43.81 -6.75 -23.13
C SER I 444 42.69 -5.91 -23.74
N ARG I 445 42.52 -6.04 -25.06
CA ARG I 445 41.48 -5.29 -25.75
C ARG I 445 40.11 -5.92 -25.56
N LYS I 446 40.06 -7.21 -25.21
CA LYS I 446 38.77 -7.87 -25.02
C LYS I 446 38.23 -7.65 -23.62
N PHE I 447 39.11 -7.67 -22.62
CA PHE I 447 38.73 -7.49 -21.23
C PHE I 447 39.64 -6.46 -20.57
N LYS I 448 39.05 -5.61 -19.75
CA LYS I 448 39.81 -4.63 -18.99
C LYS I 448 39.29 -4.66 -17.55
N LEU I 449 40.19 -4.86 -16.61
CA LEU I 449 39.82 -4.79 -15.21
C LEU I 449 40.88 -4.00 -14.44
N PRO I 450 40.51 -2.84 -13.89
CA PRO I 450 41.50 -2.04 -13.16
C PRO I 450 41.97 -2.75 -11.90
N ARG I 451 43.29 -2.85 -11.75
CA ARG I 451 43.90 -3.45 -10.57
C ARG I 451 44.43 -2.33 -9.69
N ALA I 452 44.00 -2.32 -8.43
CA ALA I 452 44.41 -1.26 -7.52
C ALA I 452 45.90 -1.33 -7.25
N SER I 453 46.53 -0.17 -7.09
CA SER I 453 47.96 -0.08 -6.84
C SER I 453 48.22 1.12 -5.95
N THR I 454 49.49 1.33 -5.64
CA THR I 454 49.90 2.44 -4.78
C THR I 454 51.32 2.85 -5.11
N THR I 455 51.67 4.06 -4.69
CA THR I 455 53.00 4.62 -4.93
C THR I 455 53.69 4.88 -3.61
N LEU I 456 54.97 5.23 -3.69
CA LEU I 456 55.77 5.51 -2.51
C LEU I 456 55.56 6.95 -2.06
N PHE I 457 56.04 7.25 -0.86
CA PHE I 457 55.92 8.59 -0.28
C PHE I 457 57.23 8.96 0.38
N ASP I 458 57.78 10.11 0.00
CA ASP I 458 59.04 10.60 0.55
C ASP I 458 58.84 11.60 1.67
N GLU I 459 57.66 12.23 1.70
CA GLU I 459 57.37 13.30 2.70
C GLU I 459 57.64 12.79 4.11
N ASN I 460 57.95 13.73 5.02
CA ASN I 460 58.22 13.38 6.41
C ASN I 460 57.73 14.52 7.30
N GLU I 461 58.17 14.50 8.56
CA GLU I 461 57.79 15.48 9.55
C GLU I 461 59.03 16.03 10.24
N PRO I 462 59.06 17.31 10.59
CA PRO I 462 60.20 17.87 11.32
C PRO I 462 60.20 17.44 12.77
N VAL I 463 61.27 16.76 13.19
CA VAL I 463 61.41 16.31 14.57
C VAL I 463 62.87 15.95 14.79
N VAL I 464 63.28 15.92 16.05
CA VAL I 464 64.66 15.57 16.41
C VAL I 464 64.76 14.05 16.50
N ARG I 465 65.69 13.47 15.74
CA ARG I 465 65.91 12.04 15.75
C ARG I 465 67.33 11.77 15.25
N ARG I 466 67.83 10.57 15.56
CA ARG I 466 69.22 10.23 15.30
C ARG I 466 69.38 9.17 14.21
N TYR I 467 68.32 8.85 13.49
CA TYR I 467 68.38 7.82 12.45
C TYR I 467 67.65 8.31 11.21
N GLN I 468 68.03 7.76 10.07
CA GLN I 468 67.44 8.15 8.81
C GLN I 468 66.07 7.47 8.63
N ILE I 469 65.35 7.92 7.60
CA ILE I 469 64.04 7.37 7.27
C ILE I 469 64.00 7.07 5.78
N GLY I 470 63.03 6.24 5.39
CA GLY I 470 62.91 5.80 4.01
C GLY I 470 61.46 5.82 3.55
N ARG I 471 61.30 5.64 2.25
CA ARG I 471 59.99 5.66 1.63
C ARG I 471 59.22 4.39 1.96
N VAL I 472 57.89 4.53 2.09
CA VAL I 472 57.01 3.39 2.32
C VAL I 472 55.85 3.48 1.34
N TYR I 473 55.17 2.35 1.16
CA TYR I 473 53.97 2.33 0.35
C TYR I 473 52.78 2.86 1.14
N ALA I 474 51.71 3.17 0.44
CA ALA I 474 50.55 3.66 1.15
C ALA I 474 49.49 2.58 1.20
N PRO I 475 48.84 2.39 2.34
CA PRO I 475 47.85 1.31 2.46
C PRO I 475 46.53 1.59 1.77
N PHE I 476 46.48 2.63 0.95
CA PHE I 476 45.29 2.95 0.18
C PHE I 476 45.70 3.38 -1.22
N PRO I 477 44.81 3.23 -2.21
CA PRO I 477 45.20 3.51 -3.59
C PRO I 477 45.21 4.98 -3.93
N VAL I 478 44.96 5.85 -2.96
CA VAL I 478 44.94 7.28 -3.20
C VAL I 478 46.34 7.75 -3.59
N ASP I 479 46.37 8.70 -4.55
CA ASP I 479 47.65 9.31 -5.00
C ASP I 479 47.60 10.80 -4.66
N ARG I 480 47.37 11.13 -3.39
CA ARG I 480 47.30 12.49 -2.85
C ARG I 480 46.18 13.32 -3.48
N TYR I 481 45.38 12.71 -4.35
CA TYR I 481 44.14 13.29 -4.84
C TYR I 481 43.03 12.27 -4.66
N GLY I 482 41.79 12.74 -4.81
CA GLY I 482 40.65 11.86 -4.64
C GLY I 482 40.65 10.71 -5.62
N SER I 483 41.12 10.96 -6.83
CA SER I 483 41.12 9.91 -7.86
C SER I 483 42.17 8.87 -7.52
N PRO I 484 41.80 7.59 -7.41
CA PRO I 484 42.80 6.55 -7.18
C PRO I 484 43.62 6.30 -8.43
N VAL I 485 44.72 5.56 -8.25
CA VAL I 485 45.60 5.17 -9.34
C VAL I 485 45.58 3.66 -9.46
N TYR I 486 45.35 3.17 -10.67
CA TYR I 486 45.33 1.75 -10.98
C TYR I 486 46.63 1.38 -11.68
N SER I 487 46.70 0.12 -12.12
CA SER I 487 47.93 -0.37 -12.73
C SER I 487 47.84 -0.43 -14.26
N ASN I 488 46.67 -0.67 -14.83
CA ASN I 488 46.52 -0.86 -16.25
C ASN I 488 45.69 0.24 -16.91
N CYS I 489 44.45 0.44 -16.47
CA CYS I 489 43.56 1.42 -17.09
C CYS I 489 42.34 1.61 -16.22
N THR I 490 41.84 2.83 -16.15
CA THR I 490 40.68 3.16 -15.31
C THR I 490 39.37 3.07 -16.07
N LYS I 491 39.13 1.93 -16.72
CA LYS I 491 37.88 1.68 -17.41
C LYS I 491 37.48 0.24 -17.17
N VAL I 492 36.17 0.00 -17.11
CA VAL I 492 35.64 -1.35 -16.90
C VAL I 492 34.71 -1.68 -18.05
N GLU I 493 34.99 -2.79 -18.73
CA GLU I 493 34.12 -3.31 -19.78
C GLU I 493 34.53 -4.74 -20.05
N LEU I 494 33.57 -5.55 -20.45
CA LEU I 494 33.79 -6.97 -20.65
C LEU I 494 33.24 -7.40 -22.00
N ALA I 495 33.91 -8.35 -22.64
CA ALA I 495 33.39 -8.90 -23.88
C ALA I 495 32.12 -9.71 -23.64
N SER I 496 32.12 -10.53 -22.60
CA SER I 496 30.98 -11.39 -22.30
C SER I 496 30.62 -11.30 -20.83
N ASP I 497 29.73 -12.18 -20.38
CA ASP I 497 29.34 -12.21 -18.98
C ASP I 497 30.29 -13.09 -18.18
N TYR I 498 29.99 -13.23 -16.88
CA TYR I 498 30.79 -14.02 -15.96
C TYR I 498 29.98 -15.22 -15.51
N ASN I 499 30.50 -16.42 -15.76
CA ASN I 499 29.84 -17.63 -15.28
C ASN I 499 30.89 -18.64 -14.84
N ALA I 500 30.62 -19.30 -13.72
CA ALA I 500 31.53 -20.32 -13.20
C ALA I 500 30.69 -21.25 -12.34
N GLU I 501 30.47 -22.47 -12.83
CA GLU I 501 29.49 -23.41 -12.26
C GLU I 501 28.25 -22.66 -11.77
N GLY I 502 27.65 -21.90 -12.68
CA GLY I 502 26.54 -21.05 -12.32
C GLY I 502 27.03 -19.71 -11.81
N PHE I 503 26.22 -19.06 -10.96
CA PHE I 503 26.56 -17.77 -10.37
C PHE I 503 26.83 -16.73 -11.46
N THR I 504 25.81 -16.47 -12.25
CA THR I 504 25.94 -15.53 -13.36
C THR I 504 25.98 -14.09 -12.83
N ILE I 505 26.92 -13.31 -13.35
CA ILE I 505 27.02 -11.89 -13.07
C ILE I 505 26.88 -11.14 -14.38
N ARG I 506 25.99 -10.16 -14.41
CA ARG I 506 25.81 -9.38 -15.62
C ARG I 506 26.97 -8.40 -15.78
N LYS I 507 27.14 -7.93 -17.03
CA LYS I 507 28.25 -7.01 -17.31
C LYS I 507 28.11 -5.71 -16.55
N ASP I 508 26.90 -5.16 -16.47
CA ASP I 508 26.70 -3.88 -15.82
C ASP I 508 26.96 -3.93 -14.32
N ASP I 509 26.86 -5.11 -13.71
CA ASP I 509 27.06 -5.19 -12.26
C ASP I 509 28.49 -4.84 -11.88
N PHE I 510 29.47 -5.27 -12.68
CA PHE I 510 30.85 -4.95 -12.40
C PHE I 510 31.10 -3.45 -12.48
N ARG I 511 30.56 -2.81 -13.51
CA ARG I 511 30.68 -1.37 -13.64
C ARG I 511 30.03 -0.65 -12.47
N ALA I 512 28.87 -1.13 -12.02
CA ALA I 512 28.22 -0.53 -10.87
C ALA I 512 29.06 -0.70 -9.62
N LEU I 513 29.68 -1.87 -9.44
CA LEU I 513 30.53 -2.11 -8.29
C LEU I 513 31.78 -1.25 -8.33
N GLN I 514 32.23 -0.86 -9.53
CA GLN I 514 33.42 -0.01 -9.64
C GLN I 514 33.19 1.34 -8.97
N ALA I 515 32.00 1.89 -9.08
CA ALA I 515 31.73 3.25 -8.61
C ALA I 515 31.43 3.33 -7.12
N VAL I 516 31.35 2.19 -6.41
CA VAL I 516 31.03 2.21 -4.99
C VAL I 516 32.27 2.12 -4.10
N LEU I 517 33.41 1.69 -4.64
CA LEU I 517 34.62 1.51 -3.87
C LEU I 517 35.46 2.79 -3.79
N ARG I 518 34.97 3.90 -4.33
CA ARG I 518 35.71 5.14 -4.32
C ARG I 518 35.85 5.68 -2.90
N ILE I 519 36.92 6.43 -2.67
CA ILE I 519 37.10 7.14 -1.40
C ILE I 519 36.40 8.48 -1.48
N ASP I 520 35.73 8.86 -0.39
CA ASP I 520 34.87 10.09 -0.38
C ASP I 520 35.63 11.39 -0.67
N GLU I 521 36.96 11.38 -0.65
CA GLU I 521 37.76 12.59 -0.99
C GLU I 521 37.73 13.61 0.15
N ASP I 522 36.79 13.50 1.09
CA ASP I 522 36.68 14.50 2.19
C ASP I 522 37.62 14.14 3.34
N ARG I 523 37.88 12.84 3.54
CA ARG I 523 38.72 12.39 4.64
C ARG I 523 40.21 12.41 4.30
N ALA I 524 40.57 12.87 3.10
CA ALA I 524 41.97 12.89 2.71
C ALA I 524 42.83 13.75 3.64
N ALA I 525 42.24 14.75 4.29
CA ALA I 525 43.00 15.58 5.22
C ALA I 525 43.50 14.75 6.41
N ASP I 526 42.64 13.91 6.98
CA ASP I 526 43.03 13.07 8.10
C ASP I 526 43.68 11.77 7.65
N MET I 527 43.50 11.39 6.38
CA MET I 527 44.03 10.12 5.92
C MET I 527 45.55 10.14 5.78
N PHE I 528 46.13 11.32 5.58
CA PHE I 528 47.57 11.41 5.37
C PHE I 528 48.36 11.74 6.62
N THR I 529 47.74 12.40 7.61
CA THR I 529 48.50 12.79 8.80
C THR I 529 49.03 11.56 9.54
N THR I 530 48.19 10.53 9.68
CA THR I 530 48.65 9.30 10.31
C THR I 530 49.80 8.69 9.52
N LEU I 531 49.61 8.81 8.17
CA LEU I 531 50.60 8.26 7.20
C LEU I 531 51.88 9.06 7.20
N ARG I 532 51.81 10.35 6.94
CA ARG I 532 53.06 11.14 7.06
C ARG I 532 53.55 11.04 8.51
N ILE I 533 52.67 10.98 9.51
CA ILE I 533 53.17 10.78 10.90
C ILE I 533 53.46 9.30 11.02
N MET I 534 53.84 8.65 9.93
CA MET I 534 54.25 7.22 10.02
C MET I 534 55.50 7.05 9.19
N ILE I 535 55.75 7.95 8.28
CA ILE I 535 57.05 7.91 7.57
C ILE I 535 57.98 8.86 8.32
N SER I 536 57.65 9.29 9.54
CA SER I 536 58.65 10.14 10.16
C SER I 536 59.17 9.60 11.49
N SER I 537 58.85 8.37 11.86
CA SER I 537 59.29 7.89 13.17
C SER I 537 59.75 6.43 13.18
N ILE I 538 60.04 5.85 12.02
CA ILE I 538 60.48 4.45 11.97
C ILE I 538 61.81 4.37 11.25
N PRO I 539 62.84 3.77 11.86
CA PRO I 539 64.16 3.75 11.23
C PRO I 539 64.13 3.04 9.89
N ALA I 540 64.94 3.53 8.95
CA ALA I 540 64.91 3.00 7.59
C ALA I 540 65.64 1.68 7.46
N VAL I 541 66.48 1.32 8.43
CA VAL I 541 67.24 0.08 8.33
C VAL I 541 66.44 -1.14 8.73
N TRP I 542 65.23 -0.98 9.25
CA TRP I 542 64.38 -2.09 9.63
C TRP I 542 63.52 -2.58 8.48
N TYR I 543 63.62 -1.97 7.30
CA TYR I 543 62.72 -2.28 6.20
C TYR I 543 63.15 -3.52 5.43
N ASP I 544 64.22 -4.19 5.88
CA ASP I 544 64.67 -5.44 5.25
C ASP I 544 64.61 -6.61 6.22
N ALA I 545 63.92 -6.48 7.34
CA ALA I 545 63.84 -7.55 8.31
C ALA I 545 62.98 -8.70 7.79
N GLU I 546 63.22 -9.88 8.35
CA GLU I 546 62.43 -11.05 8.03
C GLU I 546 61.16 -11.06 8.87
N VAL I 547 60.44 -12.18 8.88
CA VAL I 547 59.25 -12.35 9.69
C VAL I 547 59.47 -13.54 10.62
N VAL I 548 59.16 -13.36 11.89
CA VAL I 548 59.37 -14.40 12.89
C VAL I 548 58.06 -15.00 13.36
N HIS I 549 57.05 -14.18 13.63
CA HIS I 549 55.75 -14.66 14.05
C HIS I 549 54.81 -14.59 12.85
N TYR I 550 54.54 -15.76 12.26
CA TYR I 550 53.71 -15.80 11.06
C TYR I 550 52.31 -15.23 11.24
N PRO I 551 51.58 -15.50 12.34
CA PRO I 551 50.18 -15.06 12.40
C PRO I 551 49.99 -13.56 12.28
N HIS I 552 51.04 -12.76 12.47
CA HIS I 552 50.89 -11.32 12.32
C HIS I 552 50.61 -10.91 10.88
N THR I 553 50.79 -11.81 9.91
CA THR I 553 50.59 -11.49 8.50
C THR I 553 49.51 -12.35 7.87
N ALA I 554 48.49 -12.72 8.64
CA ALA I 554 47.42 -13.58 8.14
C ALA I 554 46.07 -12.97 8.51
N VAL I 555 45.13 -13.04 7.57
CA VAL I 555 43.77 -12.54 7.79
C VAL I 555 42.84 -13.27 6.85
N GLU I 556 41.64 -13.59 7.35
CA GLU I 556 40.65 -14.31 6.56
C GLU I 556 40.07 -13.41 5.48
N LEU I 557 39.44 -14.04 4.48
CA LEU I 557 38.96 -13.31 3.32
C LEU I 557 37.88 -12.30 3.68
N GLU I 558 36.93 -12.69 4.54
CA GLU I 558 35.79 -11.82 4.81
C GLU I 558 36.23 -10.52 5.47
N GLN I 559 37.16 -10.60 6.41
CA GLN I 559 37.62 -9.39 7.09
C GLN I 559 38.32 -8.44 6.11
N LEU I 560 39.18 -8.97 5.27
CA LEU I 560 39.86 -8.14 4.29
C LEU I 560 38.87 -7.52 3.32
N ALA I 561 37.88 -8.30 2.88
CA ALA I 561 36.88 -7.77 1.95
C ALA I 561 36.07 -6.67 2.59
N ALA I 562 35.68 -6.85 3.85
CA ALA I 562 34.94 -5.80 4.55
C ALA I 562 35.80 -4.54 4.69
N TYR I 563 37.07 -4.71 5.01
CA TYR I 563 37.97 -3.56 5.12
C TYR I 563 38.06 -2.82 3.80
N GLY I 564 38.24 -3.55 2.71
CA GLY I 564 38.35 -2.90 1.40
C GLY I 564 37.08 -2.21 0.98
N LEU I 565 35.93 -2.88 1.14
CA LEU I 565 34.66 -2.29 0.74
C LEU I 565 34.35 -1.06 1.57
N THR I 566 34.63 -1.12 2.87
CA THR I 566 34.31 -0.01 3.76
C THR I 566 35.20 1.20 3.52
N GLY I 567 36.33 1.02 2.84
CA GLY I 567 37.23 2.12 2.57
C GLY I 567 37.84 2.72 3.83
N ALA I 568 38.37 1.86 4.69
CA ALA I 568 38.90 2.27 5.98
C ALA I 568 40.40 2.54 5.91
N TYR I 569 40.86 3.45 6.76
CA TYR I 569 42.26 3.81 6.84
C TYR I 569 42.67 3.93 8.31
N PRO I 570 43.94 3.71 8.62
CA PRO I 570 44.40 3.87 10.00
C PRO I 570 44.32 5.33 10.43
N ARG I 571 44.06 5.55 11.72
CA ARG I 571 44.06 6.89 12.27
C ARG I 571 44.55 6.83 13.71
N THR I 572 45.04 7.98 14.19
CA THR I 572 45.59 8.06 15.53
C THR I 572 45.43 9.47 16.07
N ASN I 573 45.60 9.61 17.40
CA ASN I 573 45.50 10.95 18.04
C ASN I 573 46.84 11.33 18.68
N HIS I 574 47.78 10.37 18.80
CA HIS I 574 49.04 10.69 19.45
C HIS I 574 49.90 11.56 18.56
N SER I 575 50.91 12.18 19.17
CA SER I 575 51.78 13.10 18.39
C SER I 575 52.91 12.33 17.73
N VAL I 576 53.96 13.04 17.33
CA VAL I 576 55.12 12.43 16.69
C VAL I 576 56.24 12.18 17.67
N ASP I 577 56.41 13.07 18.65
CA ASP I 577 57.50 12.92 19.60
C ASP I 577 57.34 11.67 20.46
N THR I 578 56.10 11.23 20.68
CA THR I 578 55.87 10.06 21.51
C THR I 578 56.49 8.81 20.93
N ILE I 579 56.43 8.62 19.61
CA ILE I 579 56.96 7.40 19.00
C ILE I 579 58.49 7.41 18.98
N VAL I 580 59.09 8.55 18.66
CA VAL I 580 60.56 8.59 18.69
C VAL I 580 61.05 8.47 20.13
N LYS I 581 60.30 8.98 21.10
CA LYS I 581 60.66 8.82 22.50
C LYS I 581 60.63 7.36 22.94
N THR I 582 59.87 6.51 22.25
CA THR I 582 59.84 5.09 22.54
C THR I 582 60.92 4.33 21.78
N VAL I 583 61.17 4.72 20.54
CA VAL I 583 62.26 4.10 19.78
C VAL I 583 63.59 4.37 20.46
N ASN I 584 63.78 5.59 20.96
CA ASN I 584 64.99 5.90 21.72
C ASN I 584 65.09 5.04 22.97
N ASN I 585 63.96 4.79 23.63
CA ASN I 585 63.98 3.95 24.82
C ASN I 585 64.41 2.52 24.47
N ILE I 586 63.91 1.99 23.36
CA ILE I 586 64.31 0.65 22.93
C ILE I 586 65.80 0.62 22.65
N SER I 587 66.30 1.62 21.94
CA SER I 587 67.72 1.66 21.62
C SER I 587 68.57 1.73 22.89
N ALA I 588 68.14 2.55 23.86
CA ALA I 588 68.88 2.66 25.10
C ALA I 588 68.89 1.34 25.87
N THR I 589 67.75 0.65 25.91
CA THR I 589 67.72 -0.61 26.62
C THR I 589 68.54 -1.70 25.94
N TYR I 590 68.72 -1.60 24.61
CA TYR I 590 69.67 -2.51 23.98
C TYR I 590 71.10 -2.13 24.32
N SER I 591 71.40 -0.82 24.30
CA SER I 591 72.77 -0.38 24.52
C SER I 591 73.25 -0.67 25.94
N THR I 592 72.36 -0.58 26.93
CA THR I 592 72.76 -0.88 28.29
C THR I 592 73.23 -2.33 28.41
N ILE I 593 72.46 -3.26 27.85
CA ILE I 593 72.85 -4.66 27.93
C ILE I 593 74.12 -4.90 27.14
N ALA I 594 74.26 -4.24 25.98
CA ALA I 594 75.47 -4.40 25.20
C ALA I 594 76.69 -3.94 25.98
N GLN I 595 76.59 -2.80 26.67
CA GLN I 595 77.71 -2.30 27.45
C GLN I 595 78.03 -3.23 28.61
N MET I 596 77.00 -3.75 29.29
CA MET I 596 77.26 -4.66 30.40
C MET I 596 77.94 -5.95 29.91
N LEU I 597 77.48 -6.48 28.79
CA LEU I 597 78.14 -7.64 28.20
C LEU I 597 79.59 -7.33 27.87
N SER I 598 79.86 -6.16 27.30
CA SER I 598 81.22 -5.82 26.91
C SER I 598 82.11 -5.65 28.13
N THR I 599 81.57 -5.16 29.23
CA THR I 599 82.38 -4.92 30.42
C THR I 599 82.43 -6.10 31.37
N ILE I 600 81.68 -7.18 31.11
CA ILE I 600 81.66 -8.34 32.00
C ILE I 600 82.01 -9.63 31.26
N ASP I 601 81.32 -9.91 30.15
CA ASP I 601 81.35 -11.24 29.56
C ASP I 601 82.31 -11.39 28.38
N LEU I 602 82.81 -10.30 27.81
CA LEU I 602 83.62 -10.40 26.60
C LEU I 602 84.91 -11.13 26.91
N ASP I 603 85.07 -12.35 26.39
CA ASP I 603 86.30 -13.09 26.57
C ASP I 603 86.45 -14.11 25.45
N PRO I 604 87.53 -14.04 24.69
CA PRO I 604 87.65 -14.87 23.47
C PRO I 604 87.70 -16.36 23.74
N THR I 605 88.60 -16.79 24.60
CA THR I 605 88.85 -18.19 24.86
C THR I 605 87.90 -18.72 25.92
N ARG I 606 88.18 -19.90 26.46
CA ARG I 606 87.60 -20.33 27.73
C ARG I 606 86.08 -20.38 27.71
N TYR I 607 85.51 -21.42 27.10
CA TYR I 607 84.07 -21.60 26.96
C TYR I 607 83.46 -20.53 26.07
N GLY I 608 83.84 -20.54 24.79
CA GLY I 608 83.22 -19.66 23.83
C GLY I 608 81.96 -20.28 23.26
N THR I 609 81.91 -20.45 21.93
CA THR I 609 80.73 -21.04 21.31
C THR I 609 80.57 -22.51 21.65
N SER I 610 81.65 -23.23 21.95
CA SER I 610 81.59 -24.66 22.20
C SER I 610 81.53 -24.92 23.71
N GLU I 611 80.39 -24.52 24.29
CA GLU I 611 80.18 -24.73 25.74
C GLU I 611 78.88 -25.51 25.94
N SER I 612 78.80 -26.27 27.03
CA SER I 612 77.62 -27.05 27.35
C SER I 612 76.46 -26.15 27.74
N ILE I 613 75.25 -26.69 27.63
CA ILE I 613 74.06 -25.94 28.01
C ILE I 613 74.03 -25.63 29.50
N ASP I 614 74.78 -26.39 30.31
CA ASP I 614 74.80 -26.17 31.75
C ASP I 614 75.16 -24.73 32.09
N LYS I 615 76.13 -24.14 31.39
CA LYS I 615 76.59 -22.80 31.70
C LYS I 615 75.63 -21.70 31.25
N PHE I 616 74.61 -22.04 30.46
CA PHE I 616 73.71 -21.00 29.97
C PHE I 616 72.90 -20.39 31.09
N LYS I 617 72.58 -21.16 32.13
CA LYS I 617 71.87 -20.60 33.27
C LYS I 617 72.70 -19.52 33.94
N ILE I 618 74.00 -19.75 34.08
CA ILE I 618 74.88 -18.73 34.64
C ILE I 618 74.95 -17.53 33.71
N ALA I 619 75.07 -17.76 32.40
CA ALA I 619 75.25 -16.66 31.47
C ALA I 619 74.02 -15.75 31.42
N TRP I 620 72.82 -16.34 31.42
CA TRP I 620 71.59 -15.59 31.20
C TRP I 620 71.14 -14.76 32.40
N GLU I 621 71.67 -15.06 33.58
CA GLU I 621 71.20 -14.41 34.79
C GLU I 621 71.45 -12.91 34.76
N ASN I 622 72.64 -12.49 34.33
CA ASN I 622 72.97 -11.07 34.30
C ASN I 622 72.08 -10.33 33.31
N VAL I 623 71.83 -10.93 32.14
CA VAL I 623 70.96 -10.29 31.16
C VAL I 623 69.56 -10.15 31.72
N GLU I 624 69.05 -11.18 32.38
CA GLU I 624 67.72 -11.09 32.98
C GLU I 624 67.68 -9.99 34.04
N SER I 625 68.71 -9.92 34.88
CA SER I 625 68.75 -8.90 35.92
C SER I 625 68.74 -7.50 35.32
N VAL I 626 69.53 -7.28 34.27
CA VAL I 626 69.55 -5.97 33.62
C VAL I 626 68.20 -5.67 33.00
N LEU I 627 67.54 -6.69 32.43
CA LEU I 627 66.22 -6.50 31.86
C LEU I 627 65.14 -6.30 32.91
N ASN I 628 65.45 -6.53 34.18
CA ASN I 628 64.43 -6.56 35.21
C ASN I 628 64.14 -5.21 35.85
N MET I 629 65.00 -4.20 35.70
CA MET I 629 64.71 -2.94 36.35
C MET I 629 63.74 -2.10 35.52
N GLU I 630 63.37 -0.95 36.08
CA GLU I 630 62.36 -0.11 35.46
C GLU I 630 62.91 0.57 34.21
N GLY I 631 62.00 0.94 33.31
CA GLY I 631 62.37 1.58 32.07
C GLY I 631 62.69 0.65 30.93
N ASN I 632 62.72 -0.66 31.16
CA ASN I 632 63.01 -1.64 30.12
C ASN I 632 61.83 -2.58 29.87
N ASP I 633 60.62 -2.17 30.26
CA ASP I 633 59.49 -3.09 30.21
C ASP I 633 59.12 -3.47 28.80
N PHE I 634 59.34 -2.58 27.82
CA PHE I 634 58.96 -2.87 26.45
C PHE I 634 59.71 -4.10 25.92
N VAL I 635 61.05 -4.06 26.02
CA VAL I 635 61.86 -5.15 25.48
C VAL I 635 61.65 -6.43 26.29
N LYS I 636 61.49 -6.29 27.62
CA LYS I 636 61.28 -7.47 28.45
C LYS I 636 59.97 -8.17 28.09
N THR I 637 58.89 -7.39 27.91
CA THR I 637 57.62 -7.97 27.53
C THR I 637 57.68 -8.62 26.16
N ILE I 638 58.30 -7.94 25.18
CA ILE I 638 58.40 -8.51 23.85
C ILE I 638 59.20 -9.80 23.87
N MET I 639 60.25 -9.84 24.68
CA MET I 639 61.06 -11.06 24.77
C MET I 639 60.27 -12.21 25.39
N TYR I 640 59.65 -11.97 26.54
CA TYR I 640 58.99 -13.08 27.23
C TYR I 640 57.68 -13.49 26.58
N ALA I 641 57.12 -12.66 25.69
CA ALA I 641 55.91 -13.05 24.99
C ALA I 641 56.16 -13.97 23.81
N TYR I 642 57.28 -13.80 23.11
CA TYR I 642 57.52 -14.55 21.88
C TYR I 642 58.78 -15.41 21.99
N GLU I 643 58.92 -16.11 23.12
CA GLU I 643 60.09 -16.97 23.29
C GLU I 643 60.08 -18.16 22.35
N ASP I 644 58.89 -18.62 21.95
CA ASP I 644 58.80 -19.82 21.13
C ASP I 644 59.45 -19.62 19.77
N ASN I 645 59.17 -18.50 19.10
CA ASN I 645 59.74 -18.27 17.78
C ASN I 645 61.16 -17.72 17.85
N PHE I 646 61.52 -17.07 18.95
CA PHE I 646 62.85 -16.50 19.13
C PHE I 646 63.45 -17.04 20.41
N PRO I 647 64.21 -18.14 20.35
CA PRO I 647 64.78 -18.69 21.57
C PRO I 647 65.90 -17.81 22.12
N LYS I 648 66.14 -17.96 23.42
CA LYS I 648 67.08 -17.08 24.11
C LYS I 648 68.50 -17.21 23.58
N LYS I 649 68.83 -18.36 22.98
CA LYS I 649 70.19 -18.55 22.48
C LYS I 649 70.52 -17.57 21.37
N ASP I 650 69.62 -17.41 20.40
CA ASP I 650 69.88 -16.47 19.32
C ASP I 650 69.93 -15.03 19.81
N PHE I 651 69.07 -14.69 20.77
CA PHE I 651 69.12 -13.35 21.35
C PHE I 651 70.47 -13.09 22.01
N TYR I 652 70.96 -14.07 22.78
CA TYR I 652 72.25 -13.91 23.44
C TYR I 652 73.38 -13.78 22.42
N MET I 653 73.34 -14.60 21.37
CA MET I 653 74.38 -14.50 20.34
C MET I 653 74.34 -13.15 19.64
N MET I 654 73.15 -12.65 19.34
CA MET I 654 73.02 -11.34 18.69
C MET I 654 73.57 -10.24 19.59
N LEU I 655 73.26 -10.29 20.89
CA LEU I 655 73.78 -9.30 21.80
C LEU I 655 75.29 -9.36 21.91
N LYS I 656 75.84 -10.58 21.95
CA LYS I 656 77.29 -10.72 21.99
C LYS I 656 77.93 -10.14 20.75
N GLN I 657 77.33 -10.37 19.58
CA GLN I 657 77.87 -9.79 18.35
C GLN I 657 77.82 -8.27 18.40
N ILE I 658 76.71 -7.71 18.89
CA ILE I 658 76.58 -6.26 18.98
C ILE I 658 77.67 -5.69 19.88
N ALA I 659 77.89 -6.30 21.04
CA ALA I 659 78.89 -5.80 21.96
C ALA I 659 80.30 -6.01 21.44
N SER I 660 80.51 -7.06 20.63
CA SER I 660 81.84 -7.34 20.14
C SER I 660 82.23 -6.50 18.94
N ASP I 661 81.27 -6.01 18.16
CA ASP I 661 81.60 -5.16 17.02
C ASP I 661 82.35 -3.91 17.48
N GLY I 662 81.71 -3.08 18.29
CA GLY I 662 82.38 -1.96 18.91
C GLY I 662 81.55 -1.32 19.98
N GLN I 663 82.12 -1.15 21.18
CA GLN I 663 81.39 -0.59 22.30
C GLN I 663 82.36 -0.32 23.45
N GLY I 664 82.32 0.90 23.98
CA GLY I 664 83.11 1.20 25.17
C GLY I 664 82.61 0.37 26.34
N ALA I 665 83.51 -0.37 26.98
CA ALA I 665 83.09 -1.26 28.05
C ALA I 665 82.49 -0.46 29.20
N HIS I 666 83.32 0.30 29.91
CA HIS I 666 82.91 1.20 30.98
C HIS I 666 84.15 1.91 31.51
N PRO I 667 83.99 3.11 32.08
CA PRO I 667 85.13 3.76 32.71
C PRO I 667 85.69 3.00 33.91
N ILE I 668 84.90 2.11 34.52
CA ILE I 668 85.29 1.50 35.79
C ILE I 668 86.22 0.30 35.63
N ALA I 669 86.20 -0.38 34.48
CA ALA I 669 87.04 -1.56 34.31
C ALA I 669 88.52 -1.19 34.33
N ALA I 670 88.90 -0.19 33.52
CA ALA I 670 90.29 0.26 33.52
C ALA I 670 90.69 0.83 34.87
N ALA I 671 89.76 1.49 35.55
CA ALA I 671 90.05 2.03 36.87
C ALA I 671 90.38 0.91 37.85
N ILE I 672 89.56 -0.14 37.86
CA ILE I 672 89.83 -1.26 38.76
C ILE I 672 91.17 -1.90 38.42
N ASP I 673 91.45 -2.07 37.12
CA ASP I 673 92.74 -2.60 36.72
C ASP I 673 93.88 -1.74 37.24
N GLN I 674 93.69 -0.41 37.26
CA GLN I 674 94.73 0.47 37.75
C GLN I 674 94.84 0.44 39.26
N LEU I 675 93.74 0.14 39.96
CA LEU I 675 93.80 0.11 41.42
C LEU I 675 94.38 -1.20 41.92
N ARG I 676 94.30 -2.26 41.13
CA ARG I 676 94.80 -3.56 41.60
C ARG I 676 96.31 -3.50 41.86
N THR I 677 97.07 -2.83 41.00
CA THR I 677 98.50 -2.72 41.24
C THR I 677 98.80 -1.88 42.48
N ILE I 678 97.98 -0.86 42.74
CA ILE I 678 98.14 -0.09 43.96
C ILE I 678 97.94 -0.99 45.18
N VAL I 679 96.90 -1.82 45.14
CA VAL I 679 96.65 -2.74 46.25
C VAL I 679 97.83 -3.68 46.43
N TYR I 680 98.40 -4.14 45.32
CA TYR I 680 99.60 -4.98 45.41
C TYR I 680 100.73 -4.25 46.12
N ARG I 681 100.94 -2.98 45.77
CA ARG I 681 102.16 -2.29 46.18
C ARG I 681 102.21 -2.00 47.67
N GLU I 682 101.13 -1.45 48.24
CA GLU I 682 101.14 -1.02 49.62
C GLU I 682 100.16 -1.83 50.45
N PRO I 683 100.62 -2.84 51.19
CA PRO I 683 99.69 -3.70 51.93
C PRO I 683 99.09 -3.03 53.16
N GLU I 684 99.92 -2.31 53.91
CA GLU I 684 99.51 -1.82 55.21
C GLU I 684 98.34 -0.85 55.10
N ARG I 685 98.26 -0.08 54.02
CA ARG I 685 97.16 0.87 53.88
C ARG I 685 95.82 0.16 53.82
N PHE I 686 95.80 -1.07 53.32
CA PHE I 686 94.57 -1.85 53.21
C PHE I 686 94.43 -2.90 54.30
N GLY I 687 95.30 -2.86 55.30
CA GLY I 687 95.14 -3.72 56.46
C GLY I 687 95.27 -5.21 56.20
N TYR I 688 96.27 -5.62 55.43
CA TYR I 688 96.52 -7.03 55.20
C TYR I 688 98.01 -7.26 55.08
N ILE I 689 98.44 -8.45 55.46
CA ILE I 689 99.84 -8.85 55.36
C ILE I 689 99.88 -10.36 55.17
N ASP I 690 100.85 -10.81 54.38
CA ASP I 690 101.10 -12.23 54.22
C ASP I 690 102.39 -12.64 54.93
N SER I 691 102.60 -13.95 55.05
CA SER I 691 103.83 -14.54 55.55
C SER I 691 104.18 -14.02 56.95
N VAL I 692 103.29 -14.33 57.89
CA VAL I 692 103.63 -14.11 59.29
C VAL I 692 104.64 -15.17 59.72
N ILE I 693 105.40 -14.85 60.76
CA ILE I 693 106.48 -15.73 61.22
C ILE I 693 106.30 -16.00 62.71
N LEU I 694 106.37 -17.28 63.08
CA LEU I 694 106.30 -17.70 64.48
C LEU I 694 107.64 -18.27 64.89
N THR I 695 108.13 -17.84 66.05
CA THR I 695 109.40 -18.34 66.57
C THR I 695 109.54 -17.94 68.01
N HIS I 696 110.49 -18.57 68.68
CA HIS I 696 110.94 -18.15 70.00
C HIS I 696 112.37 -17.64 69.87
N ASN I 697 112.79 -16.88 70.88
CA ASN I 697 114.03 -16.09 70.87
C ASN I 697 114.18 -15.34 69.54
N PRO I 698 113.33 -14.37 69.26
CA PRO I 698 113.45 -13.61 68.02
C PRO I 698 114.64 -12.67 68.08
N ASP I 699 115.02 -12.16 66.91
CA ASP I 699 116.15 -11.25 66.78
C ASP I 699 115.69 -10.05 65.98
N VAL I 700 115.82 -8.87 66.57
CA VAL I 700 115.37 -7.65 65.90
C VAL I 700 116.45 -7.17 64.92
N ASP I 701 115.99 -6.53 63.84
CA ASP I 701 116.88 -6.14 62.75
C ASP I 701 117.64 -4.85 63.03
N THR I 702 117.33 -4.14 64.11
CA THR I 702 118.03 -2.95 64.57
C THR I 702 118.04 -1.82 63.55
N ALA I 703 117.32 -1.95 62.44
CA ALA I 703 117.19 -0.86 61.48
C ALA I 703 115.98 0.01 61.76
N TYR I 704 114.95 -0.55 62.38
CA TYR I 704 113.76 0.20 62.75
C TYR I 704 113.81 0.70 64.18
N ASN I 705 114.89 0.40 64.92
CA ASN I 705 115.04 0.95 66.26
C ASN I 705 115.21 2.46 66.24
N ARG I 706 115.62 3.02 65.11
CA ARG I 706 115.76 4.47 64.99
C ARG I 706 114.43 5.19 65.01
N PHE I 707 113.33 4.49 64.80
CA PHE I 707 112.01 5.12 64.80
C PHE I 707 111.10 4.64 65.90
N PHE I 708 111.21 3.38 66.33
CA PHE I 708 110.37 2.82 67.37
C PHE I 708 111.23 2.30 68.51
N HIS I 709 110.64 2.25 69.70
CA HIS I 709 111.31 1.65 70.85
C HIS I 709 111.21 0.13 70.81
N LEU I 710 109.99 -0.39 70.70
CA LEU I 710 109.75 -1.81 70.56
C LEU I 710 108.87 -2.02 69.34
N HIS I 711 109.21 -3.03 68.54
CA HIS I 711 108.48 -3.29 67.31
C HIS I 711 108.45 -4.79 67.06
N PRO I 712 107.43 -5.28 66.35
CA PRO I 712 107.33 -6.72 66.10
C PRO I 712 108.14 -7.17 64.89
N ILE I 713 109.08 -6.36 64.44
CA ILE I 713 109.80 -6.63 63.21
C ILE I 713 111.04 -7.44 63.52
N VAL I 714 111.22 -8.56 62.80
CA VAL I 714 112.40 -9.39 62.96
C VAL I 714 113.03 -9.65 61.60
N THR I 715 114.18 -10.32 61.59
CA THR I 715 114.89 -10.61 60.37
C THR I 715 115.33 -12.08 60.31
N ASN I 716 114.58 -12.96 60.95
CA ASN I 716 114.95 -14.37 60.98
C ASN I 716 114.68 -15.04 59.65
N GLN I 717 115.65 -15.76 59.14
CA GLN I 717 115.45 -16.53 57.92
C GLN I 717 114.61 -17.76 58.25
N PRO I 718 113.52 -17.99 57.54
CA PRO I 718 112.62 -19.09 57.89
C PRO I 718 113.16 -20.45 57.51
N SER I 719 112.64 -21.47 58.18
CA SER I 719 112.98 -22.85 57.90
C SER I 719 111.75 -23.71 58.15
N ASN I 720 111.45 -24.60 57.20
CA ASN I 720 110.33 -25.53 57.31
C ASN I 720 109.03 -24.75 57.49
N THR I 721 108.64 -24.10 56.40
CA THR I 721 107.43 -23.29 56.37
C THR I 721 106.19 -24.17 56.28
N ILE I 722 105.08 -23.65 56.78
CA ILE I 722 103.78 -24.31 56.68
C ILE I 722 103.07 -23.79 55.44
N LYS I 723 102.30 -24.67 54.80
CA LYS I 723 101.67 -24.32 53.52
C LYS I 723 100.72 -23.13 53.68
N ASN I 724 99.86 -23.17 54.69
CA ASN I 724 98.90 -22.09 54.91
C ASN I 724 98.25 -22.34 56.27
N ALA I 725 97.42 -21.40 56.69
CA ALA I 725 96.79 -21.49 58.00
C ALA I 725 95.75 -22.61 58.02
N GLN I 726 95.06 -22.74 59.16
CA GLN I 726 94.04 -23.76 59.35
C GLN I 726 94.64 -25.16 59.22
N LEU I 727 95.94 -25.23 58.95
CA LEU I 727 96.70 -26.47 58.98
C LEU I 727 97.55 -26.56 60.23
N TRP I 728 98.38 -25.54 60.49
CA TRP I 728 99.03 -25.42 61.78
C TRP I 728 98.02 -25.36 62.90
N ASN I 729 96.81 -24.89 62.61
CA ASN I 729 95.78 -24.73 63.62
C ASN I 729 95.34 -26.04 64.24
N GLU I 730 95.65 -27.17 63.62
CA GLU I 730 95.10 -28.44 64.08
C GLU I 730 96.04 -29.62 63.99
N MET I 731 97.35 -29.42 63.86
CA MET I 731 98.23 -30.57 63.65
C MET I 731 98.22 -31.51 64.84
N ARG I 732 98.86 -31.12 65.94
CA ARG I 732 98.77 -31.80 67.23
C ARG I 732 99.66 -31.04 68.21
N LEU I 733 99.25 -31.02 69.47
CA LEU I 733 100.10 -30.41 70.49
C LEU I 733 101.31 -31.30 70.79
N GLU I 734 102.42 -30.66 71.15
CA GLU I 734 103.74 -31.29 71.26
C GLU I 734 104.20 -31.92 69.96
N GLN I 735 103.46 -31.78 68.87
CA GLN I 735 103.98 -32.15 67.57
C GLN I 735 104.50 -30.95 66.81
N GLN I 736 103.76 -29.84 66.85
CA GLN I 736 104.23 -28.57 66.34
C GLN I 736 105.37 -27.99 67.17
N VAL I 737 105.58 -28.50 68.39
CA VAL I 737 106.68 -28.00 69.20
C VAL I 737 108.01 -28.27 68.53
N GLU I 738 108.15 -29.44 67.90
CA GLU I 738 109.38 -29.73 67.16
C GLU I 738 109.58 -28.78 65.99
N HIS I 739 108.49 -28.37 65.35
CA HIS I 739 108.59 -27.44 64.23
C HIS I 739 109.25 -26.14 64.66
N ILE I 740 108.83 -25.59 65.80
CA ILE I 740 109.43 -24.35 66.28
C ILE I 740 110.77 -24.61 66.95
N LYS I 741 111.03 -25.85 67.37
CA LYS I 741 112.32 -26.15 67.98
C LYS I 741 113.43 -26.20 66.95
N ALA I 742 113.13 -26.74 65.77
CA ALA I 742 114.13 -26.78 64.70
C ALA I 742 114.48 -25.39 64.19
N GLY I 743 113.62 -24.41 64.39
CA GLY I 743 113.85 -23.06 63.92
C GLY I 743 112.56 -22.30 63.70
N PRO I 744 112.67 -21.06 63.25
CA PRO I 744 111.47 -20.26 62.99
C PRO I 744 110.64 -20.85 61.87
N VAL I 745 109.33 -20.68 61.97
CA VAL I 745 108.39 -21.18 60.97
C VAL I 745 107.62 -20.01 60.39
N ARG I 746 106.97 -20.25 59.25
CA ARG I 746 106.27 -19.21 58.53
C ARG I 746 104.92 -19.74 58.05
N ILE I 747 103.89 -18.88 58.12
CA ILE I 747 102.55 -19.22 57.66
C ILE I 747 102.25 -18.36 56.43
N ILE I 748 102.05 -19.00 55.29
CA ILE I 748 102.00 -18.28 54.02
C ILE I 748 100.72 -17.46 53.90
N GLY I 749 99.59 -18.01 54.32
CA GLY I 749 98.30 -17.42 54.07
C GLY I 749 98.16 -15.99 54.57
N PRO I 750 97.62 -15.12 53.72
CA PRO I 750 97.42 -13.73 54.12
C PRO I 750 96.39 -13.59 55.22
N PHE I 751 96.55 -12.55 56.04
CA PHE I 751 95.74 -12.32 57.22
C PHE I 751 95.11 -10.93 57.16
N HIS I 752 94.32 -10.63 58.19
CA HIS I 752 93.63 -9.35 58.33
C HIS I 752 94.13 -8.70 59.62
N VAL I 753 95.17 -7.88 59.51
CA VAL I 753 95.83 -7.31 60.69
C VAL I 753 95.61 -5.80 60.74
N THR I 754 95.63 -5.27 61.94
CA THR I 754 95.55 -3.83 62.19
C THR I 754 96.67 -3.44 63.13
N TYR I 755 97.44 -2.43 62.76
CA TYR I 755 98.55 -1.97 63.59
C TYR I 755 98.06 -0.93 64.58
N ASN I 756 98.55 -1.03 65.81
CA ASN I 756 98.23 -0.08 66.88
C ASN I 756 99.49 0.67 67.25
N TYR I 757 99.51 1.97 66.99
CA TYR I 757 100.63 2.82 67.34
C TYR I 757 100.32 3.52 68.65
N LEU I 758 101.10 3.21 69.68
CA LEU I 758 100.86 3.74 71.03
C LEU I 758 102.04 4.59 71.46
N SER I 759 101.74 5.71 72.10
CA SER I 759 102.79 6.50 72.74
C SER I 759 103.33 5.73 73.94
N GLU I 760 104.46 6.20 74.45
CA GLU I 760 105.14 5.53 75.55
C GLU I 760 104.51 5.88 76.90
N GLU I 761 103.19 5.75 76.98
CA GLU I 761 102.44 6.11 78.17
C GLU I 761 101.53 5.01 78.70
N GLU I 762 101.00 4.15 77.84
CA GLU I 762 100.06 3.11 78.24
C GLU I 762 100.38 1.85 77.45
N ASP I 763 99.52 0.84 77.56
CA ASP I 763 99.67 -0.38 76.79
C ASP I 763 98.30 -0.91 76.40
N MET I 764 98.26 -1.62 75.28
CA MET I 764 97.05 -2.30 74.83
C MET I 764 97.30 -3.80 74.90
N PRO I 765 96.76 -4.49 75.88
CA PRO I 765 97.01 -5.94 76.04
C PRO I 765 96.19 -6.77 75.06
N ALA I 766 96.72 -6.92 73.84
CA ALA I 766 96.10 -7.82 72.88
C ALA I 766 96.10 -9.25 73.40
N THR I 767 97.29 -9.81 73.61
CA THR I 767 97.51 -11.08 74.29
C THR I 767 96.77 -12.24 73.63
N SER I 768 96.16 -12.03 72.46
CA SER I 768 95.37 -13.05 71.81
C SER I 768 96.04 -13.58 70.55
N HIS I 769 97.35 -13.39 70.43
CA HIS I 769 98.06 -13.93 69.28
C HIS I 769 97.99 -15.45 69.24
N ILE I 770 98.15 -16.10 70.38
CA ILE I 770 98.08 -17.55 70.48
C ILE I 770 97.20 -17.93 71.65
N ILE I 771 96.19 -18.74 71.40
CA ILE I 771 95.27 -19.21 72.43
C ILE I 771 95.63 -20.65 72.75
N MET I 772 95.86 -20.92 74.04
CA MET I 772 96.33 -22.22 74.49
C MET I 772 95.15 -23.03 75.04
N LYS I 773 94.52 -23.81 74.17
CA LYS I 773 93.50 -24.78 74.60
C LYS I 773 93.79 -26.10 73.89
N ASP I 774 94.65 -26.91 74.50
CA ASP I 774 95.10 -28.22 74.00
C ASP I 774 95.77 -28.15 72.63
N ASN I 775 96.06 -26.95 72.13
CA ASN I 775 96.73 -26.77 70.85
C ASN I 775 97.15 -25.31 70.72
N MET I 776 98.26 -25.10 70.01
CA MET I 776 98.78 -23.74 69.79
C MET I 776 98.09 -23.17 68.54
N ILE I 777 96.85 -22.77 68.72
CA ILE I 777 96.04 -22.27 67.61
C ILE I 777 96.27 -20.78 67.44
N LEU I 778 96.29 -20.32 66.19
CA LEU I 778 96.43 -18.90 65.90
C LEU I 778 95.09 -18.20 65.99
N ASN I 779 95.14 -16.88 66.07
CA ASN I 779 93.95 -16.06 66.08
C ASN I 779 93.54 -15.75 64.64
N ASP I 780 92.61 -14.82 64.48
CA ASP I 780 92.13 -14.43 63.16
C ASP I 780 92.38 -12.98 62.80
N HIS I 781 92.88 -12.17 63.73
CA HIS I 781 93.13 -10.76 63.47
C HIS I 781 94.56 -10.34 63.70
N LEU I 782 95.22 -10.83 64.75
CA LEU I 782 96.64 -10.60 64.99
C LEU I 782 96.95 -9.11 65.05
N THR I 783 96.39 -8.44 66.05
CA THR I 783 96.71 -7.04 66.28
C THR I 783 98.08 -6.92 66.94
N PHE I 784 98.91 -6.04 66.40
CA PHE I 784 100.26 -5.83 66.89
C PHE I 784 100.35 -4.55 67.68
N ASN I 785 101.57 -4.24 68.16
CA ASN I 785 101.80 -3.05 68.97
C ASN I 785 103.09 -2.37 68.53
N PHE I 786 103.04 -1.05 68.38
CA PHE I 786 104.20 -0.22 68.14
C PHE I 786 104.24 0.86 69.20
N VAL I 787 105.43 1.18 69.69
CA VAL I 787 105.63 2.30 70.60
C VAL I 787 106.53 3.33 69.92
N LYS I 788 106.01 4.55 69.77
CA LYS I 788 106.69 5.59 69.01
C LYS I 788 107.79 6.22 69.84
N ARG I 789 108.94 6.46 69.22
CA ARG I 789 110.04 7.16 69.84
C ARG I 789 109.92 8.64 69.48
N GLU I 790 109.47 9.45 70.43
CA GLU I 790 109.25 10.86 70.20
C GLU I 790 110.39 11.69 70.80
N ARG I 791 110.41 12.97 70.43
CA ARG I 791 111.44 13.88 70.96
C ARG I 791 111.32 14.02 72.48
N ARG I 792 110.14 13.79 73.03
CA ARG I 792 109.97 13.90 74.48
C ARG I 792 110.83 12.89 75.22
N ASN I 793 110.88 11.65 74.73
CA ASN I 793 111.63 10.58 75.40
C ASN I 793 112.33 9.75 74.32
N ASN I 794 113.55 10.13 73.99
CA ASN I 794 114.34 9.37 73.03
C ASN I 794 115.77 9.11 73.47
N LYS I 795 116.20 9.60 74.63
CA LYS I 795 117.50 9.23 75.18
C LYS I 795 117.42 8.08 76.15
N LYS I 796 116.31 7.98 76.90
CA LYS I 796 116.14 6.85 77.81
C LYS I 796 115.84 5.57 77.03
N ARG I 797 116.14 4.45 77.66
CA ARG I 797 115.94 3.14 77.04
C ARG I 797 114.87 2.37 77.82
N VAL I 798 114.06 1.62 77.09
CA VAL I 798 113.00 0.83 77.70
C VAL I 798 113.53 -0.56 78.00
N SER I 799 113.14 -1.09 79.17
CA SER I 799 113.61 -2.39 79.64
C SER I 799 112.99 -3.56 78.89
N SER I 800 112.05 -3.29 77.98
CA SER I 800 111.36 -4.33 77.20
C SER I 800 110.56 -5.28 78.08
N PHE I 801 110.29 -4.89 79.33
CA PHE I 801 109.50 -5.74 80.21
C PHE I 801 108.04 -5.81 79.77
N ARG I 802 107.43 -4.65 79.49
CA ARG I 802 106.02 -4.64 79.13
C ARG I 802 105.82 -4.85 77.63
N TYR I 803 106.51 -5.85 77.10
CA TYR I 803 106.27 -6.31 75.74
C TYR I 803 106.21 -7.83 75.63
N LYS I 804 106.81 -8.57 76.57
CA LYS I 804 106.67 -10.01 76.64
C LYS I 804 105.84 -10.49 77.81
N ALA I 805 105.55 -9.60 78.77
CA ALA I 805 104.68 -9.97 79.89
C ALA I 805 103.28 -10.28 79.41
N VAL I 806 102.78 -9.51 78.44
CA VAL I 806 101.44 -9.72 77.90
C VAL I 806 101.51 -10.69 76.73
N GLU I 807 102.65 -11.36 76.57
CA GLU I 807 102.86 -12.30 75.50
C GLU I 807 103.02 -13.71 76.07
N MET I 808 103.22 -14.67 75.17
CA MET I 808 103.38 -16.08 75.50
C MET I 808 104.82 -16.48 75.16
N TYR I 809 105.16 -17.74 75.45
CA TYR I 809 106.48 -18.25 75.09
C TYR I 809 106.77 -18.05 73.61
N VAL I 810 105.85 -18.48 72.75
CA VAL I 810 106.01 -18.33 71.30
C VAL I 810 105.54 -16.95 70.90
N ALA I 811 106.34 -16.26 70.10
CA ALA I 811 106.05 -14.89 69.69
C ALA I 811 105.67 -14.84 68.22
N VAL I 812 104.68 -14.01 67.91
CA VAL I 812 104.24 -13.78 66.53
C VAL I 812 104.86 -12.47 66.06
N ARG I 813 105.51 -12.51 64.90
CA ARG I 813 106.30 -11.39 64.42
C ARG I 813 106.01 -11.14 62.93
N ILE I 814 106.62 -10.09 62.40
CA ILE I 814 106.38 -9.63 61.03
C ILE I 814 107.72 -9.49 60.32
N SER I 815 107.74 -9.85 59.03
CA SER I 815 108.98 -9.84 58.28
C SER I 815 109.24 -8.50 57.61
N ARG I 816 108.24 -7.95 56.92
CA ARG I 816 108.43 -6.76 56.10
C ARG I 816 107.45 -5.68 56.50
N PHE I 817 107.93 -4.44 56.52
CA PHE I 817 107.13 -3.29 56.88
C PHE I 817 107.69 -2.05 56.21
N GLN I 818 106.82 -1.28 55.56
CA GLN I 818 107.22 -0.17 54.72
C GLN I 818 106.69 1.14 55.28
N LEU I 819 107.57 2.13 55.40
CA LEU I 819 107.18 3.47 55.82
C LEU I 819 108.06 4.47 55.10
N GLU I 820 107.54 5.70 54.96
CA GLU I 820 108.20 6.75 54.20
C GLU I 820 108.75 7.80 55.14
N VAL I 821 110.03 8.08 55.04
CA VAL I 821 110.69 9.09 55.86
C VAL I 821 110.98 10.30 55.00
N LEU I 822 111.00 11.47 55.62
CA LEU I 822 111.26 12.73 54.92
C LEU I 822 112.34 13.49 55.64
N ARG I 823 113.22 14.13 54.88
CA ARG I 823 114.36 14.83 55.46
C ARG I 823 114.07 16.31 55.71
N ASP I 824 113.27 16.95 54.86
CA ASP I 824 112.97 18.36 54.99
C ASP I 824 111.48 18.56 54.77
N LEU I 825 110.93 19.60 55.42
CA LEU I 825 109.50 19.87 55.33
C LEU I 825 109.06 20.23 53.92
N HIS I 826 109.99 20.65 53.07
CA HIS I 826 109.62 20.99 51.69
C HIS I 826 109.08 19.81 50.92
N ASP I 827 109.36 18.59 51.37
CA ASP I 827 108.88 17.38 50.71
C ASP I 827 107.50 16.97 51.21
N LEU I 828 106.87 17.76 52.06
CA LEU I 828 105.55 17.46 52.57
C LEU I 828 104.44 17.99 51.67
N VAL I 829 104.77 18.62 50.55
CA VAL I 829 103.78 19.23 49.67
C VAL I 829 103.64 18.39 48.41
N ARG I 830 102.39 18.16 48.01
CA ARG I 830 102.08 17.41 46.81
C ARG I 830 101.15 18.22 45.92
N SER I 831 100.60 17.60 44.88
CA SER I 831 99.79 18.33 43.91
C SER I 831 98.50 17.59 43.60
N ARG I 832 97.45 18.35 43.37
CA ARG I 832 96.17 17.85 42.90
C ARG I 832 95.67 18.77 41.80
N THR I 833 94.81 18.24 40.94
CA THR I 833 94.24 19.05 39.87
C THR I 833 92.79 19.40 40.18
N TYR I 834 92.29 20.39 39.46
CA TYR I 834 90.95 20.92 39.67
C TYR I 834 90.39 21.38 38.33
N LEU I 835 89.31 22.16 38.37
CA LEU I 835 88.64 22.57 37.15
C LEU I 835 88.75 24.05 36.83
N ASP I 836 88.95 24.90 37.84
CA ASP I 836 89.02 26.35 37.65
C ASP I 836 87.75 26.87 37.00
N VAL I 837 86.67 26.76 37.78
CA VAL I 837 85.32 27.13 37.34
C VAL I 837 85.25 28.55 36.77
N SER I 838 86.22 29.40 37.12
CA SER I 838 86.17 30.80 36.68
C SER I 838 86.19 30.90 35.15
N LYS I 839 87.02 30.10 34.49
CA LYS I 839 87.15 30.19 33.05
C LYS I 839 86.41 29.10 32.28
N SER I 840 86.15 27.95 32.89
CA SER I 840 85.38 26.87 32.28
C SER I 840 84.33 26.39 33.27
N PRO I 841 83.27 27.17 33.46
CA PRO I 841 82.30 26.84 34.51
C PRO I 841 81.49 25.59 34.18
N LEU I 842 80.97 24.98 35.23
CA LEU I 842 80.04 23.87 35.06
C LEU I 842 78.77 24.37 34.39
N ALA I 843 78.23 23.56 33.48
CA ALA I 843 77.09 23.99 32.69
C ALA I 843 75.79 23.77 33.45
N THR I 844 74.74 24.40 32.94
CA THR I 844 73.38 24.22 33.44
C THR I 844 72.42 24.48 32.29
N THR I 845 71.20 23.93 32.40
CA THR I 845 70.16 24.15 31.41
C THR I 845 70.63 23.70 30.03
N PRO I 846 70.66 22.40 29.77
CA PRO I 846 71.26 21.89 28.52
C PRO I 846 70.59 22.45 27.28
N ILE I 847 71.19 22.12 26.14
CA ILE I 847 70.76 22.66 24.86
C ILE I 847 69.31 22.26 24.60
N ARG I 848 68.51 23.23 24.15
CA ARG I 848 67.10 22.98 23.87
C ARG I 848 66.70 23.75 22.62
N VAL I 849 65.64 23.26 21.97
CA VAL I 849 65.06 23.98 20.84
C VAL I 849 64.23 25.15 21.36
N VAL I 850 63.90 26.07 20.47
CA VAL I 850 63.20 27.30 20.83
C VAL I 850 61.72 27.14 20.49
N GLU I 851 60.87 27.33 21.49
CA GLU I 851 59.42 27.34 21.33
C GLU I 851 58.88 27.75 22.70
N TYR I 852 57.68 28.35 22.72
CA TYR I 852 57.17 29.03 23.91
C TYR I 852 58.12 30.15 24.34
N VAL I 853 58.28 31.13 23.47
CA VAL I 853 59.01 32.35 23.82
C VAL I 853 58.01 33.39 24.32
N ARG I 854 58.25 33.90 25.52
CA ARG I 854 57.35 34.87 26.13
C ARG I 854 58.08 35.75 27.12
N MET J 1 38.23 80.08 -10.40
CA MET J 1 39.31 80.13 -9.38
C MET J 1 39.30 81.48 -8.67
N ALA J 2 38.36 81.68 -7.74
CA ALA J 2 38.29 82.93 -7.00
C ALA J 2 39.03 82.72 -5.68
N SER J 3 38.96 83.72 -4.80
CA SER J 3 39.62 83.61 -3.52
C SER J 3 39.01 82.51 -2.65
N THR J 4 37.75 82.16 -2.88
CA THR J 4 37.11 81.13 -2.08
C THR J 4 37.69 79.75 -2.37
N THR J 5 38.24 79.55 -3.54
CA THR J 5 38.73 78.23 -3.93
C THR J 5 40.01 77.84 -3.22
N ARG J 6 40.47 78.57 -2.20
CA ARG J 6 41.73 78.23 -1.53
C ARG J 6 41.55 77.99 -0.04
N LEU J 7 40.30 77.88 0.43
CA LEU J 7 40.06 77.78 1.87
C LEU J 7 40.56 76.46 2.44
N VAL J 8 40.38 75.35 1.71
CA VAL J 8 40.82 74.05 2.22
C VAL J 8 42.33 74.03 2.37
N ASN J 9 43.05 74.50 1.35
CA ASN J 9 44.50 74.54 1.46
C ASN J 9 44.95 75.51 2.53
N ASP J 10 44.26 76.63 2.70
CA ASP J 10 44.60 77.56 3.78
C ASP J 10 44.45 76.88 5.13
N ARG J 11 43.37 76.13 5.33
CA ARG J 11 43.17 75.42 6.58
C ARG J 11 44.27 74.38 6.80
N LYS J 12 44.64 73.66 5.73
CA LYS J 12 45.73 72.69 5.85
C LYS J 12 46.99 73.36 6.35
N GLN J 13 47.40 74.44 5.68
CA GLN J 13 48.64 75.12 6.05
C GLN J 13 48.56 75.68 7.46
N LEU J 14 47.39 76.22 7.85
CA LEU J 14 47.27 76.82 9.17
C LEU J 14 47.33 75.75 10.26
N GLU J 15 46.62 74.64 10.08
CA GLU J 15 46.77 73.50 11.00
C GLU J 15 48.22 73.10 11.15
N GLN J 16 48.90 72.91 10.02
CA GLN J 16 50.27 72.41 10.05
C GLN J 16 51.19 73.38 10.82
N GLN J 17 51.09 74.67 10.51
CA GLN J 17 51.98 75.64 11.15
C GLN J 17 51.66 75.77 12.63
N VAL J 18 50.37 75.74 13.00
CA VAL J 18 50.01 75.82 14.41
C VAL J 18 50.56 74.63 15.16
N LYS J 19 50.55 73.45 14.52
CA LYS J 19 51.16 72.28 15.15
C LYS J 19 52.64 72.55 15.41
N ASP J 20 53.37 73.07 14.42
CA ASP J 20 54.79 73.31 14.64
C ASP J 20 55.02 74.32 15.77
N ASP J 21 54.26 75.40 15.80
CA ASP J 21 54.56 76.42 16.80
C ASP J 21 54.17 75.97 18.20
N ALA J 22 53.08 75.21 18.34
CA ALA J 22 52.75 74.63 19.62
C ALA J 22 53.85 73.68 20.10
N ARG J 23 54.40 72.90 19.17
CA ARG J 23 55.52 72.03 19.54
C ARG J 23 56.73 72.86 19.95
N ILE J 24 56.99 73.96 19.25
CA ILE J 24 58.19 74.77 19.52
C ILE J 24 58.12 75.38 20.90
N LEU J 25 56.98 75.97 21.26
CA LEU J 25 56.89 76.65 22.55
C LEU J 25 56.73 75.68 23.71
N ALA J 26 56.32 74.44 23.46
CA ALA J 26 56.03 73.50 24.53
C ALA J 26 57.29 73.18 25.34
N ASP J 27 57.10 72.95 26.64
CA ASP J 27 58.21 72.65 27.52
C ASP J 27 58.55 71.15 27.45
N ALA J 28 59.78 70.84 27.84
CA ALA J 28 60.31 69.48 27.80
C ALA J 28 60.82 69.11 29.18
N ARG J 29 60.42 67.92 29.66
CA ARG J 29 60.87 67.40 30.94
C ARG J 29 61.35 65.98 30.73
N GLY J 30 62.65 65.76 30.89
CA GLY J 30 63.21 64.43 30.68
C GLY J 30 62.67 63.41 31.64
N LEU J 31 61.82 62.52 31.16
CA LEU J 31 61.22 61.51 32.02
C LEU J 31 62.27 60.50 32.46
N ASN J 32 62.14 60.05 33.71
CA ASN J 32 63.03 59.03 34.23
C ASN J 32 62.73 57.70 33.54
N ILE J 33 63.78 56.96 33.22
CA ILE J 33 63.63 55.65 32.58
C ILE J 33 63.69 54.58 33.66
N THR J 34 62.64 53.78 33.75
CA THR J 34 62.56 52.70 34.71
C THR J 34 62.04 51.46 34.01
N THR J 35 61.79 50.41 34.79
CA THR J 35 61.34 49.11 34.28
C THR J 35 62.34 48.55 33.27
N VAL J 36 63.55 48.34 33.75
CA VAL J 36 64.61 47.68 32.97
C VAL J 36 64.96 46.39 33.68
N ALA J 37 64.67 45.27 33.03
CA ALA J 37 64.92 43.96 33.63
C ALA J 37 65.14 42.95 32.52
N ASN J 38 65.80 41.84 32.88
CA ASN J 38 66.09 40.77 31.94
C ASN J 38 65.02 39.69 32.10
N ASP J 39 63.87 39.91 31.47
CA ASP J 39 62.75 39.00 31.58
C ASP J 39 62.22 38.56 30.21
N SER J 40 63.10 38.53 29.21
CA SER J 40 62.74 38.14 27.85
C SER J 40 63.36 36.80 27.48
N ALA J 41 63.35 35.86 28.42
CA ALA J 41 63.93 34.54 28.19
C ALA J 41 63.08 33.74 27.20
N THR J 42 63.67 32.70 26.65
CA THR J 42 63.01 31.81 25.72
C THR J 42 62.99 30.40 26.27
N GLY J 43 61.92 29.66 25.97
CA GLY J 43 61.77 28.31 26.47
C GLY J 43 61.99 27.26 25.40
N GLY J 44 61.29 26.14 25.52
CA GLY J 44 61.40 25.04 24.58
C GLY J 44 61.48 23.73 25.31
N GLN J 45 61.83 22.68 24.57
CA GLN J 45 61.97 21.35 25.13
C GLN J 45 63.42 20.92 25.07
N ALA J 46 63.88 20.28 26.15
CA ALA J 46 65.26 19.84 26.23
C ALA J 46 65.54 18.75 25.20
N ILE J 47 66.80 18.32 25.14
CA ILE J 47 67.21 17.26 24.22
C ILE J 47 67.60 16.00 24.98
N ARG J 48 68.44 16.11 25.99
CA ARG J 48 68.65 15.03 26.97
C ARG J 48 69.09 13.73 26.29
N ASN J 49 70.32 13.77 25.75
CA ASN J 49 70.88 12.66 25.01
C ASN J 49 70.61 11.31 25.69
N VAL J 50 70.28 10.32 24.87
CA VAL J 50 69.96 8.98 25.36
C VAL J 50 71.16 8.08 25.11
N GLY J 51 71.23 7.00 25.87
CA GLY J 51 72.31 6.05 25.72
C GLY J 51 72.39 5.05 26.86
N PRO J 52 73.58 4.50 27.04
CA PRO J 52 73.74 3.37 27.96
C PRO J 52 73.71 3.77 29.43
N ASN J 53 72.51 3.79 30.02
CA ASN J 53 72.33 4.00 31.45
C ASN J 53 73.40 3.28 32.26
N ASP J 54 74.15 4.04 33.06
CA ASP J 54 75.30 3.50 33.76
C ASP J 54 74.92 2.66 34.98
N GLU J 55 73.80 2.96 35.63
CA GLU J 55 73.49 2.32 36.90
C GLU J 55 73.23 0.83 36.77
N ALA J 56 72.92 0.34 35.56
CA ALA J 56 72.65 -1.08 35.39
C ALA J 56 73.92 -1.92 35.59
N THR J 57 75.00 -1.51 34.93
CA THR J 57 76.20 -2.35 34.93
C THR J 57 76.84 -2.40 36.32
N ILE J 58 76.71 -1.33 37.11
CA ILE J 58 77.24 -1.36 38.47
C ILE J 58 76.52 -2.41 39.29
N LYS J 59 75.19 -2.45 39.19
CA LYS J 59 74.43 -3.46 39.93
C LYS J 59 74.78 -4.86 39.45
N ALA J 60 74.92 -5.05 38.14
CA ALA J 60 75.27 -6.36 37.60
C ALA J 60 76.63 -6.81 38.13
N LEU J 61 77.61 -5.90 38.12
CA LEU J 61 78.95 -6.25 38.57
C LEU J 61 78.96 -6.56 40.05
N ASP J 62 78.21 -5.80 40.85
CA ASP J 62 78.11 -6.09 42.27
C ASP J 62 77.49 -7.45 42.52
N ASN J 63 76.43 -7.80 41.78
CA ASN J 63 75.82 -9.11 41.95
C ASN J 63 76.80 -10.21 41.60
N VAL J 64 77.55 -10.04 40.50
CA VAL J 64 78.51 -11.07 40.10
C VAL J 64 79.59 -11.23 41.15
N ILE J 65 80.11 -10.11 41.67
CA ILE J 65 81.17 -10.18 42.68
C ILE J 65 80.66 -10.85 43.95
N LYS J 66 79.46 -10.48 44.40
CA LYS J 66 78.91 -11.12 45.59
C LYS J 66 78.75 -12.61 45.38
N GLN J 67 78.25 -13.02 44.22
CA GLN J 67 78.05 -14.45 43.96
C GLN J 67 79.38 -15.19 43.95
N ILE J 68 80.38 -14.66 43.25
CA ILE J 68 81.65 -15.39 43.15
C ILE J 68 82.34 -15.43 44.51
N GLU J 69 82.21 -14.38 45.32
CA GLU J 69 82.79 -14.44 46.65
C GLU J 69 82.04 -15.41 47.55
N ALA J 70 80.72 -15.55 47.34
CA ALA J 70 79.97 -16.54 48.11
C ALA J 70 80.36 -17.95 47.73
N LEU J 71 80.72 -18.17 46.46
CA LEU J 71 81.09 -19.52 46.03
C LEU J 71 82.48 -19.91 46.48
N SER J 72 83.30 -18.96 46.91
CA SER J 72 84.69 -19.24 47.25
C SER J 72 84.92 -19.49 48.73
N VAL J 73 83.88 -19.32 49.57
CA VAL J 73 84.02 -19.58 51.00
C VAL J 73 83.59 -21.00 51.37
N ILE J 74 82.72 -21.62 50.57
CA ILE J 74 82.27 -22.97 50.84
C ILE J 74 83.48 -23.90 50.91
N VAL J 75 83.59 -24.63 52.02
CA VAL J 75 84.67 -25.57 52.23
C VAL J 75 84.07 -26.95 52.45
N ASN J 76 84.86 -27.98 52.16
CA ASN J 76 84.44 -29.36 52.33
C ASN J 76 85.30 -29.99 53.41
N ARG J 77 84.66 -30.51 54.45
CA ARG J 77 85.37 -31.10 55.58
C ARG J 77 84.44 -32.10 56.26
N SER J 78 84.68 -33.38 56.03
CA SER J 78 83.85 -34.43 56.59
C SER J 78 84.50 -34.98 57.86
N GLU J 79 83.70 -35.65 58.68
CA GLU J 79 84.23 -36.21 59.95
C GLU J 79 83.73 -37.65 60.09
N LYS J 80 84.04 -38.50 59.11
CA LYS J 80 83.63 -39.90 59.13
C LYS J 80 84.39 -40.67 60.21
N ALA J 81 83.71 -41.64 60.82
CA ALA J 81 84.33 -42.56 61.78
C ALA J 81 84.69 -43.88 61.10
N ASP J 82 85.65 -44.58 61.70
CA ASP J 82 86.10 -45.83 61.13
C ASP J 82 85.07 -46.93 61.33
N ASP J 83 85.23 -48.01 60.58
CA ASP J 83 84.25 -49.09 60.53
C ASP J 83 84.52 -50.22 61.51
N ALA J 84 85.57 -50.12 62.32
CA ALA J 84 85.94 -51.24 63.16
C ALA J 84 85.05 -51.32 64.40
N GLN J 85 85.11 -52.47 65.07
CA GLN J 85 84.28 -52.78 66.22
C GLN J 85 85.07 -52.59 67.52
N ILE J 86 84.50 -53.04 68.63
CA ILE J 86 85.04 -52.76 69.96
C ILE J 86 85.59 -54.01 70.63
N LEU J 87 84.94 -55.16 70.43
CA LEU J 87 85.41 -56.45 70.93
C LEU J 87 85.54 -56.45 72.46
N GLY J 88 84.38 -56.40 73.13
CA GLY J 88 84.33 -56.56 74.56
C GLY J 88 84.82 -57.93 75.01
N PRO J 89 85.07 -58.08 76.30
CA PRO J 89 85.68 -59.32 76.81
C PRO J 89 84.71 -60.50 76.77
N ASN J 90 85.29 -61.70 76.85
CA ASN J 90 84.52 -62.93 76.80
C ASN J 90 85.27 -64.03 77.54
N THR J 91 84.54 -65.08 77.91
CA THR J 91 85.10 -66.22 78.61
C THR J 91 84.62 -67.52 77.96
N TYR J 92 85.42 -68.56 78.10
CA TYR J 92 85.08 -69.87 77.54
C TYR J 92 83.97 -70.51 78.34
N LYS J 93 83.16 -71.31 77.65
CA LYS J 93 82.12 -72.12 78.28
C LYS J 93 82.48 -73.58 78.12
N GLN J 94 82.56 -74.29 79.24
CA GLN J 94 82.97 -75.68 79.24
C GLN J 94 81.75 -76.58 79.26
N LEU J 95 81.74 -77.58 78.38
CA LEU J 95 80.62 -78.49 78.24
C LEU J 95 80.73 -79.65 79.22
N LEU J 96 79.58 -80.22 79.54
CA LEU J 96 79.53 -81.31 80.51
C LEU J 96 80.08 -82.60 79.90
N GLU J 97 80.53 -83.49 80.76
CA GLU J 97 81.10 -84.76 80.33
C GLU J 97 81.00 -85.76 81.47
N HIS J 98 81.56 -86.95 81.25
CA HIS J 98 81.46 -88.07 82.18
C HIS J 98 82.86 -88.59 82.50
N LEU J 99 82.98 -89.31 83.61
CA LEU J 99 84.26 -89.84 84.03
C LEU J 99 84.04 -91.05 84.92
N PHE J 100 84.79 -92.13 84.64
CA PHE J 100 84.79 -93.29 85.50
C PHE J 100 86.06 -94.09 85.24
N SER J 101 86.38 -94.98 86.16
CA SER J 101 87.62 -95.73 86.05
C SER J 101 87.44 -97.16 86.53
N PRO J 102 87.49 -98.14 85.65
CA PRO J 102 87.28 -99.53 86.07
C PRO J 102 88.45 -100.11 86.85
N GLU J 103 89.68 -99.87 86.40
CA GLU J 103 90.86 -100.44 87.03
C GLU J 103 91.61 -99.37 87.81
N GLU J 104 92.80 -99.74 88.31
CA GLU J 104 93.57 -98.84 89.15
C GLU J 104 94.30 -97.77 88.34
N ASN J 105 94.67 -98.06 87.09
CA ASN J 105 95.51 -97.16 86.30
C ASN J 105 94.92 -96.90 84.93
N VAL J 106 93.60 -96.93 84.81
CA VAL J 106 92.91 -96.61 83.56
C VAL J 106 91.82 -95.60 83.87
N TYR J 107 91.55 -94.73 82.90
CA TYR J 107 90.53 -93.71 83.04
C TYR J 107 89.84 -93.53 81.70
N ILE J 108 88.51 -93.45 81.72
CA ILE J 108 87.71 -93.48 80.51
C ILE J 108 86.95 -92.16 80.40
N LEU J 109 87.02 -91.54 79.23
CA LEU J 109 86.23 -90.35 78.92
C LEU J 109 85.09 -90.77 78.00
N LEU J 110 83.86 -90.54 78.46
CA LEU J 110 82.69 -90.97 77.71
C LEU J 110 82.13 -89.80 76.92
N PRO J 111 81.99 -89.93 75.60
CA PRO J 111 81.49 -88.80 74.81
C PRO J 111 80.02 -88.53 75.05
N ILE J 112 79.72 -87.45 75.75
CA ILE J 112 78.35 -87.04 76.01
C ILE J 112 77.88 -86.18 74.84
N GLN J 113 76.70 -86.49 74.32
CA GLN J 113 76.22 -85.83 73.11
C GLN J 113 76.04 -84.33 73.35
N ALA J 114 76.55 -83.52 72.42
CA ALA J 114 76.43 -82.07 72.47
C ALA J 114 76.27 -81.56 71.05
N TYR J 115 75.87 -80.30 70.80
CA TYR J 115 75.58 -79.78 69.41
C TYR J 115 74.68 -80.71 68.59
N THR J 116 73.57 -80.22 68.05
CA THR J 116 72.61 -81.14 67.39
C THR J 116 72.25 -80.74 65.98
N GLY J 117 71.29 -81.44 65.37
CA GLY J 117 70.82 -80.99 64.06
C GLY J 117 70.68 -82.09 63.04
N GLY J 118 70.01 -81.80 61.92
CA GLY J 118 69.86 -82.78 60.85
C GLY J 118 68.45 -82.82 60.30
N VAL J 119 68.29 -83.17 59.02
CA VAL J 119 66.92 -83.36 58.48
C VAL J 119 66.99 -84.58 57.56
N ILE J 120 66.33 -85.67 57.93
CA ILE J 120 66.50 -86.92 57.16
C ILE J 120 65.38 -87.05 56.14
N ASP J 121 65.64 -86.74 54.88
CA ASP J 121 64.61 -86.83 53.82
C ASP J 121 64.82 -88.12 53.04
N ARG J 122 64.06 -89.15 53.38
CA ARG J 122 64.37 -90.45 52.76
C ARG J 122 64.12 -90.34 51.24
N ARG J 123 63.19 -89.50 50.80
CA ARG J 123 62.94 -89.48 49.34
C ARG J 123 64.23 -89.11 48.63
N ASP J 124 64.94 -88.10 49.12
CA ASP J 124 66.27 -87.79 48.56
C ASP J 124 67.25 -88.74 49.23
N ALA J 125 68.44 -88.94 48.68
CA ALA J 125 69.40 -89.77 49.43
C ALA J 125 70.77 -89.14 49.34
N SER J 126 71.29 -88.55 50.41
CA SER J 126 72.59 -87.86 50.27
C SER J 126 73.33 -87.70 51.60
N PHE J 127 74.23 -88.60 51.96
CA PHE J 127 74.90 -88.50 53.25
C PHE J 127 75.55 -87.14 53.45
N SER J 128 75.88 -86.45 52.36
CA SER J 128 76.54 -85.15 52.47
C SER J 128 75.60 -84.09 53.04
N ASN J 129 74.34 -84.09 52.62
CA ASN J 129 73.41 -83.08 53.09
C ASN J 129 73.17 -83.20 54.59
N PHE J 130 73.15 -84.43 55.09
CA PHE J 130 72.97 -84.63 56.53
C PHE J 130 74.11 -83.99 57.30
N ALA J 131 75.34 -84.18 56.84
CA ALA J 131 76.47 -83.53 57.49
C ALA J 131 76.42 -82.01 57.32
N TYR J 132 75.96 -81.54 56.16
CA TYR J 132 75.94 -80.11 55.91
C TYR J 132 74.97 -79.40 56.84
N SER J 133 73.83 -80.01 57.14
CA SER J 133 72.89 -79.38 58.06
C SER J 133 73.52 -79.17 59.43
N ILE J 134 74.19 -80.20 59.96
CA ILE J 134 74.85 -80.10 61.25
C ILE J 134 75.97 -79.06 61.18
N ALA J 135 76.71 -79.04 60.08
CA ALA J 135 77.79 -78.06 59.95
C ALA J 135 77.24 -76.64 59.96
N SER J 136 76.13 -76.40 59.27
CA SER J 136 75.55 -75.07 59.25
C SER J 136 75.06 -74.66 60.63
N LYS J 137 74.40 -75.58 61.34
CA LYS J 137 73.95 -75.24 62.69
C LYS J 137 75.14 -74.94 63.60
N LEU J 138 76.21 -75.72 63.48
CA LEU J 138 77.39 -75.49 64.30
C LEU J 138 78.04 -74.15 63.96
N MET J 139 78.09 -73.80 62.68
CA MET J 139 78.64 -72.51 62.30
C MET J 139 77.82 -71.37 62.87
N MET J 140 76.49 -71.49 62.84
CA MET J 140 75.64 -70.49 63.46
C MET J 140 75.96 -70.35 64.95
N GLU J 141 76.09 -71.48 65.64
CA GLU J 141 76.40 -71.44 67.07
C GLU J 141 77.73 -70.76 67.32
N LEU J 142 78.76 -71.13 66.55
CA LEU J 142 80.09 -70.54 66.76
C LEU J 142 80.07 -69.04 66.49
N SER J 143 79.42 -68.61 65.42
CA SER J 143 79.37 -67.19 65.12
C SER J 143 78.63 -66.43 66.20
N ALA J 144 77.52 -66.98 66.70
CA ALA J 144 76.78 -66.30 67.76
C ALA J 144 77.57 -66.25 69.05
N ALA J 145 78.41 -67.25 69.30
CA ALA J 145 79.17 -67.30 70.55
C ALA J 145 80.20 -66.18 70.63
N THR J 146 80.80 -65.82 69.51
CA THR J 146 81.93 -64.88 69.53
C THR J 146 81.66 -63.63 68.71
N HIS J 147 80.48 -63.04 68.87
CA HIS J 147 80.12 -61.82 68.16
C HIS J 147 80.74 -60.64 68.90
N ASN J 148 81.82 -60.09 68.33
CA ASN J 148 82.53 -58.96 68.92
C ASN J 148 83.05 -59.28 70.32
N LYS J 149 83.70 -60.43 70.45
CA LYS J 149 84.26 -60.90 71.71
C LYS J 149 85.59 -61.57 71.43
N ILE J 150 86.46 -61.61 72.44
CA ILE J 150 87.86 -61.91 72.17
C ILE J 150 88.47 -62.95 73.12
N PHE J 151 87.69 -63.47 74.07
CA PHE J 151 88.13 -64.57 74.93
C PHE J 151 89.38 -64.19 75.74
N THR J 152 89.18 -63.25 76.68
CA THR J 152 90.32 -62.78 77.46
C THR J 152 90.23 -63.14 78.95
N ASP J 153 89.03 -63.20 79.51
CA ASP J 153 88.87 -63.45 80.94
C ASP J 153 89.03 -64.94 81.26
N TYR J 154 89.63 -65.22 82.41
CA TYR J 154 89.74 -66.58 82.92
C TYR J 154 90.09 -66.52 84.40
N THR J 155 89.73 -67.60 85.11
CA THR J 155 90.02 -67.71 86.53
C THR J 155 91.40 -68.30 86.74
N ARG J 156 92.01 -67.94 87.87
CA ARG J 156 93.43 -68.21 88.09
C ARG J 156 93.78 -67.89 89.53
N ILE J 157 94.69 -68.69 90.09
CA ILE J 157 95.22 -68.45 91.42
C ILE J 157 96.20 -67.29 91.36
N ALA J 158 96.05 -66.34 92.27
CA ALA J 158 96.90 -65.16 92.27
C ALA J 158 98.36 -65.54 92.57
N ALA J 159 99.27 -64.73 92.06
CA ALA J 159 100.70 -64.99 92.25
C ALA J 159 101.08 -64.71 93.69
N SER J 160 101.59 -65.74 94.37
CA SER J 160 102.03 -65.61 95.75
C SER J 160 103.55 -65.42 95.78
N ALA J 161 104.12 -65.47 96.98
CA ALA J 161 105.56 -65.31 97.15
C ALA J 161 106.31 -66.64 97.07
N LEU J 162 105.61 -67.76 96.92
CA LEU J 162 106.24 -69.06 96.90
C LEU J 162 105.94 -69.87 95.64
N GLY J 163 105.23 -69.29 94.68
CA GLY J 163 104.91 -70.01 93.47
C GLY J 163 104.49 -69.10 92.33
N PRO J 164 104.70 -69.55 91.10
CA PRO J 164 104.27 -68.77 89.93
C PRO J 164 102.78 -68.88 89.68
N GLU J 165 102.35 -68.37 88.52
CA GLU J 165 100.90 -68.36 88.17
C GLU J 165 100.35 -69.78 88.07
N ILE J 166 99.14 -69.99 88.56
CA ILE J 166 98.49 -71.29 88.55
C ILE J 166 97.14 -71.15 87.84
N SER J 167 96.86 -72.08 86.93
CA SER J 167 95.69 -71.94 86.06
C SER J 167 94.39 -72.26 86.79
N THR J 168 94.25 -73.50 87.26
CA THR J 168 93.01 -74.05 87.83
C THR J 168 91.77 -73.50 87.10
N GLU J 169 91.74 -73.76 85.80
CA GLU J 169 90.75 -73.12 84.93
C GLU J 169 89.37 -73.75 85.09
N GLY J 170 89.25 -75.04 84.78
CA GLY J 170 87.96 -75.70 84.80
C GLY J 170 88.07 -77.12 85.29
N MET J 171 86.92 -77.65 85.76
CA MET J 171 86.82 -78.99 86.32
C MET J 171 87.87 -79.18 87.41
N PRO J 172 87.65 -78.60 88.59
CA PRO J 172 88.71 -78.56 89.59
C PRO J 172 89.17 -79.95 90.00
N LEU J 173 90.47 -80.08 90.26
CA LEU J 173 91.09 -81.37 90.54
C LEU J 173 90.58 -82.01 91.82
N PHE J 174 89.93 -81.26 92.70
CA PHE J 174 89.36 -81.84 93.91
C PHE J 174 88.19 -82.77 93.61
N SER J 175 87.38 -82.45 92.60
CA SER J 175 86.22 -83.25 92.27
C SER J 175 86.58 -84.60 91.65
N LEU J 176 87.84 -84.82 91.28
CA LEU J 176 88.22 -86.08 90.68
C LEU J 176 88.20 -87.22 91.70
N ILE J 177 88.50 -86.92 92.96
CA ILE J 177 88.57 -87.98 93.97
C ILE J 177 87.23 -88.70 94.11
N GLU J 178 86.15 -87.93 94.16
CA GLU J 178 84.83 -88.54 94.35
C GLU J 178 84.38 -89.31 93.13
N SER J 179 84.50 -88.71 91.95
CA SER J 179 83.94 -89.29 90.74
C SER J 179 84.83 -90.35 90.10
N LEU J 180 86.10 -90.44 90.48
CA LEU J 180 86.99 -91.44 89.95
C LEU J 180 87.40 -92.48 90.98
N GLU J 181 87.22 -92.19 92.27
CA GLU J 181 87.52 -93.17 93.35
C GLU J 181 89.00 -93.59 93.28
N LEU J 182 89.92 -92.64 93.46
CA LEU J 182 91.34 -92.92 93.41
C LEU J 182 91.80 -93.52 94.73
N THR J 183 92.85 -94.32 94.66
CA THR J 183 93.47 -94.83 95.87
C THR J 183 94.30 -93.73 96.54
N GLU J 184 94.96 -94.11 97.65
CA GLU J 184 95.80 -93.15 98.33
C GLU J 184 97.07 -92.85 97.53
N ALA J 185 97.49 -93.77 96.68
CA ALA J 185 98.68 -93.54 95.86
C ALA J 185 98.43 -92.48 94.81
N GLU J 186 97.31 -92.59 94.09
CA GLU J 186 96.99 -91.59 93.07
C GLU J 186 96.61 -90.25 93.69
N THR J 187 96.09 -90.25 94.92
CA THR J 187 95.69 -89.00 95.55
C THR J 187 96.91 -88.11 95.80
N SER J 188 98.03 -88.70 96.22
CA SER J 188 99.23 -87.91 96.49
C SER J 188 99.78 -87.26 95.23
N ARG J 189 99.44 -87.76 94.06
CA ARG J 189 99.94 -87.19 92.82
C ARG J 189 99.18 -85.94 92.39
N LEU J 190 98.02 -85.67 92.98
CA LEU J 190 97.25 -84.49 92.59
C LEU J 190 97.99 -83.19 92.85
N PRO J 191 98.57 -82.94 94.04
CA PRO J 191 99.31 -81.68 94.22
C PRO J 191 100.48 -81.54 93.27
N VAL J 192 101.12 -82.64 92.87
CA VAL J 192 102.24 -82.54 91.94
C VAL J 192 101.77 -82.01 90.60
N ILE J 193 100.66 -82.54 90.07
CA ILE J 193 100.16 -82.04 88.80
C ILE J 193 99.46 -80.70 88.95
N GLN J 194 99.12 -80.30 90.17
CA GLN J 194 98.55 -78.97 90.36
C GLN J 194 99.57 -77.88 90.04
N ASP J 195 100.83 -78.09 90.42
CA ASP J 195 101.85 -77.07 90.25
C ASP J 195 102.47 -77.07 88.86
N SER J 196 102.12 -78.02 88.00
CA SER J 196 102.63 -78.04 86.64
C SER J 196 101.79 -77.22 85.68
N MET J 197 100.69 -76.64 86.16
CA MET J 197 99.81 -75.83 85.31
C MET J 197 100.29 -74.37 85.38
N VAL J 198 101.34 -74.08 84.63
CA VAL J 198 101.87 -72.73 84.52
C VAL J 198 101.45 -72.15 83.18
N ILE J 199 101.32 -70.83 83.15
CA ILE J 199 100.85 -70.12 81.97
C ILE J 199 102.06 -69.64 81.18
N GLN J 200 102.08 -69.92 79.88
CA GLN J 200 103.15 -69.46 79.01
C GLN J 200 102.72 -68.19 78.29
N LYS J 201 103.67 -67.30 78.05
CA LYS J 201 103.43 -66.04 77.36
C LYS J 201 104.28 -65.98 76.10
N SER J 202 103.65 -65.64 74.99
CA SER J 202 104.36 -65.56 73.72
C SER J 202 103.52 -64.77 72.73
N THR J 203 104.07 -64.58 71.54
CA THR J 203 103.40 -63.87 70.46
C THR J 203 102.98 -64.84 69.37
N ALA J 204 101.96 -64.46 68.61
CA ALA J 204 101.47 -65.27 67.52
C ALA J 204 100.91 -64.38 66.44
N THR J 205 100.78 -64.95 65.24
CA THR J 205 100.25 -64.24 64.09
C THR J 205 98.78 -64.58 63.90
N VAL J 206 97.97 -63.57 63.69
CA VAL J 206 96.55 -63.75 63.43
C VAL J 206 96.27 -63.39 61.98
N GLY J 207 95.12 -63.84 61.50
CA GLY J 207 94.72 -63.57 60.14
C GLY J 207 95.37 -64.52 59.15
N ASN J 208 95.14 -64.23 57.87
CA ASN J 208 95.64 -65.05 56.79
C ASN J 208 96.06 -64.12 55.65
N ALA J 209 96.29 -64.72 54.47
CA ALA J 209 96.69 -63.94 53.31
C ALA J 209 95.56 -63.11 52.73
N GLN J 210 94.31 -63.34 53.16
CA GLN J 210 93.19 -62.60 52.61
C GLN J 210 92.86 -61.35 53.41
N GLN J 211 92.98 -61.41 54.73
CA GLN J 211 92.65 -60.27 55.57
C GLN J 211 93.90 -59.44 55.90
N GLY J 212 94.91 -60.08 56.46
CA GLY J 212 96.11 -59.38 56.84
C GLY J 212 96.92 -60.21 57.81
N ILE J 213 98.04 -59.63 58.24
CA ILE J 213 98.96 -60.26 59.17
C ILE J 213 99.25 -59.28 60.30
N SER J 214 99.20 -59.78 61.53
CA SER J 214 99.53 -58.97 62.69
C SER J 214 100.04 -59.87 63.80
N THR J 215 100.90 -59.31 64.64
CA THR J 215 101.49 -60.04 65.76
C THR J 215 100.84 -59.57 67.06
N ILE J 216 100.36 -60.52 67.85
CA ILE J 216 99.58 -60.23 69.05
C ILE J 216 100.11 -61.09 70.19
N ASN J 217 100.22 -60.50 71.38
CA ASN J 217 100.59 -61.27 72.56
C ASN J 217 99.44 -62.18 72.98
N ILE J 218 99.77 -63.42 73.36
CA ILE J 218 98.79 -64.41 73.77
C ILE J 218 99.25 -65.07 75.06
N LYS J 219 98.40 -65.93 75.60
CA LYS J 219 98.73 -66.80 76.73
C LYS J 219 98.21 -68.19 76.45
N ARG J 220 98.87 -69.19 77.04
CA ARG J 220 98.50 -70.59 76.88
C ARG J 220 98.08 -71.13 78.24
N VAL J 221 96.81 -70.95 78.58
CA VAL J 221 96.26 -71.37 79.86
C VAL J 221 95.97 -72.87 79.78
N PRO J 222 96.50 -73.69 80.68
CA PRO J 222 96.13 -75.11 80.70
C PRO J 222 94.88 -75.34 81.53
N PHE J 223 94.16 -76.41 81.17
CA PHE J 223 92.91 -76.74 81.83
C PHE J 223 92.68 -78.25 81.74
N VAL J 224 91.73 -78.72 82.54
CA VAL J 224 91.42 -80.14 82.63
C VAL J 224 90.10 -80.40 81.93
N GLY J 225 90.11 -81.32 80.97
CA GLY J 225 88.90 -81.61 80.23
C GLY J 225 89.14 -82.71 79.22
N SER J 226 88.17 -82.86 78.32
CA SER J 226 88.22 -83.90 77.31
C SER J 226 89.06 -83.42 76.12
N ALA J 227 89.12 -84.23 75.06
CA ALA J 227 89.87 -83.87 73.87
C ALA J 227 89.01 -83.12 72.86
N PHE J 228 87.74 -83.49 72.71
CA PHE J 228 86.84 -82.78 71.83
C PHE J 228 86.70 -81.33 72.25
N GLN J 229 86.77 -81.06 73.55
CA GLN J 229 86.72 -79.68 74.03
C GLN J 229 87.88 -78.87 73.50
N GLN J 230 89.07 -79.46 73.43
CA GLN J 230 90.22 -78.74 72.88
C GLN J 230 89.98 -78.37 71.43
N VAL J 231 89.42 -79.28 70.64
CA VAL J 231 89.17 -78.99 69.23
C VAL J 231 88.14 -77.89 69.09
N ILE J 232 87.07 -77.94 69.88
CA ILE J 232 86.06 -76.88 69.82
C ILE J 232 86.65 -75.54 70.21
N ASP J 233 87.50 -75.53 71.24
CA ASP J 233 88.13 -74.29 71.66
C ASP J 233 89.07 -73.75 70.58
N GLN J 234 89.80 -74.64 69.90
CA GLN J 234 90.65 -74.18 68.81
C GLN J 234 89.83 -73.56 67.69
N LEU J 235 88.69 -74.19 67.36
CA LEU J 235 87.82 -73.61 66.35
C LEU J 235 87.29 -72.24 66.78
N LEU J 236 86.91 -72.12 68.05
CA LEU J 236 86.42 -70.84 68.55
C LEU J 236 87.50 -69.77 68.46
N TRP J 237 88.72 -70.11 68.85
CA TRP J 237 89.82 -69.15 68.78
C TRP J 237 90.09 -68.73 67.35
N GLU J 238 90.07 -69.70 66.42
CA GLU J 238 90.27 -69.36 65.01
C GLU J 238 89.17 -68.43 64.50
N TYR J 239 87.92 -68.70 64.88
CA TYR J 239 86.82 -67.88 64.40
C TYR J 239 86.85 -66.47 64.99
N SER J 240 87.33 -66.34 66.22
CA SER J 240 87.27 -65.03 66.89
C SER J 240 88.34 -64.09 66.33
N THR J 241 89.50 -64.61 65.97
CA THR J 241 90.63 -63.79 65.55
C THR J 241 90.93 -63.95 64.06
N THR J 242 89.90 -64.07 63.23
CA THR J 242 90.13 -64.17 61.80
C THR J 242 90.50 -62.82 61.20
N SER J 243 90.11 -61.71 61.84
CA SER J 243 90.44 -60.36 61.36
C SER J 243 90.72 -59.50 62.58
N LEU J 244 92.00 -59.42 62.96
CA LEU J 244 92.44 -58.61 64.07
C LEU J 244 93.61 -57.76 63.62
N THR J 245 93.57 -56.47 63.94
CA THR J 245 94.66 -55.56 63.63
C THR J 245 94.87 -54.62 64.82
N THR J 246 96.12 -54.22 65.01
CA THR J 246 96.42 -53.20 66.00
C THR J 246 96.09 -51.81 65.45
N LYS J 247 96.05 -50.83 66.34
CA LYS J 247 95.77 -49.46 65.91
C LYS J 247 96.87 -48.95 64.98
N GLU J 248 98.12 -49.38 65.22
CA GLU J 248 99.20 -49.03 64.31
C GLU J 248 98.91 -49.48 62.90
N GLN J 249 98.53 -50.75 62.74
CA GLN J 249 98.32 -51.29 61.41
C GLN J 249 97.17 -50.57 60.70
N ARG J 250 96.08 -50.32 61.42
CA ARG J 250 94.95 -49.64 60.79
C ARG J 250 95.33 -48.22 60.39
N ARG J 251 96.03 -47.49 61.28
CA ARG J 251 96.42 -46.13 60.94
C ARG J 251 97.34 -46.11 59.73
N GLN J 252 98.33 -47.01 59.70
CA GLN J 252 99.26 -47.05 58.58
C GLN J 252 98.54 -47.41 57.29
N ARG J 253 97.62 -48.36 57.34
CA ARG J 253 96.96 -48.82 56.12
C ARG J 253 96.00 -47.77 55.58
N ILE J 254 95.25 -47.11 56.45
CA ILE J 254 94.16 -46.25 55.99
C ILE J 254 94.70 -44.99 55.32
N THR J 255 95.95 -44.61 55.60
CA THR J 255 96.48 -43.33 55.16
C THR J 255 97.32 -43.42 53.89
N GLU J 256 97.34 -44.56 53.21
CA GLU J 256 98.10 -44.65 51.96
C GLU J 256 97.23 -44.62 50.72
N MET J 257 95.94 -44.96 50.83
CA MET J 257 95.03 -44.75 49.73
C MET J 257 94.95 -43.27 49.40
N VAL J 258 95.20 -42.94 48.14
CA VAL J 258 95.33 -41.55 47.69
C VAL J 258 94.42 -41.37 46.48
N ASN J 259 93.38 -42.20 46.39
CA ASN J 259 92.53 -42.24 45.22
C ASN J 259 91.96 -40.87 44.89
N ASP J 260 91.14 -40.33 45.77
CA ASP J 260 90.50 -39.05 45.43
C ASP J 260 90.70 -37.99 46.50
N ARG J 261 90.65 -38.35 47.77
CA ARG J 261 90.65 -37.39 48.86
C ARG J 261 92.00 -37.39 49.58
N ARG J 262 92.22 -36.32 50.34
CA ARG J 262 93.40 -36.19 51.17
C ARG J 262 93.05 -36.63 52.58
N ILE J 263 93.52 -37.81 52.96
CA ILE J 263 93.23 -38.37 54.28
C ILE J 263 94.29 -37.89 55.25
N MET J 264 93.84 -37.33 56.38
CA MET J 264 94.76 -36.85 57.39
C MET J 264 94.37 -37.48 58.72
N ILE J 265 95.34 -38.10 59.37
CA ILE J 265 95.14 -38.70 60.69
C ILE J 265 96.33 -38.35 61.56
N GLN J 266 96.06 -37.81 62.75
CA GLN J 266 97.12 -37.44 63.66
C GLN J 266 97.77 -38.67 64.29
N LYS J 267 98.99 -38.49 64.77
CA LYS J 267 99.64 -39.53 65.56
C LYS J 267 98.82 -39.81 66.81
N LEU J 268 98.71 -41.09 67.17
CA LEU J 268 97.75 -41.47 68.21
C LEU J 268 98.28 -41.18 69.60
N THR J 269 99.31 -41.91 70.03
CA THR J 269 99.86 -41.88 71.37
C THR J 269 101.00 -42.90 71.38
N LEU J 270 101.95 -42.73 72.30
CA LEU J 270 103.03 -43.70 72.40
C LEU J 270 102.57 -45.02 73.00
N ALA J 271 101.58 -44.99 73.88
CA ALA J 271 101.15 -46.17 74.64
C ALA J 271 99.93 -46.85 74.05
N GLU J 272 99.03 -46.11 73.41
CA GLU J 272 97.80 -46.67 72.85
C GLU J 272 98.01 -47.28 71.47
N LYS J 273 99.24 -47.63 71.13
CA LYS J 273 99.59 -48.14 69.81
C LYS J 273 99.20 -49.60 69.63
N PRO J 274 99.49 -50.52 70.59
CA PRO J 274 99.19 -51.93 70.34
C PRO J 274 97.75 -52.32 70.63
N GLN J 275 96.84 -51.36 70.76
CA GLN J 275 95.44 -51.69 71.02
C GLN J 275 94.84 -52.42 69.83
N VAL J 276 94.06 -53.46 70.12
CA VAL J 276 93.51 -54.34 69.10
C VAL J 276 92.10 -53.89 68.73
N MET J 277 91.78 -54.08 67.45
CA MET J 277 90.44 -53.72 66.94
C MET J 277 90.17 -54.64 65.74
N ARG J 278 88.90 -54.89 65.44
CA ARG J 278 88.54 -55.81 64.35
C ARG J 278 87.95 -55.05 63.18
N HIS J 279 88.48 -55.28 61.99
CA HIS J 279 87.97 -54.68 60.77
C HIS J 279 87.87 -55.77 59.71
N VAL J 280 86.64 -56.20 59.41
CA VAL J 280 86.41 -57.31 58.48
C VAL J 280 86.45 -56.78 57.05
N THR J 281 87.21 -57.47 56.20
CA THR J 281 87.27 -57.16 54.78
C THR J 281 86.75 -58.36 54.01
N THR J 282 85.62 -58.19 53.33
CA THR J 282 85.07 -59.26 52.53
C THR J 282 85.94 -59.48 51.29
N GLU J 283 86.26 -60.74 51.02
CA GLU J 283 87.07 -61.11 49.87
C GLU J 283 86.25 -62.11 49.06
N ILE J 284 85.68 -61.62 47.95
CA ILE J 284 84.91 -62.47 47.05
C ILE J 284 84.82 -61.75 45.71
N ASN J 285 85.03 -62.48 44.62
CA ASN J 285 84.96 -61.86 43.30
C ASN J 285 83.54 -61.47 42.97
N ASN J 286 83.38 -60.31 42.35
CA ASN J 286 82.07 -59.80 41.95
C ASN J 286 81.89 -59.83 40.44
N ASP J 287 82.81 -60.46 39.70
CA ASP J 287 82.78 -60.43 38.25
C ASP J 287 81.97 -61.55 37.63
N LEU J 288 81.46 -62.48 38.43
CA LEU J 288 80.67 -63.58 37.87
C LEU J 288 79.18 -63.28 37.82
N PHE J 289 78.75 -62.12 38.34
CA PHE J 289 77.38 -61.69 38.14
C PHE J 289 77.17 -61.01 36.80
N PHE J 290 78.23 -60.45 36.23
CA PHE J 290 78.14 -59.70 34.97
C PHE J 290 78.40 -60.57 33.75
N LYS J 291 78.09 -61.85 33.84
CA LYS J 291 78.16 -62.73 32.68
C LYS J 291 76.87 -62.64 31.88
N MET J 292 76.95 -63.01 30.61
CA MET J 292 75.78 -63.01 29.75
C MET J 292 74.77 -64.03 30.23
N SER J 293 73.51 -63.63 30.34
CA SER J 293 72.45 -64.51 30.80
C SER J 293 71.18 -64.26 30.00
N PRO J 294 70.34 -65.29 29.81
CA PRO J 294 69.07 -65.07 29.11
C PRO J 294 68.19 -64.04 29.80
N VAL J 295 68.20 -64.03 31.13
CA VAL J 295 67.41 -63.06 31.90
C VAL J 295 68.32 -61.85 32.13
N ALA J 296 68.34 -60.97 31.15
CA ALA J 296 69.11 -59.74 31.25
C ALA J 296 68.29 -58.51 30.91
N GLN J 297 67.39 -58.60 29.93
CA GLN J 297 66.48 -57.51 29.67
C GLN J 297 65.64 -57.21 30.89
N LEU J 298 65.25 -58.25 31.64
CA LEU J 298 64.56 -58.05 32.90
C LEU J 298 65.44 -57.41 33.96
N TYR J 299 66.74 -57.65 33.94
CA TYR J 299 67.64 -56.92 34.82
C TYR J 299 67.63 -55.43 34.48
N ILE J 300 67.80 -55.11 33.20
CA ILE J 300 67.91 -53.72 32.78
C ILE J 300 66.63 -52.97 33.10
N TYR J 301 65.48 -53.55 32.75
CA TYR J 301 64.22 -52.85 32.94
C TYR J 301 64.00 -52.54 34.41
N HIS J 302 64.27 -53.51 35.29
CA HIS J 302 63.98 -53.29 36.70
C HIS J 302 64.99 -52.37 37.35
N LEU J 303 66.26 -52.42 36.95
CA LEU J 303 67.22 -51.45 37.46
C LEU J 303 66.83 -50.03 37.05
N ASP J 304 66.46 -49.85 35.78
CA ASP J 304 66.06 -48.52 35.32
C ASP J 304 64.81 -48.05 36.04
N ARG J 305 63.85 -48.93 36.25
CA ARG J 305 62.64 -48.54 36.98
C ARG J 305 62.97 -48.15 38.42
N ALA J 306 63.89 -48.88 39.05
CA ALA J 306 64.25 -48.55 40.43
C ALA J 306 64.96 -47.22 40.54
N PHE J 307 65.85 -46.89 39.59
CA PHE J 307 66.64 -45.68 39.72
C PHE J 307 65.94 -44.43 39.18
N LEU J 308 65.05 -44.60 38.20
CA LEU J 308 64.30 -43.48 37.65
C LEU J 308 63.07 -43.27 38.51
N ASP J 309 63.18 -42.36 39.48
CA ASP J 309 62.10 -42.21 40.45
C ASP J 309 60.93 -41.45 39.83
N GLY J 310 61.15 -40.21 39.41
CA GLY J 310 60.09 -39.36 38.91
C GLY J 310 60.31 -38.94 37.48
N VAL J 311 59.38 -38.13 36.99
CA VAL J 311 59.42 -37.58 35.64
C VAL J 311 59.24 -36.07 35.73
N GLY J 312 59.81 -35.37 34.76
CA GLY J 312 59.60 -33.94 34.64
C GLY J 312 58.89 -33.62 33.34
N PHE J 313 57.81 -32.86 33.42
CA PHE J 313 57.03 -32.54 32.24
C PHE J 313 56.19 -31.30 32.50
N THR J 314 56.07 -30.47 31.48
CA THR J 314 55.18 -29.32 31.57
C THR J 314 53.73 -29.78 31.50
N PRO J 315 52.87 -29.28 32.38
CA PRO J 315 51.47 -29.69 32.36
C PRO J 315 50.78 -29.30 31.06
N LEU J 316 49.78 -30.08 30.68
CA LEU J 316 49.06 -29.82 29.43
C LEU J 316 48.37 -28.46 29.43
N ALA J 317 48.07 -27.91 30.61
CA ALA J 317 47.45 -26.60 30.66
C ALA J 317 48.32 -25.54 30.00
N GLU J 318 49.64 -25.58 30.25
CA GLU J 318 50.53 -24.61 29.62
C GLU J 318 50.67 -24.87 28.13
N LYS J 319 50.70 -26.14 27.71
CA LYS J 319 50.82 -26.43 26.29
C LYS J 319 49.61 -25.95 25.52
N GLN J 320 48.42 -26.09 26.11
CA GLN J 320 47.22 -25.59 25.44
C GLN J 320 47.28 -24.08 25.26
N GLN J 321 47.72 -23.35 26.29
CA GLN J 321 47.85 -21.90 26.17
C GLN J 321 48.88 -21.53 25.11
N GLN J 322 50.01 -22.23 25.09
CA GLN J 322 51.03 -21.94 24.08
C GLN J 322 50.50 -22.20 22.68
N LEU J 323 49.75 -23.29 22.49
CA LEU J 323 49.18 -23.56 21.19
C LEU J 323 48.15 -22.51 20.79
N GLN J 324 47.34 -22.06 21.75
CA GLN J 324 46.36 -21.02 21.46
C GLN J 324 47.04 -19.73 21.03
N LEU J 325 48.14 -19.37 21.70
CA LEU J 325 48.87 -18.17 21.32
C LEU J 325 49.52 -18.32 19.95
N GLN J 326 50.19 -19.45 19.72
CA GLN J 326 50.90 -19.64 18.46
C GLN J 326 49.95 -19.86 17.30
N LEU J 327 48.91 -20.66 17.50
CA LEU J 327 47.96 -20.99 16.44
C LEU J 327 46.72 -20.15 16.63
N LYS J 328 46.77 -18.91 16.14
CA LYS J 328 45.67 -17.97 16.28
C LYS J 328 44.65 -18.24 15.19
N THR J 329 43.58 -18.96 15.55
CA THR J 329 42.49 -19.26 14.64
C THR J 329 41.18 -18.94 15.31
N ASN J 330 40.27 -18.31 14.56
CA ASN J 330 38.99 -17.91 15.10
C ASN J 330 38.18 -19.13 15.52
N ILE J 331 37.36 -18.96 16.56
CA ILE J 331 36.51 -20.05 17.01
C ILE J 331 35.41 -20.30 16.00
N LEU J 332 34.81 -21.49 16.08
CA LEU J 332 33.75 -21.92 15.17
C LEU J 332 34.23 -21.90 13.71
N THR J 333 35.47 -22.31 13.49
CA THR J 333 36.04 -22.37 12.16
C THR J 333 36.49 -23.77 11.77
N ALA J 334 36.09 -24.78 12.53
CA ALA J 334 36.38 -26.19 12.22
C ALA J 334 37.89 -26.45 12.17
N ASN J 335 38.55 -26.17 13.29
CA ASN J 335 39.95 -26.53 13.49
C ASN J 335 40.03 -27.77 14.35
N LEU J 336 40.80 -28.76 13.90
CA LEU J 336 40.84 -30.05 14.58
C LEU J 336 42.07 -30.25 15.44
N ILE J 337 43.17 -29.54 15.18
CA ILE J 337 44.37 -29.71 15.98
C ILE J 337 44.09 -29.32 17.43
N ARG J 338 43.36 -28.22 17.63
CA ARG J 338 43.02 -27.80 18.98
C ARG J 338 42.20 -28.87 19.70
N SER J 339 41.21 -29.44 19.02
CA SER J 339 40.39 -30.47 19.65
C SER J 339 41.21 -31.71 19.97
N ALA J 340 42.08 -32.13 19.05
CA ALA J 340 42.90 -33.30 19.29
C ALA J 340 43.82 -33.09 20.49
N ILE J 341 44.42 -31.91 20.59
CA ILE J 341 45.27 -31.62 21.75
C ILE J 341 44.45 -31.59 23.03
N ASN J 342 43.23 -31.04 22.96
CA ASN J 342 42.38 -30.97 24.14
C ASN J 342 42.03 -32.37 24.63
N GLY J 343 41.81 -33.30 23.71
CA GLY J 343 41.40 -34.64 24.10
C GLY J 343 42.51 -35.54 24.61
N MET J 344 43.60 -34.96 25.11
CA MET J 344 44.73 -35.74 25.58
C MET J 344 44.88 -35.64 27.09
N ASN J 345 45.78 -36.46 27.63
CA ASN J 345 46.08 -36.48 29.04
C ASN J 345 47.46 -37.09 29.25
N THR J 346 48.05 -36.83 30.43
CA THR J 346 49.40 -37.28 30.75
C THR J 346 49.42 -38.13 32.00
N GLU J 347 48.41 -38.98 32.16
CA GLU J 347 48.34 -39.83 33.35
C GLU J 347 49.50 -40.82 33.39
N SER J 348 49.83 -41.41 32.25
CA SER J 348 50.85 -42.45 32.16
C SER J 348 52.08 -41.87 31.48
N ASN J 349 52.96 -41.28 32.28
CA ASN J 349 54.24 -40.79 31.79
C ASN J 349 55.43 -41.54 32.35
N LEU J 350 55.30 -42.16 33.51
CA LEU J 350 56.41 -42.93 34.06
C LEU J 350 56.73 -44.14 33.19
N GLU J 351 55.71 -44.92 32.83
CA GLU J 351 55.94 -46.15 32.08
C GLU J 351 56.57 -45.86 30.73
N VAL J 352 56.07 -44.84 30.04
CA VAL J 352 56.62 -44.49 28.73
C VAL J 352 58.06 -44.03 28.88
N ALA J 353 58.35 -43.28 29.94
CA ALA J 353 59.73 -42.83 30.16
C ALA J 353 60.66 -44.01 30.36
N ILE J 354 60.25 -44.99 31.18
CA ILE J 354 61.08 -46.16 31.41
C ILE J 354 61.29 -46.93 30.12
N LYS J 355 60.22 -47.11 29.34
CA LYS J 355 60.35 -47.85 28.09
C LYS J 355 61.28 -47.13 27.11
N MET J 356 61.15 -45.82 27.00
CA MET J 356 62.01 -45.06 26.08
C MET J 356 63.46 -45.14 26.53
N MET J 357 63.72 -45.05 27.84
CA MET J 357 65.09 -45.17 28.32
C MET J 357 65.65 -46.56 28.03
N GLN J 358 64.83 -47.60 28.19
CA GLN J 358 65.29 -48.92 27.84
C GLN J 358 65.57 -49.06 26.34
N ALA J 359 64.82 -48.32 25.51
CA ALA J 359 65.01 -48.42 24.07
C ALA J 359 66.38 -47.94 23.62
N ALA J 360 67.01 -47.05 24.38
CA ALA J 360 68.28 -46.48 23.98
C ALA J 360 69.48 -47.29 24.47
N GLN J 361 69.25 -48.47 25.04
CA GLN J 361 70.32 -49.23 25.64
C GLN J 361 70.51 -50.61 25.04
N LEU J 362 69.47 -51.24 24.53
CA LEU J 362 69.54 -52.67 24.22
C LEU J 362 69.80 -52.98 22.76
N HIS J 363 69.74 -51.99 21.86
CA HIS J 363 70.01 -52.19 20.44
C HIS J 363 68.95 -53.06 19.76
N ARG J 364 68.05 -53.65 20.54
CA ARG J 364 67.05 -54.56 19.98
C ARG J 364 65.68 -54.42 20.62
N ALA J 365 65.47 -53.47 21.52
CA ALA J 365 64.20 -53.30 22.22
C ALA J 365 63.43 -52.12 21.68
N SER J 366 63.48 -51.90 20.37
CA SER J 366 62.81 -50.75 19.77
C SER J 366 61.31 -50.79 20.07
N ILE J 367 60.76 -49.62 20.38
CA ILE J 367 59.34 -49.53 20.74
C ILE J 367 58.49 -49.97 19.56
N GLU J 368 57.47 -50.76 19.86
CA GLU J 368 56.46 -51.16 18.89
C GLU J 368 55.15 -50.49 19.30
N ILE J 369 54.54 -49.78 18.36
CA ILE J 369 53.36 -48.97 18.63
C ILE J 369 52.11 -49.77 18.30
N ALA J 370 51.12 -49.70 19.18
CA ALA J 370 49.83 -50.37 18.96
C ALA J 370 48.81 -49.32 18.54
N PHE J 371 48.44 -49.33 17.27
CA PHE J 371 47.50 -48.36 16.75
C PHE J 371 46.07 -48.70 17.17
N PRO J 372 45.18 -47.72 17.18
CA PRO J 372 43.78 -47.99 17.56
C PRO J 372 43.13 -48.97 16.61
N MET J 373 42.06 -49.59 17.08
CA MET J 373 41.46 -50.73 16.40
C MET J 373 40.22 -50.30 15.62
N ASN J 374 40.08 -50.89 14.42
CA ASN J 374 38.89 -50.77 13.57
C ASN J 374 38.41 -49.33 13.38
N VAL J 375 39.33 -48.37 13.55
CA VAL J 375 39.09 -46.98 13.17
C VAL J 375 40.33 -46.52 12.41
N SER J 376 40.15 -46.07 11.18
CA SER J 376 41.24 -45.61 10.34
C SER J 376 41.00 -44.16 9.95
N LEU J 377 42.06 -43.35 9.97
CA LEU J 377 41.98 -41.92 9.73
C LEU J 377 41.00 -41.24 10.69
N SER J 378 41.29 -41.35 11.96
CA SER J 378 40.51 -40.54 12.87
C SER J 378 41.16 -39.17 13.00
N PRO J 379 40.38 -38.12 13.31
CA PRO J 379 40.98 -36.79 13.45
C PRO J 379 42.13 -36.73 14.44
N GLU J 380 42.01 -37.49 15.54
CA GLU J 380 43.07 -37.47 16.58
C GLU J 380 44.29 -38.26 16.09
N ILE J 381 44.06 -39.30 15.27
CA ILE J 381 45.17 -40.18 14.80
C ILE J 381 46.16 -39.34 13.98
N ILE J 382 45.65 -38.47 13.11
CA ILE J 382 46.51 -37.67 12.25
C ILE J 382 47.43 -36.79 13.09
N VAL J 383 46.85 -36.09 14.07
CA VAL J 383 47.62 -35.18 14.90
C VAL J 383 48.64 -35.95 15.72
N GLN J 384 48.25 -37.08 16.29
CA GLN J 384 49.19 -37.86 17.10
C GLN J 384 50.34 -38.37 16.25
N CYS J 385 50.05 -38.82 15.03
CA CYS J 385 51.11 -39.28 14.14
C CYS J 385 52.07 -38.15 13.82
N PHE J 386 51.54 -36.96 13.53
CA PHE J 386 52.40 -35.83 13.22
C PHE J 386 53.26 -35.46 14.42
N ILE J 387 52.69 -35.50 15.62
CA ILE J 387 53.47 -35.20 16.82
C ILE J 387 54.60 -36.20 16.99
N VAL J 388 54.30 -37.48 16.77
CA VAL J 388 55.34 -38.51 16.90
C VAL J 388 56.43 -38.32 15.86
N TRP J 389 56.05 -37.85 14.66
CA TRP J 389 57.02 -37.79 13.56
C TRP J 389 58.19 -36.87 13.87
N MET J 390 57.92 -35.71 14.47
CA MET J 390 58.97 -34.71 14.71
C MET J 390 59.28 -34.53 16.20
N SER J 391 59.02 -35.55 17.01
CA SER J 391 59.38 -35.47 18.42
C SER J 391 60.04 -36.71 18.98
N ILE J 392 59.93 -37.87 18.34
CA ILE J 392 60.50 -39.13 18.84
C ILE J 392 61.60 -39.54 17.87
N PRO J 393 62.83 -39.72 18.33
CA PRO J 393 63.93 -40.01 17.41
C PRO J 393 63.71 -41.29 16.65
N GLU J 394 64.18 -41.31 15.40
CA GLU J 394 63.90 -42.43 14.52
C GLU J 394 64.65 -43.70 14.91
N GLN J 395 65.73 -43.57 15.67
CA GLN J 395 66.53 -44.73 16.03
C GLN J 395 66.01 -45.48 17.24
N LEU J 396 64.92 -45.02 17.84
CA LEU J 396 64.35 -45.69 19.00
C LEU J 396 63.07 -46.44 18.68
N LEU J 397 62.54 -46.32 17.48
CA LEU J 397 61.33 -47.02 17.08
C LEU J 397 61.69 -48.18 16.16
N SER J 398 60.83 -49.18 16.13
CA SER J 398 61.04 -50.32 15.26
C SER J 398 60.81 -49.93 13.81
N ASP J 399 61.41 -50.71 12.91
CA ASP J 399 61.27 -50.45 11.49
C ASP J 399 59.82 -50.53 11.05
N ARG J 400 59.00 -51.31 11.74
CA ARG J 400 57.59 -51.39 11.37
C ARG J 400 56.84 -50.11 11.75
N SER J 401 57.07 -49.59 12.95
CA SER J 401 56.34 -48.42 13.41
C SER J 401 56.64 -47.19 12.56
N ASN J 402 57.92 -46.99 12.22
CA ASN J 402 58.29 -45.84 11.40
C ASN J 402 57.56 -45.88 10.06
N PHE J 403 57.47 -47.07 9.46
CA PHE J 403 56.79 -47.18 8.18
C PHE J 403 55.32 -46.80 8.29
N ILE J 404 54.66 -47.23 9.37
CA ILE J 404 53.24 -46.91 9.52
C ILE J 404 53.06 -45.41 9.72
N ILE J 405 53.89 -44.79 10.56
CA ILE J 405 53.79 -43.34 10.77
C ILE J 405 54.00 -42.60 9.46
N ALA J 406 55.03 -42.98 8.72
CA ALA J 406 55.32 -42.32 7.46
C ALA J 406 54.19 -42.51 6.45
N ALA J 407 53.60 -43.69 6.43
CA ALA J 407 52.48 -43.94 5.53
C ALA J 407 51.30 -43.04 5.88
N VAL J 408 50.98 -42.94 7.18
CA VAL J 408 49.86 -42.11 7.58
C VAL J 408 50.10 -40.67 7.19
N ILE J 409 51.34 -40.19 7.35
CA ILE J 409 51.63 -38.81 6.98
C ILE J 409 51.54 -38.63 5.47
N TRP J 410 52.17 -39.52 4.71
CA TRP J 410 52.23 -39.38 3.26
C TRP J 410 50.90 -39.62 2.58
N ALA J 411 49.93 -40.20 3.28
CA ALA J 411 48.63 -40.41 2.68
C ALA J 411 47.92 -39.11 2.31
N GLY J 412 48.31 -38.00 2.90
CA GLY J 412 47.64 -36.75 2.64
C GLY J 412 48.32 -35.91 1.57
N PHE J 413 49.64 -35.90 1.58
CA PHE J 413 50.39 -35.04 0.67
C PHE J 413 50.55 -35.63 -0.72
N SER J 414 50.30 -36.92 -0.90
CA SER J 414 50.45 -37.54 -2.21
C SER J 414 49.37 -37.02 -3.15
N ALA J 415 49.72 -36.89 -4.43
CA ALA J 415 48.76 -36.42 -5.41
C ALA J 415 47.69 -37.48 -5.68
N ASP J 416 48.09 -38.74 -5.81
CA ASP J 416 47.17 -39.80 -6.21
C ASP J 416 47.01 -40.90 -5.17
N ASP J 417 48.13 -41.39 -4.65
CA ASP J 417 48.12 -42.55 -3.72
C ASP J 417 47.24 -42.29 -2.49
N SER J 418 46.39 -43.26 -2.15
CA SER J 418 45.61 -43.16 -0.93
C SER J 418 46.27 -44.03 0.14
N TYR J 419 45.64 -44.09 1.32
CA TYR J 419 46.24 -44.80 2.44
C TYR J 419 46.35 -46.29 2.12
N ALA J 420 45.29 -46.88 1.56
CA ALA J 420 45.33 -48.30 1.23
C ALA J 420 46.35 -48.60 0.15
N ASP J 421 46.42 -47.76 -0.88
CA ASP J 421 47.40 -47.98 -1.93
C ASP J 421 48.82 -47.83 -1.40
N ILE J 422 49.03 -46.97 -0.41
CA ILE J 422 50.34 -46.85 0.19
C ILE J 422 50.68 -48.09 1.01
N MET J 423 49.72 -48.57 1.80
CA MET J 423 49.93 -49.78 2.59
C MET J 423 50.16 -51.00 1.73
N ARG J 424 49.63 -51.02 0.52
CA ARG J 424 49.84 -52.16 -0.37
C ARG J 424 51.30 -52.34 -0.75
N ARG J 425 52.14 -51.34 -0.50
CA ARG J 425 53.58 -51.43 -0.74
C ARG J 425 54.27 -52.36 0.23
N SER J 426 53.55 -53.09 1.09
CA SER J 426 54.22 -54.04 1.97
C SER J 426 54.97 -55.09 1.17
N ALA J 427 54.38 -55.56 0.09
CA ALA J 427 55.09 -56.42 -0.85
C ALA J 427 56.00 -55.56 -1.73
N ARG J 428 56.79 -56.25 -2.56
CA ARG J 428 57.71 -55.62 -3.51
C ARG J 428 58.79 -54.79 -2.81
N ALA J 429 58.81 -54.81 -1.48
CA ALA J 429 59.78 -54.03 -0.72
C ALA J 429 59.75 -54.50 0.73
N SER J 430 60.72 -54.03 1.49
CA SER J 430 60.81 -54.31 2.91
C SER J 430 60.18 -53.19 3.72
N ASP J 431 59.94 -53.47 5.00
CA ASP J 431 59.37 -52.45 5.87
C ASP J 431 60.37 -51.36 6.20
N ARG J 432 61.66 -51.57 5.91
CA ARG J 432 62.66 -50.55 6.12
C ARG J 432 62.91 -49.71 4.88
N GLN J 433 62.92 -50.35 3.70
CA GLN J 433 63.15 -49.61 2.46
C GLN J 433 62.00 -48.66 2.16
N ASN J 434 60.76 -49.07 2.47
CA ASN J 434 59.62 -48.20 2.25
C ASN J 434 59.71 -46.95 3.09
N TYR J 435 60.18 -47.08 4.33
CA TYR J 435 60.38 -45.92 5.19
C TYR J 435 61.37 -44.95 4.57
N ASP J 436 62.47 -45.47 4.02
CA ASP J 436 63.44 -44.62 3.37
C ASP J 436 62.84 -43.93 2.15
N ILE J 437 62.04 -44.65 1.38
CA ILE J 437 61.41 -44.06 0.20
C ILE J 437 60.51 -42.90 0.60
N ILE J 438 59.68 -43.11 1.61
CA ILE J 438 58.75 -42.06 2.02
C ILE J 438 59.51 -40.89 2.63
N LYS J 439 60.58 -41.16 3.37
CA LYS J 439 61.38 -40.06 3.93
C LYS J 439 62.02 -39.24 2.83
N ALA J 440 62.58 -39.89 1.81
CA ALA J 440 63.16 -39.16 0.70
C ALA J 440 62.11 -38.34 -0.02
N ALA J 441 60.90 -38.88 -0.17
CA ALA J 441 59.82 -38.10 -0.76
C ALA J 441 59.49 -36.88 0.09
N LEU J 442 59.46 -37.06 1.41
CA LEU J 442 59.10 -35.99 2.33
C LEU J 442 60.22 -34.97 2.52
N SER J 443 61.42 -35.24 2.01
CA SER J 443 62.51 -34.28 2.06
C SER J 443 62.94 -33.83 0.67
N SER J 444 61.97 -33.54 -0.20
CA SER J 444 62.24 -33.18 -1.58
C SER J 444 62.09 -31.67 -1.78
N ARG J 445 62.15 -31.24 -3.04
CA ARG J 445 62.00 -29.82 -3.36
C ARG J 445 60.58 -29.32 -3.11
N LYS J 446 59.61 -30.22 -2.97
CA LYS J 446 58.21 -29.82 -2.83
C LYS J 446 57.71 -29.90 -1.40
N PHE J 447 58.21 -30.84 -0.60
CA PHE J 447 57.79 -31.00 0.78
C PHE J 447 59.00 -31.15 1.67
N LYS J 448 58.89 -30.67 2.91
CA LYS J 448 59.99 -30.73 3.87
C LYS J 448 59.42 -30.88 5.27
N LEU J 449 59.78 -31.97 5.94
CA LEU J 449 59.42 -32.20 7.33
C LEU J 449 60.68 -32.49 8.13
N PRO J 450 60.71 -32.11 9.40
CA PRO J 450 61.92 -32.29 10.20
C PRO J 450 62.35 -33.73 10.41
N ARG J 451 61.47 -34.59 10.91
CA ARG J 451 61.80 -35.98 11.23
C ARG J 451 62.93 -36.04 12.26
N ALA J 452 62.59 -35.63 13.47
CA ALA J 452 63.57 -35.54 14.55
C ALA J 452 64.29 -36.86 14.75
N SER J 453 65.61 -36.77 14.91
CA SER J 453 66.48 -37.92 15.14
C SER J 453 67.42 -37.62 16.30
N THR J 454 68.39 -38.50 16.50
CA THR J 454 69.34 -38.35 17.58
C THR J 454 70.65 -39.02 17.20
N THR J 455 71.69 -38.72 17.97
CA THR J 455 73.02 -39.26 17.76
C THR J 455 73.46 -40.05 18.99
N LEU J 456 74.70 -40.52 18.96
CA LEU J 456 75.25 -41.29 20.06
C LEU J 456 75.69 -40.37 21.19
N PHE J 457 76.29 -40.95 22.22
CA PHE J 457 76.67 -40.20 23.41
C PHE J 457 77.68 -41.02 24.19
N ASP J 458 78.78 -40.38 24.60
CA ASP J 458 79.86 -41.11 25.26
C ASP J 458 80.47 -40.35 26.42
N GLU J 459 79.84 -39.27 26.86
CA GLU J 459 80.34 -38.46 27.96
C GLU J 459 79.94 -39.08 29.29
N ASN J 460 80.88 -39.14 30.23
CA ASN J 460 80.62 -39.79 31.50
C ASN J 460 81.39 -39.09 32.61
N GLU J 461 80.89 -39.24 33.84
CA GLU J 461 81.57 -38.76 35.01
C GLU J 461 82.47 -39.84 35.56
N PRO J 462 83.76 -39.58 35.78
CA PRO J 462 84.66 -40.65 36.23
C PRO J 462 84.35 -41.07 37.66
N VAL J 463 84.41 -42.39 37.89
CA VAL J 463 84.16 -42.96 39.20
C VAL J 463 84.70 -44.37 39.18
N VAL J 464 85.22 -44.83 40.33
CA VAL J 464 85.78 -46.17 40.41
C VAL J 464 84.67 -47.19 40.19
N ARG J 465 84.89 -48.11 39.25
CA ARG J 465 83.94 -49.14 38.89
C ARG J 465 84.67 -50.47 38.75
N ARG J 466 83.90 -51.54 38.58
CA ARG J 466 84.48 -52.84 38.29
C ARG J 466 84.02 -53.43 36.97
N TYR J 467 82.90 -53.00 36.41
CA TYR J 467 82.36 -53.56 35.19
C TYR J 467 82.63 -52.63 34.01
N GLN J 468 82.07 -52.97 32.85
CA GLN J 468 82.30 -52.24 31.62
C GLN J 468 81.32 -51.08 31.49
N ILE J 469 81.52 -50.26 30.47
CA ILE J 469 80.68 -49.10 30.19
C ILE J 469 80.48 -49.01 28.68
N GLY J 470 79.25 -48.71 28.26
CA GLY J 470 78.92 -48.65 26.86
C GLY J 470 78.23 -47.35 26.50
N ARG J 471 78.06 -47.13 25.19
CA ARG J 471 77.39 -45.95 24.67
C ARG J 471 75.90 -46.21 24.55
N VAL J 472 75.12 -45.16 24.74
CA VAL J 472 73.66 -45.22 24.67
C VAL J 472 73.16 -44.10 23.77
N TYR J 473 71.98 -44.30 23.20
CA TYR J 473 71.34 -43.25 22.43
C TYR J 473 70.72 -42.22 23.37
N ALA J 474 70.58 -40.99 22.87
CA ALA J 474 69.90 -39.96 23.63
C ALA J 474 68.39 -40.12 23.45
N PRO J 475 67.63 -40.27 24.52
CA PRO J 475 66.19 -40.50 24.36
C PRO J 475 65.40 -39.25 23.99
N PHE J 476 66.16 -38.19 23.71
CA PHE J 476 65.55 -36.88 23.38
C PHE J 476 66.19 -36.33 22.10
N PRO J 477 65.49 -35.53 21.24
CA PRO J 477 66.06 -35.06 19.97
C PRO J 477 66.98 -33.86 20.10
N VAL J 478 67.39 -33.48 21.29
CA VAL J 478 68.23 -32.30 21.46
C VAL J 478 69.70 -32.71 21.36
N ASP J 479 70.55 -31.72 21.12
CA ASP J 479 71.98 -31.92 20.99
C ASP J 479 72.65 -31.36 22.24
N ARG J 480 73.90 -31.78 22.47
CA ARG J 480 74.65 -31.32 23.62
C ARG J 480 74.81 -29.82 23.67
N TYR J 481 74.72 -29.15 22.52
CA TYR J 481 74.83 -27.69 22.45
C TYR J 481 73.47 -27.01 22.40
N GLY J 482 72.39 -27.75 22.64
CA GLY J 482 71.07 -27.16 22.73
C GLY J 482 70.34 -27.01 21.42
N SER J 483 71.03 -27.14 20.29
CA SER J 483 70.37 -27.04 19.00
C SER J 483 69.58 -28.31 18.73
N PRO J 484 68.45 -28.20 18.03
CA PRO J 484 67.69 -29.41 17.66
C PRO J 484 68.47 -30.24 16.66
N VAL J 485 68.22 -31.54 16.70
CA VAL J 485 68.82 -32.48 15.76
C VAL J 485 67.72 -33.00 14.86
N TYR J 486 67.89 -32.84 13.56
CA TYR J 486 66.93 -33.32 12.58
C TYR J 486 67.66 -34.17 11.54
N SER J 487 67.02 -35.27 11.16
CA SER J 487 67.69 -36.24 10.29
C SER J 487 67.99 -35.65 8.91
N ASN J 488 67.05 -34.92 8.33
CA ASN J 488 67.17 -34.44 6.96
C ASN J 488 67.27 -32.92 6.88
N CYS J 489 66.28 -32.20 7.39
CA CYS J 489 66.25 -30.75 7.22
C CYS J 489 65.40 -30.14 8.31
N THR J 490 65.52 -28.83 8.44
CA THR J 490 64.78 -28.05 9.43
C THR J 490 63.89 -27.04 8.73
N LYS J 491 63.17 -26.24 9.52
CA LYS J 491 62.32 -25.16 9.03
C LYS J 491 61.25 -25.71 8.08
N VAL J 492 60.33 -26.47 8.68
CA VAL J 492 59.26 -27.13 7.93
C VAL J 492 58.59 -26.15 6.97
N GLU J 493 58.50 -26.56 5.71
CA GLU J 493 57.78 -25.82 4.68
C GLU J 493 57.26 -26.83 3.67
N LEU J 494 56.15 -26.49 3.01
CA LEU J 494 55.51 -27.44 2.13
C LEU J 494 54.50 -26.73 1.23
N ALA J 495 54.50 -27.12 -0.05
CA ALA J 495 53.68 -26.46 -1.07
C ALA J 495 52.37 -27.20 -1.31
N SER J 496 51.59 -27.44 -0.26
CA SER J 496 50.26 -28.02 -0.39
C SER J 496 49.57 -27.95 0.97
N ASP J 497 48.29 -28.33 0.98
CA ASP J 497 47.52 -28.42 2.24
C ASP J 497 47.26 -29.91 2.48
N TYR J 498 47.37 -30.38 3.72
CA TYR J 498 47.21 -31.79 4.06
C TYR J 498 45.77 -32.20 3.81
N ASN J 499 45.54 -32.93 2.74
CA ASN J 499 44.21 -33.40 2.38
C ASN J 499 44.17 -34.92 2.55
N ALA J 500 43.57 -35.37 3.64
CA ALA J 500 43.31 -36.79 3.83
C ALA J 500 42.07 -37.16 3.04
N GLU J 501 41.54 -38.37 3.28
CA GLU J 501 40.33 -38.83 2.57
C GLU J 501 39.18 -37.84 2.81
N GLY J 502 39.03 -37.38 4.05
CA GLY J 502 37.95 -36.47 4.39
C GLY J 502 38.34 -35.41 5.38
N PHE J 503 39.62 -35.35 5.74
CA PHE J 503 40.11 -34.42 6.75
C PHE J 503 41.14 -33.49 6.14
N THR J 504 40.97 -32.20 6.35
CA THR J 504 41.86 -31.18 5.79
C THR J 504 42.34 -30.28 6.91
N ILE J 505 43.64 -29.96 6.88
CA ILE J 505 44.22 -28.97 7.78
C ILE J 505 45.11 -28.05 6.96
N ARG J 506 45.11 -26.77 7.30
CA ARG J 506 45.71 -25.75 6.45
C ARG J 506 47.22 -25.88 6.43
N LYS J 507 47.84 -25.07 5.56
CA LYS J 507 49.29 -25.07 5.41
C LYS J 507 50.00 -24.66 6.68
N ASP J 508 49.53 -23.61 7.34
CA ASP J 508 50.28 -22.93 8.39
C ASP J 508 50.30 -23.68 9.71
N ASP J 509 49.37 -24.60 9.94
CA ASP J 509 49.26 -25.24 11.24
C ASP J 509 50.46 -26.11 11.58
N PHE J 510 51.28 -26.45 10.60
CA PHE J 510 52.48 -27.24 10.84
C PHE J 510 53.60 -26.42 11.44
N ARG J 511 53.87 -25.24 10.89
CA ARG J 511 54.91 -24.39 11.45
C ARG J 511 54.56 -23.97 12.87
N ALA J 512 53.26 -23.83 13.17
CA ALA J 512 52.85 -23.61 14.54
C ALA J 512 53.14 -24.83 15.41
N LEU J 513 52.95 -26.02 14.87
CA LEU J 513 53.16 -27.23 15.65
C LEU J 513 54.64 -27.43 15.99
N GLN J 514 55.54 -27.10 15.07
CA GLN J 514 56.96 -27.26 15.36
C GLN J 514 57.43 -26.26 16.40
N ALA J 515 56.84 -25.07 16.43
CA ALA J 515 57.25 -24.06 17.40
C ALA J 515 56.91 -24.46 18.83
N VAL J 516 55.77 -25.12 19.04
CA VAL J 516 55.38 -25.50 20.39
C VAL J 516 56.09 -26.76 20.86
N LEU J 517 56.57 -27.60 19.95
CA LEU J 517 57.30 -28.80 20.31
C LEU J 517 58.77 -28.56 20.61
N ARG J 518 59.24 -27.32 20.50
CA ARG J 518 60.64 -27.02 20.75
C ARG J 518 60.98 -27.26 22.22
N ILE J 519 62.27 -27.36 22.50
CA ILE J 519 62.78 -27.69 23.82
C ILE J 519 63.49 -26.49 24.40
N ASP J 520 63.10 -26.09 25.60
CA ASP J 520 63.75 -25.01 26.32
C ASP J 520 65.16 -25.43 26.72
N GLU J 521 66.04 -24.43 26.90
CA GLU J 521 67.44 -24.74 27.15
C GLU J 521 67.65 -25.35 28.54
N ASP J 522 66.97 -24.83 29.56
CA ASP J 522 67.13 -25.39 30.89
C ASP J 522 66.57 -26.80 30.96
N ARG J 523 65.48 -27.06 30.23
CA ARG J 523 64.95 -28.42 30.13
C ARG J 523 66.01 -29.36 29.56
N ALA J 524 66.67 -28.95 28.48
CA ALA J 524 67.71 -29.77 27.88
C ALA J 524 68.88 -29.97 28.84
N ALA J 525 69.22 -28.92 29.60
CA ALA J 525 70.28 -29.06 30.59
C ALA J 525 69.93 -30.12 31.61
N ASP J 526 68.68 -30.14 32.08
CA ASP J 526 68.27 -31.16 33.04
C ASP J 526 68.29 -32.56 32.43
N MET J 527 67.82 -32.68 31.19
CA MET J 527 67.87 -33.99 30.52
C MET J 527 69.30 -34.50 30.45
N PHE J 528 70.23 -33.65 30.03
CA PHE J 528 71.61 -34.11 29.91
C PHE J 528 72.21 -34.39 31.29
N THR J 529 71.81 -33.64 32.31
CA THR J 529 72.29 -33.92 33.65
C THR J 529 71.90 -35.31 34.10
N THR J 530 70.65 -35.70 33.85
CA THR J 530 70.24 -37.05 34.22
C THR J 530 70.95 -38.10 33.36
N LEU J 531 71.01 -37.89 32.05
CA LEU J 531 71.56 -38.90 31.15
C LEU J 531 73.03 -39.15 31.44
N ARG J 532 73.79 -38.10 31.76
CA ARG J 532 75.22 -38.27 31.98
C ARG J 532 75.49 -39.17 33.17
N ILE J 533 74.71 -39.03 34.25
CA ILE J 533 74.88 -39.93 35.38
C ILE J 533 74.28 -41.30 35.11
N MET J 534 73.32 -41.40 34.18
CA MET J 534 72.74 -42.71 33.92
C MET J 534 73.65 -43.59 33.08
N ILE J 535 74.35 -43.02 32.11
CA ILE J 535 75.16 -43.85 31.23
C ILE J 535 76.34 -44.46 31.98
N SER J 536 76.93 -43.70 32.91
CA SER J 536 78.18 -44.10 33.54
C SER J 536 78.00 -45.03 34.73
N SER J 537 76.84 -45.67 34.89
CA SER J 537 76.65 -46.56 36.02
C SER J 537 76.08 -47.91 35.64
N ILE J 538 75.25 -47.95 34.60
CA ILE J 538 74.58 -49.19 34.20
C ILE J 538 75.60 -50.12 33.54
N PRO J 539 75.63 -51.40 33.90
CA PRO J 539 76.56 -52.33 33.24
C PRO J 539 76.29 -52.42 31.75
N ALA J 540 77.36 -52.63 30.99
CA ALA J 540 77.28 -52.58 29.53
C ALA J 540 77.18 -53.96 28.88
N VAL J 541 77.55 -55.03 29.58
CA VAL J 541 77.53 -56.35 28.98
C VAL J 541 76.12 -56.82 28.69
N TRP J 542 75.12 -56.21 29.30
CA TRP J 542 73.73 -56.58 29.09
C TRP J 542 73.10 -55.86 27.90
N TYR J 543 73.84 -54.98 27.23
CA TYR J 543 73.29 -54.25 26.10
C TYR J 543 73.08 -55.11 24.88
N ASP J 544 73.56 -56.35 24.89
CA ASP J 544 73.44 -57.24 23.75
C ASP J 544 72.20 -58.13 23.85
N ALA J 545 71.64 -58.27 25.06
CA ALA J 545 70.59 -59.25 25.29
C ALA J 545 69.36 -58.97 24.45
N GLU J 546 68.78 -60.04 23.91
CA GLU J 546 67.52 -59.95 23.18
C GLU J 546 66.35 -59.97 24.17
N VAL J 547 65.25 -59.37 23.75
CA VAL J 547 64.11 -59.19 24.63
C VAL J 547 63.49 -60.55 24.96
N VAL J 548 62.87 -60.63 26.14
CA VAL J 548 62.19 -61.83 26.59
C VAL J 548 60.74 -61.55 26.97
N HIS J 549 60.49 -60.48 27.70
CA HIS J 549 59.14 -60.07 28.08
C HIS J 549 58.69 -59.00 27.10
N TYR J 550 57.99 -59.42 26.06
CA TYR J 550 57.59 -58.48 25.00
C TYR J 550 56.76 -57.30 25.48
N PRO J 551 55.79 -57.44 26.40
CA PRO J 551 55.01 -56.27 26.82
C PRO J 551 55.82 -55.15 27.44
N HIS J 552 57.13 -55.33 27.58
CA HIS J 552 58.00 -54.27 28.07
C HIS J 552 58.36 -53.26 26.99
N THR J 553 58.12 -53.56 25.72
CA THR J 553 58.46 -52.66 24.63
C THR J 553 57.25 -52.41 23.74
N ALA J 554 56.09 -52.19 24.35
CA ALA J 554 54.88 -51.85 23.62
C ALA J 554 54.22 -50.67 24.31
N VAL J 555 53.59 -49.80 23.51
CA VAL J 555 52.94 -48.61 24.05
C VAL J 555 51.87 -48.15 23.08
N GLU J 556 50.80 -47.56 23.62
CA GLU J 556 49.74 -47.02 22.78
C GLU J 556 50.23 -45.79 22.03
N LEU J 557 49.57 -45.51 20.90
CA LEU J 557 49.90 -44.31 20.16
C LEU J 557 49.58 -43.06 20.95
N GLU J 558 48.46 -43.06 21.67
CA GLU J 558 48.10 -41.89 22.47
C GLU J 558 49.10 -41.64 23.58
N GLN J 559 49.56 -42.71 24.24
CA GLN J 559 50.53 -42.52 25.32
C GLN J 559 51.84 -41.94 24.80
N LEU J 560 52.34 -42.47 23.68
CA LEU J 560 53.57 -41.95 23.11
C LEU J 560 53.41 -40.52 22.65
N ALA J 561 52.26 -40.20 22.05
CA ALA J 561 52.03 -38.83 21.59
C ALA J 561 51.96 -37.87 22.77
N ALA J 562 51.31 -38.27 23.86
CA ALA J 562 51.27 -37.41 25.03
C ALA J 562 52.65 -37.24 25.64
N TYR J 563 53.45 -38.30 25.67
CA TYR J 563 54.80 -38.20 26.20
C TYR J 563 55.64 -37.25 25.36
N GLY J 564 55.47 -37.28 24.04
CA GLY J 564 56.24 -36.42 23.18
C GLY J 564 55.75 -34.99 23.08
N LEU J 565 54.46 -34.76 23.32
CA LEU J 565 53.91 -33.41 23.21
C LEU J 565 54.43 -32.54 24.33
N THR J 566 54.10 -32.88 25.57
CA THR J 566 54.71 -32.23 26.70
C THR J 566 56.15 -32.67 26.81
N GLY J 567 57.06 -31.71 26.97
CA GLY J 567 58.46 -32.05 27.08
C GLY J 567 58.71 -32.94 28.28
N ALA J 568 58.97 -34.22 28.02
CA ALA J 568 59.11 -35.22 29.07
C ALA J 568 60.47 -35.90 28.96
N TYR J 569 61.01 -36.30 30.10
CA TYR J 569 62.34 -36.90 30.13
C TYR J 569 62.49 -37.63 31.46
N PRO J 570 63.22 -38.74 31.49
CA PRO J 570 63.45 -39.42 32.77
C PRO J 570 64.19 -38.51 33.74
N ARG J 571 63.82 -38.59 35.01
CA ARG J 571 64.39 -37.74 36.04
C ARG J 571 64.76 -38.58 37.24
N THR J 572 65.94 -38.32 37.79
CA THR J 572 66.47 -39.07 38.92
C THR J 572 66.80 -38.13 40.07
N ASN J 573 67.15 -38.71 41.22
CA ASN J 573 67.47 -37.94 42.40
C ASN J 573 68.71 -38.43 43.13
N HIS J 574 69.41 -39.42 42.61
CA HIS J 574 70.57 -40.00 43.27
C HIS J 574 71.85 -39.67 42.51
N SER J 575 72.97 -39.74 43.21
CA SER J 575 74.26 -39.52 42.61
C SER J 575 74.77 -40.81 41.96
N VAL J 576 75.91 -40.69 41.28
CA VAL J 576 76.49 -41.86 40.62
C VAL J 576 76.99 -42.87 41.66
N ASP J 577 77.58 -42.35 42.73
CA ASP J 577 78.17 -43.22 43.78
C ASP J 577 77.11 -44.16 44.34
N THR J 578 75.91 -43.64 44.63
CA THR J 578 74.84 -44.46 45.18
C THR J 578 74.49 -45.60 44.25
N ILE J 579 74.36 -45.32 42.95
CA ILE J 579 74.03 -46.35 41.99
C ILE J 579 75.13 -47.40 41.93
N VAL J 580 76.38 -46.96 41.91
CA VAL J 580 77.49 -47.91 41.83
C VAL J 580 77.51 -48.80 43.06
N LYS J 581 77.29 -48.22 44.24
CA LYS J 581 77.29 -49.01 45.46
C LYS J 581 76.14 -50.01 45.47
N THR J 582 74.97 -49.60 44.98
CA THR J 582 73.85 -50.52 44.92
C THR J 582 74.15 -51.70 44.00
N VAL J 583 74.72 -51.42 42.82
CA VAL J 583 75.05 -52.50 41.90
C VAL J 583 76.09 -53.43 42.50
N ASN J 584 77.09 -52.85 43.18
CA ASN J 584 78.11 -53.68 43.81
C ASN J 584 77.52 -54.56 44.90
N ASN J 585 76.60 -54.03 45.69
CA ASN J 585 75.96 -54.85 46.72
C ASN J 585 75.17 -55.99 46.10
N ILE J 586 74.43 -55.71 45.02
CA ILE J 586 73.68 -56.77 44.36
C ILE J 586 74.62 -57.85 43.86
N SER J 587 75.73 -57.44 43.23
CA SER J 587 76.68 -58.42 42.71
C SER J 587 77.28 -59.25 43.84
N ALA J 588 77.63 -58.60 44.95
CA ALA J 588 78.22 -59.33 46.07
C ALA J 588 77.25 -60.34 46.65
N THR J 589 75.99 -59.96 46.81
CA THR J 589 75.00 -60.89 47.34
C THR J 589 74.82 -62.08 46.41
N TYR J 590 74.72 -61.82 45.10
CA TYR J 590 74.58 -62.91 44.15
C TYR J 590 75.77 -63.86 44.23
N SER J 591 76.97 -63.30 44.29
CA SER J 591 78.16 -64.15 44.31
C SER J 591 78.25 -64.97 45.59
N THR J 592 77.92 -64.37 46.73
CA THR J 592 77.95 -65.11 47.98
C THR J 592 76.95 -66.26 47.96
N ILE J 593 75.73 -65.99 47.48
CA ILE J 593 74.73 -67.05 47.41
C ILE J 593 75.21 -68.16 46.49
N ALA J 594 75.76 -67.80 45.34
CA ALA J 594 76.22 -68.81 44.40
C ALA J 594 77.33 -69.67 44.99
N GLN J 595 78.28 -69.04 45.69
CA GLN J 595 79.36 -69.81 46.27
C GLN J 595 78.89 -70.68 47.41
N MET J 596 77.91 -70.22 48.18
CA MET J 596 77.38 -71.06 49.24
C MET J 596 76.60 -72.25 48.70
N LEU J 597 75.88 -72.07 47.59
CA LEU J 597 75.05 -73.14 47.05
C LEU J 597 75.86 -74.27 46.44
N SER J 598 77.17 -74.11 46.27
CA SER J 598 77.96 -75.14 45.62
C SER J 598 78.38 -76.27 46.57
N THR J 599 78.23 -76.07 47.88
CA THR J 599 78.63 -77.11 48.82
C THR J 599 77.66 -78.27 48.84
N ILE J 600 76.36 -77.98 48.84
CA ILE J 600 75.34 -79.02 48.85
C ILE J 600 75.15 -79.54 47.43
N ASP J 601 74.63 -80.77 47.35
CA ASP J 601 74.48 -81.44 46.03
C ASP J 601 73.02 -81.63 45.64
N LEU J 602 72.66 -81.24 44.41
CA LEU J 602 71.32 -81.38 43.86
C LEU J 602 71.48 -81.91 42.44
N ASP J 603 71.49 -83.22 42.28
CA ASP J 603 71.63 -83.72 40.93
C ASP J 603 70.27 -83.73 40.22
N PRO J 604 70.27 -83.73 38.88
CA PRO J 604 69.00 -83.69 38.15
C PRO J 604 68.28 -85.03 38.07
N THR J 605 68.93 -86.12 38.44
CA THR J 605 68.32 -87.45 38.29
C THR J 605 67.60 -87.93 39.53
N ARG J 606 67.60 -87.16 40.61
CA ARG J 606 67.01 -87.63 41.86
C ARG J 606 65.51 -87.37 41.92
N TYR J 607 65.03 -86.25 41.40
CA TYR J 607 63.63 -85.90 41.44
C TYR J 607 63.14 -85.66 40.02
N GLY J 608 61.84 -85.36 39.91
CA GLY J 608 61.28 -84.92 38.66
C GLY J 608 61.63 -83.48 38.38
N THR J 609 61.34 -83.05 37.14
CA THR J 609 61.68 -81.69 36.74
C THR J 609 60.91 -80.65 37.52
N SER J 610 59.78 -81.01 38.11
CA SER J 610 59.01 -80.05 38.91
C SER J 610 59.44 -80.03 40.36
N GLU J 611 59.79 -81.17 40.93
CA GLU J 611 60.16 -81.21 42.34
C GLU J 611 61.55 -80.65 42.56
N SER J 612 62.48 -80.86 41.62
CA SER J 612 63.83 -80.35 41.79
C SER J 612 63.85 -78.83 41.92
N ILE J 613 62.95 -78.16 41.19
CA ILE J 613 62.84 -76.71 41.31
C ILE J 613 62.45 -76.32 42.74
N ASP J 614 61.49 -77.04 43.31
CA ASP J 614 61.06 -76.73 44.68
C ASP J 614 62.18 -77.00 45.68
N LYS J 615 62.92 -78.08 45.48
CA LYS J 615 64.07 -78.34 46.36
C LYS J 615 65.09 -77.21 46.26
N PHE J 616 65.32 -76.72 45.04
CA PHE J 616 66.23 -75.59 44.87
C PHE J 616 65.72 -74.34 45.58
N LYS J 617 64.41 -74.08 45.50
CA LYS J 617 63.85 -72.94 46.21
C LYS J 617 64.06 -73.07 47.71
N ILE J 618 63.81 -74.26 48.26
CA ILE J 618 63.97 -74.47 49.69
C ILE J 618 65.43 -74.26 50.09
N ALA J 619 66.35 -74.82 49.32
CA ALA J 619 67.77 -74.67 49.63
C ALA J 619 68.18 -73.20 49.58
N TRP J 620 67.72 -72.47 48.57
CA TRP J 620 68.05 -71.05 48.44
C TRP J 620 67.54 -70.26 49.63
N GLU J 621 66.29 -70.49 50.02
CA GLU J 621 65.73 -69.75 51.15
C GLU J 621 66.46 -70.07 52.44
N ASN J 622 66.78 -71.35 52.65
CA ASN J 622 67.52 -71.72 53.85
C ASN J 622 68.89 -71.06 53.88
N VAL J 623 69.59 -71.06 52.74
CA VAL J 623 70.93 -70.47 52.68
C VAL J 623 70.87 -68.97 52.92
N GLU J 624 69.87 -68.31 52.35
CA GLU J 624 69.69 -66.88 52.60
C GLU J 624 69.41 -66.62 54.07
N SER J 625 68.63 -67.50 54.71
CA SER J 625 68.26 -67.28 56.11
C SER J 625 69.42 -67.52 57.07
N VAL J 626 70.25 -68.54 56.83
CA VAL J 626 71.26 -68.92 57.81
C VAL J 626 72.32 -67.83 57.94
N LEU J 627 72.85 -67.36 56.82
CA LEU J 627 74.05 -66.53 56.83
C LEU J 627 73.76 -65.06 56.56
N ASN J 628 73.10 -64.74 55.46
CA ASN J 628 72.90 -63.35 55.09
C ASN J 628 71.91 -62.66 56.02
N MET J 629 72.01 -61.34 56.07
CA MET J 629 70.99 -60.52 56.71
C MET J 629 69.89 -60.26 55.70
N GLU J 630 68.64 -60.38 56.16
CA GLU J 630 67.51 -60.26 55.25
C GLU J 630 67.46 -58.86 54.64
N GLY J 631 67.62 -58.79 53.33
CA GLY J 631 67.45 -57.56 52.59
C GLY J 631 66.29 -57.67 51.63
N ASN J 632 66.58 -57.78 50.34
CA ASN J 632 65.55 -58.00 49.34
C ASN J 632 65.88 -59.08 48.33
N ASP J 633 67.16 -59.42 48.13
CA ASP J 633 67.56 -60.51 47.24
C ASP J 633 67.03 -60.28 45.83
N PHE J 634 67.59 -59.23 45.20
CA PHE J 634 67.13 -58.75 43.92
C PHE J 634 67.00 -59.87 42.89
N VAL J 635 68.02 -60.71 42.78
CA VAL J 635 68.00 -61.77 41.78
C VAL J 635 66.92 -62.80 42.10
N LYS J 636 66.71 -63.09 43.38
CA LYS J 636 65.70 -64.07 43.75
C LYS J 636 64.31 -63.57 43.38
N THR J 637 64.01 -62.30 43.69
CA THR J 637 62.71 -61.74 43.33
C THR J 637 62.55 -61.71 41.82
N ILE J 638 63.61 -61.38 41.08
CA ILE J 638 63.51 -61.32 39.62
C ILE J 638 63.15 -62.70 39.07
N MET J 639 63.83 -63.74 39.56
CA MET J 639 63.54 -65.08 39.06
C MET J 639 62.18 -65.59 39.51
N TYR J 640 61.71 -65.17 40.69
CA TYR J 640 60.39 -65.62 41.15
C TYR J 640 59.28 -64.98 40.34
N ALA J 641 59.39 -63.67 40.08
CA ALA J 641 58.28 -62.94 39.48
C ALA J 641 58.07 -63.29 38.02
N TYR J 642 59.06 -63.87 37.35
CA TYR J 642 58.96 -64.13 35.91
C TYR J 642 59.24 -65.59 35.59
N GLU J 643 58.94 -66.50 36.53
CA GLU J 643 59.17 -67.91 36.27
C GLU J 643 58.08 -68.55 35.40
N ASP J 644 56.94 -67.89 35.24
CA ASP J 644 55.85 -68.44 34.44
C ASP J 644 56.10 -68.30 32.94
N ASN J 645 57.01 -67.43 32.52
CA ASN J 645 57.29 -67.22 31.11
C ASN J 645 58.38 -68.14 30.58
N PHE J 646 58.76 -69.17 31.34
CA PHE J 646 59.82 -70.08 30.95
C PHE J 646 59.31 -71.51 31.06
N PRO J 647 59.54 -72.35 30.05
CA PRO J 647 59.31 -73.79 30.23
C PRO J 647 60.23 -74.33 31.31
N LYS J 648 59.74 -75.35 32.02
CA LYS J 648 60.36 -75.75 33.28
C LYS J 648 61.80 -76.22 33.08
N LYS J 649 62.08 -76.88 31.97
CA LYS J 649 63.41 -77.43 31.75
C LYS J 649 64.46 -76.33 31.73
N ASP J 650 64.19 -75.24 31.00
CA ASP J 650 65.18 -74.16 30.91
C ASP J 650 65.23 -73.33 32.18
N PHE J 651 64.13 -73.23 32.93
CA PHE J 651 64.20 -72.59 34.24
C PHE J 651 65.12 -73.37 35.16
N TYR J 652 64.99 -74.70 35.17
CA TYR J 652 65.91 -75.53 35.94
C TYR J 652 67.34 -75.38 35.44
N MET J 653 67.51 -75.24 34.12
CA MET J 653 68.85 -75.04 33.58
C MET J 653 69.46 -73.72 34.08
N MET J 654 68.65 -72.66 34.12
CA MET J 654 69.14 -71.38 34.63
C MET J 654 69.53 -71.50 36.10
N LEU J 655 68.70 -72.18 36.91
CA LEU J 655 69.04 -72.35 38.31
C LEU J 655 70.33 -73.15 38.47
N LYS J 656 70.50 -74.21 37.67
CA LYS J 656 71.74 -74.98 37.72
C LYS J 656 72.93 -74.14 37.33
N GLN J 657 72.76 -73.26 36.34
CA GLN J 657 73.85 -72.37 35.94
C GLN J 657 74.25 -71.44 37.08
N ILE J 658 73.26 -70.88 37.77
CA ILE J 658 73.56 -70.04 38.93
C ILE J 658 74.33 -70.84 39.98
N ALA J 659 73.88 -72.07 40.22
CA ALA J 659 74.55 -72.90 41.23
C ALA J 659 75.99 -73.20 40.83
N SER J 660 76.22 -73.46 39.55
CA SER J 660 77.54 -73.91 39.09
C SER J 660 78.48 -72.78 38.75
N ASP J 661 78.02 -71.53 38.72
CA ASP J 661 78.91 -70.43 38.40
C ASP J 661 80.04 -70.30 39.41
N GLY J 662 79.77 -70.61 40.68
CA GLY J 662 80.78 -70.45 41.71
C GLY J 662 81.22 -71.74 42.34
N GLN J 663 81.43 -72.78 41.52
CA GLN J 663 81.75 -74.11 42.01
C GLN J 663 83.26 -74.33 41.98
N GLY J 664 83.81 -74.74 43.12
CA GLY J 664 85.15 -75.27 43.15
C GLY J 664 86.21 -74.50 43.92
N ALA J 665 86.55 -75.00 45.11
CA ALA J 665 87.78 -74.65 45.82
C ALA J 665 87.90 -73.15 46.08
N HIS J 666 86.93 -72.68 46.87
CA HIS J 666 86.90 -71.25 47.25
C HIS J 666 86.92 -71.20 48.79
N PRO J 667 87.36 -70.09 49.46
CA PRO J 667 87.47 -70.06 50.93
C PRO J 667 86.21 -70.47 51.66
N ILE J 668 85.03 -70.19 51.11
CA ILE J 668 83.80 -70.64 51.75
C ILE J 668 83.75 -72.17 51.79
N ALA J 669 84.16 -72.82 50.70
CA ALA J 669 84.20 -74.27 50.68
C ALA J 669 85.17 -74.81 51.70
N ALA J 670 86.34 -74.19 51.83
CA ALA J 670 87.30 -74.62 52.85
C ALA J 670 86.73 -74.45 54.25
N ALA J 671 86.02 -73.35 54.48
CA ALA J 671 85.42 -73.12 55.79
C ALA J 671 84.38 -74.18 56.11
N ILE J 672 83.54 -74.53 55.14
CA ILE J 672 82.54 -75.57 55.41
C ILE J 672 83.19 -76.93 55.58
N ASP J 673 84.29 -77.18 54.86
CA ASP J 673 84.97 -78.47 54.99
C ASP J 673 85.66 -78.61 56.34
N GLN J 674 86.17 -77.50 56.87
CA GLN J 674 86.82 -77.53 58.18
C GLN J 674 85.87 -78.04 59.26
N LEU J 675 84.56 -77.83 59.06
CA LEU J 675 83.57 -78.28 60.03
C LEU J 675 83.02 -79.65 59.67
N ARG J 676 82.78 -79.91 58.38
CA ARG J 676 82.29 -81.21 57.97
C ARG J 676 83.30 -82.31 58.25
N THR J 677 84.59 -81.99 58.30
CA THR J 677 85.57 -82.97 58.74
C THR J 677 85.35 -83.35 60.20
N ILE J 678 85.09 -82.38 61.06
CA ILE J 678 84.85 -82.65 62.47
C ILE J 678 83.57 -83.46 62.64
N VAL J 679 82.53 -83.14 61.87
CA VAL J 679 81.28 -83.87 61.99
C VAL J 679 81.48 -85.34 61.63
N TYR J 680 82.23 -85.61 60.56
CA TYR J 680 82.43 -86.99 60.14
C TYR J 680 83.24 -87.78 61.15
N ARG J 681 84.26 -87.17 61.75
CA ARG J 681 85.19 -87.92 62.56
C ARG J 681 84.61 -88.32 63.91
N GLU J 682 83.71 -87.53 64.47
CA GLU J 682 83.19 -87.74 65.83
C GLU J 682 81.67 -87.85 65.75
N PRO J 683 81.14 -89.00 65.38
CA PRO J 683 79.69 -89.12 65.22
C PRO J 683 78.94 -89.13 66.54
N GLU J 684 79.57 -89.66 67.58
CA GLU J 684 78.90 -89.79 68.87
C GLU J 684 78.58 -88.44 69.49
N ARG J 685 79.50 -87.48 69.36
CA ARG J 685 79.28 -86.18 69.98
C ARG J 685 78.05 -85.48 69.42
N PHE J 686 77.87 -85.54 68.11
CA PHE J 686 76.73 -84.89 67.47
C PHE J 686 75.46 -85.73 67.53
N GLY J 687 75.54 -86.95 68.01
CA GLY J 687 74.34 -87.75 68.23
C GLY J 687 73.80 -88.43 67.00
N TYR J 688 74.65 -89.17 66.29
CA TYR J 688 74.20 -89.97 65.17
C TYR J 688 75.19 -91.11 64.97
N ILE J 689 74.72 -92.16 64.30
CA ILE J 689 75.55 -93.31 64.00
C ILE J 689 75.54 -93.54 62.50
N ASP J 690 76.67 -94.02 61.98
CA ASP J 690 76.80 -94.22 60.54
C ASP J 690 75.82 -95.28 60.04
N SER J 691 75.81 -96.44 60.71
CA SER J 691 74.95 -97.54 60.30
C SER J 691 74.75 -98.47 61.48
N VAL J 692 73.72 -99.32 61.37
CA VAL J 692 73.36 -100.24 62.43
C VAL J 692 73.30 -101.64 61.83
N ILE J 693 73.42 -102.64 62.69
CA ILE J 693 73.48 -104.02 62.25
C ILE J 693 72.39 -104.82 62.95
N LEU J 694 71.73 -105.70 62.21
CA LEU J 694 70.72 -106.61 62.73
C LEU J 694 71.22 -108.04 62.53
N THR J 695 71.11 -108.85 63.57
CA THR J 695 71.65 -110.21 63.50
C THR J 695 70.80 -111.14 64.36
N HIS J 696 70.94 -112.43 64.09
CA HIS J 696 70.20 -113.45 64.82
C HIS J 696 70.89 -113.77 66.15
N ASN J 697 72.16 -114.11 66.09
CA ASN J 697 72.97 -114.37 67.28
C ASN J 697 74.11 -113.36 67.33
N PRO J 698 74.07 -112.40 68.25
CA PRO J 698 75.15 -111.42 68.32
C PRO J 698 76.47 -112.06 68.70
N ASP J 699 77.56 -111.44 68.25
CA ASP J 699 78.91 -111.90 68.51
C ASP J 699 79.62 -110.74 69.21
N VAL J 700 79.65 -110.79 70.54
CA VAL J 700 80.35 -109.75 71.30
C VAL J 700 81.84 -109.85 71.02
N ASP J 701 82.53 -108.70 71.05
CA ASP J 701 83.94 -108.68 70.68
C ASP J 701 84.87 -108.86 71.87
N THR J 702 84.36 -108.69 73.09
CA THR J 702 85.13 -108.88 74.32
C THR J 702 86.33 -107.94 74.42
N ALA J 703 86.51 -107.07 73.42
CA ALA J 703 87.55 -106.06 73.53
C ALA J 703 87.13 -104.93 74.45
N TYR J 704 85.83 -104.61 74.46
CA TYR J 704 85.28 -103.59 75.34
C TYR J 704 84.82 -104.15 76.67
N ASN J 705 84.95 -105.46 76.90
CA ASN J 705 84.54 -106.03 78.17
C ASN J 705 85.41 -105.53 79.32
N ARG J 706 86.59 -104.97 79.02
CA ARG J 706 87.43 -104.40 80.06
C ARG J 706 86.84 -103.15 80.67
N PHE J 707 85.86 -102.53 80.01
CA PHE J 707 85.28 -101.27 80.47
C PHE J 707 83.78 -101.34 80.72
N PHE J 708 83.07 -102.27 80.09
CA PHE J 708 81.63 -102.38 80.25
C PHE J 708 81.25 -103.80 80.62
N HIS J 709 80.09 -103.95 81.26
CA HIS J 709 79.55 -105.27 81.58
C HIS J 709 78.60 -105.75 80.48
N LEU J 710 77.61 -104.94 80.14
CA LEU J 710 76.67 -105.22 79.06
C LEU J 710 76.74 -104.05 78.07
N HIS J 711 77.15 -104.35 76.85
CA HIS J 711 77.32 -103.32 75.83
C HIS J 711 76.76 -103.79 74.51
N PRO J 712 76.29 -102.88 73.67
CA PRO J 712 75.71 -103.27 72.39
C PRO J 712 76.72 -103.39 71.25
N ILE J 713 78.00 -103.51 71.60
CA ILE J 713 79.05 -103.55 70.59
C ILE J 713 79.26 -104.99 70.16
N VAL J 714 79.18 -105.24 68.85
CA VAL J 714 79.40 -106.57 68.29
C VAL J 714 80.35 -106.44 67.10
N THR J 715 80.84 -107.59 66.65
CA THR J 715 81.74 -107.67 65.51
C THR J 715 81.22 -108.74 64.54
N ASN J 716 80.30 -108.35 63.67
CA ASN J 716 79.70 -109.23 62.68
C ASN J 716 80.02 -108.72 61.29
N GLN J 717 80.51 -109.61 60.44
CA GLN J 717 80.77 -109.21 59.06
C GLN J 717 79.44 -109.11 58.32
N PRO J 718 79.10 -107.95 57.77
CA PRO J 718 77.78 -107.79 57.17
C PRO J 718 77.62 -108.59 55.90
N SER J 719 76.37 -108.93 55.60
CA SER J 719 75.99 -109.48 54.32
C SER J 719 74.63 -108.88 53.94
N ASN J 720 74.35 -108.83 52.63
CA ASN J 720 73.07 -108.26 52.14
C ASN J 720 72.93 -106.82 52.66
N THR J 721 73.98 -106.00 52.52
CA THR J 721 73.90 -104.60 52.94
C THR J 721 72.76 -103.90 52.21
N ILE J 722 71.95 -103.16 52.95
CA ILE J 722 70.79 -102.47 52.40
C ILE J 722 71.12 -100.98 52.37
N LYS J 723 71.06 -100.40 51.16
CA LYS J 723 71.56 -99.06 50.94
C LYS J 723 70.67 -97.97 51.53
N ASN J 724 69.40 -98.25 51.78
CA ASN J 724 68.49 -97.25 52.30
C ASN J 724 67.65 -97.86 53.41
N ALA J 725 67.50 -97.10 54.50
CA ALA J 725 66.75 -97.60 55.65
C ALA J 725 65.26 -97.72 55.37
N GLN J 726 64.72 -96.93 54.46
CA GLN J 726 63.31 -97.03 54.12
C GLN J 726 62.98 -98.33 53.41
N LEU J 727 63.93 -98.89 52.64
CA LEU J 727 63.68 -100.15 51.96
C LEU J 727 63.35 -101.26 52.93
N TRP J 728 63.91 -101.21 54.14
CA TRP J 728 63.62 -102.24 55.13
C TRP J 728 62.17 -102.17 55.58
N ASN J 729 61.64 -100.97 55.83
CA ASN J 729 60.29 -100.85 56.34
C ASN J 729 59.24 -101.25 55.31
N GLU J 730 59.51 -101.01 54.04
CA GLU J 730 58.55 -101.34 52.99
C GLU J 730 58.53 -102.81 52.63
N MET J 731 59.44 -103.61 53.18
CA MET J 731 59.52 -105.02 52.84
C MET J 731 58.37 -105.79 53.49
N ARG J 732 58.14 -106.99 52.98
CA ARG J 732 57.15 -107.90 53.54
C ARG J 732 57.80 -108.80 54.59
N LEU J 733 56.98 -109.25 55.54
CA LEU J 733 57.50 -109.90 56.74
C LEU J 733 58.33 -111.13 56.39
N GLU J 734 57.86 -111.94 55.45
CA GLU J 734 58.59 -113.15 55.08
C GLU J 734 59.96 -112.79 54.51
N GLN J 735 60.02 -111.74 53.70
CA GLN J 735 61.30 -111.34 53.10
C GLN J 735 62.29 -110.90 54.18
N GLN J 736 61.83 -110.11 55.15
CA GLN J 736 62.72 -109.70 56.23
C GLN J 736 63.16 -110.87 57.06
N VAL J 737 62.26 -111.83 57.33
CA VAL J 737 62.64 -113.01 58.08
C VAL J 737 63.72 -113.79 57.35
N GLU J 738 63.54 -113.96 56.05
CA GLU J 738 64.53 -114.66 55.24
C GLU J 738 65.86 -113.93 55.28
N HIS J 739 65.83 -112.61 55.10
CA HIS J 739 67.07 -111.83 55.12
C HIS J 739 67.81 -111.99 56.44
N ILE J 740 67.09 -111.88 57.55
CA ILE J 740 67.74 -112.03 58.85
C ILE J 740 68.29 -113.43 59.03
N LYS J 741 67.51 -114.45 58.65
CA LYS J 741 67.95 -115.82 58.87
C LYS J 741 69.15 -116.19 58.02
N ALA J 742 69.35 -115.52 56.88
CA ALA J 742 70.50 -115.82 56.04
C ALA J 742 71.82 -115.36 56.65
N GLY J 743 71.80 -114.45 57.61
CA GLY J 743 73.01 -113.94 58.21
C GLY J 743 72.81 -112.51 58.68
N PRO J 744 73.87 -111.90 59.23
CA PRO J 744 73.75 -110.52 59.68
C PRO J 744 73.45 -109.58 58.52
N VAL J 745 72.64 -108.56 58.80
CA VAL J 745 72.22 -107.59 57.80
C VAL J 745 72.49 -106.19 58.34
N ARG J 746 73.04 -105.33 57.49
CA ARG J 746 73.42 -103.97 57.88
C ARG J 746 72.48 -102.97 57.22
N ILE J 747 71.92 -102.08 58.02
CA ILE J 747 70.99 -101.06 57.55
C ILE J 747 71.76 -99.75 57.48
N ILE J 748 72.22 -99.39 56.29
CA ILE J 748 72.96 -98.15 56.11
C ILE J 748 71.97 -96.98 56.13
N GLY J 749 72.29 -95.96 56.91
CA GLY J 749 71.46 -94.79 57.00
C GLY J 749 71.70 -94.05 58.29
N PRO J 750 71.67 -92.72 58.25
CA PRO J 750 71.87 -91.93 59.47
C PRO J 750 70.72 -92.15 60.45
N PHE J 751 71.06 -92.51 61.68
CA PHE J 751 70.09 -92.71 62.74
C PHE J 751 70.40 -91.80 63.91
N HIS J 752 69.38 -91.10 64.41
CA HIS J 752 69.53 -90.33 65.63
C HIS J 752 69.71 -91.28 66.80
N VAL J 753 70.80 -91.12 67.54
CA VAL J 753 71.18 -92.07 68.57
C VAL J 753 71.50 -91.31 69.86
N THR J 754 70.96 -91.79 70.97
CA THR J 754 71.32 -91.31 72.29
C THR J 754 71.86 -92.49 73.09
N TYR J 755 72.90 -92.24 73.88
CA TYR J 755 73.55 -93.28 74.66
C TYR J 755 73.24 -93.06 76.13
N ASN J 756 72.95 -94.14 76.85
CA ASN J 756 72.71 -94.09 78.28
C ASN J 756 73.82 -94.85 79.00
N TYR J 757 74.49 -94.19 79.91
CA TYR J 757 75.51 -94.81 80.75
C TYR J 757 74.95 -94.94 82.15
N LEU J 758 74.87 -96.18 82.65
CA LEU J 758 74.21 -96.46 83.91
C LEU J 758 75.15 -97.19 84.84
N SER J 759 75.11 -96.80 86.12
CA SER J 759 75.76 -97.59 87.15
C SER J 759 75.04 -98.92 87.29
N GLU J 760 75.79 -99.97 87.64
CA GLU J 760 75.23 -101.31 87.66
C GLU J 760 74.08 -101.44 88.65
N GLU J 761 74.11 -100.71 89.75
CA GLU J 761 73.07 -100.86 90.77
C GLU J 761 71.71 -100.41 90.26
N GLU J 762 71.66 -99.26 89.59
CA GLU J 762 70.38 -98.73 89.13
C GLU J 762 69.83 -99.57 87.97
N ASP J 763 68.51 -99.60 87.87
CA ASP J 763 67.83 -100.40 86.85
C ASP J 763 68.10 -99.84 85.45
N MET J 764 67.93 -100.74 84.47
CA MET J 764 68.12 -100.35 83.05
C MET J 764 66.75 -100.03 82.44
N PRO J 765 66.45 -98.77 82.02
CA PRO J 765 65.13 -98.42 81.47
C PRO J 765 64.78 -99.30 80.28
N ALA J 766 63.51 -99.67 80.18
CA ALA J 766 63.03 -100.46 79.06
C ALA J 766 62.92 -99.59 77.83
N THR J 767 63.54 -100.02 76.73
CA THR J 767 63.56 -99.26 75.49
C THR J 767 63.03 -100.11 74.35
N SER J 768 62.30 -99.47 73.45
CA SER J 768 61.71 -100.14 72.29
C SER J 768 62.62 -99.91 71.09
N HIS J 769 63.11 -101.00 70.50
CA HIS J 769 63.97 -100.92 69.34
C HIS J 769 63.26 -101.26 68.05
N ILE J 770 62.35 -102.23 68.06
CA ILE J 770 61.65 -102.68 66.86
C ILE J 770 60.18 -102.85 67.19
N ILE J 771 59.32 -102.31 66.34
CA ILE J 771 57.87 -102.45 66.48
C ILE J 771 57.39 -103.50 65.49
N MET J 772 56.53 -104.40 65.95
CA MET J 772 56.10 -105.53 65.14
C MET J 772 54.59 -105.51 64.90
N LYS J 773 54.06 -104.35 64.51
CA LYS J 773 52.62 -104.26 64.27
C LYS J 773 52.19 -105.21 63.15
N ASP J 774 52.85 -105.12 61.99
CA ASP J 774 52.59 -106.05 60.90
C ASP J 774 53.91 -106.60 60.35
N ASN J 775 54.97 -105.83 60.45
CA ASN J 775 56.32 -106.30 60.16
C ASN J 775 57.29 -105.51 61.04
N MET J 776 58.49 -106.05 61.21
CA MET J 776 59.45 -105.41 62.09
C MET J 776 59.99 -104.13 61.46
N ILE J 777 59.38 -102.99 61.75
CA ILE J 777 59.88 -101.71 61.28
C ILE J 777 60.92 -101.21 62.27
N LEU J 778 61.81 -100.35 61.79
CA LEU J 778 62.92 -99.84 62.58
C LEU J 778 62.72 -98.35 62.84
N ASN J 779 62.79 -97.96 64.11
CA ASN J 779 62.55 -96.58 64.48
C ASN J 779 63.69 -95.68 64.01
N ASP J 780 63.39 -94.39 63.89
CA ASP J 780 64.39 -93.40 63.51
C ASP J 780 65.19 -92.88 64.69
N HIS J 781 64.82 -93.25 65.92
CA HIS J 781 65.47 -92.77 67.13
C HIS J 781 65.76 -93.99 68.01
N LEU J 782 67.01 -94.42 68.03
CA LEU J 782 67.41 -95.60 68.78
C LEU J 782 68.11 -95.18 70.06
N THR J 783 67.87 -95.91 71.13
CA THR J 783 68.55 -95.71 72.41
C THR J 783 69.22 -97.01 72.82
N PHE J 784 70.46 -96.93 73.26
CA PHE J 784 71.22 -98.09 73.70
C PHE J 784 71.66 -97.90 75.15
N ASN J 785 71.87 -99.02 75.84
CA ASN J 785 72.14 -98.99 77.27
C ASN J 785 73.52 -99.54 77.55
N PHE J 786 74.33 -98.76 78.27
CA PHE J 786 75.65 -99.18 78.75
C PHE J 786 75.61 -99.26 80.26
N VAL J 787 76.20 -100.30 80.81
CA VAL J 787 76.46 -100.40 82.25
C VAL J 787 77.97 -100.46 82.45
N LYS J 788 78.50 -99.50 83.19
CA LYS J 788 79.93 -99.26 83.26
C LYS J 788 80.57 -100.07 84.38
N ARG J 789 81.45 -101.00 84.02
CA ARG J 789 82.23 -101.73 85.01
C ARG J 789 83.16 -100.77 85.73
N GLU J 790 83.28 -100.94 87.05
CA GLU J 790 84.03 -100.00 87.87
C GLU J 790 84.46 -100.69 89.16
N ARG J 791 85.29 -100.00 89.95
CA ARG J 791 86.06 -100.66 90.99
C ARG J 791 85.23 -101.16 92.16
N ARG J 792 84.04 -100.63 92.40
CA ARG J 792 83.23 -101.17 93.49
C ARG J 792 82.79 -102.60 93.20
N ASN J 793 82.57 -102.94 91.93
CA ASN J 793 82.21 -104.30 91.55
C ASN J 793 82.99 -104.70 90.30
N ASN J 794 83.97 -105.57 90.47
CA ASN J 794 84.70 -106.16 89.35
C ASN J 794 84.75 -107.66 89.52
N LYS J 795 84.99 -108.36 88.42
CA LYS J 795 84.99 -109.82 88.38
C LYS J 795 83.65 -110.40 88.81
N LYS J 796 82.57 -109.69 88.52
CA LYS J 796 81.22 -110.07 88.94
C LYS J 796 80.31 -110.14 87.72
N ARG J 797 79.67 -111.29 87.54
CA ARG J 797 78.69 -111.47 86.48
C ARG J 797 77.42 -110.70 86.83
N VAL J 798 76.89 -109.94 85.87
CA VAL J 798 75.71 -109.12 86.14
C VAL J 798 74.42 -109.81 85.68
N SER J 799 74.28 -110.07 84.39
CA SER J 799 73.07 -110.64 83.83
C SER J 799 73.29 -110.90 82.34
N SER J 800 72.25 -111.45 81.70
CA SER J 800 72.23 -111.66 80.25
C SER J 800 73.44 -112.44 79.74
N TYR J 809 62.69 -110.29 69.64
CA TYR J 809 63.51 -111.48 69.44
C TYR J 809 64.84 -111.13 68.77
N VAL J 810 64.76 -110.57 67.56
CA VAL J 810 65.97 -110.19 66.84
C VAL J 810 66.69 -109.08 67.61
N ALA J 811 68.00 -109.02 67.43
CA ALA J 811 68.84 -108.07 68.15
C ALA J 811 69.34 -106.99 67.21
N VAL J 812 69.31 -105.75 67.68
CA VAL J 812 69.85 -104.60 66.97
C VAL J 812 71.08 -104.11 67.72
N ARG J 813 72.19 -103.98 67.01
CA ARG J 813 73.48 -103.71 67.63
C ARG J 813 74.27 -102.72 66.78
N ILE J 814 75.29 -102.14 67.38
CA ILE J 814 76.15 -101.19 66.68
C ILE J 814 77.57 -101.72 66.63
N SER J 815 78.43 -101.08 65.84
CA SER J 815 79.84 -101.42 65.76
C SER J 815 80.63 -100.13 65.64
N ARG J 816 81.95 -100.24 65.84
CA ARG J 816 82.86 -99.10 65.74
C ARG J 816 82.47 -97.99 66.70
N PHE J 817 82.63 -98.28 67.99
CA PHE J 817 82.43 -97.29 69.03
C PHE J 817 83.76 -96.64 69.40
N GLN J 818 83.73 -95.33 69.62
CA GLN J 818 84.93 -94.54 69.86
C GLN J 818 84.95 -94.02 71.29
N LEU J 819 86.03 -94.32 72.01
CA LEU J 819 86.22 -93.81 73.36
C LEU J 819 87.71 -93.73 73.63
N GLU J 820 88.07 -92.94 74.63
CA GLU J 820 89.46 -92.61 74.91
C GLU J 820 89.91 -93.24 76.23
N VAL J 821 90.98 -94.02 76.17
CA VAL J 821 91.66 -94.50 77.37
C VAL J 821 92.80 -93.54 77.68
N LEU J 822 93.14 -93.40 78.95
CA LEU J 822 94.08 -92.37 79.37
C LEU J 822 95.41 -92.91 79.85
N ARG J 823 95.41 -93.96 80.67
CA ARG J 823 96.60 -94.65 81.17
C ARG J 823 97.43 -93.79 82.12
N ASP J 824 97.05 -92.54 82.38
CA ASP J 824 97.79 -91.69 83.31
C ASP J 824 96.93 -90.50 83.68
N LEU J 825 97.02 -90.10 84.95
CA LEU J 825 96.28 -88.93 85.42
C LEU J 825 96.79 -87.63 84.81
N HIS J 826 98.07 -87.59 84.42
CA HIS J 826 98.66 -86.37 83.89
C HIS J 826 98.17 -86.02 82.50
N ASP J 827 97.47 -86.93 81.82
CA ASP J 827 97.01 -86.69 80.47
C ASP J 827 95.69 -85.95 80.41
N LEU J 828 95.08 -85.65 81.55
CA LEU J 828 93.83 -84.91 81.56
C LEU J 828 94.01 -83.41 81.37
N VAL J 829 95.25 -82.93 81.32
CA VAL J 829 95.53 -81.51 81.20
C VAL J 829 95.66 -81.15 79.73
N ARG J 830 94.90 -80.15 79.29
CA ARG J 830 94.90 -79.68 77.92
C ARG J 830 95.36 -78.22 77.90
N SER J 831 95.26 -77.59 76.74
CA SER J 831 95.74 -76.22 76.58
C SER J 831 94.74 -75.39 75.79
N ARG J 832 94.56 -74.14 76.20
CA ARG J 832 93.70 -73.18 75.51
C ARG J 832 94.55 -72.00 75.03
N THR J 833 93.86 -70.97 74.54
CA THR J 833 94.53 -69.76 74.07
C THR J 833 93.75 -68.55 74.54
N TYR J 834 94.45 -67.59 75.15
CA TYR J 834 93.83 -66.39 75.68
C TYR J 834 94.59 -65.16 75.22
N LEU J 835 93.87 -64.05 75.09
CA LEU J 835 94.48 -62.78 74.73
C LEU J 835 95.15 -62.15 75.94
N ASP J 836 96.38 -61.68 75.75
CA ASP J 836 97.12 -61.01 76.83
C ASP J 836 96.67 -59.56 76.87
N VAL J 837 95.65 -59.28 77.69
CA VAL J 837 95.15 -57.92 77.81
C VAL J 837 96.17 -57.00 78.46
N SER J 838 97.14 -57.56 79.20
CA SER J 838 98.11 -56.72 79.90
C SER J 838 98.96 -55.92 78.92
N LYS J 839 99.42 -56.55 77.84
CA LYS J 839 100.25 -55.86 76.85
C LYS J 839 99.56 -55.60 75.53
N SER J 840 98.33 -56.09 75.34
CA SER J 840 97.55 -55.83 74.14
C SER J 840 96.15 -55.40 74.58
N PRO J 841 96.02 -54.16 75.03
CA PRO J 841 94.72 -53.72 75.57
C PRO J 841 93.66 -53.67 74.50
N LEU J 842 92.41 -53.79 74.93
CA LEU J 842 91.29 -53.70 74.01
C LEU J 842 90.96 -52.24 73.73
N ALA J 843 90.93 -51.89 72.45
CA ALA J 843 90.65 -50.51 72.07
C ALA J 843 89.22 -50.13 72.45
N THR J 844 89.01 -48.85 72.70
CA THR J 844 87.72 -48.35 73.18
C THR J 844 87.05 -47.39 72.21
N THR J 845 87.80 -46.60 71.47
CA THR J 845 87.26 -45.59 70.57
C THR J 845 87.81 -45.79 69.18
N PRO J 846 87.06 -45.37 68.16
CA PRO J 846 87.55 -45.47 66.77
C PRO J 846 88.72 -44.53 66.48
N ILE J 847 89.18 -44.52 65.24
CA ILE J 847 90.38 -43.77 64.89
C ILE J 847 90.10 -42.28 64.74
N ARG J 848 88.83 -41.90 64.56
CA ARG J 848 88.46 -40.46 64.43
C ARG J 848 89.25 -39.85 63.27
N VAL J 849 88.94 -40.25 62.04
CA VAL J 849 89.63 -39.80 60.84
C VAL J 849 88.93 -38.59 60.25
N VAL J 850 89.71 -37.62 59.78
CA VAL J 850 89.21 -36.43 59.09
C VAL J 850 89.86 -36.37 57.72
N GLU J 851 89.07 -36.01 56.70
CA GLU J 851 89.55 -35.99 55.32
C GLU J 851 89.19 -34.66 54.67
N TYR J 852 90.04 -34.27 53.72
CA TYR J 852 89.86 -33.04 52.96
C TYR J 852 89.92 -33.35 51.47
N VAL J 853 89.23 -32.53 50.69
CA VAL J 853 89.16 -32.73 49.25
C VAL J 853 90.40 -32.15 48.60
N ARG J 854 90.99 -32.91 47.68
CA ARG J 854 92.16 -32.45 46.94
C ARG J 854 91.74 -31.46 45.85
N VAL K 52 5.41 28.93 49.72
CA VAL K 52 5.87 27.73 49.02
C VAL K 52 4.83 27.31 47.99
N SER K 53 3.70 28.00 47.99
CA SER K 53 2.60 27.62 47.11
C SER K 53 2.91 28.00 45.67
N PRO K 54 2.81 27.07 44.71
CA PRO K 54 3.08 27.43 43.31
C PRO K 54 2.12 28.46 42.74
N PHE K 55 0.87 28.43 43.20
CA PHE K 55 -0.16 29.35 42.63
C PHE K 55 0.18 30.80 42.98
N LEU K 56 1.28 31.32 42.41
CA LEU K 56 1.67 32.73 42.66
C LEU K 56 2.11 33.35 41.33
N ASP K 57 1.77 34.62 41.10
CA ASP K 57 2.17 35.32 39.85
C ASP K 57 3.70 35.30 39.73
N SER K 58 4.39 35.37 40.88
CA SER K 58 5.87 35.36 40.88
C SER K 58 6.39 34.11 40.17
N THR K 59 5.62 33.01 40.23
CA THR K 59 6.02 31.74 39.58
C THR K 59 5.26 31.58 38.26
N PRO K 60 5.81 32.02 37.11
CA PRO K 60 5.15 31.83 35.82
C PRO K 60 5.64 30.53 35.14
N PHE K 61 4.73 29.83 34.45
CA PHE K 61 5.14 28.61 33.71
C PHE K 61 6.05 29.00 32.55
N THR K 62 6.62 30.22 32.59
CA THR K 62 7.43 30.67 31.48
C THR K 62 8.91 30.78 31.86
N THR K 63 9.35 30.00 32.84
CA THR K 63 10.75 30.01 33.26
C THR K 63 11.56 28.98 32.48
N LEU K 64 11.50 29.06 31.15
CA LEU K 64 12.30 28.21 30.30
C LEU K 64 12.84 28.92 29.08
N HIS K 65 12.54 30.20 28.88
CA HIS K 65 12.94 30.90 27.67
C HIS K 65 14.39 31.38 27.78
N ASN K 66 14.74 32.04 28.89
CA ASN K 66 16.11 32.50 29.08
C ASN K 66 17.05 31.39 29.54
N SER K 67 16.65 30.13 29.36
CA SER K 67 17.47 29.02 29.85
C SER K 67 18.63 28.73 28.89
N LEU K 68 18.33 28.36 27.66
CA LEU K 68 19.33 27.91 26.71
C LEU K 68 19.82 29.03 25.80
N TYR K 69 19.51 30.29 26.13
CA TYR K 69 19.86 31.41 25.27
C TYR K 69 21.38 31.55 25.10
N GLY K 70 22.09 31.62 26.22
CA GLY K 70 23.49 32.00 26.16
C GLY K 70 24.48 30.86 26.21
N GLN K 71 24.26 29.90 27.11
CA GLN K 71 25.27 28.88 27.36
C GLN K 71 25.37 27.92 26.18
N GLN K 72 26.31 26.98 26.30
CA GLN K 72 26.59 26.01 25.26
C GLN K 72 25.76 24.75 25.48
N ILE K 73 25.35 24.14 24.37
CA ILE K 73 24.51 22.95 24.40
C ILE K 73 25.32 21.80 23.83
N HIS K 74 25.04 20.59 24.30
CA HIS K 74 25.70 19.38 23.86
C HIS K 74 24.69 18.48 23.15
N SER K 75 25.10 17.23 22.92
CA SER K 75 24.21 16.25 22.29
C SER K 75 22.84 16.27 22.96
N ILE K 76 21.80 16.23 22.13
CA ILE K 76 20.43 16.53 22.62
C ILE K 76 19.88 15.24 23.20
N ASP K 77 20.28 14.97 24.45
CA ASP K 77 19.67 13.92 25.26
C ASP K 77 19.46 14.32 26.70
N ASP K 78 20.20 15.28 27.23
CA ASP K 78 20.19 15.59 28.65
C ASP K 78 19.44 16.86 28.99
N GLU K 79 19.40 17.84 28.10
CA GLU K 79 18.59 19.03 28.37
C GLU K 79 17.12 18.68 28.34
N LEU K 80 16.72 17.77 27.44
CA LEU K 80 15.35 17.31 27.41
C LEU K 80 15.00 16.56 28.69
N ALA K 81 15.93 15.74 29.19
CA ALA K 81 15.73 15.08 30.47
C ALA K 81 15.62 16.09 31.60
N GLN K 82 16.42 17.16 31.55
CA GLN K 82 16.35 18.20 32.57
C GLN K 82 14.99 18.89 32.55
N ILE K 83 14.48 19.19 31.35
CA ILE K 83 13.15 19.80 31.23
C ILE K 83 12.09 18.85 31.78
N CYS K 84 12.17 17.57 31.43
CA CYS K 84 11.19 16.62 31.92
C CYS K 84 11.24 16.51 33.44
N LYS K 85 12.44 16.51 34.01
CA LYS K 85 12.57 16.45 35.47
C LYS K 85 11.98 17.70 36.12
N LEU K 86 12.25 18.86 35.55
CA LEU K 86 11.70 20.10 36.11
C LEU K 86 10.18 20.11 36.04
N GLU K 87 9.62 19.65 34.93
CA GLU K 87 8.17 19.58 34.82
C GLU K 87 7.58 18.55 35.77
N TYR K 88 8.32 17.46 36.00
CA TYR K 88 7.90 16.47 36.99
C TYR K 88 7.81 17.10 38.38
N GLU K 89 8.83 17.88 38.75
CA GLU K 89 8.80 18.58 40.04
C GLU K 89 7.62 19.53 40.13
N LEU K 90 7.39 20.30 39.06
CA LEU K 90 6.28 21.24 39.04
C LEU K 90 4.95 20.53 39.21
N GLN K 91 4.77 19.41 38.50
CA GLN K 91 3.54 18.64 38.62
C GLN K 91 3.38 18.12 40.04
N THR K 92 4.47 17.74 40.69
CA THR K 92 4.37 17.25 42.06
C THR K 92 3.87 18.34 43.00
N GLN K 93 4.47 19.54 42.95
CA GLN K 93 3.98 20.57 43.88
C GLN K 93 2.59 21.06 43.48
N ILE K 94 2.21 20.88 42.21
CA ILE K 94 0.85 21.21 41.80
C ILE K 94 -0.15 20.24 42.45
N ALA K 95 0.13 18.95 42.35
CA ALA K 95 -0.78 17.95 42.92
C ALA K 95 -0.82 18.04 44.43
N ASP K 96 0.28 18.46 45.05
CA ASP K 96 0.32 18.53 46.52
C ASP K 96 -0.80 19.39 47.07
N GLU K 97 -1.09 20.53 46.43
CA GLU K 97 -2.20 21.35 46.87
C GLU K 97 -3.49 21.09 46.11
N GLN K 98 -3.42 20.46 44.93
CA GLN K 98 -4.66 20.07 44.26
C GLN K 98 -5.43 19.06 45.10
N ILE K 99 -4.73 18.12 45.72
CA ILE K 99 -5.39 17.13 46.57
C ILE K 99 -6.05 17.81 47.76
N THR K 100 -5.35 18.76 48.39
CA THR K 100 -5.92 19.46 49.53
C THR K 100 -7.15 20.27 49.15
N ALA K 101 -7.10 20.93 47.99
CA ALA K 101 -8.27 21.67 47.51
C ALA K 101 -9.45 20.73 47.26
N LEU K 102 -9.18 19.58 46.65
CA LEU K 102 -10.25 18.60 46.46
C LEU K 102 -10.83 18.14 47.79
N LYS K 103 -9.96 17.91 48.77
CA LYS K 103 -10.44 17.46 50.08
C LYS K 103 -11.35 18.51 50.72
N HIS K 104 -10.94 19.78 50.66
CA HIS K 104 -11.79 20.84 51.21
C HIS K 104 -13.12 20.92 50.47
N PHE K 105 -13.09 20.84 49.15
CA PHE K 105 -14.32 20.95 48.37
C PHE K 105 -15.27 19.80 48.68
N LEU K 106 -14.74 18.58 48.80
CA LEU K 106 -15.59 17.44 49.12
C LEU K 106 -16.11 17.52 50.54
N THR K 107 -15.28 17.99 51.49
CA THR K 107 -15.75 18.15 52.86
C THR K 107 -16.91 19.13 52.93
N ILE K 108 -16.81 20.24 52.20
CA ILE K 108 -17.92 21.19 52.18
C ILE K 108 -19.14 20.57 51.51
N ARG K 109 -18.93 19.86 50.40
CA ARG K 109 -20.05 19.37 49.61
C ARG K 109 -20.83 18.25 50.28
N THR K 110 -20.23 17.55 51.23
CA THR K 110 -20.85 16.36 51.82
C THR K 110 -20.54 16.38 53.31
N GLY K 111 -20.71 15.24 53.97
CA GLY K 111 -20.37 15.15 55.39
C GLY K 111 -18.92 15.52 55.64
N SER K 112 -18.71 16.33 56.68
CA SER K 112 -17.38 16.87 56.96
C SER K 112 -16.28 15.82 57.09
N PRO K 113 -16.46 14.69 57.80
CA PRO K 113 -15.35 13.74 57.94
C PRO K 113 -14.91 13.14 56.62
N GLN K 114 -13.67 13.43 56.21
CA GLN K 114 -13.08 12.87 55.00
C GLN K 114 -11.63 12.53 55.28
N GLU K 115 -11.20 11.35 54.84
CA GLU K 115 -9.83 10.90 55.04
C GLU K 115 -9.28 10.32 53.74
N ILE K 116 -7.99 10.53 53.53
CA ILE K 116 -7.32 10.12 52.30
C ILE K 116 -6.53 8.86 52.58
N GLN K 117 -6.31 8.06 51.53
CA GLN K 117 -5.54 6.83 51.63
C GLN K 117 -4.93 6.51 50.28
N TYR K 118 -3.60 6.33 50.26
CA TYR K 118 -2.89 6.06 49.03
C TYR K 118 -3.13 4.61 48.59
N VAL K 119 -3.54 4.43 47.34
CA VAL K 119 -4.08 3.17 46.87
C VAL K 119 -3.23 2.67 45.70
N ASP K 120 -1.91 2.85 45.82
CA ASP K 120 -0.99 2.40 44.78
C ASP K 120 -1.03 0.88 44.62
N LYS K 121 -0.26 0.36 43.64
CA LYS K 121 -0.40 -1.04 43.24
C LYS K 121 -0.18 -2.02 44.39
N GLU K 122 0.64 -1.65 45.37
CA GLU K 122 0.87 -2.55 46.50
C GLU K 122 -0.39 -2.81 47.30
N TRP K 123 -1.34 -1.87 47.23
CA TRP K 123 -2.61 -1.99 47.98
C TRP K 123 -3.61 -2.84 47.19
N MET K 124 -3.46 -2.88 45.85
CA MET K 124 -4.41 -3.63 45.00
C MET K 124 -4.47 -5.09 45.47
N LYS K 125 -3.41 -5.55 46.16
CA LYS K 125 -3.38 -6.91 46.75
C LYS K 125 -4.50 -7.03 47.79
N SER K 126 -4.98 -5.90 48.31
CA SER K 126 -5.99 -5.89 49.40
C SER K 126 -7.34 -6.41 48.89
N ASN K 127 -8.28 -6.69 49.79
CA ASN K 127 -9.61 -7.22 49.41
C ASN K 127 -10.12 -6.56 48.13
N GLN K 128 -10.69 -7.34 47.21
CA GLN K 128 -11.24 -6.79 45.97
C GLN K 128 -12.36 -7.70 45.51
N HIS K 129 -13.02 -7.30 44.42
CA HIS K 129 -14.06 -8.08 43.79
C HIS K 129 -13.64 -8.43 42.37
N VAL K 130 -13.94 -9.65 41.94
CA VAL K 130 -13.60 -10.08 40.55
C VAL K 130 -14.82 -10.80 39.95
N PRO K 131 -15.61 -10.14 39.08
CA PRO K 131 -16.41 -10.85 38.08
C PRO K 131 -15.57 -11.20 36.84
N SER K 132 -14.75 -12.24 36.95
CA SER K 132 -13.84 -12.62 35.84
C SER K 132 -14.66 -12.72 34.54
N PHE K 133 -15.82 -13.37 34.60
CA PHE K 133 -16.70 -13.47 33.42
C PHE K 133 -17.08 -12.07 32.94
N LEU K 134 -17.86 -11.35 33.75
CA LEU K 134 -18.25 -9.98 33.41
C LEU K 134 -17.06 -9.02 33.51
N GLY K 135 -15.84 -9.54 33.40
CA GLY K 135 -14.64 -8.73 33.53
C GLY K 135 -14.52 -7.67 32.45
N ASP K 136 -14.32 -8.08 31.20
CA ASP K 136 -14.22 -7.11 30.12
C ASP K 136 -15.59 -6.50 29.88
N VAL K 137 -15.94 -5.47 30.65
CA VAL K 137 -17.29 -4.85 30.55
C VAL K 137 -17.54 -4.39 29.10
N LYS K 138 -18.65 -4.83 28.50
CA LYS K 138 -18.99 -4.45 27.11
C LYS K 138 -20.50 -4.51 26.89
N LEU K 139 -20.99 -3.97 25.78
CA LEU K 139 -22.45 -4.07 25.44
C LEU K 139 -22.61 -4.96 24.21
N MET K 140 -23.31 -6.09 24.36
CA MET K 140 -23.47 -7.06 23.23
C MET K 140 -24.92 -7.07 22.74
N PHE K 141 -25.17 -6.65 21.48
CA PHE K 141 -26.54 -6.57 20.90
C PHE K 141 -27.19 -5.23 21.29
N SER K 180 -37.61 1.58 32.84
CA SER K 180 -38.56 0.62 32.21
C SER K 180 -37.76 -0.57 31.66
N TYR K 181 -37.35 -1.49 32.52
CA TYR K 181 -36.48 -2.61 32.04
C TYR K 181 -36.85 -3.92 32.71
N ARG K 182 -36.54 -5.05 32.06
CA ARG K 182 -36.74 -6.37 32.70
C ARG K 182 -35.35 -6.73 33.25
N VAL K 183 -35.26 -7.04 34.54
CA VAL K 183 -33.92 -7.24 35.15
C VAL K 183 -33.38 -8.65 34.92
N GLN K 184 -32.09 -8.76 34.58
CA GLN K 184 -31.43 -10.05 34.40
C GLN K 184 -30.95 -10.58 35.74
N LYS K 185 -30.09 -11.60 35.71
CA LYS K 185 -29.56 -12.20 36.92
C LYS K 185 -28.87 -11.16 37.78
N LYS K 186 -29.16 -11.19 39.07
CA LYS K 186 -28.72 -10.15 40.01
C LYS K 186 -28.01 -10.85 41.18
N HIS K 187 -26.68 -10.94 41.10
CA HIS K 187 -25.87 -11.54 42.15
C HIS K 187 -25.16 -10.46 42.95
N LYS K 188 -25.07 -10.67 44.26
CA LYS K 188 -24.55 -9.64 45.16
C LYS K 188 -23.04 -9.60 45.15
N VAL K 189 -22.49 -8.44 45.51
CA VAL K 189 -21.06 -8.23 45.64
C VAL K 189 -20.80 -7.50 46.95
N GLN K 190 -19.64 -7.77 47.54
CA GLN K 190 -19.34 -7.40 48.92
C GLN K 190 -18.90 -5.95 49.07
N GLN K 191 -19.17 -5.08 48.08
CA GLN K 191 -18.82 -3.66 48.16
C GLN K 191 -17.33 -3.50 48.46
N PRO K 192 -16.47 -3.70 47.47
CA PRO K 192 -15.01 -3.74 47.76
C PRO K 192 -14.46 -2.49 48.39
N LEU K 193 -15.01 -1.32 48.07
CA LEU K 193 -14.44 -0.06 48.54
C LEU K 193 -15.24 0.49 49.72
N LYS K 194 -14.53 1.20 50.59
CA LYS K 194 -15.15 1.77 51.78
C LYS K 194 -16.11 2.89 51.37
N PRO K 195 -17.18 3.10 52.15
CA PRO K 195 -18.25 4.00 51.70
C PRO K 195 -17.82 5.45 51.49
N ASN K 196 -17.27 6.08 52.54
CA ASN K 196 -16.95 7.51 52.48
C ASN K 196 -15.50 7.71 52.90
N THR K 197 -14.58 7.52 51.95
CA THR K 197 -13.17 7.85 52.12
C THR K 197 -12.67 8.43 50.79
N LEU K 198 -11.36 8.69 50.73
CA LEU K 198 -10.72 9.18 49.52
C LEU K 198 -9.60 8.23 49.12
N TYR K 199 -9.55 7.87 47.85
CA TYR K 199 -8.54 6.96 47.32
C TYR K 199 -7.77 7.69 46.23
N VAL K 200 -6.57 8.14 46.53
CA VAL K 200 -5.70 8.79 45.56
C VAL K 200 -4.63 7.80 45.13
N TYR K 201 -4.38 7.74 43.83
CA TYR K 201 -3.40 6.83 43.27
C TYR K 201 -1.99 7.34 43.51
N LYS K 202 -1.01 6.49 43.21
CA LYS K 202 0.40 6.88 43.30
C LYS K 202 1.18 5.97 42.35
N TYR K 203 1.56 6.51 41.19
CA TYR K 203 2.29 5.77 40.18
C TYR K 203 3.61 6.50 39.93
N LYS K 204 4.72 5.83 40.26
CA LYS K 204 6.06 6.40 40.13
C LYS K 204 6.16 7.73 40.88
N GLY K 205 5.68 7.74 42.11
CA GLY K 205 5.77 8.92 42.95
C GLY K 205 5.00 10.12 42.43
N LEU K 206 3.80 9.90 41.90
CA LEU K 206 3.01 11.01 41.38
C LEU K 206 1.52 10.72 41.53
N PRO K 207 0.85 11.36 42.49
CA PRO K 207 -0.60 11.16 42.65
C PRO K 207 -1.33 11.75 41.46
N ARG K 208 -2.10 10.92 40.77
CA ARG K 208 -2.70 11.34 39.51
C ARG K 208 -4.18 11.03 39.36
N VAL K 209 -4.74 10.07 40.08
CA VAL K 209 -6.15 9.72 39.97
C VAL K 209 -6.75 9.65 41.37
N VAL K 210 -7.89 10.30 41.55
CA VAL K 210 -8.64 10.27 42.81
C VAL K 210 -9.91 9.47 42.57
N LEU K 211 -10.16 8.49 43.44
CA LEU K 211 -11.30 7.59 43.29
C LEU K 211 -12.10 7.54 44.57
N ARG K 212 -13.43 7.60 44.42
CA ARG K 212 -14.35 7.50 45.54
C ARG K 212 -15.72 7.12 44.98
N PHE K 213 -16.64 6.81 45.89
CA PHE K 213 -17.98 6.41 45.43
C PHE K 213 -18.99 6.67 46.54
N VAL K 214 -20.19 7.05 46.12
CA VAL K 214 -21.33 7.24 47.00
C VAL K 214 -22.34 6.13 46.71
N PRO K 215 -22.67 5.27 47.68
CA PRO K 215 -23.44 4.06 47.41
C PRO K 215 -24.96 4.25 47.38
N LYS K 216 -25.42 5.28 46.66
CA LYS K 216 -26.84 5.53 46.45
C LYS K 216 -27.59 5.58 47.79
N VAL K 217 -27.26 6.60 48.57
CA VAL K 217 -27.66 6.69 49.96
C VAL K 217 -28.99 7.40 50.12
N ASP K 218 -29.73 7.54 49.01
CA ASP K 218 -31.09 8.07 49.10
C ASP K 218 -31.94 7.16 49.97
N THR K 219 -32.48 7.72 51.05
CA THR K 219 -33.15 6.89 52.06
C THR K 219 -34.50 6.39 51.57
N THR K 220 -35.42 7.31 51.29
CA THR K 220 -36.78 6.92 50.90
C THR K 220 -36.99 6.93 49.39
N SER K 221 -36.18 7.69 48.65
CA SER K 221 -36.31 7.74 47.20
C SER K 221 -35.46 6.67 46.54
N PHE K 238 -39.66 28.65 49.87
CA PHE K 238 -39.95 27.92 51.10
C PHE K 238 -39.01 26.74 51.25
N SER K 239 -39.22 25.95 52.31
CA SER K 239 -38.38 24.73 52.55
C SER K 239 -36.90 25.05 52.34
N CYS K 240 -36.38 26.05 53.05
CA CYS K 240 -34.94 26.40 52.94
C CYS K 240 -34.10 25.20 53.41
N ASP K 241 -34.49 24.59 54.55
CA ASP K 241 -33.76 23.38 55.04
C ASP K 241 -33.63 22.38 53.90
N ASP K 242 -34.69 22.21 53.10
CA ASP K 242 -34.65 21.29 51.97
C ASP K 242 -33.68 21.73 50.89
N LEU K 243 -32.59 22.36 51.28
CA LEU K 243 -31.56 22.81 50.35
C LEU K 243 -30.37 21.84 50.37
N SER K 244 -29.56 21.93 49.32
CA SER K 244 -28.35 21.13 49.26
C SER K 244 -27.38 21.60 50.33
N PRO K 245 -26.50 20.71 50.81
CA PRO K 245 -25.55 21.12 51.86
C PRO K 245 -24.67 22.29 51.45
N THR K 246 -24.27 22.34 50.18
CA THR K 246 -23.47 23.46 49.71
C THR K 246 -24.23 24.77 49.83
N TRP K 247 -25.50 24.77 49.46
CA TRP K 247 -26.31 25.98 49.58
C TRP K 247 -26.50 26.37 51.04
N LYS K 248 -26.67 25.39 51.92
CA LYS K 248 -26.80 25.70 53.34
C LYS K 248 -25.53 26.36 53.86
N TYR K 249 -24.36 25.82 53.50
CA TYR K 249 -23.11 26.42 53.93
C TYR K 249 -22.96 27.83 53.36
N ILE K 250 -23.37 28.01 52.10
CA ILE K 250 -23.26 29.32 51.46
C ILE K 250 -24.11 30.33 52.22
N LEU K 251 -25.36 29.95 52.55
CA LEU K 251 -26.25 30.86 53.25
C LEU K 251 -25.74 31.17 54.65
N THR K 252 -25.21 30.16 55.34
CA THR K 252 -24.68 30.40 56.68
C THR K 252 -23.50 31.38 56.64
N GLU K 253 -22.57 31.18 55.70
CA GLU K 253 -21.44 32.10 55.60
C GLU K 253 -21.90 33.50 55.24
N ALA K 254 -22.84 33.62 54.30
CA ALA K 254 -23.33 34.94 53.90
C ALA K 254 -24.00 35.65 55.07
N LYS K 255 -24.83 34.93 55.83
CA LYS K 255 -25.48 35.54 56.97
C LYS K 255 -24.48 35.90 58.07
N ARG K 256 -23.44 35.09 58.23
CA ARG K 256 -22.39 35.42 59.19
C ARG K 256 -21.69 36.72 58.80
N ALA K 257 -21.45 36.92 57.50
CA ALA K 257 -20.72 38.10 57.07
C ALA K 257 -21.52 39.38 57.30
N PHE K 258 -22.66 39.52 56.63
CA PHE K 258 -23.43 40.77 56.59
C PHE K 258 -24.85 40.54 57.09
N PRO K 259 -25.07 40.50 58.39
CA PRO K 259 -26.45 40.50 58.91
C PRO K 259 -27.06 41.90 58.96
N ASP K 260 -28.18 42.08 58.27
CA ASP K 260 -29.00 43.30 58.32
C ASP K 260 -28.20 44.56 58.01
N ARG K 261 -28.54 45.66 58.69
CA ARG K 261 -28.03 47.02 58.52
C ARG K 261 -28.40 47.64 57.19
N SER K 262 -29.10 46.93 56.31
CA SER K 262 -29.47 47.39 54.97
C SER K 262 -28.26 48.03 54.27
N TYR K 263 -27.26 47.18 54.05
CA TYR K 263 -26.00 47.62 53.44
C TYR K 263 -26.27 48.30 52.10
N SER K 264 -25.76 49.52 51.96
CA SER K 264 -26.05 50.36 50.80
C SER K 264 -25.30 49.87 49.58
N ASP K 265 -25.42 50.62 48.49
CA ASP K 265 -24.86 50.30 47.17
C ASP K 265 -25.01 48.81 46.86
N CYS K 266 -26.26 48.36 46.91
CA CYS K 266 -26.59 46.95 46.95
C CYS K 266 -27.47 46.56 45.76
N ILE K 267 -27.90 45.31 45.76
CA ILE K 267 -28.83 44.79 44.77
C ILE K 267 -30.24 45.18 45.16
N HIS K 268 -31.00 45.72 44.21
CA HIS K 268 -32.41 46.05 44.39
C HIS K 268 -33.19 45.41 43.26
N PRO K 269 -33.60 44.15 43.38
CA PRO K 269 -34.33 43.49 42.31
C PRO K 269 -35.61 44.23 41.95
N MET K 270 -35.86 44.33 40.66
CA MET K 270 -37.01 45.08 40.15
C MET K 270 -38.29 44.34 40.48
N THR K 271 -39.34 45.08 40.81
CA THR K 271 -40.64 44.52 41.10
C THR K 271 -41.62 44.83 39.98
N TRP K 272 -42.77 44.16 40.03
CA TRP K 272 -43.72 44.24 38.93
C TRP K 272 -44.31 45.63 38.78
N GLU K 273 -44.65 46.28 39.90
CA GLU K 273 -45.30 47.58 39.84
C GLU K 273 -44.34 48.72 39.52
N GLU K 274 -43.03 48.44 39.46
CA GLU K 274 -42.07 49.41 38.93
C GLU K 274 -41.73 49.10 37.48
N TRP K 275 -41.62 47.81 37.16
CA TRP K 275 -41.46 47.39 35.77
C TRP K 275 -42.59 47.94 34.91
N LEU K 276 -43.81 47.94 35.44
CA LEU K 276 -44.94 48.48 34.68
C LEU K 276 -44.79 49.97 34.44
N GLU K 277 -44.43 50.74 35.48
CA GLU K 277 -44.27 52.18 35.26
C GLU K 277 -43.17 52.47 34.26
N GLU K 278 -42.13 51.65 34.25
CA GLU K 278 -41.04 51.91 33.32
C GLU K 278 -41.32 51.45 31.89
N ASN K 279 -42.17 50.43 31.71
CA ASN K 279 -42.34 49.84 30.38
C ASN K 279 -43.79 49.79 29.92
N GLN K 280 -44.67 50.62 30.49
CA GLN K 280 -46.07 50.57 30.10
C GLN K 280 -46.31 51.10 28.70
N ASP K 281 -45.44 51.97 28.18
CA ASP K 281 -45.63 52.55 26.85
C ASP K 281 -44.94 51.74 25.76
N HIS K 282 -44.36 50.58 26.10
CA HIS K 282 -43.61 49.80 25.13
C HIS K 282 -44.17 48.40 24.97
N VAL K 283 -45.40 48.15 25.43
CA VAL K 283 -46.05 46.86 25.32
C VAL K 283 -47.38 47.05 24.61
N LYS K 284 -47.62 46.25 23.57
CA LYS K 284 -48.86 46.31 22.81
C LYS K 284 -49.37 44.90 22.56
N VAL K 285 -50.66 44.80 22.27
CA VAL K 285 -51.33 43.53 22.05
C VAL K 285 -51.62 43.38 20.56
N LEU K 286 -51.33 42.20 20.02
CA LEU K 286 -51.34 42.03 18.57
C LEU K 286 -52.76 42.12 18.00
N THR K 287 -53.71 41.39 18.58
CA THR K 287 -55.12 41.46 18.18
C THR K 287 -55.28 41.12 16.69
N GLN K 288 -55.09 39.82 16.40
CA GLN K 288 -54.83 39.29 15.07
C GLN K 288 -55.50 40.04 13.94
N TYR K 289 -56.79 40.31 14.03
CA TYR K 289 -57.46 40.89 12.86
C TYR K 289 -57.26 42.39 12.79
N ALA K 290 -56.82 43.03 13.87
CA ALA K 290 -56.86 44.49 13.96
C ALA K 290 -55.48 45.14 13.85
N HIS K 291 -54.41 44.37 13.67
CA HIS K 291 -53.13 45.02 13.40
C HIS K 291 -53.02 45.51 11.97
N GLN K 292 -53.82 44.97 11.05
CA GLN K 292 -53.86 45.39 9.64
C GLN K 292 -52.48 45.38 8.98
N LEU K 293 -51.61 44.48 9.39
CA LEU K 293 -50.37 44.23 8.67
C LEU K 293 -50.29 42.74 8.39
N ASP K 294 -50.01 42.40 7.13
CA ASP K 294 -50.04 41.00 6.72
C ASP K 294 -48.77 40.28 7.16
N TYR K 295 -48.53 39.08 6.62
CA TYR K 295 -47.41 38.20 6.96
C TYR K 295 -47.36 37.86 8.44
N VAL K 296 -48.40 38.18 9.21
CA VAL K 296 -48.53 37.68 10.57
C VAL K 296 -49.96 37.20 10.78
N THR K 297 -50.11 35.98 11.28
CA THR K 297 -51.43 35.45 11.60
C THR K 297 -51.33 34.66 12.89
N LEU K 298 -52.34 34.83 13.74
CA LEU K 298 -52.34 34.29 15.08
C LEU K 298 -53.50 33.32 15.25
N LEU K 299 -53.31 32.31 16.09
CA LEU K 299 -54.39 31.41 16.50
C LEU K 299 -54.54 31.36 18.01
N GLN K 300 -54.29 32.47 18.70
CA GLN K 300 -54.44 32.56 20.15
C GLN K 300 -55.35 33.69 20.57
N ASP K 301 -55.98 34.40 19.62
CA ASP K 301 -57.00 35.42 19.89
C ASP K 301 -56.40 36.68 20.48
N PHE K 302 -55.12 36.65 20.82
CA PHE K 302 -54.39 37.80 21.32
C PHE K 302 -52.93 37.39 21.50
N ASN K 303 -52.05 38.38 21.41
CA ASN K 303 -50.62 38.15 21.61
C ASN K 303 -49.98 39.48 21.99
N LEU K 304 -48.83 39.39 22.65
CA LEU K 304 -48.16 40.57 23.18
C LEU K 304 -46.95 40.92 22.31
N TYR K 305 -46.88 42.18 21.90
CA TYR K 305 -45.73 42.71 21.21
C TYR K 305 -45.07 43.76 22.09
N VAL K 306 -43.81 43.54 22.44
CA VAL K 306 -43.07 44.46 23.31
C VAL K 306 -41.72 44.72 22.67
N SER K 307 -41.36 46.01 22.54
CA SER K 307 -40.08 46.40 21.96
C SER K 307 -39.43 47.44 22.85
N GLY K 308 -38.14 47.29 23.07
CA GLY K 308 -37.37 48.28 23.84
C GLY K 308 -37.59 48.27 25.34
N GLY K 309 -38.84 48.37 25.77
CA GLY K 309 -39.14 48.38 27.19
C GLY K 309 -38.70 47.11 27.88
N ALA K 310 -39.36 45.99 27.58
CA ALA K 310 -38.92 44.69 28.06
C ALA K 310 -38.88 43.73 26.87
N SER K 311 -37.79 43.80 26.11
CA SER K 311 -37.56 42.85 25.03
C SER K 311 -36.77 41.65 25.51
N ARG K 312 -35.92 41.84 26.51
CA ARG K 312 -35.22 40.77 27.19
C ARG K 312 -35.68 40.74 28.65
N VAL K 313 -35.92 39.54 29.17
CA VAL K 313 -36.38 39.43 30.54
C VAL K 313 -35.31 39.95 31.49
N ARG K 314 -35.75 40.52 32.60
CA ARG K 314 -34.87 41.13 33.58
C ARG K 314 -35.14 40.52 34.95
N ASN K 315 -34.26 40.85 35.90
CA ASN K 315 -34.32 40.27 37.23
C ASN K 315 -35.55 40.82 37.96
N ILE K 316 -36.60 40.00 38.02
CA ILE K 316 -37.83 40.34 38.71
C ILE K 316 -38.21 39.17 39.59
N ASP K 317 -38.98 39.45 40.65
CA ASP K 317 -39.34 38.41 41.61
C ASP K 317 -40.77 37.95 41.35
N MET K 318 -40.98 36.63 41.42
CA MET K 318 -42.26 35.94 41.25
C MET K 318 -43.21 36.14 42.40
N SER K 319 -42.94 36.98 43.41
CA SER K 319 -43.80 37.04 44.57
C SER K 319 -44.23 38.45 44.96
N THR K 320 -43.56 39.49 44.48
CA THR K 320 -43.92 40.85 44.89
C THR K 320 -45.35 41.16 44.48
N LEU K 321 -45.58 41.26 43.17
CA LEU K 321 -46.92 41.42 42.60
C LEU K 321 -47.09 40.40 41.49
N PRO K 322 -47.28 39.12 41.85
CA PRO K 322 -47.57 38.12 40.81
C PRO K 322 -48.82 38.45 40.02
N THR K 323 -49.83 39.06 40.67
CA THR K 323 -51.06 39.50 40.02
C THR K 323 -51.65 38.37 39.17
N SER K 324 -52.07 37.31 39.87
CA SER K 324 -52.53 36.06 39.30
C SER K 324 -53.31 36.22 38.00
N ILE K 325 -54.23 37.19 37.96
CA ILE K 325 -54.97 37.51 36.75
C ILE K 325 -54.94 39.01 36.53
N ASN K 326 -54.85 39.42 35.27
CA ASN K 326 -54.78 40.82 34.92
C ASN K 326 -55.54 41.07 33.62
N VAL K 327 -56.03 42.29 33.46
CA VAL K 327 -56.71 42.70 32.24
C VAL K 327 -55.70 43.38 31.34
N LEU K 328 -55.57 42.89 30.10
CA LEU K 328 -54.53 43.41 29.18
C LEU K 328 -54.92 44.80 28.63
N ASP K 329 -56.20 45.16 28.68
CA ASP K 329 -56.66 46.43 28.09
C ASP K 329 -55.83 47.59 28.68
N HIS K 330 -55.32 47.41 29.91
CA HIS K 330 -54.53 48.48 30.58
C HIS K 330 -53.51 49.10 29.63
N PHE K 331 -52.95 48.33 28.70
CA PHE K 331 -51.87 48.86 27.82
C PHE K 331 -52.53 49.56 26.63
N GLU K 332 -52.09 49.25 25.41
CA GLU K 332 -52.64 49.96 24.23
C GLU K 332 -52.79 49.03 23.02
N LEU K 333 -53.71 49.34 22.11
CA LEU K 333 -53.89 48.52 20.87
C LEU K 333 -52.88 48.98 19.83
N TYR K 334 -52.05 48.07 19.30
CA TYR K 334 -50.97 48.46 18.36
C TYR K 334 -51.49 49.06 17.06
N GLY K 335 -52.45 48.39 16.42
CA GLY K 335 -52.91 48.85 15.09
C GLY K 335 -53.70 50.14 15.05
N ASP K 336 -54.69 50.31 15.95
CA ASP K 336 -55.57 51.50 15.83
C ASP K 336 -55.77 52.21 17.17
N ALA K 337 -55.59 53.54 17.19
CA ALA K 337 -55.87 54.33 18.42
C ALA K 337 -57.37 54.34 18.72
N SER K 338 -58.21 54.47 17.69
CA SER K 338 -59.67 54.62 17.91
C SER K 338 -60.26 53.39 18.61
N MET K 339 -59.89 52.20 18.15
CA MET K 339 -60.48 50.97 18.73
C MET K 339 -59.62 50.55 19.92
N LYS K 340 -59.85 51.15 21.09
CA LYS K 340 -59.02 50.85 22.28
C LYS K 340 -59.90 50.90 23.53
N GLU K 341 -60.88 51.81 23.55
CA GLU K 341 -61.82 51.83 24.71
C GLU K 341 -62.32 50.42 25.07
N TYR K 342 -62.15 49.99 26.32
CA TYR K 342 -62.58 48.63 26.75
C TYR K 342 -64.09 48.59 26.99
N VAL K 343 -64.67 49.74 27.36
CA VAL K 343 -66.14 49.82 27.58
C VAL K 343 -66.80 49.63 26.21
N ARG K 344 -66.41 50.44 25.23
CA ARG K 344 -66.92 50.23 23.86
C ARG K 344 -66.52 48.80 23.47
N SER K 345 -65.33 48.37 23.92
CA SER K 345 -64.87 46.99 23.64
C SER K 345 -65.75 46.00 24.40
N GLY K 346 -66.80 46.48 25.09
CA GLY K 346 -67.73 45.56 25.72
C GLY K 346 -69.18 45.81 25.38
N GLU K 347 -69.52 47.07 25.11
CA GLU K 347 -70.88 47.40 24.72
C GLU K 347 -71.15 46.93 23.30
N TRP K 348 -70.10 46.93 22.48
CA TRP K 348 -70.15 46.35 21.15
C TRP K 348 -70.47 44.87 21.27
N TYR K 349 -69.83 44.20 22.23
CA TYR K 349 -70.07 42.78 22.47
C TYR K 349 -71.53 42.58 22.85
N GLY K 350 -72.03 43.40 23.78
CA GLY K 350 -73.41 43.28 24.20
C GLY K 350 -74.41 43.43 23.07
N LEU K 351 -74.22 44.48 22.26
CA LEU K 351 -75.11 44.72 21.13
C LEU K 351 -75.04 43.59 20.12
N LEU K 352 -73.83 43.11 19.82
CA LEU K 352 -73.67 42.04 18.84
C LEU K 352 -74.26 40.74 19.36
N ARG K 353 -74.18 40.49 20.67
CA ARG K 353 -74.75 39.28 21.24
C ARG K 353 -76.28 39.35 21.20
N GLU K 354 -76.84 40.52 21.49
CA GLU K 354 -78.30 40.67 21.38
C GLU K 354 -78.77 40.51 19.94
N ILE K 355 -77.97 40.99 18.98
CA ILE K 355 -78.29 40.75 17.58
C ILE K 355 -78.20 39.26 17.26
N GLU K 356 -77.19 38.58 17.80
CA GLU K 356 -77.02 37.15 17.53
C GLU K 356 -78.18 36.33 18.08
N GLN K 357 -78.84 36.83 19.14
CA GLN K 357 -79.99 36.13 19.68
C GLN K 357 -81.09 35.99 18.64
N GLU K 358 -81.34 37.07 17.89
CA GLU K 358 -82.25 37.02 16.75
C GLU K 358 -81.73 36.11 15.64
N GLY K 359 -80.41 35.98 15.51
CA GLY K 359 -79.82 35.11 14.48
C GLY K 359 -78.97 35.89 13.50
N MET K 360 -77.64 35.79 13.59
CA MET K 360 -76.73 36.60 12.72
C MET K 360 -75.49 35.79 12.35
N THR K 361 -74.78 36.19 11.28
CA THR K 361 -73.51 35.51 10.87
C THR K 361 -72.50 35.67 12.01
N VAL K 362 -72.41 36.85 12.63
CA VAL K 362 -71.55 37.07 13.84
C VAL K 362 -70.10 36.63 13.62
N ASN K 363 -69.50 36.99 12.47
CA ASN K 363 -68.09 36.64 12.14
C ASN K 363 -67.25 36.48 13.42
N GLU K 364 -66.66 35.30 13.64
CA GLU K 364 -65.91 35.05 14.88
C GLU K 364 -64.80 36.06 15.08
N SER K 365 -64.18 36.53 14.00
CA SER K 365 -63.09 37.49 14.12
C SER K 365 -63.57 38.78 14.78
N GLU K 366 -64.71 39.32 14.33
CA GLU K 366 -65.24 40.54 14.89
C GLU K 366 -65.91 40.33 16.24
N LYS K 367 -66.54 39.17 16.45
CA LYS K 367 -67.31 38.94 17.67
C LYS K 367 -66.41 38.76 18.88
N VAL K 368 -65.56 37.74 18.85
CA VAL K 368 -64.73 37.41 20.02
C VAL K 368 -63.78 38.54 20.39
N PHE K 369 -63.41 39.39 19.43
CA PHE K 369 -62.58 40.54 19.75
C PHE K 369 -63.28 41.45 20.76
N ALA K 370 -64.59 41.60 20.64
CA ALA K 370 -65.31 42.51 21.51
C ALA K 370 -65.58 41.90 22.88
N ASN K 371 -65.20 40.65 23.08
CA ASN K 371 -65.38 40.06 24.40
C ASN K 371 -64.26 40.51 25.33
N PRO K 372 -64.57 41.22 26.41
CA PRO K 372 -63.50 41.63 27.34
C PRO K 372 -62.84 40.46 28.04
N ASP K 373 -63.44 39.28 28.00
CA ASP K 373 -62.87 38.11 28.67
C ASP K 373 -61.51 37.76 28.09
N THR K 374 -61.39 37.83 26.75
CA THR K 374 -60.21 37.31 26.07
C THR K 374 -58.91 37.91 26.59
N TYR K 375 -58.95 39.14 27.08
CA TYR K 375 -57.76 39.84 27.54
C TYR K 375 -57.43 39.46 28.99
N VAL K 376 -57.15 38.17 29.20
CA VAL K 376 -56.77 37.66 30.49
C VAL K 376 -55.58 36.73 30.33
N LEU K 377 -54.62 36.86 31.25
CA LEU K 377 -53.43 36.02 31.27
C LEU K 377 -52.88 36.02 32.69
N ASN K 378 -52.09 34.99 33.00
CA ASN K 378 -51.43 34.90 34.29
C ASN K 378 -49.95 35.22 34.13
N VAL K 379 -49.47 36.19 34.90
CA VAL K 379 -48.14 36.75 34.67
C VAL K 379 -47.06 35.71 34.96
N LYS K 380 -47.27 34.87 35.97
CA LYS K 380 -46.23 33.93 36.35
C LYS K 380 -45.94 32.94 35.22
N LYS K 381 -46.98 32.38 34.62
CA LYS K 381 -46.78 31.44 33.52
C LYS K 381 -46.14 32.13 32.33
N TYR K 382 -46.57 33.35 32.02
CA TYR K 382 -45.97 34.08 30.90
C TYR K 382 -44.48 34.29 31.13
N PHE K 383 -44.10 34.73 32.32
CA PHE K 383 -42.70 34.98 32.60
C PHE K 383 -41.88 33.70 32.57
N LEU K 384 -42.44 32.61 33.14
CA LEU K 384 -41.72 31.34 33.12
C LEU K 384 -41.51 30.85 31.69
N ARG K 385 -42.55 30.91 30.86
CA ARG K 385 -42.40 30.48 29.48
C ARG K 385 -41.40 31.36 28.73
N ARG K 386 -41.46 32.67 28.94
CA ARG K 386 -40.51 33.55 28.30
C ARG K 386 -39.08 33.22 28.72
N PHE K 387 -38.88 32.88 29.98
CA PHE K 387 -37.53 32.53 30.45
C PHE K 387 -37.06 31.21 29.90
N GLN K 388 -37.96 30.24 29.69
CA GLN K 388 -37.58 28.89 29.36
C GLN K 388 -37.36 28.67 27.86
N GLN K 389 -37.42 29.73 27.05
CA GLN K 389 -37.02 29.64 25.65
C GLN K 389 -35.95 30.67 25.36
N GLU K 390 -35.70 31.55 26.32
CA GLU K 390 -34.85 32.72 26.10
C GLU K 390 -33.41 32.47 26.56
N ILE K 391 -33.24 32.15 27.84
CA ILE K 391 -31.92 31.94 28.42
C ILE K 391 -31.59 30.46 28.39
N ALA K 392 -30.41 30.13 27.88
CA ALA K 392 -29.92 28.76 27.84
C ALA K 392 -28.80 28.60 28.86
N SER K 393 -28.73 27.41 29.48
CA SER K 393 -27.76 27.12 30.51
C SER K 393 -27.25 25.70 30.33
N THR K 394 -26.15 25.54 29.61
CA THR K 394 -25.51 24.24 29.46
C THR K 394 -24.10 24.21 30.05
N GLY K 395 -23.24 25.12 29.63
CA GLY K 395 -21.91 25.27 30.17
C GLY K 395 -21.11 23.98 30.12
N MET K 396 -20.20 23.84 31.08
CA MET K 396 -19.38 22.64 31.18
C MET K 396 -19.48 22.06 32.59
N THR K 397 -19.56 22.93 33.59
CA THR K 397 -19.69 22.53 34.98
C THR K 397 -20.89 23.20 35.60
N PRO K 398 -21.54 22.57 36.57
CA PRO K 398 -22.58 23.27 37.33
C PRO K 398 -21.96 24.39 38.16
N LEU K 399 -22.72 25.46 38.35
CA LEU K 399 -22.18 26.65 38.98
C LEU K 399 -22.01 26.51 40.49
N THR K 400 -22.79 25.63 41.13
CA THR K 400 -22.63 25.46 42.57
C THR K 400 -21.23 25.01 42.93
N ASP K 401 -20.57 24.25 42.04
CA ASP K 401 -19.17 23.92 42.26
C ASP K 401 -18.28 25.11 42.00
N GLU K 402 -18.55 25.86 40.93
CA GLU K 402 -17.70 27.03 40.57
C GLU K 402 -17.90 28.14 41.62
N LEU K 403 -19.10 28.26 42.20
CA LEU K 403 -19.38 29.32 43.16
C LEU K 403 -18.52 29.20 44.39
N LEU K 404 -18.56 28.04 45.06
CA LEU K 404 -17.76 27.91 46.26
C LEU K 404 -16.29 27.68 45.94
N ASN K 405 -15.99 26.95 44.86
CA ASN K 405 -14.60 26.61 44.57
C ASN K 405 -13.75 27.84 44.26
N ILE K 406 -14.32 28.88 43.67
CA ILE K 406 -13.54 30.04 43.29
C ILE K 406 -13.77 31.21 44.25
N MET K 407 -14.57 31.02 45.30
CA MET K 407 -14.87 32.13 46.19
C MET K 407 -14.75 31.82 47.68
N PHE K 408 -14.60 30.56 48.07
CA PHE K 408 -14.52 30.26 49.51
C PHE K 408 -13.44 29.27 49.88
N VAL K 409 -12.70 28.71 48.93
CA VAL K 409 -11.55 27.87 49.21
C VAL K 409 -10.29 28.43 48.56
N HIS K 410 -10.40 28.87 47.30
CA HIS K 410 -9.29 29.45 46.56
C HIS K 410 -9.32 30.97 46.53
N TRP K 411 -10.18 31.60 47.34
CA TRP K 411 -10.30 33.04 47.28
C TRP K 411 -8.99 33.73 47.67
N ASN K 412 -8.25 33.16 48.62
CA ASN K 412 -6.99 33.76 49.03
C ASN K 412 -6.03 33.87 47.85
N ILE K 413 -6.08 32.91 46.93
CA ILE K 413 -5.22 32.97 45.75
C ILE K 413 -5.58 34.17 44.89
N ILE K 414 -6.88 34.41 44.70
CA ILE K 414 -7.31 35.51 43.84
C ILE K 414 -7.02 36.86 44.47
N VAL K 415 -7.36 37.04 45.75
CA VAL K 415 -7.25 38.36 46.36
C VAL K 415 -5.80 38.81 46.50
N THR K 416 -4.89 37.89 46.79
CA THR K 416 -3.50 38.25 47.10
C THR K 416 -2.84 39.04 45.98
N ALA K 417 -3.28 38.86 44.74
CA ALA K 417 -2.70 39.59 43.62
C ALA K 417 -3.47 40.86 43.29
N GLU K 418 -4.77 40.74 43.00
CA GLU K 418 -5.60 41.90 42.71
C GLU K 418 -6.49 42.21 43.89
N PRO K 419 -6.28 43.30 44.60
CA PRO K 419 -7.15 43.63 45.74
C PRO K 419 -8.47 44.29 45.34
N LYS K 420 -8.58 44.80 44.11
CA LYS K 420 -9.80 45.48 43.70
C LYS K 420 -10.99 44.53 43.61
N LEU K 421 -10.75 43.22 43.62
CA LEU K 421 -11.79 42.24 43.37
C LEU K 421 -12.62 41.92 44.61
N GLN K 422 -12.30 42.51 45.77
CA GLN K 422 -13.07 42.24 46.97
C GLN K 422 -14.52 42.72 46.84
N VAL K 423 -14.74 43.73 45.97
CA VAL K 423 -16.07 44.30 45.84
C VAL K 423 -17.06 43.29 45.27
N ILE K 424 -16.62 42.43 44.35
CA ILE K 424 -17.51 41.44 43.76
C ILE K 424 -18.00 40.46 44.82
N LYS K 425 -17.08 39.95 45.65
CA LYS K 425 -17.48 39.06 46.72
C LYS K 425 -18.36 39.78 47.73
N ASP K 426 -18.06 41.04 48.02
CA ASP K 426 -18.92 41.83 48.90
C ASP K 426 -20.35 41.87 48.37
N ASP K 427 -20.49 42.19 47.09
CA ASP K 427 -21.82 42.29 46.49
C ASP K 427 -22.54 40.94 46.52
N LEU K 428 -21.84 39.87 46.16
CA LEU K 428 -22.46 38.55 46.13
C LEU K 428 -22.93 38.12 47.52
N LEU K 429 -22.06 38.30 48.53
CA LEU K 429 -22.40 37.88 49.87
C LEU K 429 -23.56 38.69 50.43
N LYS K 430 -23.56 40.01 50.18
CA LYS K 430 -24.69 40.80 50.66
C LYS K 430 -25.97 40.39 49.96
N TYR K 431 -25.90 40.10 48.66
CA TYR K 431 -27.10 39.70 47.94
C TYR K 431 -27.66 38.40 48.50
N TYR K 432 -26.79 37.45 48.86
CA TYR K 432 -27.28 36.20 49.44
C TYR K 432 -27.83 36.43 50.84
N SER K 433 -27.18 37.28 51.64
CA SER K 433 -27.60 37.46 53.03
C SER K 433 -28.89 38.25 53.15
N ARG K 434 -29.05 39.31 52.35
CA ARG K 434 -30.16 40.24 52.46
C ARG K 434 -31.50 39.56 52.24
N TYR K 435 -31.64 38.84 51.14
CA TYR K 435 -32.92 38.20 50.83
C TYR K 435 -32.91 36.73 51.24
N GLY K 436 -31.99 35.94 50.69
CA GLY K 436 -31.89 34.55 51.04
C GLY K 436 -32.96 33.69 50.39
N VAL K 437 -32.76 32.38 50.39
CA VAL K 437 -33.76 31.40 49.97
C VAL K 437 -34.04 31.48 48.48
N ASP K 438 -34.33 32.69 47.98
CA ASP K 438 -34.74 32.85 46.59
C ASP K 438 -33.63 32.41 45.63
N ALA K 439 -32.38 32.67 46.00
CA ALA K 439 -31.25 32.20 45.20
C ALA K 439 -31.34 30.69 44.99
N THR K 440 -31.48 30.29 43.74
CA THR K 440 -31.81 28.90 43.43
C THR K 440 -31.02 28.43 42.23
N PHE K 441 -30.48 27.20 42.36
CA PHE K 441 -29.83 26.58 41.20
C PHE K 441 -30.10 25.08 41.12
N ASP K 442 -31.26 24.59 41.54
CA ASP K 442 -31.53 23.17 41.47
C ASP K 442 -31.49 22.72 40.01
N TYR K 443 -30.46 21.96 39.66
CA TYR K 443 -30.32 21.48 38.29
C TYR K 443 -31.11 20.20 38.08
N ASN K 444 -31.71 20.07 36.90
CA ASN K 444 -32.56 18.94 36.56
C ASN K 444 -31.90 18.17 35.43
N MET K 445 -31.02 17.23 35.78
CA MET K 445 -30.45 16.33 34.79
C MET K 445 -31.41 15.18 34.53
N LYS K 446 -32.60 15.49 34.01
CA LYS K 446 -33.64 14.47 33.89
C LYS K 446 -33.24 13.36 32.93
N ARG K 447 -32.88 13.72 31.69
CA ARG K 447 -32.48 12.72 30.72
C ARG K 447 -31.03 12.94 30.34
N SER K 448 -30.68 14.05 29.68
CA SER K 448 -29.27 14.39 29.50
C SER K 448 -29.04 15.89 29.48
N GLU K 449 -30.06 16.71 29.70
CA GLU K 449 -29.98 18.15 29.50
C GLU K 449 -30.20 18.84 30.83
N MET K 450 -29.29 19.74 31.19
CA MET K 450 -29.48 20.52 32.41
C MET K 450 -30.38 21.71 32.13
N THR K 451 -31.45 21.82 32.92
CA THR K 451 -32.42 22.91 32.81
C THR K 451 -32.55 23.56 34.17
N VAL K 452 -32.21 24.84 34.26
CA VAL K 452 -32.28 25.55 35.53
C VAL K 452 -33.73 25.75 35.93
N VAL K 453 -34.03 25.92 37.20
CA VAL K 453 -35.46 26.19 37.49
C VAL K 453 -35.53 27.41 38.41
N THR K 454 -36.06 28.53 37.91
CA THR K 454 -36.09 29.79 38.70
C THR K 454 -37.21 29.73 39.75
N ARG K 455 -37.03 30.42 40.88
CA ARG K 455 -38.07 30.45 41.94
C ARG K 455 -38.20 31.88 42.48
N GLY K 456 -37.23 32.32 43.28
CA GLY K 456 -37.28 33.67 43.87
C GLY K 456 -37.11 34.77 42.83
N HIS K 457 -36.14 34.62 41.93
CA HIS K 457 -35.88 35.64 40.88
C HIS K 457 -35.77 34.96 39.53
N LEU K 458 -36.10 35.68 38.44
CA LEU K 458 -36.05 35.10 37.08
C LEU K 458 -34.61 35.18 36.54
N LEU K 459 -33.90 36.27 36.85
CA LEU K 459 -32.53 36.44 36.30
C LEU K 459 -31.48 36.27 37.41
N ALA K 460 -31.86 35.62 38.52
CA ALA K 460 -30.92 35.38 39.63
C ALA K 460 -29.71 34.59 39.12
N HIS K 461 -29.94 33.61 38.24
CA HIS K 461 -28.84 32.77 37.69
C HIS K 461 -27.85 33.64 36.92
N LYS K 462 -28.34 34.46 35.99
CA LYS K 462 -27.43 35.29 35.14
C LYS K 462 -26.63 36.23 36.04
N VAL K 463 -27.23 36.70 37.14
CA VAL K 463 -26.49 37.55 38.07
C VAL K 463 -25.23 36.84 38.53
N LEU K 464 -25.37 35.60 38.96
CA LEU K 464 -24.23 34.81 39.38
C LEU K 464 -23.28 34.56 38.21
N GLU K 465 -23.84 34.26 37.03
CA GLU K 465 -23.03 34.08 35.84
C GLU K 465 -22.10 35.27 35.62
N CYS K 466 -22.67 36.47 35.65
CA CYS K 466 -21.87 37.67 35.43
C CYS K 466 -20.84 37.86 36.53
N ALA K 467 -21.24 37.64 37.79
CA ALA K 467 -20.31 37.84 38.91
C ALA K 467 -19.09 36.94 38.79
N LEU K 468 -19.29 35.70 38.36
CA LEU K 468 -18.18 34.79 38.13
C LEU K 468 -17.38 35.11 36.89
N ARG K 469 -18.02 35.53 35.80
CA ARG K 469 -17.25 35.82 34.60
C ARG K 469 -16.40 37.07 34.78
N ILE K 470 -16.83 38.01 35.64
CA ILE K 470 -16.02 39.20 35.90
C ILE K 470 -14.67 38.83 36.50
N VAL K 471 -14.69 38.04 37.58
CA VAL K 471 -13.44 37.65 38.21
C VAL K 471 -12.64 36.76 37.29
N GLU K 472 -13.34 35.93 36.51
CA GLU K 472 -12.65 35.06 35.52
C GLU K 472 -11.86 35.93 34.54
N THR K 473 -12.48 36.97 33.98
CA THR K 473 -11.82 37.82 32.99
C THR K 473 -10.70 38.66 33.62
N ILE K 474 -10.96 39.24 34.79
CA ILE K 474 -9.95 40.08 35.42
C ILE K 474 -8.71 39.27 35.75
N TYR K 475 -8.90 38.04 36.26
CA TYR K 475 -7.75 37.24 36.67
C TYR K 475 -6.91 36.79 35.48
N THR K 476 -7.55 36.30 34.41
CA THR K 476 -6.79 35.69 33.33
C THR K 476 -6.02 36.72 32.51
N TYR K 477 -6.61 37.90 32.29
CA TYR K 477 -5.91 38.97 31.59
C TYR K 477 -5.00 39.69 32.58
N ASP K 478 -3.70 39.71 32.29
CA ASP K 478 -2.73 40.32 33.19
C ASP K 478 -2.57 41.79 32.84
N ILE K 479 -3.55 42.59 33.28
CA ILE K 479 -3.48 44.02 33.09
C ILE K 479 -2.37 44.58 33.96
N GLN K 480 -1.51 45.43 33.36
CA GLN K 480 -0.37 45.97 34.09
C GLN K 480 -0.45 47.50 33.99
N ASP K 481 -1.62 48.05 34.28
CA ASP K 481 -1.82 49.48 34.30
C ASP K 481 -2.98 49.79 35.23
N GLU K 482 -2.92 50.94 35.88
CA GLU K 482 -3.97 51.33 36.81
C GLU K 482 -5.10 52.03 36.06
N THR K 483 -6.26 52.08 36.73
CA THR K 483 -7.49 52.72 36.28
C THR K 483 -8.13 51.97 35.12
N PHE K 484 -7.40 51.06 34.49
CA PHE K 484 -8.03 50.31 33.41
C PHE K 484 -8.77 49.09 33.94
N LYS K 485 -8.10 48.28 34.77
CA LYS K 485 -8.82 47.27 35.52
C LYS K 485 -9.89 47.90 36.39
N ASP K 486 -9.67 49.14 36.83
CA ASP K 486 -10.72 49.89 37.51
C ASP K 486 -11.94 50.03 36.62
N ILE K 487 -11.80 50.75 35.50
CA ILE K 487 -12.94 50.96 34.59
C ILE K 487 -13.59 49.64 34.21
N LEU K 488 -12.80 48.56 34.12
CA LEU K 488 -13.39 47.24 33.92
C LEU K 488 -14.29 46.87 35.10
N ILE K 489 -13.84 47.15 36.33
CA ILE K 489 -14.63 46.83 37.51
C ILE K 489 -15.91 47.65 37.55
N ASP K 490 -15.84 48.94 37.22
CA ASP K 490 -17.07 49.75 37.19
C ASP K 490 -18.04 49.26 36.12
N LEU K 491 -17.53 48.97 34.91
CA LEU K 491 -18.43 48.42 33.89
C LEU K 491 -19.05 47.12 34.37
N GLY K 492 -18.26 46.30 35.06
CA GLY K 492 -18.79 45.05 35.58
C GLY K 492 -19.85 45.25 36.64
N ARG K 493 -19.66 46.22 37.52
CA ARG K 493 -20.67 46.46 38.56
C ARG K 493 -21.91 47.10 37.96
N LEU K 494 -21.78 47.79 36.82
CA LEU K 494 -22.96 48.24 36.10
C LEU K 494 -23.72 47.07 35.48
N ILE K 495 -23.02 46.11 34.89
CA ILE K 495 -23.74 44.98 34.29
C ILE K 495 -24.20 44.02 35.40
N MET K 496 -23.69 44.19 36.62
CA MET K 496 -24.09 43.36 37.75
C MET K 496 -25.60 43.36 37.96
N ARG K 497 -26.20 44.54 38.06
CA ARG K 497 -27.57 44.63 38.54
C ARG K 497 -28.57 44.04 37.54
N ASP K 498 -28.43 44.38 36.27
CA ASP K 498 -29.29 43.83 35.22
C ASP K 498 -28.45 43.02 34.26
N PRO K 499 -28.52 41.70 34.31
CA PRO K 499 -27.50 40.88 33.63
C PRO K 499 -27.65 40.79 32.12
N ILE K 500 -28.86 40.94 31.60
CA ILE K 500 -29.11 40.84 30.17
C ILE K 500 -29.44 42.20 29.56
N TYR K 501 -30.43 42.91 30.11
CA TYR K 501 -30.78 44.22 29.58
C TYR K 501 -29.61 45.19 29.74
N GLY K 502 -28.90 45.10 30.87
CA GLY K 502 -27.71 45.93 31.04
C GLY K 502 -26.64 45.64 30.01
N THR K 503 -26.57 44.40 29.54
CA THR K 503 -25.60 44.07 28.50
C THR K 503 -25.87 44.88 27.24
N THR K 504 -27.12 44.92 26.80
CA THR K 504 -27.45 45.73 25.63
C THR K 504 -27.34 47.22 25.91
N THR K 505 -27.64 47.64 27.14
CA THR K 505 -27.52 49.05 27.48
C THR K 505 -26.07 49.52 27.38
N VAL K 506 -25.13 48.72 27.87
CA VAL K 506 -23.71 49.08 27.81
C VAL K 506 -23.04 48.64 26.51
N ARG K 507 -23.76 47.90 25.66
CA ARG K 507 -23.18 47.50 24.39
C ARG K 507 -22.84 48.72 23.54
N ASP K 508 -23.71 49.73 23.54
CA ASP K 508 -23.44 50.96 22.80
C ASP K 508 -22.16 51.62 23.28
N ALA K 509 -22.03 51.81 24.59
CA ALA K 509 -20.85 52.46 25.13
C ALA K 509 -19.59 51.65 24.80
N THR K 510 -19.67 50.32 24.95
CA THR K 510 -18.50 49.50 24.70
C THR K 510 -18.09 49.52 23.23
N THR K 511 -19.06 49.47 22.31
CA THR K 511 -18.71 49.45 20.90
C THR K 511 -18.19 50.80 20.44
N VAL K 512 -18.74 51.90 20.97
CA VAL K 512 -18.21 53.20 20.59
C VAL K 512 -16.85 53.43 21.23
N MET K 513 -16.61 52.81 22.39
CA MET K 513 -15.28 52.84 22.98
C MET K 513 -14.28 52.09 22.12
N LYS K 514 -14.71 50.93 21.60
CA LYS K 514 -13.82 50.13 20.71
C LYS K 514 -13.63 50.88 19.39
N GLN K 515 -14.54 51.79 19.05
CA GLN K 515 -14.46 52.50 17.75
C GLN K 515 -13.16 53.31 17.67
N LEU K 516 -12.96 54.27 18.58
CA LEU K 516 -11.76 55.10 18.51
C LEU K 516 -10.59 54.45 19.22
N MET K 517 -10.62 54.44 20.55
CA MET K 517 -9.81 53.60 21.42
C MET K 517 -8.31 53.89 21.29
N TYR K 518 -7.91 54.59 20.22
CA TYR K 518 -6.48 54.85 20.04
C TYR K 518 -6.16 56.19 19.39
N THR K 519 -7.11 57.10 19.26
CA THR K 519 -6.86 58.31 18.47
C THR K 519 -5.80 59.19 19.12
N GLN K 520 -5.94 59.48 20.40
CA GLN K 520 -4.98 60.35 21.10
C GLN K 520 -3.81 59.50 21.57
N GLY K 521 -2.79 59.36 20.72
CA GLY K 521 -1.63 58.57 21.06
C GLY K 521 -0.36 59.35 20.81
N THR K 522 0.74 58.80 21.31
CA THR K 522 2.05 59.43 21.19
C THR K 522 3.08 58.60 20.47
N GLN K 523 3.05 57.27 20.60
CA GLN K 523 3.83 56.39 19.73
C GLN K 523 2.94 55.24 19.28
N PHE K 524 3.30 54.64 18.14
CA PHE K 524 2.47 53.59 17.57
C PHE K 524 3.22 52.36 17.08
N ARG K 525 4.52 52.44 16.77
CA ARG K 525 5.32 51.29 16.35
C ARG K 525 4.70 50.63 15.10
N ARG K 526 4.77 51.39 14.00
CA ARG K 526 4.30 50.91 12.70
C ARG K 526 5.02 49.63 12.30
N ILE K 527 4.27 48.71 11.71
CA ILE K 527 4.80 47.45 11.19
C ILE K 527 4.88 47.54 9.67
N MET K 528 6.04 47.24 9.12
CA MET K 528 6.30 47.43 7.69
C MET K 528 6.26 46.08 6.98
N PHE K 529 5.50 46.02 5.89
CA PHE K 529 5.42 44.84 5.05
C PHE K 529 5.93 45.15 3.65
N LYS K 530 6.17 44.09 2.88
CA LYS K 530 6.63 44.26 1.47
C LYS K 530 5.46 44.84 0.67
N LYS K 531 5.71 45.44 -0.49
CA LYS K 531 4.53 45.94 -1.25
C LYS K 531 3.62 44.76 -1.58
N TYR K 532 2.32 44.95 -1.43
CA TYR K 532 1.35 43.85 -1.68
C TYR K 532 0.56 44.24 -2.94
N ASP K 533 0.42 43.31 -3.89
CA ASP K 533 -0.39 43.61 -5.09
C ASP K 533 -1.84 43.32 -4.76
N TYR K 534 -2.65 44.36 -4.61
CA TYR K 534 -4.04 44.16 -4.18
C TYR K 534 -4.78 43.33 -5.23
N SER K 535 -4.36 43.44 -6.48
CA SER K 535 -5.10 42.76 -7.59
C SER K 535 -5.10 41.23 -7.44
N ASN K 536 -3.93 40.61 -7.28
CA ASN K 536 -3.94 39.11 -7.24
C ASN K 536 -4.42 38.67 -5.87
N PHE K 537 -5.52 37.92 -5.79
CA PHE K 537 -6.05 37.43 -4.50
C PHE K 537 -5.03 36.50 -3.83
N ASN K 538 -4.29 35.71 -4.63
CA ASN K 538 -3.37 34.69 -4.06
C ASN K 538 -2.13 35.34 -3.40
N GLU K 539 -1.92 36.64 -3.58
CA GLU K 539 -0.71 37.33 -3.04
C GLU K 539 -0.55 37.09 -1.53
N LYS K 540 0.70 36.93 -1.05
CA LYS K 540 0.95 36.75 0.39
C LYS K 540 1.79 37.92 0.91
N LEU K 541 1.86 38.10 2.22
CA LEU K 541 2.59 39.20 2.84
C LEU K 541 3.74 38.65 3.68
N VAL K 542 4.87 39.34 3.63
CA VAL K 542 6.04 39.00 4.44
C VAL K 542 6.43 40.24 5.23
N LEU K 543 6.84 40.04 6.47
CA LEU K 543 7.22 41.16 7.33
C LEU K 543 8.66 41.57 7.05
N LYS K 544 8.94 42.86 7.25
CA LYS K 544 10.23 43.41 6.87
C LYS K 544 10.89 44.26 7.94
N GLY K 545 10.14 44.94 8.81
CA GLY K 545 10.75 45.75 9.84
C GLY K 545 9.71 46.60 10.55
N GLU K 546 10.22 47.48 11.41
CA GLU K 546 9.38 48.38 12.20
C GLU K 546 9.80 49.81 11.94
N GLN K 547 8.97 50.74 12.40
CA GLN K 547 9.35 52.14 12.49
C GLN K 547 8.44 52.83 13.50
N MET K 548 9.02 53.70 14.32
CA MET K 548 8.25 54.41 15.33
C MET K 548 7.70 55.71 14.73
N THR K 549 6.43 55.97 14.97
CA THR K 549 5.76 57.11 14.35
C THR K 549 4.78 57.71 15.34
N ASN K 550 4.72 59.05 15.34
CA ASN K 550 3.80 59.79 16.20
C ASN K 550 2.49 60.15 15.53
N GLU K 551 2.35 59.92 14.22
CA GLU K 551 1.15 60.31 13.50
C GLU K 551 -0.04 59.45 13.95
N PRO K 552 -1.09 60.06 14.49
CA PRO K 552 -2.25 59.28 14.89
C PRO K 552 -2.94 58.70 13.67
N PRO K 553 -3.57 57.54 13.81
CA PRO K 553 -4.34 56.99 12.70
C PRO K 553 -5.48 57.92 12.31
N THR K 554 -5.64 58.11 10.99
CA THR K 554 -6.65 59.01 10.47
C THR K 554 -7.92 58.24 10.10
N LEU K 555 -8.52 57.66 11.13
CA LEU K 555 -9.80 56.99 10.98
C LEU K 555 -10.90 58.03 10.89
N LEU K 556 -12.15 57.58 10.92
CA LEU K 556 -13.27 58.50 11.00
C LEU K 556 -13.54 58.82 12.47
N ALA K 557 -14.70 59.41 12.75
CA ALA K 557 -15.15 59.85 14.07
C ALA K 557 -14.38 61.05 14.58
N THR K 558 -13.37 61.53 13.86
CA THR K 558 -12.80 62.84 14.17
C THR K 558 -13.77 63.95 13.77
N THR K 559 -14.55 63.73 12.72
CA THR K 559 -15.59 64.69 12.35
C THR K 559 -16.79 64.61 13.29
N HIS K 560 -17.15 63.41 13.73
CA HIS K 560 -18.31 63.20 14.59
C HIS K 560 -17.90 62.81 16.01
N TYR K 561 -16.84 63.43 16.52
CA TYR K 561 -16.37 63.09 17.85
C TYR K 561 -17.42 63.41 18.92
N GLU K 562 -18.02 64.60 18.85
CA GLU K 562 -19.01 64.99 19.84
C GLU K 562 -20.26 64.14 19.72
N GLU K 563 -20.67 63.80 18.49
CA GLU K 563 -21.89 63.03 18.30
C GLU K 563 -21.79 61.66 18.95
N MET K 564 -20.60 61.09 19.05
CA MET K 564 -20.41 59.81 19.71
C MET K 564 -20.12 59.96 21.19
N ASP K 565 -19.40 61.01 21.59
CA ASP K 565 -19.14 61.23 23.00
C ASP K 565 -20.45 61.45 23.74
N LYS K 566 -21.32 62.31 23.21
CA LYS K 566 -22.62 62.53 23.84
C LYS K 566 -23.44 61.24 23.87
N LYS K 567 -23.38 60.45 22.81
CA LYS K 567 -24.20 59.24 22.73
C LYS K 567 -23.77 58.24 23.79
N ARG K 568 -22.46 58.02 23.93
CA ARG K 568 -21.98 57.07 24.93
C ARG K 568 -22.22 57.59 26.34
N ILE K 569 -22.08 58.91 26.54
CA ILE K 569 -22.28 59.45 27.88
C ILE K 569 -23.75 59.34 28.26
N ASP K 570 -24.65 59.51 27.29
CA ASP K 570 -26.08 59.32 27.55
C ASP K 570 -26.38 57.86 27.88
N ALA K 571 -25.76 56.93 27.15
CA ALA K 571 -25.96 55.51 27.47
C ALA K 571 -25.49 55.21 28.89
N LEU K 572 -24.32 55.70 29.27
CA LEU K 572 -23.80 55.43 30.60
C LEU K 572 -24.67 56.04 31.69
N ILE K 573 -25.14 57.28 31.49
CA ILE K 573 -25.96 57.89 32.53
C ILE K 573 -27.32 57.20 32.60
N LYS K 574 -27.83 56.71 31.47
CA LYS K 574 -29.07 55.93 31.50
C LYS K 574 -28.88 54.66 32.30
N ALA K 575 -27.76 53.97 32.10
CA ALA K 575 -27.49 52.77 32.89
C ALA K 575 -27.34 53.11 34.37
N ASN K 576 -26.67 54.22 34.68
CA ASN K 576 -26.39 54.56 36.07
C ASN K 576 -27.65 55.01 36.81
N GLN K 577 -28.55 55.70 36.13
CA GLN K 577 -29.71 56.28 36.80
C GLN K 577 -30.58 55.21 37.43
N ARG K 578 -30.80 54.11 36.72
CA ARG K 578 -31.50 52.96 37.29
C ARG K 578 -30.59 52.18 38.23
N ALA K 579 -29.28 52.33 38.12
CA ALA K 579 -28.33 51.61 38.95
C ALA K 579 -28.18 52.29 40.31
N GLY K 580 -27.19 51.86 41.08
CA GLY K 580 -27.02 52.33 42.44
C GLY K 580 -26.10 53.52 42.61
N ASN K 581 -26.21 54.52 41.73
CA ASN K 581 -25.58 55.83 41.93
C ASN K 581 -24.06 55.68 42.10
N ILE K 582 -23.42 55.34 40.98
CA ILE K 582 -22.02 54.90 40.98
C ILE K 582 -21.09 56.08 40.69
N LEU K 583 -21.56 57.30 41.00
CA LEU K 583 -20.77 58.52 40.87
C LEU K 583 -20.40 58.76 39.39
N SER K 584 -21.45 59.11 38.64
CA SER K 584 -21.34 59.38 37.21
C SER K 584 -20.13 60.25 36.86
N GLN K 585 -19.73 61.14 37.76
CA GLN K 585 -18.56 61.97 37.48
C GLN K 585 -17.31 61.11 37.27
N SER K 586 -17.15 60.07 38.09
CA SER K 586 -16.03 59.15 37.90
C SER K 586 -16.12 58.46 36.54
N SER K 587 -17.32 58.04 36.15
CA SER K 587 -17.47 57.37 34.86
C SER K 587 -17.11 58.29 33.70
N ILE K 588 -17.62 59.53 33.73
CA ILE K 588 -17.37 60.46 32.63
C ILE K 588 -15.89 60.84 32.58
N GLU K 589 -15.25 60.94 33.75
CA GLU K 589 -13.83 61.27 33.78
C GLU K 589 -12.99 60.10 33.28
N ARG K 590 -13.38 58.87 33.62
CA ARG K 590 -12.53 57.72 33.36
C ARG K 590 -12.70 57.18 31.95
N CYS K 591 -13.90 57.30 31.36
CA CYS K 591 -14.10 56.76 30.02
C CYS K 591 -13.21 57.44 29.00
N ARG K 592 -12.82 58.70 29.26
CA ARG K 592 -11.93 59.42 28.35
C ARG K 592 -10.50 58.90 28.42
N TYR K 593 -10.20 57.95 29.32
CA TYR K 593 -8.86 57.42 29.41
C TYR K 593 -8.58 56.41 28.30
N THR K 594 -9.63 55.84 27.71
CA THR K 594 -9.44 54.71 26.81
C THR K 594 -8.75 55.10 25.50
N ASP K 595 -8.89 56.35 25.07
CA ASP K 595 -8.31 56.78 23.80
C ASP K 595 -6.99 57.51 23.98
N SER K 596 -6.44 57.54 25.19
CA SER K 596 -5.14 58.14 25.46
C SER K 596 -4.07 57.07 25.62
N LEU K 597 -4.22 55.96 24.91
CA LEU K 597 -3.28 54.86 24.99
C LEU K 597 -2.29 54.91 23.83
N ASP K 598 -1.44 53.90 23.75
CA ASP K 598 -0.46 53.81 22.68
C ASP K 598 -0.17 52.35 22.39
N LEU K 599 0.33 52.08 21.18
CA LEU K 599 0.58 50.71 20.74
C LEU K 599 1.98 50.25 21.08
N VAL K 600 2.36 50.38 22.35
CA VAL K 600 3.67 49.92 22.81
C VAL K 600 3.48 49.24 24.16
N GLY K 601 4.43 48.36 24.48
CA GLY K 601 4.39 47.66 25.76
C GLY K 601 3.23 46.69 25.81
N ASP K 602 2.57 46.61 26.96
CA ASP K 602 1.47 45.69 27.20
C ASP K 602 0.14 46.42 27.13
N ALA K 603 0.03 47.38 26.22
CA ALA K 603 -1.24 48.07 26.00
C ALA K 603 -2.07 47.45 24.88
N ASN K 604 -1.46 46.64 24.02
CA ASN K 604 -2.21 45.96 22.98
C ASN K 604 -3.22 44.98 23.56
N ARG K 605 -2.95 44.43 24.74
CA ARG K 605 -3.87 43.46 25.34
C ARG K 605 -5.20 44.09 25.72
N TYR K 606 -5.22 45.42 25.90
CA TYR K 606 -6.41 46.06 26.47
C TYR K 606 -7.59 46.00 25.52
N PHE K 607 -7.36 46.19 24.22
CA PHE K 607 -8.46 46.13 23.27
C PHE K 607 -9.09 44.75 23.25
N SER K 608 -8.27 43.69 23.26
CA SER K 608 -8.81 42.34 23.31
C SER K 608 -9.54 42.10 24.63
N ALA K 609 -8.99 42.58 25.74
CA ALA K 609 -9.62 42.35 27.04
C ALA K 609 -10.96 43.04 27.14
N LEU K 610 -11.13 44.20 26.51
CA LEU K 610 -12.38 44.94 26.63
C LEU K 610 -13.55 44.18 26.02
N THR K 611 -13.32 43.50 24.89
CA THR K 611 -14.40 42.77 24.25
C THR K 611 -14.84 41.56 25.07
N THR K 612 -13.90 40.93 25.79
CA THR K 612 -14.26 39.78 26.61
C THR K 612 -15.25 40.17 27.70
N LEU K 613 -15.05 41.33 28.31
CA LEU K 613 -16.00 41.81 29.31
C LEU K 613 -17.35 42.13 28.70
N GLU K 614 -17.42 42.43 27.40
CA GLU K 614 -18.70 42.72 26.77
C GLU K 614 -19.62 41.52 26.74
N ALA K 615 -19.07 40.30 26.62
CA ALA K 615 -19.86 39.08 26.63
C ALA K 615 -19.85 38.42 28.00
N VAL K 616 -19.87 39.23 29.06
CA VAL K 616 -19.83 38.69 30.44
C VAL K 616 -21.03 37.74 30.63
N ALA K 617 -22.25 38.20 30.37
CA ALA K 617 -23.41 37.29 30.43
C ALA K 617 -23.32 36.37 29.22
N GLY K 618 -23.88 35.17 29.30
CA GLY K 618 -23.64 34.25 28.18
C GLY K 618 -24.84 33.81 27.38
N PHE K 619 -24.79 33.97 26.06
CA PHE K 619 -25.82 33.38 25.16
C PHE K 619 -27.27 33.75 25.47
N ALA K 620 -27.58 35.01 25.75
CA ALA K 620 -29.00 35.39 25.89
C ALA K 620 -29.57 35.62 24.48
N SER K 621 -30.90 35.71 24.36
CA SER K 621 -31.54 35.95 23.04
C SER K 621 -32.52 37.12 23.15
N SER K 622 -33.35 37.32 22.13
CA SER K 622 -34.41 38.38 22.16
C SER K 622 -35.72 37.75 21.71
N ASP K 623 -36.86 38.36 22.03
CA ASP K 623 -38.16 37.82 21.54
C ASP K 623 -38.19 37.78 20.01
N LEU K 624 -38.67 36.67 19.43
CA LEU K 624 -38.73 36.51 17.99
C LEU K 624 -39.82 37.36 17.34
N LEU K 625 -41.00 37.41 17.95
CA LEU K 625 -42.11 38.16 17.36
C LEU K 625 -41.79 39.65 17.27
N SER K 626 -41.23 40.22 18.34
CA SER K 626 -40.93 41.64 18.32
C SER K 626 -39.92 41.98 17.23
N GLY K 627 -38.88 41.16 17.10
CA GLY K 627 -37.88 41.41 16.07
C GLY K 627 -38.46 41.27 14.68
N PHE K 628 -39.23 40.22 14.44
CA PHE K 628 -39.88 40.06 13.15
C PHE K 628 -40.87 41.19 12.86
N ILE K 629 -41.31 41.89 13.89
CA ILE K 629 -42.18 43.04 13.67
C ILE K 629 -41.38 44.27 13.28
N ASP K 630 -40.30 44.61 14.01
CA ASP K 630 -39.68 45.89 13.70
C ASP K 630 -38.73 45.80 12.52
N SER K 631 -38.06 44.65 12.32
CA SER K 631 -37.09 44.56 11.24
C SER K 631 -37.76 44.68 9.88
N ASN K 632 -39.05 44.35 9.78
CA ASN K 632 -39.79 44.50 8.55
C ASN K 632 -40.42 45.89 8.41
N GLU K 633 -40.20 46.79 9.36
CA GLU K 633 -40.77 48.13 9.30
C GLU K 633 -39.76 49.19 8.87
N SER K 634 -38.49 49.03 9.22
CA SER K 634 -37.46 50.03 8.90
C SER K 634 -36.86 49.79 7.52
N ILE K 635 -37.71 49.71 6.50
CA ILE K 635 -37.26 49.51 5.12
C ILE K 635 -38.07 50.44 4.23
N GLU K 636 -37.38 51.21 3.39
CA GLU K 636 -38.02 52.18 2.49
C GLU K 636 -37.65 51.86 1.05
N PHE K 637 -38.64 51.94 0.17
CA PHE K 637 -38.45 51.64 -1.24
C PHE K 637 -38.17 52.88 -2.08
N THR K 638 -38.70 54.04 -1.68
CA THR K 638 -38.86 55.19 -2.56
C THR K 638 -37.64 55.43 -3.45
N GLY K 639 -37.82 55.23 -4.75
CA GLY K 639 -36.72 55.31 -5.68
C GLY K 639 -37.22 55.17 -7.10
N THR K 640 -36.27 55.07 -8.03
CA THR K 640 -36.56 55.09 -9.45
C THR K 640 -36.53 53.68 -10.04
N ALA K 641 -37.26 53.50 -11.14
CA ALA K 641 -37.26 52.21 -11.82
C ALA K 641 -35.94 51.98 -12.56
N HIS K 642 -35.21 53.05 -12.86
CA HIS K 642 -33.90 52.91 -13.51
C HIS K 642 -32.94 52.12 -12.63
N LEU K 643 -32.97 52.39 -11.33
CA LEU K 643 -32.11 51.64 -10.41
C LEU K 643 -32.49 50.17 -10.37
N ARG K 644 -33.79 49.88 -10.39
CA ARG K 644 -34.23 48.49 -10.42
C ARG K 644 -33.76 47.80 -11.68
N LYS K 645 -33.85 48.48 -12.82
CA LYS K 645 -33.37 47.90 -14.07
C LYS K 645 -31.88 47.66 -14.02
N LEU K 646 -31.12 48.60 -13.45
CA LEU K 646 -29.68 48.40 -13.31
C LEU K 646 -29.38 47.18 -12.44
N LEU K 647 -30.09 47.03 -11.33
CA LEU K 647 -29.87 45.87 -10.46
C LEU K 647 -30.16 44.57 -11.20
N TYR K 648 -31.29 44.53 -11.92
CA TYR K 648 -31.67 43.32 -12.65
C TYR K 648 -30.62 42.96 -13.69
N HIS K 649 -30.19 43.94 -14.48
CA HIS K 649 -29.22 43.66 -15.54
C HIS K 649 -27.87 43.25 -14.97
N SER K 650 -27.44 43.90 -13.88
CA SER K 650 -26.17 43.51 -13.27
C SER K 650 -26.21 42.08 -12.76
N VAL K 651 -27.29 41.70 -12.07
CA VAL K 651 -27.38 40.34 -11.55
C VAL K 651 -27.41 39.33 -12.70
N ARG K 652 -28.22 39.60 -13.72
CA ARG K 652 -28.32 38.66 -14.84
C ARG K 652 -26.99 38.50 -15.54
N GLU K 653 -26.27 39.60 -15.76
CA GLU K 653 -24.97 39.50 -16.40
C GLU K 653 -23.98 38.73 -15.55
N GLN K 654 -24.01 38.95 -14.23
CA GLN K 654 -23.04 38.30 -13.37
C GLN K 654 -23.30 36.81 -13.19
N ILE K 655 -24.55 36.36 -13.23
CA ILE K 655 -24.81 34.93 -13.20
C ILE K 655 -24.39 34.26 -14.50
N THR K 656 -24.64 34.90 -15.64
CA THR K 656 -24.35 34.29 -16.92
C THR K 656 -22.88 33.97 -17.07
N THR K 657 -22.01 34.89 -16.64
CA THR K 657 -20.58 34.72 -16.79
C THR K 657 -20.01 33.62 -15.90
N LEU K 658 -20.75 33.17 -14.88
CA LEU K 658 -20.27 32.13 -13.99
C LEU K 658 -20.83 30.76 -14.31
N ASN K 659 -22.07 30.68 -14.76
CA ASN K 659 -22.68 29.38 -15.02
C ASN K 659 -21.96 28.64 -16.13
N THR K 660 -21.61 29.34 -17.22
CA THR K 660 -20.93 28.68 -18.33
C THR K 660 -19.51 28.33 -17.91
N SER K 661 -19.19 27.03 -17.97
CA SER K 661 -17.89 26.53 -17.55
C SER K 661 -17.79 25.07 -17.97
N THR K 662 -16.67 24.44 -17.61
CA THR K 662 -16.44 23.03 -17.83
C THR K 662 -16.45 22.23 -16.54
N VAL K 663 -16.83 22.85 -15.42
CA VAL K 663 -16.89 22.12 -14.15
C VAL K 663 -18.00 21.08 -14.22
N PRO K 664 -17.74 19.82 -13.85
CA PRO K 664 -18.79 18.81 -13.90
C PRO K 664 -19.82 18.99 -12.79
N ARG K 665 -21.01 18.43 -13.02
CA ARG K 665 -22.11 18.50 -12.08
C ARG K 665 -22.36 17.12 -11.49
N PRO K 666 -22.31 16.95 -10.18
CA PRO K 666 -22.49 15.61 -9.59
C PRO K 666 -23.89 15.09 -9.83
N SER K 667 -24.00 13.76 -9.87
CA SER K 667 -25.26 13.10 -10.09
C SER K 667 -26.11 13.12 -8.81
N LEU K 668 -27.38 12.78 -8.98
CA LEU K 668 -28.31 12.79 -7.85
C LEU K 668 -27.91 11.84 -6.72
N PRO K 669 -27.52 10.58 -6.99
CA PRO K 669 -27.08 9.74 -5.88
C PRO K 669 -25.91 10.31 -5.10
N LYS K 670 -24.96 10.96 -5.78
CA LYS K 670 -23.86 11.59 -5.07
C LYS K 670 -24.34 12.80 -4.27
N VAL K 671 -25.22 13.61 -4.85
CA VAL K 671 -25.64 14.84 -4.18
C VAL K 671 -26.50 14.52 -2.96
N LEU K 672 -27.23 13.39 -2.97
CA LEU K 672 -28.00 13.00 -1.80
C LEU K 672 -27.10 12.75 -0.60
N LEU K 673 -26.04 11.96 -0.80
CA LEU K 673 -25.12 11.68 0.30
C LEU K 673 -24.29 12.91 0.65
N SER K 674 -24.20 13.86 -0.27
CA SER K 674 -23.49 15.11 0.12
C SER K 674 -24.39 15.91 1.06
N SER K 675 -25.71 15.84 0.87
CA SER K 675 -26.67 16.60 1.73
C SER K 675 -26.58 16.08 3.17
N ALA K 676 -26.58 14.76 3.35
CA ALA K 676 -26.48 14.20 4.71
C ALA K 676 -25.21 14.74 5.37
N LYS K 677 -24.12 14.81 4.60
CA LYS K 677 -22.82 15.29 5.14
C LYS K 677 -22.95 16.74 5.60
N ASP K 678 -23.76 17.54 4.89
CA ASP K 678 -23.96 18.98 5.24
C ASP K 678 -24.57 19.09 6.64
N THR K 679 -25.52 18.21 6.98
CA THR K 679 -26.17 18.22 8.33
C THR K 679 -26.55 19.66 8.74
N ALA K 680 -27.01 20.48 7.79
CA ALA K 680 -27.49 21.84 8.12
C ALA K 680 -28.44 21.72 9.31
N SER K 681 -28.31 22.61 10.30
CA SER K 681 -29.26 22.61 11.45
C SER K 681 -30.68 22.76 10.89
N ALA K 682 -30.86 23.62 9.89
CA ALA K 682 -32.17 23.74 9.23
C ALA K 682 -32.51 22.44 8.49
N SER K 683 -31.56 21.89 7.74
CA SER K 683 -31.84 20.68 6.91
C SER K 683 -32.18 19.44 7.74
N ILE K 684 -31.53 19.24 8.89
CA ILE K 684 -31.73 17.96 9.64
C ILE K 684 -33.20 17.74 10.02
N GLU K 685 -33.72 16.54 9.73
CA GLU K 685 -35.12 16.20 10.11
C GLU K 685 -35.14 14.71 10.48
N PRO K 686 -34.35 14.26 11.48
CA PRO K 686 -34.26 12.84 11.82
C PRO K 686 -35.63 12.19 12.04
N LEU K 687 -35.82 10.97 11.54
CA LEU K 687 -37.10 10.23 11.74
C LEU K 687 -36.82 8.73 11.68
N THR K 688 -37.17 8.00 12.74
CA THR K 688 -36.91 6.54 12.79
C THR K 688 -38.15 5.89 13.40
N PHE K 689 -38.76 4.91 12.71
CA PHE K 689 -40.04 4.39 13.24
C PHE K 689 -39.81 3.83 14.64
N ARG K 690 -38.72 3.08 14.84
CA ARG K 690 -38.39 2.52 16.18
C ARG K 690 -37.03 1.81 16.18
N ILE K 691 -36.05 2.40 16.85
CA ILE K 691 -34.69 1.77 17.00
C ILE K 691 -34.60 1.26 18.43
N TYR K 692 -35.08 0.03 18.63
CA TYR K 692 -35.15 -0.52 20.00
C TYR K 692 -33.76 -0.59 20.62
N LYS K 693 -33.58 0.12 21.73
CA LYS K 693 -32.29 -0.01 22.45
C LYS K 693 -32.46 -1.23 23.36
N THR K 694 -32.26 -2.43 22.82
CA THR K 694 -32.31 -3.66 23.66
C THR K 694 -30.90 -3.91 24.19
N THR K 695 -30.05 -2.88 24.18
CA THR K 695 -28.63 -3.04 24.62
C THR K 695 -28.57 -3.49 26.07
N PRO K 696 -27.93 -4.65 26.37
CA PRO K 696 -27.75 -5.09 27.76
C PRO K 696 -26.66 -4.20 28.39
N GLU K 697 -27.05 -3.32 29.31
CA GLU K 697 -26.08 -2.36 29.90
C GLU K 697 -25.75 -2.80 31.33
N TYR K 698 -24.46 -2.88 31.66
CA TYR K 698 -24.06 -3.19 33.04
C TYR K 698 -24.57 -2.06 33.95
N ASP K 699 -24.86 -2.36 35.21
CA ASP K 699 -25.47 -1.32 36.09
C ASP K 699 -24.57 -1.12 37.32
N GLY K 700 -24.80 -0.03 38.04
CA GLY K 700 -23.90 0.32 39.16
C GLY K 700 -23.81 -0.78 40.19
N GLU K 701 -22.60 -1.06 40.64
CA GLU K 701 -22.42 -2.06 41.71
C GLU K 701 -22.66 -1.35 43.04
N SER K 702 -23.84 -0.76 43.22
CA SER K 702 -24.14 -0.17 44.55
C SER K 702 -24.19 -1.30 45.57
N LEU K 703 -24.90 -2.39 45.24
CA LEU K 703 -24.94 -3.58 46.12
C LEU K 703 -24.69 -4.82 45.26
N ASN K 704 -25.40 -4.92 44.14
CA ASN K 704 -25.29 -6.10 43.25
C ASN K 704 -25.22 -5.62 41.80
N LEU K 705 -24.53 -6.35 40.93
CA LEU K 705 -24.55 -5.95 39.49
C LEU K 705 -25.91 -6.27 38.87
N VAL K 706 -26.36 -5.43 37.94
CA VAL K 706 -27.70 -5.61 37.32
C VAL K 706 -27.53 -5.47 35.80
N GLU K 707 -28.29 -6.22 35.00
CA GLU K 707 -28.26 -6.02 33.53
C GLU K 707 -29.66 -5.57 33.10
N SER K 708 -29.77 -4.46 32.36
CA SER K 708 -31.11 -3.92 32.03
C SER K 708 -31.16 -3.44 30.58
N THR K 709 -32.35 -3.44 29.97
CA THR K 709 -32.50 -2.92 28.60
C THR K 709 -33.57 -1.83 28.57
N VAL K 710 -33.24 -0.63 28.08
CA VAL K 710 -34.28 0.44 27.94
C VAL K 710 -34.21 0.99 26.51
N GLU K 711 -35.35 1.06 25.81
CA GLU K 711 -35.38 1.52 24.39
C GLU K 711 -35.16 3.04 24.27
N MET K 712 -34.58 3.49 23.15
CA MET K 712 -34.38 4.95 22.90
C MET K 712 -34.34 5.19 21.38
N SER K 713 -34.89 6.30 20.88
CA SER K 713 -35.01 6.48 19.41
C SER K 713 -34.28 7.75 18.94
N THR K 714 -33.90 7.81 17.66
CA THR K 714 -33.25 9.02 17.06
C THR K 714 -31.97 9.41 17.83
N ARG K 715 -31.84 10.68 18.22
CA ARG K 715 -30.63 11.21 18.94
C ARG K 715 -29.52 11.54 17.93
N GLN K 716 -29.79 11.41 16.63
CA GLN K 716 -28.80 11.77 15.59
C GLN K 716 -29.55 12.12 14.31
N LYS K 717 -28.93 12.88 13.39
CA LYS K 717 -29.58 13.16 12.09
C LYS K 717 -29.77 11.83 11.36
N LYS K 718 -31.04 11.55 11.05
CA LYS K 718 -31.42 10.33 10.29
C LYS K 718 -31.85 10.85 8.93
N PRO K 719 -31.08 10.61 7.85
CA PRO K 719 -31.37 11.21 6.55
C PRO K 719 -32.69 10.72 5.93
N ASN K 720 -33.31 9.70 6.51
CA ASN K 720 -34.52 9.12 5.86
C ASN K 720 -34.06 8.62 4.48
N LEU K 721 -32.88 8.00 4.42
CA LEU K 721 -32.39 7.40 3.15
C LEU K 721 -33.35 6.28 2.75
N MET K 722 -34.08 5.73 3.72
CA MET K 722 -35.13 4.73 3.40
C MET K 722 -36.18 5.44 2.56
N LYS K 723 -36.52 6.67 2.91
CA LYS K 723 -37.59 7.41 2.18
C LYS K 723 -36.99 8.06 0.93
N ALA K 724 -35.70 7.84 0.66
CA ALA K 724 -35.11 8.38 -0.59
C ALA K 724 -35.83 7.75 -1.77
N ALA K 725 -36.25 6.49 -1.63
CA ALA K 725 -37.04 5.84 -2.71
C ALA K 725 -38.04 6.85 -3.26
N GLU K 726 -38.93 7.37 -2.41
CA GLU K 726 -39.93 8.39 -2.83
C GLU K 726 -39.23 9.69 -3.28
N ILE K 727 -38.22 10.16 -2.53
CA ILE K 727 -37.58 11.48 -2.84
C ILE K 727 -36.93 11.45 -4.23
N LEU K 728 -36.24 10.36 -4.57
CA LEU K 728 -35.59 10.25 -5.91
C LEU K 728 -36.68 10.23 -7.00
N ARG K 729 -37.80 9.57 -6.74
CA ARG K 729 -38.85 9.44 -7.79
C ARG K 729 -39.89 10.56 -7.64
N SER K 730 -41.12 10.22 -7.26
CA SER K 730 -42.19 11.25 -7.21
C SER K 730 -41.95 12.24 -6.06
N THR K 731 -41.86 13.54 -6.37
CA THR K 731 -41.63 14.60 -5.36
C THR K 731 -41.65 15.93 -6.11
N VAL K 732 -42.66 16.78 -5.90
CA VAL K 732 -42.77 18.04 -6.69
C VAL K 732 -42.17 19.20 -5.87
N THR K 733 -41.20 19.93 -6.43
CA THR K 733 -40.56 21.04 -5.69
C THR K 733 -41.23 22.38 -6.01
N THR K 734 -42.47 22.58 -5.59
CA THR K 734 -43.14 23.91 -5.80
C THR K 734 -43.81 24.35 -4.49
N ASN K 735 -43.95 25.65 -4.25
CA ASN K 735 -44.46 26.13 -2.94
C ASN K 735 -45.86 26.73 -3.04
N GLN K 736 -46.79 26.25 -2.20
CA GLN K 736 -48.19 26.78 -2.22
C GLN K 736 -48.71 26.95 -0.79
N GLU K 737 -48.24 27.96 -0.06
CA GLU K 737 -48.76 28.27 1.31
C GLU K 737 -48.76 27.04 2.24
N MET K 738 -47.72 26.21 2.20
CA MET K 738 -47.60 25.08 3.16
C MET K 738 -46.93 25.61 4.44
N ILE K 739 -47.00 24.86 5.55
CA ILE K 739 -46.43 25.35 6.84
C ILE K 739 -45.28 24.43 7.26
N ILE K 740 -44.17 25.01 7.74
CA ILE K 740 -42.99 24.23 8.20
C ILE K 740 -42.59 24.75 9.58
N SER K 741 -41.79 23.97 10.34
CA SER K 741 -41.41 24.38 11.71
C SER K 741 -40.21 25.32 11.65
N GLY K 742 -40.10 26.25 12.59
CA GLY K 742 -38.99 27.22 12.57
C GLY K 742 -38.14 27.12 13.82
N GLY K 743 -36.81 27.22 13.68
CA GLY K 743 -35.90 27.16 14.84
C GLY K 743 -35.18 28.48 15.04
N THR K 744 -34.72 28.74 16.26
CA THR K 744 -34.04 30.03 16.56
C THR K 744 -32.66 29.75 17.16
N ARG K 745 -31.71 30.67 16.95
CA ARG K 745 -30.34 30.53 17.52
C ARG K 745 -30.07 31.72 18.45
N ALA K 746 -29.04 31.61 19.29
CA ALA K 746 -28.68 32.70 20.23
C ALA K 746 -27.24 33.15 19.97
N VAL K 747 -26.89 34.40 20.33
CA VAL K 747 -25.54 34.94 20.03
C VAL K 747 -24.95 35.53 21.32
N GLN K 748 -23.62 35.63 21.41
CA GLN K 748 -23.06 36.32 22.61
C GLN K 748 -23.15 37.83 22.36
N GLY K 749 -23.16 38.62 23.43
CA GLY K 749 -23.32 40.08 23.28
C GLY K 749 -24.77 40.50 23.38
N GLY K 750 -25.69 39.54 23.39
CA GLY K 750 -27.12 39.86 23.58
C GLY K 750 -27.63 40.78 22.49
N LYS K 751 -27.03 40.74 21.30
CA LYS K 751 -27.44 41.72 20.25
C LYS K 751 -28.90 41.48 19.86
N GLY K 752 -29.31 40.21 19.70
CA GLY K 752 -30.68 39.95 19.20
C GLY K 752 -30.90 38.48 18.89
N ALA K 753 -32.05 38.16 18.30
CA ALA K 753 -32.39 36.74 18.02
C ALA K 753 -32.22 36.45 16.53
N ARG K 754 -31.43 35.42 16.21
CA ARG K 754 -31.19 35.09 14.78
C ARG K 754 -32.13 33.94 14.40
N ALA K 755 -32.87 34.10 13.31
CA ALA K 755 -33.86 33.07 12.92
C ALA K 755 -33.36 32.27 11.73
N VAL K 756 -33.53 30.96 11.75
CA VAL K 756 -33.12 30.09 10.64
C VAL K 756 -34.39 29.52 10.02
N TYR K 757 -34.46 29.54 8.70
CA TYR K 757 -35.64 29.07 8.00
C TYR K 757 -35.35 27.74 7.31
N PRO K 758 -35.62 26.61 7.96
CA PRO K 758 -35.33 25.32 7.33
C PRO K 758 -36.22 25.07 6.12
N THR K 759 -35.68 24.33 5.17
CA THR K 759 -36.39 23.97 3.95
C THR K 759 -36.54 22.45 3.87
N LYS K 760 -37.53 22.02 3.11
CA LYS K 760 -37.76 20.60 2.92
C LYS K 760 -36.62 19.97 2.13
N GLN K 761 -36.44 18.66 2.32
CA GLN K 761 -35.37 17.94 1.63
C GLN K 761 -35.39 18.09 0.12
N PRO K 762 -36.54 17.96 -0.61
CA PRO K 762 -36.47 18.06 -2.07
C PRO K 762 -35.88 19.41 -2.48
N TYR K 763 -36.29 20.49 -1.84
CA TYR K 763 -35.82 21.85 -2.21
C TYR K 763 -34.31 21.92 -2.05
N HIS K 764 -33.79 21.39 -0.94
CA HIS K 764 -32.33 21.48 -0.69
C HIS K 764 -31.58 20.65 -1.72
N ILE K 765 -32.08 19.45 -2.02
CA ILE K 765 -31.46 18.62 -3.05
C ILE K 765 -31.50 19.32 -4.40
N ALA K 766 -32.68 19.80 -4.81
CA ALA K 766 -32.77 20.38 -6.17
C ALA K 766 -31.87 21.60 -6.23
N GLY K 767 -31.88 22.40 -5.17
CA GLY K 767 -31.10 23.65 -5.18
C GLY K 767 -29.62 23.37 -5.34
N SER K 768 -29.11 22.34 -4.67
CA SER K 768 -27.65 22.10 -4.72
C SER K 768 -27.25 21.83 -6.17
N LEU K 769 -28.07 21.08 -6.91
CA LEU K 769 -27.70 20.74 -8.31
C LEU K 769 -27.66 22.02 -9.16
N LEU K 770 -28.65 22.91 -8.99
CA LEU K 770 -28.75 24.12 -9.85
C LEU K 770 -27.53 25.04 -9.64
N PHE K 771 -27.04 25.18 -8.40
CA PHE K 771 -25.95 26.14 -8.13
C PHE K 771 -24.58 25.49 -7.96
N HIS K 772 -24.45 24.20 -8.23
CA HIS K 772 -23.15 23.54 -7.96
C HIS K 772 -22.08 24.22 -8.82
N LYS K 773 -22.41 24.57 -10.06
CA LYS K 773 -21.39 25.14 -10.95
C LYS K 773 -21.08 26.60 -10.56
N VAL K 774 -22.04 27.31 -9.97
CA VAL K 774 -21.76 28.70 -9.52
C VAL K 774 -20.98 28.59 -8.21
N ASP K 775 -21.43 27.74 -7.30
CA ASP K 775 -20.78 27.68 -5.97
C ASP K 775 -19.32 27.27 -6.10
N THR K 776 -19.01 26.31 -6.97
CA THR K 776 -17.62 25.81 -7.09
C THR K 776 -16.68 26.95 -7.50
N ILE K 777 -16.99 27.66 -8.59
CA ILE K 777 -16.07 28.73 -9.08
C ILE K 777 -15.94 29.80 -8.01
N VAL K 778 -17.04 30.15 -7.35
CA VAL K 778 -17.02 31.22 -6.30
C VAL K 778 -16.08 30.76 -5.19
N ASN K 779 -16.16 29.47 -4.80
CA ASN K 779 -15.29 28.93 -3.72
C ASN K 779 -14.10 28.22 -4.35
N ALA K 780 -13.45 28.85 -5.33
CA ALA K 780 -12.31 28.22 -6.04
C ALA K 780 -11.20 27.87 -5.05
N ASN K 781 -10.98 28.73 -4.04
CA ASN K 781 -9.86 28.55 -3.06
C ASN K 781 -8.56 28.93 -3.77
N LYS K 782 -8.25 28.28 -4.88
CA LYS K 782 -7.07 28.71 -5.69
C LYS K 782 -7.61 29.39 -6.95
N LYS K 783 -7.49 30.73 -7.03
CA LYS K 783 -7.91 31.48 -8.25
C LYS K 783 -6.86 32.57 -8.49
N TYR K 784 -6.49 32.83 -9.75
CA TYR K 784 -5.38 33.79 -10.01
C TYR K 784 -5.81 34.85 -11.03
N ARG K 785 -6.16 36.06 -10.56
CA ARG K 785 -6.58 37.17 -11.45
C ARG K 785 -7.80 36.75 -12.26
N GLY K 786 -8.55 35.76 -11.78
CA GLY K 786 -9.80 35.35 -12.46
C GLY K 786 -10.91 36.37 -12.23
N VAL K 787 -11.97 36.33 -13.03
CA VAL K 787 -13.13 37.24 -12.81
C VAL K 787 -13.73 36.91 -11.45
N SER K 788 -13.60 35.67 -10.98
CA SER K 788 -14.12 35.24 -9.66
C SER K 788 -13.46 36.06 -8.54
N ASN K 789 -12.22 36.51 -8.74
CA ASN K 789 -11.47 37.24 -7.67
C ASN K 789 -12.45 37.98 -6.74
N LYS K 790 -13.36 38.79 -7.29
CA LYS K 790 -14.24 39.61 -6.43
C LYS K 790 -14.77 38.86 -5.20
N TYR K 791 -15.12 37.57 -5.34
CA TYR K 791 -15.73 36.83 -4.21
C TYR K 791 -14.65 36.20 -3.32
N GLY K 792 -14.74 36.41 -2.01
CA GLY K 792 -13.77 35.83 -1.05
C GLY K 792 -14.37 34.66 -0.28
N GLN K 793 -15.52 34.16 -0.70
CA GLN K 793 -16.24 33.08 0.05
C GLN K 793 -15.28 31.96 0.47
N GLY K 794 -14.30 31.60 -0.35
CA GLY K 794 -13.41 30.51 -0.04
C GLY K 794 -12.13 30.95 0.66
N ILE K 795 -12.12 30.86 1.99
CA ILE K 795 -10.94 31.20 2.78
C ILE K 795 -10.89 30.25 3.96
N SER K 796 -9.70 30.09 4.54
CA SER K 796 -9.58 29.32 5.77
C SER K 796 -10.34 30.00 6.91
N ASN K 797 -10.14 31.32 7.04
CA ASN K 797 -10.82 32.11 8.11
C ASN K 797 -10.36 31.67 9.51
N ALA K 798 -9.81 30.46 9.63
CA ALA K 798 -9.41 29.92 10.96
C ALA K 798 -8.29 30.78 11.57
N ILE K 799 -7.33 31.19 10.73
CA ILE K 799 -6.22 32.09 11.17
C ILE K 799 -6.31 33.38 10.34
N PRO K 800 -5.91 34.56 10.86
CA PRO K 800 -6.09 35.83 10.13
C PRO K 800 -5.00 36.15 9.09
N HIS K 801 -3.73 35.85 9.38
CA HIS K 801 -2.63 36.25 8.46
C HIS K 801 -2.84 35.64 7.07
N ILE K 802 -3.18 34.34 7.00
CA ILE K 802 -3.34 33.65 5.69
C ILE K 802 -4.73 33.99 5.12
N GLY K 803 -5.77 33.84 5.93
CA GLY K 803 -7.16 34.08 5.46
C GLY K 803 -7.44 35.45 4.86
N VAL K 804 -6.97 36.52 5.50
CA VAL K 804 -7.33 37.88 5.00
C VAL K 804 -6.05 38.69 4.89
N PRO K 805 -5.14 38.37 3.96
CA PRO K 805 -3.89 39.08 3.88
C PRO K 805 -4.11 40.55 3.52
N GLU K 806 -5.01 40.81 2.58
CA GLU K 806 -5.19 42.19 2.09
C GLU K 806 -5.47 43.18 3.21
N ILE K 807 -6.32 42.82 4.18
CA ILE K 807 -6.70 43.85 5.20
C ILE K 807 -5.46 44.28 5.96
N ILE K 808 -4.59 43.35 6.33
CA ILE K 808 -3.43 43.74 7.17
C ILE K 808 -2.55 44.71 6.37
N ALA K 809 -2.28 44.37 5.11
CA ALA K 809 -1.44 45.22 4.25
C ALA K 809 -2.08 46.60 4.10
N VAL K 810 -3.36 46.62 3.68
CA VAL K 810 -4.06 47.92 3.49
C VAL K 810 -3.98 48.72 4.80
N SER K 811 -3.71 48.05 5.93
CA SER K 811 -3.70 48.80 7.19
C SER K 811 -2.36 49.47 7.44
N SER K 812 -1.29 48.96 6.83
CA SER K 812 0.04 49.51 7.04
C SER K 812 0.45 50.45 5.91
N ASP K 813 0.09 50.13 4.67
CA ASP K 813 0.47 50.97 3.54
C ASP K 813 -0.28 52.30 3.60
N GLY K 814 0.43 53.38 3.29
CA GLY K 814 -0.14 54.71 3.32
C GLY K 814 -0.65 55.23 2.00
N MET K 815 -0.54 54.45 0.92
CA MET K 815 -0.97 54.89 -0.40
C MET K 815 -2.33 54.33 -0.78
N ALA K 816 -3.07 53.77 0.16
CA ALA K 816 -4.39 53.23 -0.11
C ALA K 816 -5.28 53.49 1.08
N ILE K 817 -6.60 53.46 0.83
CA ILE K 817 -7.60 53.59 1.88
C ILE K 817 -8.57 52.45 1.78
N CYS K 818 -9.26 52.17 2.88
CA CYS K 818 -10.16 51.03 2.97
C CYS K 818 -11.54 51.53 3.38
N LEU K 819 -12.57 50.98 2.75
CA LEU K 819 -13.95 51.36 3.00
C LEU K 819 -14.70 50.13 3.49
N ALA K 820 -15.04 50.10 4.76
CA ALA K 820 -15.59 48.92 5.42
C ALA K 820 -17.02 49.16 5.87
N LEU K 821 -17.83 49.76 5.01
CA LEU K 821 -19.23 50.03 5.37
C LEU K 821 -19.99 48.73 5.58
N ASP K 822 -20.95 48.76 6.51
CA ASP K 822 -21.80 47.63 6.79
C ASP K 822 -23.26 48.06 6.75
N VAL K 823 -24.14 47.11 6.49
CA VAL K 823 -25.53 47.39 6.20
C VAL K 823 -26.40 46.87 7.35
N SER K 824 -27.68 47.25 7.32
CA SER K 824 -28.69 46.79 8.26
C SER K 824 -29.10 45.38 7.88
N ALA K 825 -30.28 44.93 8.35
CA ALA K 825 -30.64 43.54 8.16
C ALA K 825 -30.78 43.26 6.66
N PHE K 826 -29.71 42.69 6.09
CA PHE K 826 -29.60 42.56 4.65
C PHE K 826 -30.64 41.60 4.08
N ASP K 827 -30.88 40.48 4.76
CA ASP K 827 -31.84 39.51 4.27
C ASP K 827 -33.24 40.09 4.20
N VAL K 828 -33.65 40.83 5.23
CA VAL K 828 -34.97 41.45 5.22
C VAL K 828 -35.02 42.58 4.20
N ALA K 829 -33.90 43.27 3.98
CA ALA K 829 -33.89 44.42 3.09
C ALA K 829 -34.22 44.06 1.65
N GLN K 830 -34.06 42.80 1.26
CA GLN K 830 -34.29 42.39 -0.11
C GLN K 830 -35.75 42.05 -0.38
N LYS K 831 -36.63 42.18 0.61
CA LYS K 831 -38.03 41.81 0.43
C LYS K 831 -38.76 42.69 -0.57
N TYR K 832 -38.17 43.80 -0.97
CA TYR K 832 -38.78 44.67 -1.99
C TYR K 832 -38.14 44.52 -3.35
N THR K 833 -36.95 43.93 -3.45
CA THR K 833 -36.29 43.69 -4.72
C THR K 833 -36.15 42.21 -5.03
N GLU K 834 -36.76 41.33 -4.23
CA GLU K 834 -36.64 39.91 -4.47
C GLU K 834 -37.27 39.51 -5.80
N ALA K 835 -38.39 40.14 -6.16
CA ALA K 835 -39.06 39.82 -7.41
C ALA K 835 -38.19 40.10 -8.62
N ASP K 836 -37.26 41.04 -8.52
CA ASP K 836 -36.39 41.37 -9.64
C ASP K 836 -35.11 40.53 -9.64
N ILE K 837 -34.45 40.40 -8.50
CA ILE K 837 -33.21 39.63 -8.45
C ILE K 837 -33.49 38.15 -8.69
N GLU K 838 -34.61 37.64 -8.19
CA GLU K 838 -34.97 36.25 -8.47
C GLU K 838 -35.32 36.06 -9.95
N LEU K 839 -36.00 37.03 -10.55
CA LEU K 839 -36.27 36.94 -11.98
C LEU K 839 -34.97 36.93 -12.79
N ALA K 840 -34.01 37.76 -12.39
CA ALA K 840 -32.72 37.78 -13.05
C ALA K 840 -32.00 36.45 -12.87
N MET K 841 -32.09 35.87 -11.67
CA MET K 841 -31.53 34.54 -11.46
C MET K 841 -32.17 33.52 -12.39
N ARG K 842 -33.48 33.63 -12.58
CA ARG K 842 -34.17 32.67 -13.43
C ARG K 842 -33.71 32.77 -14.87
N ASP K 843 -33.74 33.97 -15.45
CA ASP K 843 -33.41 34.02 -16.88
C ASP K 843 -31.92 33.97 -17.13
N GLY K 844 -31.10 34.15 -16.10
CA GLY K 844 -29.67 33.94 -16.26
C GLY K 844 -29.28 32.48 -16.41
N PHE K 845 -30.13 31.57 -15.96
CA PHE K 845 -29.90 30.14 -16.16
C PHE K 845 -30.55 29.62 -17.43
N LEU K 846 -31.43 30.40 -18.06
CA LEU K 846 -32.02 29.96 -19.31
C LEU K 846 -31.01 30.02 -20.46
N ASP K 847 -30.26 31.10 -20.54
CA ASP K 847 -29.14 31.18 -21.47
C ASP K 847 -27.92 30.51 -20.85
N SER K 848 -26.91 30.27 -21.68
CA SER K 848 -25.68 29.57 -21.30
C SER K 848 -25.95 28.15 -20.84
N GLU K 849 -27.15 27.64 -21.09
CA GLU K 849 -27.51 26.25 -20.79
C GLU K 849 -28.04 25.62 -22.07
N ILE K 850 -27.41 24.54 -22.50
CA ILE K 850 -27.76 23.93 -23.78
C ILE K 850 -29.16 23.31 -23.73
N SER K 851 -29.59 22.85 -22.57
CA SER K 851 -30.89 22.20 -22.45
C SER K 851 -32.01 23.23 -22.49
N MET K 852 -33.18 22.80 -22.95
CA MET K 852 -34.35 23.66 -23.02
C MET K 852 -35.44 23.17 -22.08
N ILE K 853 -36.39 24.07 -21.81
CA ILE K 853 -37.48 23.76 -20.89
C ILE K 853 -38.40 22.75 -21.52
N SER K 854 -38.80 21.73 -20.76
CA SER K 854 -39.75 20.74 -21.22
C SER K 854 -40.92 20.55 -20.26
N GLY K 855 -40.91 21.20 -19.09
CA GLY K 855 -42.05 21.18 -18.20
C GLY K 855 -42.29 19.89 -17.47
N GLU K 856 -41.40 19.53 -16.54
CA GLU K 856 -41.55 18.33 -15.71
C GLU K 856 -41.60 18.72 -14.24
N THR K 857 -42.20 17.86 -13.41
CA THR K 857 -42.35 18.26 -12.00
C THR K 857 -41.72 17.20 -11.09
N VAL K 858 -41.18 16.13 -11.68
CA VAL K 858 -40.63 15.00 -10.88
C VAL K 858 -39.10 15.08 -10.85
N LEU K 859 -38.51 14.92 -9.68
CA LEU K 859 -37.03 15.00 -9.53
C LEU K 859 -36.40 13.85 -10.34
N GLU K 860 -35.23 14.11 -10.96
CA GLU K 860 -34.51 13.08 -11.78
C GLU K 860 -35.16 12.96 -13.16
N ARG K 861 -36.42 13.36 -13.28
CA ARG K 861 -37.05 13.35 -14.63
C ARG K 861 -37.04 14.78 -15.17
N MET K 862 -36.08 15.61 -14.75
CA MET K 862 -36.08 17.04 -15.17
C MET K 862 -34.72 17.43 -15.75
N ASN K 863 -34.71 18.40 -16.67
CA ASN K 863 -33.44 18.92 -17.25
C ASN K 863 -32.79 19.90 -16.27
N PRO K 864 -31.50 20.25 -16.42
CA PRO K 864 -30.90 21.26 -15.56
C PRO K 864 -31.67 22.58 -15.70
N ALA K 865 -32.11 22.89 -16.92
CA ALA K 865 -32.89 24.12 -17.17
C ALA K 865 -34.26 24.02 -16.52
N ASP K 866 -34.85 22.84 -16.51
CA ASP K 866 -36.23 22.67 -15.98
C ASP K 866 -36.23 23.05 -14.50
N LEU K 867 -35.18 22.67 -13.78
CA LEU K 867 -35.18 22.94 -12.32
C LEU K 867 -35.38 24.43 -12.11
N ALA K 868 -34.77 25.25 -12.96
CA ALA K 868 -34.83 26.71 -12.71
C ALA K 868 -36.26 27.22 -12.74
N ASN K 869 -37.04 26.83 -13.75
CA ASN K 869 -38.43 27.35 -13.88
C ASN K 869 -39.20 27.01 -12.60
N ASN K 870 -39.10 25.76 -12.13
CA ASN K 870 -39.83 25.32 -10.91
C ASN K 870 -39.25 25.93 -9.63
N LEU K 871 -37.92 25.92 -9.44
CA LEU K 871 -37.33 26.37 -8.15
C LEU K 871 -37.38 27.88 -7.94
N LEU K 872 -36.93 28.67 -8.92
CA LEU K 872 -36.84 30.13 -8.72
C LEU K 872 -38.15 30.77 -9.18
N THR K 873 -39.22 30.55 -8.41
CA THR K 873 -40.54 31.07 -8.84
C THR K 873 -41.14 31.87 -7.69
N ASN K 874 -40.27 32.47 -6.86
CA ASN K 874 -40.79 33.23 -5.73
C ASN K 874 -41.76 32.40 -4.90
N THR K 875 -42.83 33.03 -4.40
CA THR K 875 -43.86 32.36 -3.60
C THR K 875 -43.24 31.60 -2.43
N PRO K 876 -42.77 32.28 -1.39
CA PRO K 876 -42.09 31.55 -0.31
C PRO K 876 -43.07 30.84 0.56
N PRO K 877 -42.63 29.82 1.33
CA PRO K 877 -43.55 29.10 2.21
C PRO K 877 -43.85 29.87 3.48
N ARG K 878 -44.58 29.27 4.42
CA ARG K 878 -44.86 29.88 5.70
C ARG K 878 -44.20 29.07 6.81
N TYR K 879 -43.75 29.78 7.84
CA TYR K 879 -42.94 29.19 8.89
C TYR K 879 -43.63 29.32 10.24
N LYS K 880 -43.71 28.21 10.97
CA LYS K 880 -44.37 28.16 12.28
C LYS K 880 -43.31 27.89 13.35
N TYR K 881 -43.16 28.84 14.26
CA TYR K 881 -42.30 28.66 15.42
C TYR K 881 -43.12 28.83 16.69
N GLN K 882 -42.53 28.45 17.82
CA GLN K 882 -43.20 28.56 19.11
C GLN K 882 -42.69 29.79 19.85
N THR K 883 -43.64 30.56 20.39
CA THR K 883 -43.32 31.73 21.19
C THR K 883 -44.03 31.66 22.52
N ALA K 884 -43.98 32.73 23.30
CA ALA K 884 -44.73 32.79 24.55
C ALA K 884 -46.22 32.91 24.25
N LEU K 885 -47.03 32.25 25.08
CA LEU K 885 -48.48 32.29 25.04
C LEU K 885 -49.07 31.90 23.69
N GLY K 886 -48.28 31.35 22.79
CA GLY K 886 -48.80 30.89 21.52
C GLY K 886 -47.70 30.72 20.50
N ASP K 887 -48.12 30.28 19.31
CA ASP K 887 -47.23 30.00 18.20
C ASP K 887 -47.70 30.77 16.97
N ILE K 888 -46.78 31.45 16.30
CA ILE K 888 -47.09 32.40 15.25
C ILE K 888 -46.45 31.93 13.95
N ILE K 889 -47.07 32.29 12.83
CA ILE K 889 -46.55 31.98 11.51
C ILE K 889 -46.37 33.26 10.72
N ILE K 890 -45.49 33.21 9.70
CA ILE K 890 -45.12 34.42 8.90
C ILE K 890 -44.78 34.03 7.46
N LEU K 891 -44.66 35.03 6.57
CA LEU K 891 -44.30 34.81 5.15
C LEU K 891 -43.23 35.82 4.78
N GLN K 892 -42.02 35.39 4.48
CA GLN K 892 -40.91 36.35 4.23
C GLN K 892 -40.54 36.37 2.76
N HIS K 893 -40.81 37.46 2.04
CA HIS K 893 -40.33 37.54 0.64
C HIS K 893 -38.90 38.06 0.70
N ASP K 894 -37.92 37.38 0.09
CA ASP K 894 -36.50 37.78 0.20
C ASP K 894 -35.53 36.62 0.02
N ASN K 895 -34.25 36.78 0.41
CA ASN K 895 -33.24 35.72 0.22
C ASN K 895 -33.55 34.53 1.12
N ARG K 896 -34.43 34.72 2.12
CA ARG K 896 -34.77 33.63 3.07
C ARG K 896 -33.51 33.26 3.86
N SER K 897 -33.32 31.97 4.17
CA SER K 897 -32.16 31.54 5.00
C SER K 897 -31.63 30.18 4.54
N GLY K 898 -32.39 29.10 4.77
CA GLY K 898 -31.92 27.74 4.44
C GLY K 898 -31.89 27.51 2.94
N VAL K 899 -32.23 28.52 2.14
CA VAL K 899 -32.27 28.38 0.65
C VAL K 899 -30.90 27.89 0.16
N PRO K 900 -30.84 26.93 -0.80
CA PRO K 900 -29.57 26.40 -1.30
C PRO K 900 -28.84 27.41 -2.20
N TRP K 901 -28.56 28.61 -1.69
CA TRP K 901 -27.91 29.66 -2.45
C TRP K 901 -27.90 31.00 -1.74
N THR K 902 -28.06 31.01 -0.41
CA THR K 902 -28.15 32.28 0.31
C THR K 902 -26.87 33.09 0.20
N GLY K 903 -25.72 32.44 0.37
CA GLY K 903 -24.46 33.16 0.28
C GLY K 903 -24.19 33.70 -1.11
N THR K 904 -24.50 32.90 -2.13
CA THR K 904 -24.33 33.36 -3.50
C THR K 904 -25.21 34.56 -3.79
N GLN K 905 -26.47 34.51 -3.35
CA GLN K 905 -27.36 35.64 -3.58
C GLN K 905 -26.88 36.89 -2.85
N ASN K 906 -26.45 36.71 -1.59
CA ASN K 906 -25.99 37.87 -0.81
C ASN K 906 -24.77 38.51 -1.45
N ASP K 907 -23.81 37.70 -1.91
CA ASP K 907 -22.61 38.29 -2.50
C ASP K 907 -22.89 38.85 -3.89
N LEU K 908 -23.85 38.31 -4.62
CA LEU K 908 -24.22 38.88 -5.90
C LEU K 908 -24.88 40.25 -5.71
N VAL K 909 -25.77 40.38 -4.74
CA VAL K 909 -26.42 41.66 -4.50
C VAL K 909 -25.43 42.67 -3.94
N ASN K 910 -24.56 42.25 -3.02
CA ASN K 910 -23.62 43.17 -2.40
C ASN K 910 -22.64 43.74 -3.42
N VAL K 911 -22.17 42.92 -4.35
CA VAL K 911 -21.22 43.40 -5.35
C VAL K 911 -21.90 44.18 -6.46
N SER K 912 -23.23 44.15 -6.53
CA SER K 912 -23.94 44.87 -7.57
C SER K 912 -24.12 46.34 -7.22
N ASN K 913 -24.71 46.63 -6.06
CA ASN K 913 -24.94 48.03 -5.70
C ASN K 913 -23.65 48.77 -5.41
N HIS K 914 -22.56 48.06 -5.12
CA HIS K 914 -21.28 48.72 -4.92
C HIS K 914 -20.81 49.40 -6.20
N HIS K 915 -20.98 48.73 -7.34
CA HIS K 915 -20.61 49.36 -8.61
C HIS K 915 -21.44 50.60 -8.88
N MET K 916 -22.76 50.52 -8.63
CA MET K 916 -23.61 51.67 -8.89
C MET K 916 -23.32 52.81 -7.92
N ALA K 917 -22.87 52.51 -6.71
CA ALA K 917 -22.49 53.57 -5.79
C ALA K 917 -21.17 54.22 -6.20
N TYR K 918 -20.21 53.40 -6.61
CA TYR K 918 -18.92 53.93 -7.05
C TYR K 918 -19.09 54.79 -8.29
N ASP K 919 -20.02 54.41 -9.18
CA ASP K 919 -20.25 55.17 -10.40
C ASP K 919 -20.62 56.62 -10.10
N GLU K 920 -21.50 56.84 -9.13
CA GLU K 920 -21.92 58.19 -8.81
C GLU K 920 -20.97 58.88 -7.84
N TYR K 921 -20.26 58.11 -7.01
CA TYR K 921 -19.21 58.70 -6.18
C TYR K 921 -18.12 59.31 -7.05
N LYS K 922 -17.81 58.67 -8.19
CA LYS K 922 -16.85 59.25 -9.11
C LYS K 922 -17.32 60.61 -9.62
N LYS K 923 -18.61 60.73 -9.95
CA LYS K 923 -19.15 62.00 -10.39
C LYS K 923 -19.03 63.07 -9.30
N ARG K 924 -19.38 62.71 -8.06
CA ARG K 924 -19.30 63.68 -6.99
C ARG K 924 -17.86 64.11 -6.74
N VAL K 925 -16.92 63.17 -6.79
CA VAL K 925 -15.51 63.53 -6.61
C VAL K 925 -15.03 64.43 -7.74
N ALA K 926 -15.44 64.15 -8.97
CA ALA K 926 -15.08 65.02 -10.08
C ALA K 926 -15.64 66.42 -9.89
N GLU K 927 -16.84 66.50 -9.34
CA GLU K 927 -17.45 67.84 -9.07
C GLU K 927 -16.57 68.59 -8.06
N LEU K 928 -16.20 67.92 -6.98
CA LEU K 928 -15.40 68.58 -5.92
C LEU K 928 -14.06 69.00 -6.52
N GLN K 929 -13.49 68.19 -7.41
CA GLN K 929 -12.15 68.49 -7.97
C GLN K 929 -12.20 69.78 -8.80
N ARG K 930 -13.24 69.99 -9.61
CA ARG K 930 -13.26 71.20 -10.48
C ARG K 930 -13.33 72.44 -9.57
N GLN K 931 -14.02 72.33 -8.43
CA GLN K 931 -14.00 73.44 -7.45
C GLN K 931 -12.75 73.25 -6.58
N GLY K 932 -12.45 74.15 -5.65
CA GLY K 932 -11.19 74.00 -4.89
C GLY K 932 -11.40 73.23 -3.59
N LYS K 933 -11.13 71.91 -3.58
CA LYS K 933 -11.25 71.16 -2.31
C LYS K 933 -10.26 69.99 -2.27
N ILE K 934 -10.65 68.84 -2.84
CA ILE K 934 -9.78 67.62 -2.83
C ILE K 934 -8.52 67.92 -3.66
N SER K 935 -8.65 68.81 -4.66
CA SER K 935 -7.51 69.19 -5.56
C SER K 935 -7.24 68.12 -6.63
N ILE K 936 -6.56 68.52 -7.70
CA ILE K 936 -6.25 67.56 -8.80
C ILE K 936 -5.08 66.67 -8.37
N ASP K 937 -4.75 65.65 -9.16
CA ASP K 937 -3.59 64.75 -8.90
C ASP K 937 -3.93 63.78 -7.77
N VAL K 938 -5.19 63.74 -7.31
CA VAL K 938 -5.56 62.74 -6.28
C VAL K 938 -6.54 61.80 -6.96
N ASN K 939 -6.02 60.96 -7.87
CA ASN K 939 -6.95 60.09 -8.62
C ASN K 939 -6.52 58.65 -8.41
N ASP K 940 -7.48 57.79 -8.05
CA ASP K 940 -7.20 56.38 -7.82
C ASP K 940 -6.97 55.65 -9.14
N LYS K 941 -6.28 54.52 -9.05
CA LYS K 941 -5.98 53.70 -10.21
C LYS K 941 -6.69 52.36 -10.17
N HIS K 942 -6.49 51.57 -9.12
CA HIS K 942 -7.14 50.27 -8.98
C HIS K 942 -8.06 50.30 -7.77
N HIS K 943 -9.28 49.81 -7.97
CA HIS K 943 -10.24 49.63 -6.88
C HIS K 943 -10.70 48.18 -6.89
N ILE K 944 -10.66 47.55 -5.71
CA ILE K 944 -11.01 46.15 -5.57
C ILE K 944 -12.10 46.03 -4.52
N VAL K 945 -13.13 45.25 -4.83
CA VAL K 945 -14.25 45.02 -3.94
C VAL K 945 -14.25 43.54 -3.56
N ARG K 946 -14.28 43.26 -2.27
CA ARG K 946 -14.27 41.89 -1.78
C ARG K 946 -15.53 41.67 -0.95
N VAL K 947 -16.27 40.61 -1.27
CA VAL K 947 -17.54 40.31 -0.63
C VAL K 947 -17.48 38.91 -0.04
N PHE K 948 -17.92 38.79 1.20
CA PHE K 948 -18.06 37.50 1.89
C PHE K 948 -19.45 37.49 2.52
N GLY K 949 -20.42 36.94 1.79
CA GLY K 949 -21.79 37.00 2.28
C GLY K 949 -22.25 38.43 2.43
N ASP K 950 -22.83 38.74 3.59
CA ASP K 950 -23.31 40.09 3.84
C ASP K 950 -22.17 41.09 3.90
N ASP K 951 -21.10 40.76 4.62
CA ASP K 951 -20.02 41.71 4.84
C ASP K 951 -19.22 41.93 3.55
N SER K 952 -18.73 43.16 3.40
CA SER K 952 -17.99 43.54 2.20
C SER K 952 -16.98 44.62 2.56
N THR K 953 -15.98 44.78 1.69
CA THR K 953 -14.94 45.77 1.87
C THR K 953 -14.61 46.41 0.53
N PHE K 954 -14.01 47.59 0.59
CA PHE K 954 -13.69 48.38 -0.60
C PHE K 954 -12.30 49.00 -0.41
N ILE K 955 -11.40 48.71 -1.34
CA ILE K 955 -10.02 49.16 -1.26
C ILE K 955 -9.68 49.94 -2.52
N MET K 956 -9.18 51.16 -2.36
CA MET K 956 -8.77 52.00 -3.48
C MET K 956 -7.32 52.44 -3.27
N THR K 957 -6.53 52.39 -4.33
CA THR K 957 -5.12 52.72 -4.29
C THR K 957 -4.86 54.03 -5.01
N TYR K 958 -3.80 54.72 -4.58
CA TYR K 958 -3.45 56.02 -5.11
C TYR K 958 -1.95 56.07 -5.38
N ASP K 959 -1.56 56.95 -6.29
CA ASP K 959 -0.14 57.17 -6.57
C ASP K 959 0.47 58.18 -5.59
N GLU K 960 -0.22 59.30 -5.38
CA GLU K 960 0.18 60.25 -4.37
C GLU K 960 -0.82 60.20 -3.23
N PRO K 961 -0.40 59.98 -2.00
CA PRO K 961 -1.36 59.80 -0.92
C PRO K 961 -1.98 61.12 -0.51
N PRO K 962 -3.30 61.22 -0.55
CA PRO K 962 -3.96 62.46 -0.14
C PRO K 962 -3.74 62.74 1.34
N SER K 963 -3.75 64.03 1.68
CA SER K 963 -3.55 64.42 3.06
C SER K 963 -4.75 64.00 3.92
N ALA K 964 -4.62 64.22 5.23
CA ALA K 964 -5.57 63.65 6.17
C ALA K 964 -6.99 64.12 5.93
N GLU K 965 -7.19 65.43 5.72
CA GLU K 965 -8.54 65.94 5.57
C GLU K 965 -9.13 65.55 4.22
N GLU K 966 -8.28 65.32 3.22
CA GLU K 966 -8.77 64.79 1.95
C GLU K 966 -9.43 63.43 2.16
N VAL K 967 -8.83 62.58 2.98
CA VAL K 967 -9.41 61.27 3.24
C VAL K 967 -10.80 61.42 3.86
N HIS K 968 -10.94 62.33 4.82
CA HIS K 968 -12.25 62.56 5.43
C HIS K 968 -13.25 63.06 4.39
N LEU K 969 -12.83 63.98 3.52
CA LEU K 969 -13.76 64.52 2.54
C LEU K 969 -14.24 63.43 1.59
N MET K 970 -13.32 62.61 1.07
CA MET K 970 -13.70 61.58 0.11
C MET K 970 -14.51 60.47 0.78
N CYS K 971 -14.18 60.10 2.02
CA CYS K 971 -14.97 59.09 2.70
C CYS K 971 -16.38 59.60 2.96
N ALA K 972 -16.53 60.85 3.38
CA ALA K 972 -17.86 61.41 3.58
C ALA K 972 -18.62 61.45 2.27
N THR K 973 -17.96 61.83 1.18
CA THR K 973 -18.62 61.85 -0.12
C THR K 973 -19.09 60.46 -0.52
N PHE K 974 -18.26 59.44 -0.33
CA PHE K 974 -18.66 58.08 -0.67
C PHE K 974 -19.82 57.60 0.19
N VAL K 975 -19.76 57.85 1.50
CA VAL K 975 -20.81 57.36 2.37
C VAL K 975 -22.11 58.10 2.11
N GLU K 976 -22.05 59.34 1.63
CA GLU K 976 -23.27 60.04 1.23
C GLU K 976 -23.77 59.52 -0.11
N SER K 977 -22.88 59.15 -1.01
CA SER K 977 -23.28 58.62 -2.31
C SER K 977 -23.99 57.27 -2.16
N TYR K 978 -23.44 56.39 -1.33
CA TYR K 978 -24.02 55.05 -1.18
C TYR K 978 -25.40 55.10 -0.54
N GLN K 979 -25.63 56.06 0.35
CA GLN K 979 -26.85 56.07 1.14
C GLN K 979 -28.07 56.53 0.35
N ASP K 980 -27.84 57.13 -0.83
CA ASP K 980 -28.96 57.60 -1.67
C ASP K 980 -28.97 56.81 -2.99
N THR K 981 -27.79 56.38 -3.45
CA THR K 981 -27.69 55.63 -4.73
C THR K 981 -27.86 54.13 -4.46
N ALA K 982 -27.30 53.63 -3.35
CA ALA K 982 -27.36 52.18 -3.06
C ALA K 982 -28.16 51.93 -1.77
N GLY K 983 -28.85 52.98 -1.26
CA GLY K 983 -29.66 52.80 -0.07
C GLY K 983 -31.08 53.27 -0.21
N THR K 984 -31.48 53.75 -1.39
CA THR K 984 -32.85 54.18 -1.61
C THR K 984 -33.81 53.02 -1.76
N LEU K 985 -33.31 51.82 -2.02
CA LEU K 985 -34.15 50.64 -2.24
C LEU K 985 -34.05 49.67 -1.07
N GLY K 986 -33.99 50.20 0.15
CA GLY K 986 -34.08 49.41 1.37
C GLY K 986 -32.82 49.39 2.19
N PHE K 987 -31.65 49.42 1.56
CA PHE K 987 -30.40 49.30 2.30
C PHE K 987 -30.14 50.57 3.11
N ALA K 988 -29.43 50.41 4.23
CA ALA K 988 -29.12 51.58 5.09
C ALA K 988 -27.69 51.51 5.60
N ILE K 989 -26.88 52.52 5.26
CA ILE K 989 -25.45 52.56 5.68
C ILE K 989 -25.30 53.66 6.73
N ASN K 990 -24.45 53.45 7.72
CA ASN K 990 -24.18 54.51 8.73
C ASN K 990 -22.68 54.68 8.86
N ALA K 991 -22.19 55.93 8.78
CA ALA K 991 -20.74 56.19 8.84
C ALA K 991 -20.22 55.76 10.21
N ARG K 992 -21.08 55.86 11.23
CA ARG K 992 -20.68 55.55 12.63
C ARG K 992 -20.71 54.05 12.92
N LYS K 993 -21.02 53.20 11.92
CA LYS K 993 -21.17 51.75 12.21
C LYS K 993 -19.93 50.96 11.78
N GLY K 994 -19.15 51.48 10.83
CA GLY K 994 -17.98 50.75 10.31
C GLY K 994 -16.66 51.46 10.47
N MET K 995 -15.55 50.70 10.56
CA MET K 995 -14.21 51.34 10.79
C MET K 995 -13.73 51.96 9.48
N ILE K 996 -14.56 52.78 8.85
CA ILE K 996 -14.14 53.50 7.61
C ILE K 996 -12.98 54.41 7.99
N GLY K 997 -11.99 54.58 7.10
CA GLY K 997 -10.87 55.50 7.37
C GLY K 997 -9.58 55.03 6.74
N ARG K 998 -8.45 55.60 7.16
CA ARG K 998 -7.15 55.22 6.61
C ARG K 998 -6.27 54.66 7.71
N TYR K 999 -5.22 53.95 7.29
CA TYR K 999 -4.22 53.34 8.17
C TYR K 999 -4.78 52.24 9.05
N GLY K 1000 -6.01 51.82 8.82
CA GLY K 1000 -6.58 50.72 9.56
C GLY K 1000 -7.82 50.20 8.88
N SER K 1001 -7.88 48.87 8.72
CA SER K 1001 -9.01 48.25 8.05
C SER K 1001 -9.59 47.19 8.97
N GLU K 1002 -10.91 47.00 8.84
CA GLU K 1002 -11.64 46.09 9.77
C GLU K 1002 -12.52 45.12 8.98
N TYR K 1003 -12.08 43.87 8.85
CA TYR K 1003 -12.87 42.81 8.24
C TYR K 1003 -13.77 42.18 9.30
N LEU K 1004 -14.32 41.00 9.03
CA LEU K 1004 -15.27 40.37 9.92
C LEU K 1004 -14.62 39.97 11.25
N LYS K 1005 -14.84 40.78 12.28
CA LYS K 1005 -14.37 40.60 13.65
C LYS K 1005 -12.86 40.57 13.77
N ASN K 1006 -12.11 40.73 12.68
CA ASN K 1006 -10.66 40.86 12.71
C ASN K 1006 -10.30 42.22 12.13
N SER K 1007 -9.62 43.03 12.93
CA SER K 1007 -9.24 44.39 12.50
C SER K 1007 -7.76 44.61 12.77
N ALA K 1008 -7.12 45.50 12.01
CA ALA K 1008 -5.66 45.72 12.17
C ALA K 1008 -5.36 47.21 12.18
N ILE K 1009 -4.64 47.69 13.19
CA ILE K 1009 -4.24 49.12 13.24
C ILE K 1009 -2.72 49.23 13.24
N TYR K 1010 -2.14 49.98 12.30
CA TYR K 1010 -0.67 50.17 12.22
C TYR K 1010 0.04 48.82 12.13
N GLY K 1011 -0.54 47.86 11.41
CA GLY K 1011 0.11 46.54 11.22
C GLY K 1011 -0.05 45.63 12.42
N ASN K 1012 -0.85 46.04 13.42
CA ASN K 1012 -1.06 45.23 14.64
C ASN K 1012 -2.45 44.60 14.59
N ILE K 1013 -2.52 43.25 14.56
CA ILE K 1013 -3.83 42.54 14.50
C ILE K 1013 -4.54 42.67 15.85
N LYS K 1014 -5.86 42.91 15.86
CA LYS K 1014 -6.62 43.18 17.08
C LYS K 1014 -7.77 42.20 17.21
N SER K 1015 -7.49 40.91 17.09
CA SER K 1015 -8.50 39.85 17.17
C SER K 1015 -9.41 40.00 18.37
N VAL K 1016 -10.64 39.48 18.28
CA VAL K 1016 -11.69 39.79 19.24
C VAL K 1016 -11.96 38.67 20.24
N ASN K 1017 -11.38 37.47 20.04
CA ASN K 1017 -11.61 36.30 20.86
C ASN K 1017 -13.09 36.12 21.22
N GLN K 1018 -13.46 36.31 22.48
CA GLN K 1018 -14.86 36.25 22.93
C GLN K 1018 -15.43 34.85 22.81
N VAL K 1019 -14.61 33.83 23.07
CA VAL K 1019 -15.04 32.45 23.09
C VAL K 1019 -15.17 32.00 24.53
N LYS K 1020 -16.29 31.34 24.85
CA LYS K 1020 -16.61 30.94 26.22
C LYS K 1020 -17.08 29.49 26.22
N PHE K 1021 -16.13 28.57 26.43
CA PHE K 1021 -16.49 27.16 26.57
C PHE K 1021 -17.15 26.87 27.91
N ARG K 1022 -16.83 27.64 28.95
CA ARG K 1022 -17.34 27.36 30.28
C ARG K 1022 -18.84 27.60 30.36
N GLY K 1023 -19.37 28.48 29.52
CA GLY K 1023 -20.78 28.79 29.54
C GLY K 1023 -21.46 28.63 28.20
N SER K 1024 -21.08 27.58 27.45
CA SER K 1024 -21.56 27.41 26.09
C SER K 1024 -23.07 27.17 26.06
N GLU K 1025 -23.62 27.08 24.85
CA GLU K 1025 -25.04 26.93 24.64
C GLU K 1025 -25.29 25.88 23.56
N LYS K 1026 -26.36 25.11 23.74
CA LYS K 1026 -26.65 23.91 22.94
C LYS K 1026 -25.50 22.90 23.03
N SER K 1027 -25.32 22.38 24.24
CA SER K 1027 -24.29 21.39 24.49
C SER K 1027 -24.69 20.57 25.71
N ALA K 1028 -24.02 19.44 25.88
CA ALA K 1028 -24.22 18.55 27.02
C ALA K 1028 -22.88 18.19 27.63
N SER K 1029 -22.03 19.20 27.81
CA SER K 1029 -20.68 18.96 28.31
C SER K 1029 -20.70 18.36 29.71
N TYR K 1030 -21.74 18.65 30.50
CA TYR K 1030 -21.85 18.06 31.81
C TYR K 1030 -22.04 16.54 31.73
N HIS K 1031 -22.61 16.06 30.63
CA HIS K 1031 -22.79 14.62 30.42
C HIS K 1031 -21.88 14.10 29.31
N PHE K 1032 -20.79 14.80 29.03
CA PHE K 1032 -19.84 14.34 28.04
C PHE K 1032 -18.86 13.35 28.67
N GLY K 1033 -18.17 12.61 27.81
CA GLY K 1033 -17.14 11.72 28.27
C GLY K 1033 -15.88 12.45 28.68
N VAL K 1034 -14.98 11.72 29.34
CA VAL K 1034 -13.71 12.31 29.74
C VAL K 1034 -12.90 12.71 28.52
N SER K 1035 -13.00 11.95 27.44
CA SER K 1035 -12.25 12.25 26.23
C SER K 1035 -12.68 13.58 25.63
N GLU K 1036 -13.99 13.78 25.47
CA GLU K 1036 -14.48 15.02 24.88
C GLU K 1036 -14.16 16.21 25.78
N LYS K 1037 -14.27 16.03 27.10
CA LYS K 1037 -13.92 17.09 28.02
C LYS K 1037 -12.45 17.48 27.89
N VAL K 1038 -11.56 16.48 27.87
CA VAL K 1038 -10.14 16.78 27.80
C VAL K 1038 -9.76 17.34 26.45
N SER K 1039 -10.51 17.02 25.39
CA SER K 1039 -10.25 17.63 24.09
C SER K 1039 -10.71 19.09 24.07
N MET K 1040 -11.87 19.38 24.64
CA MET K 1040 -12.35 20.75 24.68
C MET K 1040 -11.59 21.60 25.70
N ILE K 1041 -11.12 20.98 26.78
CA ILE K 1041 -10.44 21.72 27.83
C ILE K 1041 -9.11 22.29 27.36
N ARG K 1042 -8.57 21.76 26.26
CA ARG K 1042 -7.22 22.15 25.86
C ARG K 1042 -7.19 23.07 24.66
N ASP K 1043 -8.23 23.06 23.84
CA ASP K 1043 -8.15 23.79 22.57
C ASP K 1043 -8.81 25.16 22.65
N ILE K 1044 -9.91 25.28 23.38
CA ILE K 1044 -10.53 26.59 23.56
C ILE K 1044 -9.59 27.52 24.32
N THR K 1045 -8.96 27.02 25.38
CA THR K 1045 -7.99 27.82 26.11
C THR K 1045 -6.81 28.18 25.24
N ASP K 1046 -6.38 27.27 24.37
CA ASP K 1046 -5.27 27.58 23.46
C ASP K 1046 -5.63 28.76 22.57
N LEU K 1047 -6.86 28.77 22.04
CA LEU K 1047 -7.31 29.90 21.25
C LEU K 1047 -7.36 31.17 22.09
N THR K 1048 -7.78 31.05 23.36
CA THR K 1048 -7.86 32.22 24.23
C THR K 1048 -6.48 32.84 24.44
N ILE K 1049 -5.47 32.01 24.69
CA ILE K 1049 -4.12 32.55 24.86
C ILE K 1049 -3.58 33.09 23.54
N THR K 1050 -3.91 32.43 22.42
CA THR K 1050 -3.43 32.90 21.13
C THR K 1050 -3.98 34.29 20.81
N ARG K 1051 -5.28 34.51 21.05
CA ARG K 1051 -5.89 35.78 20.74
C ARG K 1051 -5.71 36.83 21.83
N GLY K 1052 -4.78 36.60 22.75
CA GLY K 1052 -4.44 37.59 23.76
C GLY K 1052 -4.91 37.23 25.15
N CYS K 1053 -4.00 36.64 25.92
CA CYS K 1053 -4.21 36.24 27.31
C CYS K 1053 -2.87 35.76 27.84
N ASP K 1054 -2.60 36.01 29.11
CA ASP K 1054 -1.33 35.56 29.68
C ASP K 1054 -1.39 34.05 29.86
N GLU K 1055 -0.36 33.35 29.38
CA GLU K 1055 -0.35 31.90 29.45
C GLU K 1055 -0.35 31.41 30.89
N THR K 1056 0.29 32.14 31.80
CA THR K 1056 0.46 31.65 33.16
C THR K 1056 -0.86 31.66 33.92
N ARG K 1057 -1.48 32.83 34.05
CA ARG K 1057 -2.66 32.94 34.91
C ARG K 1057 -3.84 32.16 34.37
N LYS K 1058 -4.01 32.14 33.05
CA LYS K 1058 -5.14 31.41 32.47
C LYS K 1058 -5.05 29.93 32.78
N TRP K 1059 -3.86 29.35 32.59
CA TRP K 1059 -3.69 27.93 32.91
C TRP K 1059 -3.69 27.66 34.40
N LYS K 1060 -3.24 28.62 35.21
CA LYS K 1060 -3.36 28.46 36.66
C LYS K 1060 -4.82 28.36 37.06
N TYR K 1061 -5.66 29.25 36.52
CA TYR K 1061 -7.07 29.22 36.85
C TYR K 1061 -7.72 27.95 36.32
N ASN K 1062 -7.33 27.51 35.12
CA ASN K 1062 -7.87 26.28 34.57
C ASN K 1062 -7.50 25.08 35.44
N LEU K 1063 -6.27 25.06 35.96
CA LEU K 1063 -5.82 23.97 36.81
C LEU K 1063 -6.53 23.96 38.16
N MET K 1064 -7.20 25.04 38.53
CA MET K 1064 -7.88 25.11 39.80
C MET K 1064 -9.21 24.36 39.80
N MET K 1065 -9.55 23.74 38.67
CA MET K 1065 -10.87 23.05 38.56
C MET K 1065 -10.71 21.70 37.83
N LEU K 1066 -9.49 21.35 37.41
CA LEU K 1066 -9.32 20.04 36.79
C LEU K 1066 -9.82 18.90 37.66
N PRO K 1067 -9.60 18.89 38.99
CA PRO K 1067 -10.29 17.88 39.80
C PRO K 1067 -11.78 18.10 39.90
N VAL K 1068 -12.23 19.36 39.95
CA VAL K 1068 -13.65 19.63 40.11
C VAL K 1068 -14.42 19.29 38.84
N ASP K 1069 -13.68 19.30 37.73
CA ASP K 1069 -14.30 18.90 36.44
C ASP K 1069 -13.80 17.49 36.14
N LEU K 1070 -14.16 16.95 34.98
CA LEU K 1070 -13.70 15.62 34.57
C LEU K 1070 -14.13 14.55 35.58
N THR K 1071 -15.26 14.78 36.24
CA THR K 1071 -15.81 13.85 37.21
C THR K 1071 -16.81 12.96 36.49
N THR K 1072 -16.33 11.80 36.04
CA THR K 1072 -17.20 10.85 35.36
C THR K 1072 -18.07 10.11 36.37
N ARG K 1073 -19.30 9.81 35.96
CA ARG K 1073 -20.25 9.08 36.79
C ARG K 1073 -20.39 7.67 36.24
N ALA K 1074 -20.15 6.68 37.09
CA ALA K 1074 -20.14 5.27 36.70
C ALA K 1074 -20.90 4.44 37.72
N GLY K 1075 -22.12 4.85 38.06
CA GLY K 1075 -22.95 4.05 38.92
C GLY K 1075 -22.35 3.82 40.29
N ALA K 1076 -22.29 4.88 41.10
CA ALA K 1076 -21.57 4.87 42.37
C ALA K 1076 -20.09 4.61 42.13
N PHE K 1077 -19.51 5.45 41.29
CA PHE K 1077 -18.07 5.42 41.02
C PHE K 1077 -17.69 6.81 40.51
N ARG K 1078 -17.01 7.59 41.33
CA ARG K 1078 -16.66 8.96 41.01
C ARG K 1078 -15.15 9.08 40.86
N MET K 1079 -14.71 9.71 39.79
CA MET K 1079 -13.31 10.02 39.59
C MET K 1079 -13.05 11.51 39.77
N HIS K 1080 -11.77 11.85 39.95
CA HIS K 1080 -11.33 13.23 40.01
C HIS K 1080 -9.92 13.27 39.42
N ASN K 1081 -9.85 13.55 38.13
CA ASN K 1081 -8.56 13.60 37.46
C ASN K 1081 -7.74 14.79 37.94
N LEU K 1082 -6.43 14.64 37.90
CA LEU K 1082 -5.50 15.67 38.32
C LEU K 1082 -4.77 16.22 37.10
N CYS K 1083 -3.79 17.10 37.35
CA CYS K 1083 -3.11 17.81 36.27
C CYS K 1083 -2.37 16.88 35.34
N SER K 1084 -2.07 15.66 35.77
CA SER K 1084 -1.26 14.76 34.95
C SER K 1084 -1.96 14.41 33.64
N ILE K 1085 -3.29 14.35 33.64
CA ILE K 1085 -4.01 13.86 32.48
C ILE K 1085 -3.77 14.72 31.24
N MET K 1086 -3.48 16.01 31.42
CA MET K 1086 -3.25 16.88 30.28
C MET K 1086 -1.97 16.54 29.53
N THR K 1087 -1.06 15.78 30.14
CA THR K 1087 0.12 15.34 29.42
C THR K 1087 -0.24 14.35 28.32
N GLY K 1088 -1.21 13.48 28.59
CA GLY K 1088 -1.57 12.46 27.61
C GLY K 1088 -2.07 13.04 26.30
N VAL K 1089 -2.88 14.10 26.38
CA VAL K 1089 -3.41 14.68 25.16
C VAL K 1089 -2.31 15.43 24.40
N GLY K 1090 -1.23 15.79 25.08
CA GLY K 1090 -0.09 16.38 24.39
C GLY K 1090 0.25 17.80 24.80
N LYS K 1091 -0.02 18.15 26.06
CA LYS K 1091 0.27 19.49 26.57
C LYS K 1091 1.31 19.39 27.67
N MET K 1092 2.35 20.22 27.57
CA MET K 1092 3.36 20.37 28.61
C MET K 1092 3.11 21.69 29.34
N TYR K 1093 3.01 21.64 30.66
CA TYR K 1093 2.82 22.87 31.42
C TYR K 1093 4.04 23.77 31.32
N LEU K 1094 5.23 23.20 31.53
CA LEU K 1094 6.45 24.00 31.47
C LEU K 1094 6.74 24.53 30.08
N GLY K 1095 6.23 23.84 29.04
CA GLY K 1095 6.36 24.33 27.69
C GLY K 1095 5.33 25.38 27.37
N GLY K 1096 5.35 25.82 26.11
CA GLY K 1096 4.41 26.80 25.64
C GLY K 1096 3.09 26.18 25.22
N THR K 1097 2.30 26.96 24.50
CA THR K 1097 1.04 26.48 23.95
C THR K 1097 1.29 25.71 22.66
N LEU K 1098 2.20 24.76 22.70
CA LEU K 1098 2.59 23.98 21.54
C LEU K 1098 2.22 22.52 21.75
N ASN K 1099 1.81 21.85 20.67
CA ASN K 1099 1.42 20.45 20.75
C ASN K 1099 2.70 19.63 20.84
N ASN K 1100 3.21 19.52 22.06
CA ASN K 1100 4.41 18.71 22.33
C ASN K 1100 4.00 17.32 22.82
N LYS K 1101 3.38 16.57 21.92
CA LYS K 1101 2.84 15.27 22.26
C LYS K 1101 3.86 14.16 22.03
N LEU K 1102 4.42 14.08 20.83
CA LEU K 1102 5.33 13.01 20.48
C LEU K 1102 6.61 13.07 21.33
N ILE K 1103 7.16 14.28 21.49
CA ILE K 1103 8.39 14.46 22.25
C ILE K 1103 8.16 14.08 23.70
N ALA K 1104 7.01 14.46 24.25
CA ALA K 1104 6.67 14.04 25.61
C ALA K 1104 6.58 12.53 25.70
N SER K 1105 5.85 11.91 24.76
CA SER K 1105 5.57 10.48 24.80
C SER K 1105 6.85 9.66 24.77
N TYR K 1106 7.81 10.04 23.93
CA TYR K 1106 9.09 9.33 23.92
C TYR K 1106 9.77 9.43 25.29
N HIS K 1107 9.74 10.61 25.89
CA HIS K 1107 10.29 10.77 27.23
C HIS K 1107 9.30 10.39 28.31
N GLY K 1108 8.08 10.01 27.94
CA GLY K 1108 7.05 9.62 28.90
C GLY K 1108 7.20 8.14 29.26
N SER K 1109 8.42 7.76 29.60
CA SER K 1109 8.69 6.39 30.02
C SER K 1109 9.20 6.37 31.45
N SER K 1110 10.17 7.23 31.75
CA SER K 1110 10.73 7.27 33.10
C SER K 1110 9.96 8.19 34.02
N PHE K 1111 9.55 9.36 33.52
CA PHE K 1111 8.89 10.36 34.36
C PHE K 1111 7.38 10.21 34.32
N GLY K 1112 6.89 8.99 34.58
CA GLY K 1112 5.46 8.76 34.52
C GLY K 1112 4.91 9.04 33.14
N TRP K 1113 3.71 9.61 33.09
CA TRP K 1113 3.09 10.06 31.85
C TRP K 1113 2.81 8.92 30.88
N ASN K 1114 3.14 7.69 31.28
CA ASN K 1114 2.83 6.51 30.50
C ASN K 1114 1.48 5.93 30.84
N PHE K 1115 0.76 6.56 31.77
CA PHE K 1115 -0.51 6.05 32.29
C PHE K 1115 -1.68 6.80 31.68
N ASP K 1116 -1.59 8.13 31.68
CA ASP K 1116 -2.68 8.99 31.23
C ASP K 1116 -3.03 8.75 29.76
N ASP K 1117 -2.01 8.59 28.91
CA ASP K 1117 -2.27 8.32 27.50
C ASP K 1117 -3.01 7.00 27.32
N ASN K 1118 -2.61 5.97 28.07
CA ASN K 1118 -3.36 4.72 28.02
C ASN K 1118 -4.77 4.90 28.58
N LEU K 1119 -4.94 5.77 29.57
CA LEU K 1119 -6.27 6.02 30.11
C LEU K 1119 -7.17 6.66 29.06
N ILE K 1120 -6.68 7.67 28.34
CA ILE K 1120 -7.52 8.32 27.34
C ILE K 1120 -7.78 7.36 26.18
N LYS K 1121 -6.80 6.52 25.85
CA LYS K 1121 -7.02 5.52 24.80
C LYS K 1121 -8.12 4.54 25.21
N THR K 1122 -8.08 4.05 26.44
CA THR K 1122 -9.11 3.12 26.89
C THR K 1122 -10.46 3.82 27.07
N ALA K 1123 -10.46 5.15 27.24
CA ALA K 1123 -11.72 5.89 27.28
C ALA K 1123 -12.30 6.08 25.89
N ASN K 1124 -11.46 6.19 24.86
CA ASN K 1124 -11.93 6.44 23.50
C ASN K 1124 -11.91 5.21 22.61
N SER K 1125 -10.75 4.54 22.50
CA SER K 1125 -10.53 3.54 21.46
C SER K 1125 -11.48 2.37 21.57
N ILE K 1126 -12.04 2.09 22.75
CA ILE K 1126 -12.93 0.96 22.89
C ILE K 1126 -14.30 1.24 22.29
N GLY K 1127 -14.56 2.48 21.86
CA GLY K 1127 -15.72 2.75 21.04
C GLY K 1127 -15.64 2.09 19.68
N ALA K 1128 -14.46 1.60 19.29
CA ALA K 1128 -14.35 0.78 18.10
C ALA K 1128 -15.20 -0.49 18.21
N ILE K 1129 -15.53 -0.92 19.43
CA ILE K 1129 -16.50 -1.99 19.59
C ILE K 1129 -17.89 -1.51 19.20
N SER K 1130 -18.24 -0.29 19.57
CA SER K 1130 -19.49 0.30 19.08
C SER K 1130 -19.50 0.36 17.56
N ASP K 1131 -18.36 0.69 16.96
CA ASP K 1131 -18.25 0.61 15.50
C ASP K 1131 -18.46 -0.81 15.01
N SER K 1132 -17.92 -1.79 15.75
CA SER K 1132 -18.06 -3.20 15.41
C SER K 1132 -19.42 -3.76 15.78
N SER K 1133 -20.28 -2.93 16.37
CA SER K 1133 -21.67 -3.38 16.66
C SER K 1133 -22.58 -2.95 15.51
N TYR K 1134 -22.45 -3.59 14.33
CA TYR K 1134 -23.25 -3.18 13.15
C TYR K 1134 -24.69 -3.67 13.31
N ASP K 1135 -25.67 -2.86 12.89
CA ASP K 1135 -27.11 -3.23 13.03
C ASP K 1135 -27.57 -3.78 11.70
N ALA K 1136 -27.97 -5.06 11.65
CA ALA K 1136 -28.42 -5.69 10.38
C ALA K 1136 -29.83 -5.25 10.04
N ILE K 1137 -30.25 -5.44 8.78
CA ILE K 1137 -31.64 -5.11 8.37
C ILE K 1137 -32.54 -6.28 8.82
N SER K 1138 -33.61 -5.98 9.58
CA SER K 1138 -34.49 -7.05 10.10
C SER K 1138 -35.97 -6.68 10.03
N THR K 1139 -36.41 -5.68 10.80
CA THR K 1139 -37.86 -5.33 10.90
C THR K 1139 -38.49 -4.84 9.59
N LYS K 1140 -37.81 -4.01 8.80
CA LYS K 1140 -38.48 -3.42 7.60
C LYS K 1140 -37.61 -3.53 6.35
N ILE K 1141 -38.23 -3.47 5.16
CA ILE K 1141 -37.48 -3.57 3.87
C ILE K 1141 -37.80 -2.35 3.01
N THR K 1142 -39.10 -2.05 2.79
CA THR K 1142 -39.56 -0.89 1.97
C THR K 1142 -39.17 -1.08 0.49
N ASN K 1143 -39.30 -0.01 -0.32
CA ASN K 1143 -38.97 -0.09 -1.77
C ASN K 1143 -37.53 -0.59 -1.90
N LEU K 1144 -36.68 -0.28 -0.91
CA LEU K 1144 -35.27 -0.78 -0.90
C LEU K 1144 -34.67 -0.67 -2.31
N ALA K 1145 -35.08 0.32 -3.09
CA ALA K 1145 -34.47 0.53 -4.43
C ALA K 1145 -33.17 1.32 -4.26
N ASP K 1146 -32.88 1.77 -3.03
CA ASP K 1146 -31.67 2.59 -2.78
C ASP K 1146 -30.41 1.78 -3.14
N PHE K 1147 -30.34 0.52 -2.72
CA PHE K 1147 -29.12 -0.28 -2.98
C PHE K 1147 -28.89 -0.33 -4.49
N LYS K 1148 -29.98 -0.48 -5.26
CA LYS K 1148 -29.85 -0.42 -6.74
C LYS K 1148 -29.37 0.98 -7.13
N ASP K 1149 -29.85 2.01 -6.43
CA ASP K 1149 -29.50 3.41 -6.78
C ASP K 1149 -27.99 3.70 -6.64
N SER K 1150 -27.31 3.22 -5.59
CA SER K 1150 -25.89 3.60 -5.43
C SER K 1150 -24.95 2.44 -5.80
N GLN K 1151 -24.09 2.63 -6.80
CA GLN K 1151 -23.18 1.54 -7.28
C GLN K 1151 -21.87 2.13 -7.83
N GLN K 1152 -20.76 1.41 -7.71
CA GLN K 1152 -19.47 1.82 -8.23
C GLN K 1152 -18.86 0.66 -9.00
N ARG K 1153 -18.19 0.97 -10.11
CA ARG K 1153 -17.60 -0.08 -10.93
C ARG K 1153 -16.57 -0.86 -10.12
N ILE K 1154 -16.49 -2.16 -10.40
CA ILE K 1154 -15.73 -3.10 -9.59
C ILE K 1154 -14.72 -3.81 -10.47
N THR K 1155 -13.63 -4.27 -9.86
CA THR K 1155 -12.64 -5.10 -10.54
C THR K 1155 -12.71 -6.56 -10.08
N ARG K 1156 -12.66 -6.80 -8.78
CA ARG K 1156 -12.71 -8.16 -8.25
C ARG K 1156 -14.14 -8.58 -7.90
N ASP K 1157 -15.05 -8.42 -8.87
CA ASP K 1157 -16.45 -8.81 -8.73
C ASP K 1157 -17.05 -8.39 -7.39
N ILE K 1158 -17.84 -9.27 -6.78
CA ILE K 1158 -18.50 -8.99 -5.50
C ILE K 1158 -18.18 -10.11 -4.52
N ILE K 1159 -17.55 -11.18 -5.02
CA ILE K 1159 -17.15 -12.30 -4.19
C ILE K 1159 -15.64 -12.38 -4.03
N THR K 1160 -14.93 -11.30 -4.33
CA THR K 1160 -13.47 -11.27 -4.28
C THR K 1160 -13.08 -9.92 -3.69
N SER K 1161 -11.83 -9.51 -3.86
CA SER K 1161 -11.25 -8.33 -3.22
C SER K 1161 -11.31 -8.50 -1.69
N GLY K 1162 -10.61 -9.53 -1.23
CA GLY K 1162 -10.64 -9.92 0.16
C GLY K 1162 -11.42 -11.19 0.35
N ARG K 1163 -10.72 -12.32 0.44
CA ARG K 1163 -11.40 -13.61 0.55
C ARG K 1163 -12.21 -13.69 1.83
N LEU K 1164 -11.67 -13.20 2.94
CA LEU K 1164 -12.40 -13.28 4.18
C LEU K 1164 -13.16 -11.97 4.44
N PRO K 1165 -14.41 -12.08 4.88
CA PRO K 1165 -15.18 -10.89 5.26
C PRO K 1165 -14.50 -9.98 6.28
N GLN K 1166 -13.37 -10.38 6.85
CA GLN K 1166 -12.70 -9.54 7.85
C GLN K 1166 -12.36 -8.17 7.28
N HIS K 1167 -12.14 -8.08 5.98
CA HIS K 1167 -11.93 -6.80 5.33
C HIS K 1167 -12.66 -6.74 3.98
N LEU K 1168 -13.69 -7.55 3.81
CA LEU K 1168 -14.47 -7.58 2.58
C LEU K 1168 -15.90 -7.09 2.78
N ASN K 1169 -16.63 -7.68 3.72
CA ASN K 1169 -18.04 -7.37 3.86
C ASN K 1169 -18.26 -5.97 4.40
N ARG K 1170 -17.33 -5.46 5.20
CA ARG K 1170 -17.53 -4.18 5.88
C ARG K 1170 -17.41 -2.99 4.93
N TYR K 1171 -16.80 -3.19 3.76
CA TYR K 1171 -16.61 -2.07 2.81
C TYR K 1171 -17.12 -2.54 1.44
N GLY K 1172 -18.19 -3.34 1.45
CA GLY K 1172 -18.73 -3.89 0.19
C GLY K 1172 -19.36 -2.85 -0.70
N LYS K 1173 -19.00 -2.87 -1.98
CA LYS K 1173 -19.67 -2.06 -3.03
C LYS K 1173 -21.16 -2.31 -2.94
N SER K 1174 -21.55 -3.58 -2.87
CA SER K 1174 -22.99 -3.92 -2.74
C SER K 1174 -23.54 -3.40 -1.41
N ASN K 1175 -22.74 -3.44 -0.33
CA ASN K 1175 -23.25 -3.09 1.02
C ASN K 1175 -23.11 -1.59 1.33
N ILE K 1176 -22.79 -0.76 0.33
CA ILE K 1176 -22.54 0.70 0.59
C ILE K 1176 -23.48 1.25 1.66
N LEU K 1177 -24.81 1.10 1.51
CA LEU K 1177 -25.79 1.68 2.41
C LEU K 1177 -25.86 0.90 3.71
N ARG K 1178 -25.66 -0.41 3.64
CA ARG K 1178 -25.60 -1.17 4.91
C ARG K 1178 -24.52 -0.53 5.77
N HIS K 1179 -23.33 -0.29 5.20
CA HIS K 1179 -22.24 0.26 5.99
C HIS K 1179 -22.60 1.65 6.52
N ILE K 1180 -23.10 2.54 5.65
CA ILE K 1180 -23.29 3.92 6.08
C ILE K 1180 -24.47 4.07 7.03
N LEU K 1181 -25.38 3.10 7.08
CA LEU K 1181 -26.46 3.18 8.06
C LEU K 1181 -25.90 3.13 9.48
N ALA K 1182 -24.95 2.22 9.72
CA ALA K 1182 -24.30 2.17 11.02
C ALA K 1182 -23.26 3.28 11.17
N SER K 1183 -22.58 3.63 10.07
CA SER K 1183 -21.55 4.66 10.14
C SER K 1183 -22.15 6.06 10.16
N ALA K 1184 -23.48 6.16 10.17
CA ALA K 1184 -24.15 7.43 10.39
C ALA K 1184 -24.88 7.48 11.72
N ALA K 1185 -24.63 6.53 12.63
CA ALA K 1185 -25.38 6.41 13.87
C ALA K 1185 -24.52 6.03 15.06
N MET K 1186 -23.23 6.36 15.07
CA MET K 1186 -22.41 6.00 16.22
C MET K 1186 -22.90 6.72 17.48
N GLY K 1187 -23.12 8.03 17.37
CA GLY K 1187 -23.43 8.87 18.51
C GLY K 1187 -24.64 8.45 19.33
N PRO K 1188 -25.77 8.14 18.68
CA PRO K 1188 -26.97 7.77 19.45
C PRO K 1188 -26.75 6.61 20.41
N LEU K 1189 -25.82 5.71 20.11
CA LEU K 1189 -25.38 4.76 21.12
C LEU K 1189 -23.94 4.97 21.57
N SER K 1190 -23.19 5.88 20.94
CA SER K 1190 -21.88 6.19 21.49
C SER K 1190 -21.98 6.93 22.81
N GLN K 1191 -23.06 7.70 23.01
CA GLN K 1191 -23.22 8.37 24.29
C GLN K 1191 -23.36 7.39 25.45
N ILE K 1192 -23.97 6.22 25.22
CA ILE K 1192 -24.05 5.19 26.25
C ILE K 1192 -22.87 4.23 26.19
N GLU K 1193 -22.19 4.10 25.05
CA GLU K 1193 -20.94 3.38 25.02
C GLU K 1193 -19.90 4.08 25.87
N LYS K 1194 -19.92 5.41 25.90
CA LYS K 1194 -19.09 6.14 26.86
C LYS K 1194 -19.48 5.80 28.28
N ASN K 1195 -20.79 5.66 28.54
CA ASN K 1195 -21.23 5.35 29.89
C ASN K 1195 -20.74 3.98 30.34
N VAL K 1196 -20.78 2.98 29.45
CA VAL K 1196 -20.28 1.66 29.83
C VAL K 1196 -18.76 1.67 29.93
N ASN K 1197 -18.09 2.37 29.02
CA ASN K 1197 -16.63 2.52 29.12
C ASN K 1197 -16.23 3.19 30.42
N ALA K 1198 -17.12 3.99 31.01
CA ALA K 1198 -16.86 4.54 32.33
C ALA K 1198 -16.64 3.45 33.37
N TYR K 1199 -17.25 2.28 33.20
CA TYR K 1199 -16.95 1.16 34.09
C TYR K 1199 -15.56 0.62 33.83
N ASN K 1200 -15.21 0.45 32.55
CA ASN K 1200 -13.93 -0.16 32.19
C ASN K 1200 -12.76 0.69 32.62
N VAL K 1201 -12.88 2.02 32.54
CA VAL K 1201 -11.75 2.87 32.91
C VAL K 1201 -11.47 2.76 34.40
N VAL K 1202 -12.52 2.69 35.23
CA VAL K 1202 -12.30 2.44 36.66
C VAL K 1202 -11.70 1.07 36.86
N MET K 1203 -12.22 0.05 36.16
CA MET K 1203 -11.71 -1.30 36.37
C MET K 1203 -10.24 -1.41 35.98
N GLY K 1204 -9.78 -0.56 35.06
CA GLY K 1204 -8.37 -0.59 34.70
C GLY K 1204 -7.46 -0.28 35.87
N ILE K 1205 -7.81 0.75 36.66
CA ILE K 1205 -6.97 1.08 37.81
C ILE K 1205 -7.26 0.13 38.97
N LEU K 1206 -8.47 -0.43 39.02
CA LEU K 1206 -8.77 -1.44 40.04
C LEU K 1206 -7.92 -2.68 39.83
N ASN K 1207 -7.81 -3.13 38.59
CA ASN K 1207 -7.02 -4.30 38.25
C ASN K 1207 -5.60 -3.85 37.89
N GLY K 1208 -4.77 -4.82 37.50
CA GLY K 1208 -3.43 -4.52 37.04
C GLY K 1208 -3.34 -3.99 35.63
N LYS K 1209 -4.47 -3.75 34.99
CA LYS K 1209 -4.49 -3.22 33.63
C LYS K 1209 -3.88 -1.81 33.61
N LEU K 1210 -3.72 -1.29 32.40
CA LEU K 1210 -3.01 -0.03 32.16
C LEU K 1210 -1.57 -0.15 32.65
N GLU K 1211 -0.91 0.99 32.82
CA GLU K 1211 0.47 1.07 33.31
C GLU K 1211 1.47 0.40 32.38
N ALA K 1212 1.02 -0.11 31.24
CA ALA K 1212 1.88 -0.75 30.27
C ALA K 1212 2.51 0.30 29.36
N PRO K 1213 3.70 0.02 28.82
CA PRO K 1213 4.32 0.97 27.89
C PRO K 1213 3.53 1.06 26.60
N THR K 1214 3.65 2.23 25.95
CA THR K 1214 2.98 2.47 24.69
C THR K 1214 3.65 1.67 23.57
N VAL K 1215 3.13 1.82 22.36
CA VAL K 1215 3.68 1.17 21.17
C VAL K 1215 4.46 2.14 20.30
N LEU K 1216 4.23 3.44 20.44
CA LEU K 1216 4.93 4.42 19.62
C LEU K 1216 6.44 4.41 19.90
N GLU K 1217 6.82 4.33 21.17
CA GLU K 1217 8.24 4.42 21.52
C GLU K 1217 9.02 3.17 21.14
N ARG K 1218 8.35 2.08 20.77
CA ARG K 1218 9.05 0.88 20.35
C ARG K 1218 9.87 1.13 19.09
N LEU K 1219 9.28 1.83 18.12
CA LEU K 1219 10.00 2.16 16.90
C LEU K 1219 11.06 3.24 17.19
N ASN K 1220 12.24 3.06 16.62
CA ASN K 1220 13.37 3.94 16.90
C ASN K 1220 13.54 4.94 15.76
N MET K 1221 13.21 6.20 16.02
CA MET K 1221 13.41 7.29 15.09
C MET K 1221 14.26 8.38 15.76
N GLY K 1222 15.18 8.94 15.00
CA GLY K 1222 16.04 10.00 15.53
C GLY K 1222 16.98 10.49 14.46
N PHE K 1223 17.73 11.53 14.83
CA PHE K 1223 18.69 12.16 13.92
C PHE K 1223 20.08 12.13 14.55
N LYS K 1224 21.07 12.44 13.74
CA LYS K 1224 22.45 12.56 14.17
C LYS K 1224 23.06 13.81 13.55
N TYR K 1225 24.08 14.36 14.24
CA TYR K 1225 24.87 15.47 13.72
C TYR K 1225 24.01 16.71 13.43
N VAL K 1226 23.48 17.26 14.52
CA VAL K 1226 22.57 18.41 14.46
C VAL K 1226 23.35 19.67 14.80
N VAL K 1227 23.16 20.73 14.01
CA VAL K 1227 23.84 22.01 14.18
C VAL K 1227 22.83 23.01 14.74
N MET K 1228 23.25 23.76 15.77
CA MET K 1228 22.33 24.54 16.58
C MET K 1228 22.91 25.92 16.85
N SER K 1229 22.10 26.97 16.73
CA SER K 1229 22.64 28.34 16.87
C SER K 1229 21.59 29.22 17.56
N ASP K 1230 21.95 30.44 17.94
CA ASP K 1230 21.03 31.30 18.72
C ASP K 1230 19.85 31.82 17.89
N LEU K 1231 18.70 32.10 18.51
CA LEU K 1231 17.54 32.70 17.79
C LEU K 1231 17.84 34.18 17.51
N LYS K 1232 17.02 34.86 16.69
CA LYS K 1232 17.31 36.26 16.25
C LYS K 1232 17.30 37.28 17.40
N GLN K 1233 16.38 37.17 18.37
CA GLN K 1233 16.29 38.12 19.53
C GLN K 1233 15.69 39.49 19.20
N ASP K 1234 14.85 39.63 18.17
CA ASP K 1234 14.15 40.92 17.88
C ASP K 1234 12.64 40.69 18.04
N ASP K 1235 11.85 41.70 18.41
CA ASP K 1235 10.43 41.44 18.75
C ASP K 1235 9.37 42.00 17.78
N TYR K 1236 9.73 42.45 16.59
CA TYR K 1236 8.65 43.03 15.73
C TYR K 1236 7.76 41.93 15.15
N SER K 1237 6.54 41.76 15.67
CA SER K 1237 5.64 40.80 15.05
C SER K 1237 4.28 41.43 14.87
N PRO K 1238 3.56 41.06 13.81
CA PRO K 1238 2.19 41.59 13.64
C PRO K 1238 1.24 41.17 14.73
N TYR K 1239 1.52 40.09 15.46
CA TYR K 1239 0.67 39.64 16.57
C TYR K 1239 1.25 40.19 17.86
N SER K 1240 0.90 41.44 18.18
CA SER K 1240 1.47 42.09 19.35
C SER K 1240 0.85 41.62 20.66
N CYS K 1241 -0.29 40.92 20.61
CA CYS K 1241 -0.94 40.49 21.84
C CYS K 1241 -0.30 39.27 22.48
N GLN K 1242 0.48 38.50 21.72
CA GLN K 1242 1.03 37.26 22.24
C GLN K 1242 2.27 37.53 23.09
N GLY K 1243 2.84 36.46 23.64
CA GLY K 1243 3.99 36.60 24.50
C GLY K 1243 5.24 37.01 23.75
N LEU K 1244 6.24 37.46 24.52
CA LEU K 1244 7.46 37.98 23.92
C LEU K 1244 8.21 36.89 23.15
N GLN K 1245 8.30 35.69 23.72
CA GLN K 1245 9.09 34.64 23.09
C GLN K 1245 8.48 34.22 21.75
N TYR K 1246 7.15 34.11 21.68
CA TYR K 1246 6.52 33.71 20.42
C TYR K 1246 6.79 34.73 19.32
N ARG K 1247 6.82 36.02 19.68
CA ARG K 1247 7.18 37.04 18.70
C ARG K 1247 8.61 36.84 18.20
N ARG K 1248 9.52 36.47 19.11
CA ARG K 1248 10.91 36.25 18.71
C ARG K 1248 11.01 35.10 17.72
N MET K 1249 10.24 34.04 17.92
CA MET K 1249 10.26 32.92 16.98
C MET K 1249 9.74 33.35 15.62
N LEU K 1250 8.70 34.19 15.59
CA LEU K 1250 8.05 34.52 14.32
C LEU K 1250 8.98 35.33 13.42
N VAL K 1251 9.72 36.29 13.99
CA VAL K 1251 10.57 37.14 13.15
C VAL K 1251 11.70 36.34 12.55
N HIS K 1252 12.22 35.34 13.29
CA HIS K 1252 13.37 34.59 12.82
C HIS K 1252 13.04 33.81 11.54
N TRP K 1253 11.87 33.16 11.50
CA TRP K 1253 11.50 32.35 10.36
C TRP K 1253 10.52 33.03 9.41
N GLY K 1254 9.83 34.07 9.87
CA GLY K 1254 8.88 34.77 9.02
C GLY K 1254 7.49 34.16 9.08
N LEU K 1255 6.56 34.81 8.41
CA LEU K 1255 5.18 34.37 8.42
C LEU K 1255 5.01 33.09 7.59
N ASN K 1256 4.16 32.20 8.07
CA ASN K 1256 3.82 31.01 7.32
C ASN K 1256 2.93 31.38 6.12
N ASP K 1257 3.07 30.61 5.05
CA ASP K 1257 2.31 30.86 3.83
C ASP K 1257 1.79 29.56 3.23
N SER K 1258 0.71 29.70 2.47
CA SER K 1258 0.13 28.66 1.62
C SER K 1258 -0.60 27.56 2.40
N ARG K 1259 -0.45 27.54 3.73
CA ARG K 1259 -1.25 26.74 4.66
C ARG K 1259 -1.42 25.28 4.23
N ILE K 1260 -0.59 24.80 3.31
CA ILE K 1260 -0.73 23.45 2.78
C ILE K 1260 0.59 22.70 2.94
N THR K 1261 1.69 23.36 2.56
CA THR K 1261 3.01 22.74 2.68
C THR K 1261 3.28 22.35 4.13
N SER K 1262 2.97 23.23 5.08
CA SER K 1262 2.92 22.82 6.47
C SER K 1262 1.92 21.68 6.61
N PHE K 1263 2.37 20.56 7.17
CA PHE K 1263 1.61 19.32 7.08
C PHE K 1263 0.19 19.47 7.61
N ASP K 1264 0.04 19.67 8.92
CA ASP K 1264 -1.27 19.75 9.56
C ASP K 1264 -2.17 18.64 9.02
N PRO K 1265 -1.92 17.37 9.35
CA PRO K 1265 -2.63 16.28 8.67
C PRO K 1265 -4.14 16.32 8.82
N LYS K 1266 -4.67 17.22 9.66
CA LYS K 1266 -6.12 17.38 9.73
C LYS K 1266 -6.68 17.89 8.41
N GLY K 1267 -5.98 18.83 7.76
CA GLY K 1267 -6.49 19.45 6.56
C GLY K 1267 -5.77 19.06 5.29
N LYS K 1268 -4.58 18.47 5.40
CA LYS K 1268 -3.84 18.09 4.20
C LYS K 1268 -4.60 17.03 3.40
N LEU K 1269 -5.06 15.98 4.08
CA LEU K 1269 -5.78 14.94 3.35
C LEU K 1269 -7.15 15.45 2.90
N GLN K 1270 -7.75 16.38 3.64
CA GLN K 1270 -9.00 16.98 3.18
C GLN K 1270 -8.80 17.75 1.88
N HIS K 1271 -7.71 18.51 1.79
CA HIS K 1271 -7.39 19.21 0.55
C HIS K 1271 -7.11 18.23 -0.57
N LEU K 1272 -6.37 17.16 -0.29
CA LEU K 1272 -6.13 16.14 -1.31
C LEU K 1272 -7.44 15.53 -1.79
N LEU K 1273 -8.34 15.24 -0.86
CA LEU K 1273 -9.64 14.65 -1.20
C LEU K 1273 -10.45 15.61 -2.06
N ALA K 1274 -10.42 16.90 -1.73
CA ALA K 1274 -11.13 17.88 -2.53
C ALA K 1274 -10.56 17.98 -3.94
N LYS K 1275 -9.24 17.98 -4.08
CA LYS K 1275 -8.62 18.05 -5.39
C LYS K 1275 -8.78 16.76 -6.19
N ASN K 1276 -9.25 15.69 -5.57
CA ASN K 1276 -9.31 14.37 -6.19
C ASN K 1276 -10.69 14.01 -6.73
N SER K 1277 -11.61 14.97 -6.81
CA SER K 1277 -12.96 14.65 -7.23
C SER K 1277 -12.97 14.13 -8.67
N GLN K 1278 -14.09 13.50 -9.03
CA GLN K 1278 -14.41 12.93 -10.34
C GLN K 1278 -13.72 11.60 -10.60
N ILE K 1279 -12.83 11.15 -9.72
CA ILE K 1279 -12.33 9.78 -9.73
C ILE K 1279 -12.70 9.03 -8.47
N LEU K 1280 -13.14 9.74 -7.44
CA LEU K 1280 -13.49 9.12 -6.17
C LEU K 1280 -14.75 8.29 -6.33
N PRO K 1281 -14.91 7.22 -5.56
CA PRO K 1281 -16.20 6.53 -5.50
C PRO K 1281 -17.27 7.35 -4.80
N ILE K 1282 -18.48 6.81 -4.69
CA ILE K 1282 -19.63 7.56 -4.19
C ILE K 1282 -19.42 7.99 -2.74
N HIS K 1283 -19.24 7.02 -1.84
CA HIS K 1283 -19.17 7.34 -0.42
C HIS K 1283 -17.71 7.48 0.03
N PHE K 1284 -17.29 8.72 0.28
CA PHE K 1284 -15.93 8.98 0.71
C PHE K 1284 -15.89 10.30 1.46
N ASP K 1285 -15.17 10.32 2.58
CA ASP K 1285 -14.91 11.53 3.35
C ASP K 1285 -13.80 11.22 4.35
N ILE K 1286 -13.39 12.25 5.09
CA ILE K 1286 -12.34 12.10 6.09
C ILE K 1286 -12.72 11.02 7.10
N GLU K 1287 -13.99 11.01 7.52
CA GLU K 1287 -14.44 10.06 8.52
C GLU K 1287 -14.26 8.62 8.04
N PHE K 1288 -14.63 8.34 6.79
CA PHE K 1288 -14.52 6.98 6.28
C PHE K 1288 -13.06 6.52 6.26
N VAL K 1289 -12.16 7.37 5.77
CA VAL K 1289 -10.75 7.00 5.70
C VAL K 1289 -10.18 6.76 7.09
N TYR K 1290 -10.48 7.66 8.03
CA TYR K 1290 -9.93 7.52 9.37
C TYR K 1290 -10.44 6.25 10.05
N ARG K 1291 -11.75 5.98 9.94
CA ARG K 1291 -12.30 4.79 10.57
C ARG K 1291 -11.79 3.52 9.90
N LEU K 1292 -11.65 3.53 8.57
CA LEU K 1292 -11.13 2.36 7.86
C LEU K 1292 -9.70 2.07 8.28
N TYR K 1293 -8.86 3.10 8.38
CA TYR K 1293 -7.50 2.88 8.85
C TYR K 1293 -7.49 2.33 10.27
N LEU K 1294 -8.30 2.91 11.15
CA LEU K 1294 -8.35 2.44 12.53
C LEU K 1294 -8.77 0.97 12.60
N GLN K 1295 -9.72 0.58 11.76
CA GLN K 1295 -10.23 -0.79 11.82
C GLN K 1295 -9.26 -1.78 11.21
N ALA K 1296 -8.61 -1.43 10.09
CA ALA K 1296 -7.87 -2.39 9.30
C ALA K 1296 -6.35 -2.18 9.35
N GLY K 1297 -5.84 -1.37 10.27
CA GLY K 1297 -4.40 -1.29 10.38
C GLY K 1297 -3.78 -0.69 9.13
N THR K 1298 -2.54 -1.12 8.85
CA THR K 1298 -1.87 -0.72 7.62
C THR K 1298 -1.96 -1.75 6.51
N MET K 1299 -2.49 -2.94 6.80
CA MET K 1299 -2.71 -3.93 5.74
C MET K 1299 -4.07 -3.76 5.08
N GLY K 1300 -5.15 -3.88 5.86
CA GLY K 1300 -6.48 -3.93 5.27
C GLY K 1300 -6.86 -2.66 4.55
N PHE K 1301 -6.40 -1.50 5.04
CA PHE K 1301 -6.67 -0.25 4.35
C PHE K 1301 -6.22 -0.31 2.90
N LEU K 1302 -4.94 -0.63 2.71
CA LEU K 1302 -4.39 -0.74 1.36
C LEU K 1302 -5.05 -1.87 0.59
N GLN K 1303 -5.36 -2.98 1.26
CA GLN K 1303 -5.99 -4.10 0.58
C GLN K 1303 -7.34 -3.72 0.00
N VAL K 1304 -8.22 -3.15 0.82
CA VAL K 1304 -9.55 -2.78 0.35
C VAL K 1304 -9.48 -1.70 -0.71
N MET K 1305 -8.68 -0.65 -0.49
CA MET K 1305 -8.73 0.44 -1.46
C MET K 1305 -7.97 0.14 -2.75
N SER K 1306 -6.97 -0.76 -2.71
CA SER K 1306 -6.26 -1.10 -3.93
C SER K 1306 -7.13 -1.88 -4.92
N TYR K 1307 -8.30 -2.35 -4.48
CA TYR K 1307 -9.25 -3.03 -5.34
C TYR K 1307 -10.50 -2.20 -5.61
N TYR K 1308 -10.48 -0.92 -5.25
CA TYR K 1308 -11.63 -0.04 -5.40
C TYR K 1308 -11.44 0.96 -6.52
N GLN K 1309 -10.56 0.65 -7.48
CA GLN K 1309 -10.32 1.48 -8.66
C GLN K 1309 -9.84 2.89 -8.29
N LEU K 1310 -8.67 2.93 -7.65
CA LEU K 1310 -7.96 4.18 -7.42
C LEU K 1310 -6.48 3.96 -7.71
N PRO K 1311 -5.81 4.95 -8.30
CA PRO K 1311 -4.37 4.79 -8.55
C PRO K 1311 -3.57 4.73 -7.26
N ASP K 1312 -2.41 4.09 -7.35
CA ASP K 1312 -1.65 3.72 -6.15
C ASP K 1312 -0.92 4.90 -5.53
N THR K 1313 -0.38 5.81 -6.34
CA THR K 1313 0.53 6.82 -5.83
C THR K 1313 -0.16 7.74 -4.82
N LEU K 1314 -1.29 8.33 -5.21
CA LEU K 1314 -1.95 9.28 -4.32
C LEU K 1314 -2.63 8.58 -3.16
N THR K 1315 -3.12 7.36 -3.35
CA THR K 1315 -3.66 6.61 -2.22
C THR K 1315 -2.58 6.37 -1.18
N HIS K 1316 -1.38 6.00 -1.63
CA HIS K 1316 -0.26 5.84 -0.70
C HIS K 1316 0.10 7.16 -0.02
N GLU K 1317 0.07 8.26 -0.78
CA GLU K 1317 0.41 9.55 -0.19
C GLU K 1317 -0.57 9.94 0.92
N MET K 1318 -1.86 9.83 0.66
CA MET K 1318 -2.82 10.20 1.70
C MET K 1318 -2.90 9.14 2.80
N LEU K 1319 -2.49 7.90 2.52
CA LEU K 1319 -2.30 6.94 3.60
C LEU K 1319 -1.19 7.38 4.54
N ALA K 1320 -0.09 7.87 3.98
CA ALA K 1320 0.96 8.47 4.82
C ALA K 1320 0.42 9.65 5.59
N ALA K 1321 -0.40 10.47 4.95
CA ALA K 1321 -1.01 11.60 5.65
C ALA K 1321 -1.87 11.13 6.81
N VAL K 1322 -2.67 10.08 6.61
CA VAL K 1322 -3.59 9.64 7.66
C VAL K 1322 -2.84 8.93 8.79
N VAL K 1323 -1.75 8.21 8.50
CA VAL K 1323 -1.01 7.63 9.61
C VAL K 1323 -0.28 8.74 10.38
N ALA K 1324 0.18 9.78 9.68
CA ALA K 1324 0.72 10.94 10.38
C ALA K 1324 -0.34 11.58 11.27
N LEU K 1325 -1.58 11.65 10.78
CA LEU K 1325 -2.66 12.19 11.59
C LEU K 1325 -2.91 11.34 12.83
N GLU K 1326 -2.91 10.01 12.67
CA GLU K 1326 -3.19 9.14 13.80
C GLU K 1326 -2.05 9.14 14.81
N LEU K 1327 -0.83 9.40 14.38
CA LEU K 1327 0.28 9.50 15.32
C LEU K 1327 0.46 10.89 15.89
N GLN K 1328 -0.12 11.91 15.26
CA GLN K 1328 -0.06 13.27 15.83
C GLN K 1328 -0.83 13.34 17.13
N LEU K 1329 -1.98 12.67 17.20
CA LEU K 1329 -2.79 12.60 18.41
C LEU K 1329 -3.75 11.44 18.30
N GLY K 1330 -4.49 11.20 19.38
CA GLY K 1330 -5.40 10.08 19.45
C GLY K 1330 -6.67 10.25 18.63
N ASN K 1331 -7.78 9.65 19.09
CA ASN K 1331 -9.05 9.72 18.33
C ASN K 1331 -9.77 11.05 18.61
N ASP K 1332 -10.70 11.05 19.57
CA ASP K 1332 -11.48 12.27 19.93
C ASP K 1332 -12.48 12.56 18.82
N LYS K 1333 -13.77 12.30 19.06
CA LYS K 1333 -14.82 12.51 18.03
C LYS K 1333 -14.79 13.98 17.57
N TYR K 1334 -14.63 14.91 18.50
CA TYR K 1334 -14.56 16.35 18.14
C TYR K 1334 -13.34 16.60 17.24
N ALA K 1335 -12.19 16.02 17.58
CA ALA K 1335 -10.95 16.29 16.80
C ALA K 1335 -11.05 15.73 15.37
N VAL K 1336 -11.48 14.47 15.22
CA VAL K 1336 -11.52 13.84 13.86
C VAL K 1336 -12.57 14.53 12.98
N ASP K 1337 -13.76 14.80 13.53
CA ASP K 1337 -14.81 15.52 12.77
C ASP K 1337 -14.35 16.98 12.65
N MET K 1338 -14.70 17.66 11.56
CA MET K 1338 -14.21 19.05 11.36
C MET K 1338 -12.68 19.07 11.53
N GLY K 1339 -12.20 19.20 12.77
CA GLY K 1339 -10.74 19.23 13.04
C GLY K 1339 -10.36 20.50 13.78
N VAL K 1340 -9.20 20.51 14.43
CA VAL K 1340 -8.73 21.71 15.19
C VAL K 1340 -7.23 21.93 14.93
N TYR K 1341 -6.82 23.16 14.60
CA TYR K 1341 -5.39 23.43 14.26
C TYR K 1341 -4.55 23.64 15.51
N SER K 1342 -3.22 23.64 15.36
CA SER K 1342 -2.30 23.85 16.50
C SER K 1342 -2.02 25.34 16.65
N SER K 1343 -2.76 26.17 15.91
CA SER K 1343 -2.61 27.65 16.03
C SER K 1343 -1.14 28.06 15.97
N GLN K 1344 -0.51 28.24 17.13
CA GLN K 1344 0.87 28.77 17.13
C GLN K 1344 1.67 27.99 16.11
N ALA K 1345 1.32 26.71 15.88
CA ALA K 1345 2.21 26.00 14.97
C ALA K 1345 1.93 26.29 13.51
N GLY K 1346 0.78 26.91 13.21
CA GLY K 1346 0.44 27.19 11.83
C GLY K 1346 0.75 28.61 11.40
N GLN K 1347 1.06 29.47 12.35
CA GLN K 1347 1.38 30.86 12.04
C GLN K 1347 2.88 31.13 12.00
N ILE K 1348 3.71 30.09 12.00
CA ILE K 1348 5.15 30.21 11.89
C ILE K 1348 5.61 29.36 10.72
N ARG K 1349 6.40 29.97 9.83
CA ARG K 1349 6.79 29.30 8.60
C ARG K 1349 7.81 28.19 8.88
N ILE K 1350 7.31 26.96 9.03
CA ILE K 1350 8.16 25.79 9.19
C ILE K 1350 7.71 24.75 8.17
N ASN K 1351 7.19 25.22 7.04
CA ASN K 1351 6.64 24.32 6.03
C ASN K 1351 7.76 23.52 5.37
N ASP K 1352 7.37 22.64 4.43
CA ASP K 1352 8.34 21.75 3.79
C ASP K 1352 9.28 22.52 2.87
N ALA K 1353 8.97 23.78 2.57
CA ALA K 1353 9.87 24.58 1.74
C ALA K 1353 11.24 24.70 2.38
N LEU K 1354 11.29 25.12 3.64
CA LEU K 1354 12.57 25.21 4.34
C LEU K 1354 12.90 23.93 5.10
N MET K 1355 11.89 23.15 5.48
CA MET K 1355 12.17 21.89 6.18
C MET K 1355 12.94 20.93 5.30
N ASP K 1356 12.76 21.02 3.98
CA ASP K 1356 13.59 20.24 3.07
C ASP K 1356 15.04 20.70 3.13
N SER K 1357 15.26 22.01 3.22
CA SER K 1357 16.62 22.53 3.27
C SER K 1357 17.32 22.15 4.57
N ILE K 1358 16.57 22.08 5.68
CA ILE K 1358 17.18 21.72 6.95
C ILE K 1358 17.77 20.31 6.90
N ILE K 1359 17.02 19.37 6.33
CA ILE K 1359 17.49 17.99 6.22
C ILE K 1359 18.61 17.95 5.19
N GLN K 1360 19.76 17.43 5.58
CA GLN K 1360 20.86 17.30 4.64
C GLN K 1360 20.52 16.28 3.57
N HIS K 1361 20.96 16.56 2.34
CA HIS K 1361 20.67 15.67 1.22
C HIS K 1361 21.25 14.28 1.46
N ARG K 1362 20.44 13.29 1.09
CA ARG K 1362 20.87 11.88 1.27
C ARG K 1362 21.41 11.36 -0.05
N ARG K 1363 22.35 10.43 0.01
CA ARG K 1363 22.95 9.86 -1.19
C ARG K 1363 22.17 8.67 -1.74
N GLY K 1364 21.46 7.93 -0.89
CA GLY K 1364 20.84 6.69 -1.30
C GLY K 1364 19.52 6.88 -2.02
N PRO K 1365 18.70 5.84 -2.05
CA PRO K 1365 17.47 5.86 -2.84
C PRO K 1365 16.44 6.77 -2.18
N PRO K 1366 15.45 7.25 -2.92
CA PRO K 1366 14.39 8.06 -2.32
C PRO K 1366 13.62 7.25 -1.28
N LEU K 1367 13.53 7.81 -0.07
CA LEU K 1367 12.88 7.11 1.02
C LEU K 1367 11.37 6.99 0.77
N PRO K 1368 10.75 5.93 1.27
CA PRO K 1368 9.29 5.81 1.17
C PRO K 1368 8.60 6.90 1.99
N ILE K 1369 7.30 7.04 1.74
CA ILE K 1369 6.52 8.10 2.36
C ILE K 1369 5.92 7.70 3.71
N ILE K 1370 5.94 6.41 4.05
CA ILE K 1370 5.40 5.99 5.34
C ILE K 1370 6.24 6.51 6.50
N ASP K 1371 7.53 6.75 6.28
CA ASP K 1371 8.44 7.18 7.34
C ASP K 1371 8.98 8.58 7.13
N ARG K 1372 9.00 9.10 5.91
CA ARG K 1372 9.45 10.46 5.68
C ARG K 1372 8.52 11.46 6.36
N THR K 1373 7.21 11.26 6.22
CA THR K 1373 6.24 12.12 6.89
C THR K 1373 6.28 11.96 8.40
N LEU K 1374 6.93 10.91 8.91
CA LEU K 1374 7.08 10.74 10.35
C LEU K 1374 8.33 11.44 10.87
N ASN K 1375 9.47 11.20 10.21
CA ASN K 1375 10.71 11.80 10.69
C ASN K 1375 10.72 13.31 10.47
N ARG K 1376 10.13 13.78 9.36
CA ARG K 1376 10.07 15.23 9.18
C ARG K 1376 9.10 15.88 10.16
N LEU K 1377 8.03 15.17 10.55
CA LEU K 1377 7.16 15.69 11.59
C LEU K 1377 7.90 15.78 12.92
N LEU K 1378 8.71 14.76 13.22
CA LEU K 1378 9.53 14.83 14.43
C LEU K 1378 10.50 16.00 14.38
N LEU K 1379 11.11 16.23 13.22
CA LEU K 1379 12.00 17.37 13.05
C LEU K 1379 11.25 18.69 13.25
N HIS K 1380 10.03 18.77 12.75
CA HIS K 1380 9.22 19.98 12.92
C HIS K 1380 8.93 20.24 14.39
N THR K 1381 8.55 19.19 15.13
CA THR K 1381 8.29 19.36 16.56
C THR K 1381 9.55 19.78 17.30
N TYR K 1382 10.70 19.18 16.93
CA TYR K 1382 11.95 19.56 17.55
C TYR K 1382 12.29 21.02 17.27
N MET K 1383 12.08 21.46 16.03
CA MET K 1383 12.31 22.85 15.68
C MET K 1383 11.44 23.78 16.50
N LEU K 1384 10.19 23.41 16.75
CA LEU K 1384 9.26 24.34 17.49
C LEU K 1384 9.65 24.46 18.97
N MET K 1385 10.22 23.43 19.58
CA MET K 1385 10.55 23.41 21.03
C MET K 1385 11.86 24.12 21.35
N PHE K 1386 12.94 23.80 20.65
CA PHE K 1386 14.26 24.39 20.98
C PHE K 1386 14.16 25.90 20.83
N GLY K 1387 13.36 26.35 19.86
CA GLY K 1387 13.20 27.80 19.63
C GLY K 1387 12.60 28.49 20.82
N LEU K 1388 11.60 27.87 21.46
CA LEU K 1388 11.01 28.45 22.70
C LEU K 1388 12.15 28.59 23.71
N MET K 1389 13.04 27.60 23.77
CA MET K 1389 14.22 27.69 24.66
C MET K 1389 15.21 28.73 24.15
N GLY K 1390 15.23 28.99 22.84
CA GLY K 1390 16.11 30.05 22.31
C GLY K 1390 17.14 29.62 21.28
N LYS K 1391 17.15 28.37 20.83
CA LYS K 1391 18.15 28.04 19.78
C LYS K 1391 17.47 27.49 18.51
N SER K 1392 18.14 27.54 17.36
CA SER K 1392 17.56 27.09 16.06
C SER K 1392 18.46 26.05 15.37
N ILE K 1393 17.86 25.09 14.66
CA ILE K 1393 18.63 24.08 13.97
C ILE K 1393 18.66 24.40 12.49
N ASP K 1394 19.85 24.38 11.91
CA ASP K 1394 20.01 24.68 10.49
C ASP K 1394 20.58 23.53 9.68
N SER K 1395 20.95 22.42 10.31
CA SER K 1395 21.45 21.26 9.60
C SER K 1395 21.09 20.01 10.39
N THR K 1396 20.84 18.92 9.67
CA THR K 1396 20.42 17.68 10.29
C THR K 1396 20.68 16.52 9.34
N LYS K 1397 21.36 15.49 9.82
CA LYS K 1397 21.56 14.27 9.07
C LYS K 1397 20.48 13.26 9.44
N ILE K 1398 20.20 12.33 8.51
CA ILE K 1398 19.07 11.43 8.66
C ILE K 1398 19.37 10.24 9.57
N ASP K 1399 20.62 10.06 10.00
CA ASP K 1399 21.06 8.87 10.71
C ASP K 1399 20.76 7.64 9.86
N PRO K 1400 21.47 7.48 8.74
CA PRO K 1400 21.06 6.45 7.76
C PRO K 1400 21.21 5.02 8.24
N THR K 1401 21.94 4.77 9.33
CA THR K 1401 21.93 3.44 9.91
C THR K 1401 20.53 3.05 10.36
N LEU K 1402 19.67 4.05 10.61
CA LEU K 1402 18.26 3.78 10.84
C LEU K 1402 17.47 3.87 9.55
N SER K 1403 17.94 4.65 8.57
CA SER K 1403 17.22 4.76 7.31
C SER K 1403 17.22 3.43 6.57
N TRP K 1404 18.25 2.61 6.73
CA TRP K 1404 18.28 1.35 5.93
C TRP K 1404 17.20 0.40 6.43
N ARG K 1405 17.03 0.34 7.76
CA ARG K 1405 15.96 -0.51 8.36
C ARG K 1405 14.64 -0.03 7.76
N ALA K 1406 14.46 1.28 7.68
CA ALA K 1406 13.23 1.86 7.10
C ALA K 1406 13.11 1.49 5.62
N ILE K 1407 14.21 1.48 4.85
CA ILE K 1407 14.03 1.09 3.42
C ILE K 1407 13.84 -0.43 3.34
N LEU K 1408 14.34 -1.21 4.32
CA LEU K 1408 14.08 -2.67 4.32
C LEU K 1408 12.58 -2.98 4.46
N GLU K 1409 11.85 -2.18 5.25
CA GLU K 1409 10.42 -2.44 5.52
C GLU K 1409 9.67 -2.65 4.20
N SER K 1410 9.64 -1.62 3.34
CA SER K 1410 8.90 -1.71 2.06
C SER K 1410 9.38 -2.92 1.27
N ASN K 1411 10.70 -3.17 1.27
CA ASN K 1411 11.26 -4.32 0.53
C ASN K 1411 10.39 -5.56 0.77
N ASP K 1412 10.16 -5.92 2.03
CA ASP K 1412 9.37 -7.13 2.36
C ASP K 1412 7.86 -6.80 2.42
N GLN K 1413 7.52 -5.51 2.50
CA GLN K 1413 6.09 -5.07 2.58
C GLN K 1413 5.47 -5.10 1.18
N ARG K 1414 6.04 -4.37 0.22
CA ARG K 1414 5.52 -4.49 -1.17
C ARG K 1414 5.39 -5.97 -1.54
N ILE K 1415 6.29 -6.83 -1.05
CA ILE K 1415 6.29 -8.26 -1.36
C ILE K 1415 5.03 -8.91 -0.80
N ALA K 1416 4.63 -8.54 0.42
CA ALA K 1416 3.40 -9.07 0.98
C ALA K 1416 2.19 -8.63 0.16
N GLN K 1417 2.18 -7.37 -0.28
CA GLN K 1417 1.07 -6.86 -1.08
C GLN K 1417 0.94 -7.63 -2.40
N LEU K 1418 2.06 -7.88 -3.07
CA LEU K 1418 2.02 -8.55 -4.37
C LEU K 1418 1.86 -10.05 -4.28
N SER K 1419 2.36 -10.67 -3.20
CA SER K 1419 2.29 -12.12 -3.08
C SER K 1419 0.87 -12.61 -2.87
N GLU K 1420 0.07 -11.88 -2.09
CA GLU K 1420 -1.32 -12.26 -1.89
C GLU K 1420 -2.12 -12.12 -3.17
N LEU K 1421 -1.69 -11.23 -4.08
CA LEU K 1421 -2.27 -11.21 -5.42
C LEU K 1421 -1.89 -12.46 -6.21
N LEU K 1422 -0.64 -12.93 -6.05
CA LEU K 1422 -0.14 -14.04 -6.85
C LEU K 1422 -1.00 -15.29 -6.67
N THR K 1423 -1.61 -15.46 -5.51
CA THR K 1423 -2.52 -16.57 -5.27
C THR K 1423 -3.95 -16.06 -5.31
N ALA K 1424 -4.82 -16.81 -6.00
CA ALA K 1424 -6.23 -16.44 -6.11
C ALA K 1424 -7.02 -17.01 -4.93
N VAL K 1425 -6.66 -16.53 -3.74
CA VAL K 1425 -7.33 -16.97 -2.52
C VAL K 1425 -8.63 -16.19 -2.33
#